data_5TRE
#
_entry.id   5TRE
#
_cell.length_a   1
_cell.length_b   1
_cell.length_c   1
_cell.angle_alpha   90
_cell.angle_beta   90
_cell.angle_gamma   90
#
_symmetry.space_group_name_H-M   'P 1'
#
loop_
_entity.id
_entity.type
_entity.pdbx_description
1 polymer 'Iron sulfur cluster assembly protein 1, mitochondrial'
2 polymer 'Frataxin homolog, mitochondrial'
#
loop_
_entity_poly.entity_id
_entity_poly.type
_entity_poly.pdbx_seq_one_letter_code
_entity_poly.pdbx_strand_id
1 'polypeptide(L)'
;GSHMSSITKRLYHPKVIEHYTHPRNVGSLDKKLPNVGTGLVGAPACGDVMRLQIKVNDSTGVIEDVKFKTFGCGSAIASS
SYMTELVQGMTLDDAAKIKNTEIAKELSLPPVKLHCSMLAEDAIKAAIKDYKSKRNTPTMLS
;
a,b,c,d,e,f,g,h,i,j,k,l,m,n,o,p,q,r,s,t,u,v,w,x
2 'polypeptide(L)'
;VESSTDGQVVPQEVLNLPLEKAHEEADDYLDHLLDSLEELSEAHPDCIPDVELSHGVMTLEIPAFGTYVINKQPPNKQIW
LASPLSGPNRFDLLNGEWVSLRNGTKLTDILTEEVEKAISK
;
A,B,C,D,E,F,G,H,I,J,K,L,M,N,O,P,Q,R,S,T,U,V,W,X
#
# COMPACT_ATOMS: atom_id res chain seq x y z
N GLY A 1 -45.87 -16.81 22.52
CA GLY A 1 -46.00 -16.23 23.88
C GLY A 1 -47.41 -15.74 24.03
N SER A 2 -48.36 -16.72 24.03
CA SER A 2 -49.77 -16.46 24.16
C SER A 2 -50.35 -17.77 24.61
N HIS A 3 -51.57 -17.76 25.23
CA HIS A 3 -52.28 -18.91 25.71
C HIS A 3 -52.63 -19.85 24.61
N MET A 4 -52.53 -21.16 24.91
CA MET A 4 -52.82 -22.26 24.01
C MET A 4 -54.29 -22.35 23.55
N SER A 5 -55.37 -22.29 24.40
CA SER A 5 -55.41 -22.20 25.85
C SER A 5 -55.40 -23.60 26.37
N SER A 6 -54.56 -23.82 27.41
CA SER A 6 -54.37 -25.12 28.00
C SER A 6 -53.82 -24.71 29.33
N ILE A 7 -54.69 -24.16 30.18
CA ILE A 7 -54.35 -23.64 31.48
C ILE A 7 -54.64 -24.70 32.54
N THR A 8 -54.76 -25.99 32.09
CA THR A 8 -55.01 -27.19 32.87
C THR A 8 -56.32 -27.18 33.59
N LYS A 9 -57.40 -26.86 32.87
CA LYS A 9 -58.70 -26.61 33.43
C LYS A 9 -59.71 -27.25 32.52
N ARG A 10 -60.84 -27.78 33.09
CA ARG A 10 -61.08 -28.04 34.50
C ARG A 10 -60.25 -29.20 34.95
N LEU A 11 -60.20 -30.28 34.11
CA LEU A 11 -59.31 -31.42 34.23
C LEU A 11 -59.55 -32.19 32.95
N TYR A 12 -60.37 -31.63 32.00
CA TYR A 12 -60.83 -32.25 30.79
C TYR A 12 -59.71 -32.51 29.85
N HIS A 13 -58.89 -31.46 29.50
CA HIS A 13 -57.87 -31.61 28.52
C HIS A 13 -56.55 -32.17 29.02
N PRO A 14 -56.07 -32.20 30.32
CA PRO A 14 -54.81 -32.83 30.62
C PRO A 14 -55.16 -34.23 31.04
N LYS A 15 -54.73 -35.31 30.36
CA LYS A 15 -54.07 -35.36 29.10
C LYS A 15 -54.94 -36.24 28.26
N VAL A 16 -55.54 -35.64 27.21
CA VAL A 16 -56.40 -36.11 26.15
C VAL A 16 -56.82 -37.58 26.17
N ILE A 17 -56.07 -38.51 25.55
CA ILE A 17 -56.31 -39.93 25.49
C ILE A 17 -56.50 -40.59 26.82
N GLU A 18 -55.67 -40.23 27.82
CA GLU A 18 -55.66 -40.75 29.18
C GLU A 18 -56.96 -40.37 29.88
N HIS A 19 -57.42 -39.11 29.69
CA HIS A 19 -58.67 -38.61 30.22
C HIS A 19 -59.85 -39.35 29.62
N TYR A 20 -59.86 -39.63 28.30
CA TYR A 20 -60.94 -40.33 27.65
C TYR A 20 -61.14 -41.72 28.16
N THR A 21 -60.03 -42.46 28.44
CA THR A 21 -60.06 -43.85 28.86
C THR A 21 -60.23 -43.78 30.37
N HIS A 22 -61.15 -44.50 31.07
CA HIS A 22 -62.11 -45.56 30.76
C HIS A 22 -61.42 -46.84 30.31
N PRO A 23 -60.61 -47.54 31.12
CA PRO A 23 -60.45 -47.38 32.56
C PRO A 23 -59.27 -46.50 32.84
N ARG A 24 -59.14 -45.97 34.09
CA ARG A 24 -58.04 -45.13 34.49
C ARG A 24 -57.77 -45.51 35.92
N ASN A 25 -56.48 -45.53 36.39
CA ASN A 25 -55.27 -45.23 35.68
C ASN A 25 -54.72 -46.35 34.79
N VAL A 26 -54.72 -47.69 35.09
CA VAL A 26 -55.12 -48.42 36.26
C VAL A 26 -53.86 -49.03 36.84
N GLY A 27 -52.68 -48.70 36.27
CA GLY A 27 -51.40 -49.20 36.68
C GLY A 27 -51.08 -50.53 36.09
N SER A 28 -51.91 -50.96 35.10
CA SER A 28 -51.75 -52.16 34.36
C SER A 28 -52.36 -51.89 33.01
N LEU A 29 -52.69 -50.60 32.69
CA LEU A 29 -53.20 -50.17 31.40
C LEU A 29 -52.18 -50.40 30.30
N ASP A 30 -52.68 -50.82 29.12
CA ASP A 30 -51.92 -50.96 27.93
C ASP A 30 -52.77 -50.32 26.89
N LYS A 31 -52.12 -49.67 25.89
CA LYS A 31 -52.86 -49.03 24.85
C LYS A 31 -53.07 -50.10 23.77
N LYS A 32 -54.36 -50.41 23.49
CA LYS A 32 -54.68 -51.43 22.55
C LYS A 32 -56.14 -51.19 22.21
N LEU A 33 -56.63 -51.58 21.03
CA LEU A 33 -55.96 -52.13 19.88
C LEU A 33 -54.94 -51.22 19.24
N PRO A 34 -55.06 -49.90 19.06
CA PRO A 34 -54.10 -49.04 18.35
C PRO A 34 -52.69 -49.27 18.75
N ASN A 35 -51.74 -49.28 17.78
CA ASN A 35 -50.34 -49.53 18.00
C ASN A 35 -49.62 -48.45 17.28
N VAL A 36 -48.28 -48.40 17.43
CA VAL A 36 -47.40 -47.40 16.89
C VAL A 36 -46.99 -47.80 15.50
N GLY A 37 -45.85 -48.50 15.38
CA GLY A 37 -45.33 -48.93 14.13
C GLY A 37 -44.57 -47.86 13.38
N THR A 38 -44.41 -46.66 13.98
CA THR A 38 -43.72 -45.54 13.41
C THR A 38 -43.06 -44.92 14.63
N GLY A 39 -43.01 -43.57 14.70
CA GLY A 39 -42.38 -42.79 15.73
C GLY A 39 -42.87 -43.04 17.10
N LEU A 40 -41.92 -43.28 18.06
CA LEU A 40 -42.21 -43.46 19.44
C LEU A 40 -41.10 -42.75 20.13
N VAL A 41 -41.47 -41.98 21.16
CA VAL A 41 -40.56 -41.28 22.02
C VAL A 41 -41.25 -41.19 23.35
N GLY A 42 -40.46 -41.07 24.44
CA GLY A 42 -41.06 -40.89 25.74
C GLY A 42 -39.94 -40.65 26.71
N ALA A 43 -40.20 -39.79 27.72
CA ALA A 43 -39.32 -39.43 28.79
C ALA A 43 -40.15 -39.64 30.03
N PRO A 44 -40.02 -40.78 30.78
CA PRO A 44 -40.94 -41.05 31.88
C PRO A 44 -40.31 -40.44 33.13
N ALA A 45 -39.21 -39.66 32.95
CA ALA A 45 -38.63 -38.87 34.01
C ALA A 45 -39.58 -37.79 34.47
N CYS A 46 -40.42 -37.23 33.54
CA CYS A 46 -41.41 -36.23 33.90
C CYS A 46 -42.82 -36.76 33.51
N GLY A 47 -42.86 -37.95 32.87
CA GLY A 47 -44.09 -38.65 32.55
C GLY A 47 -44.75 -38.11 31.31
N ASP A 48 -43.94 -37.76 30.28
CA ASP A 48 -44.43 -37.30 28.98
C ASP A 48 -44.01 -38.25 27.94
N VAL A 49 -45.01 -38.68 27.10
CA VAL A 49 -44.83 -39.68 26.06
C VAL A 49 -45.53 -39.10 24.84
N MET A 50 -44.92 -39.27 23.61
CA MET A 50 -45.60 -38.88 22.42
C MET A 50 -45.38 -39.95 21.39
N ARG A 51 -46.43 -40.19 20.55
CA ARG A 51 -46.47 -41.22 19.54
C ARG A 51 -47.15 -40.61 18.35
N LEU A 52 -46.44 -40.43 17.23
CA LEU A 52 -46.99 -39.92 16.00
C LEU A 52 -47.17 -41.07 15.08
N GLN A 53 -48.39 -41.18 14.48
CA GLN A 53 -48.63 -42.13 13.42
C GLN A 53 -48.92 -41.35 12.15
N ILE A 54 -48.01 -41.41 11.17
CA ILE A 54 -48.17 -40.82 9.87
C ILE A 54 -48.85 -41.79 8.91
N LYS A 55 -49.54 -41.24 7.89
CA LYS A 55 -49.86 -41.97 6.67
C LYS A 55 -49.35 -41.11 5.55
N VAL A 56 -48.75 -41.75 4.53
CA VAL A 56 -47.97 -41.06 3.54
C VAL A 56 -48.39 -41.69 2.24
N ASN A 57 -48.79 -40.87 1.22
CA ASN A 57 -48.90 -41.35 -0.13
C ASN A 57 -47.54 -41.70 -0.69
N ASP A 58 -47.44 -42.92 -1.25
CA ASP A 58 -46.24 -43.41 -1.87
C ASP A 58 -45.99 -42.68 -3.15
N SER A 59 -47.07 -42.53 -3.98
CA SER A 59 -46.95 -41.89 -5.25
C SER A 59 -46.90 -40.38 -5.16
N THR A 60 -47.86 -39.76 -4.43
CA THR A 60 -47.98 -38.30 -4.33
C THR A 60 -46.88 -37.69 -3.48
N GLY A 61 -46.55 -38.36 -2.35
CA GLY A 61 -45.63 -37.87 -1.35
C GLY A 61 -46.34 -37.04 -0.27
N VAL A 62 -47.66 -36.90 -0.37
CA VAL A 62 -48.39 -35.99 0.48
C VAL A 62 -48.74 -36.73 1.71
N ILE A 63 -48.64 -36.02 2.88
CA ILE A 63 -48.99 -36.57 4.16
C ILE A 63 -50.49 -36.47 4.26
N GLU A 64 -51.17 -37.63 4.21
CA GLU A 64 -52.61 -37.75 4.23
C GLU A 64 -53.13 -37.37 5.58
N ASP A 65 -52.48 -37.92 6.61
CA ASP A 65 -52.89 -37.80 7.98
C ASP A 65 -51.68 -37.92 8.83
N VAL A 66 -51.70 -37.27 10.02
CA VAL A 66 -50.81 -37.63 11.11
C VAL A 66 -51.71 -37.44 12.32
N LYS A 67 -51.51 -38.28 13.38
CA LYS A 67 -52.26 -38.34 14.61
C LYS A 67 -51.24 -38.18 15.68
N PHE A 68 -51.53 -37.38 16.73
CA PHE A 68 -50.66 -37.12 17.84
C PHE A 68 -51.28 -37.61 19.08
N LYS A 69 -50.49 -38.35 19.85
CA LYS A 69 -50.83 -38.82 21.16
C LYS A 69 -49.92 -38.04 22.03
N THR A 70 -50.46 -37.47 23.14
CA THR A 70 -49.65 -36.69 24.06
C THR A 70 -50.16 -37.06 25.43
N PHE A 71 -49.17 -37.45 26.29
CA PHE A 71 -49.46 -37.95 27.60
C PHE A 71 -48.71 -37.09 28.57
N GLY A 72 -48.52 -35.82 28.21
CA GLY A 72 -47.54 -34.96 28.83
C GLY A 72 -48.25 -33.77 29.41
N CYS A 73 -47.51 -32.61 29.42
CA CYS A 73 -48.04 -31.32 29.84
C CYS A 73 -49.18 -30.90 28.94
N GLY A 74 -50.16 -30.12 29.50
CA GLY A 74 -51.32 -29.61 28.77
C GLY A 74 -50.93 -28.63 27.67
N SER A 75 -49.91 -27.76 27.95
CA SER A 75 -49.34 -26.76 27.07
C SER A 75 -48.72 -27.41 25.86
N ALA A 76 -48.05 -28.56 26.06
CA ALA A 76 -47.34 -29.37 25.09
C ALA A 76 -48.28 -29.91 24.03
N ILE A 77 -49.51 -30.35 24.43
CA ILE A 77 -50.51 -30.86 23.49
C ILE A 77 -50.75 -29.94 22.29
N ALA A 78 -50.82 -28.60 22.55
CA ALA A 78 -51.05 -27.62 21.49
C ALA A 78 -49.97 -27.57 20.45
N SER A 79 -48.69 -27.65 20.87
CA SER A 79 -47.55 -27.71 20.02
C SER A 79 -47.65 -28.79 18.96
N SER A 80 -48.06 -30.02 19.37
CA SER A 80 -48.35 -31.17 18.56
C SER A 80 -49.47 -30.91 17.62
N SER A 81 -50.60 -30.30 18.12
CA SER A 81 -51.78 -30.04 17.34
C SER A 81 -51.45 -29.19 16.13
N TYR A 82 -50.80 -28.02 16.37
CA TYR A 82 -50.52 -27.05 15.35
C TYR A 82 -49.58 -27.62 14.31
N MET A 83 -48.58 -28.41 14.72
CA MET A 83 -47.61 -29.04 13.85
C MET A 83 -48.29 -30.07 12.91
N THR A 84 -49.18 -30.96 13.45
CA THR A 84 -49.82 -32.02 12.68
C THR A 84 -50.77 -31.47 11.64
N GLU A 85 -51.49 -30.34 11.99
CA GLU A 85 -52.31 -29.52 11.12
C GLU A 85 -51.54 -29.03 9.93
N LEU A 86 -50.37 -28.39 10.19
CA LEU A 86 -49.49 -27.75 9.23
C LEU A 86 -49.02 -28.78 8.25
N VAL A 87 -48.45 -29.92 8.79
CA VAL A 87 -47.89 -31.00 8.01
C VAL A 87 -48.87 -31.64 7.09
N GLN A 88 -50.15 -31.85 7.54
CA GLN A 88 -51.19 -32.38 6.69
C GLN A 88 -51.55 -31.43 5.59
N GLY A 89 -51.81 -31.96 4.37
CA GLY A 89 -52.17 -31.18 3.20
C GLY A 89 -50.93 -30.59 2.53
N MET A 90 -49.74 -30.89 3.05
CA MET A 90 -48.45 -30.41 2.56
C MET A 90 -47.62 -31.65 2.43
N THR A 91 -46.64 -31.60 1.51
CA THR A 91 -45.80 -32.69 1.05
C THR A 91 -44.91 -33.23 2.12
N LEU A 92 -44.15 -34.26 1.72
CA LEU A 92 -43.18 -35.01 2.49
C LEU A 92 -42.06 -34.13 3.01
N ASP A 93 -41.62 -33.21 2.16
CA ASP A 93 -40.54 -32.27 2.38
C ASP A 93 -40.84 -31.32 3.48
N ASP A 94 -42.14 -31.02 3.75
CA ASP A 94 -42.61 -30.19 4.86
C ASP A 94 -42.35 -30.85 6.21
N ALA A 95 -42.58 -32.21 6.26
CA ALA A 95 -42.37 -33.08 7.40
C ALA A 95 -40.91 -33.11 7.70
N ALA A 96 -40.09 -33.01 6.62
CA ALA A 96 -38.68 -33.07 6.67
C ALA A 96 -38.17 -31.73 7.05
N LYS A 97 -36.96 -31.71 7.66
CA LYS A 97 -36.33 -30.55 8.24
C LYS A 97 -37.16 -29.89 9.34
N ILE A 98 -37.71 -30.73 10.27
CA ILE A 98 -38.47 -30.17 11.38
C ILE A 98 -37.54 -30.10 12.54
N LYS A 99 -37.38 -28.83 13.02
CA LYS A 99 -36.74 -28.49 14.22
C LYS A 99 -37.92 -28.11 15.07
N ASN A 100 -37.93 -28.15 16.45
CA ASN A 100 -36.99 -28.20 17.55
C ASN A 100 -36.90 -26.78 18.04
N THR A 101 -37.32 -25.80 17.20
CA THR A 101 -37.56 -24.45 17.59
C THR A 101 -38.71 -23.91 16.75
N GLU A 102 -39.68 -24.81 16.47
CA GLU A 102 -40.90 -24.47 15.79
C GLU A 102 -41.94 -24.72 16.86
N ILE A 103 -41.95 -25.96 17.37
CA ILE A 103 -42.78 -26.50 18.37
C ILE A 103 -42.56 -25.77 19.67
N ALA A 104 -41.28 -25.46 20.01
CA ALA A 104 -40.93 -24.74 21.19
C ALA A 104 -41.53 -23.34 21.12
N LYS A 105 -41.47 -22.62 19.95
CA LYS A 105 -42.01 -21.28 19.76
C LYS A 105 -43.50 -21.33 19.98
N GLU A 106 -44.16 -22.42 19.48
CA GLU A 106 -45.57 -22.62 19.52
C GLU A 106 -46.06 -22.69 20.95
N LEU A 107 -45.33 -23.40 21.87
CA LEU A 107 -45.66 -23.44 23.27
C LEU A 107 -45.52 -22.09 23.92
N SER A 108 -44.38 -21.38 23.68
CA SER A 108 -44.22 -20.01 24.08
C SER A 108 -42.85 -19.55 23.65
N LEU A 109 -41.76 -20.28 24.05
CA LEU A 109 -40.38 -19.82 23.92
C LEU A 109 -39.57 -20.66 23.00
N PRO A 110 -38.72 -20.12 22.11
CA PRO A 110 -37.96 -20.88 21.14
C PRO A 110 -36.83 -21.76 21.59
N PRO A 111 -36.19 -21.85 22.79
CA PRO A 111 -35.08 -22.74 23.05
C PRO A 111 -35.17 -24.18 22.59
N VAL A 112 -34.06 -24.66 21.98
CA VAL A 112 -33.95 -26.00 21.37
C VAL A 112 -33.93 -27.06 22.43
N LYS A 113 -34.62 -28.17 22.15
CA LYS A 113 -34.62 -29.36 23.01
C LYS A 113 -35.06 -29.05 24.44
N LEU A 114 -36.35 -28.63 24.60
CA LEU A 114 -36.98 -28.53 25.90
C LEU A 114 -36.99 -29.85 26.58
N HIS A 115 -36.81 -29.80 27.89
CA HIS A 115 -36.47 -30.93 28.71
C HIS A 115 -37.53 -32.02 28.81
N CYS A 116 -38.81 -31.57 28.98
CA CYS A 116 -39.88 -32.51 29.09
C CYS A 116 -41.09 -31.89 28.50
N SER A 117 -40.93 -31.12 27.40
CA SER A 117 -42.05 -30.42 26.85
C SER A 117 -42.08 -30.59 25.37
N MET A 118 -40.93 -30.92 24.75
CA MET A 118 -40.86 -31.15 23.32
C MET A 118 -40.24 -32.45 23.02
N LEU A 119 -41.10 -33.45 22.78
CA LEU A 119 -40.73 -34.74 22.28
C LEU A 119 -41.26 -34.82 20.87
N ALA A 120 -41.75 -33.70 20.31
CA ALA A 120 -42.50 -33.76 19.08
C ALA A 120 -41.57 -33.79 17.90
N GLU A 121 -40.38 -33.13 18.00
CA GLU A 121 -39.34 -33.14 16.99
C GLU A 121 -38.82 -34.54 16.79
N ASP A 122 -38.48 -35.22 17.89
CA ASP A 122 -37.93 -36.53 17.92
C ASP A 122 -38.87 -37.55 17.32
N ALA A 123 -40.19 -37.32 17.58
CA ALA A 123 -41.27 -38.17 17.15
C ALA A 123 -41.41 -38.17 15.66
N ILE A 124 -41.46 -36.97 15.03
CA ILE A 124 -41.67 -36.82 13.59
C ILE A 124 -40.52 -37.37 12.80
N LYS A 125 -39.25 -37.11 13.23
CA LYS A 125 -38.03 -37.59 12.59
C LYS A 125 -37.99 -39.09 12.54
N ALA A 126 -38.31 -39.77 13.66
CA ALA A 126 -38.39 -41.21 13.81
C ALA A 126 -39.33 -41.82 12.80
N ALA A 127 -40.53 -41.21 12.69
CA ALA A 127 -41.63 -41.65 11.87
C ALA A 127 -41.28 -41.64 10.42
N ILE A 128 -40.60 -40.57 9.97
CA ILE A 128 -40.28 -40.41 8.57
C ILE A 128 -39.10 -41.30 8.17
N LYS A 129 -38.13 -41.54 9.07
CA LYS A 129 -37.02 -42.48 8.87
C LYS A 129 -37.52 -43.88 8.70
N ASP A 130 -38.52 -44.24 9.53
CA ASP A 130 -39.25 -45.50 9.47
C ASP A 130 -39.88 -45.67 8.10
N TYR A 131 -40.53 -44.59 7.61
CA TYR A 131 -41.15 -44.52 6.31
C TYR A 131 -40.11 -44.71 5.21
N LYS A 132 -38.85 -44.17 5.37
CA LYS A 132 -37.79 -44.29 4.41
C LYS A 132 -37.43 -45.71 4.19
N SER A 133 -37.35 -46.58 5.22
CA SER A 133 -37.19 -48.01 5.07
C SER A 133 -38.21 -48.66 4.16
N LYS A 134 -39.51 -48.34 4.44
CA LYS A 134 -40.66 -48.80 3.67
C LYS A 134 -40.74 -48.20 2.28
N ARG A 135 -40.07 -47.05 2.05
CA ARG A 135 -39.91 -46.41 0.77
C ARG A 135 -39.09 -47.26 -0.19
N ASN A 136 -38.11 -47.92 0.45
CA ASN A 136 -37.14 -48.83 -0.11
C ASN A 136 -36.02 -48.06 -0.71
N THR A 137 -35.32 -47.26 0.16
CA THR A 137 -34.07 -46.67 -0.17
C THR A 137 -33.32 -46.53 1.15
N PRO A 138 -32.01 -46.82 1.22
CA PRO A 138 -31.29 -46.67 2.48
C PRO A 138 -30.21 -45.64 2.27
N THR A 139 -30.15 -45.06 1.04
CA THR A 139 -29.12 -44.16 0.61
C THR A 139 -29.17 -42.83 1.34
N MET A 140 -30.41 -42.28 1.49
CA MET A 140 -30.69 -41.01 2.14
C MET A 140 -31.03 -41.18 3.59
N LEU A 141 -31.15 -42.46 4.07
CA LEU A 141 -31.53 -42.78 5.42
C LEU A 141 -30.35 -42.51 6.34
N SER A 142 -29.14 -42.92 5.87
CA SER A 142 -27.87 -42.66 6.51
C SER A 142 -27.38 -41.30 6.11
N VAL B 1 -39.63 -13.01 -31.87
CA VAL B 1 -40.39 -13.70 -32.90
C VAL B 1 -41.70 -14.12 -32.30
N GLU B 2 -41.74 -15.19 -31.47
CA GLU B 2 -42.89 -15.56 -30.71
C GLU B 2 -42.70 -15.03 -29.33
N SER B 3 -43.37 -15.64 -28.34
CA SER B 3 -43.43 -15.09 -26.99
C SER B 3 -42.94 -16.17 -26.05
N SER B 4 -41.85 -15.94 -25.26
CA SER B 4 -40.96 -14.78 -25.29
C SER B 4 -39.66 -15.15 -24.59
N THR B 5 -39.55 -16.38 -24.04
CA THR B 5 -38.38 -16.94 -23.37
C THR B 5 -38.35 -16.44 -21.90
N ASP B 6 -37.95 -17.20 -20.87
CA ASP B 6 -37.73 -18.65 -20.82
C ASP B 6 -38.98 -19.27 -20.25
N GLY B 7 -39.58 -18.60 -19.21
CA GLY B 7 -40.80 -19.02 -18.56
C GLY B 7 -42.03 -18.95 -19.46
N GLN B 8 -42.03 -17.91 -20.33
CA GLN B 8 -43.06 -17.41 -21.17
C GLN B 8 -43.54 -18.38 -22.22
N VAL B 9 -42.65 -19.27 -22.68
CA VAL B 9 -42.80 -20.19 -23.82
C VAL B 9 -43.94 -21.15 -23.62
N VAL B 10 -44.15 -21.63 -22.39
CA VAL B 10 -45.20 -22.56 -21.97
C VAL B 10 -46.60 -22.07 -22.40
N PRO B 11 -47.59 -22.93 -22.45
CA PRO B 11 -48.95 -22.56 -22.87
C PRO B 11 -49.65 -21.77 -21.77
N GLN B 12 -49.09 -21.80 -20.54
CA GLN B 12 -49.63 -21.30 -19.28
C GLN B 12 -50.56 -22.35 -18.73
N GLU B 13 -50.28 -23.59 -19.14
CA GLU B 13 -50.98 -24.78 -18.64
C GLU B 13 -49.99 -25.60 -17.85
N VAL B 14 -48.79 -25.02 -17.57
CA VAL B 14 -47.66 -25.71 -16.96
C VAL B 14 -47.73 -25.72 -15.47
N LEU B 15 -48.84 -25.24 -14.89
CA LEU B 15 -49.02 -25.10 -13.45
C LEU B 15 -49.72 -26.35 -12.94
N ASN B 16 -49.65 -27.42 -13.73
CA ASN B 16 -50.11 -28.77 -13.36
C ASN B 16 -49.32 -29.77 -14.19
N LEU B 17 -48.29 -29.31 -14.92
CA LEU B 17 -47.38 -30.13 -15.69
C LEU B 17 -46.01 -30.02 -15.05
N PRO B 18 -45.12 -30.99 -15.22
CA PRO B 18 -43.88 -31.00 -14.42
C PRO B 18 -42.84 -30.24 -15.19
N LEU B 19 -42.37 -29.12 -14.59
CA LEU B 19 -41.37 -28.24 -15.15
C LEU B 19 -40.61 -27.79 -13.95
N GLU B 20 -39.32 -27.44 -14.12
CA GLU B 20 -38.46 -26.78 -13.14
C GLU B 20 -39.16 -25.56 -12.54
N LYS B 21 -39.19 -25.50 -11.19
CA LYS B 21 -39.89 -24.48 -10.41
C LYS B 21 -39.26 -23.14 -10.61
N ALA B 22 -37.90 -23.13 -10.62
CA ALA B 22 -37.09 -22.02 -11.05
C ALA B 22 -35.71 -22.36 -10.60
N HIS B 23 -34.73 -22.31 -11.56
CA HIS B 23 -33.31 -22.43 -11.27
C HIS B 23 -32.86 -21.02 -10.98
N GLU B 24 -31.59 -20.86 -10.49
CA GLU B 24 -31.00 -19.60 -10.18
C GLU B 24 -30.41 -18.98 -11.44
N GLU B 25 -29.12 -19.12 -11.91
CA GLU B 25 -28.00 -19.74 -11.30
C GLU B 25 -27.34 -18.74 -10.39
N ALA B 26 -27.72 -17.45 -10.49
CA ALA B 26 -27.40 -16.45 -9.51
C ALA B 26 -28.41 -15.33 -9.48
N ASP B 27 -29.42 -15.34 -10.36
CA ASP B 27 -30.33 -14.20 -10.44
C ASP B 27 -31.70 -14.37 -9.81
N ASP B 28 -32.36 -15.53 -10.08
CA ASP B 28 -33.75 -15.73 -9.63
C ASP B 28 -34.01 -15.70 -8.13
N TYR B 29 -33.14 -16.37 -7.37
CA TYR B 29 -33.39 -16.55 -5.95
C TYR B 29 -33.44 -15.30 -5.15
N LEU B 30 -32.57 -14.28 -5.41
CA LEU B 30 -32.54 -13.06 -4.65
C LEU B 30 -33.85 -12.31 -4.77
N ASP B 31 -34.42 -12.22 -5.98
CA ASP B 31 -35.74 -11.64 -6.17
C ASP B 31 -36.87 -12.39 -5.47
N HIS B 32 -36.87 -13.73 -5.60
CA HIS B 32 -37.83 -14.63 -4.95
C HIS B 32 -37.77 -14.52 -3.47
N LEU B 33 -36.53 -14.44 -2.93
CA LEU B 33 -36.20 -14.29 -1.52
C LEU B 33 -36.80 -13.07 -0.94
N LEU B 34 -36.70 -11.92 -1.65
CA LEU B 34 -37.25 -10.63 -1.30
C LEU B 34 -38.77 -10.68 -1.16
N ASP B 35 -39.47 -11.28 -2.14
CA ASP B 35 -40.91 -11.47 -2.12
C ASP B 35 -41.35 -12.26 -0.93
N SER B 36 -40.66 -13.38 -0.62
CA SER B 36 -40.83 -14.25 0.52
C SER B 36 -40.58 -13.49 1.81
N LEU B 37 -39.53 -12.64 1.87
CA LEU B 37 -39.12 -11.91 3.06
C LEU B 37 -40.17 -10.98 3.62
N GLU B 38 -40.79 -10.19 2.71
CA GLU B 38 -41.90 -9.29 2.97
C GLU B 38 -43.11 -10.06 3.45
N GLU B 39 -43.41 -11.20 2.76
CA GLU B 39 -44.55 -12.04 3.06
C GLU B 39 -44.49 -12.61 4.46
N LEU B 40 -43.34 -13.16 4.88
CA LEU B 40 -43.17 -13.77 6.20
C LEU B 40 -43.31 -12.78 7.30
N SER B 41 -42.79 -11.51 7.13
CA SER B 41 -42.82 -10.49 8.16
C SER B 41 -44.21 -10.13 8.65
N GLU B 42 -45.16 -9.98 7.70
CA GLU B 42 -46.48 -9.45 7.99
C GLU B 42 -47.47 -10.55 8.32
N ALA B 43 -48.60 -10.08 8.88
CA ALA B 43 -49.66 -10.87 9.51
C ALA B 43 -49.24 -11.67 10.70
N HIS B 44 -48.83 -10.99 11.81
CA HIS B 44 -48.59 -11.64 13.10
C HIS B 44 -49.40 -10.80 14.06
N PRO B 45 -49.82 -11.29 15.22
CA PRO B 45 -50.57 -10.54 16.20
C PRO B 45 -49.66 -9.71 17.01
N ASP B 46 -48.38 -10.14 17.20
CA ASP B 46 -47.41 -9.49 18.02
C ASP B 46 -46.65 -8.64 17.07
N CYS B 47 -46.02 -7.55 17.59
CA CYS B 47 -45.23 -6.57 16.84
C CYS B 47 -44.13 -7.20 16.07
N ILE B 48 -43.99 -6.77 14.80
CA ILE B 48 -42.88 -7.18 14.00
C ILE B 48 -42.22 -5.91 13.55
N PRO B 49 -40.96 -5.62 13.84
CA PRO B 49 -40.24 -4.49 13.30
C PRO B 49 -40.08 -4.58 11.81
N ASP B 50 -39.69 -3.47 11.15
CA ASP B 50 -39.57 -3.38 9.71
C ASP B 50 -38.31 -4.09 9.32
N VAL B 51 -38.33 -5.02 8.33
CA VAL B 51 -37.13 -5.61 7.79
C VAL B 51 -36.36 -4.56 7.04
N GLU B 52 -35.02 -4.52 7.29
CA GLU B 52 -34.09 -3.59 6.76
C GLU B 52 -33.11 -4.39 5.99
N LEU B 53 -32.86 -3.96 4.74
CA LEU B 53 -31.84 -4.59 3.95
C LEU B 53 -30.89 -3.50 3.64
N SER B 54 -29.62 -3.81 3.90
CA SER B 54 -28.46 -3.01 3.63
C SER B 54 -27.69 -3.91 2.72
N HIS B 55 -27.14 -3.38 1.60
CA HIS B 55 -26.64 -4.18 0.51
C HIS B 55 -25.54 -5.15 0.96
N GLY B 56 -25.66 -6.43 0.57
CA GLY B 56 -24.77 -7.49 0.97
C GLY B 56 -25.09 -8.09 2.34
N VAL B 57 -26.24 -7.71 2.93
CA VAL B 57 -26.64 -8.03 4.26
C VAL B 57 -28.15 -8.12 4.15
N MET B 58 -28.85 -8.76 5.12
CA MET B 58 -30.29 -8.87 5.14
C MET B 58 -30.67 -9.32 6.49
N THR B 59 -31.62 -8.59 7.16
CA THR B 59 -32.14 -9.03 8.42
C THR B 59 -33.60 -9.35 8.16
N LEU B 60 -34.09 -10.50 8.72
CA LEU B 60 -35.50 -10.88 8.72
C LEU B 60 -35.86 -10.63 10.17
N GLU B 61 -37.01 -9.95 10.39
CA GLU B 61 -37.50 -9.58 11.66
C GLU B 61 -38.76 -10.38 11.88
N ILE B 62 -38.92 -10.90 13.11
CA ILE B 62 -39.96 -11.77 13.56
C ILE B 62 -40.16 -11.21 14.92
N PRO B 63 -41.32 -11.38 15.58
CA PRO B 63 -41.54 -11.05 16.97
C PRO B 63 -40.59 -11.70 17.96
N ALA B 64 -40.68 -11.33 19.27
CA ALA B 64 -39.75 -11.77 20.27
C ALA B 64 -40.15 -13.15 20.79
N PHE B 65 -40.49 -14.06 19.87
CA PHE B 65 -40.66 -15.49 20.06
C PHE B 65 -39.45 -16.16 19.40
N GLY B 66 -38.33 -15.43 19.27
CA GLY B 66 -37.15 -15.87 18.58
C GLY B 66 -37.08 -15.39 17.18
N THR B 67 -35.86 -15.08 16.69
CA THR B 67 -35.65 -14.48 15.38
C THR B 67 -34.33 -14.98 14.90
N TYR B 68 -34.26 -15.33 13.60
CA TYR B 68 -33.07 -15.81 12.93
C TYR B 68 -32.82 -14.85 11.76
N VAL B 69 -31.56 -14.89 11.26
CA VAL B 69 -31.09 -14.10 10.14
C VAL B 69 -30.84 -15.01 8.97
N ILE B 70 -30.91 -14.41 7.78
CA ILE B 70 -30.78 -15.06 6.52
C ILE B 70 -29.70 -14.29 5.83
N ASN B 71 -28.59 -14.99 5.48
CA ASN B 71 -27.39 -14.36 4.96
C ASN B 71 -26.73 -15.31 4.09
N LYS B 72 -25.94 -14.82 3.13
CA LYS B 72 -25.08 -15.62 2.34
C LYS B 72 -23.77 -15.82 3.05
N GLN B 73 -23.21 -17.05 2.83
CA GLN B 73 -21.94 -17.42 3.42
C GLN B 73 -21.10 -17.72 2.20
N PRO B 74 -19.86 -17.26 2.11
CA PRO B 74 -18.94 -17.43 0.97
C PRO B 74 -18.67 -18.92 0.64
N PRO B 75 -18.04 -19.26 -0.51
CA PRO B 75 -17.99 -20.60 -1.08
C PRO B 75 -17.60 -21.73 -0.12
N ASN B 76 -18.37 -22.83 -0.20
CA ASN B 76 -18.38 -23.96 0.70
C ASN B 76 -19.09 -23.55 1.98
N LYS B 77 -20.20 -24.28 2.28
CA LYS B 77 -21.12 -24.11 3.39
C LYS B 77 -21.98 -22.91 3.19
N GLN B 78 -22.48 -22.74 1.96
CA GLN B 78 -23.20 -21.57 1.53
C GLN B 78 -24.51 -21.38 2.28
N ILE B 79 -24.94 -20.10 2.31
CA ILE B 79 -26.22 -19.57 2.76
C ILE B 79 -26.60 -20.06 4.13
N TRP B 80 -25.72 -19.84 5.12
CA TRP B 80 -26.00 -20.24 6.49
C TRP B 80 -27.23 -19.60 7.05
N LEU B 81 -28.08 -20.43 7.67
CA LEU B 81 -29.32 -20.00 8.26
C LEU B 81 -29.10 -19.97 9.76
N ALA B 82 -28.29 -18.98 10.24
CA ALA B 82 -27.90 -18.87 11.63
C ALA B 82 -29.09 -18.60 12.51
N SER B 83 -29.54 -19.64 13.26
CA SER B 83 -30.61 -19.61 14.21
C SER B 83 -29.92 -19.45 15.52
N PRO B 84 -30.23 -18.53 16.42
CA PRO B 84 -29.50 -18.36 17.68
C PRO B 84 -29.62 -19.57 18.60
N LEU B 85 -30.81 -20.24 18.62
CA LEU B 85 -31.11 -21.33 19.46
C LEU B 85 -30.56 -22.63 18.91
N SER B 86 -30.60 -22.84 17.56
CA SER B 86 -30.30 -24.14 16.97
C SER B 86 -28.97 -24.10 16.25
N GLY B 87 -28.37 -22.91 16.05
CA GLY B 87 -27.07 -22.74 15.44
C GLY B 87 -27.28 -22.65 13.95
N PRO B 88 -26.18 -22.68 13.22
CA PRO B 88 -26.22 -22.54 11.78
C PRO B 88 -26.43 -23.90 11.17
N ASN B 89 -27.11 -23.98 10.01
CA ASN B 89 -27.18 -25.17 9.23
C ASN B 89 -26.97 -24.70 7.82
N ARG B 90 -26.09 -25.42 7.10
CA ARG B 90 -25.60 -25.02 5.81
C ARG B 90 -26.33 -25.76 4.70
N PHE B 91 -26.56 -25.05 3.57
CA PHE B 91 -27.29 -25.60 2.44
C PHE B 91 -26.51 -25.39 1.16
N ASP B 92 -26.44 -26.43 0.30
CA ASP B 92 -25.88 -26.31 -1.03
C ASP B 92 -27.01 -26.76 -1.90
N LEU B 93 -27.32 -25.95 -2.97
CA LEU B 93 -28.34 -26.16 -4.00
C LEU B 93 -28.27 -27.58 -4.52
N LEU B 94 -29.41 -28.27 -4.69
CA LEU B 94 -29.31 -29.67 -5.08
C LEU B 94 -30.42 -30.13 -5.96
N ASN B 95 -31.58 -29.44 -5.98
CA ASN B 95 -32.67 -29.92 -6.81
C ASN B 95 -33.57 -28.74 -7.12
N GLY B 96 -32.98 -27.55 -7.33
CA GLY B 96 -33.73 -26.37 -7.71
C GLY B 96 -34.32 -25.65 -6.57
N GLU B 97 -33.96 -26.15 -5.38
CA GLU B 97 -34.29 -25.57 -4.13
C GLU B 97 -33.16 -25.99 -3.23
N TRP B 98 -32.77 -25.09 -2.29
CA TRP B 98 -31.71 -25.24 -1.35
C TRP B 98 -31.99 -26.36 -0.37
N VAL B 99 -31.05 -27.32 -0.32
CA VAL B 99 -31.21 -28.54 0.42
C VAL B 99 -30.01 -28.57 1.34
N SER B 100 -30.32 -28.68 2.66
CA SER B 100 -29.35 -28.81 3.73
C SER B 100 -28.64 -30.11 3.64
N LEU B 101 -27.32 -30.04 3.92
CA LEU B 101 -26.38 -31.14 3.89
C LEU B 101 -26.23 -31.70 5.25
N ARG B 102 -27.18 -31.36 6.15
CA ARG B 102 -27.17 -31.81 7.54
C ARG B 102 -28.52 -32.35 7.88
N ASN B 103 -29.47 -32.26 6.91
CA ASN B 103 -30.86 -32.64 7.16
C ASN B 103 -31.45 -33.25 5.92
N GLY B 104 -32.79 -33.11 5.76
CA GLY B 104 -33.62 -33.69 4.73
C GLY B 104 -33.60 -32.94 3.43
N THR B 105 -34.75 -32.33 2.97
CA THR B 105 -34.76 -31.57 1.73
C THR B 105 -35.68 -30.37 1.92
N LYS B 106 -35.34 -29.29 1.15
CA LYS B 106 -36.04 -28.04 0.92
C LYS B 106 -35.95 -27.06 2.08
N LEU B 107 -35.31 -25.88 1.84
CA LEU B 107 -35.10 -24.73 2.70
C LEU B 107 -36.40 -24.05 3.05
N THR B 108 -37.36 -23.92 2.08
CA THR B 108 -38.55 -23.07 2.14
C THR B 108 -39.45 -23.49 3.27
N ASP B 109 -39.65 -24.80 3.45
CA ASP B 109 -40.44 -25.42 4.52
C ASP B 109 -40.01 -24.99 5.93
N ILE B 110 -38.69 -24.78 6.18
CA ILE B 110 -38.23 -24.33 7.48
C ILE B 110 -38.74 -22.94 7.75
N LEU B 111 -38.65 -22.01 6.77
CA LEU B 111 -39.05 -20.62 6.92
C LEU B 111 -40.52 -20.47 7.20
N THR B 112 -41.37 -21.10 6.33
CA THR B 112 -42.76 -21.30 6.50
C THR B 112 -43.17 -21.67 7.89
N GLU B 113 -42.73 -22.84 8.38
CA GLU B 113 -43.04 -23.37 9.66
C GLU B 113 -42.77 -22.46 10.85
N GLU B 114 -41.54 -21.94 10.98
CA GLU B 114 -41.07 -21.22 12.18
C GLU B 114 -41.80 -19.89 12.31
N VAL B 115 -42.11 -19.26 11.14
CA VAL B 115 -42.85 -18.04 11.04
C VAL B 115 -44.31 -18.21 11.41
N GLU B 116 -44.96 -19.30 10.93
CA GLU B 116 -46.34 -19.57 11.29
C GLU B 116 -46.55 -20.07 12.67
N LYS B 117 -45.56 -20.75 13.30
CA LYS B 117 -45.55 -20.99 14.73
C LYS B 117 -45.49 -19.73 15.58
N ALA B 118 -44.95 -18.62 15.03
CA ALA B 118 -44.87 -17.35 15.71
C ALA B 118 -46.21 -16.60 15.53
N ILE B 119 -46.82 -16.56 14.30
CA ILE B 119 -48.12 -15.96 14.01
C ILE B 119 -49.21 -16.54 14.91
N SER B 120 -49.11 -17.87 15.18
CA SER B 120 -50.03 -18.59 16.03
C SER B 120 -50.08 -18.06 17.46
N LYS B 121 -48.99 -18.23 18.24
CA LYS B 121 -48.85 -17.74 19.60
C LYS B 121 -47.75 -16.66 19.61
N GLY C 1 2.70 -57.06 6.63
CA GLY C 1 2.78 -58.42 6.09
C GLY C 1 3.09 -59.43 7.16
N SER C 2 2.31 -60.54 7.22
CA SER C 2 2.52 -61.60 8.16
C SER C 2 1.81 -62.79 7.62
N HIS C 3 2.18 -63.99 8.14
CA HIS C 3 1.66 -65.27 7.72
C HIS C 3 0.19 -65.43 8.10
N MET C 4 -0.54 -66.09 7.20
CA MET C 4 -1.91 -66.44 7.40
C MET C 4 -2.12 -67.47 8.46
N SER C 5 -1.41 -68.63 8.53
CA SER C 5 -0.44 -69.21 7.61
C SER C 5 -1.18 -70.17 6.74
N SER C 6 -0.68 -70.36 5.53
CA SER C 6 -1.25 -71.24 4.55
C SER C 6 -0.13 -72.14 4.18
N ILE C 7 -0.30 -73.47 4.26
CA ILE C 7 0.72 -74.45 3.94
C ILE C 7 1.04 -74.42 2.48
N THR C 8 -0.05 -74.42 1.70
CA THR C 8 -0.19 -74.44 0.26
C THR C 8 0.31 -75.73 -0.31
N LYS C 9 0.29 -76.81 0.51
CA LYS C 9 0.71 -78.14 0.13
C LYS C 9 -0.22 -79.02 0.92
N ARG C 10 -0.49 -80.29 0.50
CA ARG C 10 0.09 -81.01 -0.62
C ARG C 10 -0.99 -81.69 -1.36
N LEU C 11 -0.69 -81.98 -2.64
CA LEU C 11 -1.53 -82.65 -3.60
C LEU C 11 -2.61 -81.79 -4.14
N TYR C 12 -2.56 -80.48 -3.82
CA TYR C 12 -3.53 -79.54 -4.33
C TYR C 12 -3.46 -79.34 -5.85
N HIS C 13 -2.28 -79.14 -6.49
CA HIS C 13 -0.94 -78.83 -6.01
C HIS C 13 -0.81 -77.41 -5.58
N PRO C 14 -1.32 -76.40 -6.30
CA PRO C 14 -1.14 -75.03 -5.85
C PRO C 14 -2.27 -74.58 -4.99
N LYS C 15 -1.95 -74.14 -3.75
CA LYS C 15 -2.80 -73.41 -2.87
C LYS C 15 -4.15 -73.97 -2.53
N VAL C 16 -5.09 -73.14 -2.02
CA VAL C 16 -6.36 -73.55 -1.50
C VAL C 16 -7.29 -74.17 -2.50
N ILE C 17 -7.30 -73.63 -3.78
CA ILE C 17 -8.19 -73.88 -4.90
C ILE C 17 -8.83 -75.27 -5.00
N GLU C 18 -8.05 -76.36 -4.76
CA GLU C 18 -8.56 -77.74 -4.81
C GLU C 18 -9.64 -78.08 -3.79
N HIS C 19 -9.47 -77.60 -2.54
CA HIS C 19 -10.33 -77.91 -1.42
C HIS C 19 -11.76 -77.49 -1.64
N TYR C 20 -11.92 -76.24 -2.19
CA TYR C 20 -13.24 -75.65 -2.48
C TYR C 20 -13.97 -76.42 -3.57
N THR C 21 -13.27 -76.80 -4.65
CA THR C 21 -13.85 -77.48 -5.81
C THR C 21 -12.91 -78.61 -6.22
N HIS C 22 -13.25 -79.92 -6.08
CA HIS C 22 -14.47 -80.53 -5.66
C HIS C 22 -15.66 -80.32 -6.62
N PRO C 23 -15.79 -81.07 -7.70
CA PRO C 23 -15.00 -82.21 -8.14
C PRO C 23 -13.65 -81.79 -8.62
N ARG C 24 -12.65 -82.60 -8.30
CA ARG C 24 -11.25 -82.37 -8.49
C ARG C 24 -10.69 -83.46 -9.38
N ASN C 25 -9.95 -83.16 -10.48
CA ASN C 25 -9.61 -81.84 -11.02
C ASN C 25 -10.77 -81.10 -11.63
N VAL C 26 -11.63 -81.67 -12.50
CA VAL C 26 -11.65 -82.96 -13.18
C VAL C 26 -11.48 -82.69 -14.66
N GLY C 27 -11.37 -81.37 -15.05
CA GLY C 27 -11.18 -80.96 -16.42
C GLY C 27 -12.52 -80.87 -17.12
N SER C 28 -13.60 -80.91 -16.32
CA SER C 28 -14.96 -80.87 -16.74
C SER C 28 -15.69 -80.29 -15.58
N LEU C 29 -14.96 -79.67 -14.63
CA LEU C 29 -15.48 -79.11 -13.40
C LEU C 29 -16.35 -77.90 -13.68
N ASP C 30 -17.34 -77.65 -12.78
CA ASP C 30 -18.26 -76.58 -12.98
C ASP C 30 -18.34 -75.83 -11.72
N LYS C 31 -18.84 -74.58 -11.82
CA LYS C 31 -18.98 -73.67 -10.70
C LYS C 31 -20.29 -73.99 -10.06
N LYS C 32 -20.29 -74.26 -8.73
CA LYS C 32 -21.46 -74.75 -8.04
C LYS C 32 -21.26 -74.49 -6.56
N LEU C 33 -22.32 -74.55 -5.70
CA LEU C 33 -23.74 -74.73 -5.94
C LEU C 33 -24.57 -73.60 -5.40
N PRO C 34 -24.54 -73.05 -4.19
CA PRO C 34 -25.51 -72.03 -3.80
C PRO C 34 -25.20 -70.70 -4.46
N ASN C 35 -26.28 -69.98 -4.82
CA ASN C 35 -26.20 -68.64 -5.34
C ASN C 35 -27.36 -67.87 -4.85
N VAL C 36 -27.11 -66.54 -4.67
CA VAL C 36 -28.14 -65.62 -4.21
C VAL C 36 -28.27 -64.48 -5.17
N GLY C 37 -27.61 -64.58 -6.36
CA GLY C 37 -27.71 -63.59 -7.40
C GLY C 37 -26.74 -62.44 -7.23
N THR C 38 -25.72 -62.59 -6.33
CA THR C 38 -24.71 -61.61 -6.07
C THR C 38 -23.52 -61.83 -6.97
N GLY C 39 -22.59 -60.85 -6.91
CA GLY C 39 -21.43 -60.78 -7.75
C GLY C 39 -20.57 -62.00 -7.85
N LEU C 40 -19.85 -62.14 -9.00
CA LEU C 40 -18.94 -63.20 -9.23
C LEU C 40 -17.90 -62.54 -10.04
N VAL C 41 -16.61 -62.83 -9.77
CA VAL C 41 -15.50 -62.17 -10.44
C VAL C 41 -14.43 -63.24 -10.50
N GLY C 42 -13.55 -63.12 -11.51
CA GLY C 42 -12.48 -64.07 -11.73
C GLY C 42 -11.72 -63.57 -12.91
N ALA C 43 -10.37 -63.76 -12.86
CA ALA C 43 -9.46 -63.23 -13.84
C ALA C 43 -8.77 -64.48 -14.39
N PRO C 44 -8.66 -64.65 -15.68
CA PRO C 44 -8.02 -65.85 -16.20
C PRO C 44 -6.66 -65.52 -16.70
N ALA C 45 -5.68 -65.66 -15.79
CA ALA C 45 -4.31 -65.32 -15.96
C ALA C 45 -3.73 -65.22 -14.57
N CYS C 46 -4.55 -64.81 -13.58
CA CYS C 46 -4.08 -64.73 -12.19
C CYS C 46 -4.52 -65.97 -11.44
N GLY C 47 -5.49 -66.75 -12.02
CA GLY C 47 -5.99 -68.02 -11.51
C GLY C 47 -6.89 -67.88 -10.32
N ASP C 48 -7.29 -66.65 -9.90
CA ASP C 48 -8.11 -66.39 -8.75
C ASP C 48 -9.54 -66.19 -9.18
N VAL C 49 -10.45 -66.48 -8.25
CA VAL C 49 -11.90 -66.38 -8.45
C VAL C 49 -12.40 -66.09 -7.07
N MET C 50 -13.43 -65.21 -6.94
CA MET C 50 -14.03 -64.90 -5.67
C MET C 50 -15.51 -64.83 -5.89
N ARG C 51 -16.30 -65.23 -4.86
CA ARG C 51 -17.74 -65.19 -4.87
C ARG C 51 -18.07 -64.84 -3.47
N LEU C 52 -18.61 -63.58 -3.32
CA LEU C 52 -19.05 -63.09 -2.05
C LEU C 52 -20.55 -63.17 -2.11
N GLN C 53 -21.20 -63.74 -1.08
CA GLN C 53 -22.61 -63.80 -0.97
C GLN C 53 -22.94 -63.06 0.28
N ILE C 54 -23.61 -61.89 0.13
CA ILE C 54 -24.13 -61.09 1.23
C ILE C 54 -25.54 -61.44 1.55
N LYS C 55 -25.94 -61.24 2.83
CA LYS C 55 -27.29 -61.26 3.29
C LYS C 55 -27.46 -59.90 3.89
N VAL C 56 -28.62 -59.24 3.59
CA VAL C 56 -28.81 -57.85 3.91
C VAL C 56 -30.19 -57.63 4.49
N ASN C 57 -30.24 -57.02 5.72
CA ASN C 57 -31.42 -56.53 6.37
C ASN C 57 -31.91 -55.25 5.72
N ASP C 58 -33.12 -55.26 5.15
CA ASP C 58 -33.59 -54.14 4.37
C ASP C 58 -34.31 -53.15 5.26
N SER C 59 -34.24 -53.30 6.62
CA SER C 59 -34.94 -52.39 7.52
C SER C 59 -33.99 -51.39 8.11
N THR C 60 -32.67 -51.55 7.80
CA THR C 60 -31.69 -50.64 8.36
C THR C 60 -30.62 -50.49 7.32
N GLY C 61 -30.48 -51.49 6.41
CA GLY C 61 -29.45 -51.43 5.36
C GLY C 61 -28.16 -51.99 5.86
N VAL C 62 -28.24 -52.97 6.81
CA VAL C 62 -27.16 -53.56 7.55
C VAL C 62 -26.91 -54.89 6.93
N ILE C 63 -25.59 -55.26 6.79
CA ILE C 63 -25.14 -56.54 6.32
C ILE C 63 -25.26 -57.45 7.51
N GLU C 64 -26.19 -58.41 7.44
CA GLU C 64 -26.46 -59.41 8.44
C GLU C 64 -25.35 -60.38 8.56
N ASP C 65 -24.91 -60.87 7.36
CA ASP C 65 -23.93 -61.90 7.26
C ASP C 65 -23.32 -61.74 5.90
N VAL C 66 -22.06 -62.21 5.75
CA VAL C 66 -21.46 -62.32 4.47
C VAL C 66 -20.49 -63.47 4.55
N LYS C 67 -20.60 -64.44 3.60
CA LYS C 67 -19.73 -65.59 3.56
C LYS C 67 -19.07 -65.51 2.23
N PHE C 68 -17.92 -66.17 2.10
CA PHE C 68 -17.10 -66.00 0.90
C PHE C 68 -16.61 -67.36 0.39
N LYS C 69 -16.20 -67.35 -0.90
CA LYS C 69 -15.36 -68.31 -1.52
C LYS C 69 -14.15 -67.56 -2.01
N THR C 70 -12.97 -68.15 -1.74
CA THR C 70 -11.69 -67.65 -2.26
C THR C 70 -11.00 -68.77 -2.95
N PHE C 71 -10.54 -68.50 -4.15
CA PHE C 71 -9.71 -69.34 -4.96
C PHE C 71 -8.59 -68.40 -5.29
N GLY C 72 -7.35 -68.92 -5.27
CA GLY C 72 -6.15 -68.20 -5.65
C GLY C 72 -5.31 -67.99 -4.41
N CYS C 73 -4.41 -66.98 -4.50
CA CYS C 73 -3.38 -66.52 -3.56
C CYS C 73 -3.74 -66.59 -2.13
N GLY C 74 -2.75 -66.97 -1.30
CA GLY C 74 -2.93 -67.15 0.11
C GLY C 74 -3.31 -65.88 0.86
N SER C 75 -2.79 -64.72 0.38
CA SER C 75 -3.08 -63.40 0.88
C SER C 75 -4.53 -63.02 0.66
N ALA C 76 -5.12 -63.48 -0.46
CA ALA C 76 -6.48 -63.20 -0.83
C ALA C 76 -7.50 -63.86 0.08
N ILE C 77 -7.10 -65.01 0.71
CA ILE C 77 -7.93 -65.75 1.66
C ILE C 77 -8.14 -64.91 2.87
N ALA C 78 -7.01 -64.25 3.31
CA ALA C 78 -6.99 -63.37 4.45
C ALA C 78 -7.74 -62.12 4.16
N SER C 79 -7.77 -61.65 2.90
CA SER C 79 -8.44 -60.42 2.51
C SER C 79 -9.91 -60.54 2.66
N SER C 80 -10.44 -61.65 2.12
CA SER C 80 -11.83 -62.03 2.22
C SER C 80 -12.26 -62.22 3.65
N SER C 81 -11.46 -62.97 4.43
CA SER C 81 -11.73 -63.26 5.82
C SER C 81 -11.89 -62.04 6.69
N TYR C 82 -10.85 -61.15 6.69
CA TYR C 82 -10.87 -59.97 7.55
C TYR C 82 -11.94 -58.96 7.23
N MET C 83 -12.21 -58.72 5.93
CA MET C 83 -13.25 -57.77 5.54
C MET C 83 -14.61 -58.28 5.94
N THR C 84 -14.89 -59.59 5.74
CA THR C 84 -16.16 -60.19 6.05
C THR C 84 -16.45 -60.17 7.54
N GLU C 85 -15.46 -60.40 8.40
CA GLU C 85 -15.59 -60.23 9.84
C GLU C 85 -16.11 -58.83 10.23
N LEU C 86 -15.40 -57.78 9.69
CA LEU C 86 -15.66 -56.37 9.98
C LEU C 86 -17.02 -55.88 9.54
N VAL C 87 -17.40 -56.10 8.27
CA VAL C 87 -18.54 -55.52 7.58
C VAL C 87 -19.87 -55.83 8.27
N GLN C 88 -20.06 -57.04 8.83
CA GLN C 88 -21.25 -57.53 9.50
C GLN C 88 -21.56 -56.71 10.71
N GLY C 89 -22.84 -56.32 10.89
CA GLY C 89 -23.33 -55.46 11.98
C GLY C 89 -23.15 -54.02 11.63
N MET C 90 -22.68 -53.72 10.39
CA MET C 90 -22.38 -52.37 9.89
C MET C 90 -23.06 -52.28 8.58
N THR C 91 -23.37 -51.05 8.19
CA THR C 91 -24.04 -50.65 6.96
C THR C 91 -23.26 -50.88 5.69
N LEU C 92 -23.96 -50.58 4.56
CA LEU C 92 -23.54 -50.69 3.21
C LEU C 92 -22.29 -49.88 2.97
N ASP C 93 -22.31 -48.63 3.47
CA ASP C 93 -21.30 -47.63 3.28
C ASP C 93 -19.98 -48.13 3.86
N ASP C 94 -20.08 -48.74 5.07
CA ASP C 94 -18.96 -49.22 5.86
C ASP C 94 -18.25 -50.30 5.10
N ALA C 95 -18.99 -51.18 4.42
CA ALA C 95 -18.50 -52.29 3.63
C ALA C 95 -17.61 -51.88 2.51
N ALA C 96 -18.02 -50.81 1.78
CA ALA C 96 -17.22 -50.23 0.72
C ALA C 96 -15.91 -49.62 1.24
N LYS C 97 -15.95 -48.90 2.41
CA LYS C 97 -14.70 -48.35 2.99
C LYS C 97 -13.73 -49.45 3.39
N ILE C 98 -14.26 -50.49 4.02
CA ILE C 98 -13.50 -51.59 4.52
C ILE C 98 -12.84 -52.38 3.46
N LYS C 99 -13.55 -52.68 2.32
CA LYS C 99 -12.94 -53.41 1.22
C LYS C 99 -11.83 -52.61 0.59
N ASN C 100 -11.98 -51.27 0.36
CA ASN C 100 -10.96 -50.50 -0.29
C ASN C 100 -9.66 -50.51 0.45
N THR C 101 -9.73 -50.36 1.81
CA THR C 101 -8.60 -50.44 2.69
C THR C 101 -7.99 -51.83 2.66
N GLU C 102 -8.85 -52.86 2.65
CA GLU C 102 -8.44 -54.25 2.70
C GLU C 102 -7.64 -54.64 1.55
N ILE C 103 -8.01 -54.20 0.32
CA ILE C 103 -7.24 -54.48 -0.88
C ILE C 103 -5.90 -53.85 -0.83
N ALA C 104 -5.82 -52.56 -0.42
CA ALA C 104 -4.50 -51.92 -0.43
C ALA C 104 -3.52 -52.52 0.56
N LYS C 105 -3.96 -52.85 1.83
CA LYS C 105 -3.14 -53.51 2.84
C LYS C 105 -2.69 -54.94 2.67
N GLU C 106 -3.60 -55.78 2.15
CA GLU C 106 -3.50 -57.25 2.17
C GLU C 106 -2.37 -57.80 1.36
N LEU C 107 -2.16 -57.23 0.14
CA LEU C 107 -1.13 -57.58 -0.80
C LEU C 107 0.18 -57.30 -0.13
N SER C 108 0.26 -56.11 0.53
CA SER C 108 1.32 -55.68 1.39
C SER C 108 2.44 -55.12 0.57
N LEU C 109 3.28 -54.31 1.25
CA LEU C 109 4.36 -53.54 0.69
C LEU C 109 3.80 -52.56 -0.31
N PRO C 110 2.80 -51.71 0.06
CA PRO C 110 1.88 -51.01 -0.86
C PRO C 110 2.45 -50.38 -2.07
N PRO C 111 2.24 -50.88 -3.28
CA PRO C 111 2.80 -50.26 -4.47
C PRO C 111 1.79 -49.31 -5.06
N VAL C 112 0.73 -48.95 -4.28
CA VAL C 112 -0.38 -48.07 -4.62
C VAL C 112 -1.36 -48.83 -5.46
N LYS C 113 -0.92 -49.22 -6.68
CA LYS C 113 -1.63 -49.92 -7.76
C LYS C 113 -2.58 -51.00 -7.38
N LEU C 114 -3.49 -51.34 -8.34
CA LEU C 114 -4.51 -52.35 -8.23
C LEU C 114 -3.85 -53.70 -8.38
N HIS C 115 -4.53 -54.81 -7.95
CA HIS C 115 -3.99 -56.15 -8.05
C HIS C 115 -5.07 -57.07 -8.46
N CYS C 116 -4.70 -58.19 -9.09
CA CYS C 116 -5.66 -59.17 -9.51
C CYS C 116 -5.66 -60.27 -8.44
N SER C 117 -4.68 -60.29 -7.47
CA SER C 117 -4.50 -61.31 -6.48
C SER C 117 -5.72 -61.43 -5.59
N MET C 118 -6.27 -60.23 -5.21
CA MET C 118 -7.53 -60.11 -4.53
C MET C 118 -8.38 -59.30 -5.46
N LEU C 119 -9.58 -59.84 -5.72
CA LEU C 119 -10.50 -59.39 -6.73
C LEU C 119 -11.53 -58.52 -6.11
N ALA C 120 -11.41 -58.30 -4.77
CA ALA C 120 -12.37 -57.75 -3.84
C ALA C 120 -12.88 -56.40 -4.25
N GLU C 121 -12.08 -55.57 -5.00
CA GLU C 121 -12.46 -54.27 -5.46
C GLU C 121 -13.68 -54.33 -6.40
N ASP C 122 -13.59 -55.16 -7.45
CA ASP C 122 -14.65 -55.43 -8.40
C ASP C 122 -15.84 -56.14 -7.77
N ALA C 123 -15.57 -57.07 -6.84
CA ALA C 123 -16.55 -57.91 -6.21
C ALA C 123 -17.51 -57.16 -5.31
N ILE C 124 -17.03 -56.24 -4.40
CA ILE C 124 -17.90 -55.39 -3.59
C ILE C 124 -18.66 -54.43 -4.43
N LYS C 125 -18.04 -53.79 -5.46
CA LYS C 125 -18.74 -52.82 -6.34
C LYS C 125 -19.96 -53.46 -6.97
N ALA C 126 -19.78 -54.66 -7.51
CA ALA C 126 -20.87 -55.47 -8.05
C ALA C 126 -21.98 -55.72 -7.01
N ALA C 127 -21.62 -56.10 -5.75
CA ALA C 127 -22.54 -56.43 -4.70
C ALA C 127 -23.44 -55.27 -4.29
N ILE C 128 -22.87 -54.06 -4.11
CA ILE C 128 -23.59 -52.92 -3.57
C ILE C 128 -24.57 -52.34 -4.60
N LYS C 129 -24.15 -52.32 -5.87
CA LYS C 129 -24.92 -51.94 -7.05
C LYS C 129 -26.05 -52.89 -7.26
N ASP C 130 -25.79 -54.23 -7.14
CA ASP C 130 -26.79 -55.29 -7.27
C ASP C 130 -27.85 -55.11 -6.21
N TYR C 131 -27.45 -54.83 -4.95
CA TYR C 131 -28.32 -54.56 -3.82
C TYR C 131 -29.28 -53.42 -4.07
N LYS C 132 -28.80 -52.27 -4.60
CA LYS C 132 -29.59 -51.14 -5.00
C LYS C 132 -30.60 -51.45 -6.05
N SER C 133 -30.26 -52.30 -7.04
CA SER C 133 -31.14 -52.70 -8.08
C SER C 133 -32.37 -53.44 -7.56
N LYS C 134 -32.13 -54.46 -6.65
CA LYS C 134 -33.12 -55.27 -5.97
C LYS C 134 -33.90 -54.52 -4.94
N ARG C 135 -33.29 -53.42 -4.41
CA ARG C 135 -33.90 -52.60 -3.40
C ARG C 135 -34.80 -51.59 -4.06
N ASN C 136 -34.71 -51.43 -5.41
CA ASN C 136 -35.52 -50.60 -6.24
C ASN C 136 -35.31 -49.14 -5.99
N THR C 137 -34.04 -48.67 -6.12
CA THR C 137 -33.73 -47.29 -6.09
C THR C 137 -32.60 -47.07 -7.11
N PRO C 138 -32.79 -47.45 -8.41
CA PRO C 138 -31.72 -47.44 -9.39
C PRO C 138 -31.24 -46.04 -9.77
N THR C 139 -31.99 -44.98 -9.46
CA THR C 139 -31.71 -43.59 -9.79
C THR C 139 -30.54 -43.09 -8.99
N MET C 140 -30.44 -43.53 -7.72
CA MET C 140 -29.37 -43.17 -6.81
C MET C 140 -28.17 -44.12 -6.97
N LEU C 141 -28.34 -45.26 -7.71
CA LEU C 141 -27.28 -46.15 -8.06
C LEU C 141 -26.42 -45.43 -9.08
N SER C 142 -27.05 -44.84 -10.10
CA SER C 142 -26.44 -44.04 -11.16
C SER C 142 -26.41 -42.53 -10.79
N VAL D 1 -36.26 -34.74 34.38
CA VAL D 1 -35.32 -33.71 34.92
C VAL D 1 -35.13 -32.55 33.96
N GLU D 2 -34.15 -31.65 34.24
CA GLU D 2 -33.78 -30.54 33.36
C GLU D 2 -32.39 -30.72 32.97
N SER D 3 -32.05 -30.11 31.78
CA SER D 3 -30.77 -29.89 31.17
C SER D 3 -30.09 -31.19 30.72
N SER D 4 -29.30 -31.17 29.64
CA SER D 4 -29.19 -30.16 28.62
C SER D 4 -29.91 -30.71 27.41
N THR D 5 -30.34 -32.02 27.48
CA THR D 5 -31.16 -32.74 26.54
C THR D 5 -30.35 -33.03 25.30
N ASP D 6 -30.44 -34.24 24.71
CA ASP D 6 -31.12 -35.44 25.12
C ASP D 6 -30.14 -36.39 25.78
N GLY D 7 -28.81 -36.09 25.72
CA GLY D 7 -27.78 -36.99 26.18
C GLY D 7 -27.51 -36.85 27.65
N GLN D 8 -28.00 -35.73 28.24
CA GLN D 8 -27.65 -35.39 29.62
C GLN D 8 -28.84 -35.68 30.53
N VAL D 9 -30.07 -35.77 29.97
CA VAL D 9 -31.24 -36.08 30.72
C VAL D 9 -31.19 -37.55 31.05
N VAL D 10 -31.83 -37.92 32.18
CA VAL D 10 -31.70 -39.22 32.78
C VAL D 10 -32.79 -40.25 32.50
N PRO D 11 -33.82 -40.21 31.64
CA PRO D 11 -34.74 -41.35 31.49
C PRO D 11 -34.06 -42.52 30.82
N GLN D 12 -33.00 -42.20 29.99
CA GLN D 12 -32.14 -43.17 29.36
C GLN D 12 -32.93 -44.12 28.50
N GLU D 13 -33.70 -43.59 27.56
CA GLU D 13 -34.49 -44.35 26.60
C GLU D 13 -34.75 -43.47 25.43
N VAL D 14 -34.02 -42.34 25.33
CA VAL D 14 -34.17 -41.35 24.31
C VAL D 14 -32.87 -41.39 23.51
N LEU D 15 -32.02 -42.40 23.83
CA LEU D 15 -30.69 -42.48 23.25
C LEU D 15 -30.58 -43.60 22.27
N ASN D 16 -31.69 -44.40 22.14
CA ASN D 16 -31.74 -45.54 21.26
C ASN D 16 -32.63 -45.20 20.08
N LEU D 17 -33.09 -43.93 20.03
CA LEU D 17 -34.11 -43.51 19.08
C LEU D 17 -33.34 -42.70 18.04
N PRO D 18 -33.83 -42.62 16.81
CA PRO D 18 -33.15 -41.96 15.72
C PRO D 18 -33.24 -40.47 15.93
N LEU D 19 -32.10 -39.78 15.73
CA LEU D 19 -31.96 -38.37 15.87
C LEU D 19 -30.79 -38.05 15.00
N GLU D 20 -30.74 -36.80 14.48
CA GLU D 20 -29.70 -36.34 13.62
C GLU D 20 -28.37 -36.35 14.30
N LYS D 21 -27.27 -36.68 13.52
CA LYS D 21 -25.93 -36.93 13.94
C LYS D 21 -25.25 -35.76 14.57
N ALA D 22 -25.54 -34.53 14.09
CA ALA D 22 -25.05 -33.34 14.70
C ALA D 22 -26.14 -32.29 14.54
N HIS D 23 -26.01 -31.18 15.28
CA HIS D 23 -26.94 -30.05 15.24
C HIS D 23 -26.20 -28.76 15.27
N GLU D 24 -24.86 -28.81 15.33
CA GLU D 24 -24.01 -27.64 15.32
C GLU D 24 -22.60 -28.14 15.43
N GLU D 25 -21.75 -28.02 14.37
CA GLU D 25 -22.03 -27.79 12.99
C GLU D 25 -20.97 -28.60 12.31
N ALA D 26 -19.74 -28.05 12.21
CA ALA D 26 -18.55 -28.70 11.74
C ALA D 26 -17.66 -29.08 12.93
N ASP D 27 -18.10 -28.77 14.17
CA ASP D 27 -17.32 -28.93 15.37
C ASP D 27 -17.40 -30.36 15.78
N ASP D 28 -18.66 -30.89 15.89
CA ASP D 28 -18.97 -32.25 16.25
C ASP D 28 -18.24 -33.31 15.44
N TYR D 29 -18.15 -33.13 14.10
CA TYR D 29 -17.49 -34.01 13.15
C TYR D 29 -16.01 -34.15 13.42
N LEU D 30 -15.31 -33.01 13.64
CA LEU D 30 -13.95 -32.94 14.02
C LEU D 30 -13.68 -33.61 15.33
N ASP D 31 -14.53 -33.41 16.34
CA ASP D 31 -14.41 -34.03 17.63
C ASP D 31 -14.39 -35.55 17.56
N HIS D 32 -15.34 -36.11 16.75
CA HIS D 32 -15.50 -37.52 16.46
C HIS D 32 -14.26 -38.07 15.81
N LEU D 33 -13.72 -37.33 14.82
CA LEU D 33 -12.48 -37.67 14.13
C LEU D 33 -11.27 -37.77 15.05
N LEU D 34 -11.04 -36.77 15.93
CA LEU D 34 -9.97 -36.81 16.95
C LEU D 34 -10.13 -37.96 17.88
N ASP D 35 -11.37 -38.24 18.30
CA ASP D 35 -11.74 -39.31 19.22
C ASP D 35 -11.30 -40.65 18.69
N SER D 36 -11.52 -40.89 17.37
CA SER D 36 -11.07 -42.06 16.67
C SER D 36 -9.58 -42.21 16.69
N LEU D 37 -8.82 -41.13 16.47
CA LEU D 37 -7.37 -41.07 16.48
C LEU D 37 -6.74 -41.50 17.82
N GLU D 38 -7.29 -41.01 18.98
CA GLU D 38 -6.86 -41.41 20.31
C GLU D 38 -7.03 -42.89 20.55
N GLU D 39 -8.21 -43.42 20.12
CA GLU D 39 -8.59 -44.82 20.20
C GLU D 39 -7.64 -45.77 19.50
N LEU D 40 -7.24 -45.38 18.28
CA LEU D 40 -6.33 -46.04 17.40
C LEU D 40 -4.93 -46.20 17.93
N SER D 41 -4.43 -45.23 18.73
CA SER D 41 -3.04 -45.19 19.13
C SER D 41 -2.49 -46.39 19.88
N GLU D 42 -3.20 -46.94 20.89
CA GLU D 42 -2.70 -48.14 21.56
C GLU D 42 -2.89 -49.41 20.73
N ALA D 43 -2.06 -50.42 20.99
CA ALA D 43 -2.03 -51.73 20.42
C ALA D 43 -1.15 -51.78 19.21
N HIS D 44 -0.18 -50.87 19.14
CA HIS D 44 0.82 -50.80 18.10
C HIS D 44 2.12 -50.47 18.79
N PRO D 45 3.21 -51.22 18.60
CA PRO D 45 4.52 -50.92 19.15
C PRO D 45 5.26 -50.11 18.10
N ASP D 46 4.54 -49.85 17.00
CA ASP D 46 5.02 -49.30 15.76
C ASP D 46 3.89 -49.63 14.85
N CYS D 47 3.50 -48.61 14.05
CA CYS D 47 2.48 -48.57 13.01
C CYS D 47 1.71 -47.33 13.32
N ILE D 48 1.83 -46.80 14.54
CA ILE D 48 1.53 -45.41 14.84
C ILE D 48 2.68 -44.97 15.70
N PRO D 49 3.53 -44.05 15.25
CA PRO D 49 4.51 -43.48 16.10
C PRO D 49 4.05 -42.06 16.28
N ASP D 50 3.11 -41.82 17.24
CA ASP D 50 2.58 -40.52 17.63
C ASP D 50 1.53 -40.02 16.67
N VAL D 51 0.51 -39.40 17.28
CA VAL D 51 -0.48 -38.57 16.54
C VAL D 51 -0.29 -37.18 17.07
N GLU D 52 -0.15 -36.21 16.12
CA GLU D 52 0.11 -34.84 16.35
C GLU D 52 -1.00 -34.02 15.75
N LEU D 53 -1.52 -33.07 16.54
CA LEU D 53 -2.61 -32.22 16.12
C LEU D 53 -2.00 -30.88 16.11
N SER D 54 -2.10 -30.17 14.94
CA SER D 54 -1.44 -28.93 14.65
C SER D 54 -2.44 -28.10 13.91
N HIS D 55 -2.22 -26.78 13.87
CA HIS D 55 -3.21 -25.87 13.36
C HIS D 55 -3.28 -25.98 11.87
N GLY D 56 -4.44 -26.45 11.35
CA GLY D 56 -4.63 -26.63 9.91
C GLY D 56 -3.91 -27.80 9.37
N VAL D 57 -3.58 -28.80 10.21
CA VAL D 57 -2.95 -30.02 9.75
C VAL D 57 -3.43 -31.11 10.68
N MET D 58 -3.55 -32.34 10.15
CA MET D 58 -3.72 -33.50 10.97
C MET D 58 -2.71 -34.43 10.44
N THR D 59 -1.93 -35.11 11.33
CA THR D 59 -1.02 -36.13 10.93
C THR D 59 -1.47 -37.38 11.63
N LEU D 60 -1.73 -38.41 10.77
CA LEU D 60 -1.74 -39.77 11.14
C LEU D 60 -0.56 -40.30 10.39
N GLU D 61 0.36 -40.95 11.15
CA GLU D 61 1.58 -41.49 10.63
C GLU D 61 1.52 -42.99 10.73
N ILE D 62 1.88 -43.68 9.62
CA ILE D 62 1.86 -45.07 9.50
C ILE D 62 3.11 -45.26 8.69
N PRO D 63 4.21 -45.81 9.19
CA PRO D 63 5.42 -46.06 8.39
C PRO D 63 5.49 -47.50 7.98
N ALA D 64 4.43 -48.30 8.29
CA ALA D 64 4.45 -49.71 8.04
C ALA D 64 3.69 -50.01 6.79
N PHE D 65 3.29 -48.98 6.03
CA PHE D 65 2.56 -49.13 4.80
C PHE D 65 2.80 -47.84 4.05
N GLY D 66 3.51 -46.85 4.63
CA GLY D 66 3.63 -45.52 4.12
C GLY D 66 2.37 -44.75 4.40
N THR D 67 2.45 -43.41 4.22
CA THR D 67 1.32 -42.60 4.58
C THR D 67 1.43 -41.26 3.89
N TYR D 68 0.33 -40.49 3.97
CA TYR D 68 0.21 -39.14 3.56
C TYR D 68 -0.40 -38.47 4.73
N VAL D 69 -0.18 -37.13 4.85
CA VAL D 69 -0.77 -36.32 5.93
C VAL D 69 -1.68 -35.36 5.28
N ILE D 70 -2.87 -35.13 5.90
CA ILE D 70 -3.91 -34.29 5.32
C ILE D 70 -3.77 -32.91 5.88
N ASN D 71 -4.39 -31.96 5.15
CA ASN D 71 -4.39 -30.52 5.38
C ASN D 71 -5.69 -30.05 4.79
N LYS D 72 -6.06 -28.76 4.99
CA LYS D 72 -7.23 -28.14 4.44
C LYS D 72 -7.08 -28.04 2.92
N GLN D 73 -8.22 -28.22 2.18
CA GLN D 73 -8.26 -28.22 0.73
C GLN D 73 -9.21 -27.11 0.38
N PRO D 74 -8.92 -26.18 -0.53
CA PRO D 74 -9.72 -25.01 -0.82
C PRO D 74 -11.14 -25.30 -1.20
N PRO D 75 -12.12 -24.40 -0.93
CA PRO D 75 -13.54 -24.54 -1.23
C PRO D 75 -13.92 -25.11 -2.56
N ASN D 76 -15.07 -25.80 -2.60
CA ASN D 76 -15.69 -26.53 -3.69
C ASN D 76 -16.11 -27.79 -3.04
N LYS D 77 -15.10 -28.50 -2.45
CA LYS D 77 -15.23 -29.62 -1.56
C LYS D 77 -13.99 -29.44 -0.74
N GLN D 78 -14.00 -29.87 0.55
CA GLN D 78 -12.85 -29.77 1.43
C GLN D 78 -12.40 -31.11 1.93
N ILE D 79 -11.08 -31.39 1.78
CA ILE D 79 -10.33 -32.43 2.46
C ILE D 79 -10.55 -33.79 1.85
N TRP D 80 -9.50 -34.30 1.14
CA TRP D 80 -9.52 -35.64 0.60
C TRP D 80 -8.97 -36.53 1.66
N LEU D 81 -9.33 -37.82 1.63
CA LEU D 81 -8.92 -38.78 2.63
C LEU D 81 -8.79 -40.13 1.95
N ALA D 82 -8.93 -40.14 0.61
CA ALA D 82 -9.02 -41.37 -0.10
C ALA D 82 -7.61 -41.84 -0.40
N SER D 83 -7.19 -43.02 0.17
CA SER D 83 -5.86 -43.51 0.10
C SER D 83 -5.44 -43.86 -1.32
N PRO D 84 -4.16 -43.69 -1.71
CA PRO D 84 -3.60 -44.25 -2.94
C PRO D 84 -3.96 -45.70 -3.16
N LEU D 85 -4.67 -45.96 -4.30
CA LEU D 85 -5.20 -47.19 -4.80
C LEU D 85 -6.31 -46.76 -5.77
N SER D 86 -6.93 -45.60 -5.46
CA SER D 86 -8.09 -45.07 -6.18
C SER D 86 -7.90 -43.58 -6.37
N GLY D 87 -6.79 -43.04 -5.85
CA GLY D 87 -6.45 -41.65 -5.96
C GLY D 87 -7.27 -40.74 -5.07
N PRO D 88 -6.97 -39.45 -5.03
CA PRO D 88 -7.63 -38.51 -4.12
C PRO D 88 -9.02 -38.18 -4.52
N ASN D 89 -9.94 -38.17 -3.54
CA ASN D 89 -11.34 -37.85 -3.75
C ASN D 89 -11.66 -36.96 -2.62
N ARG D 90 -12.12 -35.71 -2.91
CA ARG D 90 -12.53 -34.75 -1.92
C ARG D 90 -13.89 -35.09 -1.35
N PHE D 91 -14.22 -34.48 -0.20
CA PHE D 91 -15.32 -34.91 0.62
C PHE D 91 -16.13 -33.66 0.91
N ASP D 92 -17.47 -33.78 0.87
CA ASP D 92 -18.35 -32.67 1.19
C ASP D 92 -19.40 -33.21 2.11
N LEU D 93 -20.05 -32.35 2.93
CA LEU D 93 -21.19 -32.70 3.77
C LEU D 93 -22.30 -33.24 2.89
N LEU D 94 -23.03 -34.27 3.39
CA LEU D 94 -24.16 -34.77 2.69
C LEU D 94 -25.30 -35.10 3.62
N ASN D 95 -25.01 -35.50 4.87
CA ASN D 95 -26.05 -35.64 5.86
C ASN D 95 -25.39 -36.03 7.13
N GLY D 96 -24.99 -35.01 7.89
CA GLY D 96 -24.46 -35.15 9.24
C GLY D 96 -23.06 -35.64 9.33
N GLU D 97 -22.36 -35.78 8.18
CA GLU D 97 -20.99 -36.24 8.14
C GLU D 97 -20.47 -35.93 6.76
N TRP D 98 -19.16 -36.02 6.60
CA TRP D 98 -18.45 -35.75 5.37
C TRP D 98 -18.45 -37.04 4.62
N VAL D 99 -19.18 -37.04 3.47
CA VAL D 99 -19.35 -38.17 2.61
C VAL D 99 -18.86 -37.81 1.29
N SER D 100 -17.94 -38.62 0.66
CA SER D 100 -17.41 -38.34 -0.64
C SER D 100 -18.52 -38.41 -1.67
N LEU D 101 -18.47 -37.50 -2.68
CA LEU D 101 -19.48 -37.37 -3.67
C LEU D 101 -19.33 -38.36 -4.76
N ARG D 102 -19.29 -39.64 -4.40
CA ARG D 102 -19.16 -40.76 -5.28
C ARG D 102 -20.00 -41.84 -4.65
N ASN D 103 -19.58 -42.27 -3.43
CA ASN D 103 -20.13 -43.43 -2.77
C ASN D 103 -20.39 -43.00 -1.34
N GLY D 104 -20.72 -43.96 -0.45
CA GLY D 104 -21.04 -43.72 0.91
C GLY D 104 -19.86 -43.50 1.82
N THR D 105 -18.62 -43.59 1.27
CA THR D 105 -17.33 -43.48 1.95
C THR D 105 -17.24 -42.21 2.81
N LYS D 106 -16.81 -42.37 4.10
CA LYS D 106 -16.69 -41.26 5.01
C LYS D 106 -15.28 -41.33 5.51
N LEU D 107 -14.68 -40.13 5.71
CA LEU D 107 -13.27 -39.93 5.98
C LEU D 107 -12.70 -40.51 7.26
N THR D 108 -13.46 -40.44 8.39
CA THR D 108 -13.04 -40.91 9.72
C THR D 108 -12.81 -42.39 9.74
N ASP D 109 -13.71 -43.12 9.06
CA ASP D 109 -13.76 -44.55 9.00
C ASP D 109 -12.65 -45.06 8.17
N ILE D 110 -12.21 -44.34 7.09
CA ILE D 110 -11.12 -44.75 6.22
C ILE D 110 -9.85 -44.76 7.04
N LEU D 111 -9.63 -43.76 7.94
CA LEU D 111 -8.46 -43.78 8.81
C LEU D 111 -8.49 -44.88 9.86
N THR D 112 -9.66 -45.10 10.56
CA THR D 112 -9.94 -46.23 11.45
C THR D 112 -9.43 -47.56 10.89
N GLU D 113 -9.93 -47.85 9.65
CA GLU D 113 -9.65 -49.03 8.87
C GLU D 113 -8.17 -49.25 8.65
N GLU D 114 -7.40 -48.20 8.21
CA GLU D 114 -6.03 -48.42 7.74
C GLU D 114 -5.16 -48.83 8.88
N VAL D 115 -5.44 -48.29 10.09
CA VAL D 115 -4.79 -48.64 11.31
C VAL D 115 -5.07 -50.05 11.78
N GLU D 116 -6.35 -50.53 11.75
CA GLU D 116 -6.64 -51.89 12.22
C GLU D 116 -6.26 -52.97 11.22
N LYS D 117 -6.15 -52.66 9.89
CA LYS D 117 -5.47 -53.52 8.91
C LYS D 117 -4.03 -53.78 9.21
N ALA D 118 -3.40 -52.87 10.02
CA ALA D 118 -1.99 -52.95 10.34
C ALA D 118 -1.83 -54.00 11.43
N ILE D 119 -2.73 -53.98 12.44
CA ILE D 119 -2.81 -55.00 13.48
C ILE D 119 -2.98 -56.39 12.83
N SER D 120 -3.79 -56.45 11.73
CA SER D 120 -4.07 -57.64 10.93
C SER D 120 -2.81 -58.20 10.31
N LYS D 121 -2.17 -57.44 9.39
CA LYS D 121 -1.03 -57.88 8.62
C LYS D 121 0.10 -56.86 8.87
N GLY E 1 -30.70 -26.41 -40.17
CA GLY E 1 -32.18 -26.56 -40.37
C GLY E 1 -32.46 -26.86 -41.80
N SER E 2 -33.27 -27.89 -42.06
CA SER E 2 -33.65 -28.34 -43.36
C SER E 2 -34.95 -29.07 -43.12
N HIS E 3 -35.67 -29.42 -44.22
CA HIS E 3 -36.92 -30.13 -44.16
C HIS E 3 -36.73 -31.56 -43.70
N MET E 4 -37.61 -31.98 -42.75
CA MET E 4 -37.55 -33.25 -42.09
C MET E 4 -37.91 -34.45 -42.97
N SER E 5 -38.84 -34.47 -43.95
CA SER E 5 -39.75 -33.46 -44.43
C SER E 5 -40.82 -33.10 -43.41
N SER E 6 -41.32 -31.85 -43.57
CA SER E 6 -42.29 -31.17 -42.73
C SER E 6 -43.69 -31.71 -42.87
N ILE E 7 -44.70 -30.83 -42.66
CA ILE E 7 -46.11 -31.11 -42.60
C ILE E 7 -46.64 -31.58 -43.93
N THR E 8 -47.61 -32.54 -43.89
CA THR E 8 -48.35 -33.16 -44.97
C THR E 8 -47.42 -33.89 -45.90
N LYS E 9 -46.43 -34.59 -45.32
CA LYS E 9 -45.47 -35.40 -46.02
C LYS E 9 -45.35 -36.68 -45.22
N ARG E 10 -45.41 -37.89 -45.85
CA ARG E 10 -45.58 -38.17 -47.26
C ARG E 10 -46.34 -39.44 -47.38
N LEU E 11 -47.21 -39.48 -48.42
CA LEU E 11 -48.05 -40.60 -48.86
C LEU E 11 -49.13 -40.90 -47.85
N TYR E 12 -49.33 -40.00 -46.87
CA TYR E 12 -50.37 -40.14 -45.89
C TYR E 12 -51.76 -39.87 -46.43
N HIS E 13 -52.00 -38.79 -47.25
CA HIS E 13 -51.18 -37.63 -47.61
C HIS E 13 -51.04 -36.60 -46.47
N PRO E 14 -52.04 -36.22 -45.64
CA PRO E 14 -51.82 -35.23 -44.59
C PRO E 14 -51.56 -35.98 -43.31
N LYS E 15 -50.31 -35.85 -42.84
CA LYS E 15 -49.79 -36.19 -41.53
C LYS E 15 -50.18 -37.55 -40.96
N VAL E 16 -49.65 -37.79 -39.73
CA VAL E 16 -49.86 -38.98 -38.95
C VAL E 16 -51.29 -39.18 -38.45
N ILE E 17 -51.96 -38.07 -38.03
CA ILE E 17 -53.23 -38.11 -37.34
C ILE E 17 -54.33 -38.67 -38.19
N GLU E 18 -54.42 -38.17 -39.45
CA GLU E 18 -55.44 -38.63 -40.40
C GLU E 18 -55.30 -40.07 -40.82
N HIS E 19 -54.05 -40.46 -41.06
CA HIS E 19 -53.69 -41.77 -41.55
C HIS E 19 -54.06 -42.92 -40.63
N TYR E 20 -53.98 -42.67 -39.33
CA TYR E 20 -54.06 -43.72 -38.31
C TYR E 20 -55.31 -43.62 -37.48
N THR E 21 -56.27 -42.83 -37.98
CA THR E 21 -57.63 -42.79 -37.46
C THR E 21 -58.42 -43.25 -38.64
N HIS E 22 -59.30 -44.30 -38.60
CA HIS E 22 -59.67 -45.17 -37.49
C HIS E 22 -60.19 -44.43 -36.28
N PRO E 23 -61.32 -43.66 -36.27
CA PRO E 23 -62.16 -43.41 -37.44
C PRO E 23 -61.87 -42.02 -37.93
N ARG E 24 -61.83 -41.79 -39.28
CA ARG E 24 -61.57 -40.50 -39.84
C ARG E 24 -62.88 -39.93 -40.36
N ASN E 25 -63.25 -38.65 -40.09
CA ASN E 25 -62.56 -37.72 -39.21
C ASN E 25 -62.74 -38.03 -37.73
N VAL E 26 -63.91 -38.42 -37.17
CA VAL E 26 -65.29 -38.38 -37.67
C VAL E 26 -65.99 -37.34 -36.90
N GLY E 27 -65.28 -36.63 -35.99
CA GLY E 27 -65.85 -35.59 -35.16
C GLY E 27 -66.53 -36.16 -34.00
N SER E 28 -66.45 -37.49 -33.80
CA SER E 28 -67.05 -38.18 -32.69
C SER E 28 -66.06 -39.27 -32.32
N LEU E 29 -64.80 -39.17 -32.87
CA LEU E 29 -63.76 -40.11 -32.74
C LEU E 29 -63.36 -40.24 -31.29
N ASP E 30 -62.93 -41.45 -30.88
CA ASP E 30 -62.52 -41.64 -29.52
C ASP E 30 -61.34 -42.53 -29.59
N LYS E 31 -60.44 -42.43 -28.57
CA LYS E 31 -59.24 -43.17 -28.43
C LYS E 31 -59.56 -44.08 -27.29
N LYS E 32 -59.33 -45.40 -27.51
CA LYS E 32 -59.57 -46.44 -26.54
C LYS E 32 -58.69 -47.60 -26.97
N LEU E 33 -58.38 -48.62 -26.12
CA LEU E 33 -58.68 -48.75 -24.71
C LEU E 33 -57.41 -48.92 -23.92
N PRO E 34 -56.37 -49.70 -24.23
CA PRO E 34 -55.26 -49.81 -23.31
C PRO E 34 -54.40 -48.59 -23.32
N ASN E 35 -53.94 -48.22 -22.11
CA ASN E 35 -53.00 -47.17 -21.79
C ASN E 35 -52.09 -47.78 -20.76
N VAL E 36 -50.90 -47.17 -20.50
CA VAL E 36 -49.92 -47.71 -19.58
C VAL E 36 -49.83 -46.84 -18.35
N GLY E 37 -50.58 -45.72 -18.31
CA GLY E 37 -50.66 -44.86 -17.16
C GLY E 37 -49.50 -43.90 -17.01
N THR E 38 -48.59 -43.80 -18.05
CA THR E 38 -47.49 -42.85 -18.16
C THR E 38 -48.00 -41.47 -18.47
N GLY E 39 -47.09 -40.48 -18.58
CA GLY E 39 -47.39 -39.07 -18.79
C GLY E 39 -48.33 -38.78 -19.90
N LEU E 40 -49.18 -37.74 -19.68
CA LEU E 40 -50.10 -37.25 -20.66
C LEU E 40 -50.01 -35.74 -20.50
N VAL E 41 -49.99 -35.05 -21.65
CA VAL E 41 -49.92 -33.60 -21.67
C VAL E 41 -50.63 -33.28 -22.94
N GLY E 42 -51.25 -32.09 -23.00
CA GLY E 42 -51.93 -31.67 -24.19
C GLY E 42 -52.31 -30.26 -23.90
N ALA E 43 -52.15 -29.40 -24.92
CA ALA E 43 -52.49 -27.99 -24.98
C ALA E 43 -53.29 -27.84 -26.24
N PRO E 44 -54.61 -27.73 -26.24
CA PRO E 44 -55.46 -27.64 -27.47
C PRO E 44 -55.44 -26.23 -27.96
N ALA E 45 -54.96 -25.27 -27.12
CA ALA E 45 -54.69 -23.91 -27.41
C ALA E 45 -53.58 -23.80 -28.41
N CYS E 46 -52.55 -24.67 -28.26
CA CYS E 46 -51.46 -24.77 -29.19
C CYS E 46 -51.67 -25.88 -30.17
N GLY E 47 -52.80 -26.60 -30.04
CA GLY E 47 -53.24 -27.56 -31.04
C GLY E 47 -52.51 -28.87 -31.03
N ASP E 48 -51.81 -29.21 -29.92
CA ASP E 48 -50.96 -30.36 -29.85
C ASP E 48 -51.34 -31.14 -28.64
N VAL E 49 -50.97 -32.46 -28.62
CA VAL E 49 -51.15 -33.43 -27.57
C VAL E 49 -49.99 -34.33 -27.77
N MET E 50 -49.36 -34.78 -26.68
CA MET E 50 -48.30 -35.74 -26.77
C MET E 50 -48.46 -36.66 -25.61
N ARG E 51 -48.10 -37.94 -25.83
CA ARG E 51 -48.13 -38.97 -24.83
C ARG E 51 -46.91 -39.81 -25.11
N LEU E 52 -45.94 -39.78 -24.17
CA LEU E 52 -44.78 -40.60 -24.25
C LEU E 52 -45.00 -41.68 -23.24
N GLN E 53 -44.82 -42.95 -23.68
CA GLN E 53 -44.90 -44.09 -22.80
C GLN E 53 -43.53 -44.70 -22.79
N ILE E 54 -42.87 -44.63 -21.59
CA ILE E 54 -41.59 -45.27 -21.38
C ILE E 54 -41.83 -46.66 -20.84
N LYS E 55 -40.87 -47.53 -21.06
CA LYS E 55 -40.77 -48.79 -20.39
C LYS E 55 -39.38 -48.76 -19.79
N VAL E 56 -39.26 -49.20 -18.52
CA VAL E 56 -38.07 -48.95 -17.73
C VAL E 56 -37.72 -50.24 -17.07
N ASN E 57 -36.42 -50.68 -17.26
CA ASN E 57 -35.74 -51.63 -16.44
C ASN E 57 -35.41 -50.94 -15.15
N ASP E 58 -36.02 -51.34 -14.02
CA ASP E 58 -35.95 -50.62 -12.78
C ASP E 58 -34.78 -51.12 -11.99
N SER E 59 -33.95 -52.03 -12.60
CA SER E 59 -32.75 -52.54 -12.01
C SER E 59 -31.64 -51.55 -12.25
N THR E 60 -31.51 -51.05 -13.52
CA THR E 60 -30.41 -50.22 -13.93
C THR E 60 -30.86 -48.80 -14.06
N GLY E 61 -32.19 -48.60 -14.12
CA GLY E 61 -32.83 -47.33 -14.22
C GLY E 61 -32.61 -46.80 -15.60
N VAL E 62 -32.77 -47.70 -16.59
CA VAL E 62 -32.51 -47.46 -17.97
C VAL E 62 -33.78 -47.71 -18.67
N ILE E 63 -34.09 -46.86 -19.69
CA ILE E 63 -35.24 -46.92 -20.57
C ILE E 63 -35.01 -48.02 -21.57
N GLU E 64 -35.80 -49.10 -21.43
CA GLU E 64 -35.80 -50.22 -22.34
C GLU E 64 -36.33 -49.83 -23.69
N ASP E 65 -37.44 -49.08 -23.66
CA ASP E 65 -38.15 -48.69 -24.87
C ASP E 65 -38.89 -47.40 -24.54
N VAL E 66 -39.20 -46.63 -25.58
CA VAL E 66 -40.06 -45.47 -25.46
C VAL E 66 -40.67 -45.32 -26.84
N LYS E 67 -42.01 -45.20 -26.89
CA LYS E 67 -42.80 -44.95 -28.07
C LYS E 67 -43.56 -43.68 -27.80
N PHE E 68 -44.09 -43.05 -28.88
CA PHE E 68 -44.73 -41.75 -28.81
C PHE E 68 -46.09 -41.80 -29.47
N LYS E 69 -46.91 -40.80 -29.10
CA LYS E 69 -48.04 -40.33 -29.85
C LYS E 69 -47.74 -38.90 -30.09
N THR E 70 -47.92 -38.40 -31.34
CA THR E 70 -47.74 -37.02 -31.69
C THR E 70 -49.02 -36.61 -32.35
N PHE E 71 -49.58 -35.50 -31.85
CA PHE E 71 -50.72 -34.81 -32.40
C PHE E 71 -50.17 -33.40 -32.48
N GLY E 72 -50.39 -32.69 -33.61
CA GLY E 72 -49.88 -31.37 -33.74
C GLY E 72 -49.65 -31.03 -35.17
N CYS E 73 -48.41 -31.20 -35.64
CA CYS E 73 -48.03 -30.90 -36.99
C CYS E 73 -47.18 -32.04 -37.43
N GLY E 74 -47.14 -32.32 -38.77
CA GLY E 74 -46.37 -33.37 -39.39
C GLY E 74 -44.88 -33.25 -39.14
N SER E 75 -44.37 -32.02 -39.07
CA SER E 75 -42.99 -31.73 -38.75
C SER E 75 -42.60 -32.21 -37.38
N ALA E 76 -43.56 -32.19 -36.45
CA ALA E 76 -43.33 -32.59 -35.07
C ALA E 76 -42.96 -34.01 -34.87
N ILE E 77 -43.41 -34.92 -35.79
CA ILE E 77 -43.18 -36.34 -35.74
C ILE E 77 -41.71 -36.66 -35.71
N ALA E 78 -40.94 -35.89 -36.48
CA ALA E 78 -39.51 -36.02 -36.63
C ALA E 78 -38.76 -35.81 -35.35
N SER E 79 -39.24 -34.90 -34.49
CA SER E 79 -38.60 -34.61 -33.20
C SER E 79 -38.81 -35.73 -32.23
N SER E 80 -40.06 -36.22 -32.19
CA SER E 80 -40.48 -37.34 -31.35
C SER E 80 -39.70 -38.59 -31.70
N SER E 81 -39.52 -38.87 -33.00
CA SER E 81 -38.73 -39.99 -33.49
C SER E 81 -37.28 -39.94 -33.02
N TYR E 82 -36.61 -38.81 -33.22
CA TYR E 82 -35.19 -38.64 -32.95
C TYR E 82 -34.87 -38.80 -31.49
N MET E 83 -35.78 -38.26 -30.63
CA MET E 83 -35.61 -38.39 -29.21
C MET E 83 -35.73 -39.79 -28.73
N THR E 84 -36.74 -40.58 -29.22
CA THR E 84 -37.03 -41.92 -28.73
C THR E 84 -35.89 -42.84 -29.04
N GLU E 85 -35.28 -42.70 -30.23
CA GLU E 85 -34.08 -43.35 -30.66
C GLU E 85 -32.95 -43.08 -29.71
N LEU E 86 -32.68 -41.78 -29.36
CA LEU E 86 -31.61 -41.35 -28.51
C LEU E 86 -31.72 -41.89 -27.13
N VAL E 87 -32.91 -41.70 -26.52
CA VAL E 87 -33.26 -41.94 -25.14
C VAL E 87 -33.08 -43.38 -24.73
N GLN E 88 -33.43 -44.36 -25.59
CA GLN E 88 -33.32 -45.79 -25.34
C GLN E 88 -31.90 -46.17 -25.23
N GLY E 89 -31.60 -47.08 -24.27
CA GLY E 89 -30.24 -47.44 -23.91
C GLY E 89 -29.53 -46.48 -23.00
N MET E 90 -30.26 -45.51 -22.41
CA MET E 90 -29.75 -44.52 -21.48
C MET E 90 -30.65 -44.40 -20.30
N THR E 91 -30.08 -43.88 -19.19
CA THR E 91 -30.69 -43.71 -17.89
C THR E 91 -31.87 -42.73 -17.90
N LEU E 92 -32.72 -42.77 -16.84
CA LEU E 92 -33.96 -42.03 -16.66
C LEU E 92 -33.68 -40.56 -16.67
N ASP E 93 -32.57 -40.13 -16.01
CA ASP E 93 -32.19 -38.74 -15.94
C ASP E 93 -31.86 -38.17 -17.31
N ASP E 94 -31.16 -39.00 -18.12
CA ASP E 94 -30.72 -38.70 -19.47
C ASP E 94 -31.90 -38.49 -20.38
N ALA E 95 -33.07 -39.17 -20.14
CA ALA E 95 -34.19 -39.18 -21.01
C ALA E 95 -34.80 -37.80 -21.24
N ALA E 96 -34.86 -36.97 -20.19
CA ALA E 96 -35.32 -35.62 -20.22
C ALA E 96 -34.26 -34.72 -20.90
N LYS E 97 -34.17 -33.45 -20.42
CA LYS E 97 -33.22 -32.43 -20.81
C LYS E 97 -33.59 -31.87 -22.16
N ILE E 98 -34.90 -31.62 -22.35
CA ILE E 98 -35.44 -31.03 -23.56
C ILE E 98 -35.98 -29.72 -23.15
N LYS E 99 -35.79 -28.69 -24.02
CA LYS E 99 -36.41 -27.41 -23.77
C LYS E 99 -36.35 -26.67 -25.09
N ASN E 100 -37.12 -25.56 -25.20
CA ASN E 100 -37.06 -24.49 -26.19
C ASN E 100 -36.13 -24.63 -27.38
N THR E 101 -34.85 -24.24 -27.21
CA THR E 101 -33.90 -24.16 -28.27
C THR E 101 -33.65 -25.49 -28.92
N GLU E 102 -33.58 -26.60 -28.14
CA GLU E 102 -33.41 -27.95 -28.61
C GLU E 102 -34.56 -28.43 -29.47
N ILE E 103 -35.82 -28.15 -29.07
CA ILE E 103 -37.03 -28.48 -29.78
C ILE E 103 -37.05 -27.77 -31.09
N ALA E 104 -36.60 -26.47 -31.07
CA ALA E 104 -36.42 -25.64 -32.23
C ALA E 104 -35.40 -26.09 -33.24
N LYS E 105 -34.22 -26.60 -32.77
CA LYS E 105 -33.12 -27.11 -33.54
C LYS E 105 -33.53 -28.32 -34.33
N GLU E 106 -34.34 -29.19 -33.70
CA GLU E 106 -34.92 -30.37 -34.29
C GLU E 106 -35.86 -30.03 -35.39
N LEU E 107 -36.66 -28.92 -35.25
CA LEU E 107 -37.70 -28.54 -36.17
C LEU E 107 -37.26 -27.63 -37.31
N SER E 108 -35.94 -27.29 -37.45
CA SER E 108 -35.36 -26.33 -38.37
C SER E 108 -34.51 -25.38 -37.56
N LEU E 109 -34.49 -24.05 -37.89
CA LEU E 109 -33.61 -23.06 -37.31
C LEU E 109 -34.27 -22.39 -36.14
N PRO E 110 -33.63 -22.25 -34.98
CA PRO E 110 -34.32 -21.77 -33.79
C PRO E 110 -34.64 -20.29 -33.83
N PRO E 111 -35.78 -19.76 -33.36
CA PRO E 111 -35.99 -18.33 -33.25
C PRO E 111 -35.49 -17.99 -31.88
N VAL E 112 -35.49 -19.02 -30.95
CA VAL E 112 -35.35 -18.94 -29.52
C VAL E 112 -36.18 -17.88 -28.93
N LYS E 113 -37.48 -17.93 -29.25
CA LYS E 113 -38.46 -17.05 -28.67
C LYS E 113 -39.75 -17.81 -28.69
N LEU E 114 -39.75 -18.98 -29.37
CA LEU E 114 -40.84 -19.90 -29.64
C LEU E 114 -41.84 -20.07 -28.53
N HIS E 115 -43.14 -20.17 -28.88
CA HIS E 115 -44.21 -20.36 -27.95
C HIS E 115 -44.89 -21.63 -28.33
N CYS E 116 -44.73 -22.67 -27.48
CA CYS E 116 -45.41 -23.95 -27.56
C CYS E 116 -45.39 -24.66 -28.90
N SER E 117 -44.19 -24.78 -29.46
CA SER E 117 -43.92 -25.64 -30.61
C SER E 117 -44.16 -27.06 -30.30
N MET E 118 -43.80 -27.51 -29.09
CA MET E 118 -43.95 -28.89 -28.76
C MET E 118 -44.02 -29.04 -27.27
N LEU E 119 -44.64 -30.15 -26.82
CA LEU E 119 -44.94 -30.51 -25.45
C LEU E 119 -43.93 -31.45 -24.86
N ALA E 120 -42.92 -31.85 -25.66
CA ALA E 120 -42.09 -33.04 -25.43
C ALA E 120 -41.39 -33.04 -24.07
N GLU E 121 -41.02 -31.85 -23.55
CA GLU E 121 -40.35 -31.66 -22.26
C GLU E 121 -41.23 -32.07 -21.13
N ASP E 122 -42.49 -31.57 -21.11
CA ASP E 122 -43.51 -31.85 -20.12
C ASP E 122 -43.87 -33.32 -20.11
N ALA E 123 -43.90 -33.91 -21.31
CA ALA E 123 -44.31 -35.28 -21.54
C ALA E 123 -43.35 -36.27 -20.98
N ILE E 124 -42.02 -36.11 -21.31
CA ILE E 124 -40.95 -36.95 -20.84
C ILE E 124 -40.72 -36.81 -19.34
N LYS E 125 -40.74 -35.58 -18.78
CA LYS E 125 -40.55 -35.29 -17.36
C LYS E 125 -41.59 -36.03 -16.58
N ALA E 126 -42.85 -35.98 -17.05
CA ALA E 126 -43.98 -36.65 -16.49
C ALA E 126 -43.81 -38.16 -16.44
N ALA E 127 -43.36 -38.77 -17.54
CA ALA E 127 -43.19 -40.19 -17.73
C ALA E 127 -42.16 -40.77 -16.77
N ILE E 128 -41.00 -40.11 -16.60
CA ILE E 128 -39.93 -40.62 -15.78
C ILE E 128 -40.24 -40.45 -14.31
N LYS E 129 -40.90 -39.32 -13.94
CA LYS E 129 -41.35 -39.00 -12.61
C LYS E 129 -42.41 -39.96 -12.17
N ASP E 130 -43.37 -40.29 -13.10
CA ASP E 130 -44.44 -41.25 -12.88
C ASP E 130 -43.89 -42.62 -12.54
N TYR E 131 -42.87 -43.10 -13.29
CA TYR E 131 -42.17 -44.33 -12.99
C TYR E 131 -41.56 -44.40 -11.62
N LYS E 132 -40.80 -43.35 -11.18
CA LYS E 132 -40.22 -43.22 -9.88
C LYS E 132 -41.25 -43.20 -8.78
N SER E 133 -42.42 -42.53 -9.00
CA SER E 133 -43.52 -42.49 -8.05
C SER E 133 -44.15 -43.83 -7.79
N LYS E 134 -44.38 -44.65 -8.87
CA LYS E 134 -44.92 -46.00 -8.79
C LYS E 134 -43.97 -46.94 -8.09
N ARG E 135 -42.66 -46.65 -8.20
CA ARG E 135 -41.55 -47.35 -7.55
C ARG E 135 -41.59 -47.23 -6.06
N ASN E 136 -42.35 -46.21 -5.57
CA ASN E 136 -42.65 -45.89 -4.18
C ASN E 136 -41.62 -44.98 -3.60
N THR E 137 -41.04 -44.04 -4.41
CA THR E 137 -40.20 -42.98 -3.91
C THR E 137 -40.75 -41.72 -4.53
N PRO E 138 -41.19 -40.70 -3.79
CA PRO E 138 -41.75 -39.52 -4.39
C PRO E 138 -40.80 -38.36 -4.16
N THR E 139 -39.54 -38.59 -3.70
CA THR E 139 -38.60 -37.57 -3.34
C THR E 139 -37.95 -36.91 -4.52
N MET E 140 -37.99 -37.61 -5.67
CA MET E 140 -37.35 -37.17 -6.89
C MET E 140 -38.36 -36.61 -7.85
N LEU E 141 -39.66 -36.71 -7.53
CA LEU E 141 -40.76 -36.08 -8.28
C LEU E 141 -40.74 -34.61 -7.88
N SER E 142 -40.52 -34.34 -6.57
CA SER E 142 -40.53 -33.02 -5.96
C SER E 142 -39.16 -32.41 -6.09
N VAL F 1 -1.52 -56.98 -14.50
CA VAL F 1 -1.89 -55.78 -13.74
C VAL F 1 -0.68 -55.19 -13.10
N GLU F 2 -0.25 -53.97 -13.50
CA GLU F 2 0.95 -53.39 -12.96
C GLU F 2 0.99 -51.92 -13.14
N SER F 3 1.46 -51.46 -14.32
CA SER F 3 1.58 -50.08 -14.69
C SER F 3 0.77 -49.94 -15.96
N SER F 4 0.30 -48.74 -16.37
CA SER F 4 0.47 -47.43 -15.79
C SER F 4 -0.16 -47.30 -14.45
N THR F 5 -1.41 -47.84 -14.32
CA THR F 5 -2.28 -47.81 -13.17
C THR F 5 -2.92 -46.44 -13.01
N ASP F 6 -4.21 -46.30 -12.52
CA ASP F 6 -5.20 -47.32 -12.20
C ASP F 6 -5.87 -47.83 -13.47
N GLY F 7 -5.73 -47.03 -14.54
CA GLY F 7 -6.15 -47.46 -15.85
C GLY F 7 -4.92 -48.03 -16.55
N GLN F 8 -5.15 -48.82 -17.59
CA GLN F 8 -4.16 -49.47 -18.42
C GLN F 8 -3.46 -50.50 -17.60
N VAL F 9 -4.25 -51.32 -16.89
CA VAL F 9 -3.75 -52.46 -16.18
C VAL F 9 -4.87 -53.42 -16.36
N VAL F 10 -4.51 -54.65 -16.77
CA VAL F 10 -5.44 -55.63 -17.25
C VAL F 10 -4.88 -56.99 -16.91
N PRO F 11 -5.75 -57.96 -16.57
CA PRO F 11 -5.32 -59.35 -16.51
C PRO F 11 -5.98 -60.01 -17.71
N GLN F 12 -6.00 -59.25 -18.84
CA GLN F 12 -6.49 -59.57 -20.15
C GLN F 12 -7.98 -59.21 -20.25
N GLU F 13 -8.44 -58.24 -19.43
CA GLU F 13 -9.72 -57.62 -19.67
C GLU F 13 -9.63 -56.30 -18.99
N VAL F 14 -10.27 -55.29 -19.60
CA VAL F 14 -10.28 -53.93 -19.10
C VAL F 14 -11.16 -53.79 -17.91
N LEU F 15 -12.37 -54.40 -17.95
CA LEU F 15 -13.30 -54.51 -16.84
C LEU F 15 -14.11 -55.73 -17.15
N ASN F 16 -14.98 -56.13 -16.18
CA ASN F 16 -15.91 -57.19 -16.33
C ASN F 16 -17.01 -56.91 -15.34
N LEU F 17 -16.89 -55.83 -14.54
CA LEU F 17 -17.82 -55.43 -13.53
C LEU F 17 -17.72 -53.94 -13.49
N PRO F 18 -18.82 -53.18 -13.29
CA PRO F 18 -18.81 -51.73 -13.21
C PRO F 18 -17.93 -51.14 -12.14
N LEU F 19 -17.44 -49.91 -12.43
CA LEU F 19 -16.46 -49.24 -11.57
C LEU F 19 -16.98 -47.81 -11.58
N GLU F 20 -17.20 -47.26 -10.37
CA GLU F 20 -17.68 -45.89 -10.16
C GLU F 20 -16.61 -44.94 -10.69
N LYS F 21 -17.06 -43.87 -11.39
CA LYS F 21 -16.24 -42.82 -11.93
C LYS F 21 -15.64 -42.01 -10.79
N ALA F 22 -14.29 -41.84 -10.84
CA ALA F 22 -13.51 -41.18 -9.82
C ALA F 22 -13.49 -39.68 -10.06
N HIS F 23 -12.89 -38.95 -9.07
CA HIS F 23 -12.68 -37.54 -9.17
C HIS F 23 -11.31 -37.43 -9.82
N GLU F 24 -10.25 -37.34 -8.93
CA GLU F 24 -8.86 -37.12 -9.29
C GLU F 24 -8.57 -35.89 -10.13
N GLU F 25 -8.90 -34.64 -9.71
CA GLU F 25 -10.01 -34.29 -8.90
C GLU F 25 -10.57 -33.00 -9.43
N ALA F 26 -9.73 -32.13 -10.06
CA ALA F 26 -10.26 -30.97 -10.70
C ALA F 26 -10.02 -31.01 -12.18
N ASP F 27 -8.73 -31.26 -12.60
CA ASP F 27 -8.28 -31.18 -13.98
C ASP F 27 -8.93 -32.18 -14.89
N ASP F 28 -9.06 -33.44 -14.40
CA ASP F 28 -9.61 -34.61 -15.05
C ASP F 28 -10.95 -34.37 -15.67
N TYR F 29 -11.84 -33.67 -14.90
CA TYR F 29 -13.16 -33.31 -15.33
C TYR F 29 -13.22 -32.36 -16.48
N LEU F 30 -12.35 -31.33 -16.45
CA LEU F 30 -12.24 -30.31 -17.48
C LEU F 30 -11.78 -30.93 -18.80
N ASP F 31 -10.80 -31.86 -18.74
CA ASP F 31 -10.32 -32.64 -19.88
C ASP F 31 -11.43 -33.47 -20.48
N HIS F 32 -12.18 -34.19 -19.60
CA HIS F 32 -13.31 -35.04 -19.98
C HIS F 32 -14.42 -34.31 -20.72
N LEU F 33 -14.82 -33.10 -20.21
CA LEU F 33 -15.87 -32.28 -20.76
C LEU F 33 -15.55 -31.77 -22.17
N LEU F 34 -14.33 -31.21 -22.34
CA LEU F 34 -13.82 -30.73 -23.59
C LEU F 34 -13.76 -31.83 -24.62
N ASP F 35 -13.24 -33.03 -24.23
CA ASP F 35 -13.16 -34.21 -25.03
C ASP F 35 -14.50 -34.64 -25.57
N SER F 36 -15.54 -34.68 -24.71
CA SER F 36 -16.86 -35.14 -25.05
C SER F 36 -17.44 -34.34 -26.19
N LEU F 37 -17.34 -32.98 -26.10
CA LEU F 37 -17.82 -32.08 -27.12
C LEU F 37 -17.18 -32.31 -28.50
N GLU F 38 -15.82 -32.39 -28.52
CA GLU F 38 -14.99 -32.61 -29.69
C GLU F 38 -15.23 -33.92 -30.37
N GLU F 39 -15.37 -35.02 -29.57
CA GLU F 39 -15.63 -36.39 -30.00
C GLU F 39 -16.95 -36.50 -30.74
N LEU F 40 -18.02 -35.89 -30.15
CA LEU F 40 -19.35 -35.89 -30.69
C LEU F 40 -19.37 -35.22 -32.04
N SER F 41 -18.68 -34.07 -32.13
CA SER F 41 -18.61 -33.20 -33.27
C SER F 41 -17.95 -33.82 -34.47
N GLU F 42 -16.91 -34.67 -34.26
CA GLU F 42 -15.94 -35.06 -35.26
C GLU F 42 -16.52 -35.73 -36.46
N ALA F 43 -15.88 -35.47 -37.63
CA ALA F 43 -16.23 -35.89 -38.96
C ALA F 43 -17.36 -35.08 -39.55
N HIS F 44 -17.70 -33.94 -38.94
CA HIS F 44 -18.74 -33.10 -39.45
C HIS F 44 -18.31 -31.68 -39.12
N PRO F 45 -18.25 -30.73 -40.06
CA PRO F 45 -17.98 -29.34 -39.75
C PRO F 45 -19.25 -28.57 -39.94
N ASP F 46 -20.39 -29.26 -40.21
CA ASP F 46 -21.66 -28.60 -40.41
C ASP F 46 -22.18 -28.21 -39.06
N CYS F 47 -22.09 -29.15 -38.08
CA CYS F 47 -22.59 -28.99 -36.75
C CYS F 47 -21.92 -27.82 -36.02
N ILE F 48 -20.58 -27.74 -36.14
CA ILE F 48 -19.80 -26.70 -35.52
C ILE F 48 -18.73 -26.37 -36.55
N PRO F 49 -18.73 -25.20 -37.20
CA PRO F 49 -17.77 -24.85 -38.23
C PRO F 49 -16.36 -24.72 -37.76
N ASP F 50 -16.17 -24.23 -36.50
CA ASP F 50 -14.84 -24.16 -35.92
C ASP F 50 -14.99 -24.05 -34.42
N VAL F 51 -13.93 -24.44 -33.70
CA VAL F 51 -13.78 -24.47 -32.27
C VAL F 51 -12.53 -23.67 -32.01
N GLU F 52 -12.52 -22.87 -30.91
CA GLU F 52 -11.30 -22.28 -30.42
C GLU F 52 -11.35 -22.61 -28.97
N LEU F 53 -10.14 -23.02 -28.47
CA LEU F 53 -9.94 -23.40 -27.09
C LEU F 53 -8.79 -22.62 -26.61
N SER F 54 -9.07 -21.62 -25.77
CA SER F 54 -8.06 -20.83 -25.15
C SER F 54 -7.73 -21.52 -23.87
N HIS F 55 -6.75 -21.00 -23.09
CA HIS F 55 -6.45 -21.53 -21.81
C HIS F 55 -7.43 -20.96 -20.83
N GLY F 56 -8.32 -21.84 -20.32
CA GLY F 56 -9.33 -21.54 -19.35
C GLY F 56 -10.67 -21.12 -19.93
N VAL F 57 -10.92 -21.20 -21.27
CA VAL F 57 -12.18 -20.80 -21.83
C VAL F 57 -12.34 -21.62 -23.09
N MET F 58 -13.60 -22.11 -23.38
CA MET F 58 -13.91 -22.77 -24.62
C MET F 58 -14.99 -22.01 -25.34
N THR F 59 -14.75 -21.68 -26.65
CA THR F 59 -15.70 -21.10 -27.56
C THR F 59 -16.03 -22.10 -28.65
N LEU F 60 -17.32 -22.23 -29.02
CA LEU F 60 -17.66 -23.04 -30.17
C LEU F 60 -18.58 -22.19 -30.96
N GLU F 61 -18.06 -21.57 -32.03
CA GLU F 61 -18.82 -20.80 -32.99
C GLU F 61 -19.67 -21.73 -33.85
N ILE F 62 -21.04 -21.57 -33.72
CA ILE F 62 -22.00 -22.16 -34.64
C ILE F 62 -22.99 -21.06 -34.97
N PRO F 63 -23.21 -20.66 -36.24
CA PRO F 63 -24.32 -19.82 -36.63
C PRO F 63 -25.55 -20.61 -37.02
N ALA F 64 -25.59 -21.96 -36.82
CA ALA F 64 -26.62 -22.77 -37.38
C ALA F 64 -27.60 -23.18 -36.30
N PHE F 65 -27.41 -22.70 -35.05
CA PHE F 65 -28.38 -23.00 -34.03
C PHE F 65 -28.24 -22.05 -32.84
N GLY F 66 -27.25 -21.16 -32.88
CA GLY F 66 -26.86 -20.36 -31.78
C GLY F 66 -25.63 -21.01 -31.17
N THR F 67 -25.27 -20.63 -29.94
CA THR F 67 -24.07 -21.09 -29.31
C THR F 67 -24.31 -21.24 -27.82
N TYR F 68 -23.72 -22.32 -27.26
CA TYR F 68 -23.57 -22.51 -25.85
C TYR F 68 -22.08 -22.41 -25.65
N VAL F 69 -21.65 -21.91 -24.47
CA VAL F 69 -20.27 -21.70 -24.11
C VAL F 69 -20.07 -22.30 -22.75
N ILE F 70 -18.85 -22.83 -22.58
CA ILE F 70 -18.43 -23.59 -21.41
C ILE F 70 -17.25 -22.81 -20.87
N ASN F 71 -17.22 -22.68 -19.51
CA ASN F 71 -16.21 -21.93 -18.79
C ASN F 71 -16.35 -22.47 -17.36
N LYS F 72 -15.37 -22.17 -16.51
CA LYS F 72 -15.33 -22.68 -15.16
C LYS F 72 -15.92 -21.69 -14.21
N GLN F 73 -16.94 -22.13 -13.47
CA GLN F 73 -17.63 -21.35 -12.49
C GLN F 73 -16.75 -21.16 -11.26
N PRO F 74 -16.72 -20.03 -10.55
CA PRO F 74 -15.80 -19.82 -9.45
C PRO F 74 -16.16 -20.75 -8.28
N PRO F 75 -15.27 -21.00 -7.32
CA PRO F 75 -15.37 -22.08 -6.31
C PRO F 75 -16.75 -22.32 -5.72
N ASN F 76 -17.07 -23.62 -5.52
CA ASN F 76 -18.34 -24.14 -5.16
C ASN F 76 -19.27 -24.15 -6.34
N LYS F 77 -19.74 -25.36 -6.75
CA LYS F 77 -20.61 -25.64 -7.84
C LYS F 77 -19.92 -25.39 -9.15
N GLN F 78 -18.63 -25.84 -9.20
CA GLN F 78 -17.64 -25.54 -10.22
C GLN F 78 -18.10 -26.07 -11.55
N ILE F 79 -17.63 -25.43 -12.66
CA ILE F 79 -18.03 -25.61 -14.04
C ILE F 79 -19.28 -24.80 -14.27
N TRP F 80 -19.30 -24.08 -15.39
CA TRP F 80 -20.45 -23.32 -15.80
C TRP F 80 -20.80 -23.66 -17.23
N LEU F 81 -22.06 -23.98 -17.47
CA LEU F 81 -22.52 -24.18 -18.83
C LEU F 81 -23.56 -23.11 -19.10
N ALA F 82 -23.35 -22.34 -20.16
CA ALA F 82 -24.28 -21.32 -20.48
C ALA F 82 -24.90 -21.84 -21.74
N SER F 83 -26.22 -22.00 -21.73
CA SER F 83 -26.93 -22.54 -22.86
C SER F 83 -28.18 -21.76 -23.05
N PRO F 84 -28.57 -21.27 -24.23
CA PRO F 84 -29.77 -20.47 -24.44
C PRO F 84 -31.05 -21.31 -24.38
N LEU F 85 -30.90 -22.63 -24.19
CA LEU F 85 -31.90 -23.65 -24.03
C LEU F 85 -32.78 -23.41 -22.83
N SER F 86 -32.15 -23.17 -21.68
CA SER F 86 -32.88 -23.01 -20.42
C SER F 86 -32.16 -22.00 -19.58
N GLY F 87 -31.21 -21.28 -20.16
CA GLY F 87 -30.34 -20.39 -19.43
C GLY F 87 -29.17 -21.19 -18.90
N PRO F 88 -28.31 -20.55 -18.16
CA PRO F 88 -27.16 -21.15 -17.51
C PRO F 88 -27.61 -22.14 -16.46
N ASN F 89 -26.95 -23.31 -16.38
CA ASN F 89 -27.28 -24.45 -15.59
C ASN F 89 -26.02 -24.61 -14.80
N ARG F 90 -26.18 -24.76 -13.46
CA ARG F 90 -25.10 -24.87 -12.50
C ARG F 90 -25.04 -26.26 -12.00
N PHE F 91 -23.86 -26.85 -11.90
CA PHE F 91 -23.66 -28.26 -11.58
C PHE F 91 -22.73 -28.44 -10.41
N ASP F 92 -23.04 -29.43 -9.53
CA ASP F 92 -22.15 -29.87 -8.46
C ASP F 92 -22.13 -31.37 -8.51
N LEU F 93 -20.97 -31.96 -8.08
CA LEU F 93 -20.73 -33.40 -8.00
C LEU F 93 -21.71 -34.05 -7.05
N LEU F 94 -22.17 -35.25 -7.40
CA LEU F 94 -23.08 -35.99 -6.55
C LEU F 94 -22.98 -37.47 -6.82
N ASN F 95 -22.06 -37.86 -7.74
CA ASN F 95 -21.94 -39.27 -8.13
C ASN F 95 -20.60 -39.44 -8.78
N GLY F 96 -19.70 -38.46 -8.70
CA GLY F 96 -18.37 -38.51 -9.29
C GLY F 96 -18.48 -38.07 -10.72
N GLU F 97 -19.56 -37.31 -11.03
CA GLU F 97 -19.76 -36.69 -12.30
C GLU F 97 -20.70 -35.57 -11.96
N TRP F 98 -20.73 -34.51 -12.77
CA TRP F 98 -21.32 -33.25 -12.40
C TRP F 98 -22.80 -33.35 -12.73
N VAL F 99 -23.65 -33.14 -11.71
CA VAL F 99 -25.00 -33.52 -11.70
C VAL F 99 -25.71 -32.21 -11.45
N SER F 100 -26.81 -32.01 -12.20
CA SER F 100 -27.52 -30.76 -12.27
C SER F 100 -28.25 -30.52 -10.97
N LEU F 101 -28.24 -29.25 -10.53
CA LEU F 101 -28.92 -28.82 -9.32
C LEU F 101 -30.24 -28.23 -9.70
N ARG F 102 -31.01 -29.03 -10.48
CA ARG F 102 -32.29 -28.70 -11.03
C ARG F 102 -33.14 -29.94 -10.96
N ASN F 103 -32.74 -31.02 -11.69
CA ASN F 103 -33.45 -32.28 -11.69
C ASN F 103 -32.46 -33.38 -11.36
N GLY F 104 -31.15 -33.13 -11.67
CA GLY F 104 -30.13 -34.16 -11.53
C GLY F 104 -29.91 -34.82 -12.86
N THR F 105 -29.06 -34.21 -13.70
CA THR F 105 -28.79 -34.62 -15.06
C THR F 105 -27.32 -34.32 -15.27
N LYS F 106 -26.58 -35.27 -15.88
CA LYS F 106 -25.16 -35.10 -16.11
C LYS F 106 -24.98 -34.26 -17.33
N LEU F 107 -24.01 -33.33 -17.27
CA LEU F 107 -23.66 -32.37 -18.31
C LEU F 107 -23.15 -33.08 -19.53
N THR F 108 -22.33 -34.14 -19.36
CA THR F 108 -21.79 -35.02 -20.37
C THR F 108 -22.83 -35.47 -21.38
N ASP F 109 -24.00 -35.92 -20.86
CA ASP F 109 -25.17 -36.40 -21.58
C ASP F 109 -25.93 -35.30 -22.28
N ILE F 110 -25.97 -34.07 -21.68
CA ILE F 110 -26.54 -32.88 -22.31
C ILE F 110 -25.76 -32.49 -23.55
N LEU F 111 -24.42 -32.62 -23.50
CA LEU F 111 -23.51 -32.38 -24.62
C LEU F 111 -23.76 -33.37 -25.72
N THR F 112 -23.90 -34.71 -25.39
CA THR F 112 -24.34 -35.77 -26.29
C THR F 112 -25.45 -35.37 -27.19
N GLU F 113 -26.64 -35.03 -26.59
CA GLU F 113 -27.82 -34.56 -27.27
C GLU F 113 -27.62 -33.39 -28.21
N GLU F 114 -27.01 -32.29 -27.68
CA GLU F 114 -27.02 -31.02 -28.36
C GLU F 114 -26.16 -31.02 -29.58
N VAL F 115 -25.01 -31.75 -29.53
CA VAL F 115 -24.15 -31.84 -30.71
C VAL F 115 -24.76 -32.67 -31.81
N GLU F 116 -25.31 -33.86 -31.52
CA GLU F 116 -25.81 -34.71 -32.58
C GLU F 116 -27.11 -34.29 -33.22
N LYS F 117 -27.94 -33.51 -32.46
CA LYS F 117 -29.13 -32.81 -32.96
C LYS F 117 -28.80 -31.78 -33.99
N ALA F 118 -27.55 -31.27 -33.99
CA ALA F 118 -27.07 -30.21 -34.85
C ALA F 118 -26.64 -30.84 -36.13
N ILE F 119 -25.89 -31.98 -36.06
CA ILE F 119 -25.48 -32.80 -37.17
C ILE F 119 -26.69 -33.26 -38.01
N SER F 120 -27.79 -33.61 -37.31
CA SER F 120 -29.08 -34.01 -37.84
C SER F 120 -29.66 -32.86 -38.63
N LYS F 121 -30.08 -31.73 -37.93
CA LYS F 121 -30.70 -30.59 -38.51
C LYS F 121 -30.00 -29.36 -37.97
N GLY G 1 -27.37 47.50 -14.89
CA GLY G 1 -28.63 48.29 -14.79
C GLY G 1 -28.39 49.71 -15.20
N SER G 2 -29.19 50.19 -16.21
CA SER G 2 -29.12 51.51 -16.76
C SER G 2 -30.51 51.88 -17.20
N HIS G 3 -30.78 53.21 -17.20
CA HIS G 3 -32.03 53.81 -17.63
C HIS G 3 -32.33 53.52 -19.09
N MET G 4 -33.61 53.18 -19.36
CA MET G 4 -34.14 52.86 -20.66
C MET G 4 -34.23 54.13 -21.50
N SER G 5 -34.87 55.27 -21.09
CA SER G 5 -35.52 55.61 -19.84
C SER G 5 -36.98 55.31 -20.05
N SER G 6 -37.62 54.87 -18.95
CA SER G 6 -39.00 54.51 -18.95
C SER G 6 -39.46 54.47 -17.52
N ILE G 7 -38.57 54.83 -16.55
CA ILE G 7 -38.99 54.92 -15.16
C ILE G 7 -39.42 56.35 -15.02
N THR G 8 -40.76 56.55 -14.90
CA THR G 8 -41.43 57.84 -14.76
C THR G 8 -41.07 58.78 -15.88
N LYS G 9 -40.99 58.21 -17.10
CA LYS G 9 -40.60 58.89 -18.33
C LYS G 9 -41.27 58.14 -19.47
N ARG G 10 -41.63 58.80 -20.60
CA ARG G 10 -41.51 60.17 -20.93
C ARG G 10 -42.83 60.56 -21.52
N LEU G 11 -43.35 61.71 -21.03
CA LEU G 11 -44.59 62.38 -21.48
C LEU G 11 -45.85 61.70 -21.03
N TYR G 12 -45.71 60.57 -20.29
CA TYR G 12 -46.83 59.79 -19.82
C TYR G 12 -47.35 60.26 -18.46
N HIS G 13 -46.52 60.43 -17.36
CA HIS G 13 -45.15 60.13 -17.17
C HIS G 13 -44.97 58.74 -16.64
N PRO G 14 -45.73 58.19 -15.71
CA PRO G 14 -45.53 56.80 -15.33
C PRO G 14 -46.30 55.84 -16.16
N LYS G 15 -45.61 54.98 -16.94
CA LYS G 15 -46.14 53.89 -17.72
C LYS G 15 -46.89 54.32 -18.93
N VAL G 16 -46.84 53.46 -19.96
CA VAL G 16 -47.53 53.66 -21.22
C VAL G 16 -49.02 53.41 -21.02
N ILE G 17 -49.42 52.70 -19.91
CA ILE G 17 -50.78 52.37 -19.58
C ILE G 17 -51.55 53.63 -19.29
N GLU G 18 -51.00 54.61 -18.53
CA GLU G 18 -51.70 55.84 -18.19
C GLU G 18 -51.97 56.65 -19.43
N HIS G 19 -51.00 56.74 -20.36
CA HIS G 19 -51.07 57.49 -21.58
C HIS G 19 -52.10 57.03 -22.60
N TYR G 20 -52.92 56.00 -22.27
CA TYR G 20 -53.88 55.45 -23.18
C TYR G 20 -55.05 54.93 -22.40
N THR G 21 -55.09 55.15 -21.07
CA THR G 21 -56.22 54.71 -20.27
C THR G 21 -56.70 55.94 -19.55
N HIS G 22 -57.97 56.42 -19.72
CA HIS G 22 -59.12 55.97 -20.51
C HIS G 22 -59.70 54.67 -20.07
N PRO G 23 -60.44 54.53 -18.97
CA PRO G 23 -61.00 55.60 -18.16
C PRO G 23 -59.97 55.98 -17.12
N ARG G 24 -59.80 57.27 -16.80
CA ARG G 24 -58.81 57.77 -15.87
C ARG G 24 -59.55 58.51 -14.78
N ASN G 25 -59.41 58.18 -13.46
CA ASN G 25 -58.57 57.14 -12.91
C ASN G 25 -59.17 55.75 -13.19
N VAL G 26 -60.48 55.43 -13.01
CA VAL G 26 -61.54 56.17 -12.36
C VAL G 26 -61.77 55.50 -11.04
N GLY G 27 -61.06 54.39 -10.74
CA GLY G 27 -61.18 53.63 -9.51
C GLY G 27 -62.35 52.72 -9.50
N SER G 28 -63.16 52.70 -10.59
CA SER G 28 -64.26 51.78 -10.80
C SER G 28 -63.97 50.91 -11.99
N LEU G 29 -62.75 51.07 -12.59
CA LEU G 29 -62.32 50.39 -13.81
C LEU G 29 -61.91 48.98 -13.47
N ASP G 30 -62.07 48.04 -14.43
CA ASP G 30 -61.62 46.65 -14.32
C ASP G 30 -61.08 46.30 -15.68
N LYS G 31 -60.37 45.14 -15.80
CA LYS G 31 -59.90 44.58 -17.02
C LYS G 31 -61.12 44.15 -17.83
N LYS G 32 -61.19 44.58 -19.10
CA LYS G 32 -62.33 44.31 -19.97
C LYS G 32 -61.87 44.48 -21.37
N LEU G 33 -62.54 43.83 -22.39
CA LEU G 33 -63.62 42.88 -22.34
C LEU G 33 -63.12 41.49 -22.75
N PRO G 34 -62.49 41.21 -23.89
CA PRO G 34 -62.04 39.87 -24.23
C PRO G 34 -60.79 39.53 -23.50
N ASN G 35 -60.52 38.23 -23.32
CA ASN G 35 -59.33 37.73 -22.67
C ASN G 35 -58.97 36.49 -23.44
N VAL G 36 -57.69 36.07 -23.39
CA VAL G 36 -57.27 34.88 -24.12
C VAL G 36 -57.05 33.77 -23.12
N GLY G 37 -57.22 34.05 -21.79
CA GLY G 37 -57.17 33.02 -20.79
C GLY G 37 -55.78 32.62 -20.35
N THR G 38 -54.76 33.37 -20.83
CA THR G 38 -53.40 33.15 -20.50
C THR G 38 -53.08 33.63 -19.12
N GLY G 39 -51.79 33.44 -18.71
CA GLY G 39 -51.25 33.78 -17.41
C GLY G 39 -51.61 35.14 -16.87
N LEU G 40 -51.97 35.24 -15.56
CA LEU G 40 -52.26 36.44 -14.87
C LEU G 40 -51.59 36.24 -13.54
N VAL G 41 -50.99 37.35 -13.03
CA VAL G 41 -50.33 37.35 -11.78
C VAL G 41 -50.53 38.76 -11.30
N GLY G 42 -50.55 38.94 -9.94
CA GLY G 42 -50.85 40.20 -9.35
C GLY G 42 -50.74 40.08 -7.87
N ALA G 43 -50.19 41.17 -7.28
CA ALA G 43 -49.98 41.29 -5.87
C ALA G 43 -50.59 42.61 -5.55
N PRO G 44 -51.83 42.65 -5.02
CA PRO G 44 -52.57 43.91 -4.97
C PRO G 44 -52.15 44.77 -3.81
N ALA G 45 -51.27 44.22 -2.95
CA ALA G 45 -50.70 44.93 -1.84
C ALA G 45 -49.85 46.05 -2.29
N CYS G 46 -49.05 45.84 -3.37
CA CYS G 46 -48.22 46.84 -3.94
C CYS G 46 -48.90 47.38 -5.16
N GLY G 47 -50.04 46.80 -5.54
CA GLY G 47 -50.82 47.30 -6.65
C GLY G 47 -50.20 47.09 -7.99
N ASP G 48 -49.45 45.97 -8.16
CA ASP G 48 -48.72 45.71 -9.38
C ASP G 48 -49.30 44.40 -9.87
N VAL G 49 -49.64 44.37 -11.19
CA VAL G 49 -50.25 43.24 -11.86
C VAL G 49 -49.44 43.16 -13.14
N MET G 50 -49.35 41.95 -13.71
CA MET G 50 -48.64 41.71 -14.95
C MET G 50 -49.43 40.63 -15.64
N ARG G 51 -49.52 40.73 -16.96
CA ARG G 51 -50.25 39.79 -17.74
C ARG G 51 -49.48 39.64 -19.01
N LEU G 52 -48.88 38.45 -19.23
CA LEU G 52 -48.18 38.17 -20.46
C LEU G 52 -49.14 37.26 -21.21
N GLN G 53 -49.42 37.62 -22.46
CA GLN G 53 -50.32 36.89 -23.32
C GLN G 53 -49.54 36.34 -24.45
N ILE G 54 -49.35 35.00 -24.49
CA ILE G 54 -48.76 34.36 -25.63
C ILE G 54 -49.83 34.01 -26.65
N LYS G 55 -49.41 33.94 -27.91
CA LYS G 55 -50.12 33.31 -29.01
C LYS G 55 -49.17 32.26 -29.51
N VAL G 56 -49.67 31.06 -29.89
CA VAL G 56 -48.84 29.94 -30.17
C VAL G 56 -49.31 29.31 -31.43
N ASN G 57 -48.42 29.09 -32.43
CA ASN G 57 -48.62 28.23 -33.58
C ASN G 57 -48.61 26.81 -33.10
N ASP G 58 -49.75 26.07 -33.16
CA ASP G 58 -49.89 24.72 -32.68
C ASP G 58 -49.02 23.74 -33.36
N SER G 59 -48.92 23.89 -34.69
CA SER G 59 -48.24 22.91 -35.54
C SER G 59 -46.72 22.83 -35.30
N THR G 60 -46.04 23.98 -35.13
CA THR G 60 -44.60 24.01 -35.04
C THR G 60 -44.14 24.19 -33.59
N GLY G 61 -45.07 24.58 -32.68
CA GLY G 61 -44.81 24.83 -31.27
C GLY G 61 -44.08 26.12 -31.06
N VAL G 62 -44.20 27.12 -31.98
CA VAL G 62 -43.45 28.34 -31.95
C VAL G 62 -44.38 29.39 -31.39
N ILE G 63 -43.84 30.34 -30.61
CA ILE G 63 -44.58 31.48 -30.14
C ILE G 63 -44.62 32.42 -31.29
N GLU G 64 -45.81 32.65 -31.91
CA GLU G 64 -46.06 33.57 -33.03
C GLU G 64 -45.86 34.98 -32.57
N ASP G 65 -46.40 35.29 -31.37
CA ASP G 65 -46.38 36.63 -30.83
C ASP G 65 -46.52 36.49 -29.34
N VAL G 66 -46.04 37.49 -28.58
CA VAL G 66 -46.31 37.60 -27.17
C VAL G 66 -46.23 39.07 -26.90
N LYS G 67 -47.31 39.63 -26.26
CA LYS G 67 -47.42 41.01 -25.87
C LYS G 67 -47.64 40.96 -24.41
N PHE G 68 -47.48 42.15 -23.76
CA PHE G 68 -47.52 42.29 -22.32
C PHE G 68 -48.43 43.42 -21.91
N LYS G 69 -48.80 43.30 -20.63
CA LYS G 69 -49.30 44.38 -19.84
C LYS G 69 -48.40 44.49 -18.63
N THR G 70 -48.01 45.74 -18.25
CA THR G 70 -47.20 46.01 -17.05
C THR G 70 -48.00 47.03 -16.28
N PHE G 71 -48.25 46.80 -14.99
CA PHE G 71 -48.91 47.70 -14.08
C PHE G 71 -47.98 47.77 -12.91
N GLY G 72 -47.76 49.03 -12.41
CA GLY G 72 -46.96 49.27 -11.22
C GLY G 72 -45.73 50.04 -11.58
N CYS G 73 -44.52 49.44 -11.35
CA CYS G 73 -43.22 50.00 -11.56
C CYS G 73 -42.99 50.29 -13.02
N GLY G 74 -42.22 51.33 -13.32
CA GLY G 74 -41.88 51.76 -14.68
C GLY G 74 -40.68 50.93 -15.08
N SER G 75 -39.83 50.52 -14.11
CA SER G 75 -38.70 49.63 -14.28
C SER G 75 -39.13 48.26 -14.83
N ALA G 76 -40.32 47.79 -14.38
CA ALA G 76 -40.87 46.51 -14.69
C ALA G 76 -41.17 46.36 -16.14
N ILE G 77 -41.41 47.47 -16.89
CA ILE G 77 -41.73 47.48 -18.31
C ILE G 77 -40.61 46.82 -19.09
N ALA G 78 -39.34 47.07 -18.72
CA ALA G 78 -38.15 46.63 -19.40
C ALA G 78 -38.04 45.15 -19.27
N SER G 79 -38.50 44.54 -18.17
CA SER G 79 -38.42 43.10 -17.97
C SER G 79 -39.35 42.39 -18.93
N SER G 80 -40.59 42.91 -18.99
CA SER G 80 -41.66 42.47 -19.83
C SER G 80 -41.32 42.61 -21.28
N SER G 81 -40.81 43.81 -21.70
CA SER G 81 -40.44 44.15 -23.07
C SER G 81 -39.41 43.21 -23.58
N TYR G 82 -38.24 43.11 -22.91
CA TYR G 82 -37.10 42.41 -23.44
C TYR G 82 -37.37 40.93 -23.52
N MET G 83 -38.08 40.35 -22.49
CA MET G 83 -38.36 38.91 -22.48
C MET G 83 -39.25 38.56 -23.63
N THR G 84 -40.30 39.34 -23.93
CA THR G 84 -41.29 39.08 -24.97
C THR G 84 -40.67 39.19 -26.36
N GLU G 85 -39.75 40.16 -26.57
CA GLU G 85 -38.95 40.26 -27.79
C GLU G 85 -38.21 38.99 -28.16
N LEU G 86 -37.45 38.41 -27.18
CA LEU G 86 -36.71 37.22 -27.37
C LEU G 86 -37.62 36.05 -27.75
N VAL G 87 -38.65 35.82 -26.90
CA VAL G 87 -39.50 34.67 -26.95
C VAL G 87 -40.31 34.58 -28.24
N GLN G 88 -40.61 35.77 -28.90
CA GLN G 88 -41.23 35.82 -30.20
C GLN G 88 -40.31 35.27 -31.25
N GLY G 89 -40.93 34.51 -32.19
CA GLY G 89 -40.28 33.88 -33.32
C GLY G 89 -39.45 32.71 -32.87
N MET G 90 -39.61 32.24 -31.60
CA MET G 90 -38.82 31.19 -31.07
C MET G 90 -39.73 30.26 -30.35
N THR G 91 -39.19 29.07 -30.13
CA THR G 91 -39.78 27.92 -29.48
C THR G 91 -40.27 28.20 -28.06
N LEU G 92 -41.26 27.38 -27.67
CA LEU G 92 -41.94 27.33 -26.37
C LEU G 92 -40.91 27.08 -25.29
N ASP G 93 -39.82 26.34 -25.60
CA ASP G 93 -38.77 26.03 -24.67
C ASP G 93 -38.10 27.25 -24.05
N ASP G 94 -37.89 28.35 -24.84
CA ASP G 94 -37.38 29.64 -24.39
C ASP G 94 -38.23 30.23 -23.30
N ALA G 95 -39.56 30.15 -23.43
CA ALA G 95 -40.50 30.70 -22.52
C ALA G 95 -40.60 29.91 -21.24
N ALA G 96 -40.09 28.66 -21.22
CA ALA G 96 -39.99 27.86 -20.02
C ALA G 96 -38.63 28.00 -19.40
N LYS G 97 -38.48 27.59 -18.12
CA LYS G 97 -37.26 27.72 -17.34
C LYS G 97 -36.82 29.16 -17.23
N ILE G 98 -37.71 29.99 -16.70
CA ILE G 98 -37.49 31.41 -16.58
C ILE G 98 -37.33 31.59 -15.12
N LYS G 99 -36.23 32.31 -14.80
CA LYS G 99 -35.70 32.58 -13.49
C LYS G 99 -35.92 34.07 -13.40
N ASN G 100 -35.70 34.86 -12.29
CA ASN G 100 -34.95 34.82 -11.05
C ASN G 100 -33.61 35.40 -11.35
N THR G 101 -32.68 34.60 -11.90
CA THR G 101 -31.39 35.08 -12.35
C THR G 101 -31.53 35.99 -13.51
N GLU G 102 -32.39 35.56 -14.49
CA GLU G 102 -32.77 36.37 -15.66
C GLU G 102 -33.19 37.78 -15.31
N ILE G 103 -34.04 37.95 -14.23
CA ILE G 103 -34.53 39.20 -13.68
C ILE G 103 -33.42 40.03 -13.15
N ALA G 104 -32.44 39.39 -12.44
CA ALA G 104 -31.32 40.09 -11.87
C ALA G 104 -30.42 40.71 -12.93
N LYS G 105 -30.10 39.95 -13.98
CA LYS G 105 -29.34 40.39 -15.12
C LYS G 105 -30.01 41.48 -15.93
N GLU G 106 -31.36 41.45 -16.16
CA GLU G 106 -32.02 42.31 -17.07
C GLU G 106 -31.92 43.76 -16.68
N LEU G 107 -32.14 44.15 -15.42
CA LEU G 107 -32.12 45.55 -15.04
C LEU G 107 -32.18 45.64 -13.54
N SER G 108 -33.11 44.86 -12.97
CA SER G 108 -33.58 44.95 -11.60
C SER G 108 -32.55 44.76 -10.52
N LEU G 109 -31.74 43.68 -10.60
CA LEU G 109 -30.71 43.27 -9.68
C LEU G 109 -31.07 43.34 -8.21
N PRO G 110 -32.00 42.48 -7.75
CA PRO G 110 -32.51 42.56 -6.38
C PRO G 110 -31.60 41.54 -5.70
N PRO G 111 -31.67 41.29 -4.37
CA PRO G 111 -30.93 40.21 -3.74
C PRO G 111 -31.33 38.90 -4.34
N VAL G 112 -32.64 38.81 -4.63
CA VAL G 112 -33.46 37.77 -5.21
C VAL G 112 -34.57 37.52 -4.23
N LYS G 113 -34.41 38.01 -2.99
CA LYS G 113 -35.41 38.18 -2.00
C LYS G 113 -36.46 39.12 -2.58
N LEU G 114 -37.65 38.56 -2.89
CA LEU G 114 -38.77 39.25 -3.50
C LEU G 114 -39.26 40.41 -2.68
N HIS G 115 -39.77 41.47 -3.35
CA HIS G 115 -40.27 42.62 -2.69
C HIS G 115 -41.73 42.78 -3.07
N CYS G 116 -42.03 42.48 -4.37
CA CYS G 116 -43.29 42.50 -5.10
C CYS G 116 -43.04 43.22 -6.41
N SER G 117 -41.79 43.73 -6.64
CA SER G 117 -41.39 44.54 -7.77
C SER G 117 -41.60 43.85 -9.11
N MET G 118 -41.16 42.54 -9.25
CA MET G 118 -41.27 41.78 -10.45
C MET G 118 -42.06 40.55 -10.17
N LEU G 119 -42.95 40.26 -11.16
CA LEU G 119 -43.84 39.14 -11.11
C LEU G 119 -43.76 38.44 -12.46
N ALA G 120 -42.84 38.87 -13.33
CA ALA G 120 -42.59 38.37 -14.67
C ALA G 120 -42.37 36.90 -14.75
N GLU G 121 -41.66 36.31 -13.73
CA GLU G 121 -41.35 34.91 -13.66
C GLU G 121 -42.61 34.09 -13.53
N ASP G 122 -43.49 34.50 -12.58
CA ASP G 122 -44.75 33.86 -12.29
C ASP G 122 -45.69 33.92 -13.45
N ALA G 123 -45.66 35.06 -14.19
CA ALA G 123 -46.53 35.37 -15.28
C ALA G 123 -46.33 34.45 -16.47
N ILE G 124 -45.07 34.30 -16.90
CA ILE G 124 -44.72 33.48 -18.04
C ILE G 124 -45.02 32.04 -17.76
N LYS G 125 -44.65 31.58 -16.52
CA LYS G 125 -44.94 30.23 -16.07
C LYS G 125 -46.39 29.83 -16.14
N ALA G 126 -47.30 30.72 -15.69
CA ALA G 126 -48.74 30.55 -15.77
C ALA G 126 -49.22 30.32 -17.17
N ALA G 127 -48.75 31.16 -18.12
CA ALA G 127 -49.12 31.20 -19.51
C ALA G 127 -48.80 29.92 -20.23
N ILE G 128 -47.57 29.38 -20.04
CA ILE G 128 -47.09 28.21 -20.75
C ILE G 128 -47.68 26.97 -20.19
N LYS G 129 -47.96 26.91 -18.87
CA LYS G 129 -48.64 25.81 -18.22
C LYS G 129 -50.05 25.70 -18.68
N ASP G 130 -50.77 26.83 -18.82
CA ASP G 130 -52.12 26.92 -19.35
C ASP G 130 -52.14 26.36 -20.75
N TYR G 131 -51.16 26.72 -21.59
CA TYR G 131 -51.00 26.26 -22.97
C TYR G 131 -50.91 24.72 -22.97
N LYS G 132 -50.07 24.11 -22.11
CA LYS G 132 -49.91 22.67 -22.02
C LYS G 132 -51.17 21.96 -21.67
N SER G 133 -51.98 22.51 -20.75
CA SER G 133 -53.24 21.90 -20.37
C SER G 133 -54.21 21.81 -21.51
N LYS G 134 -54.39 22.94 -22.30
CA LYS G 134 -55.23 23.06 -23.46
C LYS G 134 -54.80 22.15 -24.56
N ARG G 135 -53.46 21.97 -24.68
CA ARG G 135 -52.77 21.14 -25.66
C ARG G 135 -53.15 19.66 -25.42
N ASN G 136 -53.27 19.31 -24.13
CA ASN G 136 -53.79 18.05 -23.61
C ASN G 136 -52.66 17.10 -23.39
N THR G 137 -51.58 17.59 -22.75
CA THR G 137 -50.46 16.80 -22.36
C THR G 137 -50.33 17.12 -20.84
N PRO G 138 -50.64 16.18 -19.91
CA PRO G 138 -50.70 16.54 -18.52
C PRO G 138 -49.50 15.96 -17.83
N THR G 139 -48.81 14.98 -18.49
CA THR G 139 -47.71 14.23 -17.95
C THR G 139 -46.48 15.06 -17.91
N MET G 140 -46.22 15.82 -19.02
CA MET G 140 -45.12 16.72 -19.15
C MET G 140 -45.17 17.81 -18.16
N LEU G 141 -46.42 18.33 -17.91
CA LEU G 141 -46.69 19.44 -17.01
C LEU G 141 -46.45 19.02 -15.58
N SER G 142 -46.93 17.82 -15.18
CA SER G 142 -46.77 17.32 -13.86
C SER G 142 -45.39 16.68 -13.68
N VAL H 1 -21.78 13.36 -52.04
CA VAL H 1 -22.49 12.05 -52.18
C VAL H 1 -22.29 11.27 -50.90
N GLU H 2 -21.09 10.60 -50.75
CA GLU H 2 -20.73 9.86 -49.60
C GLU H 2 -19.53 10.59 -49.05
N SER H 3 -19.40 10.58 -47.73
CA SER H 3 -18.36 11.07 -46.86
C SER H 3 -18.44 12.56 -46.72
N SER H 4 -18.18 13.14 -45.49
CA SER H 4 -18.04 12.52 -44.19
C SER H 4 -19.36 11.99 -43.76
N THR H 5 -20.41 12.82 -44.00
CA THR H 5 -21.82 12.56 -43.91
C THR H 5 -22.25 12.84 -42.46
N ASP H 6 -23.43 13.46 -42.21
CA ASP H 6 -24.37 14.08 -43.10
C ASP H 6 -24.13 15.59 -43.05
N GLY H 7 -23.15 16.04 -42.27
CA GLY H 7 -22.88 17.44 -42.02
C GLY H 7 -21.93 18.01 -43.05
N GLN H 8 -21.46 17.22 -44.02
CA GLN H 8 -20.37 17.59 -44.88
C GLN H 8 -20.85 17.57 -46.34
N VAL H 9 -21.62 16.52 -46.68
CA VAL H 9 -22.18 16.24 -47.97
C VAL H 9 -23.09 17.34 -48.49
N VAL H 10 -23.08 17.53 -49.84
CA VAL H 10 -23.84 18.54 -50.50
C VAL H 10 -24.76 17.89 -51.47
N PRO H 11 -26.07 17.94 -51.18
CA PRO H 11 -27.07 17.50 -52.12
C PRO H 11 -27.89 18.70 -52.54
N GLN H 12 -27.69 19.88 -51.93
CA GLN H 12 -28.35 21.13 -52.20
C GLN H 12 -29.65 21.28 -51.46
N GLU H 13 -29.83 20.60 -50.29
CA GLU H 13 -31.05 20.80 -49.53
C GLU H 13 -30.94 20.29 -48.15
N VAL H 14 -29.75 19.81 -47.68
CA VAL H 14 -29.65 19.12 -46.39
C VAL H 14 -29.76 20.04 -45.20
N LEU H 15 -29.56 21.38 -45.45
CA LEU H 15 -29.80 22.45 -44.51
C LEU H 15 -31.25 22.48 -44.07
N ASN H 16 -32.19 22.29 -44.99
CA ASN H 16 -33.61 22.41 -44.67
C ASN H 16 -34.24 21.06 -44.36
N LEU H 17 -33.45 19.95 -44.36
CA LEU H 17 -33.96 18.63 -44.01
C LEU H 17 -34.02 18.47 -42.51
N PRO H 18 -34.99 17.70 -41.94
CA PRO H 18 -34.99 17.40 -40.54
C PRO H 18 -33.93 16.34 -40.21
N LEU H 19 -33.23 16.49 -39.07
CA LEU H 19 -32.11 15.65 -38.77
C LEU H 19 -31.91 15.72 -37.31
N GLU H 20 -31.31 14.66 -36.71
CA GLU H 20 -31.04 14.44 -35.31
C GLU H 20 -30.13 15.56 -34.85
N LYS H 21 -30.35 16.02 -33.60
CA LYS H 21 -29.64 17.16 -33.06
C LYS H 21 -28.14 16.97 -33.03
N ALA H 22 -27.67 15.80 -32.61
CA ALA H 22 -26.36 15.37 -32.87
C ALA H 22 -26.46 13.90 -32.95
N HIS H 23 -25.86 13.27 -33.96
CA HIS H 23 -25.67 11.84 -34.05
C HIS H 23 -24.62 11.39 -33.05
N GLU H 24 -23.54 12.20 -33.00
CA GLU H 24 -22.43 12.11 -32.07
C GLU H 24 -22.09 13.56 -31.84
N GLU H 25 -21.67 13.98 -30.61
CA GLU H 25 -21.39 13.23 -29.45
C GLU H 25 -21.94 14.08 -28.36
N ALA H 26 -21.65 13.68 -27.08
CA ALA H 26 -21.97 14.42 -25.88
C ALA H 26 -21.29 15.75 -25.86
N ASP H 27 -20.06 15.79 -26.44
CA ASP H 27 -19.23 16.97 -26.58
C ASP H 27 -19.86 18.06 -27.41
N ASP H 28 -20.47 17.69 -28.57
CA ASP H 28 -21.18 18.54 -29.50
C ASP H 28 -22.16 19.51 -28.91
N TYR H 29 -22.98 19.07 -27.92
CA TYR H 29 -23.89 19.87 -27.13
C TYR H 29 -23.25 21.02 -26.44
N LEU H 30 -22.13 20.73 -25.75
CA LEU H 30 -21.27 21.68 -25.07
C LEU H 30 -20.69 22.71 -26.00
N ASP H 31 -20.22 22.28 -27.21
CA ASP H 31 -19.71 23.12 -28.27
C ASP H 31 -20.74 24.11 -28.75
N HIS H 32 -22.01 23.65 -28.98
CA HIS H 32 -23.14 24.44 -29.41
C HIS H 32 -23.42 25.56 -28.38
N LEU H 33 -23.43 25.23 -27.07
CA LEU H 33 -23.61 26.12 -25.94
C LEU H 33 -22.55 27.17 -25.92
N LEU H 34 -21.27 26.76 -26.08
CA LEU H 34 -20.07 27.56 -26.16
C LEU H 34 -20.17 28.56 -27.30
N ASP H 35 -20.71 28.12 -28.47
CA ASP H 35 -20.83 28.93 -29.67
C ASP H 35 -21.67 30.15 -29.39
N SER H 36 -22.88 29.93 -28.79
CA SER H 36 -23.80 31.01 -28.41
C SER H 36 -23.18 31.95 -27.38
N LEU H 37 -22.48 31.38 -26.34
CA LEU H 37 -21.81 32.13 -25.26
C LEU H 37 -20.79 33.07 -25.78
N GLU H 38 -19.92 32.57 -26.67
CA GLU H 38 -18.85 33.29 -27.31
C GLU H 38 -19.35 34.48 -28.12
N GLU H 39 -20.45 34.29 -28.88
CA GLU H 39 -21.04 35.35 -29.69
C GLU H 39 -21.46 36.51 -28.85
N LEU H 40 -22.17 36.23 -27.73
CA LEU H 40 -22.60 37.17 -26.75
C LEU H 40 -21.46 37.87 -26.05
N SER H 41 -20.35 37.13 -25.70
CA SER H 41 -19.22 37.58 -24.89
C SER H 41 -18.51 38.79 -25.42
N GLU H 42 -18.26 38.81 -26.75
CA GLU H 42 -17.54 39.87 -27.42
C GLU H 42 -18.00 41.29 -27.12
N ALA H 43 -16.97 42.13 -26.79
CA ALA H 43 -17.02 43.55 -26.59
C ALA H 43 -18.05 44.04 -25.59
N HIS H 44 -17.93 43.59 -24.33
CA HIS H 44 -18.73 44.14 -23.24
C HIS H 44 -17.81 44.36 -22.04
N PRO H 45 -17.63 45.56 -21.47
CA PRO H 45 -16.67 45.79 -20.37
C PRO H 45 -17.10 45.31 -19.01
N ASP H 46 -18.41 45.22 -18.73
CA ASP H 46 -18.84 44.64 -17.48
C ASP H 46 -19.99 43.68 -17.64
N CYS H 47 -20.52 43.46 -18.86
CA CYS H 47 -21.63 42.55 -18.97
C CYS H 47 -21.08 41.16 -19.07
N ILE H 48 -20.03 41.00 -19.91
CA ILE H 48 -19.31 39.74 -20.03
C ILE H 48 -17.92 40.20 -20.37
N PRO H 49 -17.04 40.39 -19.41
CA PRO H 49 -15.70 40.84 -19.68
C PRO H 49 -14.78 39.69 -19.89
N ASP H 50 -15.12 38.48 -19.39
CA ASP H 50 -14.20 37.37 -19.36
C ASP H 50 -15.05 36.14 -19.50
N VAL H 51 -14.48 35.13 -20.16
CA VAL H 51 -15.00 33.81 -20.39
C VAL H 51 -13.78 32.92 -20.31
N GLU H 52 -13.94 31.77 -19.65
CA GLU H 52 -12.96 30.70 -19.66
C GLU H 52 -13.74 29.44 -19.63
N LEU H 53 -13.25 28.45 -20.39
CA LEU H 53 -13.71 27.10 -20.45
C LEU H 53 -12.45 26.30 -20.21
N SER H 54 -12.45 25.59 -19.07
CA SER H 54 -11.25 24.96 -18.56
C SER H 54 -11.30 23.51 -18.89
N HIS H 55 -11.88 22.65 -18.01
CA HIS H 55 -11.80 21.24 -18.25
C HIS H 55 -12.99 20.60 -17.63
N GLY H 56 -14.16 20.85 -18.19
CA GLY H 56 -15.45 20.37 -17.74
C GLY H 56 -16.08 21.33 -16.76
N VAL H 57 -15.33 22.43 -16.41
CA VAL H 57 -15.84 23.49 -15.60
C VAL H 57 -15.67 24.73 -16.44
N MET H 58 -16.73 25.54 -16.54
CA MET H 58 -16.73 26.72 -17.33
C MET H 58 -17.06 27.82 -16.34
N THR H 59 -16.23 28.91 -16.34
CA THR H 59 -16.46 30.05 -15.45
C THR H 59 -16.96 31.13 -16.39
N LEU H 60 -17.99 31.85 -15.94
CA LEU H 60 -18.56 32.95 -16.68
C LEU H 60 -18.62 34.04 -15.70
N GLU H 61 -17.66 35.00 -15.85
CA GLU H 61 -17.55 36.19 -15.06
C GLU H 61 -18.55 37.23 -15.49
N ILE H 62 -19.34 37.77 -14.53
CA ILE H 62 -20.20 38.91 -14.70
C ILE H 62 -19.92 39.75 -13.47
N PRO H 63 -19.32 40.92 -13.57
CA PRO H 63 -19.01 41.75 -12.42
C PRO H 63 -20.13 42.77 -12.25
N ALA H 64 -21.24 42.71 -13.02
CA ALA H 64 -22.26 43.78 -12.94
C ALA H 64 -23.55 43.20 -12.43
N PHE H 65 -23.62 41.86 -12.23
CA PHE H 65 -24.81 41.19 -11.83
C PHE H 65 -24.41 39.99 -11.02
N GLY H 66 -23.08 39.71 -10.88
CA GLY H 66 -22.60 38.58 -10.14
C GLY H 66 -22.36 37.39 -11.02
N THR H 67 -21.14 36.84 -10.84
CA THR H 67 -20.60 35.70 -11.56
C THR H 67 -21.35 34.45 -11.17
N TYR H 68 -21.47 33.49 -12.15
CA TYR H 68 -21.97 32.16 -11.92
C TYR H 68 -21.11 31.19 -12.68
N VAL H 69 -21.05 29.91 -12.18
CA VAL H 69 -20.23 28.86 -12.76
C VAL H 69 -21.18 27.79 -13.22
N ILE H 70 -20.92 27.35 -14.48
CA ILE H 70 -21.70 26.44 -15.27
C ILE H 70 -20.80 25.24 -15.45
N ASN H 71 -21.22 24.02 -15.05
CA ASN H 71 -20.30 22.91 -14.99
C ASN H 71 -21.14 21.65 -15.01
N LYS H 72 -20.52 20.47 -15.26
CA LYS H 72 -21.14 19.19 -15.32
C LYS H 72 -21.11 18.53 -13.98
N GLN H 73 -21.90 17.44 -13.84
CA GLN H 73 -22.06 16.70 -12.59
C GLN H 73 -22.10 15.28 -13.06
N PRO H 74 -21.35 14.30 -12.51
CA PRO H 74 -21.36 12.91 -12.92
C PRO H 74 -22.73 12.25 -13.01
N PRO H 75 -22.95 11.27 -13.88
CA PRO H 75 -24.28 10.68 -14.16
C PRO H 75 -25.17 10.48 -12.95
N ASN H 76 -26.46 10.88 -13.07
CA ASN H 76 -27.46 10.98 -12.04
C ASN H 76 -27.37 12.37 -11.56
N LYS H 77 -28.44 13.13 -11.81
CA LYS H 77 -28.58 14.55 -11.49
C LYS H 77 -27.58 15.35 -12.27
N GLN H 78 -27.48 15.11 -13.61
CA GLN H 78 -26.40 15.66 -14.44
C GLN H 78 -26.52 17.14 -14.57
N ILE H 79 -25.35 17.83 -14.62
CA ILE H 79 -25.17 19.25 -14.75
C ILE H 79 -25.61 19.98 -13.53
N TRP H 80 -24.66 20.62 -12.81
CA TRP H 80 -24.99 21.44 -11.68
C TRP H 80 -24.81 22.83 -12.15
N LEU H 81 -25.84 23.70 -11.96
CA LEU H 81 -25.71 25.10 -12.27
C LEU H 81 -25.59 25.69 -10.90
N ALA H 82 -24.49 26.42 -10.64
CA ALA H 82 -24.25 27.03 -9.37
C ALA H 82 -24.83 28.36 -9.44
N SER H 83 -26.11 28.52 -9.04
CA SER H 83 -26.80 29.78 -9.01
C SER H 83 -27.31 29.86 -7.63
N PRO H 84 -26.91 30.82 -6.84
CA PRO H 84 -27.53 31.10 -5.57
C PRO H 84 -28.85 31.78 -5.74
N LEU H 85 -28.96 32.52 -6.85
CA LEU H 85 -30.09 33.32 -7.21
C LEU H 85 -31.34 32.49 -7.51
N SER H 86 -31.19 31.42 -8.34
CA SER H 86 -32.31 30.63 -8.78
C SER H 86 -32.33 29.27 -8.14
N GLY H 87 -31.34 28.99 -7.23
CA GLY H 87 -31.16 27.68 -6.63
C GLY H 87 -30.63 26.71 -7.69
N PRO H 88 -30.47 25.45 -7.34
CA PRO H 88 -29.82 24.45 -8.18
C PRO H 88 -30.84 23.96 -9.21
N ASN H 89 -30.31 23.51 -10.38
CA ASN H 89 -31.12 22.88 -11.41
C ASN H 89 -30.22 21.87 -12.04
N ARG H 90 -30.84 20.85 -12.71
CA ARG H 90 -30.12 19.80 -13.36
C ARG H 90 -30.71 19.51 -14.71
N PHE H 91 -29.84 19.21 -15.74
CA PHE H 91 -30.28 18.85 -17.04
C PHE H 91 -29.64 17.52 -17.43
N ASP H 92 -30.47 16.54 -17.81
CA ASP H 92 -30.04 15.28 -18.31
C ASP H 92 -30.75 15.11 -19.62
N LEU H 93 -30.03 14.74 -20.72
CA LEU H 93 -30.61 14.56 -22.03
C LEU H 93 -31.53 13.35 -22.08
N LEU H 94 -32.51 13.41 -22.96
CA LEU H 94 -33.46 12.35 -23.14
C LEU H 94 -33.79 12.25 -24.61
N ASN H 95 -33.52 13.33 -25.37
CA ASN H 95 -33.73 13.29 -26.81
C ASN H 95 -32.45 13.53 -27.53
N GLY H 96 -31.33 13.64 -26.76
CA GLY H 96 -30.03 13.98 -27.28
C GLY H 96 -29.73 15.39 -26.81
N GLU H 97 -30.71 16.28 -27.08
CA GLU H 97 -30.65 17.61 -26.58
C GLU H 97 -31.22 17.56 -25.19
N TRP H 98 -30.69 18.47 -24.35
CA TRP H 98 -30.95 18.64 -22.93
C TRP H 98 -32.40 18.74 -22.62
N VAL H 99 -32.81 18.09 -21.50
CA VAL H 99 -34.17 18.04 -21.05
C VAL H 99 -33.98 18.32 -19.58
N SER H 100 -34.82 19.20 -18.97
CA SER H 100 -34.73 19.57 -17.58
C SER H 100 -35.27 18.48 -16.73
N LEU H 101 -34.63 18.26 -15.55
CA LEU H 101 -35.16 17.35 -14.52
C LEU H 101 -36.10 18.09 -13.60
N ARG H 102 -36.64 19.25 -14.07
CA ARG H 102 -37.57 20.04 -13.27
C ARG H 102 -38.79 20.42 -14.05
N ASN H 103 -38.77 20.36 -15.40
CA ASN H 103 -39.94 20.73 -16.19
C ASN H 103 -39.89 20.25 -17.61
N GLY H 104 -38.73 19.69 -18.04
CA GLY H 104 -38.51 19.18 -19.36
C GLY H 104 -38.21 20.16 -20.50
N THR H 105 -37.32 21.17 -20.33
CA THR H 105 -36.90 22.03 -21.44
C THR H 105 -35.40 22.15 -21.41
N LYS H 106 -34.78 22.58 -22.52
CA LYS H 106 -33.34 22.56 -22.69
C LYS H 106 -32.66 23.70 -22.00
N LEU H 107 -31.34 23.49 -21.73
CA LEU H 107 -30.42 24.41 -21.05
C LEU H 107 -29.93 25.53 -21.92
N THR H 108 -29.72 25.24 -23.23
CA THR H 108 -29.24 26.11 -24.26
C THR H 108 -29.98 27.45 -24.28
N ASP H 109 -31.33 27.46 -24.20
CA ASP H 109 -32.11 28.66 -24.28
C ASP H 109 -31.90 29.54 -23.10
N ILE H 110 -31.82 28.93 -21.90
CA ILE H 110 -31.74 29.62 -20.59
C ILE H 110 -30.48 30.43 -20.44
N LEU H 111 -29.32 29.85 -20.84
CA LEU H 111 -28.06 30.51 -20.75
C LEU H 111 -27.91 31.63 -21.76
N THR H 112 -28.22 31.38 -23.06
CA THR H 112 -28.35 32.40 -24.12
C THR H 112 -29.07 33.64 -23.69
N GLU H 113 -30.36 33.47 -23.29
CA GLU H 113 -31.23 34.50 -22.75
C GLU H 113 -30.64 35.28 -21.60
N GLU H 114 -30.12 34.62 -20.56
CA GLU H 114 -29.67 35.27 -19.34
C GLU H 114 -28.44 36.12 -19.53
N VAL H 115 -27.51 35.70 -20.39
CA VAL H 115 -26.34 36.44 -20.83
C VAL H 115 -26.67 37.66 -21.62
N GLU H 116 -27.61 37.57 -22.59
CA GLU H 116 -28.01 38.69 -23.43
C GLU H 116 -28.88 39.68 -22.66
N LYS H 117 -29.60 39.22 -21.62
CA LYS H 117 -30.29 40.07 -20.67
C LYS H 117 -29.32 40.98 -19.93
N ALA H 118 -28.04 40.62 -19.79
CA ALA H 118 -27.08 41.47 -19.08
C ALA H 118 -26.63 42.59 -20.02
N ILE H 119 -26.28 42.20 -21.29
CA ILE H 119 -25.95 43.04 -22.40
C ILE H 119 -27.01 44.09 -22.68
N SER H 120 -28.29 43.76 -22.45
CA SER H 120 -29.42 44.64 -22.66
C SER H 120 -29.30 45.96 -21.87
N LYS H 121 -29.40 45.94 -20.55
CA LYS H 121 -29.40 47.17 -19.76
C LYS H 121 -28.62 46.88 -18.49
N GLY I 1 -58.56 -4.56 8.91
CA GLY I 1 -60.01 -4.37 9.10
C GLY I 1 -60.57 -5.65 9.62
N SER I 2 -61.13 -5.60 10.85
CA SER I 2 -61.76 -6.71 11.51
C SER I 2 -63.03 -7.10 10.76
N HIS I 3 -63.80 -6.08 10.32
CA HIS I 3 -65.03 -6.19 9.57
C HIS I 3 -65.10 -5.05 8.62
N MET I 4 -65.15 -5.43 7.33
CA MET I 4 -65.28 -4.53 6.21
C MET I 4 -66.67 -3.88 6.08
N SER I 5 -67.84 -4.57 6.30
CA SER I 5 -68.10 -5.93 6.68
C SER I 5 -67.66 -6.90 5.63
N SER I 6 -67.10 -8.04 6.04
CA SER I 6 -66.80 -9.16 5.17
C SER I 6 -68.14 -9.86 4.81
N ILE I 7 -69.01 -10.11 5.83
CA ILE I 7 -70.28 -10.80 5.75
C ILE I 7 -71.26 -10.05 4.92
N THR I 8 -71.35 -8.72 5.13
CA THR I 8 -72.21 -7.76 4.53
C THR I 8 -73.61 -7.95 5.03
N LYS I 9 -74.01 -7.03 5.94
CA LYS I 9 -75.29 -7.10 6.58
C LYS I 9 -75.67 -5.65 6.74
N ARG I 10 -76.94 -5.28 6.69
CA ARG I 10 -78.13 -6.14 6.67
C ARG I 10 -78.98 -5.84 5.48
N LEU I 11 -79.75 -6.86 5.01
CA LEU I 11 -80.71 -6.86 3.92
C LEU I 11 -79.97 -6.70 2.61
N TYR I 12 -78.82 -7.35 2.44
CA TYR I 12 -78.10 -7.40 1.19
C TYR I 12 -78.76 -8.41 0.26
N HIS I 13 -78.96 -9.74 0.59
CA HIS I 13 -78.44 -10.50 1.72
C HIS I 13 -77.28 -11.42 1.29
N PRO I 14 -77.05 -11.90 0.08
CA PRO I 14 -75.81 -12.67 -0.20
C PRO I 14 -74.92 -11.74 -1.04
N LYS I 15 -74.04 -10.96 -0.35
CA LYS I 15 -73.05 -10.08 -0.93
C LYS I 15 -73.77 -8.93 -1.61
N VAL I 16 -73.02 -8.09 -2.34
CA VAL I 16 -73.58 -6.98 -3.08
C VAL I 16 -73.95 -7.41 -4.47
N ILE I 17 -73.65 -8.71 -4.83
CA ILE I 17 -73.92 -9.38 -6.06
C ILE I 17 -75.35 -9.14 -6.49
N GLU I 18 -76.28 -9.63 -5.63
CA GLU I 18 -77.72 -9.61 -5.80
C GLU I 18 -78.29 -8.23 -5.78
N HIS I 19 -77.75 -7.37 -4.89
CA HIS I 19 -78.23 -6.02 -4.69
C HIS I 19 -78.09 -5.16 -5.94
N TYR I 20 -76.91 -5.24 -6.59
CA TYR I 20 -76.64 -4.63 -7.87
C TYR I 20 -77.35 -5.21 -9.05
N THR I 21 -77.39 -6.56 -9.18
CA THR I 21 -78.00 -7.18 -10.33
C THR I 21 -78.96 -8.25 -9.90
N HIS I 22 -80.26 -8.29 -10.35
CA HIS I 22 -81.05 -7.40 -11.18
C HIS I 22 -80.62 -7.36 -12.63
N PRO I 23 -81.43 -7.06 -13.64
CA PRO I 23 -82.90 -6.84 -13.57
C PRO I 23 -83.57 -8.16 -13.19
N ARG I 24 -84.61 -8.06 -12.29
CA ARG I 24 -85.24 -9.24 -11.73
C ARG I 24 -86.64 -9.26 -12.23
N ASN I 25 -87.13 -10.36 -12.90
CA ASN I 25 -86.47 -11.60 -13.24
C ASN I 25 -85.41 -11.42 -14.32
N VAL I 26 -85.60 -10.76 -15.50
CA VAL I 26 -86.80 -10.27 -16.17
C VAL I 26 -87.07 -11.20 -17.33
N GLY I 27 -86.17 -12.17 -17.64
CA GLY I 27 -86.30 -13.04 -18.75
C GLY I 27 -85.79 -12.38 -20.01
N SER I 28 -85.00 -11.29 -19.85
CA SER I 28 -84.39 -10.54 -20.90
C SER I 28 -83.09 -10.03 -20.31
N LEU I 29 -82.65 -10.68 -19.19
CA LEU I 29 -81.53 -10.26 -18.39
C LEU I 29 -80.26 -10.38 -19.13
N ASP I 30 -79.31 -9.45 -18.89
CA ASP I 30 -78.03 -9.29 -19.52
C ASP I 30 -77.73 -7.85 -19.23
N LYS I 31 -76.39 -7.53 -19.18
CA LYS I 31 -75.88 -6.20 -19.00
C LYS I 31 -76.10 -5.38 -20.25
N LYS I 32 -76.84 -4.28 -20.08
CA LYS I 32 -77.16 -3.36 -21.14
C LYS I 32 -77.56 -2.14 -20.39
N LEU I 33 -77.52 -0.91 -21.00
CA LEU I 33 -77.07 -0.56 -22.30
C LEU I 33 -75.99 0.50 -22.28
N PRO I 34 -75.94 1.60 -21.50
CA PRO I 34 -74.88 2.58 -21.65
C PRO I 34 -73.60 2.14 -20.99
N ASN I 35 -72.50 2.71 -21.52
CA ASN I 35 -71.17 2.46 -21.06
C ASN I 35 -70.40 3.70 -21.39
N VAL I 36 -69.37 4.02 -20.59
CA VAL I 36 -68.61 5.24 -20.82
C VAL I 36 -67.32 4.94 -21.49
N GLY I 37 -67.03 3.64 -21.74
CA GLY I 37 -65.86 3.23 -22.51
C GLY I 37 -64.64 3.12 -21.67
N THR I 38 -64.74 3.38 -20.34
CA THR I 38 -63.62 3.20 -19.44
C THR I 38 -63.40 1.76 -19.16
N GLY I 39 -62.20 1.43 -18.53
CA GLY I 39 -61.74 0.13 -18.18
C GLY I 39 -62.78 -0.77 -17.55
N LEU I 40 -62.69 -2.07 -17.88
CA LEU I 40 -63.54 -3.13 -17.39
C LEU I 40 -62.58 -4.31 -17.34
N VAL I 41 -62.74 -5.13 -16.31
CA VAL I 41 -61.95 -6.32 -16.12
C VAL I 41 -62.88 -7.26 -15.44
N GLY I 42 -62.70 -8.59 -15.71
CA GLY I 42 -63.59 -9.57 -15.09
C GLY I 42 -63.12 -10.91 -15.47
N ALA I 43 -63.14 -11.86 -14.53
CA ALA I 43 -62.82 -13.24 -14.75
C ALA I 43 -64.06 -14.03 -14.44
N PRO I 44 -64.61 -14.87 -15.33
CA PRO I 44 -65.82 -15.65 -15.01
C PRO I 44 -65.50 -16.83 -14.10
N ALA I 45 -64.19 -17.21 -13.98
CA ALA I 45 -63.81 -18.34 -13.19
C ALA I 45 -63.61 -17.90 -11.78
N CYS I 46 -63.46 -16.57 -11.55
CA CYS I 46 -63.22 -16.00 -10.25
C CYS I 46 -64.49 -15.40 -9.74
N GLY I 47 -65.51 -15.25 -10.60
CA GLY I 47 -66.85 -14.86 -10.24
C GLY I 47 -67.04 -13.41 -9.95
N ASP I 48 -65.97 -12.57 -10.13
CA ASP I 48 -65.98 -11.14 -9.82
C ASP I 48 -65.63 -10.40 -11.07
N VAL I 49 -66.41 -9.34 -11.35
CA VAL I 49 -66.23 -8.40 -12.45
C VAL I 49 -66.16 -7.08 -11.74
N MET I 50 -65.06 -6.32 -11.96
CA MET I 50 -64.89 -5.03 -11.36
C MET I 50 -64.86 -4.00 -12.43
N ARG I 51 -65.45 -2.81 -12.18
CA ARG I 51 -65.42 -1.75 -13.13
C ARG I 51 -65.26 -0.45 -12.43
N LEU I 52 -64.11 0.25 -12.62
CA LEU I 52 -63.90 1.58 -12.07
C LEU I 52 -64.03 2.48 -13.26
N GLN I 53 -64.87 3.51 -13.13
CA GLN I 53 -65.11 4.46 -14.17
C GLN I 53 -64.66 5.81 -13.68
N ILE I 54 -63.57 6.38 -14.27
CA ILE I 54 -63.07 7.69 -13.88
C ILE I 54 -63.74 8.73 -14.74
N LYS I 55 -63.80 9.97 -14.22
CA LYS I 55 -64.00 11.17 -14.99
C LYS I 55 -62.81 11.98 -14.65
N VAL I 56 -62.25 12.71 -15.65
CA VAL I 56 -61.01 13.44 -15.45
C VAL I 56 -61.14 14.81 -16.06
N ASN I 57 -60.91 15.90 -15.28
CA ASN I 57 -60.76 17.25 -15.73
C ASN I 57 -59.40 17.31 -16.40
N ASP I 58 -59.31 17.53 -17.74
CA ASP I 58 -58.11 17.57 -18.54
C ASP I 58 -57.25 18.74 -18.17
N SER I 59 -57.91 19.89 -17.94
CA SER I 59 -57.24 21.14 -17.65
C SER I 59 -56.44 21.19 -16.32
N THR I 60 -56.96 20.57 -15.25
CA THR I 60 -56.24 20.61 -13.98
C THR I 60 -55.56 19.28 -13.75
N GLY I 61 -55.94 18.21 -14.49
CA GLY I 61 -55.42 16.87 -14.31
C GLY I 61 -55.99 16.17 -13.15
N VAL I 62 -57.13 16.64 -12.58
CA VAL I 62 -57.67 16.15 -11.32
C VAL I 62 -58.77 15.19 -11.69
N ILE I 63 -58.88 14.06 -10.93
CA ILE I 63 -59.93 13.09 -11.07
C ILE I 63 -61.12 13.65 -10.37
N GLU I 64 -62.15 13.99 -11.21
CA GLU I 64 -63.37 14.65 -10.78
C GLU I 64 -64.20 13.74 -9.96
N ASP I 65 -64.31 12.49 -10.44
CA ASP I 65 -65.12 11.51 -9.81
C ASP I 65 -64.60 10.20 -10.21
N VAL I 66 -64.82 9.18 -9.36
CA VAL I 66 -64.55 7.84 -9.76
C VAL I 66 -65.52 7.06 -8.95
N LYS I 67 -66.27 6.16 -9.63
CA LYS I 67 -67.27 5.31 -9.01
C LYS I 67 -66.95 3.92 -9.38
N PHE I 68 -67.48 2.91 -8.65
CA PHE I 68 -67.04 1.55 -8.77
C PHE I 68 -68.22 0.65 -8.91
N LYS I 69 -67.90 -0.59 -9.40
CA LYS I 69 -68.71 -1.77 -9.34
C LYS I 69 -67.86 -2.77 -8.63
N THR I 70 -68.47 -3.52 -7.68
CA THR I 70 -67.83 -4.58 -6.94
C THR I 70 -68.76 -5.77 -7.14
N PHE I 71 -68.17 -6.94 -7.44
CA PHE I 71 -68.84 -8.21 -7.48
C PHE I 71 -67.90 -9.14 -6.77
N GLY I 72 -68.44 -10.32 -6.35
CA GLY I 72 -67.69 -11.28 -5.60
C GLY I 72 -67.85 -11.02 -4.13
N CYS I 73 -66.71 -11.12 -3.40
CA CYS I 73 -66.60 -10.96 -1.96
C CYS I 73 -67.05 -9.61 -1.51
N GLY I 74 -67.62 -9.57 -0.26
CA GLY I 74 -68.23 -8.39 0.32
C GLY I 74 -67.15 -7.58 1.01
N SER I 75 -65.99 -8.20 1.24
CA SER I 75 -64.80 -7.63 1.79
C SER I 75 -64.31 -6.55 0.86
N ALA I 76 -64.45 -6.77 -0.47
CA ALA I 76 -63.89 -5.91 -1.51
C ALA I 76 -64.53 -4.53 -1.62
N ILE I 77 -65.80 -4.40 -1.18
CA ILE I 77 -66.65 -3.22 -1.32
C ILE I 77 -66.01 -2.06 -0.57
N ALA I 78 -65.49 -2.33 0.64
CA ALA I 78 -64.89 -1.38 1.52
C ALA I 78 -63.62 -0.84 1.02
N SER I 79 -62.83 -1.68 0.32
CA SER I 79 -61.59 -1.29 -0.30
C SER I 79 -61.83 -0.33 -1.45
N SER I 80 -62.86 -0.69 -2.27
CA SER I 80 -63.30 0.05 -3.45
C SER I 80 -63.77 1.42 -3.08
N SER I 81 -64.58 1.54 -1.99
CA SER I 81 -65.12 2.75 -1.42
C SER I 81 -64.00 3.68 -1.03
N TYR I 82 -63.06 3.18 -0.24
CA TYR I 82 -62.01 4.01 0.35
C TYR I 82 -61.02 4.54 -0.68
N MET I 83 -60.68 3.70 -1.70
CA MET I 83 -59.82 4.08 -2.79
C MET I 83 -60.42 5.18 -3.60
N THR I 84 -61.73 5.11 -3.96
CA THR I 84 -62.35 6.11 -4.77
C THR I 84 -62.42 7.46 -4.12
N GLU I 85 -62.69 7.50 -2.80
CA GLU I 85 -62.58 8.67 -1.96
C GLU I 85 -61.26 9.36 -2.09
N LEU I 86 -60.16 8.60 -1.90
CA LEU I 86 -58.80 9.10 -1.94
C LEU I 86 -58.44 9.72 -3.28
N VAL I 87 -58.68 8.96 -4.38
CA VAL I 87 -58.40 9.27 -5.75
C VAL I 87 -59.07 10.56 -6.17
N GLN I 88 -60.33 10.86 -5.75
CA GLN I 88 -60.99 12.11 -6.04
C GLN I 88 -60.35 13.23 -5.31
N GLY I 89 -60.11 14.37 -6.03
CA GLY I 89 -59.45 15.51 -5.43
C GLY I 89 -57.99 15.39 -5.54
N MET I 90 -57.52 14.26 -6.10
CA MET I 90 -56.12 13.93 -6.24
C MET I 90 -55.90 13.77 -7.70
N THR I 91 -54.71 14.28 -8.16
CA THR I 91 -54.25 14.34 -9.52
C THR I 91 -54.15 12.98 -10.21
N LEU I 92 -53.77 13.03 -11.49
CA LEU I 92 -53.57 11.91 -12.39
C LEU I 92 -52.47 11.04 -11.81
N ASP I 93 -51.42 11.67 -11.26
CA ASP I 93 -50.25 11.07 -10.65
C ASP I 93 -50.60 9.99 -9.65
N ASP I 94 -51.45 10.39 -8.68
CA ASP I 94 -51.99 9.51 -7.66
C ASP I 94 -52.79 8.40 -8.21
N ALA I 95 -53.64 8.69 -9.25
CA ALA I 95 -54.54 7.75 -9.92
C ALA I 95 -53.81 6.74 -10.77
N ALA I 96 -52.53 7.00 -11.08
CA ALA I 96 -51.63 6.06 -11.71
C ALA I 96 -50.85 5.33 -10.66
N LYS I 97 -49.89 4.44 -11.04
CA LYS I 97 -49.01 3.65 -10.19
C LYS I 97 -49.76 2.79 -9.22
N ILE I 98 -50.90 2.26 -9.65
CA ILE I 98 -51.92 1.66 -8.87
C ILE I 98 -51.44 0.43 -8.18
N LYS I 99 -51.74 0.45 -6.86
CA LYS I 99 -51.42 -0.55 -5.88
C LYS I 99 -52.51 -1.60 -5.96
N ASN I 100 -52.26 -2.92 -5.70
CA ASN I 100 -51.16 -3.63 -5.07
C ASN I 100 -51.43 -3.61 -3.60
N THR I 101 -50.64 -2.83 -2.82
CA THR I 101 -50.75 -2.85 -1.38
C THR I 101 -52.08 -2.37 -0.89
N GLU I 102 -52.62 -1.26 -1.48
CA GLU I 102 -53.85 -0.63 -1.06
C GLU I 102 -55.06 -1.55 -0.77
N ILE I 103 -55.33 -2.54 -1.64
CA ILE I 103 -56.36 -3.55 -1.58
C ILE I 103 -56.14 -4.52 -0.43
N ALA I 104 -54.84 -4.93 -0.24
CA ALA I 104 -54.40 -5.88 0.73
C ALA I 104 -54.55 -5.32 2.11
N LYS I 105 -54.11 -4.06 2.30
CA LYS I 105 -54.01 -3.33 3.56
C LYS I 105 -55.33 -3.10 4.17
N GLU I 106 -56.33 -2.77 3.32
CA GLU I 106 -57.68 -2.50 3.75
C GLU I 106 -58.32 -3.66 4.43
N LEU I 107 -58.25 -4.87 3.81
CA LEU I 107 -58.82 -6.05 4.38
C LEU I 107 -58.22 -6.58 5.64
N SER I 108 -56.89 -6.62 5.69
CA SER I 108 -56.16 -7.11 6.85
C SER I 108 -54.78 -6.58 6.66
N LEU I 109 -53.83 -6.95 7.58
CA LEU I 109 -52.41 -6.70 7.40
C LEU I 109 -52.01 -7.38 6.09
N PRO I 110 -51.26 -6.74 5.19
CA PRO I 110 -51.10 -7.19 3.82
C PRO I 110 -50.54 -8.60 3.75
N PRO I 111 -51.16 -9.62 3.09
CA PRO I 111 -50.62 -10.95 3.10
C PRO I 111 -49.44 -11.06 2.21
N VAL I 112 -49.32 -10.19 1.17
CA VAL I 112 -48.28 -10.25 0.15
C VAL I 112 -48.47 -11.52 -0.64
N LYS I 113 -49.75 -11.79 -1.03
CA LYS I 113 -50.17 -12.86 -1.92
C LYS I 113 -51.65 -12.78 -1.98
N LEU I 114 -52.14 -12.31 -3.14
CA LEU I 114 -53.52 -12.06 -3.35
C LEU I 114 -53.79 -12.67 -4.68
N HIS I 115 -54.62 -13.74 -4.70
CA HIS I 115 -55.02 -14.39 -5.91
C HIS I 115 -56.48 -14.19 -5.95
N CYS I 116 -56.90 -13.42 -6.98
CA CYS I 116 -58.22 -13.00 -7.39
C CYS I 116 -59.10 -12.48 -6.28
N SER I 117 -58.48 -11.69 -5.37
CA SER I 117 -59.12 -11.05 -4.24
C SER I 117 -59.83 -9.85 -4.75
N MET I 118 -59.18 -9.02 -5.58
CA MET I 118 -59.81 -7.92 -6.26
C MET I 118 -59.14 -7.74 -7.58
N LEU I 119 -59.97 -7.36 -8.55
CA LEU I 119 -59.57 -7.00 -9.90
C LEU I 119 -59.63 -5.52 -10.02
N ALA I 120 -59.77 -4.80 -8.91
CA ALA I 120 -60.03 -3.36 -8.82
C ALA I 120 -58.81 -2.61 -9.35
N GLU I 121 -57.61 -3.13 -9.04
CA GLU I 121 -56.36 -2.61 -9.50
C GLU I 121 -56.33 -2.54 -11.00
N ASP I 122 -56.74 -3.64 -11.67
CA ASP I 122 -56.81 -3.77 -13.11
C ASP I 122 -57.83 -2.88 -13.77
N ALA I 123 -58.99 -2.66 -13.08
CA ALA I 123 -60.11 -1.92 -13.60
C ALA I 123 -59.75 -0.46 -13.82
N ILE I 124 -59.19 0.18 -12.80
CA ILE I 124 -58.74 1.56 -12.83
C ILE I 124 -57.58 1.74 -13.74
N LYS I 125 -56.61 0.81 -13.78
CA LYS I 125 -55.47 0.86 -14.68
C LYS I 125 -55.88 0.95 -16.15
N ALA I 126 -56.87 0.10 -16.52
CA ALA I 126 -57.49 0.11 -17.80
C ALA I 126 -58.12 1.44 -18.09
N ALA I 127 -58.80 2.02 -17.07
CA ALA I 127 -59.49 3.26 -17.20
C ALA I 127 -58.59 4.45 -17.52
N ILE I 128 -57.43 4.61 -16.84
CA ILE I 128 -56.53 5.74 -17.05
C ILE I 128 -55.79 5.59 -18.34
N LYS I 129 -55.49 4.34 -18.79
CA LYS I 129 -54.87 4.01 -20.03
C LYS I 129 -55.74 4.44 -21.18
N ASP I 130 -57.07 4.14 -21.04
CA ASP I 130 -58.10 4.53 -21.98
C ASP I 130 -58.11 6.04 -22.12
N TYR I 131 -58.09 6.78 -20.98
CA TYR I 131 -58.12 8.23 -20.95
C TYR I 131 -56.98 8.84 -21.72
N LYS I 132 -55.73 8.33 -21.53
CA LYS I 132 -54.54 8.78 -22.21
C LYS I 132 -54.61 8.57 -23.71
N SER I 133 -55.20 7.44 -24.15
CA SER I 133 -55.35 7.05 -25.55
C SER I 133 -56.20 8.01 -26.31
N LYS I 134 -57.40 8.38 -25.78
CA LYS I 134 -58.39 9.22 -26.37
C LYS I 134 -57.98 10.65 -26.46
N ARG I 135 -57.10 11.13 -25.51
CA ARG I 135 -56.59 12.50 -25.53
C ARG I 135 -55.36 12.62 -26.39
N ASN I 136 -54.83 11.43 -26.81
CA ASN I 136 -53.70 11.18 -27.70
C ASN I 136 -52.46 11.34 -26.91
N THR I 137 -51.82 10.18 -26.53
CA THR I 137 -50.51 10.09 -25.95
C THR I 137 -50.30 8.65 -25.54
N PRO I 138 -49.82 7.81 -26.47
CA PRO I 138 -49.63 6.39 -26.19
C PRO I 138 -48.21 6.16 -25.86
N THR I 139 -47.37 7.23 -25.73
CA THR I 139 -45.94 7.10 -25.46
C THR I 139 -45.66 7.42 -24.03
N MET I 140 -46.69 7.89 -23.31
CA MET I 140 -46.65 8.13 -21.89
C MET I 140 -47.40 6.98 -21.29
N LEU I 141 -48.14 6.25 -22.14
CA LEU I 141 -48.90 5.08 -21.78
C LEU I 141 -47.89 3.92 -21.72
N SER I 142 -47.01 3.80 -22.75
CA SER I 142 -45.96 2.78 -22.78
C SER I 142 -44.78 3.23 -21.93
N VAL J 1 -41.75 42.78 1.73
CA VAL J 1 -41.10 41.44 1.78
C VAL J 1 -39.63 41.71 1.52
N GLU J 2 -38.73 40.95 2.23
CA GLU J 2 -37.31 41.05 2.09
C GLU J 2 -36.78 39.69 2.50
N SER J 3 -37.67 38.65 2.49
CA SER J 3 -37.41 37.31 2.87
C SER J 3 -37.81 36.49 1.69
N SER J 4 -37.14 35.36 1.35
CA SER J 4 -35.94 34.80 1.95
C SER J 4 -35.30 33.94 0.93
N THR J 5 -35.76 34.11 -0.33
CA THR J 5 -35.54 33.29 -1.53
C THR J 5 -34.20 32.52 -1.51
N ASP J 6 -34.17 31.17 -1.72
CA ASP J 6 -35.26 30.30 -2.11
C ASP J 6 -36.08 29.75 -0.94
N GLY J 7 -35.84 30.27 0.28
CA GLY J 7 -36.40 29.76 1.49
C GLY J 7 -37.84 30.17 1.63
N GLN J 8 -38.13 31.47 1.33
CA GLN J 8 -39.48 32.04 1.29
C GLN J 8 -39.56 32.74 -0.03
N VAL J 9 -40.49 32.32 -0.90
CA VAL J 9 -40.62 32.93 -2.21
C VAL J 9 -42.08 33.29 -2.34
N VAL J 10 -42.41 34.57 -1.98
CA VAL J 10 -43.74 35.08 -2.14
C VAL J 10 -43.57 36.54 -2.45
N PRO J 11 -44.40 37.19 -3.27
CA PRO J 11 -44.38 38.64 -3.43
C PRO J 11 -45.35 39.24 -2.40
N GLN J 12 -46.29 38.40 -1.91
CA GLN J 12 -47.21 38.69 -0.87
C GLN J 12 -47.89 37.39 -0.60
N GLU J 13 -48.36 36.69 -1.67
CA GLU J 13 -49.03 35.41 -1.58
C GLU J 13 -48.59 34.65 -2.78
N VAL J 14 -48.66 33.29 -2.74
CA VAL J 14 -48.23 32.40 -3.80
C VAL J 14 -49.13 31.22 -3.70
N LEU J 15 -50.26 31.43 -3.02
CA LEU J 15 -51.29 30.41 -2.77
C LEU J 15 -52.30 30.43 -3.87
N ASN J 16 -52.00 31.19 -4.96
CA ASN J 16 -52.92 31.32 -6.05
C ASN J 16 -52.14 31.80 -7.25
N LEU J 17 -50.77 31.92 -7.13
CA LEU J 17 -49.92 32.34 -8.20
C LEU J 17 -48.97 31.17 -8.41
N PRO J 18 -48.67 30.67 -9.59
CA PRO J 18 -47.89 29.44 -9.78
C PRO J 18 -46.43 29.74 -9.65
N LEU J 19 -45.71 28.76 -9.05
CA LEU J 19 -44.31 28.86 -8.71
C LEU J 19 -43.80 27.43 -8.63
N GLU J 20 -42.50 27.22 -8.95
CA GLU J 20 -41.76 25.97 -8.79
C GLU J 20 -41.69 25.56 -7.34
N LYS J 21 -41.73 24.23 -7.05
CA LYS J 21 -41.74 23.65 -5.75
C LYS J 21 -40.47 24.00 -5.00
N ALA J 22 -39.32 23.94 -5.73
CA ALA J 22 -38.02 24.36 -5.27
C ALA J 22 -37.42 23.38 -4.27
N HIS J 23 -36.10 23.12 -4.41
CA HIS J 23 -35.40 22.17 -3.60
C HIS J 23 -33.96 22.66 -3.64
N GLU J 24 -33.15 22.16 -2.70
CA GLU J 24 -31.75 22.47 -2.56
C GLU J 24 -31.31 21.59 -1.44
N GLU J 25 -30.60 20.46 -1.67
CA GLU J 25 -30.33 19.82 -2.95
C GLU J 25 -30.13 18.33 -2.67
N ALA J 26 -30.10 17.92 -1.40
CA ALA J 26 -30.06 16.55 -1.00
C ALA J 26 -30.46 16.47 0.45
N ASP J 27 -30.68 17.66 1.07
CA ASP J 27 -31.08 17.79 2.46
C ASP J 27 -32.57 17.95 2.45
N ASP J 28 -33.07 18.91 1.65
CA ASP J 28 -34.46 19.27 1.51
C ASP J 28 -35.35 18.08 1.18
N TYR J 29 -34.86 17.18 0.27
CA TYR J 29 -35.58 16.01 -0.21
C TYR J 29 -35.87 15.02 0.92
N LEU J 30 -34.86 14.77 1.81
CA LEU J 30 -34.99 13.92 2.97
C LEU J 30 -35.96 14.46 3.99
N ASP J 31 -35.91 15.78 4.22
CA ASP J 31 -36.85 16.49 5.07
C ASP J 31 -38.28 16.33 4.57
N HIS J 32 -38.50 16.49 3.23
CA HIS J 32 -39.82 16.38 2.59
C HIS J 32 -40.47 15.04 2.71
N LEU J 33 -39.74 13.93 2.46
CA LEU J 33 -40.25 12.57 2.58
C LEU J 33 -40.62 12.24 4.00
N LEU J 34 -39.81 12.67 5.01
CA LEU J 34 -40.11 12.49 6.42
C LEU J 34 -41.34 13.23 6.86
N ASP J 35 -41.53 14.48 6.32
CA ASP J 35 -42.65 15.36 6.59
C ASP J 35 -43.97 14.80 6.14
N SER J 36 -43.96 14.21 4.90
CA SER J 36 -45.15 13.60 4.28
C SER J 36 -45.57 12.39 5.09
N LEU J 37 -44.59 11.59 5.55
CA LEU J 37 -44.77 10.34 6.28
C LEU J 37 -45.46 10.58 7.59
N GLU J 38 -45.07 11.68 8.27
CA GLU J 38 -45.60 12.12 9.54
C GLU J 38 -47.02 12.62 9.37
N GLU J 39 -47.31 13.42 8.32
CA GLU J 39 -48.63 13.98 8.01
C GLU J 39 -49.64 12.88 7.80
N LEU J 40 -49.26 11.91 6.97
CA LEU J 40 -50.08 10.78 6.58
C LEU J 40 -50.47 9.89 7.71
N SER J 41 -49.56 9.65 8.70
CA SER J 41 -49.87 8.70 9.74
C SER J 41 -50.29 9.34 11.03
N GLU J 42 -50.49 10.69 11.03
CA GLU J 42 -50.92 11.48 12.18
C GLU J 42 -52.29 11.06 12.69
N ALA J 43 -52.55 11.25 13.99
CA ALA J 43 -53.76 11.03 14.76
C ALA J 43 -53.83 9.59 15.21
N HIS J 44 -52.65 8.90 15.27
CA HIS J 44 -52.54 7.58 15.79
C HIS J 44 -51.15 7.49 16.35
N PRO J 45 -50.91 6.83 17.49
CA PRO J 45 -49.59 6.65 18.03
C PRO J 45 -49.20 5.18 17.90
N ASP J 46 -50.14 4.31 17.46
CA ASP J 46 -49.97 2.88 17.41
C ASP J 46 -49.68 2.46 15.99
N CYS J 47 -49.78 3.38 15.00
CA CYS J 47 -49.61 3.15 13.58
C CYS J 47 -48.21 2.74 13.26
N ILE J 48 -47.26 3.50 13.85
CA ILE J 48 -45.85 3.37 13.73
C ILE J 48 -45.40 3.42 15.18
N PRO J 49 -44.93 2.34 15.81
CA PRO J 49 -44.54 2.40 17.22
C PRO J 49 -43.22 3.11 17.40
N ASP J 50 -42.30 3.04 16.45
CA ASP J 50 -40.98 3.63 16.55
C ASP J 50 -40.47 3.92 15.14
N VAL J 51 -39.61 4.93 15.05
CA VAL J 51 -38.98 5.39 13.85
C VAL J 51 -37.57 5.62 14.34
N GLU J 52 -36.55 5.26 13.50
CA GLU J 52 -35.19 5.60 13.81
C GLU J 52 -34.54 6.11 12.53
N LEU J 53 -33.65 7.14 12.65
CA LEU J 53 -32.93 7.75 11.59
C LEU J 53 -31.49 7.60 11.96
N SER J 54 -30.77 6.85 11.05
CA SER J 54 -29.38 6.55 11.15
C SER J 54 -28.89 6.86 9.79
N HIS J 55 -27.58 7.14 9.68
CA HIS J 55 -26.95 7.67 8.48
C HIS J 55 -27.10 6.72 7.33
N GLY J 56 -27.64 7.27 6.19
CA GLY J 56 -27.83 6.58 4.94
C GLY J 56 -28.99 5.66 4.84
N VAL J 57 -29.93 5.66 5.81
CA VAL J 57 -31.07 4.75 5.78
C VAL J 57 -32.12 5.39 6.66
N MET J 58 -33.39 4.94 6.52
CA MET J 58 -34.42 5.34 7.41
C MET J 58 -35.29 4.12 7.61
N THR J 59 -35.49 3.81 8.91
CA THR J 59 -36.36 2.75 9.36
C THR J 59 -37.52 3.40 9.98
N LEU J 60 -38.70 2.80 9.74
CA LEU J 60 -39.92 3.11 10.44
C LEU J 60 -40.42 1.75 10.82
N GLU J 61 -40.30 1.36 12.09
CA GLU J 61 -40.76 0.08 12.60
C GLU J 61 -42.25 0.06 12.53
N ILE J 62 -42.83 -0.88 11.74
CA ILE J 62 -44.23 -0.96 11.47
C ILE J 62 -44.62 -2.44 11.50
N PRO J 63 -45.68 -2.83 12.20
CA PRO J 63 -46.05 -4.22 12.33
C PRO J 63 -47.27 -4.49 11.55
N ALA J 64 -47.74 -3.58 10.64
CA ALA J 64 -49.03 -3.79 10.00
C ALA J 64 -49.17 -2.95 8.78
N PHE J 65 -48.14 -2.22 8.38
CA PHE J 65 -48.20 -1.24 7.32
C PHE J 65 -47.37 -1.75 6.19
N GLY J 66 -47.18 -3.09 6.11
CA GLY J 66 -46.32 -3.71 5.10
C GLY J 66 -44.89 -3.42 5.43
N THR J 67 -44.07 -3.31 4.37
CA THR J 67 -42.65 -3.04 4.50
C THR J 67 -42.30 -1.97 3.49
N TYR J 68 -41.75 -0.85 4.03
CA TYR J 68 -41.27 0.20 3.21
C TYR J 68 -39.87 0.33 3.61
N VAL J 69 -38.92 0.10 2.68
CA VAL J 69 -37.52 0.23 2.98
C VAL J 69 -37.09 1.46 2.27
N ILE J 70 -36.49 2.38 3.08
CA ILE J 70 -35.96 3.59 2.61
C ILE J 70 -34.47 3.41 2.74
N ASN J 71 -33.72 3.64 1.62
CA ASN J 71 -32.31 3.34 1.53
C ASN J 71 -31.79 4.13 0.39
N LYS J 72 -30.47 4.34 0.33
CA LYS J 72 -29.80 4.99 -0.78
C LYS J 72 -29.53 3.94 -1.79
N GLN J 73 -29.44 4.39 -3.07
CA GLN J 73 -29.24 3.54 -4.19
C GLN J 73 -28.06 4.21 -4.83
N PRO J 74 -26.96 3.47 -5.18
CA PRO J 74 -25.73 4.07 -5.74
C PRO J 74 -25.99 4.94 -6.96
N PRO J 75 -25.21 5.99 -7.27
CA PRO J 75 -25.50 6.99 -8.27
C PRO J 75 -25.93 6.37 -9.57
N ASN J 76 -27.17 6.70 -9.95
CA ASN J 76 -27.99 6.13 -11.01
C ASN J 76 -29.24 5.66 -10.33
N LYS J 77 -30.30 6.48 -10.48
CA LYS J 77 -31.62 6.22 -9.94
C LYS J 77 -31.58 6.27 -8.46
N GLN J 78 -30.97 7.37 -7.92
CA GLN J 78 -30.66 7.47 -6.51
C GLN J 78 -31.90 7.49 -5.65
N ILE J 79 -31.78 6.85 -4.44
CA ILE J 79 -32.82 6.60 -3.48
C ILE J 79 -33.91 5.65 -4.02
N TRP J 80 -33.95 4.39 -3.49
CA TRP J 80 -34.92 3.43 -3.92
C TRP J 80 -35.88 3.11 -2.80
N LEU J 81 -37.19 3.18 -3.15
CA LEU J 81 -38.30 2.96 -2.26
C LEU J 81 -38.87 1.61 -2.63
N ALA J 82 -39.09 0.74 -1.59
CA ALA J 82 -39.57 -0.60 -1.81
C ALA J 82 -41.01 -0.72 -1.45
N SER J 83 -41.78 -1.22 -2.42
CA SER J 83 -43.22 -1.47 -2.35
C SER J 83 -43.38 -2.94 -2.13
N PRO J 84 -44.01 -3.45 -1.09
CA PRO J 84 -43.86 -4.85 -0.67
C PRO J 84 -44.65 -5.81 -1.55
N LEU J 85 -45.50 -5.33 -2.48
CA LEU J 85 -46.34 -6.19 -3.32
C LEU J 85 -46.04 -5.99 -4.82
N SER J 86 -44.87 -5.38 -5.18
CA SER J 86 -44.48 -5.09 -6.55
C SER J 86 -43.01 -4.86 -6.62
N GLY J 87 -42.32 -5.03 -5.45
CA GLY J 87 -40.91 -5.01 -5.40
C GLY J 87 -40.35 -3.63 -5.17
N PRO J 88 -39.04 -3.49 -5.29
CA PRO J 88 -38.36 -2.21 -5.16
C PRO J 88 -38.49 -1.44 -6.45
N ASN J 89 -38.61 -0.10 -6.36
CA ASN J 89 -38.61 0.78 -7.52
C ASN J 89 -37.55 1.76 -7.24
N ARG J 90 -36.86 2.23 -8.31
CA ARG J 90 -35.80 3.18 -8.19
C ARG J 90 -36.25 4.41 -8.87
N PHE J 91 -35.79 5.59 -8.40
CA PHE J 91 -36.43 6.87 -8.65
C PHE J 91 -35.35 7.78 -9.12
N ASP J 92 -35.65 8.68 -10.07
CA ASP J 92 -34.75 9.70 -10.47
C ASP J 92 -35.63 10.90 -10.61
N LEU J 93 -35.05 12.11 -10.39
CA LEU J 93 -35.63 13.44 -10.55
C LEU J 93 -36.14 13.62 -11.98
N LEU J 94 -37.33 14.29 -12.15
CA LEU J 94 -37.80 14.66 -13.46
C LEU J 94 -38.81 15.77 -13.35
N ASN J 95 -39.10 16.25 -12.14
CA ASN J 95 -39.97 17.38 -11.98
C ASN J 95 -39.61 18.17 -10.74
N GLY J 96 -38.37 18.02 -10.25
CA GLY J 96 -37.89 18.73 -9.10
C GLY J 96 -38.23 18.04 -7.80
N GLU J 97 -38.87 16.88 -7.92
CA GLU J 97 -39.14 16.01 -6.84
C GLU J 97 -39.10 14.66 -7.48
N TRP J 98 -38.66 13.58 -6.75
CA TRP J 98 -38.38 12.27 -7.30
C TRP J 98 -39.59 11.70 -8.01
N VAL J 99 -39.37 11.15 -9.22
CA VAL J 99 -40.43 10.68 -10.07
C VAL J 99 -40.11 9.27 -10.29
N SER J 100 -41.16 8.39 -10.20
CA SER J 100 -41.11 6.98 -10.34
C SER J 100 -40.75 6.72 -11.76
N LEU J 101 -39.94 5.66 -11.96
CA LEU J 101 -39.48 5.20 -13.23
C LEU J 101 -40.17 3.92 -13.54
N ARG J 102 -41.52 3.93 -13.58
CA ARG J 102 -42.31 2.77 -13.89
C ARG J 102 -43.67 3.29 -14.29
N ASN J 103 -44.01 4.57 -14.01
CA ASN J 103 -45.34 5.07 -14.33
C ASN J 103 -45.23 6.58 -14.61
N GLY J 104 -44.06 7.14 -14.22
CA GLY J 104 -43.73 8.56 -14.44
C GLY J 104 -44.50 9.48 -13.51
N THR J 105 -44.68 9.06 -12.26
CA THR J 105 -45.47 9.76 -11.29
C THR J 105 -44.74 9.86 -9.96
N LYS J 106 -44.92 10.99 -9.20
CA LYS J 106 -44.20 11.29 -7.97
C LYS J 106 -44.40 10.34 -6.78
N LEU J 107 -43.36 10.29 -5.89
CA LEU J 107 -43.27 9.41 -4.72
C LEU J 107 -44.17 9.88 -3.62
N THR J 108 -44.43 11.20 -3.54
CA THR J 108 -45.31 11.80 -2.54
C THR J 108 -46.65 11.13 -2.50
N ASP J 109 -47.24 10.88 -3.70
CA ASP J 109 -48.50 10.22 -3.94
C ASP J 109 -48.47 8.72 -3.55
N ILE J 110 -47.32 8.04 -3.75
CA ILE J 110 -47.12 6.66 -3.42
C ILE J 110 -47.29 6.47 -1.94
N LEU J 111 -46.70 7.41 -1.18
CA LEU J 111 -46.77 7.46 0.25
C LEU J 111 -48.17 7.69 0.72
N THR J 112 -48.89 8.69 0.13
CA THR J 112 -50.30 8.93 0.33
C THR J 112 -51.16 7.66 0.36
N GLU J 113 -51.25 6.92 -0.74
CA GLU J 113 -52.01 5.70 -0.81
C GLU J 113 -51.62 4.61 0.22
N GLU J 114 -50.32 4.22 0.22
CA GLU J 114 -49.98 3.06 1.00
C GLU J 114 -50.06 3.28 2.50
N VAL J 115 -49.74 4.47 2.98
CA VAL J 115 -49.84 4.83 4.38
C VAL J 115 -51.28 4.99 4.82
N GLU J 116 -52.15 5.67 4.03
CA GLU J 116 -53.47 6.03 4.46
C GLU J 116 -54.50 4.91 4.43
N LYS J 117 -54.32 3.93 3.52
CA LYS J 117 -55.08 2.70 3.51
C LYS J 117 -54.83 1.86 4.74
N ALA J 118 -53.66 2.00 5.40
CA ALA J 118 -53.33 1.20 6.53
C ALA J 118 -53.89 1.81 7.81
N ILE J 119 -53.71 3.15 8.08
CA ILE J 119 -54.31 3.83 9.24
C ILE J 119 -55.82 3.70 9.30
N SER J 120 -56.49 3.69 8.11
CA SER J 120 -57.92 3.52 7.98
C SER J 120 -58.39 2.23 8.57
N LYS J 121 -57.89 1.13 7.95
CA LYS J 121 -58.25 -0.21 8.35
C LYS J 121 -56.93 -0.96 8.39
N GLY K 1 -26.51 -9.91 -48.46
CA GLY K 1 -27.18 -9.18 -49.55
C GLY K 1 -27.47 -10.13 -50.66
N SER K 2 -28.63 -9.96 -51.30
CA SER K 2 -28.98 -10.77 -52.44
C SER K 2 -30.03 -10.03 -53.21
N HIS K 3 -30.20 -10.45 -54.51
CA HIS K 3 -31.14 -9.84 -55.45
C HIS K 3 -32.56 -10.16 -55.07
N MET K 4 -33.46 -9.28 -55.45
CA MET K 4 -34.90 -9.32 -55.26
C MET K 4 -35.54 -10.31 -56.18
N SER K 5 -35.35 -10.32 -57.54
CA SER K 5 -34.60 -9.47 -58.41
C SER K 5 -35.54 -8.39 -58.83
N SER K 6 -35.06 -7.16 -58.87
CA SER K 6 -35.88 -6.03 -59.27
C SER K 6 -34.94 -5.04 -59.94
N ILE K 7 -33.78 -5.54 -60.37
CA ILE K 7 -32.85 -4.79 -61.16
C ILE K 7 -33.06 -5.42 -62.51
N THR K 8 -33.78 -4.66 -63.38
CA THR K 8 -34.19 -4.99 -64.73
C THR K 8 -35.02 -6.26 -64.81
N LYS K 9 -35.84 -6.53 -63.75
CA LYS K 9 -36.77 -7.66 -63.67
C LYS K 9 -38.00 -7.15 -62.97
N ARG K 10 -39.23 -7.41 -63.49
CA ARG K 10 -39.56 -8.06 -64.72
C ARG K 10 -40.82 -7.42 -65.18
N LEU K 11 -40.94 -7.27 -66.53
CA LEU K 11 -42.00 -6.62 -67.26
C LEU K 11 -42.07 -5.10 -67.08
N TYR K 12 -41.35 -4.52 -66.11
CA TYR K 12 -41.28 -3.08 -65.83
C TYR K 12 -40.30 -2.33 -66.74
N HIS K 13 -39.04 -2.76 -66.99
CA HIS K 13 -38.25 -3.81 -66.35
C HIS K 13 -37.61 -3.41 -65.03
N PRO K 14 -37.01 -2.23 -64.81
CA PRO K 14 -36.51 -1.86 -63.49
C PRO K 14 -37.56 -0.97 -62.90
N LYS K 15 -37.80 -1.09 -61.58
CA LYS K 15 -38.67 -0.27 -60.74
C LYS K 15 -40.12 -0.45 -61.03
N VAL K 16 -40.92 -0.56 -59.95
CA VAL K 16 -42.36 -0.62 -59.91
C VAL K 16 -42.94 0.65 -60.43
N ILE K 17 -42.31 1.83 -60.08
CA ILE K 17 -42.73 3.16 -60.43
C ILE K 17 -42.68 3.30 -61.93
N GLU K 18 -41.65 2.77 -62.60
CA GLU K 18 -41.53 2.85 -64.05
C GLU K 18 -42.69 2.17 -64.75
N HIS K 19 -43.13 0.99 -64.24
CA HIS K 19 -44.26 0.29 -64.81
C HIS K 19 -45.53 1.10 -64.70
N TYR K 20 -45.78 1.73 -63.51
CA TYR K 20 -46.97 2.51 -63.24
C TYR K 20 -47.06 3.73 -64.12
N THR K 21 -45.97 4.45 -64.29
CA THR K 21 -45.95 5.68 -65.01
C THR K 21 -44.87 5.63 -66.03
N HIS K 22 -45.11 5.89 -67.34
CA HIS K 22 -46.33 6.20 -68.09
C HIS K 22 -46.99 7.48 -67.63
N PRO K 23 -46.44 8.66 -67.84
CA PRO K 23 -45.26 9.03 -68.63
C PRO K 23 -43.99 8.73 -67.87
N ARG K 24 -42.92 8.32 -68.62
CA ARG K 24 -41.62 8.06 -68.01
C ARG K 24 -40.57 8.84 -68.79
N ASN K 25 -40.00 9.91 -68.21
CA ASN K 25 -40.38 10.63 -67.01
C ASN K 25 -41.68 11.41 -67.22
N VAL K 26 -41.95 12.15 -68.32
CA VAL K 26 -41.15 12.57 -69.45
C VAL K 26 -40.32 13.77 -69.08
N GLY K 27 -40.89 14.70 -68.31
CA GLY K 27 -40.20 15.86 -67.78
C GLY K 27 -41.26 16.86 -67.50
N SER K 28 -42.50 16.45 -67.19
CA SER K 28 -43.58 17.35 -66.87
C SER K 28 -44.46 16.66 -65.84
N LEU K 29 -43.96 15.56 -65.21
CA LEU K 29 -44.71 14.79 -64.26
C LEU K 29 -44.92 15.60 -62.99
N ASP K 30 -46.07 15.36 -62.31
CA ASP K 30 -46.39 16.05 -61.09
C ASP K 30 -47.07 14.99 -60.26
N LYS K 31 -47.02 15.14 -58.92
CA LYS K 31 -47.69 14.25 -58.05
C LYS K 31 -48.90 15.05 -57.60
N LYS K 32 -50.07 14.63 -58.07
CA LYS K 32 -51.30 15.33 -57.85
C LYS K 32 -52.40 14.35 -58.07
N LEU K 33 -53.63 14.56 -57.53
CA LEU K 33 -54.01 15.61 -56.61
C LEU K 33 -53.84 15.19 -55.16
N PRO K 34 -54.36 14.09 -54.59
CA PRO K 34 -54.24 13.84 -53.15
C PRO K 34 -52.96 13.16 -52.79
N ASN K 35 -52.58 13.28 -51.50
CA ASN K 35 -51.40 12.69 -50.88
C ASN K 35 -51.69 12.70 -49.40
N VAL K 36 -51.06 11.75 -48.66
CA VAL K 36 -51.28 11.58 -47.22
C VAL K 36 -50.73 12.83 -46.47
N GLY K 37 -49.52 13.28 -46.83
CA GLY K 37 -48.89 14.47 -46.25
C GLY K 37 -48.00 13.97 -45.18
N THR K 38 -46.78 13.53 -45.58
CA THR K 38 -45.74 13.02 -44.71
C THR K 38 -44.48 13.42 -45.38
N GLY K 39 -43.33 13.26 -44.67
CA GLY K 39 -42.00 13.58 -45.12
C GLY K 39 -41.61 13.11 -46.49
N LEU K 40 -40.76 13.87 -47.19
CA LEU K 40 -40.20 13.54 -48.47
C LEU K 40 -38.74 14.00 -48.35
N VAL K 41 -37.85 13.21 -48.96
CA VAL K 41 -36.45 13.52 -48.92
C VAL K 41 -35.96 12.96 -50.22
N GLY K 42 -34.91 13.57 -50.79
CA GLY K 42 -34.30 13.12 -51.99
C GLY K 42 -33.16 14.04 -52.27
N ALA K 43 -32.08 13.40 -52.78
CA ALA K 43 -30.87 14.06 -53.13
C ALA K 43 -30.67 13.79 -54.58
N PRO K 44 -30.48 14.78 -55.43
CA PRO K 44 -30.16 14.58 -56.85
C PRO K 44 -28.67 14.33 -56.92
N ALA K 45 -27.93 14.47 -55.81
CA ALA K 45 -26.52 14.15 -55.72
C ALA K 45 -26.27 12.69 -55.79
N CYS K 46 -27.10 11.92 -55.02
CA CYS K 46 -27.03 10.50 -54.93
C CYS K 46 -28.07 9.90 -55.88
N GLY K 47 -28.96 10.75 -56.47
CA GLY K 47 -29.94 10.43 -57.47
C GLY K 47 -31.16 9.68 -56.99
N ASP K 48 -31.29 9.43 -55.67
CA ASP K 48 -32.38 8.68 -55.11
C ASP K 48 -33.32 9.61 -54.41
N VAL K 49 -34.59 9.15 -54.24
CA VAL K 49 -35.65 9.89 -53.64
C VAL K 49 -36.46 8.82 -53.00
N MET K 50 -36.97 9.09 -51.77
CA MET K 50 -37.89 8.21 -51.08
C MET K 50 -38.91 9.06 -50.41
N ARG K 51 -40.18 8.59 -50.47
CA ARG K 51 -41.27 9.17 -49.77
C ARG K 51 -41.91 8.09 -49.01
N LEU K 52 -42.07 8.29 -47.70
CA LEU K 52 -42.71 7.33 -46.85
C LEU K 52 -43.93 7.96 -46.29
N GLN K 53 -45.11 7.35 -46.43
CA GLN K 53 -46.35 7.82 -45.91
C GLN K 53 -46.83 6.80 -44.93
N ILE K 54 -46.88 7.21 -43.63
CA ILE K 54 -47.36 6.43 -42.50
C ILE K 54 -48.83 6.68 -42.37
N LYS K 55 -49.55 5.65 -41.82
CA LYS K 55 -50.85 5.81 -41.23
C LYS K 55 -50.63 5.28 -39.82
N VAL K 56 -51.23 5.97 -38.79
CA VAL K 56 -50.97 5.64 -37.41
C VAL K 56 -52.33 5.69 -36.73
N ASN K 57 -52.63 4.61 -35.92
CA ASN K 57 -53.79 4.55 -35.10
C ASN K 57 -53.33 5.19 -33.82
N ASP K 58 -53.98 6.30 -33.44
CA ASP K 58 -53.56 7.14 -32.34
C ASP K 58 -53.67 6.43 -31.01
N SER K 59 -54.81 5.72 -30.84
CA SER K 59 -55.22 5.13 -29.60
C SER K 59 -54.33 4.02 -29.09
N THR K 60 -53.95 3.06 -29.98
CA THR K 60 -53.10 1.94 -29.60
C THR K 60 -51.66 2.28 -29.74
N GLY K 61 -51.35 3.18 -30.69
CA GLY K 61 -50.01 3.61 -30.99
C GLY K 61 -49.41 2.71 -32.02
N VAL K 62 -50.24 2.07 -32.87
CA VAL K 62 -49.83 1.00 -33.73
C VAL K 62 -49.88 1.57 -35.12
N ILE K 63 -48.85 1.23 -35.96
CA ILE K 63 -48.74 1.66 -37.31
C ILE K 63 -49.63 0.75 -38.12
N GLU K 64 -50.73 1.33 -38.65
CA GLU K 64 -51.74 0.65 -39.41
C GLU K 64 -51.19 0.20 -40.74
N ASP K 65 -50.48 1.12 -41.40
CA ASP K 65 -49.95 0.92 -42.74
C ASP K 65 -48.82 1.86 -42.85
N VAL K 66 -47.87 1.52 -43.73
CA VAL K 66 -46.86 2.44 -44.18
C VAL K 66 -46.44 1.92 -45.54
N LYS K 67 -46.51 2.77 -46.57
CA LYS K 67 -46.19 2.41 -47.92
C LYS K 67 -45.07 3.35 -48.26
N PHE K 68 -44.31 3.04 -49.33
CA PHE K 68 -43.10 3.70 -49.68
C PHE K 68 -43.14 4.00 -51.16
N LYS K 69 -42.26 4.94 -51.64
CA LYS K 69 -41.94 5.08 -53.02
C LYS K 69 -40.43 4.97 -53.05
N THR K 70 -39.88 4.20 -54.00
CA THR K 70 -38.44 4.01 -54.13
C THR K 70 -38.09 4.47 -55.51
N PHE K 71 -37.21 5.48 -55.59
CA PHE K 71 -36.67 5.97 -56.84
C PHE K 71 -35.19 5.80 -56.67
N GLY K 72 -34.55 5.03 -57.55
CA GLY K 72 -33.15 4.77 -57.48
C GLY K 72 -32.99 3.33 -57.87
N CYS K 73 -31.98 2.66 -57.26
CA CYS K 73 -31.63 1.27 -57.49
C CYS K 73 -32.73 0.28 -57.13
N GLY K 74 -32.72 -0.85 -57.81
CA GLY K 74 -33.59 -1.97 -57.54
C GLY K 74 -33.36 -2.57 -56.19
N SER K 75 -32.06 -2.60 -55.78
CA SER K 75 -31.55 -3.05 -54.48
C SER K 75 -32.20 -2.32 -53.32
N ALA K 76 -32.50 -1.01 -53.52
CA ALA K 76 -33.05 -0.13 -52.54
C ALA K 76 -34.45 -0.49 -52.15
N ILE K 77 -35.20 -1.15 -53.11
CA ILE K 77 -36.60 -1.52 -52.98
C ILE K 77 -36.78 -2.48 -51.81
N ALA K 78 -35.87 -3.48 -51.69
CA ALA K 78 -35.89 -4.49 -50.68
C ALA K 78 -35.76 -3.99 -49.28
N SER K 79 -34.98 -2.90 -49.06
CA SER K 79 -34.72 -2.32 -47.78
C SER K 79 -35.95 -1.64 -47.31
N SER K 80 -36.61 -0.87 -48.19
CA SER K 80 -37.83 -0.20 -47.95
C SER K 80 -38.93 -1.17 -47.63
N SER K 81 -39.06 -2.30 -48.41
CA SER K 81 -40.03 -3.38 -48.21
C SER K 81 -39.93 -3.97 -46.80
N TYR K 82 -38.71 -4.43 -46.40
CA TYR K 82 -38.51 -5.09 -45.15
C TYR K 82 -38.76 -4.18 -43.95
N MET K 83 -38.38 -2.87 -44.05
CA MET K 83 -38.60 -1.91 -43.00
C MET K 83 -40.10 -1.69 -42.74
N THR K 84 -40.91 -1.53 -43.82
CA THR K 84 -42.33 -1.28 -43.72
C THR K 84 -43.06 -2.47 -43.17
N GLU K 85 -42.62 -3.71 -43.50
CA GLU K 85 -43.12 -4.94 -42.91
C GLU K 85 -43.05 -4.96 -41.42
N LEU K 86 -41.84 -4.69 -40.90
CA LEU K 86 -41.57 -4.78 -39.48
C LEU K 86 -42.43 -3.87 -38.66
N VAL K 87 -42.42 -2.55 -38.96
CA VAL K 87 -43.06 -1.54 -38.15
C VAL K 87 -44.54 -1.64 -38.14
N GLN K 88 -45.20 -2.25 -39.16
CA GLN K 88 -46.60 -2.50 -39.19
C GLN K 88 -46.91 -3.65 -38.32
N GLY K 89 -48.03 -3.54 -37.55
CA GLY K 89 -48.48 -4.51 -36.60
C GLY K 89 -47.74 -4.35 -35.28
N MET K 90 -46.88 -3.31 -35.19
CA MET K 90 -46.00 -3.08 -34.09
C MET K 90 -46.15 -1.64 -33.69
N THR K 91 -45.68 -1.40 -32.45
CA THR K 91 -45.70 -0.17 -31.72
C THR K 91 -44.91 0.93 -32.40
N LEU K 92 -45.26 2.20 -32.09
CA LEU K 92 -44.71 3.45 -32.61
C LEU K 92 -43.26 3.56 -32.29
N ASP K 93 -42.82 3.08 -31.09
CA ASP K 93 -41.46 3.14 -30.60
C ASP K 93 -40.52 2.38 -31.54
N ASP K 94 -40.97 1.20 -32.03
CA ASP K 94 -40.24 0.39 -33.01
C ASP K 94 -40.07 1.14 -34.31
N ALA K 95 -41.14 1.84 -34.76
CA ALA K 95 -41.13 2.63 -35.97
C ALA K 95 -40.17 3.75 -35.92
N ALA K 96 -40.08 4.40 -34.75
CA ALA K 96 -39.22 5.53 -34.52
C ALA K 96 -37.77 5.15 -34.59
N LYS K 97 -36.90 6.16 -34.84
CA LYS K 97 -35.45 6.18 -34.93
C LYS K 97 -34.74 5.25 -35.85
N ILE K 98 -35.42 4.65 -36.86
CA ILE K 98 -34.81 3.60 -37.64
C ILE K 98 -33.62 4.07 -38.43
N LYS K 99 -32.43 3.46 -38.06
CA LYS K 99 -31.15 3.63 -38.65
C LYS K 99 -31.25 3.08 -40.10
N ASN K 100 -30.42 3.54 -41.09
CA ASN K 100 -29.17 4.30 -41.15
C ASN K 100 -28.27 3.15 -41.48
N THR K 101 -27.55 2.59 -40.48
CA THR K 101 -26.61 1.51 -40.63
C THR K 101 -27.31 0.25 -41.10
N GLU K 102 -28.50 -0.06 -40.55
CA GLU K 102 -29.25 -1.25 -40.84
C GLU K 102 -29.61 -1.43 -42.30
N ILE K 103 -30.10 -0.36 -42.98
CA ILE K 103 -30.32 -0.23 -44.40
C ILE K 103 -29.16 -0.72 -45.25
N ALA K 104 -27.96 -0.22 -44.89
CA ALA K 104 -26.68 -0.54 -45.51
C ALA K 104 -26.29 -1.99 -45.29
N LYS K 105 -26.58 -2.53 -44.10
CA LYS K 105 -26.28 -3.84 -43.64
C LYS K 105 -27.01 -4.87 -44.48
N GLU K 106 -28.29 -4.59 -44.90
CA GLU K 106 -29.14 -5.37 -45.77
C GLU K 106 -28.58 -5.52 -47.17
N LEU K 107 -27.95 -4.43 -47.69
CA LEU K 107 -27.17 -4.39 -48.91
C LEU K 107 -25.95 -5.28 -48.80
N SER K 108 -25.32 -5.29 -47.61
CA SER K 108 -24.20 -6.12 -47.15
C SER K 108 -23.09 -5.16 -46.82
N LEU K 109 -22.87 -5.10 -45.47
CA LEU K 109 -21.90 -4.28 -44.79
C LEU K 109 -22.29 -2.80 -44.88
N PRO K 110 -22.32 -2.03 -43.77
CA PRO K 110 -22.46 -0.59 -43.86
C PRO K 110 -21.09 -0.02 -44.06
N PRO K 111 -20.86 1.11 -44.67
CA PRO K 111 -19.59 1.76 -44.73
C PRO K 111 -19.32 2.50 -43.46
N VAL K 112 -20.38 2.75 -42.62
CA VAL K 112 -20.40 3.59 -41.46
C VAL K 112 -20.27 5.03 -41.92
N LYS K 113 -21.06 5.38 -42.98
CA LYS K 113 -21.22 6.75 -43.36
C LYS K 113 -22.60 6.86 -43.90
N LEU K 114 -23.14 5.70 -44.30
CA LEU K 114 -24.39 5.50 -45.01
C LEU K 114 -24.13 5.73 -46.48
N HIS K 115 -24.66 4.84 -47.35
CA HIS K 115 -24.34 4.81 -48.76
C HIS K 115 -25.05 5.86 -49.52
N CYS K 116 -26.08 6.51 -48.91
CA CYS K 116 -26.95 7.53 -49.41
C CYS K 116 -27.77 7.09 -50.59
N SER K 117 -27.89 5.77 -50.89
CA SER K 117 -28.66 5.25 -51.99
C SER K 117 -30.02 4.90 -51.50
N MET K 118 -30.23 5.01 -50.18
CA MET K 118 -31.49 4.77 -49.52
C MET K 118 -31.56 5.80 -48.44
N LEU K 119 -32.48 6.77 -48.56
CA LEU K 119 -32.67 7.90 -47.66
C LEU K 119 -33.81 7.70 -46.68
N ALA K 120 -34.37 6.45 -46.62
CA ALA K 120 -35.41 5.94 -45.72
C ALA K 120 -35.32 6.39 -44.31
N GLU K 121 -34.10 6.54 -43.80
CA GLU K 121 -33.76 6.99 -42.47
C GLU K 121 -34.22 8.42 -42.24
N ASP K 122 -33.84 9.35 -43.16
CA ASP K 122 -34.26 10.74 -43.11
C ASP K 122 -35.77 10.93 -43.28
N ALA K 123 -36.40 10.07 -44.09
CA ALA K 123 -37.82 10.07 -44.38
C ALA K 123 -38.67 9.73 -43.21
N ILE K 124 -38.27 8.65 -42.51
CA ILE K 124 -38.93 8.18 -41.31
C ILE K 124 -38.78 9.19 -40.15
N LYS K 125 -37.60 9.85 -39.99
CA LYS K 125 -37.34 10.87 -38.98
C LYS K 125 -38.34 12.03 -39.10
N ALA K 126 -38.59 12.52 -40.36
CA ALA K 126 -39.59 13.53 -40.67
C ALA K 126 -40.96 13.12 -40.27
N ALA K 127 -41.32 11.86 -40.62
CA ALA K 127 -42.60 11.26 -40.36
C ALA K 127 -42.95 11.16 -38.92
N ILE K 128 -42.00 10.75 -38.05
CA ILE K 128 -42.25 10.55 -36.63
C ILE K 128 -42.32 11.82 -35.84
N LYS K 129 -41.53 12.83 -36.29
CA LYS K 129 -41.54 14.19 -35.74
C LYS K 129 -42.88 14.85 -35.93
N ASP K 130 -43.46 14.68 -37.17
CA ASP K 130 -44.75 15.16 -37.60
C ASP K 130 -45.83 14.56 -36.77
N TYR K 131 -45.70 13.25 -36.43
CA TYR K 131 -46.61 12.50 -35.59
C TYR K 131 -46.65 13.07 -34.18
N LYS K 132 -45.51 13.51 -33.58
CA LYS K 132 -45.42 14.06 -32.25
C LYS K 132 -46.24 15.32 -32.12
N SER K 133 -46.23 16.19 -33.17
CA SER K 133 -47.06 17.36 -33.24
C SER K 133 -48.52 16.99 -33.21
N LYS K 134 -48.98 16.02 -34.03
CA LYS K 134 -50.37 15.58 -34.06
C LYS K 134 -50.79 14.89 -32.79
N ARG K 135 -49.83 14.32 -32.01
CA ARG K 135 -50.12 13.61 -30.79
C ARG K 135 -50.27 14.60 -29.67
N ASN K 136 -49.87 15.85 -29.93
CA ASN K 136 -50.10 16.97 -29.06
C ASN K 136 -49.20 16.99 -27.87
N THR K 137 -47.88 16.93 -28.12
CA THR K 137 -46.85 17.05 -27.09
C THR K 137 -45.62 17.68 -27.78
N PRO K 138 -45.43 19.00 -27.78
CA PRO K 138 -44.31 19.66 -28.44
C PRO K 138 -43.03 19.44 -27.66
N THR K 139 -43.13 19.06 -26.36
CA THR K 139 -42.08 18.87 -25.44
C THR K 139 -41.24 17.68 -25.78
N MET K 140 -41.78 16.57 -26.33
CA MET K 140 -41.08 15.36 -26.63
C MET K 140 -40.48 15.47 -27.98
N LEU K 141 -40.86 16.50 -28.79
CA LEU K 141 -40.33 16.83 -30.10
C LEU K 141 -38.94 17.44 -29.93
N SER K 142 -38.81 18.44 -29.01
CA SER K 142 -37.57 19.11 -28.68
C SER K 142 -36.74 18.26 -27.70
N VAL L 1 -53.38 -18.98 -8.76
CA VAL L 1 -53.21 -19.58 -7.40
C VAL L 1 -52.36 -18.75 -6.52
N GLU L 2 -52.47 -18.95 -5.17
CA GLU L 2 -51.81 -18.16 -4.15
C GLU L 2 -50.31 -18.24 -4.21
N SER L 3 -49.69 -17.10 -3.77
CA SER L 3 -48.27 -16.83 -3.66
C SER L 3 -47.57 -16.67 -5.02
N SER L 4 -46.51 -15.83 -5.12
CA SER L 4 -45.97 -14.86 -4.19
C SER L 4 -46.46 -13.55 -4.65
N THR L 5 -45.77 -12.92 -5.63
CA THR L 5 -46.16 -11.73 -6.34
C THR L 5 -45.17 -11.66 -7.49
N ASP L 6 -45.56 -11.06 -8.68
CA ASP L 6 -46.86 -10.56 -9.04
C ASP L 6 -47.37 -11.44 -10.15
N GLY L 7 -46.44 -12.00 -10.97
CA GLY L 7 -46.78 -12.82 -12.10
C GLY L 7 -47.48 -14.07 -11.70
N GLN L 8 -47.00 -14.70 -10.60
CA GLN L 8 -47.50 -15.97 -10.11
C GLN L 8 -48.95 -15.99 -9.70
N VAL L 9 -49.37 -14.90 -8.98
CA VAL L 9 -50.69 -14.75 -8.40
C VAL L 9 -51.87 -14.70 -9.37
N VAL L 10 -51.75 -14.01 -10.53
CA VAL L 10 -52.81 -13.79 -11.49
C VAL L 10 -53.60 -15.04 -11.89
N PRO L 11 -54.86 -14.96 -12.34
CA PRO L 11 -55.64 -16.14 -12.62
C PRO L 11 -55.34 -16.66 -13.99
N GLN L 12 -54.48 -16.00 -14.76
CA GLN L 12 -54.07 -16.33 -16.11
C GLN L 12 -55.20 -16.14 -17.07
N GLU L 13 -55.87 -14.99 -17.00
CA GLU L 13 -56.91 -14.65 -17.97
C GLU L 13 -57.11 -13.19 -17.89
N VAL L 14 -56.20 -12.45 -17.14
CA VAL L 14 -56.17 -11.03 -16.99
C VAL L 14 -54.91 -10.57 -17.69
N LEU L 15 -54.24 -11.51 -18.44
CA LEU L 15 -52.98 -11.35 -19.10
C LEU L 15 -53.07 -10.38 -20.24
N ASN L 16 -54.17 -10.47 -21.01
CA ASN L 16 -54.46 -9.68 -22.17
C ASN L 16 -54.80 -8.28 -21.76
N LEU L 17 -55.50 -8.18 -20.61
CA LEU L 17 -55.94 -6.95 -20.04
C LEU L 17 -54.77 -6.34 -19.32
N PRO L 18 -54.65 -5.03 -19.15
CA PRO L 18 -53.45 -4.32 -18.68
C PRO L 18 -53.00 -4.79 -17.32
N LEU L 19 -51.69 -5.14 -17.24
CA LEU L 19 -50.99 -5.54 -16.02
C LEU L 19 -49.68 -4.77 -16.00
N GLU L 20 -49.00 -4.80 -14.83
CA GLU L 20 -47.71 -4.17 -14.66
C GLU L 20 -46.71 -5.26 -14.52
N LYS L 21 -45.59 -5.17 -15.28
CA LYS L 21 -44.56 -6.20 -15.30
C LYS L 21 -43.80 -6.21 -14.00
N ALA L 22 -43.41 -4.98 -13.50
CA ALA L 22 -42.68 -4.79 -12.27
C ALA L 22 -41.24 -5.25 -12.45
N HIS L 23 -40.34 -4.68 -11.60
CA HIS L 23 -38.93 -4.99 -11.68
C HIS L 23 -38.70 -6.41 -11.27
N GLU L 24 -39.09 -6.77 -10.02
CA GLU L 24 -38.91 -8.10 -9.49
C GLU L 24 -37.48 -8.65 -9.53
N GLU L 25 -36.52 -8.10 -8.74
CA GLU L 25 -36.63 -6.99 -7.79
C GLU L 25 -35.99 -5.79 -8.37
N ALA L 26 -34.96 -5.97 -9.21
CA ALA L 26 -34.29 -4.94 -9.94
C ALA L 26 -33.17 -5.62 -10.67
N ASP L 27 -33.02 -6.97 -10.54
CA ASP L 27 -32.08 -7.72 -11.35
C ASP L 27 -32.47 -7.66 -12.79
N ASP L 28 -33.80 -7.81 -13.05
CA ASP L 28 -34.69 -7.54 -14.16
C ASP L 28 -34.12 -7.23 -15.53
N TYR L 29 -33.15 -6.29 -15.60
CA TYR L 29 -32.51 -5.76 -16.77
C TYR L 29 -31.74 -6.83 -17.48
N LEU L 30 -31.02 -7.70 -16.73
CA LEU L 30 -30.25 -8.78 -17.25
C LEU L 30 -31.13 -9.81 -17.93
N ASP L 31 -32.31 -10.12 -17.30
CA ASP L 31 -33.25 -11.07 -17.82
C ASP L 31 -33.84 -10.62 -19.12
N HIS L 32 -34.24 -9.31 -19.21
CA HIS L 32 -34.85 -8.75 -20.38
C HIS L 32 -33.89 -8.72 -21.56
N LEU L 33 -32.63 -8.35 -21.27
CA LEU L 33 -31.56 -8.32 -22.25
C LEU L 33 -31.25 -9.67 -22.76
N LEU L 34 -31.26 -10.72 -21.88
CA LEU L 34 -31.06 -12.10 -22.25
C LEU L 34 -32.08 -12.59 -23.23
N ASP L 35 -33.37 -12.24 -23.03
CA ASP L 35 -34.47 -12.58 -23.91
C ASP L 35 -34.22 -12.03 -25.30
N SER L 36 -33.86 -10.72 -25.37
CA SER L 36 -33.58 -10.00 -26.63
C SER L 36 -32.47 -10.65 -27.37
N LEU L 37 -31.40 -10.99 -26.61
CA LEU L 37 -30.17 -11.62 -27.02
C LEU L 37 -30.35 -12.97 -27.67
N GLU L 38 -31.24 -13.81 -27.09
CA GLU L 38 -31.65 -15.08 -27.65
C GLU L 38 -32.30 -14.92 -29.01
N GLU L 39 -33.16 -13.90 -29.24
CA GLU L 39 -33.80 -13.63 -30.53
C GLU L 39 -32.73 -13.37 -31.55
N LEU L 40 -31.73 -12.52 -31.19
CA LEU L 40 -30.60 -12.16 -32.02
C LEU L 40 -29.71 -13.34 -32.36
N SER L 41 -29.65 -14.36 -31.48
CA SER L 41 -28.71 -15.44 -31.58
C SER L 41 -28.93 -16.29 -32.82
N GLU L 42 -30.23 -16.54 -33.18
CA GLU L 42 -30.49 -17.51 -34.23
C GLU L 42 -31.80 -17.09 -34.85
N ALA L 43 -31.89 -17.43 -36.15
CA ALA L 43 -32.92 -17.14 -37.10
C ALA L 43 -32.19 -16.69 -38.34
N HIS L 44 -30.86 -16.54 -38.23
CA HIS L 44 -29.97 -16.37 -39.36
C HIS L 44 -29.09 -17.60 -39.39
N PRO L 45 -29.00 -18.36 -40.48
CA PRO L 45 -28.15 -19.54 -40.53
C PRO L 45 -26.82 -19.18 -41.01
N ASP L 46 -26.65 -17.92 -41.51
CA ASP L 46 -25.46 -17.50 -42.19
C ASP L 46 -24.79 -16.42 -41.37
N CYS L 47 -25.40 -15.95 -40.27
CA CYS L 47 -24.82 -14.89 -39.48
C CYS L 47 -24.97 -15.25 -38.02
N ILE L 48 -24.24 -14.50 -37.21
CA ILE L 48 -24.17 -14.59 -35.76
C ILE L 48 -23.38 -15.83 -35.39
N PRO L 49 -22.05 -15.88 -35.45
CA PRO L 49 -21.29 -17.08 -35.23
C PRO L 49 -21.25 -17.47 -33.78
N ASP L 50 -21.14 -16.53 -32.81
CA ASP L 50 -21.02 -16.93 -31.45
C ASP L 50 -21.78 -15.98 -30.63
N VAL L 51 -22.37 -16.45 -29.51
CA VAL L 51 -22.93 -15.62 -28.45
C VAL L 51 -22.22 -16.20 -27.28
N GLU L 52 -21.67 -15.32 -26.43
CA GLU L 52 -20.88 -15.72 -25.31
C GLU L 52 -21.48 -15.08 -24.11
N LEU L 53 -21.59 -15.89 -23.06
CA LEU L 53 -22.00 -15.41 -21.76
C LEU L 53 -20.82 -15.83 -20.92
N SER L 54 -20.19 -14.84 -20.27
CA SER L 54 -18.97 -14.98 -19.51
C SER L 54 -19.23 -14.46 -18.13
N HIS L 55 -20.43 -14.84 -17.63
CA HIS L 55 -21.05 -14.43 -16.40
C HIS L 55 -21.49 -13.00 -16.58
N GLY L 56 -20.80 -12.05 -15.91
CA GLY L 56 -21.24 -10.64 -15.85
C GLY L 56 -20.97 -9.91 -17.10
N VAL L 57 -19.80 -10.13 -17.75
CA VAL L 57 -19.41 -9.50 -19.00
C VAL L 57 -20.02 -10.30 -20.13
N MET L 58 -20.28 -9.69 -21.29
CA MET L 58 -21.08 -10.30 -22.32
C MET L 58 -20.51 -9.86 -23.62
N THR L 59 -20.14 -10.84 -24.45
CA THR L 59 -19.60 -10.64 -25.77
C THR L 59 -20.58 -11.21 -26.74
N LEU L 60 -20.85 -10.49 -27.86
CA LEU L 60 -21.68 -11.04 -28.94
C LEU L 60 -20.92 -10.80 -30.23
N GLU L 61 -20.34 -11.88 -30.73
CA GLU L 61 -19.69 -11.99 -32.02
C GLU L 61 -20.70 -11.98 -33.13
N ILE L 62 -20.55 -11.03 -34.05
CA ILE L 62 -21.47 -10.87 -35.17
C ILE L 62 -20.57 -10.58 -36.34
N PRO L 63 -20.83 -11.20 -37.53
CA PRO L 63 -19.92 -11.24 -38.68
C PRO L 63 -19.82 -9.92 -39.37
N ALA L 64 -19.21 -9.90 -40.57
CA ALA L 64 -18.77 -8.80 -41.37
C ALA L 64 -19.85 -7.83 -41.66
N PHE L 65 -19.76 -6.65 -41.03
CA PHE L 65 -20.73 -5.59 -40.86
C PHE L 65 -20.44 -5.08 -39.49
N GLY L 66 -20.71 -3.76 -39.22
CA GLY L 66 -20.46 -3.08 -38.00
C GLY L 66 -20.86 -3.87 -36.76
N THR L 67 -19.91 -3.95 -35.77
CA THR L 67 -20.13 -4.82 -34.65
C THR L 67 -20.19 -3.98 -33.44
N TYR L 68 -21.19 -4.32 -32.60
CA TYR L 68 -21.46 -3.64 -31.39
C TYR L 68 -21.39 -4.67 -30.31
N VAL L 69 -21.00 -4.25 -29.09
CA VAL L 69 -21.01 -5.07 -27.91
C VAL L 69 -21.74 -4.26 -26.88
N ILE L 70 -22.77 -4.85 -26.25
CA ILE L 70 -23.55 -4.27 -25.22
C ILE L 70 -23.35 -5.13 -24.02
N ASN L 71 -23.24 -4.49 -22.83
CA ASN L 71 -23.13 -5.19 -21.61
C ASN L 71 -23.59 -4.18 -20.57
N LYS L 72 -23.80 -4.62 -19.31
CA LYS L 72 -24.28 -3.84 -18.24
C LYS L 72 -23.13 -3.15 -17.57
N GLN L 73 -23.14 -1.80 -17.59
CA GLN L 73 -22.19 -0.92 -16.96
C GLN L 73 -22.48 -0.90 -15.49
N PRO L 74 -21.54 -0.70 -14.54
CA PRO L 74 -21.89 -0.78 -13.13
C PRO L 74 -22.64 0.53 -12.82
N PRO L 75 -23.68 0.58 -11.96
CA PRO L 75 -24.58 1.70 -11.82
C PRO L 75 -24.00 3.07 -11.83
N ASN L 76 -24.33 3.81 -12.93
CA ASN L 76 -23.81 5.11 -13.29
C ASN L 76 -24.45 5.38 -14.65
N LYS L 77 -25.70 4.83 -14.82
CA LYS L 77 -26.43 4.61 -16.05
C LYS L 77 -25.86 3.36 -16.64
N GLN L 78 -26.61 2.26 -16.43
CA GLN L 78 -26.02 0.97 -16.29
C GLN L 78 -26.05 0.16 -17.57
N ILE L 79 -26.14 0.78 -18.77
CA ILE L 79 -25.95 0.06 -20.02
C ILE L 79 -24.88 0.82 -20.74
N TRP L 80 -23.88 0.12 -21.36
CA TRP L 80 -22.89 0.73 -22.27
C TRP L 80 -23.05 0.07 -23.59
N LEU L 81 -23.15 0.87 -24.66
CA LEU L 81 -23.20 0.39 -26.01
C LEU L 81 -21.95 0.91 -26.66
N ALA L 82 -21.19 0.00 -27.31
CA ALA L 82 -19.95 0.26 -28.02
C ALA L 82 -20.38 0.10 -29.46
N SER L 83 -20.11 1.09 -30.33
CA SER L 83 -20.65 1.02 -31.65
C SER L 83 -19.92 2.00 -32.54
N PRO L 84 -19.26 1.53 -33.59
CA PRO L 84 -18.95 2.37 -34.71
C PRO L 84 -19.93 2.07 -35.81
N LEU L 85 -21.21 2.44 -35.59
CA LEU L 85 -22.29 2.19 -36.54
C LEU L 85 -23.10 3.45 -36.57
N SER L 86 -23.16 4.19 -35.42
CA SER L 86 -23.95 5.38 -35.28
C SER L 86 -23.46 6.09 -34.03
N GLY L 87 -22.39 5.53 -33.42
CA GLY L 87 -21.76 6.06 -32.26
C GLY L 87 -22.49 5.76 -30.95
N PRO L 88 -21.87 6.06 -29.79
CA PRO L 88 -22.39 5.80 -28.44
C PRO L 88 -23.80 6.24 -28.23
N ASN L 89 -24.49 5.57 -27.27
CA ASN L 89 -25.79 5.98 -26.79
C ASN L 89 -25.84 5.59 -25.32
N ARG L 90 -26.71 6.26 -24.51
CA ARG L 90 -26.89 5.92 -23.09
C ARG L 90 -28.38 5.86 -22.87
N PHE L 91 -28.77 5.08 -21.82
CA PHE L 91 -30.14 4.65 -21.62
C PHE L 91 -30.51 4.85 -20.19
N ASP L 92 -31.72 5.33 -19.91
CA ASP L 92 -32.26 5.32 -18.58
C ASP L 92 -33.71 4.93 -18.69
N LEU L 93 -34.29 4.32 -17.62
CA LEU L 93 -35.68 3.98 -17.44
C LEU L 93 -36.52 5.20 -17.54
N LEU L 94 -37.69 5.06 -18.20
CA LEU L 94 -38.66 6.07 -18.20
C LEU L 94 -40.01 5.52 -17.84
N ASN L 95 -40.22 4.18 -18.05
CA ASN L 95 -41.48 3.58 -17.71
C ASN L 95 -41.24 2.13 -17.38
N GLY L 96 -40.11 1.79 -16.68
CA GLY L 96 -39.87 0.44 -16.22
C GLY L 96 -39.17 -0.36 -17.30
N GLU L 97 -38.82 0.29 -18.45
CA GLU L 97 -38.02 -0.33 -19.46
C GLU L 97 -37.14 0.81 -19.93
N TRP L 98 -35.93 0.46 -20.36
CA TRP L 98 -34.88 1.35 -20.79
C TRP L 98 -35.26 2.09 -22.03
N VAL L 99 -35.12 3.44 -22.06
CA VAL L 99 -35.46 4.27 -23.19
C VAL L 99 -34.21 5.03 -23.49
N SER L 100 -33.80 5.13 -24.81
CA SER L 100 -32.60 5.84 -25.23
C SER L 100 -32.71 7.26 -24.83
N LEU L 101 -31.59 7.83 -24.30
CA LEU L 101 -31.50 9.24 -23.98
C LEU L 101 -30.95 10.06 -25.13
N ARG L 102 -30.88 9.43 -26.33
CA ARG L 102 -30.32 10.11 -27.47
C ARG L 102 -30.96 9.55 -28.72
N ASN L 103 -32.03 8.73 -28.54
CA ASN L 103 -32.90 8.42 -29.65
C ASN L 103 -34.32 8.47 -29.18
N GLY L 104 -34.57 8.29 -27.85
CA GLY L 104 -35.91 8.28 -27.31
C GLY L 104 -36.69 7.02 -27.64
N THR L 105 -36.01 5.84 -27.65
CA THR L 105 -36.63 4.59 -28.04
C THR L 105 -35.89 3.51 -27.34
N LYS L 106 -36.59 2.43 -26.93
CA LYS L 106 -36.08 1.28 -26.22
C LYS L 106 -35.03 0.55 -27.04
N LEU L 107 -34.00 -0.03 -26.34
CA LEU L 107 -32.87 -0.75 -26.89
C LEU L 107 -33.27 -1.98 -27.62
N THR L 108 -34.29 -2.72 -27.13
CA THR L 108 -34.73 -4.00 -27.65
C THR L 108 -35.21 -3.86 -29.09
N ASP L 109 -35.95 -2.77 -29.40
CA ASP L 109 -36.45 -2.42 -30.72
C ASP L 109 -35.33 -2.28 -31.76
N ILE L 110 -34.17 -1.68 -31.38
CA ILE L 110 -33.03 -1.42 -32.24
C ILE L 110 -32.43 -2.74 -32.64
N LEU L 111 -32.31 -3.66 -31.66
CA LEU L 111 -31.65 -4.94 -31.82
C LEU L 111 -32.39 -5.88 -32.74
N THR L 112 -33.69 -6.11 -32.42
CA THR L 112 -34.71 -6.77 -33.21
C THR L 112 -34.66 -6.37 -34.67
N GLU L 113 -34.88 -5.09 -34.98
CA GLU L 113 -34.84 -4.54 -36.30
C GLU L 113 -33.53 -4.77 -36.98
N GLU L 114 -32.37 -4.47 -36.32
CA GLU L 114 -31.06 -4.43 -36.96
C GLU L 114 -30.53 -5.76 -37.38
N VAL L 115 -30.73 -6.78 -36.52
CA VAL L 115 -30.33 -8.17 -36.78
C VAL L 115 -31.19 -8.76 -37.87
N GLU L 116 -32.53 -8.52 -37.79
CA GLU L 116 -33.48 -9.08 -38.72
C GLU L 116 -33.47 -8.42 -40.05
N LYS L 117 -32.97 -7.15 -40.13
CA LYS L 117 -32.68 -6.46 -41.35
C LYS L 117 -31.62 -7.15 -42.18
N ALA L 118 -30.74 -7.97 -41.54
CA ALA L 118 -29.70 -8.73 -42.17
C ALA L 118 -30.21 -10.05 -42.72
N ILE L 119 -31.06 -10.75 -41.91
CA ILE L 119 -31.76 -11.99 -42.21
C ILE L 119 -32.57 -11.90 -43.50
N SER L 120 -33.07 -10.66 -43.82
CA SER L 120 -33.80 -10.33 -45.01
C SER L 120 -33.03 -10.69 -46.27
N LYS L 121 -31.89 -10.03 -46.52
CA LYS L 121 -31.15 -10.23 -47.73
C LYS L 121 -29.71 -10.47 -47.26
N GLY M 1 -13.07 42.27 -32.57
CA GLY M 1 -13.50 43.06 -33.78
C GLY M 1 -13.95 44.45 -33.37
N SER M 2 -13.69 45.44 -34.28
CA SER M 2 -14.08 46.80 -34.15
C SER M 2 -14.02 47.45 -35.53
N HIS M 3 -14.74 48.58 -35.69
CA HIS M 3 -14.82 49.32 -36.94
C HIS M 3 -13.47 49.87 -37.41
N MET M 4 -13.23 49.79 -38.75
CA MET M 4 -12.06 50.36 -39.36
C MET M 4 -12.09 51.86 -39.65
N SER M 5 -13.16 52.52 -40.17
CA SER M 5 -14.49 52.06 -40.50
C SER M 5 -14.52 51.07 -41.62
N SER M 6 -15.32 50.02 -41.40
CA SER M 6 -15.49 48.89 -42.25
C SER M 6 -15.98 49.21 -43.61
N ILE M 7 -17.02 50.08 -43.72
CA ILE M 7 -17.61 50.49 -44.97
C ILE M 7 -17.81 51.96 -44.86
N THR M 8 -17.61 52.67 -45.98
CA THR M 8 -17.71 54.05 -46.28
C THR M 8 -16.38 54.69 -46.03
N LYS M 9 -15.34 53.84 -45.78
CA LYS M 9 -13.98 54.33 -45.63
C LYS M 9 -13.21 53.16 -46.18
N ARG M 10 -12.15 53.36 -47.00
CA ARG M 10 -11.53 54.58 -47.44
C ARG M 10 -11.64 54.57 -48.92
N LEU M 11 -12.57 55.41 -49.43
CA LEU M 11 -12.86 55.71 -50.82
C LEU M 11 -13.26 54.49 -51.60
N TYR M 12 -14.14 53.63 -51.03
CA TYR M 12 -14.50 52.38 -51.66
C TYR M 12 -15.52 52.63 -52.77
N HIS M 13 -16.62 53.45 -52.56
CA HIS M 13 -17.27 53.95 -51.38
C HIS M 13 -18.17 52.92 -50.77
N PRO M 14 -18.94 52.03 -51.46
CA PRO M 14 -19.73 51.02 -50.75
C PRO M 14 -18.97 49.73 -50.88
N LYS M 15 -19.12 48.85 -49.87
CA LYS M 15 -18.61 47.49 -49.84
C LYS M 15 -17.19 47.36 -50.36
N VAL M 16 -16.94 46.34 -51.18
CA VAL M 16 -15.67 46.01 -51.76
C VAL M 16 -15.93 45.60 -53.16
N ILE M 17 -17.14 45.01 -53.39
CA ILE M 17 -17.75 44.54 -54.63
C ILE M 17 -17.58 45.59 -55.71
N GLU M 18 -18.21 46.76 -55.45
CA GLU M 18 -18.23 47.91 -56.33
C GLU M 18 -16.85 48.51 -56.50
N HIS M 19 -16.00 48.58 -55.43
CA HIS M 19 -14.67 49.15 -55.50
C HIS M 19 -13.72 48.42 -56.44
N TYR M 20 -13.58 47.07 -56.28
CA TYR M 20 -12.82 46.27 -57.21
C TYR M 20 -13.36 46.15 -58.62
N THR M 21 -14.69 45.98 -58.77
CA THR M 21 -15.27 45.74 -60.06
C THR M 21 -16.26 46.82 -60.34
N HIS M 22 -16.17 47.66 -61.40
CA HIS M 22 -15.16 47.83 -62.43
C HIS M 22 -15.05 46.70 -63.43
N PRO M 23 -15.77 46.64 -64.52
CA PRO M 23 -16.84 47.53 -64.94
C PRO M 23 -18.08 47.29 -64.12
N ARG M 24 -18.84 48.36 -63.79
CA ARG M 24 -19.95 48.27 -62.87
C ARG M 24 -21.23 48.30 -63.64
N ASN M 25 -22.25 47.44 -63.31
CA ASN M 25 -22.32 46.46 -62.26
C ASN M 25 -21.53 45.19 -62.53
N VAL M 26 -21.41 44.60 -63.74
CA VAL M 26 -22.21 44.78 -64.95
C VAL M 26 -23.12 43.60 -65.14
N GLY M 27 -23.02 42.58 -64.24
CA GLY M 27 -23.77 41.35 -64.30
C GLY M 27 -23.32 40.44 -65.43
N SER M 28 -22.08 40.61 -65.94
CA SER M 28 -21.44 39.80 -66.94
C SER M 28 -20.00 39.89 -66.68
N LEU M 29 -19.58 40.46 -65.52
CA LEU M 29 -18.23 40.74 -65.10
C LEU M 29 -17.41 39.47 -65.11
N ASP M 30 -16.15 39.56 -65.57
CA ASP M 30 -15.25 38.45 -65.54
C ASP M 30 -13.86 38.96 -65.18
N LYS M 31 -13.00 38.04 -64.70
CA LYS M 31 -11.62 38.31 -64.39
C LYS M 31 -10.87 37.85 -65.59
N LYS M 32 -10.30 38.84 -66.32
CA LYS M 32 -9.67 38.59 -67.62
C LYS M 32 -8.76 39.76 -67.82
N LEU M 33 -7.68 39.67 -68.68
CA LEU M 33 -7.20 38.48 -69.36
C LEU M 33 -6.19 37.72 -68.51
N PRO M 34 -5.08 38.23 -67.96
CA PRO M 34 -4.10 37.38 -67.30
C PRO M 34 -4.53 36.98 -65.90
N ASN M 35 -3.85 35.95 -65.38
CA ASN M 35 -4.02 35.45 -64.04
C ASN M 35 -2.70 34.81 -63.70
N VAL M 36 -2.44 34.67 -62.37
CA VAL M 36 -1.21 34.13 -61.86
C VAL M 36 -1.42 32.74 -61.34
N GLY M 37 -2.68 32.23 -61.45
CA GLY M 37 -3.01 30.89 -61.00
C GLY M 37 -3.37 30.98 -59.54
N THR M 38 -2.43 30.60 -58.64
CA THR M 38 -2.51 30.57 -57.19
C THR M 38 -3.78 29.93 -56.68
N GLY M 39 -4.50 30.53 -55.70
CA GLY M 39 -5.73 29.93 -55.18
C GLY M 39 -6.84 30.87 -55.43
N LEU M 40 -7.93 30.32 -56.01
CA LEU M 40 -9.19 31.00 -56.23
C LEU M 40 -10.20 30.16 -55.51
N VAL M 41 -11.15 30.78 -54.83
CA VAL M 41 -12.22 30.10 -54.11
C VAL M 41 -13.37 31.06 -54.08
N GLY M 42 -14.64 30.56 -54.01
CA GLY M 42 -15.77 31.44 -53.96
C GLY M 42 -16.98 30.60 -53.69
N ALA M 43 -17.84 31.17 -52.79
CA ALA M 43 -19.07 30.57 -52.41
C ALA M 43 -20.04 31.71 -52.52
N PRO M 44 -20.87 31.80 -53.59
CA PRO M 44 -21.70 32.95 -53.83
C PRO M 44 -22.94 32.86 -53.01
N ALA M 45 -23.19 31.71 -52.31
CA ALA M 45 -24.30 31.51 -51.42
C ALA M 45 -24.08 32.23 -50.10
N CYS M 46 -22.77 32.45 -49.81
CA CYS M 46 -22.31 33.25 -48.69
C CYS M 46 -21.92 34.61 -49.23
N GLY M 47 -22.02 34.83 -50.56
CA GLY M 47 -21.90 36.12 -51.17
C GLY M 47 -20.50 36.62 -51.33
N ASP M 48 -19.49 35.76 -51.10
CA ASP M 48 -18.11 36.17 -50.98
C ASP M 48 -17.29 35.27 -51.86
N VAL M 49 -16.12 35.80 -52.24
CA VAL M 49 -15.13 35.20 -53.12
C VAL M 49 -13.85 35.77 -52.61
N MET M 50 -12.79 34.92 -52.59
CA MET M 50 -11.48 35.35 -52.18
C MET M 50 -10.48 34.73 -53.10
N ARG M 51 -9.45 35.54 -53.36
CA ARG M 51 -8.41 35.17 -54.26
C ARG M 51 -7.16 35.74 -53.68
N LEU M 52 -6.23 34.88 -53.22
CA LEU M 52 -4.96 35.30 -52.66
C LEU M 52 -4.00 34.96 -53.77
N GLN M 53 -3.16 35.94 -54.14
CA GLN M 53 -2.16 35.80 -55.17
C GLN M 53 -0.85 36.00 -54.52
N ILE M 54 -0.04 34.94 -54.40
CA ILE M 54 1.28 34.97 -53.87
C ILE M 54 2.28 35.21 -54.97
N LYS M 55 3.43 35.87 -54.62
CA LYS M 55 4.64 35.86 -55.43
C LYS M 55 5.66 35.38 -54.48
N VAL M 56 6.53 34.42 -54.90
CA VAL M 56 7.41 33.72 -53.98
C VAL M 56 8.72 33.60 -54.68
N ASN M 57 9.82 34.04 -54.00
CA ASN M 57 11.17 33.76 -54.34
C ASN M 57 11.41 32.31 -54.01
N ASP M 58 11.56 31.50 -55.09
CA ASP M 58 11.60 30.04 -55.05
C ASP M 58 12.72 29.48 -54.24
N SER M 59 13.93 30.08 -54.35
CA SER M 59 15.13 29.58 -53.73
C SER M 59 15.06 29.74 -52.24
N THR M 60 14.63 30.93 -51.78
CA THR M 60 14.61 31.28 -50.36
C THR M 60 13.49 30.58 -49.66
N GLY M 61 12.29 30.50 -50.26
CA GLY M 61 11.11 29.95 -49.59
C GLY M 61 10.38 31.07 -48.90
N VAL M 62 10.56 32.33 -49.33
CA VAL M 62 9.99 33.48 -48.67
C VAL M 62 9.07 34.17 -49.64
N ILE M 63 7.91 34.64 -49.13
CA ILE M 63 6.89 35.38 -49.84
C ILE M 63 7.38 36.80 -50.01
N GLU M 64 7.70 37.18 -51.27
CA GLU M 64 8.18 38.51 -51.63
C GLU M 64 7.04 39.49 -51.48
N ASP M 65 5.84 39.08 -51.96
CA ASP M 65 4.69 39.92 -51.96
C ASP M 65 3.51 39.00 -51.96
N VAL M 66 2.33 39.47 -51.49
CA VAL M 66 1.09 38.80 -51.64
C VAL M 66 0.10 39.94 -51.68
N LYS M 67 -0.74 39.94 -52.73
CA LYS M 67 -1.82 40.87 -52.93
C LYS M 67 -3.06 40.01 -52.97
N PHE M 68 -4.25 40.59 -52.71
CA PHE M 68 -5.45 39.84 -52.55
C PHE M 68 -6.55 40.54 -53.34
N LYS M 69 -7.67 39.80 -53.60
CA LYS M 69 -8.94 40.33 -53.91
C LYS M 69 -9.84 39.82 -52.80
N THR M 70 -10.73 40.69 -52.28
CA THR M 70 -11.72 40.36 -51.31
C THR M 70 -13.02 40.80 -51.93
N PHE M 71 -14.01 39.88 -51.91
CA PHE M 71 -15.32 40.16 -52.38
C PHE M 71 -16.20 39.66 -51.27
N GLY M 72 -17.20 40.46 -50.84
CA GLY M 72 -18.11 40.15 -49.76
C GLY M 72 -18.52 41.51 -49.30
N CYS M 73 -17.81 42.05 -48.30
CA CYS M 73 -18.12 43.31 -47.69
C CYS M 73 -16.82 43.98 -47.49
N GLY M 74 -16.93 45.31 -47.13
CA GLY M 74 -15.81 46.17 -46.91
C GLY M 74 -15.15 45.83 -45.59
N SER M 75 -15.88 45.22 -44.65
CA SER M 75 -15.38 44.74 -43.38
C SER M 75 -14.36 43.65 -43.53
N ALA M 76 -14.52 42.79 -44.57
CA ALA M 76 -13.69 41.64 -44.82
C ALA M 76 -12.29 41.99 -45.21
N ILE M 77 -12.10 43.20 -45.77
CA ILE M 77 -10.84 43.65 -46.31
C ILE M 77 -9.77 43.67 -45.25
N ALA M 78 -10.12 44.11 -44.02
CA ALA M 78 -9.18 44.37 -42.93
C ALA M 78 -8.45 43.17 -42.46
N SER M 79 -9.11 42.01 -42.49
CA SER M 79 -8.51 40.76 -42.09
C SER M 79 -7.44 40.33 -43.08
N SER M 80 -7.82 40.45 -44.39
CA SER M 80 -6.97 40.17 -45.53
C SER M 80 -5.74 41.05 -45.54
N SER M 81 -5.91 42.38 -45.30
CA SER M 81 -4.88 43.38 -45.26
C SER M 81 -3.85 43.01 -44.21
N TYR M 82 -4.30 42.70 -42.97
CA TYR M 82 -3.42 42.45 -41.85
C TYR M 82 -2.56 41.20 -42.08
N MET M 83 -3.18 40.10 -42.67
CA MET M 83 -2.49 38.88 -42.93
C MET M 83 -1.40 39.08 -43.95
N THR M 84 -1.72 39.77 -45.08
CA THR M 84 -0.79 39.98 -46.17
C THR M 84 0.40 40.78 -45.79
N GLU M 85 0.23 41.83 -44.96
CA GLU M 85 1.36 42.55 -44.36
C GLU M 85 2.30 41.68 -43.57
N LEU M 86 1.75 40.86 -42.65
CA LEU M 86 2.43 39.98 -41.71
C LEU M 86 3.30 38.93 -42.37
N VAL M 87 2.73 38.12 -43.25
CA VAL M 87 3.32 37.02 -43.93
C VAL M 87 4.50 37.41 -44.78
N GLN M 88 4.45 38.58 -45.47
CA GLN M 88 5.54 39.06 -46.33
C GLN M 88 6.80 39.28 -45.54
N GLY M 89 7.94 38.89 -46.19
CA GLY M 89 9.24 38.94 -45.60
C GLY M 89 9.50 37.71 -44.72
N MET M 90 8.57 36.72 -44.66
CA MET M 90 8.74 35.52 -43.86
C MET M 90 8.43 34.33 -44.73
N THR M 91 8.80 33.13 -44.22
CA THR M 91 8.67 31.81 -44.85
C THR M 91 7.26 31.41 -45.13
N LEU M 92 7.00 30.86 -46.33
CA LEU M 92 5.72 30.47 -46.87
C LEU M 92 5.07 29.37 -46.06
N ASP M 93 5.88 28.44 -45.48
CA ASP M 93 5.37 27.38 -44.63
C ASP M 93 4.77 27.94 -43.38
N ASP M 94 5.46 28.95 -42.80
CA ASP M 94 5.07 29.65 -41.60
C ASP M 94 3.76 30.41 -41.80
N ALA M 95 3.63 31.01 -43.01
CA ALA M 95 2.56 31.86 -43.44
C ALA M 95 1.25 31.16 -43.49
N ALA M 96 1.25 29.91 -43.94
CA ALA M 96 0.08 29.07 -44.22
C ALA M 96 -0.90 28.86 -43.09
N LYS M 97 -2.18 28.67 -43.48
CA LYS M 97 -3.29 28.27 -42.64
C LYS M 97 -3.46 29.05 -41.34
N ILE M 98 -3.69 30.39 -41.45
CA ILE M 98 -4.09 31.19 -40.33
C ILE M 98 -5.41 30.73 -39.78
N LYS M 99 -6.33 30.33 -40.68
CA LYS M 99 -7.63 29.79 -40.38
C LYS M 99 -7.53 28.40 -39.77
N ASN M 100 -8.59 27.84 -39.15
CA ASN M 100 -9.87 28.49 -38.95
C ASN M 100 -9.87 29.61 -37.94
N THR M 101 -9.26 29.39 -36.75
CA THR M 101 -9.19 30.27 -35.57
C THR M 101 -9.07 31.73 -35.79
N GLU M 102 -8.06 32.13 -36.56
CA GLU M 102 -7.65 33.53 -36.70
C GLU M 102 -8.64 34.42 -37.37
N ILE M 103 -9.22 34.03 -38.53
CA ILE M 103 -10.02 34.93 -39.37
C ILE M 103 -11.30 35.36 -38.65
N ALA M 104 -11.95 34.39 -37.97
CA ALA M 104 -13.17 34.57 -37.28
C ALA M 104 -12.99 35.50 -36.14
N LYS M 105 -11.89 35.30 -35.37
CA LYS M 105 -11.62 36.05 -34.17
C LYS M 105 -11.35 37.50 -34.47
N GLU M 106 -10.58 37.77 -35.56
CA GLU M 106 -10.10 39.04 -35.97
C GLU M 106 -11.12 40.08 -36.39
N LEU M 107 -12.23 39.68 -37.05
CA LEU M 107 -13.23 40.64 -37.45
C LEU M 107 -14.38 40.67 -36.51
N SER M 108 -14.51 39.67 -35.65
CA SER M 108 -15.66 39.58 -34.77
C SER M 108 -15.21 38.89 -33.52
N LEU M 109 -15.41 37.57 -33.47
CA LEU M 109 -15.00 36.72 -32.39
C LEU M 109 -15.04 35.33 -32.94
N PRO M 110 -14.41 34.32 -32.29
CA PRO M 110 -14.32 32.97 -32.84
C PRO M 110 -15.49 32.26 -32.23
N PRO M 111 -16.52 31.79 -32.91
CA PRO M 111 -17.64 31.12 -32.24
C PRO M 111 -17.20 29.78 -31.72
N VAL M 112 -16.66 28.94 -32.62
CA VAL M 112 -16.23 27.55 -32.49
C VAL M 112 -16.85 26.77 -33.64
N LYS M 113 -17.80 27.39 -34.39
CA LYS M 113 -18.25 26.87 -35.65
C LYS M 113 -18.33 27.95 -36.71
N LEU M 114 -17.25 28.78 -36.82
CA LEU M 114 -17.00 29.76 -37.84
C LEU M 114 -17.88 30.98 -37.80
N HIS M 115 -17.25 32.12 -38.21
CA HIS M 115 -17.88 33.36 -38.48
C HIS M 115 -18.52 33.32 -39.91
N CYS M 116 -18.06 32.33 -40.72
CA CYS M 116 -18.40 32.04 -42.09
C CYS M 116 -18.58 33.24 -42.96
N SER M 117 -17.46 33.91 -43.34
CA SER M 117 -17.55 35.07 -44.15
C SER M 117 -16.31 35.11 -45.01
N MET M 118 -15.26 34.34 -44.67
CA MET M 118 -13.99 34.40 -45.36
C MET M 118 -13.50 33.00 -45.56
N LEU M 119 -13.25 32.68 -46.87
CA LEU M 119 -12.85 31.46 -47.46
C LEU M 119 -11.32 31.40 -47.51
N ALA M 120 -10.64 32.11 -46.58
CA ALA M 120 -9.21 32.26 -46.55
C ALA M 120 -8.43 30.98 -46.52
N GLU M 121 -8.92 29.94 -45.79
CA GLU M 121 -8.41 28.62 -45.65
C GLU M 121 -8.18 27.93 -46.98
N ASP M 122 -9.24 27.84 -47.83
CA ASP M 122 -9.25 27.23 -49.15
C ASP M 122 -8.33 27.94 -50.11
N ALA M 123 -8.28 29.31 -49.98
CA ALA M 123 -7.44 30.14 -50.80
C ALA M 123 -5.99 29.87 -50.54
N ILE M 124 -5.56 29.84 -49.26
CA ILE M 124 -4.20 29.56 -48.83
C ILE M 124 -3.77 28.14 -49.12
N LYS M 125 -4.60 27.12 -48.86
CA LYS M 125 -4.34 25.71 -49.10
C LYS M 125 -4.03 25.49 -50.58
N ALA M 126 -4.89 26.07 -51.46
CA ALA M 126 -4.76 25.97 -52.88
C ALA M 126 -3.44 26.56 -53.31
N ALA M 127 -3.06 27.75 -52.78
CA ALA M 127 -1.81 28.45 -53.11
C ALA M 127 -0.58 27.66 -52.72
N ILE M 128 -0.56 27.07 -51.49
CA ILE M 128 0.63 26.41 -50.97
C ILE M 128 0.84 25.05 -51.60
N LYS M 129 -0.26 24.36 -52.01
CA LYS M 129 -0.24 23.12 -52.72
C LYS M 129 0.32 23.36 -54.11
N ASP M 130 -0.11 24.47 -54.77
CA ASP M 130 0.35 24.94 -56.06
C ASP M 130 1.85 25.16 -56.04
N TYR M 131 2.34 25.86 -54.97
CA TYR M 131 3.76 26.13 -54.70
C TYR M 131 4.60 24.88 -54.68
N LYS M 132 4.14 23.84 -53.93
CA LYS M 132 4.76 22.54 -53.87
C LYS M 132 4.83 21.83 -55.21
N SER M 133 3.75 21.98 -56.04
CA SER M 133 3.65 21.40 -57.36
C SER M 133 4.74 21.92 -58.27
N LYS M 134 4.98 23.28 -58.31
CA LYS M 134 5.92 23.86 -59.21
C LYS M 134 7.36 23.54 -58.87
N ARG M 135 7.66 23.26 -57.59
CA ARG M 135 8.99 22.82 -57.16
C ARG M 135 9.12 21.34 -57.22
N ASN M 136 7.98 20.63 -57.38
CA ASN M 136 7.90 19.22 -57.59
C ASN M 136 8.37 18.43 -56.39
N THR M 137 7.54 18.49 -55.32
CA THR M 137 7.73 17.71 -54.13
C THR M 137 6.32 17.22 -53.77
N PRO M 138 6.05 15.90 -53.71
CA PRO M 138 4.71 15.44 -53.41
C PRO M 138 4.68 14.61 -52.15
N THR M 139 5.87 14.24 -51.61
CA THR M 139 6.00 13.28 -50.53
C THR M 139 5.76 14.02 -49.23
N MET M 140 6.04 15.36 -49.22
CA MET M 140 5.80 16.27 -48.10
C MET M 140 4.33 16.48 -47.96
N LEU M 141 3.63 16.66 -49.14
CA LEU M 141 2.21 16.96 -49.25
C LEU M 141 1.39 15.81 -48.79
N SER M 142 1.76 14.58 -49.18
CA SER M 142 1.04 13.38 -48.77
C SER M 142 1.29 13.04 -47.26
N VAL N 1 33.96 33.61 -28.93
CA VAL N 1 35.22 33.67 -28.13
C VAL N 1 35.18 32.52 -27.16
N GLU N 2 36.32 32.24 -26.50
CA GLU N 2 36.45 31.12 -25.58
C GLU N 2 35.66 31.41 -24.33
N SER N 3 34.64 30.57 -24.08
CA SER N 3 33.67 30.72 -23.03
C SER N 3 32.73 31.91 -23.28
N SER N 4 31.46 31.85 -22.86
CA SER N 4 30.74 30.81 -22.20
C SER N 4 29.43 30.78 -22.92
N THR N 5 28.92 29.57 -23.24
CA THR N 5 27.68 29.40 -23.98
C THR N 5 26.49 29.72 -23.08
N ASP N 6 25.35 30.23 -23.64
CA ASP N 6 25.14 30.53 -25.02
C ASP N 6 25.37 32.00 -25.27
N GLY N 7 25.83 32.75 -24.23
CA GLY N 7 25.89 34.18 -24.27
C GLY N 7 27.07 34.78 -24.96
N GLN N 8 28.10 33.98 -25.31
CA GLN N 8 29.38 34.50 -25.86
C GLN N 8 29.90 33.53 -26.85
N VAL N 9 29.00 32.97 -27.67
CA VAL N 9 29.30 32.13 -28.79
C VAL N 9 30.07 32.88 -29.84
N VAL N 10 29.61 34.14 -30.04
CA VAL N 10 29.99 35.03 -31.11
C VAL N 10 31.49 35.33 -31.02
N PRO N 11 32.29 35.12 -32.06
CA PRO N 11 33.70 35.41 -32.03
C PRO N 11 33.97 36.69 -32.81
N GLN N 12 33.15 37.74 -32.55
CA GLN N 12 33.10 39.00 -33.19
C GLN N 12 32.50 38.90 -34.58
N GLU N 13 31.75 37.79 -34.84
CA GLU N 13 30.94 37.65 -36.03
C GLU N 13 29.66 37.07 -35.56
N VAL N 14 28.58 37.89 -35.50
CA VAL N 14 27.38 37.54 -34.76
C VAL N 14 26.68 36.39 -35.43
N LEU N 15 26.60 36.47 -36.77
CA LEU N 15 26.30 35.37 -37.62
C LEU N 15 27.17 35.62 -38.80
N ASN N 16 27.82 34.53 -39.31
CA ASN N 16 28.46 34.60 -40.61
C ASN N 16 27.52 33.83 -41.51
N LEU N 17 26.78 32.87 -40.93
CA LEU N 17 25.75 32.10 -41.58
C LEU N 17 24.81 31.78 -40.42
N PRO N 18 23.51 31.57 -40.66
CA PRO N 18 22.50 31.35 -39.64
C PRO N 18 22.89 30.13 -38.83
N LEU N 19 22.86 30.27 -37.45
CA LEU N 19 23.29 29.28 -36.52
C LEU N 19 22.04 28.71 -35.93
N GLU N 20 21.99 27.35 -35.92
CA GLU N 20 20.84 26.55 -35.55
C GLU N 20 20.36 26.89 -34.15
N LYS N 21 19.02 27.01 -33.97
CA LYS N 21 18.40 27.25 -32.69
C LYS N 21 18.59 26.12 -31.75
N ALA N 22 18.39 24.88 -32.23
CA ALA N 22 18.54 23.62 -31.54
C ALA N 22 17.66 23.51 -30.31
N HIS N 23 17.86 22.42 -29.57
CA HIS N 23 17.13 22.08 -28.38
C HIS N 23 18.12 21.44 -27.46
N GLU N 24 17.95 21.71 -26.14
CA GLU N 24 18.85 21.25 -25.12
C GLU N 24 18.08 21.27 -23.82
N GLU N 25 17.15 20.33 -23.55
CA GLU N 25 16.63 19.33 -24.46
C GLU N 25 15.18 19.39 -24.26
N ALA N 26 14.69 19.07 -23.03
CA ALA N 26 13.30 19.22 -22.67
C ALA N 26 13.14 20.49 -21.90
N ASP N 27 14.26 21.22 -21.58
CA ASP N 27 14.26 22.50 -20.89
C ASP N 27 13.94 23.56 -21.89
N ASP N 28 14.72 23.53 -23.00
CA ASP N 28 14.66 24.45 -24.12
C ASP N 28 13.27 24.68 -24.66
N TYR N 29 12.45 23.57 -24.83
CA TYR N 29 11.08 23.68 -25.38
C TYR N 29 10.22 24.60 -24.54
N LEU N 30 10.20 24.39 -23.19
CA LEU N 30 9.46 25.21 -22.27
C LEU N 30 9.90 26.66 -22.31
N ASP N 31 11.21 26.96 -22.33
CA ASP N 31 11.74 28.33 -22.34
C ASP N 31 11.32 29.11 -23.59
N HIS N 32 11.48 28.53 -24.78
CA HIS N 32 11.10 29.11 -26.03
C HIS N 32 9.61 29.39 -26.13
N LEU N 33 8.77 28.40 -25.74
CA LEU N 33 7.32 28.45 -25.73
C LEU N 33 6.78 29.50 -24.79
N LEU N 34 7.33 29.55 -23.55
CA LEU N 34 7.03 30.52 -22.50
C LEU N 34 7.37 31.93 -22.93
N ASP N 35 8.55 32.16 -23.56
CA ASP N 35 9.04 33.47 -23.99
C ASP N 35 8.09 34.09 -25.00
N SER N 36 7.66 33.25 -25.96
CA SER N 36 6.67 33.57 -26.95
C SER N 36 5.38 33.98 -26.25
N LEU N 37 4.93 33.23 -25.21
CA LEU N 37 3.72 33.48 -24.44
C LEU N 37 3.66 34.86 -23.75
N GLU N 38 4.80 35.24 -23.15
CA GLU N 38 5.02 36.55 -22.56
C GLU N 38 4.89 37.65 -23.55
N GLU N 39 5.44 37.47 -24.78
CA GLU N 39 5.41 38.38 -25.89
C GLU N 39 3.98 38.64 -26.32
N LEU N 40 3.13 37.58 -26.37
CA LEU N 40 1.73 37.67 -26.68
C LEU N 40 0.93 38.59 -25.73
N SER N 41 1.22 38.50 -24.42
CA SER N 41 0.57 39.24 -23.35
C SER N 41 0.68 40.75 -23.54
N GLU N 42 1.89 41.18 -23.94
CA GLU N 42 2.29 42.57 -24.11
C GLU N 42 1.30 43.51 -24.77
N ALA N 43 1.42 44.82 -24.41
CA ALA N 43 0.80 45.96 -25.06
C ALA N 43 -0.68 46.13 -24.89
N HIS N 44 -1.45 45.09 -24.38
CA HIS N 44 -2.84 45.26 -24.09
C HIS N 44 -3.17 44.38 -22.88
N PRO N 45 -3.95 44.81 -21.91
CA PRO N 45 -4.34 43.95 -20.81
C PRO N 45 -5.48 43.04 -21.24
N ASP N 46 -6.20 43.40 -22.31
CA ASP N 46 -7.37 42.74 -22.79
C ASP N 46 -7.03 41.41 -23.40
N CYS N 47 -5.94 41.32 -24.17
CA CYS N 47 -5.67 40.14 -24.96
C CYS N 47 -5.36 38.94 -24.11
N ILE N 48 -4.50 39.06 -23.09
CA ILE N 48 -4.17 38.05 -22.13
C ILE N 48 -4.06 38.75 -20.81
N PRO N 49 -4.93 38.42 -19.86
CA PRO N 49 -4.82 38.96 -18.51
C PRO N 49 -3.78 38.24 -17.68
N ASP N 50 -3.51 36.97 -18.01
CA ASP N 50 -2.53 36.20 -17.27
C ASP N 50 -1.93 35.13 -18.10
N VAL N 51 -0.59 34.94 -17.96
CA VAL N 51 0.12 33.79 -18.46
C VAL N 51 0.51 33.09 -17.17
N GLU N 52 0.40 31.75 -17.19
CA GLU N 52 0.77 30.90 -16.10
C GLU N 52 1.52 29.75 -16.66
N LEU N 53 2.59 29.30 -15.92
CA LEU N 53 3.32 28.11 -16.29
C LEU N 53 3.26 27.37 -14.99
N SER N 54 2.50 26.26 -14.95
CA SER N 54 2.20 25.52 -13.77
C SER N 54 3.27 24.49 -13.45
N HIS N 55 3.67 23.73 -14.50
CA HIS N 55 4.68 22.73 -14.39
C HIS N 55 5.26 22.52 -15.74
N GLY N 56 4.69 23.22 -16.76
CA GLY N 56 4.99 23.09 -18.17
C GLY N 56 3.70 22.98 -18.89
N VAL N 57 2.60 22.98 -18.10
CA VAL N 57 1.25 23.23 -18.55
C VAL N 57 1.16 24.77 -18.55
N MET N 58 0.79 25.34 -19.71
CA MET N 58 0.75 26.75 -19.89
C MET N 58 -0.68 27.13 -20.14
N THR N 59 -1.15 28.16 -19.42
CA THR N 59 -2.47 28.71 -19.59
C THR N 59 -2.25 30.08 -20.18
N LEU N 60 -3.04 30.44 -21.21
CA LEU N 60 -3.10 31.75 -21.73
C LEU N 60 -4.56 32.10 -21.81
N GLU N 61 -5.01 32.97 -20.87
CA GLU N 61 -6.35 33.47 -20.81
C GLU N 61 -6.66 34.36 -21.98
N ILE N 62 -7.86 34.21 -22.56
CA ILE N 62 -8.33 35.06 -23.61
C ILE N 62 -9.71 35.40 -23.14
N PRO N 63 -10.05 36.67 -22.77
CA PRO N 63 -11.36 36.94 -22.16
C PRO N 63 -12.43 37.50 -23.11
N ALA N 64 -12.00 38.21 -24.17
CA ALA N 64 -12.90 38.89 -25.06
C ALA N 64 -13.13 38.04 -26.27
N PHE N 65 -12.39 36.90 -26.34
CA PHE N 65 -12.48 36.01 -27.44
C PHE N 65 -12.39 34.64 -26.81
N GLY N 66 -12.63 33.57 -27.60
CA GLY N 66 -12.62 32.22 -27.09
C GLY N 66 -11.24 31.83 -26.69
N THR N 67 -11.16 31.11 -25.52
CA THR N 67 -9.94 30.73 -24.85
C THR N 67 -9.52 29.40 -25.36
N TYR N 68 -8.25 29.04 -25.12
CA TYR N 68 -7.70 27.75 -25.39
C TYR N 68 -6.51 27.58 -24.50
N VAL N 69 -5.88 26.39 -24.43
CA VAL N 69 -4.70 26.23 -23.61
C VAL N 69 -3.80 25.35 -24.45
N ILE N 70 -2.50 25.73 -24.43
CA ILE N 70 -1.47 25.05 -25.19
C ILE N 70 -0.50 24.57 -24.16
N ASN N 71 0.00 23.34 -24.27
CA ASN N 71 0.66 22.77 -23.12
C ASN N 71 1.78 21.92 -23.63
N LYS N 72 2.56 21.38 -22.67
CA LYS N 72 3.50 20.29 -22.93
C LYS N 72 2.79 19.09 -22.37
N GLN N 73 2.28 18.19 -23.26
CA GLN N 73 1.49 17.02 -22.93
C GLN N 73 2.34 16.11 -22.10
N PRO N 74 1.88 15.49 -21.00
CA PRO N 74 2.68 14.67 -20.10
C PRO N 74 3.50 13.61 -20.84
N PRO N 75 4.74 13.27 -20.51
CA PRO N 75 5.66 12.45 -21.29
C PRO N 75 5.12 11.33 -22.11
N ASN N 76 5.71 11.14 -23.30
CA ASN N 76 5.32 10.28 -24.38
C ASN N 76 4.41 11.03 -25.30
N LYS N 77 4.94 11.45 -26.48
CA LYS N 77 4.25 12.32 -27.41
C LYS N 77 3.90 13.67 -26.81
N GLN N 78 4.94 14.46 -26.46
CA GLN N 78 4.84 15.71 -25.73
C GLN N 78 4.33 16.78 -26.67
N ILE N 79 3.91 17.92 -26.06
CA ILE N 79 3.27 19.08 -26.69
C ILE N 79 1.82 18.77 -26.92
N TRP N 80 0.94 19.71 -26.53
CA TRP N 80 -0.45 19.70 -26.88
C TRP N 80 -0.72 21.12 -27.35
N LEU N 81 -1.43 21.23 -28.50
CA LEU N 81 -1.84 22.48 -29.00
C LEU N 81 -3.32 22.31 -29.15
N ALA N 82 -4.10 23.23 -28.52
CA ALA N 82 -5.51 23.29 -28.68
C ALA N 82 -5.77 24.54 -29.45
N SER N 83 -6.34 24.34 -30.67
CA SER N 83 -6.82 25.39 -31.50
C SER N 83 -8.31 25.31 -31.26
N PRO N 84 -8.99 26.40 -30.92
CA PRO N 84 -10.39 26.35 -30.51
C PRO N 84 -11.32 25.99 -31.64
N LEU N 85 -11.01 26.38 -32.90
CA LEU N 85 -11.88 26.16 -34.04
C LEU N 85 -11.28 25.11 -34.94
N SER N 86 -9.96 24.84 -34.83
CA SER N 86 -9.28 23.94 -35.74
C SER N 86 -9.05 22.64 -35.01
N GLY N 87 -9.41 22.58 -33.70
CA GLY N 87 -9.40 21.35 -32.92
C GLY N 87 -8.11 20.93 -32.28
N PRO N 88 -7.97 19.71 -31.74
CA PRO N 88 -6.75 19.24 -31.14
C PRO N 88 -5.76 18.76 -32.16
N ASN N 89 -4.49 18.98 -31.96
CA ASN N 89 -3.43 18.48 -32.79
C ASN N 89 -2.18 18.30 -31.94
N ARG N 90 -1.17 17.53 -32.46
CA ARG N 90 0.11 17.32 -31.78
C ARG N 90 1.17 17.57 -32.80
N PHE N 91 2.36 17.80 -32.26
CA PHE N 91 3.49 18.40 -32.92
C PHE N 91 4.66 17.50 -32.65
N ASP N 92 5.56 17.29 -33.63
CA ASP N 92 6.77 16.54 -33.34
C ASP N 92 7.88 17.30 -34.05
N LEU N 93 9.11 17.24 -33.49
CA LEU N 93 10.31 17.76 -34.10
C LEU N 93 10.62 17.08 -35.41
N LEU N 94 11.12 17.83 -36.42
CA LEU N 94 11.58 17.22 -37.65
C LEU N 94 12.89 17.83 -38.05
N ASN N 95 13.16 19.13 -37.75
CA ASN N 95 14.42 19.70 -38.18
C ASN N 95 14.64 20.95 -37.35
N GLY N 96 14.86 20.77 -36.02
CA GLY N 96 15.28 21.84 -35.13
C GLY N 96 14.23 22.78 -34.74
N GLU N 97 12.99 22.54 -35.20
CA GLU N 97 11.87 23.36 -34.83
C GLU N 97 10.75 22.37 -34.95
N TRP N 98 9.69 22.57 -34.14
CA TRP N 98 8.48 21.75 -34.16
C TRP N 98 7.80 21.91 -35.48
N VAL N 99 7.33 20.79 -36.01
CA VAL N 99 6.64 20.64 -37.29
C VAL N 99 5.27 20.12 -37.01
N SER N 100 4.26 20.81 -37.58
CA SER N 100 2.88 20.45 -37.50
C SER N 100 2.75 19.27 -38.38
N LEU N 101 2.10 18.20 -37.87
CA LEU N 101 1.96 16.98 -38.58
C LEU N 101 0.67 16.99 -39.33
N ARG N 102 0.27 18.17 -39.85
CA ARG N 102 -0.93 18.39 -40.59
C ARG N 102 -0.62 19.19 -41.78
N ASN N 103 0.38 20.09 -41.73
CA ASN N 103 0.63 20.98 -42.85
C ASN N 103 1.99 21.61 -42.75
N GLY N 104 2.73 21.34 -41.68
CA GLY N 104 4.10 21.84 -41.47
C GLY N 104 4.22 23.29 -41.08
N THR N 105 3.41 23.78 -40.13
CA THR N 105 3.42 25.17 -39.75
C THR N 105 3.72 25.18 -38.28
N LYS N 106 4.91 25.72 -37.89
CA LYS N 106 5.46 25.71 -36.54
C LYS N 106 4.52 26.41 -35.56
N LEU N 107 4.38 25.86 -34.34
CA LEU N 107 3.44 26.29 -33.31
C LEU N 107 3.65 27.68 -32.77
N THR N 108 4.93 28.10 -32.62
CA THR N 108 5.28 29.30 -31.93
C THR N 108 4.73 30.52 -32.60
N ASP N 109 4.88 30.56 -33.93
CA ASP N 109 4.40 31.55 -34.84
C ASP N 109 2.93 31.64 -34.92
N ILE N 110 2.21 30.49 -34.82
CA ILE N 110 0.72 30.48 -34.90
C ILE N 110 0.14 31.23 -33.73
N LEU N 111 0.72 31.09 -32.51
CA LEU N 111 0.30 31.72 -31.27
C LEU N 111 0.51 33.21 -31.36
N THR N 112 1.77 33.61 -31.81
CA THR N 112 2.11 34.98 -32.12
C THR N 112 1.00 35.66 -32.91
N GLU N 113 0.66 35.12 -34.11
CA GLU N 113 -0.38 35.61 -35.00
C GLU N 113 -1.76 35.79 -34.36
N GLU N 114 -2.23 34.77 -33.59
CA GLU N 114 -3.60 34.76 -33.04
C GLU N 114 -3.79 35.84 -32.00
N VAL N 115 -2.79 36.10 -31.15
CA VAL N 115 -2.89 37.12 -30.12
C VAL N 115 -2.81 38.49 -30.69
N GLU N 116 -1.86 38.69 -31.64
CA GLU N 116 -1.53 39.97 -32.21
C GLU N 116 -2.54 40.45 -33.18
N LYS N 117 -3.31 39.55 -33.82
CA LYS N 117 -4.54 39.89 -34.49
C LYS N 117 -5.63 40.45 -33.61
N ALA N 118 -5.60 40.12 -32.31
CA ALA N 118 -6.58 40.57 -31.37
C ALA N 118 -6.25 42.00 -31.01
N ILE N 119 -4.94 42.30 -30.75
CA ILE N 119 -4.45 43.66 -30.53
C ILE N 119 -4.85 44.57 -31.65
N SER N 120 -4.86 44.06 -32.93
CA SER N 120 -5.24 44.76 -34.12
C SER N 120 -6.68 45.27 -34.03
N LYS N 121 -7.66 44.34 -34.06
CA LYS N 121 -9.05 44.62 -34.02
C LYS N 121 -9.63 43.55 -33.12
N GLY O 1 -7.29 -18.45 -52.83
CA GLY O 1 -6.36 -18.64 -53.99
C GLY O 1 -6.88 -19.77 -54.81
N SER O 2 -6.97 -19.57 -56.14
CA SER O 2 -7.50 -20.52 -57.05
C SER O 2 -6.92 -20.17 -58.42
N HIS O 3 -6.97 -21.13 -59.38
CA HIS O 3 -6.39 -20.97 -60.69
C HIS O 3 -7.06 -19.82 -61.45
N MET O 4 -6.20 -19.00 -62.08
CA MET O 4 -6.57 -17.79 -62.78
C MET O 4 -7.33 -18.06 -64.06
N SER O 5 -6.90 -18.94 -65.01
CA SER O 5 -5.61 -19.59 -65.21
C SER O 5 -4.76 -18.66 -65.99
N SER O 6 -3.44 -18.78 -65.68
CA SER O 6 -2.43 -17.97 -66.31
C SER O 6 -1.16 -18.73 -66.07
N ILE O 7 -1.27 -20.06 -65.83
CA ILE O 7 -0.17 -20.95 -65.49
C ILE O 7 0.32 -21.56 -66.76
N THR O 8 0.75 -20.68 -67.71
CA THR O 8 1.25 -21.02 -69.05
C THR O 8 0.24 -21.79 -69.82
N LYS O 9 -1.02 -21.28 -69.79
CA LYS O 9 -2.14 -21.91 -70.46
C LYS O 9 -2.46 -20.98 -71.61
N ARG O 10 -2.30 -21.42 -72.89
CA ARG O 10 -1.85 -22.72 -73.32
C ARG O 10 -1.19 -22.60 -74.66
N LEU O 11 -0.33 -23.62 -74.94
CA LEU O 11 0.38 -23.91 -76.17
C LEU O 11 1.20 -22.77 -76.73
N TYR O 12 1.63 -21.85 -75.84
CA TYR O 12 2.51 -20.74 -76.20
C TYR O 12 3.96 -21.13 -76.57
N HIS O 13 4.66 -22.04 -75.85
CA HIS O 13 4.35 -22.69 -74.57
C HIS O 13 4.53 -21.74 -73.37
N PRO O 14 5.55 -20.91 -73.16
CA PRO O 14 5.60 -20.06 -71.98
C PRO O 14 5.05 -18.70 -72.29
N LYS O 15 3.91 -18.37 -71.58
CA LYS O 15 3.31 -17.08 -71.41
C LYS O 15 3.20 -16.32 -72.71
N VAL O 16 3.13 -14.98 -72.62
CA VAL O 16 2.99 -14.12 -73.76
C VAL O 16 4.38 -13.73 -74.26
N ILE O 17 5.46 -14.31 -73.60
CA ILE O 17 6.86 -14.12 -73.95
C ILE O 17 7.11 -14.74 -75.30
N GLU O 18 6.57 -15.96 -75.53
CA GLU O 18 6.69 -16.63 -76.77
C GLU O 18 5.33 -16.52 -77.45
N HIS O 19 4.97 -15.23 -77.72
CA HIS O 19 3.78 -14.87 -78.44
C HIS O 19 4.04 -13.45 -78.88
N TYR O 20 5.14 -12.84 -78.38
CA TYR O 20 5.58 -11.53 -78.81
C TYR O 20 7.02 -11.65 -79.27
N THR O 21 7.75 -12.72 -78.85
CA THR O 21 9.13 -12.84 -79.26
C THR O 21 9.34 -14.29 -79.64
N HIS O 22 9.64 -14.66 -80.92
CA HIS O 22 9.72 -13.98 -82.21
C HIS O 22 10.87 -13.00 -82.28
N PRO O 23 12.08 -13.39 -82.61
CA PRO O 23 12.59 -14.71 -82.88
C PRO O 23 12.73 -15.50 -81.62
N ARG O 24 12.58 -16.84 -81.68
CA ARG O 24 12.77 -17.70 -80.54
C ARG O 24 13.38 -19.01 -81.07
N ASN O 25 14.41 -19.60 -80.40
CA ASN O 25 15.06 -19.17 -79.15
C ASN O 25 15.87 -17.89 -79.28
N VAL O 26 16.75 -17.63 -80.29
CA VAL O 26 17.29 -18.42 -81.36
C VAL O 26 18.78 -18.62 -81.02
N GLY O 27 19.26 -18.02 -79.88
CA GLY O 27 20.65 -18.14 -79.43
C GLY O 27 21.50 -17.07 -80.05
N SER O 28 20.86 -16.07 -80.69
CA SER O 28 21.58 -15.04 -81.40
C SER O 28 20.68 -13.82 -81.42
N LEU O 29 19.58 -13.83 -80.62
CA LEU O 29 18.59 -12.80 -80.63
C LEU O 29 19.09 -11.58 -79.89
N ASP O 30 18.59 -10.36 -80.27
CA ASP O 30 18.97 -9.13 -79.63
C ASP O 30 17.73 -8.29 -79.50
N LYS O 31 17.80 -7.33 -78.55
CA LYS O 31 16.71 -6.43 -78.31
C LYS O 31 17.34 -5.06 -78.42
N LYS O 32 16.72 -4.22 -79.26
CA LYS O 32 17.17 -2.89 -79.53
C LYS O 32 15.96 -2.25 -80.11
N LEU O 33 15.86 -0.92 -80.23
CA LEU O 33 16.74 0.09 -79.71
C LEU O 33 16.03 0.92 -78.66
N PRO O 34 14.75 1.37 -78.75
CA PRO O 34 14.13 2.13 -77.67
C PRO O 34 13.75 1.21 -76.52
N ASN O 35 13.50 1.81 -75.36
CA ASN O 35 13.14 1.21 -74.13
C ASN O 35 12.15 2.11 -73.44
N VAL O 36 11.47 1.60 -72.36
CA VAL O 36 10.44 2.33 -71.65
C VAL O 36 11.03 2.98 -70.40
N GLY O 37 12.33 2.76 -70.12
CA GLY O 37 13.01 3.47 -69.04
C GLY O 37 12.48 3.01 -67.70
N THR O 38 12.45 3.97 -66.76
CA THR O 38 12.07 3.89 -65.37
C THR O 38 12.65 2.68 -64.61
N GLY O 39 11.95 2.16 -63.62
CA GLY O 39 12.27 0.99 -62.87
C GLY O 39 12.41 -0.25 -63.71
N LEU O 40 13.54 -0.96 -63.48
CA LEU O 40 13.85 -2.19 -64.09
C LEU O 40 14.57 -3.00 -63.04
N VAL O 41 14.27 -4.32 -62.99
CA VAL O 41 14.89 -5.19 -62.04
C VAL O 41 14.89 -6.56 -62.67
N GLY O 42 15.87 -7.43 -62.33
CA GLY O 42 15.96 -8.77 -62.85
C GLY O 42 17.05 -9.39 -62.06
N ALA O 43 16.86 -10.69 -61.76
CA ALA O 43 17.77 -11.43 -60.92
C ALA O 43 18.32 -12.57 -61.73
N PRO O 44 19.65 -12.76 -61.76
CA PRO O 44 20.26 -13.90 -62.45
C PRO O 44 19.98 -15.19 -61.75
N ALA O 45 19.97 -16.30 -62.55
CA ALA O 45 19.80 -17.65 -62.08
C ALA O 45 18.44 -17.85 -61.51
N CYS O 46 17.39 -17.32 -62.17
CA CYS O 46 16.04 -17.51 -61.74
C CYS O 46 15.20 -17.46 -63.01
N GLY O 47 15.69 -16.69 -64.02
CA GLY O 47 15.00 -16.61 -65.26
C GLY O 47 13.85 -15.68 -65.13
N ASP O 48 14.04 -14.53 -64.41
CA ASP O 48 12.96 -13.63 -64.17
C ASP O 48 13.45 -12.21 -64.26
N VAL O 49 12.49 -11.34 -64.67
CA VAL O 49 12.64 -9.93 -64.92
C VAL O 49 11.25 -9.39 -64.63
N MET O 50 11.17 -8.18 -64.00
CA MET O 50 9.96 -7.41 -63.90
C MET O 50 10.37 -6.04 -64.23
N ARG O 51 9.45 -5.27 -64.88
CA ARG O 51 9.77 -3.94 -65.32
C ARG O 51 8.55 -3.14 -65.15
N LEU O 52 8.59 -2.16 -64.19
CA LEU O 52 7.48 -1.29 -63.90
C LEU O 52 7.51 -0.17 -64.86
N GLN O 53 6.33 0.36 -65.25
CA GLN O 53 6.22 1.56 -66.05
C GLN O 53 5.28 2.45 -65.32
N ILE O 54 5.82 3.58 -64.82
CA ILE O 54 5.01 4.59 -64.22
C ILE O 54 4.72 5.60 -65.27
N LYS O 55 3.43 6.06 -65.24
CA LYS O 55 2.94 7.16 -66.02
C LYS O 55 2.29 8.03 -64.96
N VAL O 56 2.73 9.30 -64.89
CA VAL O 56 2.41 10.14 -63.76
C VAL O 56 2.08 11.48 -64.29
N ASN O 57 0.95 12.09 -63.82
CA ASN O 57 0.72 13.51 -64.01
C ASN O 57 1.27 14.17 -62.80
N ASP O 58 2.38 14.90 -62.99
CA ASP O 58 3.09 15.52 -61.87
C ASP O 58 2.45 16.83 -61.60
N SER O 59 1.79 16.91 -60.43
CA SER O 59 1.28 18.13 -59.91
C SER O 59 1.42 17.92 -58.45
N THR O 60 0.44 17.28 -57.82
CA THR O 60 0.57 16.68 -56.51
C THR O 60 0.91 15.22 -56.61
N GLY O 61 1.07 14.76 -57.87
CA GLY O 61 1.53 13.45 -58.24
C GLY O 61 0.34 12.56 -58.40
N VAL O 62 0.25 11.78 -59.52
CA VAL O 62 -0.91 10.94 -59.78
C VAL O 62 -0.38 9.74 -60.50
N ILE O 63 0.01 8.73 -59.69
CA ILE O 63 0.63 7.53 -60.15
C ILE O 63 -0.56 6.62 -60.20
N GLU O 64 -0.98 6.28 -61.44
CA GLU O 64 -2.13 5.46 -61.64
C GLU O 64 -1.81 4.39 -62.60
N ASP O 65 -0.62 4.44 -63.21
CA ASP O 65 -0.07 3.32 -63.95
C ASP O 65 1.20 3.00 -63.26
N VAL O 66 1.39 1.71 -62.99
CA VAL O 66 2.61 1.17 -62.46
C VAL O 66 2.72 -0.23 -63.00
N LYS O 67 1.95 -0.51 -64.09
CA LYS O 67 1.81 -1.79 -64.77
C LYS O 67 3.10 -2.49 -65.11
N PHE O 68 3.01 -3.86 -65.08
CA PHE O 68 4.16 -4.66 -65.30
C PHE O 68 3.74 -6.03 -65.74
N LYS O 69 4.76 -6.75 -66.25
CA LYS O 69 4.72 -8.11 -66.71
C LYS O 69 5.86 -8.82 -66.06
N THR O 70 5.80 -10.17 -66.03
CA THR O 70 6.63 -10.97 -65.18
C THR O 70 7.06 -12.14 -65.98
N PHE O 71 8.40 -12.32 -65.99
CA PHE O 71 9.08 -13.45 -66.63
C PHE O 71 9.39 -14.32 -65.42
N GLY O 72 9.59 -15.65 -65.62
CA GLY O 72 9.56 -16.61 -64.54
C GLY O 72 8.24 -17.30 -64.43
N CYS O 73 7.16 -16.59 -64.04
CA CYS O 73 5.84 -17.19 -63.93
C CYS O 73 4.87 -16.20 -64.51
N GLY O 74 3.93 -16.70 -65.35
CA GLY O 74 2.95 -15.87 -66.03
C GLY O 74 1.78 -15.61 -65.14
N SER O 75 1.69 -16.39 -64.03
CA SER O 75 0.66 -16.30 -63.01
C SER O 75 0.61 -14.95 -62.37
N ALA O 76 1.83 -14.33 -62.24
CA ALA O 76 2.00 -13.07 -61.55
C ALA O 76 1.40 -11.91 -62.27
N ILE O 77 1.26 -12.04 -63.62
CA ILE O 77 0.73 -11.07 -64.54
C ILE O 77 -0.69 -10.71 -64.21
N ALA O 78 -1.53 -11.73 -63.77
CA ALA O 78 -2.93 -11.57 -63.41
C ALA O 78 -3.10 -10.68 -62.21
N SER O 79 -2.17 -10.76 -61.23
CA SER O 79 -2.11 -9.89 -60.05
C SER O 79 -1.80 -8.48 -60.43
N SER O 80 -0.84 -8.27 -61.36
CA SER O 80 -0.37 -7.00 -61.81
C SER O 80 -1.52 -6.24 -62.42
N SER O 81 -2.31 -6.90 -63.29
CA SER O 81 -3.49 -6.39 -63.96
C SER O 81 -4.52 -5.91 -62.94
N TYR O 82 -4.92 -6.75 -61.97
CA TYR O 82 -5.95 -6.47 -61.01
C TYR O 82 -5.54 -5.35 -60.10
N MET O 83 -4.23 -5.26 -59.74
CA MET O 83 -3.66 -4.22 -58.93
C MET O 83 -3.71 -2.89 -59.60
N THR O 84 -3.34 -2.83 -60.92
CA THR O 84 -3.30 -1.59 -61.68
C THR O 84 -4.67 -0.97 -61.79
N GLU O 85 -5.71 -1.80 -61.96
CA GLU O 85 -7.10 -1.41 -61.97
C GLU O 85 -7.47 -0.66 -60.69
N LEU O 86 -7.14 -1.23 -59.49
CA LEU O 86 -7.45 -0.58 -58.23
C LEU O 86 -6.73 0.75 -58.05
N VAL O 87 -5.38 0.76 -58.29
CA VAL O 87 -4.55 1.95 -58.07
C VAL O 87 -4.94 3.15 -58.91
N GLN O 88 -5.37 2.84 -60.16
CA GLN O 88 -5.98 3.81 -61.04
C GLN O 88 -7.34 4.20 -60.55
N GLY O 89 -7.64 5.51 -60.55
CA GLY O 89 -8.85 6.09 -59.97
C GLY O 89 -8.66 6.38 -58.50
N MET O 90 -7.44 6.14 -57.95
CA MET O 90 -7.21 6.27 -56.53
C MET O 90 -5.91 7.03 -56.38
N THR O 91 -5.57 7.41 -55.14
CA THR O 91 -4.43 8.17 -54.66
C THR O 91 -3.10 7.57 -55.09
N LEU O 92 -2.12 8.46 -55.39
CA LEU O 92 -0.85 8.17 -55.95
C LEU O 92 -0.04 7.21 -55.12
N ASP O 93 -0.21 7.32 -53.79
CA ASP O 93 0.51 6.60 -52.77
C ASP O 93 0.29 5.13 -52.88
N ASP O 94 -0.97 4.70 -53.19
CA ASP O 94 -1.46 3.34 -53.42
C ASP O 94 -0.58 2.53 -54.33
N ALA O 95 -0.10 3.16 -55.43
CA ALA O 95 0.69 2.51 -56.49
C ALA O 95 2.06 2.14 -56.06
N ALA O 96 2.58 2.70 -54.92
CA ALA O 96 3.82 2.33 -54.29
C ALA O 96 3.72 1.04 -53.50
N LYS O 97 4.89 0.53 -53.00
CA LYS O 97 5.08 -0.63 -52.14
C LYS O 97 4.33 -1.90 -52.56
N ILE O 98 4.50 -2.28 -53.85
CA ILE O 98 3.85 -3.39 -54.50
C ILE O 98 4.25 -4.70 -53.85
N LYS O 99 3.24 -5.56 -53.60
CA LYS O 99 3.31 -6.84 -52.94
C LYS O 99 3.83 -7.87 -53.90
N ASN O 100 4.54 -8.98 -53.54
CA ASN O 100 4.70 -9.68 -52.26
C ASN O 100 3.49 -10.56 -52.11
N THR O 101 2.65 -10.33 -51.04
CA THR O 101 1.57 -11.14 -50.59
C THR O 101 0.49 -11.32 -51.61
N GLU O 102 0.11 -10.25 -52.36
CA GLU O 102 -0.96 -10.34 -53.34
C GLU O 102 -0.68 -11.35 -54.46
N ILE O 103 0.55 -11.35 -55.03
CA ILE O 103 0.97 -12.32 -56.01
C ILE O 103 1.00 -13.69 -55.39
N ALA O 104 1.56 -13.81 -54.17
CA ALA O 104 1.82 -15.10 -53.52
C ALA O 104 0.60 -15.92 -53.23
N LYS O 105 -0.47 -15.24 -52.76
CA LYS O 105 -1.74 -15.86 -52.48
C LYS O 105 -2.46 -16.44 -53.66
N GLU O 106 -2.35 -15.80 -54.84
CA GLU O 106 -3.32 -15.88 -55.92
C GLU O 106 -3.56 -17.26 -56.45
N LEU O 107 -2.55 -18.12 -56.59
CA LEU O 107 -2.64 -19.42 -57.23
C LEU O 107 -2.99 -20.40 -56.15
N SER O 108 -2.15 -20.45 -55.12
CA SER O 108 -2.25 -21.34 -54.00
C SER O 108 -1.42 -20.74 -52.91
N LEU O 109 -1.63 -21.24 -51.64
CA LEU O 109 -1.09 -20.69 -50.43
C LEU O 109 0.43 -20.81 -50.41
N PRO O 110 1.18 -19.84 -49.93
CA PRO O 110 2.64 -19.83 -49.94
C PRO O 110 3.03 -20.32 -48.59
N PRO O 111 4.25 -20.68 -48.34
CA PRO O 111 4.74 -21.08 -47.03
C PRO O 111 5.18 -19.86 -46.23
N VAL O 112 5.13 -18.66 -46.87
CA VAL O 112 5.59 -17.40 -46.35
C VAL O 112 7.09 -17.49 -46.18
N LYS O 113 7.73 -18.30 -47.05
CA LYS O 113 9.14 -18.40 -47.17
C LYS O 113 9.39 -18.15 -48.65
N LEU O 114 10.05 -17.04 -48.93
CA LEU O 114 10.27 -16.53 -50.28
C LEU O 114 11.49 -17.15 -50.89
N HIS O 115 11.51 -17.17 -52.24
CA HIS O 115 12.68 -17.42 -53.00
C HIS O 115 12.42 -16.72 -54.29
N CYS O 116 13.48 -16.64 -55.14
CA CYS O 116 13.52 -15.83 -56.32
C CYS O 116 12.49 -16.23 -57.35
N SER O 117 11.37 -15.49 -57.37
CA SER O 117 10.27 -15.60 -58.29
C SER O 117 9.41 -14.37 -58.08
N MET O 118 9.73 -13.54 -57.05
CA MET O 118 9.01 -12.34 -56.71
C MET O 118 10.04 -11.28 -56.74
N LEU O 119 9.98 -10.37 -57.73
CA LEU O 119 10.90 -9.26 -57.88
C LEU O 119 10.14 -8.00 -57.56
N ALA O 120 8.80 -8.08 -57.31
CA ALA O 120 7.89 -6.94 -57.26
C ALA O 120 8.28 -5.94 -56.17
N GLU O 121 8.81 -6.41 -54.99
CA GLU O 121 9.29 -5.58 -53.91
C GLU O 121 10.48 -4.78 -54.36
N ASP O 122 11.47 -5.45 -54.94
CA ASP O 122 12.70 -4.83 -55.43
C ASP O 122 12.50 -3.82 -56.55
N ALA O 123 11.50 -4.15 -57.43
CA ALA O 123 11.10 -3.43 -58.61
C ALA O 123 10.52 -2.10 -58.22
N ILE O 124 9.60 -2.09 -57.23
CA ILE O 124 8.97 -0.89 -56.75
C ILE O 124 9.92 0.08 -56.09
N LYS O 125 10.88 -0.41 -55.23
CA LYS O 125 11.93 0.40 -54.59
C LYS O 125 12.73 1.20 -55.60
N ALA O 126 13.16 0.55 -56.70
CA ALA O 126 13.85 1.19 -57.82
C ALA O 126 13.02 2.30 -58.48
N ALA O 127 11.73 2.02 -58.80
CA ALA O 127 10.82 2.91 -59.46
C ALA O 127 10.54 4.14 -58.67
N ILE O 128 10.32 4.02 -57.32
CA ILE O 128 9.96 5.14 -56.46
C ILE O 128 11.14 5.99 -56.17
N LYS O 129 12.37 5.42 -56.07
CA LYS O 129 13.60 6.15 -55.89
C LYS O 129 13.90 7.03 -57.10
N ASP O 130 13.74 6.49 -58.33
CA ASP O 130 13.90 7.12 -59.62
C ASP O 130 12.96 8.28 -59.75
N TYR O 131 11.65 8.05 -59.36
CA TYR O 131 10.61 9.06 -59.38
C TYR O 131 11.00 10.29 -58.59
N LYS O 132 11.44 10.07 -57.32
CA LYS O 132 11.88 11.12 -56.43
C LYS O 132 13.03 11.94 -56.96
N SER O 133 14.00 11.30 -57.61
CA SER O 133 15.18 11.98 -58.13
C SER O 133 14.82 13.00 -59.16
N LYS O 134 13.97 12.63 -60.17
CA LYS O 134 13.61 13.46 -61.25
C LYS O 134 12.69 14.59 -60.80
N ARG O 135 11.81 14.33 -59.79
CA ARG O 135 11.03 15.37 -59.16
C ARG O 135 11.90 16.37 -58.41
N ASN O 136 12.96 15.91 -57.74
CA ASN O 136 13.94 16.65 -56.96
C ASN O 136 13.47 16.77 -55.54
N THR O 137 13.09 15.65 -54.93
CA THR O 137 12.77 15.59 -53.51
C THR O 137 13.77 14.57 -53.03
N PRO O 138 14.75 14.87 -52.16
CA PRO O 138 15.77 13.92 -51.80
C PRO O 138 15.70 13.58 -50.34
N THR O 139 14.70 14.14 -49.61
CA THR O 139 14.58 14.06 -48.17
C THR O 139 14.17 12.72 -47.71
N MET O 140 13.20 12.10 -48.41
CA MET O 140 12.69 10.80 -48.12
C MET O 140 13.32 9.77 -48.99
N LEU O 141 14.13 10.22 -49.99
CA LEU O 141 14.80 9.32 -50.91
C LEU O 141 15.93 8.58 -50.23
N SER O 142 16.75 9.33 -49.45
CA SER O 142 17.87 8.82 -48.69
C SER O 142 17.66 9.17 -47.20
N VAL P 1 -22.16 28.32 -44.51
CA VAL P 1 -22.82 28.83 -43.29
C VAL P 1 -22.34 28.09 -42.06
N GLU P 2 -22.80 28.50 -40.85
CA GLU P 2 -22.40 28.02 -39.57
C GLU P 2 -22.69 26.55 -39.43
N SER P 3 -21.79 25.76 -38.78
CA SER P 3 -21.95 24.35 -38.48
C SER P 3 -21.76 23.48 -39.68
N SER P 4 -21.23 22.24 -39.56
CA SER P 4 -20.57 21.64 -38.42
C SER P 4 -19.22 22.29 -38.23
N THR P 5 -18.55 22.66 -39.35
CA THR P 5 -17.31 23.41 -39.43
C THR P 5 -16.13 22.51 -39.12
N ASP P 6 -14.94 22.62 -39.85
CA ASP P 6 -14.66 23.48 -41.00
C ASP P 6 -14.47 22.57 -42.18
N GLY P 7 -14.96 23.00 -43.37
CA GLY P 7 -15.02 22.16 -44.54
C GLY P 7 -16.27 21.30 -44.48
N GLN P 8 -17.06 21.51 -43.41
CA GLN P 8 -18.34 20.91 -43.14
C GLN P 8 -19.37 22.03 -43.08
N VAL P 9 -19.02 23.21 -43.64
CA VAL P 9 -19.82 24.44 -43.51
C VAL P 9 -21.10 24.34 -44.27
N VAL P 10 -21.05 23.73 -45.47
CA VAL P 10 -22.14 23.51 -46.39
C VAL P 10 -22.81 24.80 -46.85
N PRO P 11 -22.20 25.53 -47.77
CA PRO P 11 -22.84 26.64 -48.45
C PRO P 11 -23.48 26.05 -49.66
N GLN P 12 -23.25 24.71 -49.85
CA GLN P 12 -23.75 23.87 -50.96
C GLN P 12 -22.82 24.02 -52.13
N GLU P 13 -21.50 24.18 -51.87
CA GLU P 13 -20.50 24.15 -52.92
C GLU P 13 -19.12 23.98 -52.27
N VAL P 14 -19.04 23.51 -51.00
CA VAL P 14 -17.74 23.28 -50.33
C VAL P 14 -17.03 22.06 -50.85
N LEU P 15 -17.74 21.08 -51.51
CA LEU P 15 -17.10 19.96 -52.16
C LEU P 15 -16.69 20.41 -53.53
N ASN P 16 -15.36 20.32 -53.81
CA ASN P 16 -14.60 20.65 -54.98
C ASN P 16 -13.61 21.74 -54.66
N LEU P 17 -13.36 21.97 -53.36
CA LEU P 17 -12.42 22.92 -52.87
C LEU P 17 -11.34 22.11 -52.18
N PRO P 18 -10.03 22.44 -52.29
CA PRO P 18 -8.97 21.64 -51.69
C PRO P 18 -8.89 21.90 -50.22
N LEU P 19 -8.63 20.83 -49.45
CA LEU P 19 -8.53 20.96 -48.02
C LEU P 19 -7.75 19.77 -47.57
N GLU P 20 -7.06 19.91 -46.41
CA GLU P 20 -6.24 18.92 -45.76
C GLU P 20 -7.03 17.72 -45.32
N LYS P 21 -6.35 16.54 -45.24
CA LYS P 21 -6.96 15.26 -44.93
C LYS P 21 -7.64 15.29 -43.55
N ALA P 22 -6.99 15.93 -42.55
CA ALA P 22 -7.59 16.06 -41.25
C ALA P 22 -7.10 17.34 -40.62
N HIS P 23 -7.87 17.89 -39.68
CA HIS P 23 -7.43 18.92 -38.77
C HIS P 23 -7.90 18.60 -37.38
N GLU P 24 -9.04 17.88 -37.31
CA GLU P 24 -9.72 17.47 -36.11
C GLU P 24 -10.35 16.15 -36.54
N GLU P 25 -10.39 15.11 -35.66
CA GLU P 25 -9.98 14.98 -34.27
C GLU P 25 -9.02 13.79 -34.31
N ALA P 26 -8.39 13.44 -33.15
CA ALA P 26 -7.54 12.27 -33.05
C ALA P 26 -8.33 10.98 -33.26
N ASP P 27 -9.59 11.00 -32.74
CA ASP P 27 -10.48 9.87 -32.87
C ASP P 27 -10.88 9.59 -34.29
N ASP P 28 -10.74 10.59 -35.21
CA ASP P 28 -11.11 10.49 -36.60
C ASP P 28 -10.35 9.39 -37.29
N TYR P 29 -9.02 9.29 -37.00
CA TYR P 29 -8.14 8.20 -37.39
C TYR P 29 -8.69 6.78 -37.22
N LEU P 30 -9.21 6.42 -36.03
CA LEU P 30 -9.86 5.13 -35.74
C LEU P 30 -11.08 4.93 -36.59
N ASP P 31 -11.92 5.96 -36.75
CA ASP P 31 -13.15 5.94 -37.57
C ASP P 31 -12.84 5.67 -39.00
N HIS P 32 -11.82 6.37 -39.53
CA HIS P 32 -11.28 6.27 -40.88
C HIS P 32 -10.80 4.86 -41.11
N LEU P 33 -10.07 4.25 -40.13
CA LEU P 33 -9.59 2.88 -40.23
C LEU P 33 -10.70 1.88 -40.41
N LEU P 34 -11.76 1.97 -39.56
CA LEU P 34 -12.94 1.15 -39.63
C LEU P 34 -13.69 1.30 -40.93
N ASP P 35 -13.87 2.58 -41.38
CA ASP P 35 -14.52 2.99 -42.60
C ASP P 35 -13.88 2.33 -43.80
N SER P 36 -12.51 2.37 -43.90
CA SER P 36 -11.77 1.74 -44.96
C SER P 36 -11.95 0.23 -45.03
N LEU P 37 -11.89 -0.46 -43.84
CA LEU P 37 -12.04 -1.90 -43.68
C LEU P 37 -13.35 -2.39 -44.20
N GLU P 38 -14.46 -1.70 -43.76
CA GLU P 38 -15.78 -1.99 -44.26
C GLU P 38 -15.99 -1.76 -45.74
N GLU P 39 -15.45 -0.63 -46.25
CA GLU P 39 -15.61 -0.18 -47.59
C GLU P 39 -15.00 -1.17 -48.60
N LEU P 40 -13.73 -1.62 -48.34
CA LEU P 40 -13.01 -2.61 -49.15
C LEU P 40 -13.69 -3.94 -49.15
N SER P 41 -14.07 -4.41 -47.97
CA SER P 41 -14.73 -5.70 -47.74
C SER P 41 -16.07 -5.81 -48.43
N GLU P 42 -16.84 -4.70 -48.46
CA GLU P 42 -18.21 -4.47 -48.87
C GLU P 42 -18.74 -5.46 -49.90
N ALA P 43 -19.91 -6.11 -49.58
CA ALA P 43 -20.59 -7.08 -50.40
C ALA P 43 -19.73 -8.23 -50.84
N HIS P 44 -19.05 -8.90 -49.87
CA HIS P 44 -18.29 -10.12 -50.10
C HIS P 44 -17.90 -10.60 -48.71
N PRO P 45 -18.70 -11.50 -48.07
CA PRO P 45 -18.42 -12.05 -46.75
C PRO P 45 -17.65 -13.33 -46.88
N ASP P 46 -17.32 -13.83 -48.10
CA ASP P 46 -16.67 -15.09 -48.33
C ASP P 46 -15.26 -15.06 -47.85
N CYS P 47 -14.54 -13.97 -48.17
CA CYS P 47 -13.13 -13.85 -47.84
C CYS P 47 -12.99 -12.86 -46.75
N ILE P 48 -14.10 -12.50 -46.09
CA ILE P 48 -14.04 -11.67 -44.92
C ILE P 48 -15.21 -12.21 -44.12
N PRO P 49 -15.00 -13.24 -43.28
CA PRO P 49 -16.10 -13.84 -42.55
C PRO P 49 -16.52 -13.01 -41.38
N ASP P 50 -15.63 -12.12 -40.83
CA ASP P 50 -15.97 -11.31 -39.69
C ASP P 50 -15.11 -10.08 -39.71
N VAL P 51 -15.65 -9.01 -39.05
CA VAL P 51 -14.92 -7.82 -38.77
C VAL P 51 -15.53 -7.53 -37.41
N GLU P 52 -14.67 -7.18 -36.44
CA GLU P 52 -15.17 -6.80 -35.10
C GLU P 52 -14.35 -5.63 -34.57
N LEU P 53 -15.05 -4.71 -33.85
CA LEU P 53 -14.42 -3.70 -33.04
C LEU P 53 -15.08 -4.01 -31.72
N SER P 54 -14.30 -4.47 -30.71
CA SER P 54 -14.85 -4.95 -29.46
C SER P 54 -14.74 -3.86 -28.43
N HIS P 55 -13.60 -3.14 -28.36
CA HIS P 55 -13.32 -2.15 -27.34
C HIS P 55 -12.28 -1.21 -27.85
N GLY P 56 -12.04 -1.23 -29.17
CA GLY P 56 -11.01 -0.39 -29.75
C GLY P 56 -9.93 -1.30 -30.20
N VAL P 57 -10.21 -2.63 -30.26
CA VAL P 57 -9.32 -3.63 -30.78
C VAL P 57 -10.06 -4.02 -32.00
N MET P 58 -9.40 -4.01 -33.16
CA MET P 58 -10.05 -4.27 -34.40
C MET P 58 -9.35 -5.44 -35.02
N THR P 59 -10.19 -6.45 -35.39
CA THR P 59 -9.78 -7.70 -35.96
C THR P 59 -10.30 -7.65 -37.37
N LEU P 60 -9.46 -8.10 -38.32
CA LEU P 60 -9.89 -8.26 -39.69
C LEU P 60 -9.49 -9.66 -40.07
N GLU P 61 -10.51 -10.55 -40.07
CA GLU P 61 -10.47 -11.91 -40.54
C GLU P 61 -10.44 -11.92 -42.03
N ILE P 62 -9.41 -12.59 -42.61
CA ILE P 62 -9.25 -12.82 -44.03
C ILE P 62 -8.78 -14.27 -44.08
N PRO P 63 -9.40 -15.22 -44.83
CA PRO P 63 -9.04 -16.61 -44.69
C PRO P 63 -8.34 -17.01 -45.92
N ALA P 64 -8.05 -15.99 -46.80
CA ALA P 64 -7.30 -16.24 -47.97
C ALA P 64 -6.00 -15.47 -47.92
N PHE P 65 -5.74 -14.76 -46.81
CA PHE P 65 -4.57 -13.94 -46.62
C PHE P 65 -4.16 -14.09 -45.21
N GLY P 66 -2.95 -13.61 -44.95
CA GLY P 66 -2.27 -13.72 -43.67
C GLY P 66 -2.82 -12.59 -42.89
N THR P 67 -3.53 -12.85 -41.79
CA THR P 67 -4.23 -11.86 -41.02
C THR P 67 -3.29 -11.12 -40.13
N TYR P 68 -3.78 -10.00 -39.55
CA TYR P 68 -3.06 -9.14 -38.64
C TYR P 68 -4.12 -8.53 -37.79
N VAL P 69 -3.76 -8.16 -36.55
CA VAL P 69 -4.62 -7.49 -35.59
C VAL P 69 -3.77 -6.31 -35.28
N ILE P 70 -4.25 -5.13 -35.70
CA ILE P 70 -3.54 -3.89 -35.54
C ILE P 70 -4.29 -3.17 -34.49
N ASN P 71 -3.55 -2.37 -33.73
CA ASN P 71 -4.00 -1.67 -32.58
C ASN P 71 -3.14 -0.45 -32.52
N LYS P 72 -3.55 0.51 -31.65
CA LYS P 72 -2.75 1.65 -31.27
C LYS P 72 -1.51 1.17 -30.52
N GLN P 73 -0.38 1.82 -30.86
CA GLN P 73 0.89 1.53 -30.30
C GLN P 73 1.05 2.66 -29.31
N PRO P 74 1.54 2.47 -28.08
CA PRO P 74 1.79 3.54 -27.10
C PRO P 74 2.38 4.79 -27.69
N PRO P 75 1.98 6.01 -27.29
CA PRO P 75 2.26 7.25 -27.97
C PRO P 75 3.63 7.44 -28.56
N ASN P 76 3.68 8.20 -29.67
CA ASN P 76 4.84 8.33 -30.50
C ASN P 76 4.95 7.11 -31.38
N LYS P 77 4.79 7.29 -32.71
CA LYS P 77 4.78 6.26 -33.73
C LYS P 77 3.67 5.30 -33.45
N GLN P 78 2.44 5.86 -33.29
CA GLN P 78 1.27 5.16 -32.84
C GLN P 78 0.63 4.52 -34.01
N ILE P 79 0.14 3.27 -33.78
CA ILE P 79 -0.33 2.31 -34.77
C ILE P 79 0.86 1.55 -35.23
N TRP P 80 0.88 0.24 -34.89
CA TRP P 80 1.91 -0.73 -35.28
C TRP P 80 1.32 -1.60 -36.36
N LEU P 81 2.11 -1.83 -37.43
CA LEU P 81 1.76 -2.72 -38.52
C LEU P 81 2.78 -3.80 -38.57
N ALA P 82 2.34 -5.08 -38.62
CA ALA P 82 3.26 -6.21 -38.62
C ALA P 82 3.12 -6.86 -39.99
N SER P 83 4.29 -7.01 -40.64
CA SER P 83 4.41 -7.60 -41.96
C SER P 83 5.40 -8.69 -41.78
N PRO P 84 5.22 -9.91 -42.27
CA PRO P 84 6.15 -11.00 -42.03
C PRO P 84 7.37 -10.87 -42.94
N LEU P 85 7.30 -10.15 -44.08
CA LEU P 85 8.40 -10.13 -44.99
C LEU P 85 9.46 -9.16 -44.53
N SER P 86 9.04 -7.97 -44.04
CA SER P 86 9.88 -6.82 -43.79
C SER P 86 9.89 -6.54 -42.30
N GLY P 87 9.23 -7.39 -41.46
CA GLY P 87 9.26 -7.27 -40.03
C GLY P 87 8.21 -6.31 -39.54
N PRO P 88 8.29 -5.93 -38.28
CA PRO P 88 7.41 -4.95 -37.72
C PRO P 88 7.86 -3.56 -38.15
N ASN P 89 6.89 -2.63 -38.33
CA ASN P 89 7.15 -1.26 -38.78
C ASN P 89 6.11 -0.44 -38.08
N ARG P 90 6.25 0.90 -38.13
CA ARG P 90 5.33 1.83 -37.51
C ARG P 90 5.09 3.02 -38.38
N PHE P 91 3.92 3.64 -38.11
CA PHE P 91 3.31 4.71 -38.91
C PHE P 91 3.21 5.90 -38.02
N ASP P 92 3.56 7.15 -38.47
CA ASP P 92 3.36 8.35 -37.72
C ASP P 92 2.73 9.37 -38.66
N LEU P 93 1.93 10.32 -38.11
CA LEU P 93 1.37 11.42 -38.87
C LEU P 93 2.46 12.27 -39.45
N LEU P 94 2.26 12.69 -40.72
CA LEU P 94 3.22 13.60 -41.31
C LEU P 94 2.48 14.73 -41.95
N ASN P 95 1.24 14.58 -42.43
CA ASN P 95 0.60 15.71 -43.07
C ASN P 95 -0.90 15.60 -43.03
N GLY P 96 -1.44 14.75 -42.14
CA GLY P 96 -2.87 14.70 -41.89
C GLY P 96 -3.38 13.29 -41.91
N GLU P 97 -2.52 12.33 -42.22
CA GLU P 97 -2.89 10.92 -42.21
C GLU P 97 -1.61 10.27 -41.84
N TRP P 98 -1.67 9.01 -41.32
CA TRP P 98 -0.49 8.27 -40.98
C TRP P 98 0.30 7.90 -42.25
N VAL P 99 1.62 8.21 -42.25
CA VAL P 99 2.49 8.08 -43.37
C VAL P 99 3.63 7.27 -42.91
N SER P 100 3.98 6.22 -43.70
CA SER P 100 5.05 5.29 -43.46
C SER P 100 6.38 6.03 -43.44
N LEU P 101 7.17 5.69 -42.43
CA LEU P 101 8.43 6.33 -42.09
C LEU P 101 9.50 5.50 -42.86
N ARG P 102 9.04 4.46 -43.55
CA ARG P 102 9.89 3.56 -44.34
C ARG P 102 9.59 3.71 -45.80
N ASN P 103 8.58 4.54 -46.17
CA ASN P 103 8.25 4.75 -47.54
C ASN P 103 8.04 6.21 -47.74
N GLY P 104 6.88 6.75 -47.29
CA GLY P 104 6.43 8.05 -47.70
C GLY P 104 5.00 7.95 -48.13
N THR P 105 4.45 6.71 -48.07
CA THR P 105 3.12 6.38 -48.48
C THR P 105 2.24 5.97 -47.35
N LYS P 106 0.94 6.34 -47.39
CA LYS P 106 -0.04 6.16 -46.36
C LYS P 106 -0.37 4.70 -46.09
N LEU P 107 -0.91 4.47 -44.86
CA LEU P 107 -1.32 3.20 -44.31
C LEU P 107 -2.44 2.52 -45.00
N THR P 108 -3.45 3.31 -45.45
CA THR P 108 -4.72 2.82 -45.98
C THR P 108 -4.51 2.00 -47.22
N ASP P 109 -3.59 2.48 -48.08
CA ASP P 109 -3.05 1.84 -49.25
C ASP P 109 -2.73 0.34 -49.18
N ILE P 110 -2.16 -0.12 -48.05
CA ILE P 110 -1.80 -1.49 -47.78
C ILE P 110 -3.00 -2.35 -47.63
N LEU P 111 -3.99 -1.84 -46.92
CA LEU P 111 -5.23 -2.52 -46.66
C LEU P 111 -5.99 -2.74 -47.92
N THR P 112 -6.12 -1.71 -48.74
CA THR P 112 -6.64 -1.75 -50.12
C THR P 112 -6.12 -2.92 -50.90
N GLU P 113 -4.78 -3.01 -51.09
CA GLU P 113 -4.15 -4.06 -51.83
C GLU P 113 -4.51 -5.47 -51.39
N GLU P 114 -4.29 -5.84 -50.10
CA GLU P 114 -4.49 -7.21 -49.64
C GLU P 114 -5.91 -7.65 -49.46
N VAL P 115 -6.79 -6.71 -48.98
CA VAL P 115 -8.17 -6.98 -48.71
C VAL P 115 -8.94 -7.20 -50.00
N GLU P 116 -8.77 -6.30 -51.01
CA GLU P 116 -9.53 -6.38 -52.20
C GLU P 116 -9.00 -7.41 -53.12
N LYS P 117 -7.68 -7.76 -53.04
CA LYS P 117 -7.09 -8.93 -53.64
C LYS P 117 -7.60 -10.23 -53.05
N ALA P 118 -8.20 -10.22 -51.82
CA ALA P 118 -8.68 -11.42 -51.18
C ALA P 118 -10.03 -11.75 -51.76
N ILE P 119 -10.90 -10.72 -51.97
CA ILE P 119 -12.16 -10.85 -52.67
C ILE P 119 -11.92 -11.42 -54.06
N SER P 120 -10.85 -10.99 -54.76
CA SER P 120 -10.41 -11.47 -56.08
C SER P 120 -10.11 -12.96 -56.03
N LYS P 121 -9.06 -13.35 -55.22
CA LYS P 121 -8.52 -14.67 -55.10
C LYS P 121 -8.19 -14.82 -53.62
N GLY Q 1 46.80 14.56 -31.43
CA GLY Q 1 47.34 15.57 -32.36
C GLY Q 1 48.81 15.39 -32.52
N SER Q 2 49.30 15.53 -33.75
CA SER Q 2 50.69 15.43 -34.11
C SER Q 2 50.82 16.23 -35.38
N HIS Q 3 52.09 16.60 -35.76
CA HIS Q 3 52.39 17.56 -36.80
C HIS Q 3 52.06 17.07 -38.16
N MET Q 4 51.51 18.01 -39.00
CA MET Q 4 51.03 17.83 -40.36
C MET Q 4 52.15 17.54 -41.35
N SER Q 5 53.27 18.31 -41.41
CA SER Q 5 53.59 19.57 -40.83
C SER Q 5 53.12 20.62 -41.79
N SER Q 6 52.52 21.69 -41.27
CA SER Q 6 51.96 22.72 -42.12
C SER Q 6 51.83 23.99 -41.31
N ILE Q 7 52.28 24.03 -40.02
CA ILE Q 7 52.29 25.25 -39.24
C ILE Q 7 53.65 25.80 -39.26
N THR Q 8 53.86 26.86 -40.09
CA THR Q 8 55.11 27.55 -40.34
C THR Q 8 56.22 26.61 -40.72
N LYS Q 9 55.91 25.54 -41.48
CA LYS Q 9 56.89 24.54 -41.85
C LYS Q 9 56.36 24.06 -43.17
N ARG Q 10 57.21 23.75 -44.19
CA ARG Q 10 58.65 23.80 -44.17
C ARG Q 10 59.04 24.12 -45.60
N LEU Q 11 60.12 24.94 -45.73
CA LEU Q 11 60.69 25.44 -46.95
C LEU Q 11 59.87 26.50 -47.64
N TYR Q 12 58.64 26.78 -47.18
CA TYR Q 12 57.76 27.77 -47.72
C TYR Q 12 58.29 29.19 -47.49
N HIS Q 13 58.79 29.59 -46.28
CA HIS Q 13 58.79 28.98 -44.96
C HIS Q 13 57.55 29.20 -44.15
N PRO Q 14 56.68 30.24 -44.22
CA PRO Q 14 55.55 30.36 -43.34
C PRO Q 14 54.32 29.90 -44.12
N LYS Q 15 53.75 28.73 -43.75
CA LYS Q 15 52.51 28.15 -44.23
C LYS Q 15 52.59 27.73 -45.68
N VAL Q 16 51.71 26.81 -46.04
CA VAL Q 16 51.53 26.18 -47.32
C VAL Q 16 50.48 26.97 -48.05
N ILE Q 17 49.44 27.45 -47.31
CA ILE Q 17 48.31 28.24 -47.77
C ILE Q 17 48.86 29.53 -48.37
N GLU Q 18 49.91 30.11 -47.71
CA GLU Q 18 50.55 31.29 -48.18
C GLU Q 18 51.22 31.11 -49.51
N HIS Q 19 51.89 29.96 -49.68
CA HIS Q 19 52.56 29.57 -50.87
C HIS Q 19 51.61 29.38 -52.04
N TYR Q 20 50.47 28.72 -51.76
CA TYR Q 20 49.39 28.52 -52.70
C TYR Q 20 48.73 29.79 -53.17
N THR Q 21 48.42 30.73 -52.23
CA THR Q 21 47.80 31.98 -52.53
C THR Q 21 48.58 32.95 -51.71
N HIS Q 22 49.47 33.81 -52.26
CA HIS Q 22 50.05 33.95 -53.58
C HIS Q 22 49.16 34.92 -54.35
N PRO Q 23 49.57 36.12 -54.71
CA PRO Q 23 50.86 36.74 -54.45
C PRO Q 23 50.98 37.04 -52.97
N ARG Q 24 52.18 36.74 -52.43
CA ARG Q 24 52.50 36.88 -51.02
C ARG Q 24 53.36 38.14 -50.88
N ASN Q 25 53.05 39.08 -49.94
CA ASN Q 25 51.94 39.09 -48.98
C ASN Q 25 50.57 39.38 -49.62
N VAL Q 26 50.43 40.37 -50.56
CA VAL Q 26 51.26 41.45 -51.02
C VAL Q 26 50.63 42.71 -50.49
N GLY Q 27 49.43 42.59 -49.82
CA GLY Q 27 48.69 43.71 -49.31
C GLY Q 27 47.79 44.31 -50.35
N SER Q 28 47.65 43.61 -51.48
CA SER Q 28 46.73 43.96 -52.54
C SER Q 28 46.25 42.72 -53.23
N LEU Q 29 46.46 41.53 -52.56
CA LEU Q 29 46.14 40.23 -53.09
C LEU Q 29 44.66 40.08 -53.26
N ASP Q 30 44.19 39.30 -54.27
CA ASP Q 30 42.80 39.03 -54.50
C ASP Q 30 42.61 37.56 -54.58
N LYS Q 31 41.32 37.12 -54.56
CA LYS Q 31 40.99 35.73 -54.71
C LYS Q 31 40.04 35.76 -55.89
N LYS Q 32 40.38 35.00 -56.94
CA LYS Q 32 39.63 34.93 -58.14
C LYS Q 32 40.05 33.61 -58.77
N LEU Q 33 39.39 33.10 -59.82
CA LEU Q 33 38.20 33.54 -60.49
C LEU Q 33 37.14 32.48 -60.54
N PRO Q 34 37.31 31.14 -60.72
CA PRO Q 34 36.18 30.22 -60.71
C PRO Q 34 35.63 30.04 -59.31
N ASN Q 35 34.30 29.96 -59.22
CA ASN Q 35 33.60 29.72 -57.96
C ASN Q 35 32.31 29.05 -58.37
N VAL Q 36 31.69 28.30 -57.47
CA VAL Q 36 30.50 27.50 -57.69
C VAL Q 36 29.35 28.03 -56.88
N GLY Q 37 29.53 29.02 -55.95
CA GLY Q 37 28.47 29.60 -55.17
C GLY Q 37 28.15 28.83 -53.93
N THR Q 38 29.07 27.97 -53.46
CA THR Q 38 28.87 27.22 -52.23
C THR Q 38 29.26 28.08 -51.06
N GLY Q 39 28.94 27.55 -49.84
CA GLY Q 39 29.15 28.16 -48.55
C GLY Q 39 30.53 28.72 -48.28
N LEU Q 40 30.60 30.05 -48.04
CA LEU Q 40 31.77 30.83 -47.71
C LEU Q 40 31.53 31.29 -46.31
N VAL Q 41 32.58 31.23 -45.46
CA VAL Q 41 32.53 31.60 -44.07
C VAL Q 41 33.91 32.13 -43.75
N GLY Q 42 33.98 33.00 -42.74
CA GLY Q 42 35.20 33.58 -42.35
C GLY Q 42 34.97 34.40 -41.16
N ALA Q 43 36.01 34.39 -40.30
CA ALA Q 43 36.07 35.18 -39.11
C ALA Q 43 37.42 35.82 -39.23
N PRO Q 44 37.53 37.07 -39.72
CA PRO Q 44 38.83 37.63 -40.07
C PRO Q 44 39.53 38.14 -38.83
N ALA Q 45 38.79 38.26 -37.69
CA ALA Q 45 39.36 38.62 -36.41
C ALA Q 45 40.14 37.42 -35.82
N CYS Q 46 39.79 36.20 -36.25
CA CYS Q 46 40.46 34.96 -35.83
C CYS Q 46 41.42 34.50 -36.86
N GLY Q 47 41.45 35.22 -38.03
CA GLY Q 47 42.43 34.99 -39.07
C GLY Q 47 42.08 33.82 -40.00
N ASP Q 48 40.82 33.35 -40.06
CA ASP Q 48 40.44 32.15 -40.79
C ASP Q 48 39.33 32.43 -41.76
N VAL Q 49 39.26 31.58 -42.80
CA VAL Q 49 38.27 31.61 -43.86
C VAL Q 49 38.25 30.17 -44.25
N MET Q 50 37.06 29.61 -44.56
CA MET Q 50 36.93 28.27 -45.05
C MET Q 50 35.92 28.39 -46.18
N ARG Q 51 36.13 27.59 -47.24
CA ARG Q 51 35.22 27.53 -48.37
C ARG Q 51 35.21 26.10 -48.78
N LEU Q 52 34.08 25.40 -48.54
CA LEU Q 52 33.98 23.99 -48.91
C LEU Q 52 33.07 24.03 -50.10
N GLN Q 53 33.56 23.39 -51.21
CA GLN Q 53 32.81 23.34 -52.45
C GLN Q 53 32.49 21.91 -52.76
N ILE Q 54 31.20 21.58 -52.72
CA ILE Q 54 30.73 20.28 -53.11
C ILE Q 54 30.41 20.30 -54.59
N LYS Q 55 30.48 19.08 -55.20
CA LYS Q 55 29.94 18.80 -56.47
C LYS Q 55 29.00 17.68 -56.17
N VAL Q 56 27.82 17.68 -56.79
CA VAL Q 56 26.76 16.77 -56.41
C VAL Q 56 26.18 16.21 -57.68
N ASN Q 57 26.06 14.86 -57.74
CA ASN Q 57 25.29 14.19 -58.75
C ASN Q 57 23.85 14.45 -58.47
N ASP Q 58 23.18 15.17 -59.37
CA ASP Q 58 21.89 15.72 -59.15
C ASP Q 58 20.83 14.70 -58.83
N SER Q 59 20.80 13.62 -59.63
CA SER Q 59 19.80 12.58 -59.51
C SER Q 59 20.01 11.71 -58.28
N THR Q 60 21.27 11.33 -58.05
CA THR Q 60 21.65 10.42 -57.00
C THR Q 60 21.58 11.08 -55.62
N GLY Q 61 22.04 12.36 -55.50
CA GLY Q 61 22.07 13.05 -54.21
C GLY Q 61 23.37 12.73 -53.49
N VAL Q 62 24.38 12.19 -54.19
CA VAL Q 62 25.64 11.70 -53.68
C VAL Q 62 26.63 12.74 -54.05
N ILE Q 63 27.59 13.02 -53.12
CA ILE Q 63 28.67 13.98 -53.27
C ILE Q 63 29.72 13.27 -54.08
N GLU Q 64 29.92 13.74 -55.35
CA GLU Q 64 30.87 13.18 -56.30
C GLU Q 64 32.29 13.46 -55.87
N ASP Q 65 32.53 14.74 -55.48
CA ASP Q 65 33.79 15.28 -55.13
C ASP Q 65 33.49 16.42 -54.22
N VAL Q 66 34.46 16.79 -53.36
CA VAL Q 66 34.37 17.98 -52.52
C VAL Q 66 35.82 18.40 -52.38
N LYS Q 67 36.12 19.67 -52.67
CA LYS Q 67 37.44 20.23 -52.56
C LYS Q 67 37.28 21.41 -51.63
N PHE Q 68 38.40 21.88 -51.05
CA PHE Q 68 38.34 22.88 -50.01
C PHE Q 68 39.32 23.96 -50.28
N LYS Q 69 39.10 25.11 -49.63
CA LYS Q 69 40.07 26.12 -49.37
C LYS Q 69 40.12 26.25 -47.88
N THR Q 70 41.37 26.37 -47.35
CA THR Q 70 41.63 26.57 -45.95
C THR Q 70 42.52 27.78 -45.81
N PHE Q 71 42.11 28.73 -44.93
CA PHE Q 71 42.90 29.87 -44.54
C PHE Q 71 42.86 29.82 -43.04
N GLY Q 72 44.04 30.03 -42.39
CA GLY Q 72 44.16 30.05 -40.95
C GLY Q 72 45.22 29.09 -40.56
N CYS Q 73 44.94 28.31 -39.51
CA CYS Q 73 45.78 27.31 -38.94
C CYS Q 73 46.18 26.23 -39.90
N GLY Q 74 47.38 25.63 -39.67
CA GLY Q 74 47.95 24.63 -40.55
C GLY Q 74 47.35 23.30 -40.19
N SER Q 75 46.96 23.14 -38.90
CA SER Q 75 46.24 22.00 -38.37
C SER Q 75 44.89 21.84 -38.97
N ALA Q 76 44.24 22.96 -39.35
CA ALA Q 76 42.94 23.00 -39.96
C ALA Q 76 42.92 22.41 -41.36
N ILE Q 77 44.06 22.46 -42.10
CA ILE Q 77 44.13 21.98 -43.49
C ILE Q 77 43.91 20.48 -43.57
N ALA Q 78 44.50 19.73 -42.60
CA ALA Q 78 44.46 18.28 -42.46
C ALA Q 78 43.06 17.78 -42.17
N SER Q 79 42.31 18.62 -41.41
CA SER Q 79 40.94 18.40 -40.97
C SER Q 79 40.02 18.44 -42.14
N SER Q 80 40.19 19.46 -43.03
CA SER Q 80 39.47 19.69 -44.25
C SER Q 80 39.66 18.57 -45.21
N SER Q 81 40.92 18.12 -45.34
CA SER Q 81 41.36 17.01 -46.15
C SER Q 81 40.64 15.72 -45.75
N TYR Q 82 40.69 15.36 -44.44
CA TYR Q 82 40.15 14.13 -43.90
C TYR Q 82 38.67 14.09 -44.05
N MET Q 83 38.00 15.28 -43.90
CA MET Q 83 36.59 15.46 -44.09
C MET Q 83 36.18 15.24 -45.49
N THR Q 84 36.94 15.79 -46.48
CA THR Q 84 36.62 15.66 -47.89
C THR Q 84 36.70 14.23 -48.38
N GLU Q 85 37.74 13.47 -47.91
CA GLU Q 85 37.90 12.07 -48.22
C GLU Q 85 36.66 11.28 -47.82
N LEU Q 86 36.24 11.46 -46.55
CA LEU Q 86 35.14 10.71 -45.95
C LEU Q 86 33.82 10.94 -46.68
N VAL Q 87 33.44 12.22 -46.87
CA VAL Q 87 32.16 12.69 -47.39
C VAL Q 87 31.84 12.17 -48.79
N GLN Q 88 32.90 12.02 -49.63
CA GLN Q 88 32.76 11.54 -51.00
C GLN Q 88 32.29 10.15 -51.03
N GLY Q 89 31.37 9.85 -51.95
CA GLY Q 89 30.76 8.54 -52.10
C GLY Q 89 29.57 8.32 -51.17
N MET Q 90 29.09 9.38 -50.48
CA MET Q 90 27.98 9.20 -49.58
C MET Q 90 26.97 10.27 -49.87
N THR Q 91 25.70 9.97 -49.44
CA THR Q 91 24.47 10.76 -49.60
C THR Q 91 24.60 12.12 -48.92
N LEU Q 92 23.50 12.89 -49.05
CA LEU Q 92 23.29 14.17 -48.45
C LEU Q 92 23.38 14.05 -46.97
N ASP Q 93 22.74 13.06 -46.33
CA ASP Q 93 22.65 12.83 -44.88
C ASP Q 93 23.97 12.93 -44.17
N ASP Q 94 24.98 12.10 -44.60
CA ASP Q 94 26.35 11.98 -44.11
C ASP Q 94 27.10 13.28 -44.28
N ALA Q 95 26.95 13.90 -45.51
CA ALA Q 95 27.59 15.12 -45.94
C ALA Q 95 27.16 16.30 -45.12
N ALA Q 96 25.88 16.32 -44.67
CA ALA Q 96 25.36 17.39 -43.88
C ALA Q 96 25.63 17.13 -42.40
N LYS Q 97 25.78 18.23 -41.61
CA LYS Q 97 26.06 18.19 -40.22
C LYS Q 97 27.36 17.49 -39.90
N ILE Q 98 28.52 17.97 -40.43
CA ILE Q 98 29.81 17.38 -40.15
C ILE Q 98 30.33 18.12 -38.95
N LYS Q 99 30.87 17.33 -38.01
CA LYS Q 99 31.51 17.72 -36.79
C LYS Q 99 32.76 18.56 -37.12
N ASN Q 100 33.24 19.50 -36.26
CA ASN Q 100 32.93 19.85 -34.85
C ASN Q 100 33.89 19.00 -34.03
N THR Q 101 34.73 18.19 -34.70
CA THR Q 101 35.71 17.36 -34.10
C THR Q 101 36.89 17.33 -35.04
N GLU Q 102 36.73 17.69 -36.33
CA GLU Q 102 37.75 17.61 -37.33
C GLU Q 102 38.89 18.53 -36.98
N ILE Q 103 38.59 19.77 -36.59
CA ILE Q 103 39.53 20.79 -36.16
C ILE Q 103 40.17 20.35 -34.85
N ALA Q 104 39.32 19.94 -33.89
CA ALA Q 104 39.72 19.61 -32.55
C ALA Q 104 40.66 18.42 -32.35
N LYS Q 105 40.42 17.28 -33.03
CA LYS Q 105 41.24 16.07 -32.94
C LYS Q 105 42.61 16.31 -33.47
N GLU Q 106 42.70 17.01 -34.63
CA GLU Q 106 43.93 17.34 -35.30
C GLU Q 106 44.79 18.26 -34.48
N LEU Q 107 44.19 19.28 -33.84
CA LEU Q 107 44.83 20.26 -33.00
C LEU Q 107 45.48 19.65 -31.78
N SER Q 108 44.76 18.71 -31.10
CA SER Q 108 45.21 18.03 -29.92
C SER Q 108 44.06 17.11 -29.50
N LEU Q 109 43.17 17.61 -28.63
CA LEU Q 109 41.94 16.98 -28.25
C LEU Q 109 40.94 18.14 -28.22
N PRO Q 110 39.64 17.89 -28.21
CA PRO Q 110 38.65 18.95 -28.20
C PRO Q 110 38.70 19.96 -27.09
N PRO Q 111 38.67 21.27 -27.34
CA PRO Q 111 38.43 22.22 -26.25
C PRO Q 111 36.93 22.39 -26.17
N VAL Q 112 36.18 21.84 -27.19
CA VAL Q 112 34.74 21.78 -27.37
C VAL Q 112 34.03 23.10 -27.17
N LYS Q 113 34.48 24.10 -27.95
CA LYS Q 113 33.94 25.42 -27.84
C LYS Q 113 33.23 25.71 -29.15
N LEU Q 114 32.08 26.37 -29.02
CA LEU Q 114 31.09 26.59 -30.06
C LEU Q 114 31.66 27.34 -31.23
N HIS Q 115 32.47 28.41 -30.99
CA HIS Q 115 33.05 29.27 -32.01
C HIS Q 115 34.01 28.55 -32.91
N CYS Q 116 34.92 27.71 -32.36
CA CYS Q 116 35.85 26.94 -33.18
C CYS Q 116 35.18 25.89 -34.02
N SER Q 117 34.19 25.15 -33.46
CA SER Q 117 33.50 24.03 -34.07
C SER Q 117 32.78 24.40 -35.36
N MET Q 118 32.25 25.64 -35.43
CA MET Q 118 31.40 26.09 -36.51
C MET Q 118 32.13 26.68 -37.67
N LEU Q 119 33.47 26.73 -37.62
CA LEU Q 119 34.29 27.19 -38.72
C LEU Q 119 34.14 26.35 -39.97
N ALA Q 120 34.10 25.01 -39.82
CA ALA Q 120 33.87 24.06 -40.89
C ALA Q 120 32.42 23.68 -41.07
N GLU Q 121 31.65 23.61 -39.98
CA GLU Q 121 30.26 23.22 -40.02
C GLU Q 121 29.40 24.16 -40.83
N ASP Q 122 29.55 25.47 -40.59
CA ASP Q 122 28.77 26.51 -41.24
C ASP Q 122 29.04 26.50 -42.71
N ALA Q 123 30.31 26.26 -43.12
CA ALA Q 123 30.74 26.23 -44.51
C ALA Q 123 30.07 25.10 -45.29
N ILE Q 124 30.08 23.85 -44.73
CA ILE Q 124 29.41 22.73 -45.35
C ILE Q 124 27.90 22.87 -45.41
N LYS Q 125 27.24 23.35 -44.31
CA LYS Q 125 25.79 23.55 -44.18
C LYS Q 125 25.27 24.44 -45.27
N ALA Q 126 25.91 25.62 -45.53
CA ALA Q 126 25.57 26.54 -46.56
C ALA Q 126 25.61 25.92 -47.93
N ALA Q 127 26.66 25.14 -48.24
CA ALA Q 127 26.85 24.54 -49.52
C ALA Q 127 25.74 23.58 -49.89
N ILE Q 128 25.35 22.71 -48.92
CA ILE Q 128 24.31 21.73 -49.10
C ILE Q 128 22.94 22.40 -49.13
N LYS Q 129 22.73 23.45 -48.32
CA LYS Q 129 21.50 24.19 -48.29
C LYS Q 129 21.21 24.94 -49.60
N ASP Q 130 22.26 25.52 -50.22
CA ASP Q 130 22.25 26.20 -51.51
C ASP Q 130 21.88 25.27 -52.66
N TYR Q 131 22.42 24.02 -52.60
CA TYR Q 131 22.13 22.96 -53.51
C TYR Q 131 20.68 22.53 -53.42
N LYS Q 132 20.12 22.45 -52.19
CA LYS Q 132 18.73 22.15 -51.98
C LYS Q 132 17.81 23.19 -52.55
N SER Q 133 18.18 24.50 -52.42
CA SER Q 133 17.39 25.61 -52.94
C SER Q 133 17.35 25.60 -54.47
N LYS Q 134 18.50 25.34 -55.13
CA LYS Q 134 18.65 25.27 -56.57
C LYS Q 134 17.87 24.12 -57.18
N ARG Q 135 17.87 22.91 -56.56
CA ARG Q 135 17.07 21.80 -57.03
C ARG Q 135 15.60 22.05 -56.81
N ASN Q 136 15.28 23.00 -55.86
CA ASN Q 136 13.95 23.53 -55.54
C ASN Q 136 13.35 22.66 -54.50
N THR Q 137 13.53 23.12 -53.24
CA THR Q 137 12.98 22.58 -52.04
C THR Q 137 13.58 23.40 -50.90
N PRO Q 138 12.90 24.46 -50.42
CA PRO Q 138 13.42 25.23 -49.31
C PRO Q 138 12.51 24.92 -48.14
N THR Q 139 11.54 23.98 -48.33
CA THR Q 139 10.50 23.77 -47.36
C THR Q 139 10.81 22.55 -46.51
N MET Q 140 11.73 21.69 -47.03
CA MET Q 140 12.17 20.50 -46.39
C MET Q 140 13.60 20.78 -45.96
N LEU Q 141 14.14 21.97 -46.35
CA LEU Q 141 15.44 22.49 -45.95
C LEU Q 141 15.36 22.82 -44.49
N SER Q 142 14.23 23.47 -44.07
CA SER Q 142 13.94 23.86 -42.72
C SER Q 142 13.21 22.72 -41.99
N VAL R 1 17.80 -22.65 -49.69
CA VAL R 1 17.67 -21.17 -49.65
C VAL R 1 16.22 -20.86 -49.94
N GLU R 2 15.36 -20.92 -48.89
CA GLU R 2 14.05 -20.27 -48.95
C GLU R 2 13.81 -19.46 -47.69
N SER R 3 14.85 -19.33 -46.82
CA SER R 3 14.68 -18.61 -45.58
C SER R 3 15.99 -17.90 -45.33
N SER R 4 16.02 -16.75 -44.64
CA SER R 4 14.93 -16.03 -43.97
C SER R 4 14.76 -14.73 -44.69
N THR R 5 13.49 -14.32 -44.91
CA THR R 5 13.11 -13.17 -45.70
C THR R 5 13.70 -11.90 -45.08
N ASP R 6 14.26 -10.92 -45.86
CA ASP R 6 14.41 -10.87 -47.29
C ASP R 6 15.87 -10.97 -47.63
N GLY R 7 16.78 -11.09 -46.63
CA GLY R 7 18.21 -10.99 -46.75
C GLY R 7 18.97 -12.28 -46.89
N GLN R 8 18.25 -13.42 -47.00
CA GLN R 8 18.87 -14.72 -47.06
C GLN R 8 18.01 -15.63 -47.88
N VAL R 9 17.12 -15.04 -48.72
CA VAL R 9 16.25 -15.76 -49.62
C VAL R 9 16.77 -15.54 -51.00
N VAL R 10 18.00 -14.96 -51.08
CA VAL R 10 18.68 -14.48 -52.24
C VAL R 10 18.75 -15.47 -53.36
N PRO R 11 18.95 -14.99 -54.60
CA PRO R 11 19.21 -15.84 -55.74
C PRO R 11 20.69 -16.10 -55.92
N GLN R 12 21.48 -15.73 -54.90
CA GLN R 12 22.94 -15.74 -54.78
C GLN R 12 23.53 -14.44 -55.31
N GLU R 13 22.71 -13.37 -55.28
CA GLU R 13 23.19 -12.03 -55.55
C GLU R 13 22.14 -11.14 -55.01
N VAL R 14 22.51 -9.90 -54.73
CA VAL R 14 21.62 -8.90 -54.18
C VAL R 14 22.28 -7.60 -54.52
N LEU R 15 23.22 -7.61 -55.48
CA LEU R 15 24.00 -6.50 -55.92
C LEU R 15 23.39 -5.81 -57.16
N ASN R 16 22.08 -6.08 -57.39
CA ASN R 16 21.38 -5.60 -58.54
C ASN R 16 19.92 -5.60 -58.21
N LEU R 17 19.59 -5.72 -56.90
CA LEU R 17 18.25 -5.74 -56.40
C LEU R 17 18.25 -4.68 -55.30
N PRO R 18 17.41 -3.65 -55.38
CA PRO R 18 17.21 -2.74 -54.26
C PRO R 18 16.24 -3.41 -53.31
N LEU R 19 16.47 -3.28 -51.96
CA LEU R 19 15.63 -3.95 -50.97
C LEU R 19 15.32 -2.93 -49.95
N GLU R 20 14.25 -3.19 -49.15
CA GLU R 20 13.93 -2.49 -47.92
C GLU R 20 14.82 -3.06 -46.88
N LYS R 21 15.27 -2.20 -45.93
CA LYS R 21 16.24 -2.57 -44.95
C LYS R 21 15.74 -3.63 -44.04
N ALA R 22 14.47 -3.47 -43.60
CA ALA R 22 13.78 -4.32 -42.68
C ALA R 22 14.00 -3.77 -41.28
N HIS R 23 12.91 -3.75 -40.47
CA HIS R 23 12.94 -3.09 -39.20
C HIS R 23 12.25 -3.97 -38.21
N GLU R 24 12.48 -3.72 -36.90
CA GLU R 24 12.01 -4.55 -35.84
C GLU R 24 11.61 -3.80 -34.59
N GLU R 25 12.11 -2.61 -34.20
CA GLU R 25 13.20 -1.80 -34.71
C GLU R 25 13.97 -1.29 -33.54
N ALA R 26 13.57 -1.61 -32.28
CA ALA R 26 14.27 -1.17 -31.10
C ALA R 26 15.29 -2.22 -30.74
N ASP R 27 15.41 -3.29 -31.57
CA ASP R 27 16.44 -4.31 -31.50
C ASP R 27 17.45 -4.00 -32.57
N ASP R 28 16.97 -3.92 -33.83
CA ASP R 28 17.70 -3.71 -35.07
C ASP R 28 18.63 -2.53 -35.04
N TYR R 29 18.14 -1.34 -34.57
CA TYR R 29 18.89 -0.11 -34.47
C TYR R 29 20.06 -0.21 -33.54
N LEU R 30 19.85 -0.80 -32.35
CA LEU R 30 20.89 -1.01 -31.34
C LEU R 30 22.03 -1.85 -31.89
N ASP R 31 21.66 -2.96 -32.61
CA ASP R 31 22.61 -3.83 -33.28
C ASP R 31 23.44 -3.07 -34.31
N HIS R 32 22.81 -2.19 -35.12
CA HIS R 32 23.43 -1.34 -36.10
C HIS R 32 24.48 -0.44 -35.51
N LEU R 33 24.18 0.20 -34.34
CA LEU R 33 25.13 1.06 -33.65
C LEU R 33 26.39 0.29 -33.27
N LEU R 34 26.18 -0.91 -32.63
CA LEU R 34 27.25 -1.75 -32.19
C LEU R 34 28.16 -2.26 -33.31
N ASP R 35 27.60 -2.75 -34.45
CA ASP R 35 28.36 -3.22 -35.57
C ASP R 35 29.17 -2.14 -36.23
N SER R 36 28.61 -0.89 -36.34
CA SER R 36 29.34 0.23 -36.88
C SER R 36 30.54 0.60 -36.01
N LEU R 37 30.37 0.57 -34.65
CA LEU R 37 31.45 0.80 -33.68
C LEU R 37 32.56 -0.21 -33.83
N GLU R 38 32.24 -1.52 -34.03
CA GLU R 38 33.18 -2.58 -34.29
C GLU R 38 33.95 -2.41 -35.58
N GLU R 39 33.28 -1.97 -36.66
CA GLU R 39 33.89 -1.73 -37.96
C GLU R 39 34.97 -0.70 -37.85
N LEU R 40 34.61 0.41 -37.12
CA LEU R 40 35.44 1.52 -36.76
C LEU R 40 36.68 1.07 -35.98
N SER R 41 36.57 0.02 -35.13
CA SER R 41 37.59 -0.45 -34.21
C SER R 41 38.89 -0.78 -34.93
N GLU R 42 38.86 -1.43 -36.11
CA GLU R 42 40.00 -1.78 -36.92
C GLU R 42 40.83 -0.55 -37.20
N ALA R 43 42.11 -0.63 -36.82
CA ALA R 43 43.10 0.44 -36.73
C ALA R 43 42.77 1.38 -35.62
N HIS R 44 43.71 1.45 -34.68
CA HIS R 44 43.69 2.43 -33.62
C HIS R 44 45.12 2.66 -33.13
N PRO R 45 45.37 3.91 -32.52
CA PRO R 45 46.70 4.01 -31.91
C PRO R 45 46.59 3.54 -30.48
N ASP R 46 45.35 3.19 -30.12
CA ASP R 46 44.96 2.82 -28.78
C ASP R 46 44.20 3.98 -28.29
N CYS R 47 43.11 4.37 -29.02
CA CYS R 47 42.22 5.45 -28.63
C CYS R 47 40.93 4.99 -28.07
N ILE R 48 40.65 3.66 -28.09
CA ILE R 48 39.42 3.06 -27.60
C ILE R 48 39.76 1.67 -27.08
N PRO R 49 39.39 1.24 -25.88
CA PRO R 49 39.74 -0.08 -25.42
C PRO R 49 38.59 -1.06 -25.75
N ASP R 50 37.33 -0.61 -25.62
CA ASP R 50 36.20 -1.53 -25.68
C ASP R 50 34.98 -0.82 -26.23
N VAL R 51 34.01 -1.67 -26.64
CA VAL R 51 32.66 -1.24 -26.98
C VAL R 51 31.84 -2.00 -26.03
N GLU R 52 30.85 -1.35 -25.36
CA GLU R 52 30.18 -2.05 -24.29
C GLU R 52 28.74 -1.79 -24.47
N LEU R 53 27.91 -2.84 -24.23
CA LEU R 53 26.46 -2.83 -24.23
C LEU R 53 26.15 -3.53 -22.92
N SER R 54 25.66 -2.75 -21.91
CA SER R 54 25.37 -3.25 -20.60
C SER R 54 24.11 -4.08 -20.64
N HIS R 55 22.99 -3.49 -21.13
CA HIS R 55 21.75 -4.21 -21.28
C HIS R 55 20.94 -3.42 -22.28
N GLY R 56 21.58 -2.50 -23.08
CA GLY R 56 20.88 -1.69 -24.05
C GLY R 56 21.33 -0.28 -23.96
N VAL R 57 22.23 0.01 -22.99
CA VAL R 57 22.91 1.30 -22.85
C VAL R 57 24.29 1.03 -23.36
N MET R 58 24.80 1.93 -24.24
CA MET R 58 26.11 1.79 -24.81
C MET R 58 26.95 2.96 -24.36
N THR R 59 28.10 2.59 -23.79
CA THR R 59 29.15 3.49 -23.46
C THR R 59 30.28 3.14 -24.32
N LEU R 60 30.99 4.16 -24.79
CA LEU R 60 32.16 4.06 -25.62
C LEU R 60 33.18 4.97 -24.99
N GLU R 61 34.15 4.37 -24.25
CA GLU R 61 35.33 5.02 -23.65
C GLU R 61 36.24 5.39 -24.80
N ILE R 62 36.54 6.72 -24.96
CA ILE R 62 37.55 7.14 -25.91
C ILE R 62 38.60 7.83 -25.05
N PRO R 63 39.71 7.22 -24.71
CA PRO R 63 40.61 7.83 -23.74
C PRO R 63 41.68 8.71 -24.29
N ALA R 64 42.09 8.56 -25.58
CA ALA R 64 43.14 9.40 -26.12
C ALA R 64 42.56 10.63 -26.77
N PHE R 65 41.20 10.70 -26.97
CA PHE R 65 40.62 11.77 -27.73
C PHE R 65 39.21 11.92 -27.22
N GLY R 66 38.44 12.91 -27.77
CA GLY R 66 37.09 13.30 -27.32
C GLY R 66 36.11 12.18 -27.41
N THR R 67 34.93 12.32 -26.77
CA THR R 67 34.01 11.23 -26.61
C THR R 67 32.59 11.74 -26.69
N TYR R 68 31.67 10.74 -26.83
CA TYR R 68 30.28 10.89 -26.56
C TYR R 68 29.93 9.65 -25.75
N VAL R 69 28.75 9.67 -25.12
CA VAL R 69 28.16 8.50 -24.50
C VAL R 69 26.73 8.65 -24.74
N ILE R 70 25.97 7.54 -24.66
CA ILE R 70 24.57 7.62 -24.97
C ILE R 70 23.89 6.86 -23.88
N ASN R 71 22.58 7.09 -23.68
CA ASN R 71 21.79 6.54 -22.63
C ASN R 71 20.37 6.50 -23.16
N LYS R 72 19.55 5.58 -22.62
CA LYS R 72 18.16 5.54 -22.92
C LYS R 72 17.33 6.66 -22.39
N GLN R 73 16.28 7.00 -23.18
CA GLN R 73 15.35 8.08 -22.88
C GLN R 73 14.02 7.32 -22.95
N PRO R 74 13.04 7.51 -22.07
CA PRO R 74 11.70 6.86 -22.12
C PRO R 74 10.97 7.11 -23.43
N PRO R 75 10.00 6.29 -23.85
CA PRO R 75 9.36 6.40 -25.17
C PRO R 75 8.99 7.81 -25.62
N ASN R 76 9.32 8.15 -26.91
CA ASN R 76 9.24 9.42 -27.58
C ASN R 76 10.60 9.98 -27.55
N LYS R 77 11.21 10.04 -28.75
CA LYS R 77 12.57 10.44 -29.01
C LYS R 77 13.58 9.62 -28.21
N GLN R 78 13.53 8.27 -28.50
CA GLN R 78 13.95 7.25 -27.55
C GLN R 78 15.41 7.15 -27.23
N ILE R 79 16.35 7.47 -28.17
CA ILE R 79 17.76 7.49 -27.84
C ILE R 79 18.12 8.91 -27.69
N TRP R 80 18.78 9.30 -26.57
CA TRP R 80 19.33 10.60 -26.36
C TRP R 80 20.84 10.46 -26.38
N LEU R 81 21.50 11.31 -27.17
CA LEU R 81 22.91 11.27 -27.46
C LEU R 81 23.47 12.40 -26.63
N ALA R 82 24.36 12.07 -25.67
CA ALA R 82 25.06 13.06 -24.86
C ALA R 82 26.31 13.43 -25.62
N SER R 83 26.14 14.33 -26.63
CA SER R 83 27.17 14.84 -27.50
C SER R 83 27.71 16.03 -26.79
N PRO R 84 29.01 16.25 -26.62
CA PRO R 84 29.47 17.49 -26.00
C PRO R 84 29.52 18.60 -27.03
N LEU R 85 29.56 18.20 -28.31
CA LEU R 85 29.71 18.97 -29.52
C LEU R 85 28.56 19.93 -29.80
N SER R 86 27.32 19.44 -29.56
CA SER R 86 26.10 20.13 -29.89
C SER R 86 25.19 20.05 -28.65
N GLY R 87 25.68 19.46 -27.56
CA GLY R 87 24.96 19.34 -26.30
C GLY R 87 24.12 18.09 -26.37
N PRO R 88 23.21 17.93 -25.40
CA PRO R 88 22.33 16.80 -25.46
C PRO R 88 21.24 17.08 -26.45
N ASN R 89 20.82 16.03 -27.21
CA ASN R 89 19.77 16.10 -28.18
C ASN R 89 19.14 14.74 -28.15
N ARG R 90 17.99 14.61 -28.81
CA ARG R 90 17.19 13.44 -28.81
C ARG R 90 16.89 13.18 -30.27
N PHE R 91 16.74 11.87 -30.63
CA PHE R 91 16.59 11.48 -32.02
C PHE R 91 15.31 10.70 -32.14
N ASP R 92 14.47 11.09 -33.16
CA ASP R 92 13.19 10.42 -33.41
C ASP R 92 13.24 10.10 -34.90
N LEU R 93 12.77 8.88 -35.30
CA LEU R 93 12.76 8.35 -36.63
C LEU R 93 12.22 9.31 -37.68
N LEU R 94 12.84 9.37 -38.87
CA LEU R 94 12.24 10.14 -39.96
C LEU R 94 12.48 9.45 -41.27
N ASN R 95 13.45 8.49 -41.39
CA ASN R 95 13.62 7.77 -42.63
C ASN R 95 14.32 6.48 -42.37
N GLY R 96 13.71 5.58 -41.55
CA GLY R 96 14.12 4.18 -41.35
C GLY R 96 15.28 4.03 -40.44
N GLU R 97 15.63 5.14 -39.77
CA GLU R 97 16.73 5.14 -38.83
C GLU R 97 16.44 6.35 -38.00
N TRP R 98 17.02 6.43 -36.78
CA TRP R 98 16.87 7.55 -35.88
C TRP R 98 17.50 8.74 -36.55
N VAL R 99 16.76 9.87 -36.61
CA VAL R 99 17.17 11.06 -37.29
C VAL R 99 17.16 12.19 -36.31
N SER R 100 18.22 13.02 -36.33
CA SER R 100 18.42 14.18 -35.47
C SER R 100 17.30 15.17 -35.58
N LEU R 101 16.98 15.84 -34.46
CA LEU R 101 15.86 16.71 -34.32
C LEU R 101 16.39 18.12 -34.12
N ARG R 102 17.63 18.33 -34.63
CA ARG R 102 18.33 19.58 -34.53
C ARG R 102 18.72 19.93 -35.92
N ASN R 103 19.08 18.92 -36.80
CA ASN R 103 19.50 19.28 -38.13
C ASN R 103 19.05 18.26 -39.11
N GLY R 104 18.47 17.12 -38.67
CA GLY R 104 17.82 16.20 -39.60
C GLY R 104 18.79 15.23 -40.19
N THR R 105 19.87 14.83 -39.46
CA THR R 105 20.84 13.86 -39.96
C THR R 105 20.91 12.73 -38.96
N LYS R 106 21.03 11.47 -39.42
CA LYS R 106 21.07 10.29 -38.61
C LYS R 106 22.22 10.22 -37.64
N LEU R 107 21.98 9.54 -36.48
CA LEU R 107 22.95 9.38 -35.41
C LEU R 107 24.17 8.58 -35.80
N THR R 108 23.97 7.52 -36.60
CA THR R 108 24.99 6.55 -36.94
C THR R 108 26.15 7.23 -37.65
N ASP R 109 25.82 8.21 -38.56
CA ASP R 109 26.80 9.03 -39.23
C ASP R 109 27.64 9.84 -38.29
N ILE R 110 27.02 10.35 -37.21
CA ILE R 110 27.73 11.15 -36.22
C ILE R 110 28.79 10.32 -35.53
N LEU R 111 28.47 9.03 -35.22
CA LEU R 111 29.34 8.09 -34.55
C LEU R 111 30.53 7.76 -35.40
N THR R 112 30.30 7.37 -36.66
CA THR R 112 31.26 7.14 -37.73
C THR R 112 32.35 8.18 -37.74
N GLU R 113 32.00 9.44 -38.03
CA GLU R 113 32.90 10.58 -38.16
C GLU R 113 33.79 10.80 -36.95
N GLU R 114 33.21 10.97 -35.72
CA GLU R 114 33.97 11.38 -34.56
C GLU R 114 34.93 10.36 -34.06
N VAL R 115 34.58 9.04 -34.20
CA VAL R 115 35.42 7.92 -33.85
C VAL R 115 36.63 7.83 -34.77
N GLU R 116 36.48 7.94 -36.10
CA GLU R 116 37.58 7.79 -37.04
C GLU R 116 38.44 9.03 -37.16
N LYS R 117 37.94 10.23 -36.78
CA LYS R 117 38.69 11.45 -36.55
C LYS R 117 39.74 11.30 -35.46
N ALA R 118 39.50 10.37 -34.51
CA ALA R 118 40.31 10.14 -33.34
C ALA R 118 41.40 9.19 -33.71
N ILE R 119 41.04 8.12 -34.43
CA ILE R 119 41.88 7.07 -34.93
C ILE R 119 43.03 7.63 -35.76
N SER R 120 42.79 8.75 -36.50
CA SER R 120 43.77 9.37 -37.39
C SER R 120 45.04 9.74 -36.67
N LYS R 121 44.98 10.70 -35.71
CA LYS R 121 46.15 11.17 -35.01
C LYS R 121 46.47 10.28 -33.81
N GLY S 1 25.03 -50.89 8.22
CA GLY S 1 24.89 -52.29 7.84
C GLY S 1 24.97 -53.21 9.00
N SER S 2 25.35 -54.47 8.74
CA SER S 2 25.52 -55.49 9.77
C SER S 2 26.37 -56.59 9.21
N HIS S 3 26.95 -57.41 10.12
CA HIS S 3 27.98 -58.38 9.79
C HIS S 3 27.46 -59.47 8.88
N MET S 4 28.34 -59.90 7.95
CA MET S 4 28.12 -60.97 7.02
C MET S 4 28.42 -62.33 7.62
N SER S 5 29.56 -62.64 8.33
CA SER S 5 30.69 -61.83 8.66
C SER S 5 31.73 -61.95 7.57
N SER S 6 32.41 -60.82 7.30
CA SER S 6 33.50 -60.68 6.38
C SER S 6 34.23 -59.45 6.86
N ILE S 7 35.35 -59.65 7.57
CA ILE S 7 36.09 -58.61 8.22
C ILE S 7 37.52 -59.06 8.04
N THR S 8 37.91 -59.26 6.74
CA THR S 8 39.15 -59.79 6.25
C THR S 8 39.40 -61.13 6.88
N LYS S 9 38.34 -61.93 6.92
CA LYS S 9 38.29 -63.24 7.54
C LYS S 9 37.10 -63.89 6.89
N ARG S 10 36.96 -65.26 6.90
CA ARG S 10 37.81 -66.25 7.46
C ARG S 10 37.97 -67.33 6.44
N LEU S 11 39.07 -68.12 6.56
CA LEU S 11 39.42 -69.26 5.74
C LEU S 11 39.68 -68.79 4.30
N TYR S 12 40.31 -67.62 4.18
CA TYR S 12 40.69 -67.05 2.91
C TYR S 12 42.17 -66.78 2.93
N HIS S 13 42.82 -66.15 3.94
CA HIS S 13 42.36 -65.51 5.14
C HIS S 13 42.06 -64.05 4.92
N PRO S 14 42.87 -63.13 4.33
CA PRO S 14 42.43 -61.76 4.00
C PRO S 14 41.64 -61.74 2.72
N LYS S 15 40.77 -60.71 2.52
CA LYS S 15 40.02 -60.49 1.30
C LYS S 15 39.11 -61.69 1.02
N VAL S 16 39.05 -62.09 -0.24
CA VAL S 16 38.31 -63.23 -0.74
C VAL S 16 38.94 -63.58 -2.06
N ILE S 17 40.00 -62.83 -2.45
CA ILE S 17 40.71 -63.03 -3.67
C ILE S 17 42.00 -63.78 -3.36
N GLU S 18 42.38 -63.85 -2.05
CA GLU S 18 43.50 -64.61 -1.58
C GLU S 18 43.24 -66.08 -1.78
N HIS S 19 41.95 -66.47 -1.51
CA HIS S 19 41.40 -67.78 -1.66
C HIS S 19 41.35 -68.26 -3.13
N TYR S 20 41.70 -67.40 -4.11
CA TYR S 20 41.82 -67.82 -5.51
C TYR S 20 43.16 -67.51 -6.13
N THR S 21 43.96 -66.66 -5.45
CA THR S 21 45.27 -66.28 -5.96
C THR S 21 46.22 -66.44 -4.80
N HIS S 22 47.22 -67.40 -4.79
CA HIS S 22 47.51 -68.59 -5.60
C HIS S 22 48.16 -68.22 -6.90
N PRO S 23 49.47 -68.33 -7.12
CA PRO S 23 50.48 -68.76 -6.17
C PRO S 23 50.64 -67.68 -5.16
N ARG S 24 50.85 -68.05 -3.87
CA ARG S 24 50.87 -67.12 -2.77
C ARG S 24 52.26 -67.23 -2.12
N ASN S 25 52.96 -66.10 -1.81
CA ASN S 25 52.55 -64.73 -2.04
C ASN S 25 52.48 -64.31 -3.51
N VAL S 26 53.46 -64.61 -4.44
CA VAL S 26 54.79 -65.09 -4.32
C VAL S 26 55.75 -63.95 -4.63
N GLY S 27 55.18 -62.74 -4.93
CA GLY S 27 55.96 -61.56 -5.23
C GLY S 27 56.35 -61.55 -6.65
N SER S 28 55.88 -62.54 -7.46
CA SER S 28 56.07 -62.54 -8.89
C SER S 28 54.70 -62.51 -9.55
N LEU S 29 53.59 -62.41 -8.79
CA LEU S 29 52.26 -62.45 -9.33
C LEU S 29 51.95 -61.15 -10.05
N ASP S 30 51.11 -61.23 -11.10
CA ASP S 30 50.74 -60.09 -11.89
C ASP S 30 49.36 -60.42 -12.44
N LYS S 31 48.63 -59.38 -12.87
CA LYS S 31 47.30 -59.54 -13.44
C LYS S 31 47.42 -60.22 -14.78
N LYS S 32 46.59 -61.26 -14.98
CA LYS S 32 46.55 -62.03 -16.20
C LYS S 32 45.23 -62.76 -16.22
N LEU S 33 44.69 -63.15 -17.43
CA LEU S 33 45.12 -62.82 -18.77
C LEU S 33 44.00 -62.15 -19.51
N PRO S 34 42.70 -62.57 -19.63
CA PRO S 34 41.73 -61.83 -20.40
C PRO S 34 41.26 -60.61 -19.60
N ASN S 35 40.90 -59.51 -20.30
CA ASN S 35 40.34 -58.34 -19.70
C ASN S 35 39.42 -57.75 -20.73
N VAL S 36 38.43 -56.91 -20.28
CA VAL S 36 37.43 -56.31 -21.13
C VAL S 36 37.55 -54.80 -21.07
N GLY S 37 38.59 -54.30 -20.38
CA GLY S 37 38.75 -52.86 -20.27
C GLY S 37 37.99 -52.35 -19.08
N THR S 38 37.08 -51.35 -19.31
CA THR S 38 36.17 -50.77 -18.34
C THR S 38 36.92 -50.20 -17.15
N GLY S 39 36.24 -50.04 -15.99
CA GLY S 39 36.83 -49.50 -14.76
C GLY S 39 37.95 -50.35 -14.21
N LEU S 40 38.88 -49.66 -13.48
CA LEU S 40 40.03 -50.25 -12.83
C LEU S 40 40.70 -49.10 -12.14
N VAL S 41 40.61 -49.05 -10.79
CA VAL S 41 41.18 -48.01 -10.03
C VAL S 41 41.85 -48.65 -8.87
N GLY S 42 43.17 -48.40 -8.77
CA GLY S 42 44.04 -48.91 -7.74
C GLY S 42 44.38 -47.73 -6.92
N ALA S 43 44.08 -47.72 -5.61
CA ALA S 43 44.36 -46.61 -4.75
C ALA S 43 45.61 -46.92 -4.02
N PRO S 44 46.79 -46.34 -4.29
CA PRO S 44 47.99 -46.65 -3.53
C PRO S 44 47.91 -45.81 -2.25
N ALA S 45 48.37 -46.37 -1.11
CA ALA S 45 48.30 -45.74 0.21
C ALA S 45 46.86 -45.64 0.66
N CYS S 46 46.11 -46.75 0.47
CA CYS S 46 44.72 -46.85 0.85
C CYS S 46 44.49 -48.32 1.12
N GLY S 47 45.30 -49.23 0.50
CA GLY S 47 45.17 -50.64 0.73
C GLY S 47 44.04 -51.32 0.01
N ASP S 48 43.38 -50.65 -0.97
CA ASP S 48 42.31 -51.28 -1.71
C ASP S 48 42.40 -50.94 -3.14
N VAL S 49 41.83 -51.85 -3.96
CA VAL S 49 41.87 -51.82 -5.41
C VAL S 49 40.59 -52.46 -5.78
N MET S 50 39.90 -51.96 -6.81
CA MET S 50 38.67 -52.59 -7.25
C MET S 50 38.65 -52.54 -8.75
N ARG S 51 38.14 -53.61 -9.33
CA ARG S 51 37.89 -53.67 -10.76
C ARG S 51 36.43 -54.05 -10.94
N LEU S 52 35.70 -53.27 -11.73
CA LEU S 52 34.33 -53.60 -12.02
C LEU S 52 34.23 -53.93 -13.49
N GLN S 53 33.72 -55.11 -13.81
CA GLN S 53 33.59 -55.50 -15.20
C GLN S 53 32.13 -55.66 -15.53
N ILE S 54 31.57 -54.80 -16.39
CA ILE S 54 30.20 -54.92 -16.89
C ILE S 54 30.13 -55.75 -18.16
N LYS S 55 29.00 -56.41 -18.42
CA LYS S 55 28.68 -56.98 -19.70
C LYS S 55 27.40 -56.33 -20.06
N VAL S 56 27.22 -55.85 -21.32
CA VAL S 56 26.08 -55.06 -21.69
C VAL S 56 25.56 -55.50 -23.03
N ASN S 57 24.23 -55.74 -23.08
CA ASN S 57 23.46 -56.00 -24.26
C ASN S 57 23.32 -54.75 -25.07
N ASP S 58 23.96 -54.69 -26.24
CA ASP S 58 23.99 -53.51 -27.05
C ASP S 58 22.77 -53.48 -27.86
N SER S 59 21.75 -52.75 -27.36
CA SER S 59 20.51 -52.52 -28.07
C SER S 59 19.99 -51.25 -27.46
N THR S 60 19.21 -51.35 -26.34
CA THR S 60 18.80 -50.20 -25.54
C THR S 60 19.84 -50.03 -24.50
N GLY S 61 20.69 -51.05 -24.21
CA GLY S 61 21.69 -50.95 -23.16
C GLY S 61 21.13 -51.50 -21.90
N VAL S 62 21.30 -52.82 -21.68
CA VAL S 62 20.80 -53.45 -20.52
C VAL S 62 22.01 -54.12 -20.00
N ILE S 63 22.23 -54.00 -18.66
CA ILE S 63 23.31 -54.69 -18.01
C ILE S 63 22.88 -56.12 -17.79
N GLU S 64 23.52 -57.03 -18.57
CA GLU S 64 23.34 -58.46 -18.55
C GLU S 64 23.91 -59.03 -17.27
N ASP S 65 25.13 -58.58 -16.95
CA ASP S 65 25.85 -59.06 -15.78
C ASP S 65 26.78 -57.96 -15.37
N VAL S 66 27.15 -57.95 -14.08
CA VAL S 66 28.23 -57.14 -13.57
C VAL S 66 28.75 -57.90 -12.40
N LYS S 67 30.06 -58.23 -12.39
CA LYS S 67 30.77 -58.85 -11.32
C LYS S 67 31.85 -57.87 -10.95
N PHE S 68 32.45 -58.05 -9.76
CA PHE S 68 33.42 -57.10 -9.20
C PHE S 68 34.60 -57.90 -8.71
N LYS S 69 35.74 -57.20 -8.46
CA LYS S 69 36.81 -57.68 -7.62
C LYS S 69 36.96 -56.63 -6.55
N THR S 70 37.10 -57.13 -5.28
CA THR S 70 37.36 -56.30 -4.14
C THR S 70 38.63 -56.85 -3.53
N PHE S 71 39.60 -55.94 -3.33
CA PHE S 71 40.87 -56.15 -2.67
C PHE S 71 40.92 -55.15 -1.61
N GLY S 72 41.34 -55.54 -0.39
CA GLY S 72 41.37 -54.61 0.75
C GLY S 72 40.48 -55.19 1.80
N CYS S 73 39.57 -54.32 2.30
CA CYS S 73 38.63 -54.58 3.35
C CYS S 73 37.69 -55.73 3.05
N GLY S 74 37.17 -56.35 4.12
CA GLY S 74 36.24 -57.41 4.07
C GLY S 74 34.86 -56.81 4.04
N SER S 75 34.67 -55.68 4.76
CA SER S 75 33.44 -54.93 4.78
C SER S 75 33.06 -54.38 3.45
N ALA S 76 34.08 -53.99 2.63
CA ALA S 76 33.93 -53.43 1.35
C ALA S 76 33.36 -54.42 0.38
N ILE S 77 33.60 -55.75 0.52
CA ILE S 77 33.15 -56.78 -0.36
C ILE S 77 31.65 -56.81 -0.46
N ALA S 78 31.01 -56.61 0.71
CA ALA S 78 29.58 -56.55 0.85
C ALA S 78 28.90 -55.38 0.19
N SER S 79 29.58 -54.20 0.08
CA SER S 79 29.06 -52.96 -0.48
C SER S 79 28.94 -53.13 -1.97
N SER S 80 30.04 -53.71 -2.53
CA SER S 80 30.24 -54.01 -3.92
C SER S 80 29.21 -54.97 -4.41
N SER S 81 28.98 -56.00 -3.58
CA SER S 81 28.00 -57.04 -3.80
C SER S 81 26.61 -56.50 -3.95
N TYR S 82 26.18 -55.65 -2.97
CA TYR S 82 24.83 -55.17 -2.89
C TYR S 82 24.46 -54.29 -4.04
N MET S 83 25.40 -53.40 -4.47
CA MET S 83 25.16 -52.50 -5.57
C MET S 83 25.01 -53.26 -6.89
N THR S 84 25.92 -54.25 -7.15
CA THR S 84 25.93 -55.04 -8.37
C THR S 84 24.68 -55.91 -8.49
N GLU S 85 24.12 -56.44 -7.35
CA GLU S 85 22.83 -57.12 -7.34
C GLU S 85 21.75 -56.29 -7.98
N LEU S 86 21.61 -55.02 -7.52
CA LEU S 86 20.60 -54.09 -8.04
C LEU S 86 20.75 -53.86 -9.51
N VAL S 87 22.01 -53.53 -9.97
CA VAL S 87 22.34 -53.23 -11.36
C VAL S 87 22.07 -54.40 -12.29
N GLN S 88 22.33 -55.67 -11.90
CA GLN S 88 22.00 -56.81 -12.70
C GLN S 88 20.54 -57.00 -12.91
N GLY S 89 20.21 -57.34 -14.17
CA GLY S 89 18.89 -57.62 -14.70
C GLY S 89 18.23 -56.35 -15.13
N MET S 90 18.88 -55.18 -14.93
CA MET S 90 18.30 -53.88 -15.07
C MET S 90 19.13 -53.09 -16.04
N THR S 91 18.50 -52.00 -16.55
CA THR S 91 19.00 -51.11 -17.59
C THR S 91 20.24 -50.33 -17.21
N LEU S 92 20.95 -49.79 -18.22
CA LEU S 92 22.16 -49.04 -18.13
C LEU S 92 21.93 -47.81 -17.25
N ASP S 93 20.70 -47.24 -17.26
CA ASP S 93 20.32 -46.10 -16.43
C ASP S 93 20.40 -46.38 -14.94
N ASP S 94 19.93 -47.60 -14.55
CA ASP S 94 20.04 -48.19 -13.24
C ASP S 94 21.49 -48.20 -12.73
N ALA S 95 22.44 -48.53 -13.65
CA ALA S 95 23.87 -48.61 -13.38
C ALA S 95 24.47 -47.24 -13.13
N ALA S 96 23.85 -46.15 -13.64
CA ALA S 96 24.16 -44.77 -13.34
C ALA S 96 23.27 -44.36 -12.21
N LYS S 97 23.47 -43.16 -11.63
CA LYS S 97 22.63 -42.61 -10.60
C LYS S 97 22.92 -43.30 -9.29
N ILE S 98 24.09 -44.00 -9.21
CA ILE S 98 24.46 -44.76 -8.06
C ILE S 98 25.25 -43.90 -7.15
N LYS S 99 24.86 -43.94 -5.87
CA LYS S 99 25.43 -43.27 -4.70
C LYS S 99 26.91 -43.64 -4.48
N ASN S 100 27.75 -42.93 -3.65
CA ASN S 100 27.52 -41.95 -2.62
C ASN S 100 26.93 -42.67 -1.44
N THR S 101 26.00 -41.99 -0.71
CA THR S 101 25.65 -42.15 0.68
C THR S 101 25.23 -43.58 1.01
N GLU S 102 24.48 -44.23 0.07
CA GLU S 102 24.07 -45.58 0.24
C GLU S 102 25.13 -46.62 0.36
N ILE S 103 26.23 -46.53 -0.47
CA ILE S 103 27.36 -47.43 -0.43
C ILE S 103 28.10 -47.32 0.89
N ALA S 104 28.25 -46.06 1.40
CA ALA S 104 28.84 -45.71 2.67
C ALA S 104 28.11 -46.31 3.85
N LYS S 105 26.76 -46.29 3.79
CA LYS S 105 25.85 -46.90 4.70
C LYS S 105 25.97 -48.43 4.67
N GLU S 106 26.14 -49.01 3.44
CA GLU S 106 26.30 -50.41 3.15
C GLU S 106 27.51 -50.93 3.80
N LEU S 107 28.61 -50.18 3.77
CA LEU S 107 29.92 -50.59 4.31
C LEU S 107 29.81 -50.81 5.80
N SER S 108 29.05 -49.93 6.51
CA SER S 108 28.70 -50.01 7.92
C SER S 108 29.55 -49.05 8.67
N LEU S 109 28.89 -48.26 9.54
CA LEU S 109 29.49 -47.30 10.47
C LEU S 109 30.40 -46.26 9.79
N PRO S 110 29.95 -45.47 8.82
CA PRO S 110 30.81 -44.54 8.14
C PRO S 110 31.07 -43.35 9.09
N PRO S 111 32.21 -42.72 9.15
CA PRO S 111 32.45 -41.58 10.01
C PRO S 111 31.86 -40.37 9.41
N VAL S 112 31.42 -40.46 8.13
CA VAL S 112 30.83 -39.38 7.32
C VAL S 112 31.88 -38.30 7.08
N LYS S 113 32.15 -38.10 5.77
CA LYS S 113 33.25 -37.38 5.21
C LYS S 113 34.35 -38.38 5.11
N LEU S 114 33.99 -39.54 4.51
CA LEU S 114 34.80 -40.72 4.33
C LEU S 114 36.06 -40.41 3.56
N HIS S 115 37.16 -41.10 3.93
CA HIS S 115 38.42 -41.11 3.22
C HIS S 115 38.32 -42.41 2.50
N CYS S 116 39.22 -42.63 1.54
CA CYS S 116 39.30 -43.81 0.69
C CYS S 116 39.13 -45.08 1.49
N SER S 117 38.07 -45.90 1.14
CA SER S 117 37.77 -47.09 1.83
C SER S 117 36.89 -47.93 0.95
N MET S 118 36.33 -47.35 -0.15
CA MET S 118 35.77 -48.16 -1.20
C MET S 118 35.87 -47.27 -2.41
N LEU S 119 36.22 -47.86 -3.58
CA LEU S 119 36.45 -47.19 -4.81
C LEU S 119 35.25 -47.36 -5.72
N ALA S 120 34.23 -48.11 -5.24
CA ALA S 120 33.15 -48.71 -6.01
C ALA S 120 32.33 -47.77 -6.85
N GLU S 121 32.12 -46.54 -6.37
CA GLU S 121 31.41 -45.45 -7.03
C GLU S 121 32.11 -44.99 -8.28
N ASP S 122 33.45 -44.73 -8.18
CA ASP S 122 34.30 -44.38 -9.29
C ASP S 122 34.39 -45.47 -10.30
N ALA S 123 34.36 -46.74 -9.81
CA ALA S 123 34.50 -47.89 -10.68
C ALA S 123 33.36 -48.06 -11.65
N ILE S 124 32.10 -48.05 -11.12
CA ILE S 124 30.89 -48.23 -11.90
C ILE S 124 30.71 -47.08 -12.90
N LYS S 125 30.95 -45.80 -12.52
CA LYS S 125 30.82 -44.63 -13.39
C LYS S 125 31.74 -44.71 -14.59
N ALA S 126 33.00 -45.11 -14.33
CA ALA S 126 33.99 -45.34 -15.36
C ALA S 126 33.60 -46.36 -16.37
N ALA S 127 33.04 -47.51 -15.91
CA ALA S 127 32.68 -48.64 -16.75
C ALA S 127 31.64 -48.28 -17.79
N ILE S 128 30.56 -47.58 -17.36
CA ILE S 128 29.45 -47.20 -18.22
C ILE S 128 29.84 -46.06 -19.12
N LYS S 129 30.72 -45.15 -18.68
CA LYS S 129 31.23 -44.08 -19.52
C LYS S 129 32.05 -44.63 -20.67
N ASP S 130 32.92 -45.63 -20.33
CA ASP S 130 33.74 -46.38 -21.29
C ASP S 130 32.90 -47.07 -22.33
N TYR S 131 31.83 -47.74 -21.86
CA TYR S 131 30.87 -48.40 -22.69
C TYR S 131 30.20 -47.47 -23.72
N LYS S 132 29.70 -46.31 -23.26
CA LYS S 132 29.11 -45.25 -24.08
C LYS S 132 30.03 -44.68 -25.14
N SER S 133 31.33 -44.54 -24.82
CA SER S 133 32.38 -44.03 -25.71
C SER S 133 32.52 -44.94 -26.90
N LYS S 134 32.54 -46.30 -26.67
CA LYS S 134 32.64 -47.35 -27.68
C LYS S 134 31.46 -47.42 -28.61
N ARG S 135 30.26 -47.00 -28.13
CA ARG S 135 29.04 -46.98 -28.90
C ARG S 135 29.02 -45.73 -29.73
N ASN S 136 29.95 -44.78 -29.51
CA ASN S 136 30.13 -43.55 -30.25
C ASN S 136 28.96 -42.62 -29.98
N THR S 137 28.87 -42.22 -28.70
CA THR S 137 27.96 -41.18 -28.27
C THR S 137 28.54 -40.37 -27.11
N PRO S 138 29.86 -40.18 -26.81
CA PRO S 138 30.30 -39.45 -25.61
C PRO S 138 29.99 -37.96 -25.74
N THR S 139 29.62 -37.48 -26.95
CA THR S 139 29.31 -36.07 -27.25
C THR S 139 28.06 -35.63 -26.56
N MET S 140 27.05 -36.57 -26.41
CA MET S 140 25.77 -36.33 -25.79
C MET S 140 25.83 -36.55 -24.29
N LEU S 141 26.97 -37.13 -23.83
CA LEU S 141 27.20 -37.33 -22.42
C LEU S 141 27.65 -35.99 -21.85
N SER S 142 28.53 -35.27 -22.62
CA SER S 142 29.04 -33.97 -22.27
C SER S 142 28.09 -32.89 -22.75
N VAL T 1 -9.80 -51.64 -27.30
CA VAL T 1 -11.11 -50.96 -27.15
C VAL T 1 -10.89 -49.47 -27.10
N GLU T 2 -11.99 -48.72 -27.19
CA GLU T 2 -12.00 -47.26 -27.24
C GLU T 2 -11.42 -46.68 -25.98
N SER T 3 -10.85 -45.45 -26.13
CA SER T 3 -10.29 -44.56 -25.10
C SER T 3 -8.95 -45.07 -24.62
N SER T 4 -7.94 -44.20 -24.36
CA SER T 4 -7.87 -42.77 -24.40
C SER T 4 -6.52 -42.43 -24.88
N THR T 5 -6.24 -41.11 -25.11
CA THR T 5 -4.94 -40.60 -25.47
C THR T 5 -3.96 -40.83 -24.34
N ASP T 6 -2.90 -41.65 -24.54
CA ASP T 6 -2.53 -42.46 -25.69
C ASP T 6 -1.87 -43.66 -25.11
N GLY T 7 -2.11 -44.80 -25.78
CA GLY T 7 -1.59 -46.09 -25.42
C GLY T 7 -2.35 -46.64 -24.26
N GLN T 8 -3.54 -46.05 -23.97
CA GLN T 8 -4.43 -46.42 -22.92
C GLN T 8 -5.45 -47.37 -23.49
N VAL T 9 -5.53 -47.41 -24.85
CA VAL T 9 -6.33 -48.33 -25.64
C VAL T 9 -5.72 -49.67 -25.37
N VAL T 10 -6.53 -50.64 -24.92
CA VAL T 10 -6.03 -51.91 -24.48
C VAL T 10 -6.62 -52.93 -25.45
N PRO T 11 -5.79 -53.55 -26.28
CA PRO T 11 -6.23 -54.62 -27.16
C PRO T 11 -5.78 -55.89 -26.43
N GLN T 12 -5.37 -55.73 -25.14
CA GLN T 12 -4.85 -56.71 -24.24
C GLN T 12 -3.45 -57.13 -24.62
N GLU T 13 -2.62 -56.19 -25.18
CA GLU T 13 -1.26 -56.51 -25.52
C GLU T 13 -0.47 -55.23 -25.72
N VAL T 14 -0.88 -54.09 -25.10
CA VAL T 14 -0.21 -52.82 -25.26
C VAL T 14 0.77 -52.63 -24.14
N LEU T 15 0.94 -53.67 -23.28
CA LEU T 15 1.78 -53.64 -22.10
C LEU T 15 3.16 -54.18 -22.42
N ASN T 16 3.37 -54.67 -23.68
CA ASN T 16 4.58 -55.23 -24.14
C ASN T 16 5.12 -54.45 -25.31
N LEU T 17 4.45 -53.34 -25.64
CA LEU T 17 4.76 -52.48 -26.76
C LEU T 17 5.35 -51.22 -26.16
N PRO T 18 6.29 -50.54 -26.79
CA PRO T 18 6.94 -49.35 -26.22
C PRO T 18 6.01 -48.19 -26.39
N LEU T 19 6.08 -47.29 -25.39
CA LEU T 19 5.19 -46.19 -25.29
C LEU T 19 5.98 -45.16 -24.53
N GLU T 20 5.72 -43.84 -24.82
CA GLU T 20 6.40 -42.72 -24.22
C GLU T 20 6.15 -42.67 -22.74
N LYS T 21 7.18 -42.24 -21.98
CA LYS T 21 7.23 -42.28 -20.53
C LYS T 21 6.17 -41.45 -19.86
N ALA T 22 5.82 -40.24 -20.39
CA ALA T 22 4.71 -39.45 -19.88
C ALA T 22 4.02 -38.93 -21.09
N HIS T 23 2.71 -38.68 -20.94
CA HIS T 23 1.86 -38.04 -21.92
C HIS T 23 1.24 -36.81 -21.27
N GLU T 24 1.40 -36.68 -19.96
CA GLU T 24 1.00 -35.53 -19.19
C GLU T 24 1.64 -35.77 -17.85
N GLU T 25 2.66 -34.98 -17.39
CA GLU T 25 3.39 -34.01 -18.10
C GLU T 25 4.75 -34.06 -17.46
N ALA T 26 4.85 -33.38 -16.27
CA ALA T 26 5.97 -33.43 -15.39
C ALA T 26 5.50 -34.10 -14.13
N ASP T 27 4.17 -34.05 -13.87
CA ASP T 27 3.56 -34.58 -12.66
C ASP T 27 3.71 -36.10 -12.54
N ASP T 28 3.58 -36.85 -13.68
CA ASP T 28 3.69 -38.29 -13.80
C ASP T 28 4.86 -38.86 -13.06
N TYR T 29 6.03 -38.22 -13.26
CA TYR T 29 7.31 -38.54 -12.68
C TYR T 29 7.32 -38.48 -11.17
N LEU T 30 6.75 -37.40 -10.61
CA LEU T 30 6.59 -37.10 -9.22
C LEU T 30 5.72 -38.16 -8.56
N ASP T 31 4.62 -38.55 -9.23
CA ASP T 31 3.70 -39.62 -8.76
C ASP T 31 4.41 -40.93 -8.60
N HIS T 32 5.29 -41.32 -9.57
CA HIS T 32 6.14 -42.49 -9.57
C HIS T 32 7.10 -42.50 -8.38
N LEU T 33 7.76 -41.34 -8.10
CA LEU T 33 8.69 -41.19 -6.99
C LEU T 33 8.01 -41.46 -5.68
N LEU T 34 6.81 -40.87 -5.45
CA LEU T 34 5.96 -41.06 -4.28
C LEU T 34 5.52 -42.48 -4.10
N ASP T 35 5.12 -43.15 -5.23
CA ASP T 35 4.63 -44.53 -5.33
C ASP T 35 5.69 -45.48 -4.81
N SER T 36 6.94 -45.25 -5.27
CA SER T 36 8.12 -46.01 -4.90
C SER T 36 8.34 -45.88 -3.42
N LEU T 37 8.24 -44.68 -2.84
CA LEU T 37 8.40 -44.42 -1.40
C LEU T 37 7.38 -45.19 -0.60
N GLU T 38 6.09 -45.25 -1.02
CA GLU T 38 5.09 -45.99 -0.31
C GLU T 38 5.38 -47.47 -0.21
N GLU T 39 5.86 -48.13 -1.33
CA GLU T 39 6.22 -49.51 -1.37
C GLU T 39 7.34 -49.80 -0.41
N LEU T 40 8.42 -48.98 -0.45
CA LEU T 40 9.62 -49.07 0.33
C LEU T 40 9.40 -48.93 1.84
N SER T 41 8.47 -48.06 2.27
CA SER T 41 8.23 -47.76 3.68
C SER T 41 7.94 -48.96 4.58
N GLU T 42 7.11 -49.94 4.17
CA GLU T 42 6.93 -51.21 4.88
C GLU T 42 8.24 -52.01 4.84
N ALA T 43 8.54 -52.77 5.93
CA ALA T 43 9.68 -53.66 6.05
C ALA T 43 10.89 -52.92 6.49
N HIS T 44 10.64 -51.93 7.39
CA HIS T 44 11.70 -51.20 8.07
C HIS T 44 11.37 -51.36 9.56
N PRO T 45 12.23 -51.83 10.45
CA PRO T 45 11.90 -52.01 11.85
C PRO T 45 11.92 -50.72 12.63
N ASP T 46 12.69 -49.72 12.17
CA ASP T 46 12.82 -48.44 12.84
C ASP T 46 13.54 -47.55 11.89
N CYS T 47 13.91 -48.07 10.69
CA CYS T 47 14.70 -47.36 9.69
C CYS T 47 13.94 -46.20 9.11
N ILE T 48 12.64 -46.41 8.82
CA ILE T 48 11.77 -45.31 8.40
C ILE T 48 10.69 -45.33 9.49
N PRO T 49 10.60 -44.27 10.30
CA PRO T 49 9.51 -44.11 11.24
C PRO T 49 8.61 -43.00 10.76
N ASP T 50 9.00 -42.22 9.73
CA ASP T 50 8.22 -41.08 9.37
C ASP T 50 8.36 -40.81 7.89
N VAL T 51 7.21 -40.55 7.20
CA VAL T 51 7.18 -39.96 5.92
C VAL T 51 5.94 -39.12 5.90
N GLU T 52 6.05 -37.78 5.88
CA GLU T 52 4.94 -36.85 5.74
C GLU T 52 5.19 -36.02 4.52
N LEU T 53 4.13 -35.95 3.66
CA LEU T 53 4.14 -35.17 2.45
C LEU T 53 3.27 -34.00 2.75
N SER T 54 3.88 -32.80 2.63
CA SER T 54 3.31 -31.60 3.21
C SER T 54 2.65 -30.78 2.15
N HIS T 55 3.36 -29.78 1.62
CA HIS T 55 2.88 -29.04 0.48
C HIS T 55 4.05 -28.78 -0.38
N GLY T 56 4.57 -29.84 -1.04
CA GLY T 56 5.70 -29.77 -1.92
C GLY T 56 7.03 -29.92 -1.23
N VAL T 57 6.99 -30.29 0.08
CA VAL T 57 8.15 -30.65 0.88
C VAL T 57 7.86 -32.09 1.28
N MET T 58 8.88 -32.97 1.05
CA MET T 58 8.74 -34.37 1.33
C MET T 58 9.86 -34.70 2.24
N THR T 59 9.57 -35.37 3.39
CA THR T 59 10.57 -35.75 4.37
C THR T 59 10.67 -37.24 4.23
N LEU T 60 11.93 -37.69 4.25
CA LEU T 60 12.37 -39.06 4.32
C LEU T 60 13.10 -39.02 5.64
N GLU T 61 12.84 -40.03 6.52
CA GLU T 61 13.47 -40.10 7.80
C GLU T 61 14.25 -41.38 7.90
N ILE T 62 15.55 -41.23 8.29
CA ILE T 62 16.43 -42.32 8.62
C ILE T 62 17.05 -41.76 9.87
N PRO T 63 16.67 -42.23 11.06
CA PRO T 63 17.22 -41.77 12.33
C PRO T 63 18.55 -42.40 12.63
N ALA T 64 18.96 -43.43 11.85
CA ALA T 64 20.03 -44.32 12.22
C ALA T 64 21.25 -44.12 11.38
N PHE T 65 21.24 -43.12 10.49
CA PHE T 65 22.39 -42.79 9.67
C PHE T 65 22.25 -41.37 9.23
N GLY T 66 21.17 -40.65 9.60
CA GLY T 66 20.88 -39.33 9.14
C GLY T 66 20.25 -39.35 7.82
N THR T 67 19.67 -38.23 7.42
CA THR T 67 18.80 -38.13 6.30
C THR T 67 18.80 -36.70 5.77
N TYR T 68 18.09 -36.45 4.64
CA TYR T 68 17.91 -35.14 4.08
C TYR T 68 16.53 -35.10 3.50
N VAL T 69 16.06 -33.86 3.25
CA VAL T 69 14.79 -33.65 2.64
C VAL T 69 14.98 -33.19 1.24
N ILE T 70 13.93 -33.41 0.42
CA ILE T 70 13.92 -33.00 -0.99
C ILE T 70 12.76 -32.06 -1.11
N ASN T 71 12.86 -31.11 -2.04
CA ASN T 71 11.89 -30.07 -2.15
C ASN T 71 12.04 -29.47 -3.53
N LYS T 72 11.08 -28.62 -3.93
CA LYS T 72 11.07 -27.93 -5.19
C LYS T 72 11.96 -26.74 -5.06
N GLN T 73 12.76 -26.47 -6.12
CA GLN T 73 13.67 -25.33 -6.18
C GLN T 73 12.85 -24.31 -6.91
N PRO T 74 12.80 -23.03 -6.49
CA PRO T 74 12.13 -21.94 -7.25
C PRO T 74 12.52 -21.86 -8.73
N PRO T 75 11.70 -21.38 -9.66
CA PRO T 75 11.93 -21.49 -11.10
C PRO T 75 13.28 -20.97 -11.54
N ASN T 76 14.06 -21.86 -12.19
CA ASN T 76 15.48 -21.78 -12.55
C ASN T 76 16.05 -23.00 -11.94
N LYS T 77 16.23 -24.05 -12.79
CA LYS T 77 16.76 -25.33 -12.43
C LYS T 77 15.92 -26.00 -11.39
N GLN T 78 14.62 -26.13 -11.73
CA GLN T 78 13.54 -26.48 -10.86
C GLN T 78 13.65 -27.88 -10.32
N ILE T 79 13.20 -28.10 -9.06
CA ILE T 79 13.44 -29.22 -8.19
C ILE T 79 14.88 -29.19 -7.70
N TRP T 80 14.98 -28.96 -6.36
CA TRP T 80 16.16 -29.10 -5.54
C TRP T 80 16.47 -30.52 -5.25
N LEU T 81 17.80 -30.77 -5.03
CA LEU T 81 18.29 -32.06 -4.63
C LEU T 81 19.26 -31.82 -3.51
N ALA T 82 19.51 -32.79 -2.64
CA ALA T 82 20.37 -32.59 -1.51
C ALA T 82 21.04 -33.90 -1.31
N SER T 83 22.31 -33.84 -0.91
CA SER T 83 23.06 -34.97 -0.45
C SER T 83 24.10 -34.37 0.45
N PRO T 84 24.59 -35.07 1.49
CA PRO T 84 25.66 -34.53 2.31
C PRO T 84 26.97 -35.07 1.78
N LEU T 85 26.95 -36.22 1.05
CA LEU T 85 28.13 -36.89 0.60
C LEU T 85 28.72 -36.24 -0.61
N SER T 86 27.85 -35.89 -1.60
CA SER T 86 28.29 -35.41 -2.89
C SER T 86 27.87 -34.01 -3.07
N GLY T 87 27.29 -33.41 -2.01
CA GLY T 87 26.83 -32.03 -2.03
C GLY T 87 25.52 -31.94 -2.78
N PRO T 88 24.91 -30.76 -2.81
CA PRO T 88 23.64 -30.52 -3.48
C PRO T 88 23.83 -30.41 -4.94
N ASN T 89 22.76 -30.76 -5.67
CA ASN T 89 22.71 -30.74 -7.11
C ASN T 89 21.36 -30.19 -7.51
N ARG T 90 21.13 -29.98 -8.85
CA ARG T 90 19.88 -29.47 -9.36
C ARG T 90 19.62 -30.13 -10.70
N PHE T 91 18.50 -29.77 -11.41
CA PHE T 91 18.00 -30.56 -12.52
C PHE T 91 17.57 -29.64 -13.61
N ASP T 92 17.30 -30.26 -14.77
CA ASP T 92 16.77 -29.65 -15.94
C ASP T 92 15.94 -30.81 -16.48
N LEU T 93 15.87 -31.06 -17.82
CA LEU T 93 15.07 -32.12 -18.41
C LEU T 93 15.93 -32.70 -19.49
N LEU T 94 15.63 -33.94 -19.89
CA LEU T 94 16.27 -34.58 -20.98
C LEU T 94 15.40 -35.73 -21.45
N ASN T 95 14.24 -35.98 -20.75
CA ASN T 95 13.28 -36.98 -21.13
C ASN T 95 11.96 -36.49 -20.63
N GLY T 96 11.92 -35.25 -20.04
CA GLY T 96 10.71 -34.71 -19.46
C GLY T 96 10.60 -35.15 -18.02
N GLU T 97 11.53 -36.05 -17.59
CA GLU T 97 11.68 -36.47 -16.22
C GLU T 97 12.66 -35.53 -15.63
N TRP T 98 13.99 -35.78 -15.79
CA TRP T 98 15.04 -34.93 -15.32
C TRP T 98 16.22 -35.15 -16.27
N VAL T 99 17.25 -34.32 -16.11
CA VAL T 99 18.45 -34.29 -16.85
C VAL T 99 19.48 -35.27 -16.31
N SER T 100 20.66 -35.34 -17.02
CA SER T 100 21.75 -36.24 -16.65
C SER T 100 23.05 -35.62 -17.14
N LEU T 101 23.07 -34.26 -17.26
CA LEU T 101 24.24 -33.47 -17.60
C LEU T 101 25.39 -33.65 -16.64
N ARG T 102 25.13 -33.65 -15.34
CA ARG T 102 26.04 -34.04 -14.33
C ARG T 102 25.25 -34.91 -13.39
N ASN T 103 25.42 -36.24 -13.38
CA ASN T 103 26.30 -37.08 -14.20
C ASN T 103 25.55 -38.37 -14.39
N GLY T 104 24.20 -38.25 -14.43
CA GLY T 104 23.32 -39.35 -14.41
C GLY T 104 22.77 -39.26 -13.03
N THR T 105 21.68 -38.48 -12.89
CA THR T 105 21.10 -38.14 -11.61
C THR T 105 19.61 -38.15 -11.81
N LYS T 106 18.90 -38.92 -10.94
CA LYS T 106 17.47 -38.96 -10.92
C LYS T 106 17.15 -39.20 -9.48
N LEU T 107 16.33 -38.29 -8.88
CA LEU T 107 15.90 -38.37 -7.50
C LEU T 107 15.04 -39.60 -7.23
N THR T 108 14.58 -40.32 -8.30
CA THR T 108 13.77 -41.50 -8.09
C THR T 108 14.69 -42.63 -7.76
N ASP T 109 15.82 -42.75 -8.49
CA ASP T 109 16.81 -43.77 -8.23
C ASP T 109 17.57 -43.54 -6.96
N ILE T 110 17.87 -42.27 -6.60
CA ILE T 110 18.66 -41.94 -5.43
C ILE T 110 17.92 -42.39 -4.15
N LEU T 111 16.62 -42.07 -4.09
CA LEU T 111 15.82 -42.39 -2.92
C LEU T 111 15.59 -43.85 -2.81
N THR T 112 15.17 -44.52 -3.92
CA THR T 112 15.00 -45.95 -4.08
C THR T 112 16.11 -46.74 -3.47
N GLU T 113 17.36 -46.59 -3.99
CA GLU T 113 18.55 -47.27 -3.50
C GLU T 113 18.75 -47.14 -2.02
N GLU T 114 18.73 -45.91 -1.52
CA GLU T 114 19.06 -45.62 -0.13
C GLU T 114 18.09 -46.18 0.89
N VAL T 115 16.79 -46.12 0.58
CA VAL T 115 15.76 -46.69 1.44
C VAL T 115 15.79 -48.22 1.41
N GLU T 116 16.00 -48.85 0.22
CA GLU T 116 15.97 -50.30 0.12
C GLU T 116 17.18 -50.98 0.68
N LYS T 117 18.34 -50.26 0.80
CA LYS T 117 19.48 -50.72 1.60
C LYS T 117 19.12 -50.92 3.07
N ALA T 118 18.10 -50.22 3.57
CA ALA T 118 17.73 -50.31 4.97
C ALA T 118 16.92 -51.56 5.18
N ILE T 119 15.95 -51.86 4.27
CA ILE T 119 15.20 -53.12 4.22
C ILE T 119 16.15 -54.31 4.20
N SER T 120 17.25 -54.19 3.43
CA SER T 120 18.29 -55.23 3.29
C SER T 120 18.96 -55.54 4.58
N LYS T 121 19.79 -54.59 5.08
CA LYS T 121 20.53 -54.72 6.30
C LYS T 121 19.89 -53.89 7.39
N GLY U 1 48.47 -5.04 -31.43
CA GLY U 1 47.73 -5.57 -32.62
C GLY U 1 48.26 -4.97 -33.88
N SER U 2 49.20 -5.68 -34.57
CA SER U 2 49.84 -5.16 -35.75
C SER U 2 50.16 -6.32 -36.66
N HIS U 3 50.56 -6.05 -37.89
CA HIS U 3 50.94 -7.03 -38.89
C HIS U 3 52.20 -7.78 -38.45
N MET U 4 52.25 -9.07 -38.83
CA MET U 4 53.28 -9.99 -38.40
C MET U 4 54.71 -9.57 -38.82
N SER U 5 55.01 -9.18 -40.11
CA SER U 5 54.18 -9.12 -41.31
C SER U 5 54.40 -10.41 -42.03
N SER U 6 53.41 -10.82 -42.84
CA SER U 6 53.48 -11.98 -43.69
C SER U 6 53.18 -11.54 -45.12
N ILE U 7 53.27 -10.24 -45.35
CA ILE U 7 52.98 -9.55 -46.60
C ILE U 7 54.28 -9.60 -47.39
N THR U 8 54.23 -10.30 -48.52
CA THR U 8 55.30 -10.62 -49.47
C THR U 8 56.43 -11.33 -48.80
N LYS U 9 56.11 -12.33 -47.94
CA LYS U 9 57.10 -13.13 -47.25
C LYS U 9 56.73 -14.56 -47.58
N ARG U 10 57.56 -15.35 -48.32
CA ARG U 10 58.80 -14.97 -49.02
C ARG U 10 58.65 -15.50 -50.40
N LEU U 11 58.70 -14.58 -51.41
CA LEU U 11 58.66 -14.84 -52.82
C LEU U 11 57.44 -15.58 -53.33
N TYR U 12 56.28 -15.24 -52.74
CA TYR U 12 54.98 -15.75 -53.19
C TYR U 12 54.61 -15.12 -54.53
N HIS U 13 54.69 -13.80 -54.77
CA HIS U 13 54.82 -12.67 -53.86
C HIS U 13 53.48 -12.12 -53.42
N PRO U 14 52.40 -11.89 -54.18
CA PRO U 14 51.12 -11.50 -53.61
C PRO U 14 50.35 -12.74 -53.21
N LYS U 15 49.63 -12.65 -52.04
CA LYS U 15 48.76 -13.72 -51.50
C LYS U 15 49.50 -15.03 -51.26
N VAL U 16 48.78 -16.10 -50.86
CA VAL U 16 49.39 -17.40 -50.59
C VAL U 16 48.84 -18.37 -51.63
N ILE U 17 47.91 -17.89 -52.51
CA ILE U 17 47.26 -18.65 -53.53
C ILE U 17 48.28 -19.19 -54.53
N GLU U 18 49.23 -18.28 -54.92
CA GLU U 18 50.27 -18.52 -55.90
C GLU U 18 51.25 -19.55 -55.43
N HIS U 19 51.69 -19.44 -54.17
CA HIS U 19 52.62 -20.40 -53.55
C HIS U 19 52.08 -21.80 -53.39
N TYR U 20 50.84 -21.93 -52.84
CA TYR U 20 50.23 -23.21 -52.60
C TYR U 20 49.92 -24.02 -53.84
N THR U 21 49.39 -23.34 -54.87
CA THR U 21 49.11 -23.99 -56.13
C THR U 21 49.71 -23.05 -57.15
N HIS U 22 50.76 -23.40 -57.95
CA HIS U 22 51.68 -24.52 -57.95
C HIS U 22 51.04 -25.76 -58.56
N PRO U 23 51.29 -26.17 -59.81
CA PRO U 23 52.10 -25.54 -60.81
C PRO U 23 51.58 -24.17 -61.17
N ARG U 24 52.50 -23.17 -61.30
CA ARG U 24 52.15 -21.78 -61.53
C ARG U 24 52.56 -21.47 -62.96
N ASN U 25 51.68 -20.81 -63.80
CA ASN U 25 50.32 -20.38 -63.50
C ASN U 25 49.31 -21.54 -63.35
N VAL U 26 49.27 -22.60 -64.19
CA VAL U 26 49.90 -22.79 -65.48
C VAL U 26 48.77 -22.79 -66.50
N GLY U 27 47.51 -22.62 -66.05
CA GLY U 27 46.35 -22.66 -66.93
C GLY U 27 45.96 -24.04 -67.30
N SER U 28 46.45 -25.05 -66.55
CA SER U 28 46.12 -26.44 -66.72
C SER U 28 46.21 -27.10 -65.34
N LEU U 29 46.24 -26.20 -64.30
CA LEU U 29 46.47 -26.52 -62.91
C LEU U 29 45.36 -27.38 -62.35
N ASP U 30 45.72 -28.33 -61.49
CA ASP U 30 44.81 -29.16 -60.79
C ASP U 30 45.43 -29.44 -59.49
N LYS U 31 44.58 -29.75 -58.49
CA LYS U 31 45.01 -30.13 -57.16
C LYS U 31 44.40 -31.45 -56.96
N LYS U 32 45.24 -32.49 -56.86
CA LYS U 32 44.78 -33.84 -56.68
C LYS U 32 45.83 -34.54 -55.85
N LEU U 33 45.47 -35.57 -55.03
CA LEU U 33 44.13 -36.09 -54.74
C LEU U 33 43.99 -36.06 -53.22
N PRO U 34 43.37 -35.05 -52.61
CA PRO U 34 43.27 -35.00 -51.16
C PRO U 34 41.83 -35.31 -50.75
N ASN U 35 41.63 -35.94 -49.58
CA ASN U 35 40.30 -36.13 -49.07
C ASN U 35 40.44 -36.40 -47.63
N VAL U 36 39.45 -35.89 -46.85
CA VAL U 36 39.40 -36.10 -45.41
C VAL U 36 37.93 -36.17 -45.15
N GLY U 37 37.11 -35.62 -46.11
CA GLY U 37 35.67 -35.63 -46.06
C GLY U 37 35.14 -34.45 -45.26
N THR U 38 36.09 -33.60 -44.75
CA THR U 38 35.77 -32.46 -43.90
C THR U 38 35.27 -31.29 -44.76
N GLY U 39 34.72 -30.24 -44.05
CA GLY U 39 34.15 -29.05 -44.61
C GLY U 39 35.05 -28.42 -45.62
N LEU U 40 34.41 -27.74 -46.61
CA LEU U 40 35.06 -26.96 -47.65
C LEU U 40 34.16 -25.81 -47.91
N VAL U 41 34.77 -24.65 -48.15
CA VAL U 41 34.04 -23.45 -48.47
C VAL U 41 34.97 -22.70 -49.36
N GLY U 42 34.43 -21.87 -50.25
CA GLY U 42 35.21 -21.12 -51.18
C GLY U 42 34.25 -20.27 -51.93
N ALA U 43 34.65 -19.04 -52.26
CA ALA U 43 33.97 -18.09 -53.08
C ALA U 43 35.05 -17.64 -54.03
N PRO U 44 35.12 -18.17 -55.25
CA PRO U 44 36.31 -18.03 -56.10
C PRO U 44 36.11 -16.84 -56.99
N ALA U 45 34.99 -16.09 -56.86
CA ALA U 45 34.84 -14.84 -57.53
C ALA U 45 35.29 -13.76 -56.55
N CYS U 46 35.65 -14.17 -55.32
CA CYS U 46 36.15 -13.34 -54.24
C CYS U 46 37.56 -13.77 -53.90
N GLY U 47 38.09 -14.78 -54.62
CA GLY U 47 39.49 -15.14 -54.58
C GLY U 47 39.91 -15.97 -53.38
N ASP U 48 38.97 -16.51 -52.56
CA ASP U 48 39.37 -17.19 -51.31
C ASP U 48 38.78 -18.56 -51.27
N VAL U 49 39.42 -19.46 -50.50
CA VAL U 49 38.99 -20.83 -50.26
C VAL U 49 39.55 -21.08 -48.92
N MET U 50 38.81 -21.79 -48.05
CA MET U 50 39.40 -22.26 -46.81
C MET U 50 38.91 -23.67 -46.62
N ARG U 51 39.83 -24.50 -46.06
CA ARG U 51 39.50 -25.86 -45.78
C ARG U 51 40.18 -26.14 -44.49
N LEU U 52 39.37 -26.35 -43.41
CA LEU U 52 39.85 -26.76 -42.11
C LEU U 52 39.50 -28.20 -42.01
N GLN U 53 40.50 -29.09 -41.72
CA GLN U 53 40.29 -30.52 -41.61
C GLN U 53 40.61 -30.90 -40.21
N ILE U 54 39.56 -31.30 -39.43
CA ILE U 54 39.72 -31.79 -38.09
C ILE U 54 39.95 -33.30 -38.18
N LYS U 55 40.76 -33.84 -37.24
CA LYS U 55 40.81 -35.28 -37.01
C LYS U 55 40.53 -35.37 -35.54
N VAL U 56 39.74 -36.38 -35.16
CA VAL U 56 39.28 -36.49 -33.81
C VAL U 56 39.56 -37.95 -33.46
N ASN U 57 40.28 -38.16 -32.31
CA ASN U 57 40.41 -39.42 -31.66
C ASN U 57 39.10 -39.71 -30.99
N ASP U 58 38.36 -40.75 -31.46
CA ASP U 58 37.04 -41.11 -31.04
C ASP U 58 37.20 -41.89 -29.77
N SER U 59 37.18 -41.18 -28.62
CA SER U 59 37.18 -41.79 -27.31
C SER U 59 36.31 -40.91 -26.42
N THR U 60 36.81 -39.72 -26.06
CA THR U 60 36.08 -38.68 -25.36
C THR U 60 35.80 -37.61 -26.36
N GLY U 61 36.27 -37.78 -27.63
CA GLY U 61 36.18 -36.77 -28.65
C GLY U 61 37.31 -35.81 -28.52
N VAL U 62 38.53 -36.31 -28.22
CA VAL U 62 39.68 -35.43 -28.09
C VAL U 62 40.22 -35.18 -29.48
N ILE U 63 40.64 -33.93 -29.75
CA ILE U 63 41.11 -33.51 -31.05
C ILE U 63 42.55 -33.96 -31.16
N GLU U 64 42.79 -34.97 -32.04
CA GLU U 64 44.08 -35.56 -32.28
C GLU U 64 44.94 -34.57 -33.00
N ASP U 65 44.33 -33.92 -34.05
CA ASP U 65 45.03 -33.00 -34.91
C ASP U 65 44.02 -32.11 -35.57
N VAL U 66 44.48 -30.94 -36.02
CA VAL U 66 43.72 -30.08 -36.90
C VAL U 66 44.76 -29.33 -37.72
N LYS U 67 44.53 -29.37 -39.08
CA LYS U 67 45.41 -28.77 -40.08
C LYS U 67 44.53 -27.88 -40.85
N PHE U 68 45.13 -26.94 -41.64
CA PHE U 68 44.33 -26.01 -42.42
C PHE U 68 44.96 -25.92 -43.79
N LYS U 69 44.14 -25.42 -44.72
CA LYS U 69 44.57 -24.87 -45.98
C LYS U 69 44.00 -23.49 -46.00
N THR U 70 44.78 -22.49 -46.41
CA THR U 70 44.29 -21.13 -46.50
C THR U 70 44.69 -20.60 -47.82
N PHE U 71 43.73 -20.01 -48.54
CA PHE U 71 43.91 -19.32 -49.78
C PHE U 71 43.20 -18.05 -49.57
N GLY U 72 43.81 -16.93 -49.97
CA GLY U 72 43.21 -15.65 -49.90
C GLY U 72 44.29 -14.63 -49.71
N CYS U 73 45.02 -14.68 -48.55
CA CYS U 73 46.04 -13.75 -48.22
C CYS U 73 47.06 -14.47 -47.40
N GLY U 74 48.33 -13.99 -47.52
CA GLY U 74 49.46 -14.55 -46.83
C GLY U 74 49.42 -14.13 -45.35
N SER U 75 48.72 -13.00 -45.07
CA SER U 75 48.51 -12.44 -43.75
C SER U 75 47.74 -13.37 -42.86
N ALA U 76 46.77 -14.08 -43.49
CA ALA U 76 45.83 -15.00 -42.92
C ALA U 76 46.45 -16.27 -42.42
N ILE U 77 47.59 -16.71 -42.99
CA ILE U 77 48.24 -17.97 -42.64
C ILE U 77 48.64 -18.01 -41.22
N ALA U 78 49.16 -16.90 -40.68
CA ALA U 78 49.66 -16.82 -39.31
C ALA U 78 48.57 -16.99 -38.29
N SER U 79 47.35 -16.49 -38.61
CA SER U 79 46.17 -16.59 -37.79
C SER U 79 45.62 -17.98 -37.71
N SER U 80 45.56 -18.63 -38.87
CA SER U 80 45.12 -20.00 -39.06
C SER U 80 45.98 -20.98 -38.29
N SER U 81 47.33 -20.77 -38.35
CA SER U 81 48.30 -21.50 -37.61
C SER U 81 48.06 -21.46 -36.12
N TYR U 82 47.90 -20.26 -35.54
CA TYR U 82 47.72 -20.05 -34.13
C TYR U 82 46.39 -20.65 -33.61
N MET U 83 45.29 -20.54 -34.41
CA MET U 83 44.04 -21.12 -34.00
C MET U 83 44.05 -22.67 -33.96
N THR U 84 44.65 -23.33 -34.98
CA THR U 84 44.69 -24.77 -35.03
C THR U 84 45.53 -25.35 -33.90
N GLU U 85 46.66 -24.70 -33.58
CA GLU U 85 47.52 -25.01 -32.47
C GLU U 85 46.75 -24.97 -31.15
N LEU U 86 46.03 -23.87 -30.92
CA LEU U 86 45.24 -23.55 -29.75
C LEU U 86 44.14 -24.59 -29.51
N VAL U 87 43.39 -24.98 -30.58
CA VAL U 87 42.35 -25.98 -30.57
C VAL U 87 42.87 -27.37 -30.19
N GLN U 88 44.06 -27.76 -30.66
CA GLN U 88 44.73 -29.00 -30.27
C GLN U 88 45.10 -29.04 -28.82
N GLY U 89 44.97 -30.23 -28.22
CA GLY U 89 45.19 -30.44 -26.82
C GLY U 89 44.00 -30.08 -26.00
N MET U 90 42.86 -29.67 -26.61
CA MET U 90 41.69 -29.22 -25.90
C MET U 90 40.53 -29.91 -26.52
N THR U 91 39.38 -29.87 -25.80
CA THR U 91 38.12 -30.54 -26.05
C THR U 91 37.60 -30.29 -27.44
N LEU U 92 36.64 -31.13 -27.87
CA LEU U 92 36.04 -31.11 -29.17
C LEU U 92 35.34 -29.82 -29.43
N ASP U 93 34.64 -29.32 -28.38
CA ASP U 93 33.87 -28.10 -28.34
C ASP U 93 34.69 -26.85 -28.65
N ASP U 94 35.91 -26.78 -28.10
CA ASP U 94 36.95 -25.84 -28.37
C ASP U 94 37.13 -25.43 -29.81
N ALA U 95 37.11 -26.41 -30.76
CA ALA U 95 37.20 -26.29 -32.20
C ALA U 95 36.13 -25.44 -32.78
N ALA U 96 34.88 -25.66 -32.29
CA ALA U 96 33.73 -24.93 -32.75
C ALA U 96 33.77 -23.53 -32.20
N LYS U 97 33.14 -22.59 -32.99
CA LYS U 97 32.99 -21.18 -32.78
C LYS U 97 34.21 -20.50 -33.29
N ILE U 98 34.98 -21.13 -34.24
CA ILE U 98 36.07 -20.44 -34.89
C ILE U 98 35.51 -19.26 -35.66
N LYS U 99 36.23 -18.12 -35.50
CA LYS U 99 35.86 -16.87 -36.01
C LYS U 99 37.16 -16.38 -36.53
N ASN U 100 37.26 -15.45 -37.55
CA ASN U 100 36.44 -14.43 -38.16
C ASN U 100 37.07 -13.27 -37.48
N THR U 101 36.40 -12.74 -36.41
CA THR U 101 36.89 -11.67 -35.57
C THR U 101 38.20 -12.08 -34.87
N GLU U 102 38.31 -13.38 -34.43
CA GLU U 102 39.53 -13.91 -33.81
C GLU U 102 40.69 -13.92 -34.71
N ILE U 103 40.47 -14.31 -35.99
CA ILE U 103 41.50 -14.27 -37.00
C ILE U 103 41.94 -12.87 -37.24
N ALA U 104 40.97 -11.91 -37.29
CA ALA U 104 41.24 -10.52 -37.47
C ALA U 104 42.08 -9.92 -36.37
N LYS U 105 41.78 -10.28 -35.10
CA LYS U 105 42.49 -9.80 -33.91
C LYS U 105 43.92 -10.26 -33.90
N GLU U 106 44.11 -11.54 -34.34
CA GLU U 106 45.38 -12.18 -34.47
C GLU U 106 46.26 -11.53 -35.53
N LEU U 107 45.64 -11.19 -36.68
CA LEU U 107 46.28 -10.55 -37.81
C LEU U 107 46.74 -9.17 -37.48
N SER U 108 45.90 -8.39 -36.74
CA SER U 108 46.19 -7.01 -36.40
C SER U 108 45.20 -6.57 -35.36
N LEU U 109 44.11 -5.89 -35.79
CA LEU U 109 43.02 -5.47 -34.95
C LEU U 109 41.82 -5.88 -35.74
N PRO U 110 40.68 -6.07 -35.17
CA PRO U 110 39.55 -6.66 -35.90
C PRO U 110 38.59 -5.60 -36.42
N PRO U 111 37.96 -5.82 -37.58
CA PRO U 111 36.89 -4.98 -38.01
C PRO U 111 35.70 -5.66 -37.39
N VAL U 112 35.79 -7.00 -37.23
CA VAL U 112 34.78 -7.92 -36.83
C VAL U 112 33.95 -8.25 -38.03
N LYS U 113 33.54 -7.23 -38.81
CA LYS U 113 32.67 -7.29 -39.97
C LYS U 113 33.34 -8.03 -41.08
N LEU U 114 32.56 -8.84 -41.81
CA LEU U 114 33.08 -9.65 -42.85
C LEU U 114 32.19 -9.43 -44.02
N HIS U 115 32.74 -9.84 -45.17
CA HIS U 115 32.13 -9.81 -46.46
C HIS U 115 33.29 -10.30 -47.29
N CYS U 116 33.35 -11.62 -47.45
CA CYS U 116 34.36 -12.35 -48.18
C CYS U 116 35.77 -12.03 -47.82
N SER U 117 36.05 -12.19 -46.51
CA SER U 117 37.37 -11.96 -45.98
C SER U 117 37.83 -13.21 -45.26
N MET U 118 36.98 -13.81 -44.41
CA MET U 118 37.25 -15.01 -43.71
C MET U 118 36.09 -15.94 -43.89
N LEU U 119 36.37 -17.17 -44.33
CA LEU U 119 35.38 -18.18 -44.53
C LEU U 119 35.36 -19.06 -43.32
N ALA U 120 36.26 -18.83 -42.34
CA ALA U 120 36.63 -19.76 -41.29
C ALA U 120 35.50 -20.27 -40.42
N GLU U 121 34.44 -19.43 -40.19
CA GLU U 121 33.24 -19.85 -39.45
C GLU U 121 32.50 -20.96 -40.17
N ASP U 122 32.24 -20.75 -41.50
CA ASP U 122 31.52 -21.63 -42.40
C ASP U 122 32.29 -22.91 -42.57
N ALA U 123 33.66 -22.77 -42.59
CA ALA U 123 34.56 -23.89 -42.72
C ALA U 123 34.45 -24.85 -41.54
N ILE U 124 34.52 -24.27 -40.29
CA ILE U 124 34.42 -25.02 -39.05
C ILE U 124 33.04 -25.67 -38.88
N LYS U 125 31.93 -24.93 -39.20
CA LYS U 125 30.56 -25.42 -39.07
C LYS U 125 30.37 -26.65 -39.91
N ALA U 126 30.85 -26.58 -41.16
CA ALA U 126 30.84 -27.66 -42.10
C ALA U 126 31.55 -28.89 -41.60
N ALA U 127 32.78 -28.72 -41.08
CA ALA U 127 33.61 -29.77 -40.55
C ALA U 127 33.03 -30.52 -39.35
N ILE U 128 32.47 -29.76 -38.37
CA ILE U 128 31.99 -30.32 -37.12
C ILE U 128 30.67 -31.04 -37.29
N LYS U 129 29.80 -30.54 -38.20
CA LYS U 129 28.52 -31.13 -38.61
C LYS U 129 28.77 -32.42 -39.28
N ASP U 130 29.79 -32.49 -40.17
CA ASP U 130 30.28 -33.70 -40.84
C ASP U 130 30.67 -34.74 -39.84
N TYR U 131 31.45 -34.35 -38.76
CA TYR U 131 31.88 -35.21 -37.68
C TYR U 131 30.68 -35.87 -37.00
N LYS U 132 29.62 -35.06 -36.68
CA LYS U 132 28.38 -35.51 -36.07
C LYS U 132 27.68 -36.49 -36.95
N SER U 133 27.75 -36.30 -38.30
CA SER U 133 27.14 -37.18 -39.24
C SER U 133 27.69 -38.58 -39.18
N LYS U 134 29.01 -38.73 -38.96
CA LYS U 134 29.67 -40.01 -38.74
C LYS U 134 29.19 -40.74 -37.51
N ARG U 135 28.95 -39.98 -36.40
CA ARG U 135 28.36 -40.45 -35.17
C ARG U 135 26.98 -40.97 -35.43
N ASN U 136 26.24 -40.31 -36.34
CA ASN U 136 24.94 -40.62 -36.84
C ASN U 136 23.89 -39.98 -35.97
N THR U 137 24.30 -38.97 -35.16
CA THR U 137 23.39 -38.22 -34.31
C THR U 137 22.95 -37.00 -35.09
N PRO U 138 21.65 -36.67 -35.20
CA PRO U 138 21.20 -35.53 -36.00
C PRO U 138 20.53 -34.58 -35.08
N THR U 139 20.56 -34.85 -33.76
CA THR U 139 19.81 -34.07 -32.79
C THR U 139 20.61 -32.92 -32.23
N MET U 140 21.87 -32.76 -32.67
CA MET U 140 22.70 -31.65 -32.31
C MET U 140 23.09 -30.98 -33.61
N LEU U 141 23.12 -31.75 -34.73
CA LEU U 141 23.55 -31.29 -36.02
C LEU U 141 22.48 -30.30 -36.52
N SER U 142 21.21 -30.71 -36.40
CA SER U 142 20.08 -29.88 -36.73
C SER U 142 19.10 -29.84 -35.53
N VAL V 1 42.37 -34.96 4.40
CA VAL V 1 42.33 -35.96 3.30
C VAL V 1 40.95 -36.63 3.23
N GLU V 2 40.15 -36.42 4.29
CA GLU V 2 38.77 -36.83 4.39
C GLU V 2 37.92 -36.18 3.32
N SER V 3 38.13 -34.85 3.09
CA SER V 3 37.48 -34.06 2.10
C SER V 3 37.88 -34.43 0.72
N SER V 4 37.04 -34.33 -0.33
CA SER V 4 35.68 -33.85 -0.35
C SER V 4 34.73 -35.00 -0.43
N THR V 5 35.25 -36.27 -0.46
CA THR V 5 34.46 -37.48 -0.36
C THR V 5 33.68 -37.80 -1.62
N ASP V 6 33.57 -39.07 -2.12
CA ASP V 6 34.27 -40.26 -1.72
C ASP V 6 35.32 -40.62 -2.74
N GLY V 7 35.40 -39.85 -3.83
CA GLY V 7 36.32 -40.07 -4.92
C GLY V 7 37.34 -38.97 -4.93
N GLN V 8 37.01 -37.82 -4.26
CA GLN V 8 37.79 -36.63 -4.16
C GLN V 8 38.54 -36.63 -2.85
N VAL V 9 38.60 -37.83 -2.24
CA VAL V 9 39.37 -38.15 -1.06
C VAL V 9 40.86 -38.01 -1.30
N VAL V 10 41.26 -38.47 -2.49
CA VAL V 10 42.62 -38.46 -3.01
C VAL V 10 43.47 -39.41 -2.19
N PRO V 11 43.72 -40.67 -2.58
CA PRO V 11 44.68 -41.53 -1.88
C PRO V 11 46.10 -41.08 -2.14
N GLN V 12 46.45 -40.79 -3.41
CA GLN V 12 47.69 -40.18 -3.78
C GLN V 12 47.42 -39.42 -5.04
N GLU V 13 46.29 -39.76 -5.75
CA GLU V 13 45.95 -39.11 -6.99
C GLU V 13 44.44 -39.04 -7.00
N VAL V 14 43.87 -37.88 -7.41
CA VAL V 14 42.47 -37.60 -7.33
C VAL V 14 41.60 -38.52 -8.18
N LEU V 15 42.00 -38.80 -9.43
CA LEU V 15 41.28 -39.63 -10.32
C LEU V 15 42.29 -40.31 -11.16
N ASN V 16 41.87 -41.39 -11.81
CA ASN V 16 42.64 -42.08 -12.82
C ASN V 16 41.64 -42.75 -13.74
N LEU V 17 40.39 -42.32 -13.63
CA LEU V 17 39.27 -42.82 -14.33
C LEU V 17 38.35 -41.65 -14.52
N PRO V 18 37.50 -41.56 -15.55
CA PRO V 18 36.49 -40.52 -15.69
C PRO V 18 35.57 -40.41 -14.51
N LEU V 19 35.33 -39.19 -13.92
CA LEU V 19 34.34 -39.01 -12.88
C LEU V 19 33.97 -37.55 -12.89
N GLU V 20 32.74 -37.23 -12.43
CA GLU V 20 32.21 -35.90 -12.30
C GLU V 20 32.99 -35.13 -11.23
N LYS V 21 33.14 -33.80 -11.45
CA LYS V 21 33.92 -32.99 -10.56
C LYS V 21 33.24 -31.68 -10.60
N ALA V 22 33.33 -30.91 -9.48
CA ALA V 22 32.78 -29.57 -9.30
C ALA V 22 31.42 -29.74 -8.73
N HIS V 23 31.30 -29.51 -7.39
CA HIS V 23 30.06 -29.61 -6.71
C HIS V 23 30.03 -28.46 -5.74
N GLU V 24 28.85 -28.24 -5.16
CA GLU V 24 28.60 -27.27 -4.13
C GLU V 24 28.82 -25.82 -4.58
N GLU V 25 28.21 -25.31 -5.69
CA GLU V 25 27.22 -25.90 -6.56
C GLU V 25 27.21 -24.94 -7.71
N ALA V 26 26.20 -24.04 -7.76
CA ALA V 26 26.08 -23.00 -8.75
C ALA V 26 27.20 -22.02 -8.66
N ASP V 27 27.60 -21.67 -7.43
CA ASP V 27 28.62 -20.72 -7.10
C ASP V 27 29.98 -21.19 -7.63
N ASP V 28 30.34 -22.49 -7.55
CA ASP V 28 31.63 -22.95 -7.98
C ASP V 28 31.89 -22.76 -9.48
N TYR V 29 30.89 -23.00 -10.30
CA TYR V 29 31.08 -22.85 -11.74
C TYR V 29 31.50 -21.42 -12.08
N LEU V 30 30.92 -20.44 -11.39
CA LEU V 30 31.29 -19.04 -11.60
C LEU V 30 32.76 -18.78 -11.22
N ASP V 31 33.19 -19.37 -10.12
CA ASP V 31 34.59 -19.31 -9.68
C ASP V 31 35.57 -19.86 -10.69
N HIS V 32 35.26 -21.05 -11.28
CA HIS V 32 35.99 -21.69 -12.35
C HIS V 32 36.07 -20.78 -13.54
N LEU V 33 34.96 -20.14 -13.95
CA LEU V 33 34.90 -19.19 -15.03
C LEU V 33 35.81 -17.98 -14.83
N LEU V 34 35.81 -17.37 -13.62
CA LEU V 34 36.70 -16.28 -13.23
C LEU V 34 38.15 -16.69 -13.33
N ASP V 35 38.54 -17.88 -12.81
CA ASP V 35 39.88 -18.46 -12.80
C ASP V 35 40.42 -18.57 -14.20
N SER V 36 39.56 -19.11 -15.11
CA SER V 36 39.87 -19.29 -16.49
C SER V 36 40.10 -17.99 -17.19
N LEU V 37 39.22 -16.99 -16.98
CA LEU V 37 39.33 -15.65 -17.58
C LEU V 37 40.60 -14.95 -17.20
N GLU V 38 40.91 -14.91 -15.88
CA GLU V 38 42.09 -14.28 -15.33
C GLU V 38 43.37 -14.87 -15.84
N GLU V 39 43.43 -16.23 -15.91
CA GLU V 39 44.55 -16.97 -16.35
C GLU V 39 44.92 -16.63 -17.78
N LEU V 40 43.94 -16.59 -18.67
CA LEU V 40 44.05 -16.27 -20.07
C LEU V 40 44.52 -14.87 -20.29
N SER V 41 44.01 -13.91 -19.47
CA SER V 41 44.29 -12.49 -19.55
C SER V 41 45.73 -12.14 -19.38
N GLU V 42 46.52 -12.94 -18.59
CA GLU V 42 47.82 -12.62 -18.07
C GLU V 42 48.79 -12.23 -19.16
N ALA V 43 49.59 -11.14 -18.92
CA ALA V 43 50.59 -10.65 -19.83
C ALA V 43 49.99 -10.04 -21.10
N HIS V 44 48.97 -9.16 -20.96
CA HIS V 44 48.42 -8.40 -22.09
C HIS V 44 49.45 -7.43 -22.59
N PRO V 45 49.47 -7.03 -23.88
CA PRO V 45 50.45 -6.09 -24.40
C PRO V 45 50.39 -4.70 -23.80
N ASP V 46 49.24 -4.29 -23.22
CA ASP V 46 49.07 -3.03 -22.58
C ASP V 46 48.23 -3.34 -21.38
N CYS V 47 48.14 -2.37 -20.42
CA CYS V 47 47.46 -2.54 -19.18
C CYS V 47 45.99 -2.19 -19.41
N ILE V 48 45.07 -2.74 -18.58
CA ILE V 48 43.65 -2.62 -18.75
C ILE V 48 43.34 -1.32 -18.05
N PRO V 49 42.69 -0.30 -18.66
CA PRO V 49 42.53 1.03 -18.07
C PRO V 49 41.53 1.03 -16.92
N ASP V 50 40.48 0.19 -16.99
CA ASP V 50 39.51 0.19 -15.94
C ASP V 50 38.85 -1.15 -16.03
N VAL V 51 38.35 -1.66 -14.87
CA VAL V 51 37.42 -2.75 -14.81
C VAL V 51 36.23 -2.08 -14.20
N GLU V 52 35.01 -2.31 -14.74
CA GLU V 52 33.80 -1.67 -14.32
C GLU V 52 32.97 -2.71 -13.70
N LEU V 53 32.55 -2.36 -12.46
CA LEU V 53 31.88 -3.19 -11.51
C LEU V 53 30.45 -2.75 -11.52
N SER V 54 29.54 -3.65 -11.94
CA SER V 54 28.12 -3.39 -12.11
C SER V 54 27.35 -4.16 -11.08
N HIS V 55 28.05 -4.83 -10.11
CA HIS V 55 27.47 -5.48 -8.96
C HIS V 55 26.61 -6.67 -9.27
N GLY V 56 27.26 -7.87 -9.31
CA GLY V 56 26.62 -9.11 -9.71
C GLY V 56 26.59 -9.26 -11.19
N VAL V 57 27.12 -8.23 -11.91
CA VAL V 57 27.37 -8.22 -13.32
C VAL V 57 28.75 -7.64 -13.38
N MET V 58 29.58 -8.13 -14.31
CA MET V 58 30.98 -7.76 -14.36
C MET V 58 31.24 -7.54 -15.81
N THR V 59 31.86 -6.37 -16.05
CA THR V 59 32.23 -5.90 -17.37
C THR V 59 33.70 -6.03 -17.37
N LEU V 60 34.27 -6.49 -18.50
CA LEU V 60 35.68 -6.71 -18.70
C LEU V 60 36.14 -5.83 -19.78
N GLU V 61 37.35 -5.28 -19.60
CA GLU V 61 38.04 -4.46 -20.58
C GLU V 61 39.32 -5.15 -20.94
N ILE V 62 39.69 -5.10 -22.24
CA ILE V 62 40.93 -5.57 -22.80
C ILE V 62 41.29 -4.25 -23.48
N PRO V 63 42.56 -3.78 -23.60
CA PRO V 63 42.96 -2.49 -24.18
C PRO V 63 42.69 -2.31 -25.64
N ALA V 64 42.12 -3.32 -26.32
CA ALA V 64 41.81 -3.28 -27.73
C ALA V 64 40.82 -4.37 -27.96
N PHE V 65 40.38 -4.54 -29.24
CA PHE V 65 39.57 -5.58 -29.80
C PHE V 65 38.09 -5.41 -29.62
N GLY V 66 37.65 -4.37 -28.84
CA GLY V 66 36.24 -4.10 -28.69
C GLY V 66 35.50 -5.19 -27.93
N THR V 67 36.18 -5.73 -26.86
CA THR V 67 35.75 -6.92 -26.15
C THR V 67 34.30 -6.95 -25.70
N TYR V 68 33.78 -8.18 -25.53
CA TYR V 68 32.41 -8.57 -25.79
C TYR V 68 31.50 -7.99 -24.72
N VAL V 69 31.95 -8.16 -23.47
CA VAL V 69 31.23 -7.93 -22.25
C VAL V 69 30.30 -9.08 -21.91
N ILE V 70 30.53 -9.70 -20.71
CA ILE V 70 29.68 -10.72 -20.17
C ILE V 70 28.70 -10.03 -19.27
N ASN V 71 27.43 -10.51 -19.24
CA ASN V 71 26.37 -9.93 -18.41
C ASN V 71 25.68 -11.12 -17.76
N LYS V 72 24.85 -10.89 -16.71
CA LYS V 72 24.16 -11.93 -15.98
C LYS V 72 22.71 -11.71 -16.22
N GLN V 73 22.02 -12.78 -16.65
CA GLN V 73 20.62 -12.72 -17.03
C GLN V 73 19.87 -13.08 -15.79
N PRO V 74 18.68 -12.55 -15.54
CA PRO V 74 17.82 -12.92 -14.40
C PRO V 74 17.36 -14.35 -14.55
N PRO V 75 17.00 -15.04 -13.46
CA PRO V 75 16.62 -16.45 -13.36
C PRO V 75 16.16 -17.21 -14.57
N ASN V 76 16.80 -18.38 -14.82
CA ASN V 76 16.69 -19.26 -15.96
C ASN V 76 17.43 -18.71 -17.16
N LYS V 77 18.35 -19.57 -17.67
CA LYS V 77 19.28 -19.33 -18.74
C LYS V 77 20.21 -18.23 -18.31
N GLN V 78 20.67 -18.40 -17.04
CA GLN V 78 21.43 -17.45 -16.30
C GLN V 78 22.74 -17.26 -16.98
N ILE V 79 23.15 -15.97 -17.14
CA ILE V 79 24.30 -15.50 -17.86
C ILE V 79 23.95 -15.43 -19.31
N TRP V 80 23.93 -14.19 -19.85
CA TRP V 80 23.70 -13.98 -21.24
C TRP V 80 24.93 -13.20 -21.62
N LEU V 81 25.58 -13.59 -22.72
CA LEU V 81 26.82 -12.96 -23.10
C LEU V 81 26.41 -12.23 -24.33
N ALA V 82 26.74 -10.93 -24.40
CA ALA V 82 26.28 -10.15 -25.52
C ALA V 82 27.52 -9.93 -26.31
N SER V 83 27.45 -10.31 -27.60
CA SER V 83 28.54 -10.29 -28.50
C SER V 83 28.23 -9.21 -29.49
N PRO V 84 29.05 -8.16 -29.70
CA PRO V 84 29.05 -7.37 -30.93
C PRO V 84 29.57 -8.23 -32.12
N LEU V 85 30.16 -9.41 -31.84
CA LEU V 85 30.63 -10.36 -32.80
C LEU V 85 29.58 -11.13 -33.54
N SER V 86 28.48 -11.56 -32.83
CA SER V 86 27.53 -12.49 -33.37
C SER V 86 26.18 -12.38 -32.68
N GLY V 87 25.95 -11.29 -31.91
CA GLY V 87 24.70 -11.02 -31.27
C GLY V 87 24.61 -11.66 -29.89
N PRO V 88 23.46 -11.75 -29.24
CA PRO V 88 23.38 -12.22 -27.88
C PRO V 88 23.48 -13.72 -27.83
N ASN V 89 24.07 -14.27 -26.75
CA ASN V 89 24.13 -15.71 -26.50
C ASN V 89 23.50 -15.90 -25.14
N ARG V 90 23.10 -17.17 -24.82
CA ARG V 90 22.60 -17.51 -23.51
C ARG V 90 23.13 -18.88 -23.23
N PHE V 91 23.29 -19.14 -21.92
CA PHE V 91 24.05 -20.28 -21.44
C PHE V 91 23.22 -20.90 -20.38
N ASP V 92 23.15 -22.26 -20.39
CA ASP V 92 22.58 -23.06 -19.33
C ASP V 92 23.53 -24.21 -19.20
N LEU V 93 23.53 -24.88 -18.01
CA LEU V 93 24.31 -26.06 -17.75
C LEU V 93 23.96 -27.12 -18.76
N LEU V 94 24.97 -27.86 -19.25
CA LEU V 94 24.77 -29.07 -20.01
C LEU V 94 25.93 -29.99 -19.79
N ASN V 95 26.73 -29.69 -18.75
CA ASN V 95 27.81 -30.58 -18.41
C ASN V 95 28.26 -30.27 -17.00
N GLY V 96 27.46 -29.48 -16.24
CA GLY V 96 27.82 -29.13 -14.90
C GLY V 96 28.67 -27.91 -14.86
N GLU V 97 28.67 -27.21 -16.00
CA GLU V 97 29.41 -25.99 -16.22
C GLU V 97 28.63 -25.34 -17.31
N TRP V 98 28.80 -24.03 -17.50
CA TRP V 98 28.07 -23.27 -18.49
C TRP V 98 28.49 -23.69 -19.87
N VAL V 99 27.47 -23.92 -20.72
CA VAL V 99 27.60 -24.46 -22.05
C VAL V 99 26.56 -23.68 -22.84
N SER V 100 26.83 -23.46 -24.15
CA SER V 100 25.96 -22.73 -25.02
C SER V 100 25.06 -23.74 -25.66
N LEU V 101 23.80 -23.35 -25.84
CA LEU V 101 22.75 -24.22 -26.31
C LEU V 101 22.59 -24.09 -27.77
N ARG V 102 23.50 -23.30 -28.43
CA ARG V 102 23.54 -23.16 -29.88
C ARG V 102 24.15 -24.35 -30.55
N ASN V 103 25.26 -24.90 -30.00
CA ASN V 103 26.03 -25.95 -30.62
C ASN V 103 26.44 -26.96 -29.55
N GLY V 104 26.16 -26.69 -28.24
CA GLY V 104 26.56 -27.58 -27.16
C GLY V 104 28.00 -27.44 -26.86
N THR V 105 28.50 -26.20 -26.86
CA THR V 105 29.92 -25.97 -26.68
C THR V 105 30.13 -24.95 -25.56
N LYS V 106 31.09 -25.21 -24.65
CA LYS V 106 31.36 -24.45 -23.42
C LYS V 106 31.57 -22.96 -23.56
N LEU V 107 31.24 -22.23 -22.44
CA LEU V 107 31.44 -20.80 -22.29
C LEU V 107 32.89 -20.63 -22.03
N THR V 108 33.49 -21.59 -21.29
CA THR V 108 34.90 -21.73 -20.99
C THR V 108 35.75 -21.64 -22.26
N ASP V 109 35.31 -22.32 -23.34
CA ASP V 109 35.95 -22.34 -24.62
C ASP V 109 35.88 -21.01 -25.33
N ILE V 110 34.80 -20.21 -25.17
CA ILE V 110 34.68 -18.89 -25.74
C ILE V 110 35.72 -17.95 -25.14
N LEU V 111 36.03 -18.09 -23.82
CA LEU V 111 37.04 -17.29 -23.20
C LEU V 111 38.42 -17.65 -23.71
N THR V 112 38.80 -18.95 -23.70
CA THR V 112 40.02 -19.47 -24.28
C THR V 112 40.41 -18.87 -25.61
N GLU V 113 39.58 -19.05 -26.69
CA GLU V 113 39.91 -18.45 -27.99
C GLU V 113 40.12 -16.96 -28.00
N GLU V 114 39.15 -16.14 -27.50
CA GLU V 114 39.25 -14.69 -27.62
C GLU V 114 40.25 -14.02 -26.71
N VAL V 115 40.36 -14.44 -25.46
CA VAL V 115 41.35 -13.95 -24.49
C VAL V 115 42.80 -14.32 -24.80
N GLU V 116 43.06 -15.59 -25.18
CA GLU V 116 44.43 -15.98 -25.47
C GLU V 116 44.95 -15.48 -26.79
N LYS V 117 44.06 -15.33 -27.82
CA LYS V 117 44.37 -14.57 -29.03
C LYS V 117 44.64 -13.09 -28.83
N ALA V 118 44.11 -12.51 -27.74
CA ALA V 118 44.18 -11.09 -27.43
C ALA V 118 45.52 -10.73 -26.85
N ILE V 119 46.04 -11.55 -25.87
CA ILE V 119 47.38 -11.40 -25.32
C ILE V 119 48.45 -11.43 -26.38
N SER V 120 48.27 -12.26 -27.45
CA SER V 120 49.21 -12.44 -28.52
C SER V 120 49.47 -11.18 -29.32
N LYS V 121 48.38 -10.69 -30.00
CA LYS V 121 48.40 -9.51 -30.82
C LYS V 121 47.16 -8.69 -30.45
N GLY W 1 -12.64 -34.29 -43.38
CA GLY W 1 -12.87 -35.69 -43.83
C GLY W 1 -13.41 -35.72 -45.24
N SER W 2 -13.02 -36.75 -46.00
CA SER W 2 -13.50 -36.93 -47.36
C SER W 2 -13.48 -38.45 -47.60
N HIS W 3 -14.08 -38.87 -48.73
CA HIS W 3 -14.24 -40.24 -49.18
C HIS W 3 -12.93 -40.71 -49.80
N MET W 4 -12.39 -41.81 -49.27
CA MET W 4 -11.35 -42.58 -49.84
C MET W 4 -11.77 -43.32 -51.13
N SER W 5 -12.92 -44.06 -51.22
CA SER W 5 -14.01 -44.33 -50.30
C SER W 5 -13.60 -45.45 -49.37
N SER W 6 -14.22 -45.45 -48.19
CA SER W 6 -13.99 -46.40 -47.15
C SER W 6 -14.37 -47.81 -47.53
N ILE W 7 -15.51 -47.93 -48.22
CA ILE W 7 -16.10 -49.17 -48.65
C ILE W 7 -16.20 -49.06 -50.14
N THR W 8 -15.93 -50.21 -50.82
CA THR W 8 -16.01 -50.47 -52.23
C THR W 8 -15.06 -49.64 -53.07
N LYS W 9 -15.51 -48.43 -53.51
CA LYS W 9 -14.83 -47.55 -54.42
C LYS W 9 -13.47 -47.08 -53.91
N ARG W 10 -12.42 -47.01 -54.78
CA ARG W 10 -12.45 -47.14 -56.22
C ARG W 10 -11.97 -48.54 -56.55
N LEU W 11 -12.96 -49.47 -56.61
CA LEU W 11 -12.84 -50.84 -57.09
C LEU W 11 -11.81 -51.63 -56.35
N TYR W 12 -11.73 -51.45 -55.00
CA TYR W 12 -10.76 -52.24 -54.25
C TYR W 12 -11.09 -53.72 -54.10
N HIS W 13 -12.31 -54.18 -53.64
CA HIS W 13 -13.43 -53.45 -53.00
C HIS W 13 -13.19 -53.27 -51.51
N PRO W 14 -12.70 -54.21 -50.72
CA PRO W 14 -12.30 -53.87 -49.37
C PRO W 14 -10.84 -53.42 -49.39
N LYS W 15 -10.48 -52.59 -48.37
CA LYS W 15 -9.16 -52.07 -48.02
C LYS W 15 -8.22 -51.84 -49.15
N VAL W 16 -6.90 -52.22 -49.04
CA VAL W 16 -5.93 -51.86 -50.02
C VAL W 16 -4.89 -52.94 -50.03
N ILE W 17 -4.84 -53.80 -48.99
CA ILE W 17 -3.88 -54.90 -48.90
C ILE W 17 -4.52 -56.16 -49.34
N GLU W 18 -5.85 -56.30 -49.17
CA GLU W 18 -6.65 -57.43 -49.60
C GLU W 18 -6.66 -57.50 -51.10
N HIS W 19 -6.75 -56.31 -51.76
CA HIS W 19 -6.68 -56.14 -53.19
C HIS W 19 -5.34 -56.49 -53.83
N TYR W 20 -4.31 -56.92 -53.03
CA TYR W 20 -3.06 -57.46 -53.56
C TYR W 20 -2.79 -58.85 -52.97
N THR W 21 -3.59 -59.34 -51.99
CA THR W 21 -3.29 -60.57 -51.28
C THR W 21 -4.56 -61.40 -51.28
N HIS W 22 -4.60 -62.61 -51.90
CA HIS W 22 -3.65 -63.41 -52.68
C HIS W 22 -2.46 -63.89 -51.84
N PRO W 23 -2.54 -64.92 -51.03
CA PRO W 23 -3.63 -65.87 -50.97
C PRO W 23 -4.74 -65.33 -50.15
N ARG W 24 -5.98 -65.61 -50.58
CA ARG W 24 -7.19 -65.13 -49.92
C ARG W 24 -8.13 -66.29 -49.74
N ASN W 25 -8.72 -66.52 -48.54
CA ASN W 25 -8.55 -65.74 -47.32
C ASN W 25 -7.22 -65.82 -46.64
N VAL W 26 -6.52 -67.00 -46.43
CA VAL W 26 -6.89 -68.40 -46.59
C VAL W 26 -7.06 -68.96 -45.21
N GLY W 27 -6.79 -68.15 -44.15
CA GLY W 27 -6.89 -68.62 -42.80
C GLY W 27 -5.66 -69.44 -42.40
N SER W 28 -4.56 -69.30 -43.16
CA SER W 28 -3.31 -69.98 -42.85
C SER W 28 -2.20 -69.15 -43.38
N LEU W 29 -2.52 -67.91 -43.85
CA LEU W 29 -1.56 -66.95 -44.30
C LEU W 29 -0.82 -66.32 -43.16
N ASP W 30 0.42 -65.82 -43.33
CA ASP W 30 1.19 -65.15 -42.32
C ASP W 30 2.14 -64.20 -42.98
N LYS W 31 2.82 -63.37 -42.19
CA LYS W 31 3.84 -62.45 -42.61
C LYS W 31 5.12 -63.25 -42.71
N LYS W 32 5.70 -63.31 -43.91
CA LYS W 32 6.87 -64.12 -44.15
C LYS W 32 7.51 -63.56 -45.38
N LEU W 33 8.83 -63.80 -45.58
CA LEU W 33 9.77 -64.45 -44.69
C LEU W 33 10.80 -63.41 -44.32
N PRO W 34 11.44 -62.57 -45.18
CA PRO W 34 12.41 -61.58 -44.69
C PRO W 34 11.68 -60.40 -44.12
N ASN W 35 12.23 -59.71 -43.12
CA ASN W 35 11.59 -58.58 -42.51
C ASN W 35 12.70 -57.67 -42.05
N VAL W 36 12.38 -56.37 -41.83
CA VAL W 36 13.29 -55.30 -41.48
C VAL W 36 13.19 -55.05 -40.00
N GLY W 37 12.26 -55.80 -39.33
CA GLY W 37 12.00 -55.64 -37.91
C GLY W 37 10.99 -54.50 -37.75
N THR W 38 11.49 -53.34 -37.24
CA THR W 38 10.79 -52.08 -36.96
C THR W 38 9.58 -52.23 -36.08
N GLY W 39 8.79 -51.15 -35.96
CA GLY W 39 7.53 -51.12 -35.24
C GLY W 39 6.53 -51.98 -35.94
N LEU W 40 5.81 -52.78 -35.13
CA LEU W 40 4.69 -53.58 -35.54
C LEU W 40 3.74 -53.60 -34.37
N VAL W 41 2.42 -53.46 -34.64
CA VAL W 41 1.48 -53.48 -33.57
C VAL W 41 0.20 -54.03 -34.12
N GLY W 42 -0.26 -55.17 -33.54
CA GLY W 42 -1.50 -55.81 -33.92
C GLY W 42 -2.44 -55.67 -32.79
N ALA W 43 -3.64 -55.14 -33.07
CA ALA W 43 -4.74 -55.08 -32.14
C ALA W 43 -5.68 -56.19 -32.55
N PRO W 44 -5.93 -57.21 -31.73
CA PRO W 44 -6.82 -58.31 -32.17
C PRO W 44 -8.21 -57.99 -31.72
N ALA W 45 -8.36 -57.11 -30.69
CA ALA W 45 -9.64 -56.71 -30.10
C ALA W 45 -10.34 -55.78 -31.02
N CYS W 46 -9.61 -54.82 -31.64
CA CYS W 46 -10.20 -53.86 -32.53
C CYS W 46 -10.16 -54.40 -33.91
N GLY W 47 -9.30 -55.44 -34.12
CA GLY W 47 -9.20 -56.16 -35.36
C GLY W 47 -8.42 -55.53 -36.45
N ASP W 48 -7.84 -54.34 -36.17
CA ASP W 48 -7.02 -53.60 -37.12
C ASP W 48 -5.56 -53.86 -36.82
N VAL W 49 -4.65 -53.69 -37.82
CA VAL W 49 -3.26 -54.01 -37.65
C VAL W 49 -2.62 -52.98 -38.54
N MET W 50 -1.48 -52.41 -38.11
CA MET W 50 -0.68 -51.55 -38.94
C MET W 50 0.75 -51.91 -38.76
N ARG W 51 1.53 -51.77 -39.86
CA ARG W 51 2.90 -52.14 -39.95
C ARG W 51 3.60 -51.05 -40.74
N LEU W 52 4.47 -50.28 -40.04
CA LEU W 52 5.24 -49.23 -40.66
C LEU W 52 6.60 -49.82 -40.79
N GLN W 53 7.21 -49.78 -42.00
CA GLN W 53 8.56 -50.22 -42.23
C GLN W 53 9.30 -49.01 -42.65
N ILE W 54 10.24 -48.52 -41.80
CA ILE W 54 11.08 -47.40 -42.16
C ILE W 54 12.34 -47.93 -42.82
N LYS W 55 12.92 -47.09 -43.71
CA LYS W 55 14.27 -47.19 -44.14
C LYS W 55 14.90 -45.88 -43.77
N VAL W 56 16.15 -45.93 -43.28
CA VAL W 56 16.74 -44.76 -42.68
C VAL W 56 18.14 -44.63 -43.23
N ASN W 57 18.49 -43.44 -43.76
CA ASN W 57 19.83 -42.93 -44.03
C ASN W 57 20.46 -42.61 -42.72
N ASP W 58 21.46 -43.45 -42.35
CA ASP W 58 22.07 -43.41 -41.05
C ASP W 58 22.81 -42.13 -40.79
N SER W 59 23.53 -41.60 -41.81
CA SER W 59 24.42 -40.46 -41.71
C SER W 59 23.71 -39.20 -41.26
N THR W 60 22.52 -38.90 -41.81
CA THR W 60 21.82 -37.67 -41.55
C THR W 60 20.60 -37.90 -40.68
N GLY W 61 20.22 -39.21 -40.43
CA GLY W 61 19.07 -39.57 -39.68
C GLY W 61 17.79 -39.16 -40.32
N VAL W 62 17.67 -39.43 -41.64
CA VAL W 62 16.57 -38.99 -42.48
C VAL W 62 15.92 -40.24 -43.02
N ILE W 63 14.57 -40.22 -43.14
CA ILE W 63 13.79 -41.30 -43.69
C ILE W 63 13.89 -41.23 -45.19
N GLU W 64 14.56 -42.23 -45.81
CA GLU W 64 14.71 -42.42 -47.23
C GLU W 64 13.38 -42.78 -47.83
N ASP W 65 12.69 -43.75 -47.18
CA ASP W 65 11.41 -44.27 -47.64
C ASP W 65 10.73 -44.83 -46.45
N VAL W 66 9.36 -44.89 -46.50
CA VAL W 66 8.59 -45.52 -45.44
C VAL W 66 7.34 -46.02 -46.09
N LYS W 67 7.00 -47.34 -45.91
CA LYS W 67 5.84 -47.94 -46.51
C LYS W 67 5.05 -48.41 -45.35
N PHE W 68 3.74 -48.66 -45.59
CA PHE W 68 2.79 -48.99 -44.54
C PHE W 68 1.98 -50.17 -45.02
N LYS W 69 1.35 -50.91 -44.09
CA LYS W 69 0.29 -51.83 -44.35
C LYS W 69 -0.78 -51.30 -43.45
N THR W 70 -2.03 -51.27 -43.97
CA THR W 70 -3.16 -50.91 -43.17
C THR W 70 -4.14 -52.03 -43.37
N PHE W 71 -4.61 -52.55 -42.22
CA PHE W 71 -5.65 -53.56 -42.12
C PHE W 71 -6.63 -52.94 -41.18
N GLY W 72 -7.97 -53.07 -41.47
CA GLY W 72 -9.00 -52.49 -40.67
C GLY W 72 -9.77 -51.49 -41.43
N CYS W 73 -10.07 -50.33 -40.79
CA CYS W 73 -10.89 -49.24 -41.33
C CYS W 73 -10.33 -48.62 -42.56
N GLY W 74 -11.19 -48.17 -43.50
CA GLY W 74 -10.85 -47.62 -44.80
C GLY W 74 -10.33 -46.22 -44.62
N SER W 75 -10.83 -45.51 -43.58
CA SER W 75 -10.44 -44.19 -43.17
C SER W 75 -9.00 -44.12 -42.76
N ALA W 76 -8.50 -45.22 -42.12
CA ALA W 76 -7.13 -45.32 -41.62
C ALA W 76 -6.12 -45.38 -42.73
N ILE W 77 -6.49 -45.85 -43.97
CA ILE W 77 -5.58 -46.00 -45.05
C ILE W 77 -5.07 -44.63 -45.44
N ALA W 78 -5.95 -43.62 -45.45
CA ALA W 78 -5.66 -42.25 -45.79
C ALA W 78 -4.72 -41.55 -44.84
N SER W 79 -4.81 -41.89 -43.51
CA SER W 79 -3.98 -41.30 -42.49
C SER W 79 -2.54 -41.77 -42.65
N SER W 80 -2.41 -43.10 -42.84
CA SER W 80 -1.15 -43.82 -43.05
C SER W 80 -0.47 -43.33 -44.28
N SER W 81 -1.21 -43.16 -45.40
CA SER W 81 -0.69 -42.67 -46.67
C SER W 81 -0.05 -41.30 -46.56
N TYR W 82 -0.79 -40.32 -46.03
CA TYR W 82 -0.37 -38.95 -46.01
C TYR W 82 0.84 -38.73 -45.12
N MET W 83 0.87 -39.44 -43.95
CA MET W 83 1.97 -39.33 -43.01
C MET W 83 3.26 -39.88 -43.62
N THR W 84 3.20 -41.06 -44.30
CA THR W 84 4.37 -41.71 -44.89
C THR W 84 4.95 -40.86 -46.00
N GLU W 85 4.16 -40.23 -46.84
CA GLU W 85 4.56 -39.26 -47.84
C GLU W 85 5.35 -38.11 -47.29
N LEU W 86 4.80 -37.47 -46.26
CA LEU W 86 5.27 -36.25 -45.58
C LEU W 86 6.65 -36.40 -44.99
N VAL W 87 6.80 -37.42 -44.14
CA VAL W 87 7.98 -37.68 -43.31
C VAL W 87 9.24 -38.01 -44.08
N GLN W 88 9.13 -38.47 -45.34
CA GLN W 88 10.27 -38.70 -46.22
C GLN W 88 11.00 -37.41 -46.51
N GLY W 89 12.34 -37.44 -46.47
CA GLY W 89 13.19 -36.29 -46.69
C GLY W 89 13.36 -35.44 -45.48
N MET W 90 12.75 -35.81 -44.34
CA MET W 90 12.85 -35.05 -43.10
C MET W 90 13.38 -35.98 -42.04
N THR W 91 14.15 -35.43 -41.02
CA THR W 91 14.80 -36.11 -39.92
C THR W 91 13.72 -36.85 -39.13
N LEU W 92 13.91 -38.16 -38.83
CA LEU W 92 12.85 -39.06 -38.44
C LEU W 92 12.12 -38.72 -37.14
N ASP W 93 12.88 -38.42 -36.06
CA ASP W 93 12.33 -38.13 -34.75
C ASP W 93 11.49 -36.87 -34.80
N ASP W 94 12.00 -35.82 -35.44
CA ASP W 94 11.31 -34.57 -35.60
C ASP W 94 10.09 -34.73 -36.48
N ALA W 95 10.26 -35.50 -37.58
CA ALA W 95 9.33 -35.67 -38.68
C ALA W 95 8.03 -36.29 -38.24
N ALA W 96 8.11 -37.31 -37.39
CA ALA W 96 6.96 -38.13 -37.04
C ALA W 96 5.82 -37.38 -36.43
N LYS W 97 6.13 -36.47 -35.45
CA LYS W 97 5.20 -35.47 -35.02
C LYS W 97 3.95 -35.93 -34.33
N ILE W 98 4.06 -37.01 -33.52
CA ILE W 98 2.91 -37.78 -33.15
C ILE W 98 3.11 -38.04 -31.69
N LYS W 99 2.00 -37.79 -30.96
CA LYS W 99 1.81 -38.17 -29.63
C LYS W 99 1.06 -39.48 -29.66
N ASN W 100 -0.18 -39.74 -30.27
CA ASN W 100 -1.35 -39.00 -30.68
C ASN W 100 -1.17 -37.74 -31.50
N THR W 101 -1.95 -36.67 -31.18
CA THR W 101 -2.16 -35.45 -31.92
C THR W 101 -2.62 -35.64 -33.36
N GLU W 102 -1.65 -35.56 -34.32
CA GLU W 102 -1.84 -35.36 -35.71
C GLU W 102 -2.62 -36.43 -36.41
N ILE W 103 -2.46 -37.73 -36.01
CA ILE W 103 -3.00 -38.89 -36.67
C ILE W 103 -4.52 -38.78 -36.74
N ALA W 104 -5.12 -38.30 -35.62
CA ALA W 104 -6.53 -38.12 -35.39
C ALA W 104 -7.18 -37.17 -36.34
N LYS W 105 -6.49 -36.06 -36.66
CA LYS W 105 -6.95 -35.03 -37.61
C LYS W 105 -7.08 -35.56 -39.03
N GLU W 106 -6.12 -36.40 -39.48
CA GLU W 106 -5.99 -36.98 -40.80
C GLU W 106 -7.15 -37.86 -41.08
N LEU W 107 -7.60 -38.60 -40.03
CA LEU W 107 -8.59 -39.66 -40.11
C LEU W 107 -9.91 -39.16 -40.65
N SER W 108 -10.33 -37.98 -40.15
CA SER W 108 -11.45 -37.29 -40.71
C SER W 108 -11.32 -35.90 -40.15
N LEU W 109 -11.63 -35.72 -38.85
CA LEU W 109 -11.45 -34.56 -38.04
C LEU W 109 -11.14 -35.15 -36.67
N PRO W 110 -10.37 -34.61 -35.75
CA PRO W 110 -9.95 -35.33 -34.54
C PRO W 110 -11.12 -35.47 -33.55
N PRO W 111 -11.28 -36.61 -32.85
CA PRO W 111 -12.23 -36.76 -31.74
C PRO W 111 -11.58 -36.20 -30.51
N VAL W 112 -10.25 -35.91 -30.61
CA VAL W 112 -9.43 -35.39 -29.54
C VAL W 112 -9.33 -36.49 -28.52
N LYS W 113 -9.07 -37.70 -29.03
CA LYS W 113 -9.03 -38.93 -28.31
C LYS W 113 -8.30 -39.85 -29.22
N LEU W 114 -7.86 -41.01 -28.69
CA LEU W 114 -7.21 -42.02 -29.51
C LEU W 114 -8.33 -42.92 -29.97
N HIS W 115 -8.52 -43.00 -31.33
CA HIS W 115 -9.66 -43.62 -31.98
C HIS W 115 -9.83 -45.09 -31.70
N CYS W 116 -8.72 -45.86 -31.66
CA CYS W 116 -8.56 -47.30 -31.44
C CYS W 116 -8.58 -48.02 -32.77
N SER W 117 -8.68 -47.24 -33.88
CA SER W 117 -8.61 -47.78 -35.23
C SER W 117 -7.32 -47.29 -35.85
N MET W 118 -6.54 -46.62 -35.01
CA MET W 118 -5.26 -46.01 -35.38
C MET W 118 -4.35 -46.70 -34.44
N LEU W 119 -3.27 -47.25 -35.01
CA LEU W 119 -2.28 -48.02 -34.29
C LEU W 119 -0.93 -47.44 -34.68
N ALA W 120 -0.98 -46.44 -35.60
CA ALA W 120 0.13 -45.75 -36.19
C ALA W 120 1.02 -45.07 -35.18
N GLU W 121 0.41 -44.65 -34.04
CA GLU W 121 1.08 -44.04 -32.92
C GLU W 121 2.09 -45.01 -32.27
N ASP W 122 1.63 -46.23 -31.90
CA ASP W 122 2.48 -47.28 -31.32
C ASP W 122 3.54 -47.73 -32.31
N ALA W 123 3.16 -47.76 -33.60
CA ALA W 123 3.99 -48.23 -34.69
C ALA W 123 5.19 -47.31 -34.91
N ILE W 124 4.95 -45.96 -35.01
CA ILE W 124 5.99 -44.98 -35.25
C ILE W 124 6.94 -44.86 -34.11
N LYS W 125 6.43 -44.85 -32.84
CA LYS W 125 7.24 -44.74 -31.65
C LYS W 125 8.20 -45.86 -31.54
N ALA W 126 7.69 -47.09 -31.77
CA ALA W 126 8.46 -48.32 -31.81
C ALA W 126 9.57 -48.25 -32.85
N ALA W 127 9.26 -47.78 -34.07
CA ALA W 127 10.14 -47.67 -35.22
C ALA W 127 11.32 -46.76 -35.00
N ILE W 128 11.08 -45.58 -34.39
CA ILE W 128 12.16 -44.61 -34.18
C ILE W 128 13.09 -45.03 -33.06
N LYS W 129 12.52 -45.72 -32.06
CA LYS W 129 13.21 -46.33 -30.95
C LYS W 129 14.14 -47.44 -31.41
N ASP W 130 13.62 -48.28 -32.34
CA ASP W 130 14.35 -49.34 -33.00
C ASP W 130 15.56 -48.79 -33.75
N TYR W 131 15.38 -47.71 -34.53
CA TYR W 131 16.46 -47.03 -35.24
C TYR W 131 17.57 -46.59 -34.28
N LYS W 132 17.24 -45.95 -33.12
CA LYS W 132 18.19 -45.52 -32.12
C LYS W 132 19.01 -46.67 -31.58
N SER W 133 18.42 -47.88 -31.42
CA SER W 133 19.09 -49.05 -30.88
C SER W 133 20.23 -49.49 -31.76
N LYS W 134 19.91 -49.57 -33.07
CA LYS W 134 20.83 -49.97 -34.15
C LYS W 134 21.89 -48.94 -34.39
N ARG W 135 21.61 -47.66 -34.09
CA ARG W 135 22.53 -46.57 -34.34
C ARG W 135 23.50 -46.49 -33.20
N ASN W 136 23.21 -47.24 -32.09
CA ASN W 136 24.03 -47.33 -30.91
C ASN W 136 24.04 -46.05 -30.09
N THR W 137 22.81 -45.54 -29.77
CA THR W 137 22.71 -44.42 -28.87
C THR W 137 21.68 -44.79 -27.80
N PRO W 138 22.02 -44.83 -26.49
CA PRO W 138 21.08 -45.30 -25.51
C PRO W 138 20.72 -44.08 -24.70
N THR W 139 21.50 -42.98 -24.83
CA THR W 139 21.43 -41.77 -24.03
C THR W 139 20.11 -41.02 -24.23
N MET W 140 19.69 -40.88 -25.48
CA MET W 140 18.51 -40.18 -25.92
C MET W 140 17.42 -41.15 -26.25
N LEU W 141 17.69 -42.47 -26.17
CA LEU W 141 16.69 -43.51 -26.36
C LEU W 141 15.83 -43.55 -25.13
N SER W 142 16.49 -43.46 -23.94
CA SER W 142 15.82 -43.42 -22.67
C SER W 142 15.59 -41.98 -22.20
N VAL X 1 26.99 -9.15 -48.74
CA VAL X 1 26.63 -8.01 -47.83
C VAL X 1 27.41 -8.05 -46.56
N GLU X 2 27.13 -7.04 -45.72
CA GLU X 2 27.84 -6.80 -44.48
C GLU X 2 26.85 -6.11 -43.59
N SER X 3 26.92 -6.43 -42.26
CA SER X 3 26.04 -6.00 -41.18
C SER X 3 24.98 -7.06 -40.99
N SER X 4 24.78 -7.63 -39.77
CA SER X 4 25.40 -7.35 -38.49
C SER X 4 26.60 -8.23 -38.26
N THR X 5 26.87 -9.21 -39.18
CA THR X 5 28.01 -10.11 -39.17
C THR X 5 28.04 -11.09 -37.98
N ASP X 6 28.88 -12.14 -37.99
CA ASP X 6 29.87 -12.57 -38.95
C ASP X 6 29.66 -14.00 -39.23
N GLY X 7 30.11 -14.40 -40.44
CA GLY X 7 30.03 -15.74 -40.93
C GLY X 7 28.63 -16.11 -41.39
N GLN X 8 27.75 -15.09 -41.49
CA GLN X 8 26.34 -15.24 -41.80
C GLN X 8 26.00 -14.36 -42.96
N VAL X 9 26.66 -13.15 -43.01
CA VAL X 9 26.40 -12.16 -44.05
C VAL X 9 26.80 -12.63 -45.44
N VAL X 10 27.96 -13.33 -45.52
CA VAL X 10 28.56 -14.00 -46.68
C VAL X 10 28.70 -13.13 -47.95
N PRO X 11 29.30 -13.62 -49.04
CA PRO X 11 29.31 -12.85 -50.28
C PRO X 11 28.22 -13.37 -51.19
N GLN X 12 27.25 -14.21 -50.65
CA GLN X 12 26.20 -14.90 -51.34
C GLN X 12 26.73 -15.94 -52.30
N GLU X 13 27.64 -16.82 -51.83
CA GLU X 13 28.22 -17.89 -52.59
C GLU X 13 28.65 -18.97 -51.64
N VAL X 14 28.36 -18.76 -50.34
CA VAL X 14 28.63 -19.71 -49.32
C VAL X 14 27.32 -20.29 -48.84
N LEU X 15 26.15 -19.76 -49.32
CA LEU X 15 24.86 -20.30 -48.99
C LEU X 15 24.64 -21.54 -49.83
N ASN X 16 24.45 -22.73 -49.17
CA ASN X 16 24.38 -24.09 -49.69
C ASN X 16 25.32 -24.98 -48.89
N LEU X 17 26.10 -24.39 -47.94
CA LEU X 17 26.96 -25.07 -47.01
C LEU X 17 26.33 -24.85 -45.66
N PRO X 18 26.34 -25.77 -44.74
CA PRO X 18 25.55 -25.73 -43.52
C PRO X 18 26.11 -24.73 -42.54
N LEU X 19 25.20 -24.05 -41.81
CA LEU X 19 25.53 -22.92 -41.01
C LEU X 19 24.46 -22.92 -39.94
N GLU X 20 24.82 -22.42 -38.73
CA GLU X 20 23.90 -22.30 -37.63
C GLU X 20 22.83 -21.28 -37.93
N LYS X 21 21.55 -21.71 -37.82
CA LYS X 21 20.43 -20.83 -38.09
C LYS X 21 19.29 -21.50 -37.41
N ALA X 22 18.27 -20.71 -37.07
CA ALA X 22 17.05 -21.12 -36.41
C ALA X 22 17.32 -21.38 -34.97
N HIS X 23 18.23 -20.57 -34.45
CA HIS X 23 18.69 -20.60 -33.10
C HIS X 23 19.29 -19.26 -32.83
N GLU X 24 19.49 -18.97 -31.54
CA GLU X 24 20.09 -17.76 -31.00
C GLU X 24 19.13 -16.61 -31.14
N GLU X 25 18.02 -16.57 -30.40
CA GLU X 25 17.58 -17.45 -29.33
C GLU X 25 16.09 -17.26 -29.29
N ALA X 26 15.51 -16.69 -28.19
CA ALA X 26 14.08 -16.42 -28.02
C ALA X 26 13.53 -15.45 -29.00
N ASP X 27 14.32 -14.40 -29.31
CA ASP X 27 13.99 -13.33 -30.20
C ASP X 27 13.81 -13.86 -31.63
N ASP X 28 14.66 -14.84 -32.04
CA ASP X 28 14.66 -15.46 -33.34
C ASP X 28 13.44 -16.34 -33.48
N TYR X 29 13.14 -17.07 -32.37
CA TYR X 29 11.98 -17.95 -32.21
C TYR X 29 10.68 -17.21 -32.37
N LEU X 30 10.53 -16.01 -31.74
CA LEU X 30 9.39 -15.14 -31.89
C LEU X 30 9.19 -14.67 -33.31
N ASP X 31 10.25 -14.25 -34.04
CA ASP X 31 10.16 -13.84 -35.44
C ASP X 31 9.62 -14.96 -36.31
N HIS X 32 10.21 -16.17 -36.14
CA HIS X 32 9.87 -17.36 -36.86
C HIS X 32 8.42 -17.74 -36.65
N LEU X 33 7.95 -17.68 -35.41
CA LEU X 33 6.60 -17.97 -34.96
C LEU X 33 5.60 -17.08 -35.65
N LEU X 34 5.91 -15.76 -35.76
CA LEU X 34 5.07 -14.79 -36.43
C LEU X 34 4.81 -15.14 -37.87
N ASP X 35 5.89 -15.54 -38.60
CA ASP X 35 5.83 -15.98 -39.97
C ASP X 35 4.93 -17.18 -40.09
N SER X 36 5.06 -18.18 -39.18
CA SER X 36 4.25 -19.34 -39.13
C SER X 36 2.78 -19.05 -38.92
N LEU X 37 2.42 -18.08 -38.01
CA LEU X 37 1.03 -17.71 -37.75
C LEU X 37 0.39 -17.22 -39.04
N GLU X 38 1.12 -16.36 -39.79
CA GLU X 38 0.69 -15.87 -41.10
C GLU X 38 0.40 -16.98 -42.10
N GLU X 39 1.27 -18.00 -42.16
CA GLU X 39 1.17 -19.17 -43.04
C GLU X 39 -0.12 -19.94 -42.86
N LEU X 40 -0.51 -20.19 -41.58
CA LEU X 40 -1.67 -21.00 -41.19
C LEU X 40 -2.96 -20.45 -41.72
N SER X 41 -3.08 -19.12 -41.61
CA SER X 41 -4.30 -18.35 -41.86
C SER X 41 -4.85 -18.45 -43.24
N GLU X 42 -4.04 -18.23 -44.30
CA GLU X 42 -4.48 -18.35 -45.68
C GLU X 42 -4.77 -19.77 -45.99
N ALA X 43 -5.81 -19.96 -46.85
CA ALA X 43 -6.45 -21.20 -47.26
C ALA X 43 -7.40 -21.58 -46.15
N HIS X 44 -8.59 -22.13 -46.52
CA HIS X 44 -9.61 -22.47 -45.57
C HIS X 44 -10.59 -23.47 -46.10
N PRO X 45 -10.23 -24.72 -46.38
CA PRO X 45 -11.21 -25.70 -46.78
C PRO X 45 -11.73 -26.38 -45.53
N ASP X 46 -10.98 -26.22 -44.44
CA ASP X 46 -11.27 -26.83 -43.16
C ASP X 46 -10.38 -26.08 -42.18
N CYS X 47 -9.56 -25.10 -42.68
CA CYS X 47 -8.69 -24.32 -41.84
C CYS X 47 -9.38 -23.14 -41.29
N ILE X 48 -8.78 -22.62 -40.22
CA ILE X 48 -9.13 -21.37 -39.52
C ILE X 48 -9.06 -20.12 -40.40
N PRO X 49 -9.78 -19.07 -40.11
CA PRO X 49 -9.85 -17.90 -40.98
C PRO X 49 -9.04 -16.81 -40.41
N ASP X 50 -8.38 -17.05 -39.27
CA ASP X 50 -7.78 -15.94 -38.60
C ASP X 50 -6.82 -16.51 -37.62
N VAL X 51 -5.79 -15.71 -37.27
CA VAL X 51 -4.80 -15.94 -36.23
C VAL X 51 -4.68 -14.55 -35.65
N GLU X 52 -4.13 -14.40 -34.41
CA GLU X 52 -4.03 -13.10 -33.79
C GLU X 52 -2.74 -13.00 -33.08
N LEU X 53 -2.27 -11.72 -32.93
CA LEU X 53 -1.13 -11.35 -32.12
C LEU X 53 -1.79 -10.49 -31.10
N SER X 54 -1.73 -10.90 -29.84
CA SER X 54 -2.43 -10.26 -28.77
C SER X 54 -1.51 -10.34 -27.60
N HIS X 55 -1.92 -9.71 -26.51
CA HIS X 55 -1.16 -9.65 -25.27
C HIS X 55 -1.33 -10.91 -24.44
N GLY X 56 -0.22 -11.27 -23.76
CA GLY X 56 -0.13 -12.32 -22.76
C GLY X 56 -0.69 -13.68 -23.13
N VAL X 57 -0.20 -14.43 -24.19
CA VAL X 57 0.75 -14.06 -25.21
C VAL X 57 0.10 -14.70 -26.42
N MET X 58 -0.25 -13.91 -27.44
CA MET X 58 -0.78 -14.33 -28.75
C MET X 58 -2.05 -15.17 -28.65
N THR X 59 -2.56 -15.61 -29.82
CA THR X 59 -3.67 -16.52 -29.89
C THR X 59 -3.27 -17.38 -31.04
N LEU X 60 -3.37 -18.70 -30.89
CA LEU X 60 -3.10 -19.62 -31.95
C LEU X 60 -4.40 -20.33 -32.21
N GLU X 61 -4.71 -20.45 -33.51
CA GLU X 61 -5.90 -21.01 -34.05
C GLU X 61 -5.43 -22.11 -34.90
N ILE X 62 -6.06 -23.29 -34.75
CA ILE X 62 -5.66 -24.50 -35.35
C ILE X 62 -6.90 -24.91 -36.14
N PRO X 63 -6.85 -25.32 -37.43
CA PRO X 63 -7.92 -25.93 -38.21
C PRO X 63 -8.92 -26.77 -37.49
N ALA X 64 -10.22 -26.51 -37.71
CA ALA X 64 -11.33 -27.22 -37.09
C ALA X 64 -11.13 -27.50 -35.60
N PHE X 65 -11.34 -28.75 -35.19
CA PHE X 65 -11.29 -29.20 -33.81
C PHE X 65 -9.84 -29.42 -33.39
N GLY X 66 -9.60 -29.56 -32.06
CA GLY X 66 -8.32 -29.87 -31.49
C GLY X 66 -7.48 -28.64 -31.24
N THR X 67 -8.13 -27.45 -31.28
CA THR X 67 -7.51 -26.13 -31.14
C THR X 67 -6.82 -25.99 -29.81
N TYR X 68 -5.70 -25.26 -29.86
CA TYR X 68 -4.91 -24.91 -28.72
C TYR X 68 -4.26 -23.60 -29.00
N VAL X 69 -3.92 -22.88 -27.89
CA VAL X 69 -3.28 -21.61 -27.93
C VAL X 69 -1.87 -21.79 -27.42
N ILE X 70 -0.95 -20.94 -27.87
CA ILE X 70 0.45 -21.01 -27.48
C ILE X 70 0.67 -19.73 -26.73
N ASN X 71 1.28 -19.86 -25.53
CA ASN X 71 1.60 -18.77 -24.63
C ASN X 71 3.02 -19.11 -24.22
N LYS X 72 3.67 -18.23 -23.43
CA LYS X 72 5.04 -18.40 -23.09
C LYS X 72 5.11 -18.56 -21.62
N GLN X 73 5.66 -19.74 -21.16
CA GLN X 73 5.78 -20.10 -19.75
C GLN X 73 6.70 -19.16 -19.07
N PRO X 74 6.58 -18.78 -17.81
CA PRO X 74 7.54 -17.89 -17.13
C PRO X 74 8.90 -18.48 -17.03
N PRO X 75 9.98 -17.74 -16.84
CA PRO X 75 11.35 -18.25 -16.96
C PRO X 75 11.58 -19.49 -16.11
N ASN X 76 12.03 -20.58 -16.80
CA ASN X 76 12.09 -21.97 -16.41
C ASN X 76 11.23 -22.64 -17.41
N LYS X 77 11.91 -23.13 -18.46
CA LYS X 77 11.29 -23.90 -19.50
C LYS X 77 10.31 -23.11 -20.33
N GLN X 78 10.83 -22.09 -21.08
CA GLN X 78 10.11 -21.11 -21.82
C GLN X 78 9.27 -21.76 -22.87
N ILE X 79 8.07 -21.20 -23.19
CA ILE X 79 7.05 -21.70 -24.13
C ILE X 79 6.31 -22.78 -23.40
N TRP X 80 5.00 -22.77 -23.60
CA TRP X 80 4.14 -23.85 -23.19
C TRP X 80 2.95 -23.87 -24.14
N LEU X 81 2.56 -25.05 -24.57
CA LEU X 81 1.31 -25.22 -25.29
C LEU X 81 0.57 -26.32 -24.58
N ALA X 82 -0.68 -26.07 -24.20
CA ALA X 82 -1.40 -27.13 -23.60
C ALA X 82 -2.46 -27.40 -24.57
N SER X 83 -2.34 -28.59 -25.21
CA SER X 83 -3.29 -29.07 -26.20
C SER X 83 -4.10 -30.12 -25.49
N PRO X 84 -5.29 -30.42 -25.92
CA PRO X 84 -6.09 -31.49 -25.34
C PRO X 84 -5.77 -32.73 -26.17
N LEU X 85 -4.99 -32.55 -27.25
CA LEU X 85 -4.60 -33.59 -28.17
C LEU X 85 -3.37 -34.30 -27.74
N SER X 86 -2.62 -33.77 -26.75
CA SER X 86 -1.35 -34.33 -26.42
C SER X 86 -0.93 -33.98 -25.02
N GLY X 87 -1.80 -33.27 -24.24
CA GLY X 87 -1.40 -32.82 -22.92
C GLY X 87 -0.50 -31.62 -23.08
N PRO X 88 -0.01 -31.04 -22.00
CA PRO X 88 0.84 -29.87 -22.10
C PRO X 88 2.25 -30.30 -22.39
N ASN X 89 2.93 -29.43 -23.16
CA ASN X 89 4.30 -29.63 -23.55
C ASN X 89 5.06 -28.45 -23.02
N ARG X 90 6.27 -28.77 -22.51
CA ARG X 90 7.30 -27.81 -22.16
C ARG X 90 8.37 -27.97 -23.17
N PHE X 91 9.26 -26.97 -23.27
CA PHE X 91 10.20 -26.86 -24.36
C PHE X 91 11.45 -26.27 -23.70
N ASP X 92 12.60 -26.72 -24.22
CA ASP X 92 13.83 -26.16 -23.76
C ASP X 92 14.65 -26.05 -24.99
N LEU X 93 15.60 -25.09 -25.03
CA LEU X 93 16.59 -24.97 -26.07
C LEU X 93 17.45 -26.22 -26.18
N LEU X 94 17.74 -26.61 -27.43
CA LEU X 94 18.58 -27.78 -27.72
C LEU X 94 19.43 -27.39 -28.87
N ASN X 95 20.58 -28.06 -29.04
CA ASN X 95 21.59 -27.78 -30.04
C ASN X 95 21.02 -27.92 -31.41
N GLY X 96 21.36 -26.94 -32.29
CA GLY X 96 21.02 -26.91 -33.70
C GLY X 96 19.74 -26.20 -33.98
N GLU X 97 18.67 -26.55 -33.25
CA GLU X 97 17.43 -25.91 -33.33
C GLU X 97 16.81 -26.32 -32.03
N TRP X 98 15.80 -25.58 -31.52
CA TRP X 98 15.20 -25.86 -30.23
C TRP X 98 14.16 -26.89 -30.47
N VAL X 99 14.28 -27.99 -29.70
CA VAL X 99 13.41 -29.13 -29.78
C VAL X 99 13.04 -29.43 -28.37
N SER X 100 11.81 -30.01 -28.18
CA SER X 100 11.28 -30.42 -26.89
C SER X 100 12.11 -31.58 -26.38
N LEU X 101 12.27 -31.73 -25.06
CA LEU X 101 12.99 -32.77 -24.42
C LEU X 101 12.06 -33.78 -23.81
N ARG X 102 10.79 -33.43 -23.73
CA ARG X 102 9.76 -34.28 -23.15
C ARG X 102 9.49 -35.48 -24.01
N ASN X 103 9.49 -35.28 -25.34
CA ASN X 103 9.22 -36.35 -26.23
C ASN X 103 9.69 -36.04 -27.64
N GLY X 104 10.42 -34.92 -27.84
CA GLY X 104 10.87 -34.44 -29.15
C GLY X 104 9.87 -33.52 -29.78
N THR X 105 10.35 -32.94 -30.92
CA THR X 105 9.72 -31.99 -31.82
C THR X 105 9.30 -30.67 -31.23
N LYS X 106 9.32 -29.61 -32.08
CA LYS X 106 9.01 -28.26 -31.71
C LYS X 106 7.67 -27.91 -32.23
N LEU X 107 7.06 -26.87 -31.58
CA LEU X 107 5.80 -26.26 -31.86
C LEU X 107 5.55 -25.69 -33.25
N THR X 108 6.62 -25.10 -33.86
CA THR X 108 6.65 -24.55 -35.19
C THR X 108 6.26 -25.55 -36.24
N ASP X 109 6.83 -26.74 -36.13
CA ASP X 109 6.64 -27.86 -37.05
C ASP X 109 5.27 -28.49 -36.89
N ILE X 110 4.72 -28.53 -35.64
CA ILE X 110 3.42 -29.08 -35.35
C ILE X 110 2.36 -28.28 -36.06
N LEU X 111 2.44 -26.92 -36.08
CA LEU X 111 1.46 -26.06 -36.71
C LEU X 111 1.46 -26.24 -38.21
N THR X 112 2.64 -26.16 -38.88
CA THR X 112 2.86 -26.46 -40.29
C THR X 112 2.18 -27.71 -40.78
N GLU X 113 2.58 -28.88 -40.20
CA GLU X 113 1.98 -30.16 -40.46
C GLU X 113 0.51 -30.20 -40.31
N GLU X 114 -0.04 -29.67 -39.19
CA GLU X 114 -1.47 -29.80 -38.90
C GLU X 114 -2.36 -29.05 -39.89
N VAL X 115 -1.88 -27.91 -40.44
CA VAL X 115 -2.58 -27.10 -41.42
C VAL X 115 -2.67 -27.85 -42.74
N GLU X 116 -1.56 -28.48 -43.21
CA GLU X 116 -1.62 -29.19 -44.49
C GLU X 116 -2.34 -30.52 -44.39
N LYS X 117 -2.33 -31.14 -43.19
CA LYS X 117 -3.15 -32.26 -42.84
C LYS X 117 -4.61 -31.97 -42.83
N ALA X 118 -5.01 -30.69 -42.68
CA ALA X 118 -6.39 -30.29 -42.65
C ALA X 118 -6.86 -30.06 -44.04
N ILE X 119 -6.03 -29.40 -44.88
CA ILE X 119 -6.26 -29.19 -46.30
C ILE X 119 -6.47 -30.49 -47.02
N SER X 120 -5.67 -31.53 -46.64
CA SER X 120 -5.77 -32.86 -47.16
C SER X 120 -7.15 -33.44 -46.89
N LYS X 121 -7.47 -33.66 -45.58
CA LYS X 121 -8.72 -34.21 -45.12
C LYS X 121 -8.66 -34.20 -43.60
N GLY Y 1 -45.07 -0.59 40.28
CA GLY Y 1 -46.07 -0.56 39.21
C GLY Y 1 -47.41 -0.07 39.73
N SER Y 2 -48.46 -0.84 39.41
CA SER Y 2 -49.84 -0.56 39.80
C SER Y 2 -50.02 -0.75 41.27
N HIS Y 3 -51.09 -0.14 41.82
CA HIS Y 3 -51.40 -0.20 43.21
C HIS Y 3 -51.77 -1.59 43.62
N MET Y 4 -51.20 -2.04 44.75
CA MET Y 4 -51.42 -3.37 45.31
C MET Y 4 -52.82 -3.60 45.81
N SER Y 5 -53.51 -2.71 46.56
CA SER Y 5 -53.12 -1.44 47.11
C SER Y 5 -52.35 -1.60 48.37
N SER Y 6 -51.52 -0.57 48.68
CA SER Y 6 -50.64 -0.45 49.78
C SER Y 6 -50.06 0.89 49.51
N ILE Y 7 -50.63 1.95 50.14
CA ILE Y 7 -50.29 3.32 49.93
C ILE Y 7 -50.42 3.95 51.27
N THR Y 8 -49.91 3.27 52.33
CA THR Y 8 -50.02 3.59 53.78
C THR Y 8 -51.47 3.73 54.15
N LYS Y 9 -52.31 2.78 53.74
CA LYS Y 9 -53.74 2.80 53.95
C LYS Y 9 -54.07 1.35 54.07
N ARG Y 10 -55.08 0.93 54.89
CA ARG Y 10 -56.02 1.72 55.63
C ARG Y 10 -56.45 0.86 56.79
N LEU Y 11 -56.95 1.48 57.88
CA LEU Y 11 -57.43 0.85 59.11
C LEU Y 11 -56.29 0.54 60.02
N TYR Y 12 -55.06 0.69 59.54
CA TYR Y 12 -53.84 0.53 60.30
C TYR Y 12 -53.61 1.73 61.19
N HIS Y 13 -53.73 3.03 60.77
CA HIS Y 13 -54.07 3.60 59.50
C HIS Y 13 -52.87 3.65 58.56
N PRO Y 14 -51.65 4.10 58.88
CA PRO Y 14 -50.51 4.02 57.96
C PRO Y 14 -49.75 2.72 58.19
N LYS Y 15 -49.85 1.84 57.17
CA LYS Y 15 -49.08 0.63 56.96
C LYS Y 15 -48.77 -0.22 58.18
N VAL Y 16 -47.53 -0.73 58.20
CA VAL Y 16 -46.98 -1.69 59.11
C VAL Y 16 -46.75 -1.08 60.46
N ILE Y 17 -46.23 0.19 60.50
CA ILE Y 17 -45.75 0.80 61.73
C ILE Y 17 -46.84 0.98 62.74
N GLU Y 18 -47.99 1.49 62.29
CA GLU Y 18 -49.11 1.77 63.15
C GLU Y 18 -49.72 0.54 63.77
N HIS Y 19 -49.93 -0.50 62.93
CA HIS Y 19 -50.51 -1.74 63.33
C HIS Y 19 -49.66 -2.55 64.27
N TYR Y 20 -48.35 -2.62 63.93
CA TYR Y 20 -47.39 -3.40 64.69
C TYR Y 20 -47.16 -2.84 66.07
N THR Y 21 -46.96 -1.49 66.17
CA THR Y 21 -46.71 -0.87 67.42
C THR Y 21 -47.76 0.23 67.66
N HIS Y 22 -48.50 0.29 68.81
CA HIS Y 22 -48.55 -0.62 69.94
C HIS Y 22 -47.22 -0.82 70.62
N PRO Y 23 -46.69 0.17 71.32
CA PRO Y 23 -47.26 1.46 71.66
C PRO Y 23 -47.13 2.39 70.48
N ARG Y 24 -48.14 3.24 70.26
CA ARG Y 24 -48.17 4.23 69.26
C ARG Y 24 -48.34 5.56 69.96
N ASN Y 25 -47.50 6.58 69.63
CA ASN Y 25 -46.43 6.62 68.64
C ASN Y 25 -45.25 5.81 69.18
N VAL Y 26 -44.76 5.97 70.46
CA VAL Y 26 -45.00 6.97 71.47
C VAL Y 26 -43.89 8.00 71.46
N GLY Y 27 -42.82 7.74 70.70
CA GLY Y 27 -41.66 8.60 70.60
C GLY Y 27 -40.74 8.47 71.77
N SER Y 28 -40.97 7.48 72.65
CA SER Y 28 -40.11 7.08 73.73
C SER Y 28 -39.67 5.70 73.49
N LEU Y 29 -40.06 5.11 72.33
CA LEU Y 29 -39.85 3.68 72.06
C LEU Y 29 -38.56 3.53 71.31
N ASP Y 30 -37.93 2.38 71.49
CA ASP Y 30 -36.66 2.05 70.93
C ASP Y 30 -36.74 0.56 70.66
N LYS Y 31 -35.67 -0.05 70.02
CA LYS Y 31 -35.61 -1.47 69.74
C LYS Y 31 -35.17 -2.08 71.04
N LYS Y 32 -36.01 -2.90 71.64
CA LYS Y 32 -35.68 -3.50 72.93
C LYS Y 32 -36.54 -4.72 72.99
N LEU Y 33 -36.20 -5.75 73.80
CA LEU Y 33 -35.01 -5.83 74.59
C LEU Y 33 -33.78 -6.16 73.72
N PRO Y 34 -33.69 -7.20 72.84
CA PRO Y 34 -32.50 -7.41 72.05
C PRO Y 34 -32.56 -6.58 70.80
N ASN Y 35 -31.72 -6.92 69.81
CA ASN Y 35 -31.71 -6.36 68.48
C ASN Y 35 -31.60 -7.54 67.55
N VAL Y 36 -31.85 -7.31 66.25
CA VAL Y 36 -31.91 -8.39 65.27
C VAL Y 36 -30.62 -8.51 64.52
N GLY Y 37 -29.51 -7.86 64.99
CA GLY Y 37 -28.19 -7.95 64.39
C GLY Y 37 -28.10 -7.52 62.94
N THR Y 38 -27.01 -8.01 62.28
CA THR Y 38 -26.60 -7.79 60.89
C THR Y 38 -26.63 -6.33 60.48
N GLY Y 39 -26.71 -6.04 59.17
CA GLY Y 39 -26.77 -4.72 58.55
C GLY Y 39 -27.76 -3.76 59.16
N LEU Y 40 -27.50 -2.43 59.00
CA LEU Y 40 -28.31 -1.35 59.54
C LEU Y 40 -28.04 -0.21 58.60
N VAL Y 41 -29.10 0.58 58.32
CA VAL Y 41 -29.00 1.79 57.51
C VAL Y 41 -30.04 2.73 57.97
N GLY Y 42 -29.67 4.02 58.12
CA GLY Y 42 -30.61 5.08 58.48
C GLY Y 42 -30.58 6.04 57.33
N ALA Y 43 -31.64 6.87 57.19
CA ALA Y 43 -31.73 7.79 56.07
C ALA Y 43 -32.65 8.91 56.48
N PRO Y 44 -32.41 10.13 55.97
CA PRO Y 44 -33.25 11.29 56.28
C PRO Y 44 -34.26 11.45 55.17
N ALA Y 45 -33.99 10.83 53.98
CA ALA Y 45 -34.76 10.86 52.80
C ALA Y 45 -36.15 10.26 52.94
N CYS Y 46 -36.27 9.15 53.69
CA CYS Y 46 -37.54 8.54 54.02
C CYS Y 46 -37.82 8.80 55.47
N GLY Y 47 -36.81 9.30 56.21
CA GLY Y 47 -36.97 9.72 57.58
C GLY Y 47 -37.02 8.55 58.53
N ASP Y 48 -36.79 7.30 58.07
CA ASP Y 48 -36.83 6.12 58.89
C ASP Y 48 -35.62 5.28 58.62
N VAL Y 49 -35.40 4.27 59.51
CA VAL Y 49 -34.22 3.50 59.69
C VAL Y 49 -34.61 2.05 59.38
N MET Y 50 -34.05 1.43 58.32
CA MET Y 50 -34.26 0.03 58.00
C MET Y 50 -33.31 -0.77 58.86
N ARG Y 51 -33.75 -1.98 59.28
CA ARG Y 51 -32.90 -2.90 60.02
C ARG Y 51 -33.33 -4.25 59.58
N LEU Y 52 -32.52 -4.94 58.76
CA LEU Y 52 -32.76 -6.25 58.23
C LEU Y 52 -32.14 -7.31 59.10
N GLN Y 53 -32.50 -8.58 58.85
CA GLN Y 53 -31.91 -9.70 59.53
C GLN Y 53 -32.08 -10.84 58.56
N ILE Y 54 -31.22 -11.87 58.67
CA ILE Y 54 -31.21 -13.03 57.78
C ILE Y 54 -30.84 -14.23 58.58
N LYS Y 55 -31.54 -15.34 58.35
CA LYS Y 55 -31.23 -16.62 58.90
C LYS Y 55 -31.42 -17.55 57.72
N VAL Y 56 -30.27 -18.12 57.26
CA VAL Y 56 -30.14 -18.88 56.02
C VAL Y 56 -29.03 -19.83 56.37
N ASN Y 57 -29.17 -21.13 56.00
CA ASN Y 57 -28.11 -22.14 55.94
C ASN Y 57 -26.99 -21.77 55.00
N ASP Y 58 -25.74 -22.05 55.43
CA ASP Y 58 -24.58 -21.60 54.77
C ASP Y 58 -23.70 -22.85 54.64
N SER Y 59 -23.24 -23.14 53.39
CA SER Y 59 -22.33 -24.21 53.10
C SER Y 59 -21.39 -23.64 52.08
N THR Y 60 -21.89 -23.35 50.86
CA THR Y 60 -21.19 -22.60 49.85
C THR Y 60 -21.80 -21.21 49.75
N GLY Y 61 -22.98 -20.99 50.41
CA GLY Y 61 -23.75 -19.76 50.34
C GLY Y 61 -23.30 -18.88 51.47
N VAL Y 62 -23.88 -17.65 51.50
CA VAL Y 62 -23.77 -16.71 52.58
C VAL Y 62 -25.17 -16.34 52.95
N ILE Y 63 -25.39 -15.55 54.03
CA ILE Y 63 -26.70 -15.15 54.39
C ILE Y 63 -26.96 -13.89 53.60
N GLU Y 64 -28.12 -13.89 52.86
CA GLU Y 64 -28.41 -12.83 51.94
C GLU Y 64 -29.87 -12.77 51.61
N ASP Y 65 -30.73 -13.53 52.32
CA ASP Y 65 -32.19 -13.51 52.09
C ASP Y 65 -32.72 -12.45 53.01
N VAL Y 66 -32.73 -11.23 52.49
CA VAL Y 66 -32.99 -10.01 53.17
C VAL Y 66 -34.48 -9.86 53.17
N LYS Y 67 -35.08 -9.66 54.42
CA LYS Y 67 -36.48 -9.58 54.63
C LYS Y 67 -36.95 -8.23 54.18
N PHE Y 68 -36.03 -7.26 54.12
CA PHE Y 68 -36.12 -6.02 53.40
C PHE Y 68 -37.17 -5.20 54.09
N LYS Y 69 -37.06 -5.05 55.44
CA LYS Y 69 -38.01 -4.33 56.25
C LYS Y 69 -38.02 -2.85 55.87
N THR Y 70 -39.23 -2.33 55.56
CA THR Y 70 -39.48 -0.97 55.12
C THR Y 70 -40.54 -0.34 56.00
N PHE Y 71 -40.25 0.90 56.46
CA PHE Y 71 -41.18 1.71 57.23
C PHE Y 71 -41.48 2.98 56.47
N GLY Y 72 -41.00 3.01 55.20
CA GLY Y 72 -41.13 4.15 54.31
C GLY Y 72 -42.46 4.17 53.64
N CYS Y 73 -42.47 4.28 52.28
CA CYS Y 73 -43.65 4.33 51.41
C CYS Y 73 -44.45 3.05 51.50
N GLY Y 74 -45.74 3.12 51.19
CA GLY Y 74 -46.60 1.97 51.27
C GLY Y 74 -46.30 1.04 50.16
N SER Y 75 -45.98 1.64 48.98
CA SER Y 75 -45.51 1.01 47.75
C SER Y 75 -44.35 0.05 47.96
N ALA Y 76 -43.50 0.38 48.98
CA ALA Y 76 -42.30 -0.37 49.37
C ALA Y 76 -42.55 -1.78 49.90
N ILE Y 77 -43.76 -2.07 50.42
CA ILE Y 77 -44.16 -3.35 50.97
C ILE Y 77 -44.05 -4.40 49.89
N ALA Y 78 -44.42 -4.06 48.65
CA ALA Y 78 -44.33 -4.94 47.49
C ALA Y 78 -42.96 -5.33 47.12
N SER Y 79 -42.01 -4.38 47.38
CA SER Y 79 -40.60 -4.58 47.07
C SER Y 79 -40.00 -5.66 47.96
N SER Y 80 -40.36 -5.67 49.27
CA SER Y 80 -39.95 -6.73 50.16
C SER Y 80 -40.51 -8.10 49.85
N SER Y 81 -41.82 -8.14 49.48
CA SER Y 81 -42.53 -9.36 49.16
C SER Y 81 -41.91 -10.07 47.99
N TYR Y 82 -41.51 -9.33 46.92
CA TYR Y 82 -40.90 -9.88 45.71
C TYR Y 82 -39.47 -10.19 45.88
N MET Y 83 -38.75 -9.39 46.71
CA MET Y 83 -37.33 -9.64 46.95
C MET Y 83 -37.12 -10.98 47.62
N THR Y 84 -37.90 -11.31 48.68
CA THR Y 84 -37.77 -12.55 49.43
C THR Y 84 -38.12 -13.75 48.56
N GLU Y 85 -39.12 -13.62 47.66
CA GLU Y 85 -39.41 -14.62 46.65
C GLU Y 85 -38.24 -14.92 45.73
N LEU Y 86 -37.66 -13.85 45.15
CA LEU Y 86 -36.58 -13.93 44.13
C LEU Y 86 -35.34 -14.53 44.69
N VAL Y 87 -34.85 -14.01 45.84
CA VAL Y 87 -33.59 -14.39 46.46
C VAL Y 87 -33.55 -15.85 46.85
N GLN Y 88 -34.69 -16.39 47.37
CA GLN Y 88 -34.78 -17.80 47.69
C GLN Y 88 -34.93 -18.58 46.42
N GLY Y 89 -34.30 -19.79 46.35
CA GLY Y 89 -34.28 -20.61 45.17
C GLY Y 89 -33.20 -20.18 44.24
N MET Y 90 -32.41 -19.18 44.69
CA MET Y 90 -31.33 -18.67 43.87
C MET Y 90 -30.13 -18.69 44.79
N THR Y 91 -28.93 -18.59 44.19
CA THR Y 91 -27.63 -18.64 44.85
C THR Y 91 -27.32 -17.30 45.45
N LEU Y 92 -26.16 -17.19 46.16
CA LEU Y 92 -25.69 -15.96 46.77
C LEU Y 92 -25.48 -14.91 45.72
N ASP Y 93 -25.00 -15.30 44.54
CA ASP Y 93 -24.60 -14.50 43.39
C ASP Y 93 -25.60 -13.47 43.01
N ASP Y 94 -26.88 -13.90 42.77
CA ASP Y 94 -28.03 -13.16 42.36
C ASP Y 94 -28.39 -12.04 43.31
N ALA Y 95 -28.29 -12.32 44.62
CA ALA Y 95 -28.55 -11.39 45.72
C ALA Y 95 -27.49 -10.35 45.94
N ALA Y 96 -26.27 -10.61 45.40
CA ALA Y 96 -25.19 -9.67 45.41
C ALA Y 96 -25.37 -8.75 44.20
N LYS Y 97 -24.69 -7.57 44.28
CA LYS Y 97 -24.63 -6.47 43.33
C LYS Y 97 -25.99 -5.88 43.04
N ILE Y 98 -26.78 -5.78 44.11
CA ILE Y 98 -28.19 -5.43 44.24
C ILE Y 98 -28.69 -4.44 43.22
N LYS Y 99 -29.82 -4.81 42.59
CA LYS Y 99 -30.56 -4.00 41.65
C LYS Y 99 -31.60 -3.34 42.52
N ASN Y 100 -31.93 -2.03 42.45
CA ASN Y 100 -31.68 -0.92 41.51
C ASN Y 100 -32.81 -0.93 40.54
N THR Y 101 -32.71 -1.88 39.55
CA THR Y 101 -33.74 -2.19 38.61
C THR Y 101 -34.92 -2.78 39.28
N GLU Y 102 -34.64 -3.64 40.27
CA GLU Y 102 -35.65 -4.47 40.86
C GLU Y 102 -36.47 -3.69 41.87
N ILE Y 103 -35.80 -2.89 42.73
CA ILE Y 103 -36.48 -2.06 43.70
C ILE Y 103 -37.28 -1.00 43.00
N ALA Y 104 -36.70 -0.40 41.91
CA ALA Y 104 -37.33 0.62 41.13
C ALA Y 104 -38.55 0.16 40.37
N LYS Y 105 -38.48 -0.95 39.63
CA LYS Y 105 -39.57 -1.44 38.78
C LYS Y 105 -40.77 -1.79 39.64
N GLU Y 106 -40.49 -2.45 40.78
CA GLU Y 106 -41.43 -2.85 41.78
C GLU Y 106 -42.14 -1.72 42.44
N LEU Y 107 -41.39 -0.67 42.91
CA LEU Y 107 -41.93 0.49 43.61
C LEU Y 107 -42.79 1.41 42.77
N SER Y 108 -42.29 1.93 41.61
CA SER Y 108 -43.11 2.66 40.66
C SER Y 108 -42.77 2.33 39.23
N LEU Y 109 -41.55 2.67 38.78
CA LEU Y 109 -41.15 2.53 37.42
C LEU Y 109 -39.66 2.30 37.43
N PRO Y 110 -39.06 1.55 36.49
CA PRO Y 110 -37.67 1.12 36.52
C PRO Y 110 -36.57 2.15 36.48
N PRO Y 111 -36.53 3.39 35.91
CA PRO Y 111 -35.34 4.25 35.71
C PRO Y 111 -34.16 4.13 36.64
N VAL Y 112 -32.97 3.85 36.08
CA VAL Y 112 -31.63 3.65 36.64
C VAL Y 112 -31.64 3.12 38.04
N LYS Y 113 -31.12 3.94 38.99
CA LYS Y 113 -30.91 3.62 40.38
C LYS Y 113 -32.22 3.84 41.09
N LEU Y 114 -32.42 3.17 42.25
CA LEU Y 114 -33.55 3.37 43.14
C LEU Y 114 -33.42 4.77 43.70
N HIS Y 115 -34.50 5.60 43.56
CA HIS Y 115 -34.44 7.03 43.79
C HIS Y 115 -33.90 7.52 45.13
N CYS Y 116 -34.52 7.13 46.25
CA CYS Y 116 -34.14 7.59 47.59
C CYS Y 116 -35.25 7.12 48.51
N SER Y 117 -36.10 6.16 48.02
CA SER Y 117 -37.25 5.62 48.75
C SER Y 117 -36.73 4.85 49.93
N MET Y 118 -35.57 4.19 49.77
CA MET Y 118 -34.93 3.39 50.78
C MET Y 118 -33.49 3.27 50.38
N LEU Y 119 -32.62 3.03 51.37
CA LEU Y 119 -31.19 2.90 51.29
C LEU Y 119 -30.84 1.47 51.53
N ALA Y 120 -31.84 0.59 51.29
CA ALA Y 120 -31.87 -0.82 51.57
C ALA Y 120 -30.76 -1.53 50.82
N GLU Y 121 -30.39 -1.07 49.60
CA GLU Y 121 -29.35 -1.64 48.76
C GLU Y 121 -28.00 -1.60 49.44
N ASP Y 122 -27.70 -0.47 50.16
CA ASP Y 122 -26.54 -0.35 51.01
C ASP Y 122 -26.56 -1.31 52.18
N ALA Y 123 -27.75 -1.49 52.79
CA ALA Y 123 -27.93 -2.46 53.89
C ALA Y 123 -27.67 -3.88 53.45
N ILE Y 124 -28.12 -4.28 52.23
CA ILE Y 124 -27.93 -5.61 51.69
C ILE Y 124 -26.43 -5.82 51.44
N LYS Y 125 -25.67 -4.81 50.97
CA LYS Y 125 -24.22 -4.91 50.79
C LYS Y 125 -23.52 -5.12 52.11
N ALA Y 126 -23.99 -4.48 53.20
CA ALA Y 126 -23.46 -4.63 54.55
C ALA Y 126 -23.60 -6.05 55.04
N ALA Y 127 -24.79 -6.65 54.83
CA ALA Y 127 -25.12 -7.98 55.24
C ALA Y 127 -24.24 -9.06 54.61
N ILE Y 128 -24.02 -9.00 53.28
CA ILE Y 128 -23.24 -10.02 52.55
C ILE Y 128 -21.80 -9.97 52.99
N LYS Y 129 -21.26 -8.74 53.18
CA LYS Y 129 -19.95 -8.45 53.68
C LYS Y 129 -19.78 -8.91 55.08
N ASP Y 130 -20.84 -8.75 55.93
CA ASP Y 130 -20.84 -9.07 57.36
C ASP Y 130 -20.62 -10.58 57.55
N TYR Y 131 -21.33 -11.39 56.78
CA TYR Y 131 -21.18 -12.84 56.84
C TYR Y 131 -19.77 -13.29 56.43
N LYS Y 132 -19.23 -12.65 55.39
CA LYS Y 132 -17.89 -12.98 54.91
C LYS Y 132 -16.86 -12.68 55.99
N SER Y 133 -17.05 -11.55 56.65
CA SER Y 133 -16.24 -11.18 57.81
C SER Y 133 -16.29 -12.20 58.93
N LYS Y 134 -17.52 -12.66 59.27
CA LYS Y 134 -17.79 -13.60 60.31
C LYS Y 134 -17.31 -15.01 59.98
N ARG Y 135 -17.19 -15.40 58.68
CA ARG Y 135 -16.69 -16.73 58.33
C ARG Y 135 -15.17 -16.70 58.19
N ASN Y 136 -14.58 -15.48 58.41
CA ASN Y 136 -13.18 -15.19 58.53
C ASN Y 136 -12.48 -15.25 57.23
N THR Y 137 -13.07 -14.67 56.15
CA THR Y 137 -12.32 -14.51 54.91
C THR Y 137 -12.52 -13.05 54.53
N PRO Y 138 -11.56 -12.15 54.83
CA PRO Y 138 -11.66 -10.75 54.46
C PRO Y 138 -10.93 -10.59 53.13
N THR Y 139 -10.31 -11.64 52.59
CA THR Y 139 -9.42 -11.53 51.49
C THR Y 139 -10.16 -11.76 50.24
N MET Y 140 -11.40 -12.31 50.33
CA MET Y 140 -12.28 -12.49 49.21
C MET Y 140 -13.42 -11.52 49.28
N LEU Y 141 -13.44 -10.71 50.35
CA LEU Y 141 -14.37 -9.64 50.58
C LEU Y 141 -13.83 -8.43 49.86
N SER Y 142 -12.47 -8.27 49.90
CA SER Y 142 -11.77 -7.21 49.23
C SER Y 142 -11.54 -7.61 47.77
N VAL Z 1 -23.92 -45.32 28.24
CA VAL Z 1 -23.97 -44.31 27.16
C VAL Z 1 -22.56 -44.16 26.65
N GLU Z 2 -22.38 -44.20 25.32
CA GLU Z 2 -21.05 -44.11 24.71
C GLU Z 2 -20.63 -42.68 24.62
N SER Z 3 -20.84 -42.00 23.48
CA SER Z 3 -20.37 -40.67 23.21
C SER Z 3 -21.46 -39.65 23.48
N SER Z 4 -21.14 -38.34 23.68
CA SER Z 4 -19.85 -37.74 23.70
C SER Z 4 -19.74 -37.19 25.08
N THR Z 5 -18.62 -37.47 25.77
CA THR Z 5 -18.42 -37.04 27.15
C THR Z 5 -18.43 -35.52 27.30
N ASP Z 6 -18.93 -34.94 28.45
CA ASP Z 6 -19.64 -35.56 29.53
C ASP Z 6 -21.00 -34.91 29.61
N GLY Z 7 -21.28 -34.10 28.56
CA GLY Z 7 -22.49 -33.30 28.49
C GLY Z 7 -23.55 -33.97 27.64
N GLN Z 8 -23.24 -35.19 27.14
CA GLN Z 8 -24.13 -35.98 26.37
C GLN Z 8 -24.01 -37.46 26.77
N VAL Z 9 -23.35 -37.72 27.92
CA VAL Z 9 -23.17 -39.07 28.43
C VAL Z 9 -23.50 -39.00 29.89
N VAL Z 10 -24.35 -39.94 30.33
CA VAL Z 10 -24.75 -39.99 31.71
C VAL Z 10 -25.04 -41.44 32.00
N PRO Z 11 -24.74 -41.96 33.19
CA PRO Z 11 -25.17 -43.29 33.60
C PRO Z 11 -26.45 -43.16 34.38
N GLN Z 12 -27.12 -41.99 34.27
CA GLN Z 12 -28.31 -41.51 34.94
C GLN Z 12 -27.99 -40.67 36.16
N GLU Z 13 -26.77 -40.13 36.24
CA GLU Z 13 -26.34 -39.35 37.38
C GLU Z 13 -25.14 -38.59 36.97
N VAL Z 14 -24.89 -37.49 37.71
CA VAL Z 14 -23.88 -36.45 37.57
C VAL Z 14 -24.62 -35.12 37.63
N LEU Z 15 -25.96 -35.22 37.67
CA LEU Z 15 -26.88 -34.13 37.85
C LEU Z 15 -27.21 -34.11 39.34
N ASN Z 16 -26.40 -34.81 40.16
CA ASN Z 16 -26.59 -34.82 41.61
C ASN Z 16 -25.24 -35.04 42.24
N LEU Z 17 -24.16 -34.88 41.43
CA LEU Z 17 -22.79 -35.00 41.85
C LEU Z 17 -22.15 -33.69 41.51
N PRO Z 18 -21.17 -33.12 42.21
CA PRO Z 18 -20.62 -31.83 41.86
C PRO Z 18 -19.48 -32.01 40.89
N LEU Z 19 -19.68 -31.56 39.61
CA LEU Z 19 -18.70 -31.62 38.56
C LEU Z 19 -19.05 -30.46 37.69
N GLU Z 20 -18.01 -29.75 37.17
CA GLU Z 20 -18.12 -28.64 36.31
C GLU Z 20 -18.80 -29.02 35.00
N LYS Z 21 -19.53 -28.03 34.40
CA LYS Z 21 -20.30 -28.25 33.19
C LYS Z 21 -20.16 -27.00 32.37
N ALA Z 22 -20.79 -27.00 31.14
CA ALA Z 22 -20.79 -25.92 30.14
C ALA Z 22 -19.43 -25.69 29.59
N HIS Z 23 -19.19 -24.51 28.97
CA HIS Z 23 -17.90 -24.09 28.40
C HIS Z 23 -17.59 -24.61 26.98
N GLU Z 24 -17.18 -23.66 26.12
CA GLU Z 24 -16.65 -23.95 24.82
C GLU Z 24 -15.43 -23.10 24.54
N GLU Z 25 -15.23 -21.87 25.06
CA GLU Z 25 -16.05 -20.89 25.71
C GLU Z 25 -17.11 -20.31 24.82
N ALA Z 26 -16.82 -20.05 23.54
CA ALA Z 26 -17.60 -19.14 22.72
C ALA Z 26 -19.00 -19.52 22.39
N ASP Z 27 -19.29 -20.83 22.08
CA ASP Z 27 -20.59 -21.18 21.65
C ASP Z 27 -21.46 -21.58 22.81
N ASP Z 28 -20.95 -22.39 23.78
CA ASP Z 28 -21.73 -22.95 24.85
C ASP Z 28 -22.30 -21.93 25.79
N TYR Z 29 -21.48 -20.90 26.18
CA TYR Z 29 -21.90 -19.87 27.12
C TYR Z 29 -23.03 -19.02 26.55
N LEU Z 30 -22.93 -18.53 25.27
CA LEU Z 30 -23.96 -17.78 24.57
C LEU Z 30 -25.24 -18.57 24.51
N ASP Z 31 -25.17 -19.87 24.17
CA ASP Z 31 -26.32 -20.78 24.05
C ASP Z 31 -27.12 -20.91 25.33
N HIS Z 32 -26.42 -21.14 26.46
CA HIS Z 32 -26.94 -21.21 27.81
C HIS Z 32 -27.62 -19.90 28.20
N LEU Z 33 -26.95 -18.77 27.89
CA LEU Z 33 -27.35 -17.41 28.13
C LEU Z 33 -28.67 -17.09 27.48
N LEU Z 34 -28.83 -17.46 26.18
CA LEU Z 34 -30.05 -17.38 25.39
C LEU Z 34 -31.17 -18.18 25.93
N ASP Z 35 -30.93 -19.44 26.41
CA ASP Z 35 -31.92 -20.34 26.96
C ASP Z 35 -32.57 -19.69 28.16
N SER Z 36 -31.74 -19.14 29.09
CA SER Z 36 -32.09 -18.47 30.30
C SER Z 36 -32.86 -17.22 29.96
N LEU Z 37 -32.37 -16.46 28.96
CA LEU Z 37 -32.93 -15.18 28.57
C LEU Z 37 -34.34 -15.30 28.09
N GLU Z 38 -34.61 -16.25 27.13
CA GLU Z 38 -35.92 -16.50 26.58
C GLU Z 38 -36.87 -17.04 27.62
N GLU Z 39 -36.43 -17.96 28.49
CA GLU Z 39 -37.20 -18.60 29.54
C GLU Z 39 -37.73 -17.59 30.55
N LEU Z 40 -36.84 -16.65 30.97
CA LEU Z 40 -37.15 -15.50 31.84
C LEU Z 40 -38.13 -14.56 31.18
N SER Z 41 -38.03 -14.30 29.84
CA SER Z 41 -38.79 -13.31 29.10
C SER Z 41 -40.30 -13.44 29.16
N GLU Z 42 -40.85 -14.69 29.08
CA GLU Z 42 -42.30 -14.94 29.05
C GLU Z 42 -43.13 -14.23 30.12
N ALA Z 43 -44.40 -13.93 29.77
CA ALA Z 43 -45.36 -13.19 30.52
C ALA Z 43 -44.86 -11.81 30.86
N HIS Z 44 -44.30 -11.09 29.85
CA HIS Z 44 -43.79 -9.75 29.98
C HIS Z 44 -44.95 -8.78 30.17
N PRO Z 45 -44.78 -7.66 30.88
CA PRO Z 45 -45.83 -6.73 31.21
C PRO Z 45 -46.20 -5.88 30.00
N ASP Z 46 -45.31 -5.83 28.96
CA ASP Z 46 -45.57 -5.08 27.77
C ASP Z 46 -44.86 -5.79 26.71
N CYS Z 47 -45.48 -5.82 25.52
CA CYS Z 47 -44.98 -6.57 24.38
C CYS Z 47 -43.58 -6.16 23.97
N ILE Z 48 -42.79 -7.19 23.59
CA ILE Z 48 -41.41 -7.08 23.21
C ILE Z 48 -41.44 -7.24 21.74
N PRO Z 49 -41.03 -6.30 20.88
CA PRO Z 49 -41.20 -6.46 19.43
C PRO Z 49 -40.18 -7.41 18.86
N ASP Z 50 -38.96 -7.60 19.46
CA ASP Z 50 -37.99 -8.50 18.85
C ASP Z 50 -36.84 -8.64 19.79
N VAL Z 51 -36.04 -9.72 19.62
CA VAL Z 51 -34.68 -9.81 20.06
C VAL Z 51 -34.05 -10.47 18.85
N GLU Z 52 -32.94 -9.90 18.29
CA GLU Z 52 -32.18 -10.56 17.23
C GLU Z 52 -30.77 -10.70 17.63
N LEU Z 53 -30.22 -11.92 17.60
CA LEU Z 53 -28.83 -12.16 17.78
C LEU Z 53 -28.33 -12.39 16.40
N SER Z 54 -27.60 -11.41 15.83
CA SER Z 54 -27.32 -11.38 14.43
C SER Z 54 -26.06 -12.18 14.18
N HIS Z 55 -24.93 -11.86 14.88
CA HIS Z 55 -23.65 -12.55 14.69
C HIS Z 55 -22.77 -12.31 15.88
N GLY Z 56 -23.30 -12.66 17.10
CA GLY Z 56 -22.59 -12.45 18.33
C GLY Z 56 -22.77 -11.02 18.82
N VAL Z 57 -23.61 -10.25 18.09
CA VAL Z 57 -24.02 -8.91 18.42
C VAL Z 57 -25.51 -9.02 18.51
N MET Z 58 -26.08 -8.53 19.62
CA MET Z 58 -27.45 -8.72 19.93
C MET Z 58 -28.06 -7.39 20.23
N THR Z 59 -29.22 -7.12 19.54
CA THR Z 59 -30.05 -5.98 19.83
C THR Z 59 -31.26 -6.64 20.44
N LEU Z 60 -31.73 -6.07 21.57
CA LEU Z 60 -32.87 -6.50 22.24
C LEU Z 60 -33.67 -5.30 22.53
N GLU Z 61 -34.76 -5.15 21.74
CA GLU Z 61 -35.63 -4.00 21.76
C GLU Z 61 -36.75 -4.42 22.68
N ILE Z 62 -36.73 -3.86 23.90
CA ILE Z 62 -37.68 -4.19 24.92
C ILE Z 62 -38.20 -2.89 25.52
N PRO Z 63 -39.45 -2.53 25.28
CA PRO Z 63 -40.08 -1.37 25.94
C PRO Z 63 -41.01 -1.92 26.98
N ALA Z 64 -40.47 -2.28 28.16
CA ALA Z 64 -41.22 -3.02 29.15
C ALA Z 64 -40.32 -3.05 30.33
N PHE Z 65 -39.02 -3.36 30.12
CA PHE Z 65 -38.05 -3.52 31.16
C PHE Z 65 -36.72 -3.23 30.52
N GLY Z 66 -35.63 -3.36 31.33
CA GLY Z 66 -34.26 -2.98 31.01
C GLY Z 66 -33.77 -3.16 29.59
N THR Z 67 -32.93 -2.21 29.13
CA THR Z 67 -32.53 -2.02 27.74
C THR Z 67 -31.03 -2.24 27.63
N TYR Z 68 -30.56 -3.30 28.33
CA TYR Z 68 -29.22 -3.82 28.27
C TYR Z 68 -28.90 -4.28 26.90
N VAL Z 69 -27.63 -4.21 26.51
CA VAL Z 69 -27.21 -4.69 25.22
C VAL Z 69 -26.02 -5.54 25.51
N ILE Z 70 -25.99 -6.70 24.87
CA ILE Z 70 -24.99 -7.72 25.07
C ILE Z 70 -24.33 -7.94 23.76
N ASN Z 71 -22.98 -7.94 23.82
CA ASN Z 71 -22.09 -7.87 22.70
C ASN Z 71 -20.90 -8.67 23.10
N LYS Z 72 -19.93 -8.84 22.21
CA LYS Z 72 -18.73 -9.56 22.53
C LYS Z 72 -17.59 -8.57 22.47
N GLN Z 73 -16.90 -8.33 23.60
CA GLN Z 73 -15.78 -7.45 23.68
C GLN Z 73 -14.61 -8.12 23.03
N PRO Z 74 -13.73 -7.46 22.22
CA PRO Z 74 -12.50 -8.05 21.69
C PRO Z 74 -11.55 -8.44 22.80
N PRO Z 75 -10.55 -9.28 22.54
CA PRO Z 75 -9.70 -9.87 23.55
C PRO Z 75 -9.17 -8.92 24.60
N ASN Z 76 -9.53 -9.16 25.90
CA ASN Z 76 -9.26 -8.33 27.07
C ASN Z 76 -10.62 -8.31 27.69
N LYS Z 77 -10.80 -9.18 28.70
CA LYS Z 77 -11.97 -9.40 29.49
C LYS Z 77 -13.16 -9.67 28.65
N GLN Z 78 -13.06 -10.72 27.79
CA GLN Z 78 -13.94 -11.01 26.66
C GLN Z 78 -15.37 -11.15 27.14
N ILE Z 79 -16.28 -10.54 26.33
CA ILE Z 79 -17.70 -10.38 26.49
C ILE Z 79 -17.94 -9.03 27.04
N TRP Z 80 -19.10 -8.42 26.66
CA TRP Z 80 -19.53 -7.18 27.19
C TRP Z 80 -21.01 -7.32 27.42
N LEU Z 81 -21.43 -6.82 28.62
CA LEU Z 81 -22.77 -6.61 28.98
C LEU Z 81 -22.76 -5.22 29.52
N ALA Z 82 -23.69 -4.33 29.09
CA ALA Z 82 -23.86 -3.06 29.66
C ALA Z 82 -25.27 -3.13 30.13
N SER Z 83 -25.50 -2.84 31.42
CA SER Z 83 -26.82 -2.82 32.03
C SER Z 83 -27.08 -1.34 32.30
N PRO Z 84 -28.14 -0.71 31.78
CA PRO Z 84 -28.30 0.73 31.84
C PRO Z 84 -28.64 1.20 33.26
N LEU Z 85 -28.94 0.28 34.22
CA LEU Z 85 -29.41 0.63 35.50
C LEU Z 85 -28.38 0.40 36.60
N SER Z 86 -27.14 0.01 36.21
CA SER Z 86 -26.09 -0.24 37.19
C SER Z 86 -24.73 -0.19 36.47
N GLY Z 87 -24.77 0.24 35.20
CA GLY Z 87 -23.62 0.50 34.40
C GLY Z 87 -23.03 -0.69 33.70
N PRO Z 88 -21.85 -0.48 33.08
CA PRO Z 88 -21.10 -1.44 32.28
C PRO Z 88 -20.25 -2.27 33.18
N ASN Z 89 -20.05 -3.55 32.81
CA ASN Z 89 -19.15 -4.43 33.56
C ASN Z 89 -18.58 -5.33 32.50
N ARG Z 90 -17.41 -5.93 32.81
CA ARG Z 90 -16.75 -6.88 31.94
C ARG Z 90 -16.41 -8.10 32.74
N PHE Z 91 -16.41 -9.27 32.08
CA PHE Z 91 -16.52 -10.55 32.75
C PHE Z 91 -15.43 -11.37 32.17
N ASP Z 92 -14.74 -12.17 33.04
CA ASP Z 92 -13.80 -13.18 32.68
C ASP Z 92 -14.10 -14.40 33.53
N LEU Z 93 -13.80 -15.63 33.04
CA LEU Z 93 -14.06 -16.87 33.77
C LEU Z 93 -13.35 -16.95 35.09
N LEU Z 94 -13.97 -17.64 36.08
CA LEU Z 94 -13.35 -17.96 37.34
C LEU Z 94 -14.04 -19.17 37.93
N ASN Z 95 -15.17 -19.64 37.37
CA ASN Z 95 -15.89 -20.74 37.98
C ASN Z 95 -16.57 -21.49 36.88
N GLY Z 96 -16.17 -21.25 35.60
CA GLY Z 96 -16.77 -21.98 34.49
C GLY Z 96 -18.06 -21.39 34.07
N GLU Z 97 -18.07 -20.05 34.12
CA GLU Z 97 -19.10 -19.20 33.56
C GLU Z 97 -18.43 -17.88 33.65
N TRP Z 98 -18.88 -16.85 32.89
CA TRP Z 98 -18.18 -15.58 32.85
C TRP Z 98 -18.55 -14.82 34.09
N VAL Z 99 -17.55 -14.28 34.83
CA VAL Z 99 -17.75 -13.77 36.15
C VAL Z 99 -17.16 -12.41 36.13
N SER Z 100 -17.87 -11.46 36.79
CA SER Z 100 -17.45 -10.09 36.84
C SER Z 100 -16.27 -9.96 37.73
N LEU Z 101 -15.26 -9.18 37.27
CA LEU Z 101 -14.08 -8.88 38.06
C LEU Z 101 -14.28 -7.50 38.63
N ARG Z 102 -15.55 -6.98 38.56
CA ARG Z 102 -15.91 -5.72 39.17
C ARG Z 102 -16.93 -5.98 40.24
N ASN Z 103 -17.41 -7.24 40.36
CA ASN Z 103 -18.43 -7.58 41.33
C ASN Z 103 -18.06 -8.87 41.95
N GLY Z 104 -18.02 -9.97 41.14
CA GLY Z 104 -17.82 -11.32 41.59
C GLY Z 104 -19.02 -12.18 41.32
N THR Z 105 -19.87 -11.77 40.34
CA THR Z 105 -21.16 -12.40 39.99
C THR Z 105 -21.20 -12.53 38.48
N LYS Z 106 -22.05 -13.47 37.97
CA LYS Z 106 -22.14 -13.85 36.59
C LYS Z 106 -23.20 -12.97 35.92
N LEU Z 107 -23.14 -12.96 34.57
CA LEU Z 107 -23.96 -12.17 33.70
C LEU Z 107 -25.34 -12.80 33.60
N THR Z 108 -25.38 -14.14 33.77
CA THR Z 108 -26.57 -14.95 33.87
C THR Z 108 -27.53 -14.44 34.94
N ASP Z 109 -26.94 -14.02 36.10
CA ASP Z 109 -27.64 -13.46 37.21
C ASP Z 109 -28.25 -12.12 36.95
N ILE Z 110 -27.56 -11.28 36.12
CA ILE Z 110 -28.05 -9.94 35.79
C ILE Z 110 -29.39 -10.04 35.08
N LEU Z 111 -29.51 -11.03 34.18
CA LEU Z 111 -30.73 -11.26 33.45
C LEU Z 111 -31.83 -11.66 34.41
N THR Z 112 -31.56 -12.63 35.29
CA THR Z 112 -32.48 -13.06 36.33
C THR Z 112 -33.22 -11.93 37.05
N GLU Z 113 -32.52 -11.02 37.76
CA GLU Z 113 -33.13 -9.88 38.47
C GLU Z 113 -33.98 -9.00 37.59
N GLU Z 114 -33.38 -8.46 36.47
CA GLU Z 114 -34.01 -7.40 35.72
C GLU Z 114 -35.23 -7.85 34.92
N VAL Z 115 -35.15 -9.06 34.31
CA VAL Z 115 -36.22 -9.63 33.54
C VAL Z 115 -37.37 -10.11 34.38
N GLU Z 116 -37.13 -10.84 35.48
CA GLU Z 116 -38.13 -11.51 36.26
C GLU Z 116 -38.96 -10.57 37.07
N LYS Z 117 -38.43 -9.38 37.44
CA LYS Z 117 -39.20 -8.28 38.00
C LYS Z 117 -40.28 -7.71 37.13
N ALA Z 118 -40.16 -7.96 35.81
CA ALA Z 118 -41.01 -7.40 34.82
C ALA Z 118 -42.26 -8.21 34.81
N ILE Z 119 -42.13 -9.58 34.87
CA ILE Z 119 -43.21 -10.52 34.97
C ILE Z 119 -44.18 -10.21 36.13
N SER Z 120 -43.60 -9.78 37.27
CA SER Z 120 -44.25 -9.42 38.50
C SER Z 120 -45.27 -8.33 38.31
N LYS Z 121 -44.83 -7.11 37.94
CA LYS Z 121 -45.72 -5.99 37.73
C LYS Z 121 -45.75 -5.69 36.24
N GLY AA 1 21.45 12.25 51.16
CA GLY AA 1 20.90 11.62 52.39
C GLY AA 1 21.64 11.89 53.64
N SER AA 2 21.20 11.25 54.75
CA SER AA 2 21.72 11.55 56.06
C SER AA 2 21.48 10.35 56.97
N HIS AA 3 21.97 10.42 58.24
CA HIS AA 3 21.83 9.35 59.22
C HIS AA 3 20.39 9.01 59.53
N MET AA 4 20.10 7.68 59.66
CA MET AA 4 18.81 7.14 59.86
C MET AA 4 18.14 7.52 61.17
N SER AA 5 18.75 7.54 62.41
CA SER AA 5 20.14 7.36 62.76
C SER AA 5 20.55 5.94 62.62
N SER AA 6 21.79 5.74 62.16
CA SER AA 6 22.42 4.44 62.14
C SER AA 6 23.50 4.46 63.20
N ILE AA 7 23.71 5.66 63.83
CA ILE AA 7 24.73 5.97 64.79
C ILE AA 7 24.52 5.13 66.04
N THR AA 8 23.26 4.96 66.44
CA THR AA 8 22.77 4.24 67.60
C THR AA 8 23.47 4.57 68.85
N LYS AA 9 23.46 5.88 69.18
CA LYS AA 9 23.90 6.38 70.46
C LYS AA 9 22.68 7.06 71.03
N ARG AA 10 22.26 6.81 72.30
CA ARG AA 10 22.95 6.10 73.33
C ARG AA 10 21.89 5.56 74.23
N LEU AA 11 22.33 4.76 75.22
CA LEU AA 11 21.58 4.04 76.24
C LEU AA 11 21.12 2.70 75.72
N TYR AA 12 21.64 2.28 74.54
CA TYR AA 12 21.53 0.93 74.02
C TYR AA 12 22.49 0.00 74.74
N HIS AA 13 23.79 0.39 75.05
CA HIS AA 13 24.60 1.47 74.57
C HIS AA 13 25.11 1.25 73.14
N PRO AA 14 25.61 0.11 72.66
CA PRO AA 14 25.98 -0.01 71.26
C PRO AA 14 24.83 -0.70 70.60
N LYS AA 15 24.66 -0.38 69.30
CA LYS AA 15 23.74 -1.00 68.35
C LYS AA 15 22.34 -1.24 68.87
N VAL AA 16 21.89 -2.52 68.94
CA VAL AA 16 20.52 -2.86 69.31
C VAL AA 16 20.55 -4.29 69.71
N ILE AA 17 21.72 -4.96 69.52
CA ILE AA 17 21.98 -6.30 69.93
C ILE AA 17 22.03 -6.34 71.44
N GLU AA 18 22.73 -5.37 72.06
CA GLU AA 18 22.92 -5.25 73.48
C GLU AA 18 21.69 -4.72 74.17
N HIS AA 19 20.80 -3.97 73.44
CA HIS AA 19 19.63 -3.32 74.00
C HIS AA 19 18.59 -4.29 74.47
N TYR AA 20 18.31 -5.36 73.71
CA TYR AA 20 17.34 -6.39 74.05
C TYR AA 20 18.00 -7.69 74.38
N THR AA 21 19.39 -7.74 74.35
CA THR AA 21 20.10 -8.92 74.84
C THR AA 21 21.38 -8.45 75.43
N HIS AA 22 21.46 -7.87 76.68
CA HIS AA 22 20.50 -7.67 77.74
C HIS AA 22 19.77 -8.94 78.18
N PRO AA 23 20.34 -9.95 78.83
CA PRO AA 23 21.69 -10.01 79.40
C PRO AA 23 22.70 -10.24 78.32
N ARG AA 24 23.95 -9.70 78.48
CA ARG AA 24 24.96 -9.91 77.44
C ARG AA 24 25.67 -11.23 77.66
N ASN AA 25 26.01 -11.98 76.57
CA ASN AA 25 25.73 -11.74 75.19
C ASN AA 25 24.48 -12.48 74.69
N VAL AA 26 23.75 -13.40 75.38
CA VAL AA 26 23.99 -14.16 76.61
C VAL AA 26 25.02 -15.23 76.39
N GLY AA 27 24.92 -15.94 75.23
CA GLY AA 27 25.72 -17.10 74.92
C GLY AA 27 25.06 -18.36 75.42
N SER AA 28 23.82 -18.21 75.95
CA SER AA 28 22.92 -19.31 76.25
C SER AA 28 21.52 -18.74 76.01
N LEU AA 29 21.43 -17.72 75.13
CA LEU AA 29 20.25 -17.00 74.83
C LEU AA 29 19.21 -17.85 74.16
N ASP AA 30 17.93 -17.65 74.54
CA ASP AA 30 16.81 -18.39 74.01
C ASP AA 30 15.63 -17.53 74.32
N LYS AA 31 14.50 -17.81 73.65
CA LYS AA 31 13.22 -17.15 73.86
C LYS AA 31 12.38 -18.19 74.58
N LYS AA 32 12.09 -17.94 75.87
CA LYS AA 32 11.37 -18.86 76.72
C LYS AA 32 10.73 -18.06 77.82
N LEU AA 33 9.70 -18.60 78.53
CA LEU AA 33 8.99 -19.87 78.32
C LEU AA 33 8.17 -19.78 77.06
N PRO AA 34 7.40 -18.77 76.67
CA PRO AA 34 6.59 -18.87 75.49
C PRO AA 34 7.38 -18.24 74.36
N ASN AA 35 6.82 -18.09 73.15
CA ASN AA 35 7.41 -17.38 72.04
C ASN AA 35 6.26 -16.56 71.52
N VAL AA 36 6.57 -15.59 70.62
CA VAL AA 36 5.59 -14.64 70.12
C VAL AA 36 4.99 -15.10 68.79
N GLY AA 37 5.49 -16.23 68.25
CA GLY AA 37 5.05 -16.86 67.03
C GLY AA 37 5.16 -16.00 65.80
N THR AA 38 4.20 -16.20 64.86
CA THR AA 38 4.08 -15.56 63.57
C THR AA 38 5.35 -15.68 62.76
N GLY AA 39 5.60 -14.78 61.75
CA GLY AA 39 6.80 -14.79 60.93
C GLY AA 39 8.06 -14.57 61.73
N LEU AA 40 9.11 -15.37 61.40
CA LEU AA 40 10.44 -15.30 61.95
C LEU AA 40 11.30 -15.57 60.77
N VAL AA 41 12.42 -14.81 60.67
CA VAL AA 41 13.44 -14.93 59.66
C VAL AA 41 14.68 -14.50 60.34
N GLY AA 42 15.85 -14.97 59.86
CA GLY AA 42 17.11 -14.62 60.45
C GLY AA 42 18.15 -15.19 59.58
N ALA AA 43 19.20 -14.39 59.35
CA ALA AA 43 20.30 -14.67 58.48
C ALA AA 43 21.50 -14.40 59.32
N PRO AA 44 22.13 -15.36 59.98
CA PRO AA 44 23.16 -15.08 60.98
C PRO AA 44 24.46 -14.87 60.23
N ALA AA 45 24.52 -15.14 58.90
CA ALA AA 45 25.68 -14.93 58.06
C ALA AA 45 25.61 -13.56 57.47
N CYS AA 46 24.49 -12.84 57.66
CA CYS AA 46 24.30 -11.47 57.26
C CYS AA 46 24.18 -10.63 58.48
N GLY AA 47 24.26 -11.26 59.70
CA GLY AA 47 24.39 -10.58 60.97
C GLY AA 47 23.09 -9.96 61.45
N ASP AA 48 21.93 -10.31 60.83
CA ASP AA 48 20.64 -9.68 61.19
C ASP AA 48 19.60 -10.72 61.45
N VAL AA 49 18.53 -10.33 62.20
CA VAL AA 49 17.42 -11.20 62.60
C VAL AA 49 16.26 -10.24 62.69
N MET AA 50 15.08 -10.68 62.19
CA MET AA 50 13.87 -9.84 62.24
C MET AA 50 12.73 -10.75 62.56
N ARG AA 51 11.77 -10.26 63.34
CA ARG AA 51 10.60 -11.00 63.73
C ARG AA 51 9.48 -10.02 63.66
N LEU AA 52 8.55 -10.18 62.70
CA LEU AA 52 7.43 -9.30 62.55
C LEU AA 52 6.26 -10.00 63.09
N GLN AA 53 5.51 -9.31 63.97
CA GLN AA 53 4.30 -9.79 64.56
C GLN AA 53 3.18 -8.91 64.10
N ILE AA 54 2.27 -9.46 63.24
CA ILE AA 54 1.01 -8.79 62.90
C ILE AA 54 -0.09 -9.26 63.85
N LYS AA 55 -1.06 -8.35 64.16
CA LYS AA 55 -2.33 -8.70 64.72
C LYS AA 55 -3.32 -8.23 63.70
N VAL AA 56 -4.35 -9.07 63.47
CA VAL AA 56 -5.26 -8.90 62.38
C VAL AA 56 -6.60 -9.13 62.96
N ASN AA 57 -7.54 -8.19 62.68
CA ASN AA 57 -8.93 -8.31 63.04
C ASN AA 57 -9.49 -8.79 61.77
N ASP AA 58 -10.04 -10.01 61.79
CA ASP AA 58 -10.51 -10.78 60.65
C ASP AA 58 -11.72 -10.15 60.08
N SER AA 59 -12.67 -9.74 60.97
CA SER AA 59 -13.91 -9.10 60.65
C SER AA 59 -13.75 -7.76 60.02
N THR AA 60 -12.86 -6.92 60.56
CA THR AA 60 -12.62 -5.61 60.04
C THR AA 60 -11.90 -5.69 58.71
N GLY AA 61 -10.89 -6.59 58.62
CA GLY AA 61 -10.04 -6.74 57.47
C GLY AA 61 -8.91 -5.79 57.56
N VAL AA 62 -8.51 -5.42 58.80
CA VAL AA 62 -7.55 -4.36 59.05
C VAL AA 62 -6.62 -4.90 60.08
N ILE AA 63 -5.35 -4.56 59.87
CA ILE AA 63 -4.23 -4.85 60.73
C ILE AA 63 -4.30 -3.91 61.92
N GLU AA 64 -4.66 -4.49 63.11
CA GLU AA 64 -4.81 -3.79 64.35
C GLU AA 64 -3.47 -3.23 64.81
N ASP AA 65 -2.40 -4.02 64.72
CA ASP AA 65 -1.13 -3.65 65.23
C ASP AA 65 -0.13 -4.45 64.44
N VAL AA 66 1.10 -3.89 64.39
CA VAL AA 66 2.25 -4.62 63.91
C VAL AA 66 3.41 -4.01 64.65
N LYS AA 67 4.17 -4.89 65.31
CA LYS AA 67 5.32 -4.58 66.06
C LYS AA 67 6.39 -5.40 65.43
N PHE AA 68 7.66 -5.03 65.71
CA PHE AA 68 8.80 -5.65 65.06
C PHE AA 68 9.80 -5.92 66.17
N LYS AA 69 10.74 -6.82 65.84
CA LYS AA 69 12.02 -6.96 66.49
C LYS AA 69 12.95 -6.78 65.34
N THR AA 70 13.99 -5.96 65.58
CA THR AA 70 15.05 -5.73 64.65
C THR AA 70 16.32 -5.96 65.41
N PHE AA 71 17.19 -6.81 64.86
CA PHE AA 71 18.54 -7.00 65.31
C PHE AA 71 19.35 -6.92 64.04
N GLY AA 72 20.49 -6.19 64.09
CA GLY AA 72 21.32 -6.00 62.93
C GLY AA 72 21.81 -4.59 62.93
N CYS AA 73 22.02 -4.00 61.72
CA CYS AA 73 22.50 -2.63 61.57
C CYS AA 73 21.49 -1.65 62.07
N GLY AA 74 21.95 -0.47 62.59
CA GLY AA 74 21.11 0.58 63.15
C GLY AA 74 20.13 1.16 62.16
N SER AA 75 20.55 1.18 60.89
CA SER AA 75 19.76 1.65 59.80
C SER AA 75 18.49 0.84 59.56
N ALA AA 76 18.57 -0.49 59.82
CA ALA AA 76 17.50 -1.44 59.60
C ALA AA 76 16.39 -1.17 60.53
N ILE AA 77 16.67 -0.64 61.76
CA ILE AA 77 15.68 -0.40 62.78
C ILE AA 77 14.67 0.63 62.32
N ALA AA 78 15.20 1.72 61.69
CA ALA AA 78 14.47 2.87 61.21
C ALA AA 78 13.49 2.55 60.10
N SER AA 79 13.85 1.56 59.24
CA SER AA 79 13.04 1.06 58.15
C SER AA 79 11.85 0.31 58.68
N SER AA 80 12.08 -0.60 59.66
CA SER AA 80 11.14 -1.46 60.36
C SER AA 80 10.12 -0.61 61.03
N SER AA 81 10.57 0.48 61.71
CA SER AA 81 9.73 1.45 62.34
C SER AA 81 8.74 2.07 61.37
N TYR AA 82 9.24 2.60 60.23
CA TYR AA 82 8.40 3.36 59.27
C TYR AA 82 7.37 2.54 58.55
N MET AA 83 7.67 1.27 58.17
CA MET AA 83 6.74 0.38 57.55
C MET AA 83 5.62 0.00 58.49
N THR AA 84 5.93 -0.33 59.78
CA THR AA 84 4.99 -0.72 60.78
C THR AA 84 4.02 0.41 61.10
N GLU AA 85 4.49 1.67 61.11
CA GLU AA 85 3.64 2.85 61.21
C GLU AA 85 2.54 2.90 60.15
N LEU AA 86 2.92 2.75 58.85
CA LEU AA 86 2.01 2.79 57.69
C LEU AA 86 1.04 1.70 57.74
N VAL AA 87 1.54 0.46 57.95
CA VAL AA 87 0.77 -0.78 57.87
C VAL AA 87 -0.36 -0.76 58.87
N GLN AA 88 -0.11 -0.20 60.10
CA GLN AA 88 -1.12 -0.03 61.14
C GLN AA 88 -2.22 0.90 60.64
N GLY AA 89 -3.48 0.53 60.96
CA GLY AA 89 -4.66 1.31 60.59
C GLY AA 89 -5.06 1.08 59.16
N MET AA 90 -4.42 0.11 58.48
CA MET AA 90 -4.63 -0.17 57.08
C MET AA 90 -4.90 -1.64 56.91
N THR AA 91 -5.43 -1.94 55.71
CA THR AA 91 -5.89 -3.21 55.22
C THR AA 91 -4.79 -4.21 55.08
N LEU AA 92 -5.16 -5.51 55.03
CA LEU AA 92 -4.25 -6.60 54.85
C LEU AA 92 -3.47 -6.47 53.61
N ASP AA 93 -4.08 -5.89 52.53
CA ASP AA 93 -3.48 -5.69 51.24
C ASP AA 93 -2.27 -4.82 51.27
N ASP AA 94 -2.25 -3.74 52.12
CA ASP AA 94 -1.12 -2.81 52.20
C ASP AA 94 0.12 -3.57 52.67
N ALA AA 95 -0.03 -4.42 53.70
CA ALA AA 95 0.95 -5.39 54.17
C ALA AA 95 1.33 -6.46 53.19
N ALA AA 96 0.47 -6.84 52.23
CA ALA AA 96 0.83 -7.90 51.32
C ALA AA 96 1.81 -7.41 50.29
N LYS AA 97 3.04 -7.98 50.37
CA LYS AA 97 4.17 -7.77 49.51
C LYS AA 97 4.74 -6.43 49.85
N ILE AA 98 5.47 -6.30 51.00
CA ILE AA 98 6.12 -5.08 51.33
C ILE AA 98 7.46 -5.23 50.69
N LYS AA 99 7.59 -4.62 49.49
CA LYS AA 99 8.79 -4.45 48.65
C LYS AA 99 10.05 -4.20 49.45
N ASN AA 100 11.27 -4.70 49.18
CA ASN AA 100 11.91 -5.28 48.02
C ASN AA 100 12.69 -4.13 47.46
N THR AA 101 11.99 -3.05 47.09
CA THR AA 101 12.62 -1.81 46.84
C THR AA 101 12.42 -0.87 47.99
N GLU AA 102 11.19 -0.70 48.56
CA GLU AA 102 10.97 0.34 49.55
C GLU AA 102 11.65 0.25 50.92
N ILE AA 103 11.65 -0.96 51.56
CA ILE AA 103 12.27 -1.17 52.87
C ILE AA 103 13.74 -0.93 52.76
N ALA AA 104 14.35 -1.44 51.67
CA ALA AA 104 15.73 -1.32 51.27
C ALA AA 104 16.14 0.09 50.98
N LYS AA 105 15.23 0.85 50.31
CA LYS AA 105 15.35 2.26 49.93
C LYS AA 105 15.50 3.09 51.15
N GLU AA 106 14.64 2.85 52.16
CA GLU AA 106 14.60 3.54 53.42
C GLU AA 106 15.86 3.36 54.21
N LEU AA 107 16.36 2.10 54.24
CA LEU AA 107 17.62 1.76 54.91
C LEU AA 107 18.83 2.43 54.33
N SER AA 108 18.97 2.48 52.99
CA SER AA 108 20.00 3.28 52.33
C SER AA 108 19.54 3.60 50.94
N LEU AA 109 19.49 2.59 50.05
CA LEU AA 109 18.95 2.67 48.72
C LEU AA 109 18.57 1.23 48.32
N PRO AA 110 17.77 0.89 47.34
CA PRO AA 110 17.32 -0.49 47.11
C PRO AA 110 18.28 -1.48 46.51
N PRO AA 111 19.10 -1.34 45.44
CA PRO AA 111 19.92 -2.41 44.90
C PRO AA 111 19.46 -3.85 44.89
N VAL AA 112 18.25 -4.14 44.31
CA VAL AA 112 17.69 -5.47 44.20
C VAL AA 112 17.51 -6.14 45.56
N LYS AA 113 17.02 -5.36 46.58
CA LYS AA 113 16.79 -5.77 47.98
C LYS AA 113 18.07 -5.76 48.77
N LEU AA 114 19.11 -5.13 48.17
CA LEU AA 114 20.44 -4.95 48.68
C LEU AA 114 21.09 -6.32 48.85
N HIS AA 115 21.94 -6.55 49.87
CA HIS AA 115 22.65 -7.80 49.99
C HIS AA 115 22.40 -8.34 51.36
N CYS AA 116 21.17 -8.89 51.55
CA CYS AA 116 20.62 -9.48 52.77
C CYS AA 116 20.75 -8.59 53.95
N SER AA 117 20.41 -7.30 53.74
CA SER AA 117 20.36 -6.28 54.77
C SER AA 117 18.94 -6.15 55.24
N MET AA 118 17.99 -6.77 54.50
CA MET AA 118 16.58 -6.80 54.80
C MET AA 118 16.05 -8.16 54.52
N LEU AA 119 15.49 -8.75 55.59
CA LEU AA 119 14.85 -10.03 55.64
C LEU AA 119 13.36 -9.87 55.63
N ALA AA 120 12.85 -8.59 55.75
CA ALA AA 120 11.51 -8.19 56.09
C ALA AA 120 10.45 -8.67 55.18
N GLU AA 121 10.73 -8.88 53.88
CA GLU AA 121 9.76 -9.38 52.92
C GLU AA 121 9.34 -10.77 53.29
N ASP AA 122 10.33 -11.66 53.52
CA ASP AA 122 10.09 -13.06 53.90
C ASP AA 122 9.37 -13.10 55.22
N ALA AA 123 9.68 -12.17 56.18
CA ALA AA 123 9.07 -12.12 57.48
C ALA AA 123 7.58 -11.81 57.39
N ILE AA 124 7.16 -10.75 56.69
CA ILE AA 124 5.78 -10.27 56.54
C ILE AA 124 4.92 -11.29 55.83
N LYS AA 125 5.46 -11.89 54.73
CA LYS AA 125 4.79 -12.91 53.97
C LYS AA 125 4.46 -14.10 54.79
N ALA AA 126 5.44 -14.58 55.63
CA ALA AA 126 5.30 -15.71 56.53
C ALA AA 126 4.17 -15.47 57.51
N ALA AA 127 4.13 -14.25 58.10
CA ALA AA 127 3.15 -13.83 59.08
C ALA AA 127 1.75 -13.81 58.54
N ILE AA 128 1.55 -13.29 57.30
CA ILE AA 128 0.25 -13.14 56.66
C ILE AA 128 -0.25 -14.47 56.20
N LYS AA 129 0.64 -15.38 55.77
CA LYS AA 129 0.34 -16.76 55.42
C LYS AA 129 -0.14 -17.58 56.58
N ASP AA 130 0.52 -17.43 57.74
CA ASP AA 130 0.13 -18.02 59.03
C ASP AA 130 -1.29 -17.63 59.39
N TYR AA 131 -1.57 -16.31 59.27
CA TYR AA 131 -2.87 -15.71 59.47
C TYR AA 131 -3.92 -16.26 58.54
N LYS AA 132 -3.55 -16.42 57.22
CA LYS AA 132 -4.42 -16.97 56.20
C LYS AA 132 -4.88 -18.39 56.56
N SER AA 133 -3.99 -19.21 57.13
CA SER AA 133 -4.28 -20.55 57.61
C SER AA 133 -5.31 -20.56 58.71
N LYS AA 134 -5.12 -19.67 59.72
CA LYS AA 134 -5.98 -19.44 60.86
C LYS AA 134 -7.33 -18.88 60.51
N ARG AA 135 -7.40 -18.09 59.43
CA ARG AA 135 -8.54 -17.50 58.83
C ARG AA 135 -9.23 -18.48 57.91
N ASN AA 136 -8.58 -19.61 57.56
CA ASN AA 136 -9.13 -20.73 56.79
C ASN AA 136 -9.43 -20.33 55.36
N THR AA 137 -8.41 -19.79 54.67
CA THR AA 137 -8.52 -19.41 53.31
C THR AA 137 -7.26 -19.89 52.57
N PRO AA 138 -7.20 -21.11 52.00
CA PRO AA 138 -5.97 -21.63 51.45
C PRO AA 138 -5.97 -21.51 49.94
N THR AA 139 -7.12 -21.23 49.30
CA THR AA 139 -7.36 -21.15 47.86
C THR AA 139 -6.77 -19.90 47.25
N MET AA 140 -6.85 -18.79 47.99
CA MET AA 140 -6.32 -17.52 47.56
C MET AA 140 -4.88 -17.39 48.01
N LEU AA 141 -4.41 -18.24 48.97
CA LEU AA 141 -3.06 -18.32 49.46
C LEU AA 141 -2.17 -18.82 48.33
N SER AA 142 -2.65 -19.84 47.61
CA SER AA 142 -2.04 -20.42 46.45
C SER AA 142 -2.45 -19.68 45.18
N VAL BA 1 -31.37 11.92 44.51
CA VAL BA 1 -32.69 11.64 43.82
C VAL BA 1 -32.39 10.80 42.63
N GLU BA 2 -31.89 11.40 41.54
CA GLU BA 2 -31.45 10.63 40.39
C GLU BA 2 -30.30 11.44 39.83
N SER BA 3 -29.39 10.72 39.13
CA SER BA 3 -28.22 11.21 38.42
C SER BA 3 -27.11 11.68 39.36
N SER BA 4 -25.80 11.59 38.98
CA SER BA 4 -25.30 10.89 37.81
C SER BA 4 -24.84 9.52 38.19
N THR BA 5 -25.31 8.99 39.34
CA THR BA 5 -25.11 7.68 39.92
C THR BA 5 -23.71 7.46 40.41
N ASP BA 6 -23.47 6.61 41.43
CA ASP BA 6 -24.34 5.90 42.32
C ASP BA 6 -24.34 6.68 43.63
N GLY BA 7 -23.20 7.32 43.97
CA GLY BA 7 -22.99 8.01 45.23
C GLY BA 7 -23.65 9.37 45.27
N GLN BA 8 -24.27 9.78 44.15
CA GLN BA 8 -24.81 11.13 43.95
C GLN BA 8 -26.32 10.99 43.89
N VAL BA 9 -26.85 9.79 44.26
CA VAL BA 9 -28.28 9.45 44.24
C VAL BA 9 -28.68 9.34 45.71
N VAL BA 10 -27.70 8.86 46.54
CA VAL BA 10 -27.90 8.67 47.94
C VAL BA 10 -27.77 9.96 48.69
N PRO BA 11 -28.21 10.11 49.96
CA PRO BA 11 -28.08 11.35 50.73
C PRO BA 11 -26.65 11.67 51.08
N GLN BA 12 -25.79 10.63 51.06
CA GLN BA 12 -24.43 10.60 51.54
C GLN BA 12 -24.38 10.77 53.03
N GLU BA 13 -25.25 10.02 53.73
CA GLU BA 13 -25.09 9.72 55.13
C GLU BA 13 -25.02 8.25 55.22
N VAL BA 14 -24.77 7.60 54.07
CA VAL BA 14 -24.68 6.19 53.93
C VAL BA 14 -23.43 5.97 53.12
N LEU BA 15 -22.61 7.07 52.97
CA LEU BA 15 -21.33 7.09 52.26
C LEU BA 15 -20.32 6.19 52.92
N ASN BA 16 -20.39 6.16 54.28
CA ASN BA 16 -19.56 5.33 55.14
C ASN BA 16 -19.87 3.84 54.99
N LEU BA 17 -21.20 3.52 54.94
CA LEU BA 17 -21.72 2.19 54.74
C LEU BA 17 -21.41 1.77 53.30
N PRO BA 18 -21.31 0.49 52.99
CA PRO BA 18 -20.91 -0.01 51.67
C PRO BA 18 -21.91 0.30 50.62
N LEU BA 19 -21.41 0.69 49.44
CA LEU BA 19 -22.21 0.97 48.27
C LEU BA 19 -21.34 0.60 47.13
N GLU BA 20 -21.99 0.19 46.02
CA GLU BA 20 -21.36 -0.20 44.80
C GLU BA 20 -20.61 0.95 44.22
N LYS BA 21 -19.36 0.69 43.66
CA LYS BA 21 -18.52 1.74 43.13
C LYS BA 21 -19.14 2.28 41.87
N ALA BA 22 -19.67 1.34 41.00
CA ALA BA 22 -20.45 1.59 39.79
C ALA BA 22 -19.81 2.54 38.81
N HIS BA 23 -18.54 2.23 38.41
CA HIS BA 23 -17.81 3.00 37.43
C HIS BA 23 -18.44 2.80 36.06
N GLU BA 24 -18.57 3.94 35.32
CA GLU BA 24 -19.08 3.99 33.99
C GLU BA 24 -18.23 5.07 33.34
N GLU BA 25 -17.58 4.86 32.17
CA GLU BA 25 -17.57 3.64 31.38
C GLU BA 25 -16.67 2.59 32.02
N ALA BA 26 -15.57 3.05 32.61
CA ALA BA 26 -14.46 2.30 33.18
C ALA BA 26 -13.21 2.99 32.70
N ASP BA 27 -13.41 4.04 31.86
CA ASP BA 27 -12.44 5.01 31.49
C ASP BA 27 -12.06 5.75 32.74
N ASP BA 28 -13.10 6.03 33.61
CA ASP BA 28 -13.00 6.57 34.95
C ASP BA 28 -11.94 5.97 35.84
N TYR BA 29 -11.63 4.66 35.69
CA TYR BA 29 -10.57 4.00 36.46
C TYR BA 29 -9.21 4.62 36.19
N LEU BA 30 -8.94 4.94 34.92
CA LEU BA 30 -7.75 5.60 34.47
C LEU BA 30 -7.61 7.03 35.00
N ASP BA 31 -8.73 7.79 35.08
CA ASP BA 31 -8.75 9.12 35.65
C ASP BA 31 -8.42 9.10 37.13
N HIS BA 32 -8.94 8.10 37.88
CA HIS BA 32 -8.71 7.84 39.26
C HIS BA 32 -7.26 7.55 39.48
N LEU BA 33 -6.65 6.72 38.60
CA LEU BA 33 -5.25 6.35 38.60
C LEU BA 33 -4.37 7.56 38.40
N LEU BA 34 -4.76 8.46 37.47
CA LEU BA 34 -4.12 9.73 37.17
C LEU BA 34 -4.14 10.70 38.33
N ASP BA 35 -5.27 10.78 39.08
CA ASP BA 35 -5.37 11.61 40.28
C ASP BA 35 -4.47 11.12 41.35
N SER BA 36 -4.40 9.77 41.50
CA SER BA 36 -3.49 9.13 42.43
C SER BA 36 -2.05 9.39 42.09
N LEU BA 37 -1.67 9.36 40.78
CA LEU BA 37 -0.32 9.62 40.26
C LEU BA 37 0.13 11.02 40.54
N GLU BA 38 -0.79 12.03 40.39
CA GLU BA 38 -0.59 13.41 40.71
C GLU BA 38 -0.33 13.58 42.18
N GLU BA 39 -1.08 12.81 43.05
CA GLU BA 39 -0.91 12.78 44.49
C GLU BA 39 0.48 12.26 44.83
N LEU BA 40 1.02 11.22 44.12
CA LEU BA 40 2.40 10.72 44.27
C LEU BA 40 3.40 11.79 43.89
N SER BA 41 3.03 12.54 42.79
CA SER BA 41 3.92 13.46 42.10
C SER BA 41 4.45 14.57 42.92
N GLU BA 42 3.66 15.22 43.80
CA GLU BA 42 4.11 16.25 44.70
C GLU BA 42 3.48 16.05 46.06
N ALA BA 43 4.00 16.81 47.08
CA ALA BA 43 3.81 16.71 48.53
C ALA BA 43 5.21 16.40 49.06
N HIS BA 44 6.25 16.77 48.29
CA HIS BA 44 7.60 16.62 48.69
C HIS BA 44 8.37 17.75 48.03
N PRO BA 45 9.59 18.08 48.49
CA PRO BA 45 10.28 19.25 48.00
C PRO BA 45 11.43 18.91 47.08
N ASP BA 46 11.81 17.62 46.89
CA ASP BA 46 12.97 17.29 46.07
C ASP BA 46 12.69 16.00 45.33
N CYS BA 47 11.64 15.24 45.65
CA CYS BA 47 11.30 14.01 44.96
C CYS BA 47 10.45 14.33 43.76
N ILE BA 48 10.23 13.33 42.87
CA ILE BA 48 9.57 13.31 41.58
C ILE BA 48 9.75 14.61 40.86
N PRO BA 49 10.90 14.93 40.28
CA PRO BA 49 11.23 16.30 39.87
C PRO BA 49 10.40 16.81 38.74
N ASP BA 50 9.92 15.93 37.85
CA ASP BA 50 9.15 16.29 36.70
C ASP BA 50 8.24 15.16 36.39
N VAL BA 51 6.98 15.48 36.06
CA VAL BA 51 6.02 14.57 35.46
C VAL BA 51 5.90 15.09 34.06
N GLU BA 52 6.01 14.17 33.10
CA GLU BA 52 5.85 14.42 31.71
C GLU BA 52 4.59 13.74 31.38
N LEU BA 53 3.69 14.47 30.74
CA LEU BA 53 2.39 13.96 30.35
C LEU BA 53 2.28 14.47 28.95
N SER BA 54 1.87 13.59 28.03
CA SER BA 54 1.89 13.82 26.62
C SER BA 54 0.85 12.89 26.08
N HIS BA 55 0.46 13.15 24.82
CA HIS BA 55 -0.56 12.43 24.12
C HIS BA 55 -0.19 10.98 23.94
N GLY BA 56 -0.73 10.14 24.81
CA GLY BA 56 -0.58 8.71 24.85
C GLY BA 56 0.77 8.22 25.36
N VAL BA 57 1.64 9.11 25.83
CA VAL BA 57 2.96 8.80 26.30
C VAL BA 57 3.11 9.53 27.59
N MET BA 58 3.48 8.79 28.65
CA MET BA 58 3.68 9.29 29.99
C MET BA 58 5.00 8.79 30.44
N THR BA 59 5.92 9.73 30.79
CA THR BA 59 7.22 9.45 31.34
C THR BA 59 7.16 10.01 32.75
N LEU BA 60 7.72 9.30 33.77
CA LEU BA 60 7.68 9.77 35.13
C LEU BA 60 9.04 9.63 35.71
N GLU BA 61 9.75 10.79 35.81
CA GLU BA 61 11.05 10.89 36.44
C GLU BA 61 10.92 10.63 37.91
N ILE BA 62 11.71 9.66 38.39
CA ILE BA 62 11.59 9.17 39.73
C ILE BA 62 13.00 9.24 40.24
N PRO BA 63 13.25 9.84 41.44
CA PRO BA 63 14.60 10.13 41.99
C PRO BA 63 15.58 8.96 42.08
N ALA BA 64 16.86 9.28 42.39
CA ALA BA 64 17.92 8.35 42.47
C ALA BA 64 17.65 7.30 43.55
N PHE BA 65 17.50 6.05 43.09
CA PHE BA 65 17.16 4.86 43.79
C PHE BA 65 16.64 3.97 42.77
N GLY BA 66 15.97 4.49 41.73
CA GLY BA 66 15.50 3.68 40.68
C GLY BA 66 14.43 4.46 39.97
N THR BA 67 13.65 3.75 39.13
CA THR BA 67 12.55 4.33 38.38
C THR BA 67 11.69 3.15 37.98
N TYR BA 68 10.43 3.44 37.71
CA TYR BA 68 9.41 2.45 37.37
C TYR BA 68 8.73 3.15 36.21
N VAL BA 69 7.91 2.40 35.45
CA VAL BA 69 7.18 2.96 34.35
C VAL BA 69 5.76 2.66 34.63
N ILE BA 70 4.87 3.68 34.46
CA ILE BA 70 3.47 3.49 34.70
C ILE BA 70 2.85 3.91 33.41
N ASN BA 71 2.39 2.92 32.66
CA ASN BA 71 1.74 3.06 31.37
C ASN BA 71 0.96 1.79 31.23
N LYS BA 72 -0.11 1.87 30.40
CA LYS BA 72 -0.80 0.68 29.97
C LYS BA 72 0.02 -0.04 28.92
N GLN BA 73 -0.14 -1.37 28.79
CA GLN BA 73 0.61 -2.18 27.85
C GLN BA 73 -0.43 -3.06 27.21
N PRO BA 74 -0.22 -3.56 25.97
CA PRO BA 74 -1.24 -4.05 25.03
C PRO BA 74 -2.32 -4.95 25.62
N PRO BA 75 -3.58 -4.89 25.19
CA PRO BA 75 -4.73 -5.59 25.74
C PRO BA 75 -4.52 -6.90 26.54
N ASN BA 76 -5.12 -7.01 27.75
CA ASN BA 76 -4.93 -8.04 28.76
C ASN BA 76 -3.61 -7.80 29.50
N LYS BA 77 -3.71 -7.84 30.87
CA LYS BA 77 -2.66 -7.58 31.81
C LYS BA 77 -2.24 -6.15 31.77
N GLN BA 78 -3.25 -5.26 31.66
CA GLN BA 78 -3.17 -3.84 31.53
C GLN BA 78 -2.55 -3.20 32.76
N ILE BA 79 -1.85 -2.03 32.56
CA ILE BA 79 -1.17 -1.26 33.55
C ILE BA 79 -0.05 -2.07 34.17
N TRP BA 80 0.81 -2.65 33.30
CA TRP BA 80 1.97 -3.45 33.65
C TRP BA 80 3.06 -2.50 34.12
N LEU BA 81 3.88 -2.92 35.12
CA LEU BA 81 4.96 -2.08 35.61
C LEU BA 81 6.19 -2.88 35.36
N ALA BA 82 7.22 -2.20 34.79
CA ALA BA 82 8.51 -2.80 34.53
C ALA BA 82 9.44 -2.15 35.52
N SER BA 83 9.73 -2.83 36.65
CA SER BA 83 10.73 -2.34 37.62
C SER BA 83 11.98 -3.13 37.28
N PRO BA 84 13.17 -2.55 37.30
CA PRO BA 84 14.38 -3.32 37.06
C PRO BA 84 15.01 -3.76 38.40
N LEU BA 85 14.31 -3.50 39.57
CA LEU BA 85 14.87 -3.75 40.85
C LEU BA 85 13.93 -4.52 41.72
N SER BA 86 12.84 -5.05 41.14
CA SER BA 86 11.86 -5.85 41.84
C SER BA 86 11.11 -6.66 40.82
N GLY BA 87 11.63 -6.64 39.59
CA GLY BA 87 11.14 -7.37 38.44
C GLY BA 87 9.85 -6.78 37.86
N PRO BA 88 9.36 -7.36 36.74
CA PRO BA 88 8.13 -6.96 36.09
C PRO BA 88 6.98 -7.60 36.77
N ASN BA 89 5.81 -6.93 36.76
CA ASN BA 89 4.61 -7.49 37.34
C ASN BA 89 3.46 -7.11 36.50
N ARG BA 90 2.39 -7.92 36.63
CA ARG BA 90 1.18 -7.88 35.85
C ARG BA 90 0.05 -7.58 36.75
N PHE BA 91 -1.01 -6.91 36.21
CA PHE BA 91 -2.14 -6.43 36.98
C PHE BA 91 -3.38 -6.61 36.12
N ASP BA 92 -4.49 -6.99 36.77
CA ASP BA 92 -5.81 -7.02 36.13
C ASP BA 92 -6.77 -6.90 37.26
N LEU BA 93 -7.99 -6.38 37.03
CA LEU BA 93 -9.03 -6.23 38.04
C LEU BA 93 -9.42 -7.55 38.68
N LEU BA 94 -9.85 -7.56 39.96
CA LEU BA 94 -10.38 -8.75 40.58
C LEU BA 94 -11.58 -8.39 41.40
N ASN BA 95 -11.71 -7.11 41.78
CA ASN BA 95 -12.86 -6.64 42.46
C ASN BA 95 -12.99 -5.15 42.44
N GLY BA 96 -13.06 -4.59 41.22
CA GLY BA 96 -13.33 -3.20 41.01
C GLY BA 96 -12.13 -2.33 41.14
N GLU BA 97 -10.95 -2.92 41.31
CA GLU BA 97 -9.75 -2.18 41.43
C GLU BA 97 -8.76 -3.15 40.95
N TRP BA 98 -7.61 -2.65 40.45
CA TRP BA 98 -6.54 -3.44 39.89
C TRP BA 98 -5.82 -4.20 40.97
N VAL BA 99 -5.50 -5.46 40.69
CA VAL BA 99 -4.86 -6.29 41.67
C VAL BA 99 -3.84 -7.04 40.93
N SER BA 100 -2.65 -7.14 41.49
CA SER BA 100 -1.57 -8.00 40.94
C SER BA 100 -2.03 -9.43 41.00
N LEU BA 101 -1.70 -10.20 39.94
CA LEU BA 101 -2.17 -11.56 39.79
C LEU BA 101 -1.02 -12.43 40.24
N ARG BA 102 -0.06 -11.85 40.98
CA ARG BA 102 1.17 -12.47 41.37
C ARG BA 102 1.36 -12.23 42.83
N ASN BA 103 2.58 -11.83 43.28
CA ASN BA 103 2.93 -11.63 44.65
C ASN BA 103 2.16 -10.51 45.31
N GLY BA 104 2.02 -9.38 44.56
CA GLY BA 104 1.42 -8.16 45.05
C GLY BA 104 -0.04 -8.27 45.19
N THR BA 105 -0.68 -7.12 45.56
CA THR BA 105 -2.11 -6.96 45.64
C THR BA 105 -2.40 -5.67 44.92
N LYS BA 106 -3.21 -4.77 45.54
CA LYS BA 106 -3.74 -3.58 44.91
C LYS BA 106 -2.65 -2.62 44.46
N LEU BA 107 -2.77 -2.08 43.23
CA LEU BA 107 -1.81 -1.21 42.59
C LEU BA 107 -1.70 0.06 43.38
N THR BA 108 -2.84 0.57 43.90
CA THR BA 108 -2.97 1.82 44.56
C THR BA 108 -2.15 1.86 45.81
N ASP BA 109 -2.11 0.78 46.62
CA ASP BA 109 -1.28 0.66 47.79
C ASP BA 109 0.19 0.49 47.49
N ILE BA 110 0.58 -0.23 46.41
CA ILE BA 110 1.98 -0.42 46.01
C ILE BA 110 2.61 0.92 45.66
N LEU BA 111 1.85 1.79 44.96
CA LEU BA 111 2.34 3.10 44.58
C LEU BA 111 2.48 4.05 45.73
N THR BA 112 1.44 4.22 46.58
CA THR BA 112 1.41 5.00 47.80
C THR BA 112 2.60 4.77 48.67
N GLU BA 113 2.79 3.51 49.15
CA GLU BA 113 3.86 3.11 50.05
C GLU BA 113 5.24 3.41 49.58
N GLU BA 114 5.60 3.03 48.35
CA GLU BA 114 6.94 3.28 47.82
C GLU BA 114 7.25 4.73 47.64
N VAL BA 115 6.29 5.58 47.15
CA VAL BA 115 6.56 6.99 46.98
C VAL BA 115 6.83 7.71 48.29
N GLU BA 116 6.04 7.40 49.35
CA GLU BA 116 6.15 8.03 50.68
C GLU BA 116 7.46 7.68 51.34
N LYS BA 117 7.95 6.44 51.13
CA LYS BA 117 9.20 5.92 51.63
C LYS BA 117 10.32 6.74 51.06
N ALA BA 118 10.24 7.14 49.77
CA ALA BA 118 11.28 7.93 49.13
C ALA BA 118 11.40 9.30 49.79
N ILE BA 119 10.25 9.99 50.06
CA ILE BA 119 10.19 11.31 50.69
C ILE BA 119 10.88 11.34 52.00
N SER BA 120 10.71 10.27 52.84
CA SER BA 120 11.39 10.12 54.11
C SER BA 120 12.89 10.02 53.96
N LYS BA 121 13.36 8.99 53.24
CA LYS BA 121 14.75 8.76 53.01
C LYS BA 121 14.89 8.13 51.63
N GLY CA 1 -1.88 -50.60 28.84
CA GLY CA 1 -2.41 -51.97 29.16
C GLY CA 1 -1.41 -52.70 30.02
N SER CA 2 -1.81 -53.09 31.25
CA SER CA 2 -1.00 -53.82 32.19
C SER CA 2 -1.99 -54.53 33.08
N HIS CA 3 -1.50 -55.42 33.93
CA HIS CA 3 -2.31 -56.17 34.83
C HIS CA 3 -1.78 -55.90 36.20
N MET CA 4 -2.66 -55.48 37.18
CA MET CA 4 -2.25 -55.13 38.53
C MET CA 4 -2.19 -56.34 39.42
N SER CA 5 -2.96 -57.45 39.32
CA SER CA 5 -3.96 -57.91 38.37
C SER CA 5 -5.18 -57.08 38.31
N SER CA 6 -5.81 -57.03 37.10
CA SER CA 6 -7.07 -56.37 36.87
C SER CA 6 -8.20 -57.37 36.94
N ILE CA 7 -7.86 -58.63 37.29
CA ILE CA 7 -8.79 -59.73 37.58
C ILE CA 7 -8.70 -59.92 39.07
N THR CA 8 -7.61 -59.39 39.66
CA THR CA 8 -7.26 -59.43 41.06
C THR CA 8 -7.23 -60.85 41.61
N LYS CA 9 -6.50 -61.73 40.85
CA LYS CA 9 -6.23 -63.09 41.16
C LYS CA 9 -5.51 -63.20 42.50
N ARG CA 10 -5.88 -64.14 43.42
CA ARG CA 10 -6.80 -65.24 43.25
C ARG CA 10 -7.31 -65.51 44.63
N LEU CA 11 -8.50 -66.17 44.69
CA LEU CA 11 -9.28 -66.50 45.87
C LEU CA 11 -9.99 -65.30 46.40
N TYR CA 12 -10.01 -64.18 45.64
CA TYR CA 12 -10.80 -62.97 45.89
C TYR CA 12 -12.30 -63.29 45.78
N HIS CA 13 -12.82 -64.00 44.73
CA HIS CA 13 -12.23 -64.44 43.48
C HIS CA 13 -12.75 -63.61 42.33
N PRO CA 14 -13.99 -63.06 42.25
CA PRO CA 14 -14.38 -62.23 41.14
C PRO CA 14 -14.14 -60.81 41.58
N LYS CA 15 -13.03 -60.22 41.02
CA LYS CA 15 -12.70 -58.85 41.09
C LYS CA 15 -12.49 -58.38 42.50
N VAL CA 16 -12.62 -57.03 42.78
CA VAL CA 16 -12.50 -56.42 44.06
C VAL CA 16 -13.87 -56.26 44.70
N ILE CA 17 -14.96 -56.64 43.97
CA ILE CA 17 -16.30 -56.56 44.51
C ILE CA 17 -16.49 -57.53 45.65
N GLU CA 18 -16.11 -58.82 45.43
CA GLU CA 18 -16.27 -59.91 46.39
C GLU CA 18 -15.22 -59.86 47.47
N HIS CA 19 -14.11 -59.11 47.22
CA HIS CA 19 -13.01 -58.93 48.14
C HIS CA 19 -13.49 -58.24 49.43
N TYR CA 20 -14.46 -57.28 49.29
CA TYR CA 20 -14.94 -56.49 50.38
C TYR CA 20 -16.41 -56.71 50.60
N THR CA 21 -16.98 -57.75 49.95
CA THR CA 21 -18.37 -58.16 50.05
C THR CA 21 -18.39 -59.66 49.83
N HIS CA 22 -17.89 -60.53 50.74
CA HIS CA 22 -17.29 -60.43 52.05
C HIS CA 22 -17.95 -59.45 53.00
N PRO CA 23 -19.18 -59.70 53.50
CA PRO CA 23 -19.90 -60.97 53.46
C PRO CA 23 -20.73 -61.04 52.18
N ARG CA 24 -20.94 -62.27 51.66
CA ARG CA 24 -21.74 -62.51 50.48
C ARG CA 24 -23.04 -63.16 50.93
N ASN CA 25 -24.25 -62.75 50.41
CA ASN CA 25 -24.48 -61.70 49.41
C ASN CA 25 -24.53 -60.34 50.07
N VAL CA 26 -25.25 -60.10 51.20
CA VAL CA 26 -26.16 -60.89 51.99
C VAL CA 26 -27.54 -60.32 51.84
N GLY CA 27 -27.67 -59.17 51.16
CA GLY CA 27 -28.96 -58.54 50.90
C GLY CA 27 -29.49 -57.79 52.09
N SER CA 28 -28.65 -57.42 53.07
CA SER CA 28 -29.08 -56.78 54.27
C SER CA 28 -27.91 -56.03 54.82
N LEU CA 29 -26.75 -56.05 54.12
CA LEU CA 29 -25.53 -55.40 54.50
C LEU CA 29 -25.70 -53.89 54.40
N ASP CA 30 -24.96 -53.15 55.24
CA ASP CA 30 -24.92 -51.72 55.22
C ASP CA 30 -23.51 -51.33 55.46
N LYS CA 31 -23.15 -50.04 55.16
CA LYS CA 31 -21.81 -49.54 55.39
C LYS CA 31 -21.81 -49.09 56.84
N LYS CA 32 -20.86 -49.62 57.67
CA LYS CA 32 -20.89 -49.34 59.08
C LYS CA 32 -19.45 -49.47 59.55
N LEU CA 33 -19.06 -48.96 60.75
CA LEU CA 33 -19.85 -48.16 61.66
C LEU CA 33 -19.55 -46.68 61.48
N PRO CA 34 -18.32 -46.12 61.61
CA PRO CA 34 -18.10 -44.67 61.46
C PRO CA 34 -18.04 -44.21 60.00
N ASN CA 35 -18.07 -42.89 59.80
CA ASN CA 35 -17.93 -42.24 58.50
C ASN CA 35 -17.34 -40.87 58.80
N VAL CA 36 -16.66 -40.23 57.81
CA VAL CA 36 -16.02 -38.93 58.03
C VAL CA 36 -16.71 -37.87 57.20
N GLY CA 37 -17.79 -38.21 56.45
CA GLY CA 37 -18.55 -37.23 55.76
C GLY CA 37 -17.97 -36.80 54.42
N THR CA 38 -16.87 -37.46 53.96
CA THR CA 38 -16.20 -37.13 52.72
C THR CA 38 -16.95 -37.70 51.56
N GLY CA 39 -16.45 -37.39 50.32
CA GLY CA 39 -17.03 -37.78 49.05
C GLY CA 39 -17.29 -39.27 48.95
N LEU CA 40 -18.46 -39.59 48.33
CA LEU CA 40 -18.92 -40.93 48.10
C LEU CA 40 -19.60 -40.79 46.75
N VAL CA 41 -19.48 -41.82 45.89
CA VAL CA 41 -20.06 -41.82 44.59
C VAL CA 41 -20.36 -43.29 44.31
N GLY CA 42 -21.36 -43.52 43.41
CA GLY CA 42 -21.67 -44.83 42.96
C GLY CA 42 -22.62 -44.66 41.83
N ALA CA 43 -22.48 -45.53 40.84
CA ALA CA 43 -23.20 -45.46 39.61
C ALA CA 43 -23.76 -46.82 39.37
N PRO CA 44 -25.06 -47.06 39.64
CA PRO CA 44 -25.70 -48.35 39.46
C PRO CA 44 -25.93 -48.58 37.99
N ALA CA 45 -25.77 -49.86 37.57
CA ALA CA 45 -25.71 -50.30 36.20
C ALA CA 45 -24.38 -49.90 35.58
N CYS CA 46 -23.31 -49.82 36.43
CA CYS CA 46 -21.91 -49.80 36.04
C CYS CA 46 -21.27 -50.76 36.97
N GLY CA 47 -21.93 -51.06 38.13
CA GLY CA 47 -21.52 -52.09 39.07
C GLY CA 47 -20.29 -51.71 39.84
N ASP CA 48 -20.20 -50.43 40.25
CA ASP CA 48 -19.04 -49.90 40.94
C ASP CA 48 -19.50 -48.83 41.89
N VAL CA 49 -18.69 -48.59 42.94
CA VAL CA 49 -18.91 -47.65 43.99
C VAL CA 49 -17.49 -47.29 44.38
N MET CA 50 -17.19 -45.99 44.69
CA MET CA 50 -15.91 -45.57 45.22
C MET CA 50 -16.15 -44.55 46.29
N ARG CA 51 -15.29 -44.63 47.34
CA ARG CA 51 -15.39 -43.77 48.49
C ARG CA 51 -13.97 -43.48 48.89
N LEU CA 52 -13.57 -42.21 48.72
CA LEU CA 52 -12.27 -41.76 49.11
C LEU CA 52 -12.46 -40.99 50.39
N GLN CA 53 -11.60 -41.31 51.39
CA GLN CA 53 -11.63 -40.65 52.69
C GLN CA 53 -10.32 -39.95 52.87
N ILE CA 54 -10.38 -38.58 52.83
CA ILE CA 54 -9.25 -37.68 52.96
C ILE CA 54 -9.03 -37.32 54.43
N LYS CA 55 -7.75 -37.05 54.80
CA LYS CA 55 -7.39 -36.30 55.96
C LYS CA 55 -6.61 -35.15 55.41
N VAL CA 56 -6.85 -33.94 55.97
CA VAL CA 56 -6.32 -32.74 55.39
C VAL CA 56 -5.73 -31.93 56.49
N ASN CA 57 -4.44 -31.57 56.30
CA ASN CA 57 -3.73 -30.52 57.02
C ASN CA 57 -4.24 -29.16 56.57
N ASP CA 58 -4.95 -28.46 57.51
CA ASP CA 58 -5.57 -27.18 57.31
C ASP CA 58 -4.52 -26.10 57.40
N SER CA 59 -3.77 -25.87 56.28
CA SER CA 59 -2.88 -24.76 56.11
C SER CA 59 -2.96 -24.31 54.72
N THR CA 60 -2.43 -25.12 53.78
CA THR CA 60 -2.50 -24.84 52.35
C THR CA 60 -3.35 -25.90 51.69
N GLY CA 61 -4.03 -26.76 52.48
CA GLY CA 61 -4.83 -27.86 51.98
C GLY CA 61 -4.06 -29.07 51.55
N VAL CA 62 -2.97 -29.45 52.27
CA VAL CA 62 -2.15 -30.58 51.89
C VAL CA 62 -2.87 -31.79 52.40
N ILE CA 63 -2.93 -32.87 51.58
CA ILE CA 63 -3.55 -34.11 52.02
C ILE CA 63 -2.59 -34.94 52.86
N GLU CA 64 -2.84 -35.06 54.16
CA GLU CA 64 -1.99 -35.83 55.05
C GLU CA 64 -2.01 -37.30 54.72
N ASP CA 65 -3.23 -37.82 54.46
CA ASP CA 65 -3.38 -39.22 54.20
C ASP CA 65 -4.64 -39.26 53.44
N VAL CA 66 -4.77 -40.31 52.61
CA VAL CA 66 -6.04 -40.60 52.01
C VAL CA 66 -5.97 -42.07 51.73
N LYS CA 67 -7.04 -42.81 52.16
CA LYS CA 67 -7.23 -44.20 51.93
C LYS CA 67 -8.52 -44.27 51.17
N PHE CA 68 -8.73 -45.38 50.44
CA PHE CA 68 -9.86 -45.52 49.57
C PHE CA 68 -10.56 -46.85 49.77
N LYS CA 69 -11.81 -46.95 49.24
CA LYS CA 69 -12.52 -48.17 48.98
C LYS CA 69 -12.78 -48.18 47.48
N THR CA 70 -12.55 -49.32 46.79
CA THR CA 70 -12.89 -49.45 45.40
C THR CA 70 -13.70 -50.70 45.33
N PHE CA 71 -14.86 -50.60 44.69
CA PHE CA 71 -15.74 -51.71 44.38
C PHE CA 71 -15.91 -51.53 42.90
N GLY CA 72 -15.80 -52.62 42.12
CA GLY CA 72 -16.01 -52.55 40.70
C GLY CA 72 -14.98 -53.39 40.02
N CYS CA 73 -14.48 -52.90 38.86
CA CYS CA 73 -13.51 -53.57 38.03
C CYS CA 73 -12.17 -53.57 38.68
N GLY CA 74 -11.34 -54.60 38.43
CA GLY CA 74 -9.99 -54.67 38.93
C GLY CA 74 -9.14 -53.55 38.42
N SER CA 75 -9.41 -53.14 37.15
CA SER CA 75 -8.73 -52.04 36.51
C SER CA 75 -8.91 -50.74 37.23
N ALA CA 76 -10.12 -50.58 37.86
CA ALA CA 76 -10.58 -49.38 38.49
C ALA CA 76 -9.82 -48.98 39.71
N ILE CA 77 -9.22 -49.99 40.40
CA ILE CA 77 -8.45 -49.85 41.63
C ILE CA 77 -7.28 -48.94 41.39
N ALA CA 78 -6.66 -49.05 40.19
CA ALA CA 78 -5.47 -48.37 39.78
C ALA CA 78 -5.54 -46.86 39.81
N SER CA 79 -6.73 -46.23 39.47
CA SER CA 79 -6.89 -44.78 39.50
C SER CA 79 -6.87 -44.25 40.90
N SER CA 80 -7.61 -44.93 41.84
CA SER CA 80 -7.69 -44.60 43.25
C SER CA 80 -6.32 -44.67 43.90
N SER CA 81 -5.56 -45.79 43.67
CA SER CA 81 -4.20 -45.96 44.17
C SER CA 81 -3.24 -44.88 43.72
N TYR CA 82 -3.17 -44.67 42.40
CA TYR CA 82 -2.22 -43.79 41.81
C TYR CA 82 -2.48 -42.36 42.19
N MET CA 83 -3.75 -41.95 42.25
CA MET CA 83 -4.16 -40.60 42.61
C MET CA 83 -3.87 -40.28 44.06
N THR CA 84 -4.09 -41.23 45.00
CA THR CA 84 -3.86 -41.03 46.39
C THR CA 84 -2.38 -40.87 46.67
N GLU CA 85 -1.50 -41.64 45.97
CA GLU CA 85 -0.08 -41.46 46.02
C GLU CA 85 0.35 -40.02 45.69
N LEU CA 86 -0.13 -39.45 44.58
CA LEU CA 86 0.18 -38.09 44.08
C LEU CA 86 -0.17 -37.00 45.08
N VAL CA 87 -1.44 -36.98 45.56
CA VAL CA 87 -1.98 -35.91 46.42
C VAL CA 87 -1.39 -35.88 47.78
N GLN CA 88 -0.80 -36.99 48.28
CA GLN CA 88 -0.22 -37.04 49.58
C GLN CA 88 1.13 -36.41 49.49
N GLY CA 89 1.45 -35.55 50.47
CA GLY CA 89 2.72 -34.86 50.54
C GLY CA 89 2.69 -33.61 49.71
N MET CA 90 1.51 -33.20 49.17
CA MET CA 90 1.38 -32.06 48.30
C MET CA 90 -0.02 -31.55 48.45
N THR CA 91 -0.24 -30.28 48.00
CA THR CA 91 -1.54 -29.67 47.89
C THR CA 91 -2.43 -30.43 46.90
N LEU CA 92 -3.74 -30.46 47.21
CA LEU CA 92 -4.76 -31.18 46.43
C LEU CA 92 -4.87 -30.69 44.99
N ASP CA 93 -4.76 -29.34 44.77
CA ASP CA 93 -5.08 -28.71 43.51
C ASP CA 93 -4.15 -29.11 42.38
N ASP CA 94 -2.85 -29.35 42.71
CA ASP CA 94 -1.78 -29.62 41.76
C ASP CA 94 -1.46 -31.06 41.57
N ALA CA 95 -2.42 -31.92 41.92
CA ALA CA 95 -2.25 -33.34 41.82
C ALA CA 95 -3.58 -34.02 41.60
N ALA CA 96 -4.61 -33.20 41.23
CA ALA CA 96 -5.97 -33.59 41.06
C ALA CA 96 -6.53 -32.57 40.14
N LYS CA 97 -7.87 -32.68 39.82
CA LYS CA 97 -8.66 -31.76 39.07
C LYS CA 97 -8.64 -32.07 37.60
N ILE CA 98 -8.16 -33.28 37.21
CA ILE CA 98 -8.18 -33.73 35.81
C ILE CA 98 -9.27 -34.75 35.71
N LYS CA 99 -10.16 -34.61 34.72
CA LYS CA 99 -11.32 -35.47 34.54
C LYS CA 99 -11.02 -36.59 33.60
N ASN CA 100 -11.40 -36.45 32.31
CA ASN CA 100 -11.47 -37.52 31.31
C ASN CA 100 -10.15 -38.13 31.06
N THR CA 101 -9.08 -37.32 30.91
CA THR CA 101 -7.78 -37.85 30.52
C THR CA 101 -7.17 -38.78 31.58
N GLU CA 102 -7.23 -38.40 32.89
CA GLU CA 102 -6.63 -39.16 33.97
C GLU CA 102 -7.22 -40.54 34.04
N ILE CA 103 -8.56 -40.60 33.92
CA ILE CA 103 -9.38 -41.82 33.95
C ILE CA 103 -9.07 -42.68 32.72
N ALA CA 104 -8.97 -42.02 31.53
CA ALA CA 104 -8.81 -42.65 30.26
C ALA CA 104 -7.53 -43.38 30.06
N LYS CA 105 -6.41 -42.75 30.46
CA LYS CA 105 -5.06 -43.32 30.34
C LYS CA 105 -4.86 -44.52 31.21
N GLU CA 106 -5.49 -44.45 32.42
CA GLU CA 106 -5.26 -45.34 33.53
C GLU CA 106 -5.97 -46.66 33.34
N LEU CA 107 -7.21 -46.65 32.81
CA LEU CA 107 -8.00 -47.83 32.59
C LEU CA 107 -7.32 -48.76 31.61
N SER CA 108 -6.74 -48.19 30.54
CA SER CA 108 -6.02 -48.85 29.45
C SER CA 108 -5.99 -47.80 28.35
N LEU CA 109 -6.25 -48.22 27.10
CA LEU CA 109 -6.38 -47.40 25.91
C LEU CA 109 -7.48 -46.36 26.13
N PRO CA 110 -7.30 -45.04 25.91
CA PRO CA 110 -8.27 -44.01 26.28
C PRO CA 110 -9.64 -44.17 25.72
N PRO CA 111 -10.75 -44.24 26.44
CA PRO CA 111 -12.06 -44.29 25.82
C PRO CA 111 -12.42 -42.90 25.36
N VAL CA 112 -11.89 -41.85 26.06
CA VAL CA 112 -12.24 -40.45 25.96
C VAL CA 112 -13.58 -40.24 26.66
N LYS CA 113 -13.77 -40.86 27.85
CA LYS CA 113 -14.95 -40.75 28.71
C LYS CA 113 -14.43 -40.81 30.10
N LEU CA 114 -15.22 -40.30 31.07
CA LEU CA 114 -14.96 -40.40 32.47
C LEU CA 114 -16.00 -41.28 33.11
N HIS CA 115 -17.04 -41.69 32.34
CA HIS CA 115 -18.12 -42.48 32.77
C HIS CA 115 -17.86 -43.89 32.33
N CYS CA 116 -18.07 -44.90 33.21
CA CYS CA 116 -18.49 -44.81 34.61
C CYS CA 116 -17.81 -45.94 35.36
N SER CA 117 -16.87 -46.62 34.66
CA SER CA 117 -16.12 -47.75 35.14
C SER CA 117 -15.22 -47.31 36.24
N MET CA 118 -14.62 -46.10 36.05
CA MET CA 118 -13.82 -45.46 37.04
C MET CA 118 -14.61 -44.25 37.41
N LEU CA 119 -14.92 -44.14 38.71
CA LEU CA 119 -15.73 -43.09 39.26
C LEU CA 119 -14.83 -42.03 39.87
N ALA CA 120 -13.49 -42.23 39.79
CA ALA CA 120 -12.48 -41.59 40.60
C ALA CA 120 -12.45 -40.08 40.50
N GLU CA 121 -12.74 -39.47 39.34
CA GLU CA 121 -12.84 -38.02 39.19
C GLU CA 121 -13.93 -37.47 40.03
N ASP CA 122 -15.16 -38.05 39.92
CA ASP CA 122 -16.30 -37.65 40.70
C ASP CA 122 -16.06 -37.86 42.17
N ALA CA 123 -15.31 -38.92 42.57
CA ALA CA 123 -15.07 -39.23 43.95
C ALA CA 123 -14.20 -38.17 44.59
N ILE CA 124 -13.07 -37.80 43.92
CA ILE CA 124 -12.19 -36.74 44.37
C ILE CA 124 -12.86 -35.36 44.39
N LYS CA 125 -13.67 -35.00 43.34
CA LYS CA 125 -14.36 -33.73 43.23
C LYS CA 125 -15.25 -33.50 44.42
N ALA CA 126 -16.02 -34.54 44.79
CA ALA CA 126 -16.94 -34.50 45.92
C ALA CA 126 -16.20 -34.22 47.20
N ALA CA 127 -15.08 -34.95 47.48
CA ALA CA 127 -14.31 -34.85 48.70
C ALA CA 127 -13.67 -33.48 48.92
N ILE CA 128 -13.01 -32.92 47.86
CA ILE CA 128 -12.25 -31.70 47.94
C ILE CA 128 -13.14 -30.50 47.93
N LYS CA 129 -14.30 -30.56 47.21
CA LYS CA 129 -15.34 -29.53 47.24
C LYS CA 129 -15.99 -29.44 48.58
N ASP CA 130 -16.35 -30.57 49.19
CA ASP CA 130 -16.94 -30.67 50.55
C ASP CA 130 -16.02 -30.02 51.55
N TYR CA 131 -14.71 -30.32 51.45
CA TYR CA 131 -13.67 -29.80 52.28
C TYR CA 131 -13.61 -28.29 52.28
N LYS CA 132 -13.60 -27.69 51.07
CA LYS CA 132 -13.55 -26.28 50.78
C LYS CA 132 -14.71 -25.55 51.34
N SER CA 133 -15.94 -26.10 51.25
CA SER CA 133 -17.14 -25.50 51.84
C SER CA 133 -17.04 -25.33 53.33
N LYS CA 134 -16.61 -26.41 54.03
CA LYS CA 134 -16.37 -26.41 55.46
C LYS CA 134 -15.27 -25.45 55.89
N ARG CA 135 -14.24 -25.28 55.05
CA ARG CA 135 -13.11 -24.40 55.17
C ARG CA 135 -13.51 -22.96 55.18
N ASN CA 136 -14.56 -22.63 54.36
CA ASN CA 136 -15.26 -21.41 54.28
C ASN CA 136 -14.68 -20.56 53.17
N THR CA 137 -14.24 -21.22 52.08
CA THR CA 137 -13.85 -20.57 50.89
C THR CA 137 -14.75 -21.15 49.82
N PRO CA 138 -15.66 -20.37 49.18
CA PRO CA 138 -16.53 -21.01 48.20
C PRO CA 138 -16.84 -20.05 47.08
N THR CA 139 -16.04 -18.98 46.94
CA THR CA 139 -16.22 -18.00 45.90
C THR CA 139 -15.27 -18.28 44.77
N MET CA 140 -14.27 -19.19 44.98
CA MET CA 140 -13.36 -19.68 43.98
C MET CA 140 -13.77 -21.12 43.65
N LEU CA 141 -14.80 -21.65 44.35
CA LEU CA 141 -15.33 -22.98 44.10
C LEU CA 141 -16.45 -22.85 43.10
N SER CA 142 -17.43 -21.97 43.44
CA SER CA 142 -18.62 -21.71 42.68
C SER CA 142 -18.82 -20.20 42.58
N VAL DA 1 28.06 -14.15 47.19
CA VAL DA 1 28.77 -12.98 46.65
C VAL DA 1 27.70 -11.99 46.28
N GLU DA 2 27.93 -10.67 46.58
CA GLU DA 2 26.97 -9.60 46.43
C GLU DA 2 26.54 -9.41 45.01
N SER DA 3 25.20 -9.23 44.79
CA SER DA 3 24.49 -9.12 43.52
C SER DA 3 24.43 -10.46 42.80
N SER DA 4 23.42 -10.72 41.91
CA SER DA 4 22.22 -9.95 41.59
C SER DA 4 21.29 -9.80 42.73
N THR DA 5 21.13 -10.88 43.53
CA THR DA 5 20.24 -11.00 44.67
C THR DA 5 18.84 -11.37 44.16
N ASP DA 6 18.11 -12.32 44.79
CA ASP DA 6 18.47 -13.16 45.93
C ASP DA 6 18.95 -14.53 45.53
N GLY DA 7 19.22 -14.71 44.20
CA GLY DA 7 19.64 -15.99 43.67
C GLY DA 7 21.11 -16.21 43.79
N GLN DA 8 21.84 -15.20 44.35
CA GLN DA 8 23.29 -15.24 44.41
C GLN DA 8 23.69 -14.70 45.77
N VAL DA 9 22.76 -14.03 46.50
CA VAL DA 9 23.01 -13.58 47.83
C VAL DA 9 21.99 -14.31 48.66
N VAL DA 10 22.45 -15.18 49.60
CA VAL DA 10 21.57 -15.99 50.41
C VAL DA 10 22.28 -16.22 51.72
N PRO DA 11 21.56 -16.46 52.81
CA PRO DA 11 22.20 -16.85 54.07
C PRO DA 11 22.17 -18.34 54.12
N GLN DA 12 21.79 -18.97 52.97
CA GLN DA 12 21.65 -20.39 52.80
C GLN DA 12 20.48 -20.91 53.60
N GLU DA 13 19.39 -20.11 53.69
CA GLU DA 13 18.16 -20.55 54.33
C GLU DA 13 17.01 -19.65 53.90
N VAL DA 14 17.17 -18.81 52.84
CA VAL DA 14 16.14 -17.95 52.31
C VAL DA 14 15.44 -18.63 51.16
N LEU DA 15 15.85 -19.86 50.83
CA LEU DA 15 15.29 -20.61 49.73
C LEU DA 15 14.30 -21.63 50.23
N ASN DA 16 13.96 -21.59 51.53
CA ASN DA 16 12.99 -22.51 52.11
C ASN DA 16 11.89 -21.77 52.83
N LEU DA 17 11.99 -20.42 52.86
CA LEU DA 17 11.07 -19.60 53.55
C LEU DA 17 9.92 -19.33 52.60
N PRO DA 18 8.67 -19.23 53.08
CA PRO DA 18 7.48 -19.00 52.25
C PRO DA 18 7.57 -17.76 51.40
N LEU DA 19 7.40 -17.93 50.07
CA LEU DA 19 7.53 -16.83 49.14
C LEU DA 19 6.79 -17.27 47.90
N GLU DA 20 6.48 -16.31 47.02
CA GLU DA 20 5.75 -16.56 45.80
C GLU DA 20 6.57 -17.38 44.81
N LYS DA 21 5.84 -18.09 43.93
CA LYS DA 21 6.32 -19.02 42.94
C LYS DA 21 7.21 -18.42 41.92
N ALA DA 22 6.82 -17.22 41.43
CA ALA DA 22 7.57 -16.49 40.45
C ALA DA 22 7.50 -15.03 40.84
N HIS DA 23 8.46 -14.23 40.29
CA HIS DA 23 8.42 -12.78 40.36
C HIS DA 23 8.94 -12.20 39.06
N GLU DA 24 9.80 -12.96 38.35
CA GLU DA 24 10.24 -12.61 37.05
C GLU DA 24 10.28 -13.92 36.32
N GLU DA 25 9.43 -14.19 35.29
CA GLU DA 25 8.39 -13.35 34.77
C GLU DA 25 7.48 -14.41 34.25
N ALA DA 26 7.40 -14.53 32.91
CA ALA DA 26 6.75 -15.62 32.26
C ALA DA 26 7.83 -16.63 31.96
N ASP DA 27 9.11 -16.22 32.17
CA ASP DA 27 10.33 -16.95 32.02
C ASP DA 27 10.34 -18.12 32.95
N ASP DA 28 9.90 -17.90 34.23
CA ASP DA 28 9.86 -18.89 35.31
C ASP DA 28 8.96 -20.05 34.97
N TYR DA 29 7.76 -19.71 34.45
CA TYR DA 29 6.72 -20.63 34.01
C TYR DA 29 7.24 -21.55 32.91
N LEU DA 30 7.93 -20.96 31.93
CA LEU DA 30 8.59 -21.65 30.83
C LEU DA 30 9.65 -22.58 31.34
N ASP DA 31 10.51 -22.18 32.29
CA ASP DA 31 11.54 -23.00 32.91
C ASP DA 31 11.01 -24.23 33.61
N HIS DA 32 9.91 -24.07 34.41
CA HIS DA 32 9.22 -25.09 35.14
C HIS DA 32 8.64 -26.16 34.21
N LEU DA 33 7.98 -25.71 33.11
CA LEU DA 33 7.42 -26.48 32.04
C LEU DA 33 8.43 -27.29 31.31
N LEU DA 34 9.59 -26.66 30.96
CA LEU DA 34 10.73 -27.25 30.29
C LEU DA 34 11.33 -28.37 31.10
N ASP DA 35 11.50 -28.15 32.42
CA ASP DA 35 12.00 -29.10 33.39
C ASP DA 35 11.22 -30.38 33.43
N SER DA 36 9.86 -30.31 33.49
CA SER DA 36 9.03 -31.49 33.45
C SER DA 36 9.19 -32.27 32.18
N LEU DA 37 9.21 -31.59 30.98
CA LEU DA 37 9.35 -32.26 29.69
C LEU DA 37 10.61 -33.07 29.55
N GLU DA 38 11.76 -32.51 29.93
CA GLU DA 38 13.07 -33.19 29.89
C GLU DA 38 13.12 -34.43 30.73
N GLU DA 39 12.60 -34.34 31.95
CA GLU DA 39 12.51 -35.42 32.92
C GLU DA 39 11.67 -36.59 32.40
N LEU DA 40 10.46 -36.31 31.87
CA LEU DA 40 9.45 -37.19 31.32
C LEU DA 40 9.95 -37.93 30.11
N SER DA 41 10.73 -37.31 29.22
CA SER DA 41 11.26 -37.93 28.04
C SER DA 41 12.07 -39.17 28.37
N GLU DA 42 13.00 -39.05 29.36
CA GLU DA 42 13.71 -40.16 29.91
C GLU DA 42 12.79 -41.00 30.73
N ALA DA 43 12.93 -42.35 30.60
CA ALA DA 43 12.15 -43.35 31.28
C ALA DA 43 10.77 -43.37 30.65
N HIS DA 44 10.75 -43.29 29.32
CA HIS DA 44 9.56 -43.19 28.52
C HIS DA 44 8.60 -44.38 28.64
N PRO DA 45 7.29 -44.17 28.60
CA PRO DA 45 6.34 -45.23 28.73
C PRO DA 45 6.39 -46.30 27.67
N ASP DA 46 6.70 -45.94 26.42
CA ASP DA 46 6.67 -46.86 25.32
C ASP DA 46 7.79 -46.48 24.41
N CYS DA 47 7.73 -45.31 23.75
CA CYS DA 47 8.74 -44.83 22.87
C CYS DA 47 8.49 -43.37 22.62
N ILE DA 48 8.27 -42.63 23.75
CA ILE DA 48 7.83 -41.24 23.77
C ILE DA 48 9.00 -40.43 23.29
N PRO DA 49 8.78 -39.42 22.43
CA PRO DA 49 9.86 -38.74 21.77
C PRO DA 49 10.34 -37.66 22.69
N ASP DA 50 10.34 -36.36 22.26
CA ASP DA 50 10.87 -35.29 23.06
C ASP DA 50 10.32 -34.05 22.49
N VAL DA 51 10.61 -32.94 23.21
CA VAL DA 51 10.28 -31.59 22.84
C VAL DA 51 10.85 -31.14 21.51
N GLU DA 52 9.95 -30.54 20.69
CA GLU DA 52 10.29 -30.04 19.41
C GLU DA 52 9.54 -28.77 19.44
N LEU DA 53 10.24 -27.62 19.51
CA LEU DA 53 9.62 -26.38 19.90
C LEU DA 53 9.74 -25.47 18.69
N SER DA 54 8.55 -24.98 18.22
CA SER DA 54 8.41 -24.26 16.98
C SER DA 54 8.50 -22.81 17.41
N HIS DA 55 7.40 -22.07 17.42
CA HIS DA 55 7.30 -20.85 18.17
C HIS DA 55 5.93 -20.85 18.72
N GLY DA 56 5.80 -20.86 20.07
CA GLY DA 56 4.55 -20.91 20.82
C GLY DA 56 3.82 -22.23 20.85
N VAL DA 57 4.44 -23.28 20.25
CA VAL DA 57 3.94 -24.63 20.26
C VAL DA 57 5.06 -25.43 20.86
N MET DA 58 4.75 -26.31 21.84
CA MET DA 58 5.72 -27.14 22.52
C MET DA 58 5.06 -28.47 22.50
N THR DA 59 5.83 -29.50 22.06
CA THR DA 59 5.32 -30.85 21.86
C THR DA 59 5.93 -31.76 22.94
N LEU DA 60 5.30 -32.92 23.13
CA LEU DA 60 5.71 -34.03 23.95
C LEU DA 60 4.58 -34.96 23.71
N GLU DA 61 4.67 -35.73 22.61
CA GLU DA 61 3.66 -36.64 22.15
C GLU DA 61 3.78 -37.98 22.86
N ILE DA 62 2.77 -38.87 22.71
CA ILE DA 62 2.71 -40.20 23.29
C ILE DA 62 2.11 -41.09 22.16
N PRO DA 63 2.62 -42.28 21.83
CA PRO DA 63 2.19 -43.06 20.66
C PRO DA 63 1.25 -44.17 21.03
N ALA DA 64 1.15 -44.50 22.33
CA ALA DA 64 0.34 -45.60 22.79
C ALA DA 64 -0.82 -45.13 23.60
N PHE DA 65 -1.15 -43.84 23.56
CA PHE DA 65 -2.22 -43.29 24.37
C PHE DA 65 -2.75 -42.05 23.66
N GLY DA 66 -2.07 -41.62 22.56
CA GLY DA 66 -2.44 -40.38 21.89
C GLY DA 66 -2.09 -39.13 22.63
N THR DA 67 -2.10 -37.98 21.92
CA THR DA 67 -1.68 -36.72 22.44
C THR DA 67 -2.19 -35.60 21.56
N TYR DA 68 -1.95 -34.39 22.05
CA TYR DA 68 -2.19 -33.12 21.45
C TYR DA 68 -0.96 -32.30 21.76
N VAL DA 69 -0.81 -31.17 21.03
CA VAL DA 69 0.26 -30.24 21.29
C VAL DA 69 -0.32 -29.23 22.26
N ILE DA 70 0.58 -28.57 23.03
CA ILE DA 70 0.18 -27.56 23.98
C ILE DA 70 0.51 -26.23 23.33
N ASN DA 71 -0.24 -25.15 23.69
CA ASN DA 71 -0.18 -23.90 22.98
C ASN DA 71 -0.13 -22.74 23.93
N LYS DA 72 0.08 -21.54 23.32
CA LYS DA 72 -0.01 -20.28 23.95
C LYS DA 72 -1.11 -19.54 23.22
N GLN DA 73 -1.81 -18.66 23.96
CA GLN DA 73 -2.98 -17.98 23.47
C GLN DA 73 -2.60 -16.51 23.47
N PRO DA 74 -2.90 -15.73 22.39
CA PRO DA 74 -2.42 -14.39 22.28
C PRO DA 74 -3.30 -13.57 23.18
N PRO DA 75 -2.77 -12.55 23.84
CA PRO DA 75 -3.30 -11.90 25.05
C PRO DA 75 -4.80 -11.87 25.23
N ASN DA 76 -5.30 -12.33 26.42
CA ASN DA 76 -6.67 -12.62 26.78
C ASN DA 76 -6.71 -14.07 27.15
N LYS DA 77 -6.73 -14.36 28.46
CA LYS DA 77 -6.78 -15.69 29.04
C LYS DA 77 -5.65 -16.59 28.56
N GLN DA 78 -4.41 -16.03 28.70
CA GLN DA 78 -3.22 -16.56 28.13
C GLN DA 78 -2.80 -17.90 28.58
N ILE DA 79 -2.24 -18.71 27.66
CA ILE DA 79 -1.60 -19.99 27.86
C ILE DA 79 -2.60 -21.03 28.28
N TRP DA 80 -3.00 -21.92 27.34
CA TRP DA 80 -3.87 -23.02 27.58
C TRP DA 80 -3.61 -24.06 26.53
N LEU DA 81 -3.87 -25.35 26.85
CA LEU DA 81 -3.63 -26.48 26.01
C LEU DA 81 -4.98 -26.96 25.59
N ALA DA 82 -5.13 -27.37 24.30
CA ALA DA 82 -6.42 -27.81 23.84
C ALA DA 82 -6.23 -29.26 23.71
N SER DA 83 -7.15 -29.98 24.35
CA SER DA 83 -7.18 -31.40 24.38
C SER DA 83 -8.41 -31.86 23.72
N PRO DA 84 -8.44 -32.81 22.78
CA PRO DA 84 -9.69 -33.33 22.26
C PRO DA 84 -9.95 -34.57 23.06
N LEU DA 85 -9.15 -34.74 24.15
CA LEU DA 85 -9.15 -35.84 25.09
C LEU DA 85 -9.84 -35.47 26.38
N SER DA 86 -10.14 -34.15 26.61
CA SER DA 86 -10.86 -33.74 27.79
C SER DA 86 -11.51 -32.39 27.60
N GLY DA 87 -11.63 -31.94 26.31
CA GLY DA 87 -12.26 -30.72 25.88
C GLY DA 87 -11.42 -29.52 26.10
N PRO DA 88 -12.02 -28.32 25.98
CA PRO DA 88 -11.32 -27.08 26.13
C PRO DA 88 -11.31 -26.64 27.54
N ASN DA 89 -10.23 -25.91 27.93
CA ASN DA 89 -10.05 -25.38 29.26
C ASN DA 89 -9.17 -24.16 29.05
N ARG DA 90 -9.24 -23.15 29.94
CA ARG DA 90 -8.35 -22.03 29.90
C ARG DA 90 -7.91 -21.70 31.27
N PHE DA 91 -6.80 -20.94 31.34
CA PHE DA 91 -6.02 -20.69 32.55
C PHE DA 91 -5.70 -19.23 32.54
N ASP DA 92 -5.80 -18.55 33.69
CA ASP DA 92 -5.27 -17.23 33.87
C ASP DA 92 -4.66 -17.23 35.24
N LEU DA 93 -3.63 -16.38 35.45
CA LEU DA 93 -2.89 -16.21 36.71
C LEU DA 93 -3.86 -15.84 37.83
N LEU DA 94 -3.71 -16.49 39.02
CA LEU DA 94 -4.55 -16.23 40.18
C LEU DA 94 -3.72 -15.62 41.28
N ASN DA 95 -2.51 -16.13 41.56
CA ASN DA 95 -1.69 -15.48 42.56
C ASN DA 95 -0.21 -15.80 42.34
N GLY DA 96 0.18 -16.14 41.10
CA GLY DA 96 1.58 -16.33 40.82
C GLY DA 96 1.79 -17.59 40.04
N GLU DA 97 0.71 -18.36 39.74
CA GLU DA 97 0.85 -19.52 38.90
C GLU DA 97 -0.42 -19.51 38.10
N TRP DA 98 -0.47 -20.27 36.98
CA TRP DA 98 -1.59 -20.31 36.08
C TRP DA 98 -2.52 -21.33 36.63
N VAL DA 99 -3.77 -20.94 36.93
CA VAL DA 99 -4.68 -21.76 37.71
C VAL DA 99 -5.92 -21.77 36.86
N SER DA 100 -6.57 -22.93 36.76
CA SER DA 100 -7.72 -23.10 35.89
C SER DA 100 -8.91 -22.30 36.38
N LEU DA 101 -9.67 -21.81 35.41
CA LEU DA 101 -10.81 -20.96 35.62
C LEU DA 101 -12.09 -21.77 35.52
N ARG DA 102 -11.98 -23.14 35.61
CA ARG DA 102 -13.07 -24.05 35.65
C ARG DA 102 -12.87 -25.08 36.71
N ASN DA 103 -11.59 -25.38 37.04
CA ASN DA 103 -11.27 -26.29 38.12
C ASN DA 103 -10.15 -25.63 38.89
N GLY DA 104 -8.98 -26.28 39.00
CA GLY DA 104 -7.85 -25.69 39.68
C GLY DA 104 -6.59 -26.40 39.24
N THR DA 105 -6.56 -26.84 37.96
CA THR DA 105 -5.39 -27.50 37.35
C THR DA 105 -4.33 -26.47 37.08
N LYS DA 106 -3.06 -26.92 36.85
CA LYS DA 106 -1.92 -26.12 36.41
C LYS DA 106 -1.36 -26.92 35.29
N LEU DA 107 -0.87 -26.27 34.23
CA LEU DA 107 -0.56 -26.97 32.99
C LEU DA 107 0.67 -27.80 33.04
N THR DA 108 1.72 -27.32 33.74
CA THR DA 108 2.96 -28.02 34.01
C THR DA 108 2.70 -29.40 34.62
N ASP DA 109 1.76 -29.43 35.61
CA ASP DA 109 1.27 -30.59 36.30
C ASP DA 109 0.49 -31.56 35.45
N ILE DA 110 -0.31 -31.08 34.46
CA ILE DA 110 -1.14 -31.88 33.58
C ILE DA 110 -0.22 -32.73 32.74
N LEU DA 111 0.92 -32.20 32.29
CA LEU DA 111 1.85 -32.96 31.52
C LEU DA 111 2.51 -34.04 32.33
N THR DA 112 3.02 -33.69 33.53
CA THR DA 112 3.56 -34.59 34.56
C THR DA 112 2.65 -35.79 34.79
N GLU DA 113 1.40 -35.56 35.25
CA GLU DA 113 0.45 -36.59 35.52
C GLU DA 113 0.19 -37.53 34.39
N GLU DA 114 -0.14 -36.99 33.16
CA GLU DA 114 -0.66 -37.79 32.08
C GLU DA 114 0.41 -38.68 31.51
N VAL DA 115 1.67 -38.21 31.50
CA VAL DA 115 2.80 -39.00 31.09
C VAL DA 115 3.06 -40.11 32.07
N GLU DA 116 3.01 -39.86 33.41
CA GLU DA 116 3.27 -40.89 34.41
C GLU DA 116 2.18 -41.91 34.58
N LYS DA 117 0.90 -41.57 34.20
CA LYS DA 117 -0.17 -42.52 34.04
C LYS DA 117 0.09 -43.55 32.97
N ALA DA 118 0.95 -43.18 31.99
CA ALA DA 118 1.28 -44.00 30.85
C ALA DA 118 2.39 -44.93 31.29
N ILE DA 119 3.43 -44.41 32.00
CA ILE DA 119 4.54 -45.18 32.59
C ILE DA 119 4.00 -46.32 33.47
N SER DA 120 2.87 -46.02 34.17
CA SER DA 120 2.13 -46.91 35.00
C SER DA 120 1.63 -48.07 34.23
N LYS DA 121 0.82 -47.76 33.24
CA LYS DA 121 0.24 -48.79 32.38
C LYS DA 121 1.23 -49.26 31.30
N GLY EA 1 6.54 26.87 50.85
CA GLY EA 1 6.13 27.73 51.98
C GLY EA 1 6.69 27.26 53.28
N SER EA 2 6.68 28.18 54.27
CA SER EA 2 7.25 27.95 55.56
C SER EA 2 6.34 28.64 56.54
N HIS EA 3 6.56 28.32 57.84
CA HIS EA 3 5.80 28.78 58.97
C HIS EA 3 5.89 30.29 59.06
N MET EA 4 4.75 30.96 59.31
CA MET EA 4 4.67 32.35 59.58
C MET EA 4 5.06 32.74 61.01
N SER EA 5 4.78 31.97 62.10
CA SER EA 5 4.08 30.72 62.27
C SER EA 5 2.64 30.81 61.93
N SER EA 6 2.15 29.69 61.25
CA SER EA 6 0.81 29.56 60.75
C SER EA 6 -0.17 29.68 61.85
N ILE EA 7 0.08 28.94 62.95
CA ILE EA 7 -0.77 28.88 64.13
C ILE EA 7 0.15 28.95 65.28
N THR EA 8 -0.44 29.19 66.45
CA THR EA 8 0.14 29.32 67.76
C THR EA 8 1.14 30.44 67.91
N LYS EA 9 0.92 31.55 67.17
CA LYS EA 9 1.74 32.73 67.26
C LYS EA 9 0.86 33.83 66.75
N ARG EA 10 1.02 35.10 67.23
CA ARG EA 10 1.87 35.52 68.31
C ARG EA 10 1.03 36.34 69.22
N LEU EA 11 0.90 35.88 70.49
CA LEU EA 11 0.22 36.57 71.58
C LEU EA 11 -1.24 36.74 71.32
N TYR EA 12 -1.84 35.69 70.76
CA TYR EA 12 -3.25 35.62 70.46
C TYR EA 12 -3.77 34.36 71.16
N HIS EA 13 -3.13 33.14 71.10
CA HIS EA 13 -2.04 32.66 70.22
C HIS EA 13 -2.56 32.12 68.90
N PRO EA 14 -3.65 31.37 68.70
CA PRO EA 14 -4.10 30.93 67.38
C PRO EA 14 -4.92 32.02 66.76
N LYS EA 15 -4.71 32.30 65.46
CA LYS EA 15 -5.39 33.27 64.64
C LYS EA 15 -5.48 34.66 65.19
N VAL EA 16 -6.29 35.55 64.54
CA VAL EA 16 -6.42 36.93 64.97
C VAL EA 16 -7.84 37.23 65.32
N ILE EA 17 -8.79 36.34 64.98
CA ILE EA 17 -10.20 36.46 65.38
C ILE EA 17 -10.32 36.35 66.87
N GLU EA 18 -9.55 35.44 67.46
CA GLU EA 18 -9.56 35.20 68.89
C GLU EA 18 -9.15 36.41 69.66
N HIS EA 19 -8.12 37.10 69.13
CA HIS EA 19 -7.67 38.35 69.67
C HIS EA 19 -8.74 39.43 69.56
N TYR EA 20 -9.45 39.49 68.40
CA TYR EA 20 -10.42 40.52 68.10
C TYR EA 20 -11.60 40.51 69.00
N THR EA 21 -12.17 39.32 69.35
CA THR EA 21 -13.37 39.20 70.15
C THR EA 21 -12.98 38.52 71.42
N HIS EA 22 -13.34 39.06 72.62
CA HIS EA 22 -14.06 40.26 73.02
C HIS EA 22 -15.44 40.36 72.43
N PRO EA 23 -16.44 39.57 72.83
CA PRO EA 23 -16.45 38.64 73.97
C PRO EA 23 -15.90 37.29 73.56
N ARG EA 24 -15.28 36.56 74.49
CA ARG EA 24 -14.73 35.25 74.23
C ARG EA 24 -15.16 34.29 75.32
N ASN EA 25 -15.74 33.08 75.01
CA ASN EA 25 -16.08 32.58 73.70
C ASN EA 25 -17.25 33.29 73.03
N VAL EA 26 -18.40 33.65 73.73
CA VAL EA 26 -18.89 33.36 75.06
C VAL EA 26 -20.03 32.39 74.93
N GLY EA 27 -20.48 32.08 73.68
CA GLY EA 27 -21.53 31.16 73.42
C GLY EA 27 -22.87 31.78 73.69
N SER EA 28 -22.89 33.11 73.97
CA SER EA 28 -24.06 33.92 74.08
C SER EA 28 -24.03 34.98 73.02
N LEU EA 29 -22.98 34.97 72.16
CA LEU EA 29 -22.72 36.05 71.24
C LEU EA 29 -23.47 35.84 69.97
N ASP EA 30 -23.74 36.97 69.27
CA ASP EA 30 -24.48 36.91 68.03
C ASP EA 30 -23.83 37.91 67.15
N LYS EA 31 -24.04 37.76 65.81
CA LYS EA 31 -23.61 38.73 64.85
C LYS EA 31 -24.90 39.37 64.43
N LYS EA 32 -25.01 40.69 64.69
CA LYS EA 32 -26.24 41.38 64.54
C LYS EA 32 -25.85 42.82 64.40
N LEU EA 33 -26.71 43.72 63.83
CA LEU EA 33 -27.96 43.41 63.14
C LEU EA 33 -27.76 43.17 61.67
N PRO EA 34 -26.98 43.93 60.87
CA PRO EA 34 -26.89 43.62 59.44
C PRO EA 34 -25.84 42.60 59.21
N ASN EA 35 -25.92 41.95 58.02
CA ASN EA 35 -24.93 41.03 57.57
C ASN EA 35 -24.11 41.72 56.55
N VAL EA 36 -22.90 41.20 56.24
CA VAL EA 36 -21.99 41.87 55.40
C VAL EA 36 -22.17 41.53 53.91
N GLY EA 37 -23.25 40.81 53.60
CA GLY EA 37 -23.60 40.51 52.23
C GLY EA 37 -22.67 39.53 51.62
N THR EA 38 -22.54 39.60 50.28
CA THR EA 38 -21.70 38.79 49.40
C THR EA 38 -21.99 37.31 49.61
N GLY EA 39 -20.94 36.45 49.67
CA GLY EA 39 -21.13 35.01 49.81
C GLY EA 39 -20.71 34.55 51.14
N LEU EA 40 -21.57 33.71 51.74
CA LEU EA 40 -21.44 32.98 53.00
C LEU EA 40 -21.32 31.52 52.63
N VAL EA 41 -20.34 30.85 53.27
CA VAL EA 41 -20.12 29.43 53.05
C VAL EA 41 -19.40 28.88 54.29
N GLY EA 42 -20.17 28.85 55.38
CA GLY EA 42 -19.69 28.44 56.67
C GLY EA 42 -20.17 27.03 56.94
N ALA EA 43 -19.22 26.11 57.33
CA ALA EA 43 -19.49 24.71 57.55
C ALA EA 43 -19.46 24.48 59.06
N PRO EA 44 -20.46 23.92 59.72
CA PRO EA 44 -20.51 24.04 61.17
C PRO EA 44 -20.21 22.73 61.85
N ALA EA 45 -19.98 21.64 61.08
CA ALA EA 45 -19.41 20.40 61.58
C ALA EA 45 -17.98 20.21 61.19
N CYS EA 46 -17.42 21.16 60.40
CA CYS EA 46 -15.99 21.16 60.09
C CYS EA 46 -15.31 22.23 60.88
N GLY EA 47 -16.11 23.12 61.52
CA GLY EA 47 -15.60 24.07 62.51
C GLY EA 47 -14.97 25.25 61.89
N ASP EA 48 -15.11 25.41 60.54
CA ASP EA 48 -14.43 26.42 59.79
C ASP EA 48 -15.47 27.15 58.96
N VAL EA 49 -15.14 28.42 58.64
CA VAL EA 49 -16.07 29.33 57.98
C VAL EA 49 -15.19 30.28 57.26
N MET EA 50 -15.56 30.68 56.02
CA MET EA 50 -14.89 31.79 55.39
C MET EA 50 -15.99 32.59 54.74
N ARG EA 51 -15.82 33.92 54.78
CA ARG EA 51 -16.77 34.84 54.21
C ARG EA 51 -15.93 35.95 53.61
N LEU EA 52 -15.91 36.02 52.27
CA LEU EA 52 -15.14 37.02 51.55
C LEU EA 52 -16.10 38.05 51.04
N GLN EA 53 -15.77 39.36 51.27
CA GLN EA 53 -16.54 40.49 50.83
C GLN EA 53 -15.76 41.19 49.78
N ILE EA 54 -16.25 41.20 48.52
CA ILE EA 54 -15.64 41.97 47.44
C ILE EA 54 -16.22 43.36 47.36
N LYS EA 55 -15.42 44.32 46.86
CA LYS EA 55 -15.85 45.58 46.36
C LYS EA 55 -15.29 45.65 44.96
N VAL EA 56 -16.13 46.13 43.98
CA VAL EA 56 -15.77 46.07 42.61
C VAL EA 56 -16.15 47.38 41.98
N ASN EA 57 -15.15 47.98 41.28
CA ASN EA 57 -15.28 49.07 40.34
C ASN EA 57 -15.97 48.54 39.13
N ASP EA 58 -17.20 48.98 38.82
CA ASP EA 58 -18.01 48.51 37.69
C ASP EA 58 -17.42 48.89 36.37
N SER EA 59 -16.92 50.13 36.26
CA SER EA 59 -16.48 50.76 35.05
C SER EA 59 -15.31 50.05 34.36
N THR EA 60 -14.30 49.57 35.13
CA THR EA 60 -13.13 48.90 34.62
C THR EA 60 -13.36 47.40 34.75
N GLY EA 61 -14.05 46.94 35.82
CA GLY EA 61 -14.20 45.54 36.15
C GLY EA 61 -13.06 45.07 37.00
N VAL EA 62 -12.54 45.95 37.88
CA VAL EA 62 -11.36 45.75 38.67
C VAL EA 62 -11.83 45.64 40.11
N ILE EA 63 -11.24 44.69 40.86
CA ILE EA 63 -11.55 44.52 42.29
C ILE EA 63 -10.78 45.58 43.04
N GLU EA 64 -11.51 46.58 43.57
CA GLU EA 64 -10.98 47.65 44.39
C GLU EA 64 -10.43 47.17 45.68
N ASP EA 65 -11.17 46.28 46.37
CA ASP EA 65 -10.77 45.74 47.64
C ASP EA 65 -11.46 44.43 47.78
N VAL EA 66 -10.85 43.51 48.57
CA VAL EA 66 -11.48 42.29 48.94
C VAL EA 66 -10.87 41.98 50.28
N LYS EA 67 -11.72 41.69 51.28
CA LYS EA 67 -11.33 41.33 52.60
C LYS EA 67 -11.94 40.01 52.92
N PHE EA 68 -11.38 39.31 53.94
CA PHE EA 68 -11.76 37.96 54.21
C PHE EA 68 -12.01 37.82 55.69
N LYS EA 69 -12.71 36.74 56.06
CA LYS EA 69 -12.73 36.21 57.39
C LYS EA 69 -12.25 34.82 57.22
N THR EA 70 -11.39 34.36 58.14
CA THR EA 70 -10.97 32.99 58.20
C THR EA 70 -11.22 32.53 59.61
N PHE EA 71 -11.96 31.41 59.72
CA PHE EA 71 -12.22 30.67 60.92
C PHE EA 71 -11.80 29.28 60.56
N GLY EA 72 -11.12 28.59 61.48
CA GLY EA 72 -10.62 27.27 61.30
C GLY EA 72 -9.17 27.31 61.58
N CYS EA 73 -8.38 26.60 60.71
CA CYS EA 73 -6.94 26.53 60.78
C CYS EA 73 -6.33 27.86 60.51
N GLY EA 74 -5.16 28.10 61.16
CA GLY EA 74 -4.50 29.36 61.07
C GLY EA 74 -3.62 29.36 59.89
N SER EA 75 -3.38 28.18 59.25
CA SER EA 75 -2.65 28.00 58.02
C SER EA 75 -3.30 28.72 56.88
N ALA EA 76 -4.67 28.67 56.91
CA ALA EA 76 -5.54 29.18 55.86
C ALA EA 76 -5.49 30.66 55.72
N ILE EA 77 -5.18 31.41 56.83
CA ILE EA 77 -5.12 32.84 56.91
C ILE EA 77 -4.12 33.42 55.96
N ALA EA 78 -2.90 32.80 55.86
CA ALA EA 78 -1.84 33.28 55.01
C ALA EA 78 -2.15 33.19 53.54
N SER EA 79 -2.85 32.09 53.17
CA SER EA 79 -3.24 31.87 51.80
C SER EA 79 -4.29 32.81 51.36
N SER EA 80 -5.30 33.08 52.25
CA SER EA 80 -6.38 33.98 52.03
C SER EA 80 -5.88 35.40 51.80
N SER EA 81 -4.88 35.80 52.65
CA SER EA 81 -4.21 37.08 52.60
C SER EA 81 -3.64 37.31 51.24
N TYR EA 82 -2.85 36.31 50.75
CA TYR EA 82 -2.06 36.43 49.54
C TYR EA 82 -2.96 36.54 48.35
N MET EA 83 -4.04 35.73 48.28
CA MET EA 83 -4.96 35.82 47.14
C MET EA 83 -5.68 37.14 47.09
N THR EA 84 -6.14 37.67 48.26
CA THR EA 84 -6.90 38.88 48.31
C THR EA 84 -6.03 40.06 47.85
N GLU EA 85 -4.73 40.07 48.28
CA GLU EA 85 -3.73 41.03 47.81
C GLU EA 85 -3.58 41.00 46.29
N LEU EA 86 -3.38 39.76 45.73
CA LEU EA 86 -3.05 39.50 44.33
C LEU EA 86 -4.12 40.01 43.43
N VAL EA 87 -5.39 39.64 43.74
CA VAL EA 87 -6.59 39.91 43.04
C VAL EA 87 -6.86 41.37 42.92
N GLN EA 88 -6.58 42.16 44.00
CA GLN EA 88 -6.71 43.61 44.01
C GLN EA 88 -5.74 44.25 43.06
N GLY EA 89 -6.22 45.29 42.32
CA GLY EA 89 -5.48 45.99 41.29
C GLY EA 89 -5.37 45.27 39.98
N MET EA 90 -6.16 44.18 39.79
CA MET EA 90 -6.04 43.30 38.65
C MET EA 90 -7.43 43.09 38.06
N THR EA 91 -7.43 42.53 36.83
CA THR EA 91 -8.52 42.13 35.94
C THR EA 91 -9.61 41.32 36.62
N LEU EA 92 -10.81 41.31 36.01
CA LEU EA 92 -12.00 40.63 36.49
C LEU EA 92 -11.74 39.14 36.57
N ASP EA 93 -10.99 38.62 35.58
CA ASP EA 93 -10.62 37.23 35.38
C ASP EA 93 -9.77 36.68 36.54
N ASP EA 94 -8.80 37.45 37.05
CA ASP EA 94 -8.01 37.20 38.24
C ASP EA 94 -8.79 36.78 39.46
N ALA EA 95 -9.91 37.49 39.73
CA ALA EA 95 -10.84 37.26 40.81
C ALA EA 95 -11.68 36.05 40.65
N ALA EA 96 -11.82 35.52 39.43
CA ALA EA 96 -12.60 34.33 39.11
C ALA EA 96 -11.65 33.21 38.92
N LYS EA 97 -12.14 31.97 38.87
CA LYS EA 97 -11.41 30.75 38.70
C LYS EA 97 -10.44 30.40 39.78
N ILE EA 98 -10.43 31.16 40.89
CA ILE EA 98 -9.48 30.99 41.99
C ILE EA 98 -9.56 29.61 42.56
N LYS EA 99 -8.35 29.02 42.73
CA LYS EA 99 -8.09 27.69 43.12
C LYS EA 99 -7.64 27.82 44.56
N ASN EA 100 -7.86 26.83 45.46
CA ASN EA 100 -8.01 25.38 45.36
C ASN EA 100 -6.64 24.83 45.42
N THR EA 101 -6.05 24.39 44.27
CA THR EA 101 -4.76 23.71 44.23
C THR EA 101 -3.67 24.61 44.73
N GLU EA 102 -3.74 25.87 44.27
CA GLU EA 102 -2.87 26.97 44.61
C GLU EA 102 -2.63 27.21 46.10
N ILE EA 103 -3.73 27.14 46.92
CA ILE EA 103 -3.75 27.29 48.34
C ILE EA 103 -2.89 26.24 49.01
N ALA EA 104 -3.03 24.98 48.54
CA ALA EA 104 -2.32 23.82 49.00
C ALA EA 104 -0.84 23.88 48.76
N LYS EA 105 -0.43 24.25 47.53
CA LYS EA 105 0.94 24.43 47.15
C LYS EA 105 1.64 25.53 47.87
N GLU EA 106 0.95 26.67 48.03
CA GLU EA 106 1.49 27.88 48.61
C GLU EA 106 1.89 27.74 50.08
N LEU EA 107 1.01 27.08 50.90
CA LEU EA 107 1.18 27.00 52.33
C LEU EA 107 2.46 26.27 52.69
N SER EA 108 2.79 25.15 52.04
CA SER EA 108 4.05 24.45 52.24
C SER EA 108 4.31 23.61 51.05
N LEU EA 109 3.59 22.46 50.96
CA LEU EA 109 3.69 21.52 49.90
C LEU EA 109 2.30 21.06 49.62
N PRO EA 110 1.96 20.56 48.43
CA PRO EA 110 0.58 20.27 48.15
C PRO EA 110 0.27 18.82 48.48
N PRO EA 111 -0.62 18.42 49.38
CA PRO EA 111 -0.92 17.04 49.64
C PRO EA 111 -1.77 16.47 48.54
N VAL EA 112 -2.32 17.37 47.63
CA VAL EA 112 -3.25 17.14 46.55
C VAL EA 112 -4.48 16.63 47.19
N LYS EA 113 -4.98 17.41 48.17
CA LYS EA 113 -6.15 17.10 48.93
C LYS EA 113 -6.67 18.43 49.37
N LEU EA 114 -8.02 18.55 49.43
CA LEU EA 114 -8.72 19.76 49.82
C LEU EA 114 -8.99 19.56 51.27
N HIS EA 115 -8.42 20.38 52.18
CA HIS EA 115 -8.46 20.24 53.60
C HIS EA 115 -9.86 20.20 54.17
N CYS EA 116 -10.68 21.17 53.71
CA CYS EA 116 -12.01 21.55 54.13
C CYS EA 116 -12.00 22.77 55.00
N SER EA 117 -10.79 23.29 55.28
CA SER EA 117 -10.56 24.55 55.97
C SER EA 117 -10.06 25.53 54.95
N MET EA 118 -9.97 25.11 53.65
CA MET EA 118 -9.50 25.94 52.59
C MET EA 118 -10.72 26.25 51.82
N LEU EA 119 -11.58 27.12 52.39
CA LEU EA 119 -12.86 27.46 51.85
C LEU EA 119 -12.82 28.70 51.02
N ALA EA 120 -11.64 29.39 50.90
CA ALA EA 120 -11.46 30.72 50.34
C ALA EA 120 -11.86 30.80 48.90
N GLU EA 121 -11.62 29.71 48.13
CA GLU EA 121 -11.97 29.54 46.77
C GLU EA 121 -13.48 29.59 46.55
N ASP EA 122 -14.29 28.83 47.31
CA ASP EA 122 -15.74 28.82 47.22
C ASP EA 122 -16.35 30.13 47.61
N ALA EA 123 -15.74 30.82 48.60
CA ALA EA 123 -16.16 32.08 49.14
C ALA EA 123 -16.11 33.19 48.10
N ILE EA 124 -14.95 33.29 47.40
CA ILE EA 124 -14.72 34.28 46.34
C ILE EA 124 -15.67 34.07 45.16
N LYS EA 125 -15.86 32.78 44.74
CA LYS EA 125 -16.79 32.41 43.70
C LYS EA 125 -18.20 32.87 43.95
N ALA EA 126 -18.69 32.64 45.19
CA ALA EA 126 -20.02 33.07 45.61
C ALA EA 126 -20.27 34.56 45.46
N ALA EA 127 -19.27 35.35 45.91
CA ALA EA 127 -19.27 36.79 45.90
C ALA EA 127 -19.33 37.39 44.52
N ILE EA 128 -18.49 36.86 43.54
CA ILE EA 128 -18.45 37.40 42.17
C ILE EA 128 -19.72 36.98 41.40
N LYS EA 129 -20.26 35.76 41.71
CA LYS EA 129 -21.47 35.24 41.11
C LYS EA 129 -22.66 36.08 41.49
N ASP EA 130 -22.76 36.42 42.81
CA ASP EA 130 -23.79 37.27 43.34
C ASP EA 130 -23.77 38.64 42.67
N TYR EA 131 -22.58 39.24 42.58
CA TYR EA 131 -22.33 40.52 41.91
C TYR EA 131 -22.78 40.59 40.47
N LYS EA 132 -22.41 39.57 39.65
CA LYS EA 132 -22.77 39.40 38.26
C LYS EA 132 -24.25 39.26 38.06
N SER EA 133 -24.96 38.54 38.97
CA SER EA 133 -26.39 38.38 38.95
C SER EA 133 -27.10 39.69 39.12
N LYS EA 134 -26.67 40.51 40.15
CA LYS EA 134 -27.31 41.74 40.49
C LYS EA 134 -27.10 42.83 39.47
N ARG EA 135 -25.99 42.79 38.69
CA ARG EA 135 -25.83 43.77 37.62
C ARG EA 135 -26.47 43.37 36.33
N ASN EA 136 -27.10 42.16 36.28
CA ASN EA 136 -27.95 41.63 35.21
C ASN EA 136 -27.13 41.01 34.12
N THR EA 137 -26.38 39.97 34.49
CA THR EA 137 -25.73 39.08 33.58
C THR EA 137 -25.66 37.73 34.27
N PRO EA 138 -26.75 36.98 34.45
CA PRO EA 138 -26.69 35.66 35.07
C PRO EA 138 -26.71 34.64 33.95
N THR EA 139 -26.70 35.08 32.70
CA THR EA 139 -26.88 34.15 31.58
C THR EA 139 -25.56 33.87 30.92
N MET EA 140 -24.46 34.52 31.37
CA MET EA 140 -23.15 34.28 30.87
C MET EA 140 -22.29 33.87 32.04
N LEU EA 141 -22.90 33.77 33.24
CA LEU EA 141 -22.35 33.25 34.45
C LEU EA 141 -22.27 31.75 34.26
N SER EA 142 -23.37 31.19 33.70
CA SER EA 142 -23.51 29.79 33.40
C SER EA 142 -24.22 29.73 32.04
N VAL FA 1 9.30 54.94 8.33
CA VAL FA 1 8.50 54.77 9.52
C VAL FA 1 7.08 54.84 9.07
N GLU FA 2 6.46 53.66 9.02
CA GLU FA 2 5.04 53.45 8.94
C GLU FA 2 4.79 52.00 9.30
N SER FA 3 5.90 51.26 9.55
CA SER FA 3 5.86 49.84 9.76
C SER FA 3 6.58 49.64 11.04
N SER FA 4 6.36 48.48 11.76
CA SER FA 4 5.45 47.38 11.42
C SER FA 4 4.13 47.47 12.19
N THR FA 5 3.98 48.51 13.04
CA THR FA 5 2.82 48.74 13.89
C THR FA 5 2.87 47.82 15.10
N ASP FA 6 2.61 48.28 16.35
CA ASP FA 6 2.27 49.60 16.84
C ASP FA 6 3.34 50.09 17.75
N GLY FA 7 4.49 49.36 17.87
CA GLY FA 7 5.59 49.70 18.76
C GLY FA 7 6.76 50.08 17.97
N GLN FA 8 6.81 49.70 16.66
CA GLN FA 8 7.95 49.95 15.82
C GLN FA 8 7.63 51.18 14.96
N VAL FA 9 6.41 51.73 15.16
CA VAL FA 9 6.03 53.04 14.71
C VAL FA 9 5.12 53.51 15.84
N VAL FA 10 5.44 54.68 16.44
CA VAL FA 10 4.76 55.16 17.62
C VAL FA 10 4.59 56.64 17.34
N PRO FA 11 3.60 57.28 17.99
CA PRO FA 11 3.36 58.71 17.91
C PRO FA 11 4.12 59.43 19.01
N GLN FA 12 5.03 58.70 19.72
CA GLN FA 12 5.87 59.08 20.83
C GLN FA 12 5.14 58.94 22.14
N GLU FA 13 4.12 58.04 22.23
CA GLU FA 13 3.52 57.74 23.48
C GLU FA 13 2.98 56.37 23.33
N VAL FA 14 2.80 55.65 24.44
CA VAL FA 14 2.25 54.32 24.44
C VAL FA 14 0.75 54.42 24.48
N LEU FA 15 0.19 55.59 24.84
CA LEU FA 15 -1.22 55.80 25.05
C LEU FA 15 -1.97 55.73 23.71
N ASN FA 16 -3.20 55.14 23.81
CA ASN FA 16 -4.18 55.03 22.76
C ASN FA 16 -3.64 54.42 21.46
N LEU FA 17 -3.11 53.17 21.55
CA LEU FA 17 -2.62 52.47 20.37
C LEU FA 17 -3.45 51.27 20.17
N PRO FA 18 -3.57 50.73 18.94
CA PRO FA 18 -4.31 49.50 18.68
C PRO FA 18 -3.35 48.37 18.94
N LEU FA 19 -3.88 47.15 19.14
CA LEU FA 19 -3.12 45.94 19.32
C LEU FA 19 -4.10 44.86 19.48
N GLU FA 20 -4.05 43.89 18.55
CA GLU FA 20 -4.87 42.73 18.59
C GLU FA 20 -4.01 41.58 19.07
N LYS FA 21 -3.68 41.56 20.38
CA LYS FA 21 -2.85 40.58 20.98
C LYS FA 21 -3.53 39.25 21.06
N ALA FA 22 -2.70 38.16 21.09
CA ALA FA 22 -3.07 36.75 21.18
C ALA FA 22 -3.67 36.30 19.88
N HIS FA 23 -3.05 36.75 18.79
CA HIS FA 23 -3.41 36.40 17.43
C HIS FA 23 -2.09 36.48 16.66
N GLU FA 24 -2.02 35.79 15.50
CA GLU FA 24 -0.86 35.69 14.65
C GLU FA 24 0.33 35.03 15.31
N GLU FA 25 0.29 33.74 15.76
CA GLU FA 25 -0.77 32.78 15.65
C GLU FA 25 -0.43 31.88 16.84
N ALA FA 26 -0.20 30.54 16.60
CA ALA FA 26 0.12 29.60 17.64
C ALA FA 26 1.43 29.94 18.38
N ASP FA 27 2.48 30.37 17.60
CA ASP FA 27 3.72 30.96 18.08
C ASP FA 27 3.48 32.09 19.09
N ASP FA 28 2.67 33.10 18.72
CA ASP FA 28 2.36 34.24 19.56
C ASP FA 28 1.79 33.82 20.90
N TYR FA 29 0.86 32.87 20.91
CA TYR FA 29 0.28 32.38 22.16
C TYR FA 29 1.29 31.67 23.05
N LEU FA 30 2.15 30.84 22.45
CA LEU FA 30 3.16 30.10 23.20
C LEU FA 30 4.17 31.05 23.85
N ASP FA 31 4.56 32.07 23.09
CA ASP FA 31 5.49 33.08 23.55
C ASP FA 31 4.98 33.86 24.70
N HIS FA 32 3.69 34.25 24.60
CA HIS FA 32 2.99 35.00 25.62
C HIS FA 32 2.94 34.28 26.93
N LEU FA 33 2.59 32.97 26.96
CA LEU FA 33 2.53 32.17 28.17
C LEU FA 33 3.90 32.04 28.82
N LEU FA 34 4.96 31.86 28.01
CA LEU FA 34 6.31 31.73 28.47
C LEU FA 34 6.75 33.03 29.13
N ASP FA 35 6.39 34.20 28.55
CA ASP FA 35 6.73 35.53 29.01
C ASP FA 35 6.13 35.80 30.37
N SER FA 36 4.85 35.40 30.62
CA SER FA 36 4.24 35.51 31.93
C SER FA 36 4.90 34.62 33.00
N LEU FA 37 5.10 33.36 32.67
CA LEU FA 37 5.61 32.35 33.58
C LEU FA 37 7.01 32.59 34.09
N GLU FA 38 7.94 32.85 33.11
CA GLU FA 38 9.34 33.21 33.37
C GLU FA 38 9.59 34.50 34.11
N GLU FA 39 8.88 35.61 33.73
CA GLU FA 39 9.04 36.94 34.31
C GLU FA 39 8.74 36.96 35.77
N LEU FA 40 7.59 36.32 36.19
CA LEU FA 40 7.20 36.16 37.57
C LEU FA 40 8.16 35.29 38.37
N SER FA 41 8.63 34.18 37.81
CA SER FA 41 9.48 33.22 38.44
C SER FA 41 10.79 33.76 38.87
N GLU FA 42 11.35 34.74 38.14
CA GLU FA 42 12.73 35.14 38.30
C GLU FA 42 13.07 35.69 39.69
N ALA FA 43 14.34 35.42 40.09
CA ALA FA 43 14.96 35.74 41.36
C ALA FA 43 14.63 34.65 42.33
N HIS FA 44 14.19 33.49 41.81
CA HIS FA 44 13.99 32.28 42.55
C HIS FA 44 14.33 31.14 41.62
N PRO FA 45 15.27 30.24 41.88
CA PRO FA 45 15.59 29.12 40.98
C PRO FA 45 14.83 27.93 41.45
N ASP FA 46 14.12 28.02 42.60
CA ASP FA 46 13.47 26.85 43.17
C ASP FA 46 12.01 26.93 42.82
N CYS FA 47 11.56 28.11 42.30
CA CYS FA 47 10.23 28.34 41.91
C CYS FA 47 9.95 27.58 40.62
N ILE FA 48 10.77 27.77 39.57
CA ILE FA 48 10.73 26.94 38.39
C ILE FA 48 12.18 26.75 38.08
N PRO FA 49 12.71 25.55 38.32
CA PRO FA 49 14.05 25.25 37.93
C PRO FA 49 14.24 25.01 36.45
N ASP FA 50 13.20 24.96 35.61
CA ASP FA 50 13.31 24.60 34.21
C ASP FA 50 11.98 24.72 33.50
N VAL FA 51 12.04 25.03 32.17
CA VAL FA 51 10.92 25.11 31.26
C VAL FA 51 11.57 24.55 30.04
N GLU FA 52 10.91 23.63 29.31
CA GLU FA 52 11.44 23.25 28.00
C GLU FA 52 10.23 22.99 27.13
N LEU FA 53 10.29 23.44 25.88
CA LEU FA 53 9.26 23.25 24.89
C LEU FA 53 9.96 22.55 23.78
N SER FA 54 9.63 21.24 23.58
CA SER FA 54 10.41 20.40 22.69
C SER FA 54 9.58 20.06 21.46
N HIS FA 55 8.23 20.32 21.51
CA HIS FA 55 7.31 19.97 20.44
C HIS FA 55 6.03 20.78 20.50
N GLY FA 56 5.95 21.71 21.49
CA GLY FA 56 4.71 22.31 21.93
C GLY FA 56 4.19 21.57 23.12
N VAL FA 57 4.92 20.50 23.50
CA VAL FA 57 4.73 19.77 24.71
C VAL FA 57 5.73 20.39 25.69
N MET FA 58 5.17 21.03 26.78
CA MET FA 58 5.93 21.84 27.66
C MET FA 58 6.04 21.09 28.92
N THR FA 59 7.28 20.93 29.40
CA THR FA 59 7.58 20.24 30.64
C THR FA 59 8.04 21.37 31.49
N LEU FA 60 7.60 21.33 32.76
CA LEU FA 60 7.98 22.30 33.76
C LEU FA 60 8.43 21.43 34.86
N GLU FA 61 9.76 21.29 35.05
CA GLU FA 61 10.36 20.66 36.23
C GLU FA 61 10.18 21.57 37.41
N ILE FA 62 9.41 21.13 38.46
CA ILE FA 62 9.41 21.81 39.72
C ILE FA 62 9.41 20.70 40.71
N PRO FA 63 10.46 20.34 41.45
CA PRO FA 63 10.45 19.30 42.50
C PRO FA 63 9.81 19.85 43.78
N ALA FA 64 9.75 21.20 43.87
CA ALA FA 64 9.49 21.94 45.08
C ALA FA 64 8.02 21.88 45.45
N PHE FA 65 7.15 22.09 44.47
CA PHE FA 65 5.71 22.16 44.70
C PHE FA 65 5.09 21.72 43.41
N GLY FA 66 3.74 21.65 43.34
CA GLY FA 66 2.95 21.24 42.19
C GLY FA 66 3.31 21.91 40.89
N THR FA 67 3.17 21.13 39.80
CA THR FA 67 3.49 21.60 38.47
C THR FA 67 2.73 20.72 37.53
N TYR FA 68 2.62 21.24 36.28
CA TYR FA 68 1.87 20.53 35.26
C TYR FA 68 2.37 20.96 33.91
N VAL FA 69 1.93 20.18 32.90
CA VAL FA 69 2.30 20.39 31.53
C VAL FA 69 1.29 21.27 30.83
N ILE FA 70 1.74 21.87 29.71
CA ILE FA 70 0.91 22.71 28.87
C ILE FA 70 1.28 22.11 27.56
N ASN FA 71 0.33 21.34 26.96
CA ASN FA 71 0.51 20.69 25.70
C ASN FA 71 -0.34 21.44 24.77
N LYS FA 72 -0.18 21.24 23.43
CA LYS FA 72 -0.99 21.90 22.43
C LYS FA 72 -1.80 20.81 21.82
N GLN FA 73 -3.12 20.88 22.06
CA GLN FA 73 -4.08 19.89 21.60
C GLN FA 73 -4.16 19.94 20.07
N PRO FA 74 -4.27 18.81 19.35
CA PRO FA 74 -4.43 18.77 17.90
C PRO FA 74 -5.70 19.52 17.46
N PRO FA 75 -5.81 19.97 16.19
CA PRO FA 75 -6.88 20.89 15.75
C PRO FA 75 -8.29 20.50 16.15
N ASN FA 76 -9.01 21.45 16.82
CA ASN FA 76 -10.24 21.28 17.54
C ASN FA 76 -9.91 21.56 18.99
N LYS FA 77 -10.24 22.85 19.34
CA LYS FA 77 -10.02 23.47 20.65
C LYS FA 77 -8.58 23.38 21.07
N GLN FA 78 -7.65 24.01 20.30
CA GLN FA 78 -6.20 23.85 20.45
C GLN FA 78 -5.75 24.44 21.75
N ILE FA 79 -4.70 23.78 22.35
CA ILE FA 79 -4.08 24.11 23.62
C ILE FA 79 -4.80 23.31 24.71
N TRP FA 80 -4.06 23.03 25.77
CA TRP FA 80 -4.64 22.38 26.94
C TRP FA 80 -3.85 22.75 28.18
N LEU FA 81 -4.54 22.86 29.31
CA LEU FA 81 -3.89 22.97 30.59
C LEU FA 81 -4.53 21.97 31.53
N ALA FA 82 -3.72 21.17 32.22
CA ALA FA 82 -4.28 20.30 33.21
C ALA FA 82 -3.71 20.70 34.50
N SER FA 83 -4.58 20.95 35.50
CA SER FA 83 -4.14 21.44 36.81
C SER FA 83 -4.61 20.39 37.78
N PRO FA 84 -3.82 19.74 38.68
CA PRO FA 84 -4.25 18.62 39.48
C PRO FA 84 -5.27 18.96 40.59
N LEU FA 85 -6.58 18.92 40.24
CA LEU FA 85 -7.74 19.27 41.00
C LEU FA 85 -8.73 19.57 39.95
N SER FA 86 -8.41 20.60 39.08
CA SER FA 86 -9.22 21.00 37.97
C SER FA 86 -9.32 19.93 36.90
N GLY FA 87 -8.20 19.22 36.68
CA GLY FA 87 -8.13 18.21 35.64
C GLY FA 87 -7.80 18.90 34.34
N PRO FA 88 -7.76 18.14 33.25
CA PRO FA 88 -7.45 18.67 31.93
C PRO FA 88 -8.61 19.47 31.39
N ASN FA 89 -8.31 20.50 30.60
CA ASN FA 89 -9.33 21.34 30.04
C ASN FA 89 -8.74 21.84 28.74
N ARG FA 90 -9.66 22.18 27.81
CA ARG FA 90 -9.36 22.62 26.46
C ARG FA 90 -9.98 23.98 26.37
N PHE FA 91 -9.24 24.90 25.73
CA PHE FA 91 -9.51 26.32 25.74
C PHE FA 91 -9.81 26.75 24.32
N ASP FA 92 -10.88 27.55 24.14
CA ASP FA 92 -11.36 28.11 22.90
C ASP FA 92 -11.53 29.57 23.13
N LEU FA 93 -11.41 30.42 22.08
CA LEU FA 93 -11.40 31.86 22.18
C LEU FA 93 -12.70 32.37 22.78
N LEU FA 94 -12.66 33.50 23.50
CA LEU FA 94 -13.86 34.09 24.03
C LEU FA 94 -13.61 35.56 24.24
N ASN FA 95 -12.41 36.04 23.82
CA ASN FA 95 -12.05 37.38 23.97
C ASN FA 95 -10.85 37.62 23.06
N GLY FA 96 -10.53 36.63 22.20
CA GLY FA 96 -9.40 36.69 21.28
C GLY FA 96 -8.16 36.17 21.91
N GLU FA 97 -8.24 35.63 23.15
CA GLU FA 97 -7.19 34.85 23.71
C GLU FA 97 -7.86 33.56 24.15
N TRP FA 98 -7.11 32.44 24.30
CA TRP FA 98 -7.61 31.13 24.70
C TRP FA 98 -8.28 31.23 26.07
N VAL FA 99 -9.54 30.77 26.15
CA VAL FA 99 -10.37 30.85 27.33
C VAL FA 99 -10.92 29.47 27.65
N SER FA 100 -10.87 29.06 28.97
CA SER FA 100 -11.56 27.86 29.41
C SER FA 100 -12.97 28.34 29.49
N LEU FA 101 -13.90 27.64 28.83
CA LEU FA 101 -15.25 28.06 28.79
C LEU FA 101 -15.98 27.59 30.02
N ARG FA 102 -15.52 26.45 30.56
CA ARG FA 102 -15.99 25.88 31.80
C ARG FA 102 -15.72 26.80 32.97
N ASN FA 103 -14.48 27.34 33.08
CA ASN FA 103 -14.07 28.31 34.07
C ASN FA 103 -14.60 29.67 33.77
N GLY FA 104 -14.62 30.06 32.48
CA GLY FA 104 -15.08 31.34 32.03
C GLY FA 104 -14.02 32.39 32.21
N THR FA 105 -12.72 32.11 31.84
CA THR FA 105 -11.63 33.01 32.09
C THR FA 105 -10.46 32.55 31.31
N LYS FA 106 -9.53 33.53 31.06
CA LYS FA 106 -8.31 33.35 30.33
C LYS FA 106 -7.34 32.43 31.04
N LEU FA 107 -6.42 31.82 30.23
CA LEU FA 107 -5.37 30.91 30.65
C LEU FA 107 -4.19 31.62 31.27
N THR FA 108 -3.88 32.84 30.78
CA THR FA 108 -2.79 33.70 31.23
C THR FA 108 -2.84 33.93 32.71
N ASP FA 109 -4.05 34.21 33.23
CA ASP FA 109 -4.31 34.43 34.63
C ASP FA 109 -4.06 33.22 35.50
N ILE FA 110 -4.30 31.99 35.01
CA ILE FA 110 -4.09 30.78 35.79
C ILE FA 110 -2.61 30.59 36.10
N LEU FA 111 -1.76 30.88 35.11
CA LEU FA 111 -0.32 30.84 35.22
C LEU FA 111 0.19 31.92 36.14
N THR FA 112 -0.28 33.18 35.95
CA THR FA 112 -0.06 34.33 36.79
C THR FA 112 -0.10 33.96 38.27
N GLU FA 113 -1.27 33.45 38.75
CA GLU FA 113 -1.46 33.00 40.14
C GLU FA 113 -0.45 31.99 40.60
N GLU FA 114 -0.19 30.92 39.82
CA GLU FA 114 0.56 29.77 40.30
C GLU FA 114 2.04 30.06 40.50
N VAL FA 115 2.63 30.91 39.60
CA VAL FA 115 4.00 31.41 39.76
C VAL FA 115 4.15 32.39 40.92
N GLU FA 116 3.20 33.37 41.01
CA GLU FA 116 3.37 34.45 41.95
C GLU FA 116 3.10 34.07 43.38
N LYS FA 117 2.20 33.09 43.58
CA LYS FA 117 2.03 32.49 44.89
C LYS FA 117 3.24 31.72 45.38
N ALA FA 118 4.11 31.22 44.45
CA ALA FA 118 5.21 30.34 44.79
C ALA FA 118 6.36 31.18 45.26
N ILE FA 119 6.73 32.25 44.49
CA ILE FA 119 7.84 33.14 44.85
C ILE FA 119 7.69 33.75 46.22
N SER FA 120 6.41 34.01 46.63
CA SER FA 120 6.02 34.47 47.95
C SER FA 120 6.37 33.45 49.02
N LYS FA 121 5.73 32.26 48.92
CA LYS FA 121 5.88 31.20 49.87
C LYS FA 121 6.17 29.94 49.05
N GLY GA 1 -51.78 10.43 18.24
CA GLY GA 1 -51.79 11.07 19.57
C GLY GA 1 -52.95 10.54 20.37
N SER GA 2 -53.51 11.41 21.24
CA SER GA 2 -54.65 11.06 22.05
C SER GA 2 -55.41 12.38 22.18
N HIS GA 3 -56.65 12.34 22.72
CA HIS GA 3 -57.46 13.51 22.91
C HIS GA 3 -56.93 14.37 24.00
N MET GA 4 -57.09 15.70 23.85
CA MET GA 4 -56.64 16.69 24.79
C MET GA 4 -57.22 16.61 26.19
N SER GA 5 -58.57 16.57 26.45
CA SER GA 5 -59.69 16.59 25.55
C SER GA 5 -60.18 18.02 25.43
N SER GA 6 -60.36 18.50 24.18
CA SER GA 6 -60.74 19.84 23.87
C SER GA 6 -61.38 19.76 22.53
N ILE GA 7 -62.50 19.04 22.45
CA ILE GA 7 -63.25 18.77 21.25
C ILE GA 7 -64.56 19.54 21.39
N THR GA 8 -64.53 20.53 22.33
CA THR GA 8 -65.63 21.28 22.92
C THR GA 8 -66.09 20.47 24.14
N LYS GA 9 -65.16 19.59 24.69
CA LYS GA 9 -65.40 18.74 25.83
C LYS GA 9 -64.33 19.04 26.82
N ARG GA 10 -64.58 18.88 28.15
CA ARG GA 10 -65.74 18.33 28.79
C ARG GA 10 -66.29 19.36 29.73
N LEU GA 11 -67.58 19.73 29.48
CA LEU GA 11 -68.40 20.69 30.21
C LEU GA 11 -67.74 22.09 30.07
N TYR GA 12 -67.21 22.33 28.85
CA TYR GA 12 -66.61 23.60 28.49
C TYR GA 12 -67.60 24.74 28.33
N HIS GA 13 -68.70 24.65 27.56
CA HIS GA 13 -69.17 23.60 26.73
C HIS GA 13 -69.12 23.96 25.24
N PRO GA 14 -69.13 25.19 24.68
CA PRO GA 14 -68.92 25.40 23.26
C PRO GA 14 -67.43 25.57 23.05
N LYS GA 15 -66.66 25.75 24.15
CA LYS GA 15 -65.21 25.93 24.18
C LYS GA 15 -64.93 26.68 25.46
N VAL GA 16 -63.70 26.44 25.99
CA VAL GA 16 -63.09 27.13 27.09
C VAL GA 16 -62.50 28.42 26.58
N ILE GA 17 -61.99 28.40 25.33
CA ILE GA 17 -61.49 29.55 24.63
C ILE GA 17 -62.63 30.55 24.41
N GLU GA 18 -63.81 30.01 24.07
CA GLU GA 18 -65.06 30.75 23.91
C GLU GA 18 -65.46 31.39 25.20
N HIS GA 19 -65.31 30.68 26.33
CA HIS GA 19 -65.59 31.21 27.65
C HIS GA 19 -64.73 32.41 28.00
N TYR GA 20 -63.45 32.38 27.59
CA TYR GA 20 -62.51 33.47 27.78
C TYR GA 20 -62.78 34.65 26.91
N THR GA 21 -63.94 34.72 26.18
CA THR GA 21 -64.39 35.89 25.44
C THR GA 21 -65.90 35.87 25.53
N HIS GA 22 -66.62 36.61 26.41
CA HIS GA 22 -66.15 37.51 27.46
C HIS GA 22 -65.37 38.70 26.93
N PRO GA 23 -65.92 39.60 26.13
CA PRO GA 23 -67.33 39.69 25.83
C PRO GA 23 -67.63 39.12 24.46
N ARG GA 24 -68.71 38.28 24.36
CA ARG GA 24 -69.05 37.68 23.10
C ARG GA 24 -70.16 38.45 22.49
N ASN GA 25 -70.12 38.71 21.13
CA ASN GA 25 -69.10 38.34 20.21
C ASN GA 25 -67.89 39.25 20.30
N VAL GA 26 -67.99 40.63 20.40
CA VAL GA 26 -69.10 41.56 20.33
C VAL GA 26 -68.91 42.41 19.10
N GLY GA 27 -67.82 42.13 18.32
CA GLY GA 27 -67.50 42.84 17.12
C GLY GA 27 -66.88 44.16 17.41
N SER GA 28 -66.47 44.39 18.67
CA SER GA 28 -65.89 45.63 19.09
C SER GA 28 -64.93 45.28 20.23
N LEU GA 29 -64.67 43.97 20.45
CA LEU GA 29 -63.69 43.45 21.39
C LEU GA 29 -62.30 43.86 21.05
N ASP GA 30 -61.43 44.10 22.08
CA ASP GA 30 -60.08 44.55 21.83
C ASP GA 30 -59.27 44.00 22.94
N LYS GA 31 -57.91 44.14 22.85
CA LYS GA 31 -57.01 43.77 23.89
C LYS GA 31 -57.12 44.79 24.99
N LYS GA 32 -57.27 44.26 26.25
CA LYS GA 32 -57.45 45.04 27.42
C LYS GA 32 -57.11 44.08 28.57
N LEU GA 33 -56.73 44.60 29.77
CA LEU GA 33 -56.43 45.97 30.09
C LEU GA 33 -55.03 46.05 30.64
N PRO GA 34 -54.46 45.26 31.56
CA PRO GA 34 -53.08 45.43 31.97
C PRO GA 34 -52.21 44.65 31.02
N ASN GA 35 -50.88 44.80 31.16
CA ASN GA 35 -49.94 44.07 30.32
C ASN GA 35 -48.68 44.01 31.16
N VAL GA 36 -47.84 43.02 30.78
CA VAL GA 36 -46.61 42.66 31.45
C VAL GA 36 -45.49 42.96 30.49
N GLY GA 37 -45.81 43.38 29.24
CA GLY GA 37 -44.84 43.54 28.19
C GLY GA 37 -44.83 42.20 27.51
N THR GA 38 -43.67 41.50 27.65
CA THR GA 38 -43.39 40.13 27.21
C THR GA 38 -43.87 39.82 25.80
N GLY GA 39 -44.27 38.57 25.51
CA GLY GA 39 -44.66 38.13 24.21
C GLY GA 39 -46.13 38.21 24.06
N LEU GA 40 -46.56 38.73 22.89
CA LEU GA 40 -47.93 38.73 22.42
C LEU GA 40 -47.75 38.49 20.96
N VAL GA 41 -48.57 37.60 20.40
CA VAL GA 41 -48.51 37.25 18.97
C VAL GA 41 -49.89 36.88 18.59
N GLY GA 42 -50.25 37.06 17.31
CA GLY GA 42 -51.52 36.67 16.85
C GLY GA 42 -51.57 36.94 15.40
N ALA GA 43 -52.10 35.94 14.64
CA ALA GA 43 -52.34 36.03 13.26
C ALA GA 43 -53.80 35.76 13.06
N PRO GA 44 -54.54 36.61 12.41
CA PRO GA 44 -55.95 36.36 12.17
C PRO GA 44 -56.11 35.41 11.04
N ALA GA 45 -55.07 35.21 10.20
CA ALA GA 45 -55.10 34.35 9.06
C ALA GA 45 -55.14 32.93 9.56
N CYS GA 46 -54.34 32.60 10.57
CA CYS GA 46 -54.33 31.28 11.23
C CYS GA 46 -55.46 31.17 12.23
N GLY GA 47 -55.99 32.33 12.66
CA GLY GA 47 -57.14 32.42 13.57
C GLY GA 47 -56.73 32.27 15.00
N ASP GA 48 -55.40 32.17 15.27
CA ASP GA 48 -54.91 31.94 16.58
C ASP GA 48 -54.36 33.25 17.11
N VAL GA 49 -54.28 33.35 18.46
CA VAL GA 49 -53.70 34.46 19.16
C VAL GA 49 -53.22 33.76 20.42
N MET GA 50 -52.01 34.07 20.93
CA MET GA 50 -51.54 33.59 22.21
C MET GA 50 -50.77 34.70 22.84
N ARG GA 51 -50.80 34.77 24.16
CA ARG GA 51 -50.10 35.81 24.88
C ARG GA 51 -49.53 35.09 26.09
N LEU GA 52 -48.19 34.96 26.16
CA LEU GA 52 -47.56 34.36 27.28
C LEU GA 52 -46.99 35.47 28.08
N GLN GA 53 -47.24 35.46 29.41
CA GLN GA 53 -46.66 36.44 30.29
C GLN GA 53 -45.75 35.63 31.18
N ILE GA 54 -44.41 35.86 31.01
CA ILE GA 54 -43.42 35.20 31.82
C ILE GA 54 -43.18 36.10 33.01
N LYS GA 55 -42.82 35.47 34.15
CA LYS GA 55 -42.23 36.19 35.27
C LYS GA 55 -40.91 35.49 35.49
N VAL GA 56 -39.81 36.25 35.73
CA VAL GA 56 -38.51 35.65 35.78
C VAL GA 56 -37.85 36.28 36.98
N ASN GA 57 -37.26 35.44 37.87
CA ASN GA 57 -36.39 35.90 38.93
C ASN GA 57 -35.18 36.49 38.27
N ASP GA 58 -34.99 37.82 38.41
CA ASP GA 58 -33.97 38.57 37.70
C ASP GA 58 -32.55 38.08 37.99
N SER GA 59 -32.28 37.82 39.31
CA SER GA 59 -30.97 37.37 39.79
C SER GA 59 -30.64 35.94 39.45
N THR GA 60 -31.59 35.00 39.59
CA THR GA 60 -31.35 33.59 39.35
C THR GA 60 -31.32 33.27 37.87
N GLY GA 61 -32.26 33.85 37.06
CA GLY GA 61 -32.40 33.53 35.67
C GLY GA 61 -33.40 32.44 35.49
N VAL GA 62 -34.12 32.07 36.58
CA VAL GA 62 -35.03 30.93 36.60
C VAL GA 62 -36.39 31.49 36.49
N ILE GA 63 -37.25 30.81 35.73
CA ILE GA 63 -38.62 31.21 35.41
C ILE GA 63 -39.48 30.83 36.59
N GLU GA 64 -39.96 31.87 37.30
CA GLU GA 64 -40.80 31.78 38.47
C GLU GA 64 -42.12 31.24 38.08
N ASP GA 65 -42.70 31.78 36.98
CA ASP GA 65 -44.04 31.43 36.55
C ASP GA 65 -44.10 31.73 35.08
N VAL GA 66 -45.02 31.04 34.36
CA VAL GA 66 -45.39 31.48 33.03
C VAL GA 66 -46.76 30.96 32.96
N LYS GA 67 -47.71 31.83 32.54
CA LYS GA 67 -49.12 31.56 32.35
C LYS GA 67 -49.38 31.95 30.95
N PHE GA 68 -50.52 31.49 30.44
CA PHE GA 68 -50.79 31.61 29.02
C PHE GA 68 -52.19 32.11 28.78
N LYS GA 69 -52.41 32.62 27.55
CA LYS GA 69 -53.73 32.79 26.94
C LYS GA 69 -53.69 31.99 25.70
N THR GA 70 -54.80 31.25 25.39
CA THR GA 70 -54.91 30.50 24.20
C THR GA 70 -56.19 30.89 23.55
N PHE GA 71 -56.07 31.31 22.25
CA PHE GA 71 -57.16 31.56 21.36
C PHE GA 71 -56.80 30.80 20.16
N GLY GA 72 -57.78 30.04 19.55
CA GLY GA 72 -57.51 29.26 18.35
C GLY GA 72 -58.04 27.87 18.53
N CYS GA 73 -57.29 26.91 17.95
CA CYS GA 73 -57.62 25.50 17.90
C CYS GA 73 -57.64 24.85 19.22
N GLY GA 74 -58.49 23.84 19.44
CA GLY GA 74 -58.61 23.15 20.70
C GLY GA 74 -57.34 22.45 21.11
N SER GA 75 -56.58 21.98 20.07
CA SER GA 75 -55.32 21.27 20.18
C SER GA 75 -54.29 22.11 20.89
N ALA GA 76 -54.33 23.45 20.72
CA ALA GA 76 -53.40 24.41 21.29
C ALA GA 76 -53.51 24.55 22.79
N ILE GA 77 -54.69 24.27 23.40
CA ILE GA 77 -54.93 24.45 24.81
C ILE GA 77 -54.02 23.56 25.64
N ALA GA 78 -53.91 22.28 25.21
CA ALA GA 78 -53.05 21.24 25.75
C ALA GA 78 -51.59 21.53 25.60
N SER GA 79 -51.23 22.19 24.44
CA SER GA 79 -49.86 22.55 24.11
C SER GA 79 -49.28 23.56 25.04
N SER GA 80 -50.07 24.61 25.30
CA SER GA 80 -49.80 25.69 26.22
C SER GA 80 -49.72 25.21 27.62
N SER GA 81 -50.66 24.33 28.04
CA SER GA 81 -50.66 23.76 29.37
C SER GA 81 -49.37 23.01 29.69
N TYR GA 82 -48.96 22.00 28.87
CA TYR GA 82 -47.86 21.14 29.19
C TYR GA 82 -46.55 21.84 29.12
N MET GA 83 -46.38 22.78 28.15
CA MET GA 83 -45.15 23.53 27.98
C MET GA 83 -44.86 24.44 29.15
N THR GA 84 -45.91 25.15 29.67
CA THR GA 84 -45.77 26.08 30.79
C THR GA 84 -45.41 25.33 32.05
N GLU GA 85 -46.00 24.13 32.30
CA GLU GA 85 -45.63 23.27 33.42
C GLU GA 85 -44.12 22.96 33.48
N LEU GA 86 -43.54 22.47 32.36
CA LEU GA 86 -42.15 22.06 32.25
C LEU GA 86 -41.21 23.23 32.50
N VAL GA 87 -41.49 24.37 31.83
CA VAL GA 87 -40.75 25.62 31.89
C VAL GA 87 -40.74 26.27 33.25
N GLN GA 88 -41.87 26.26 33.98
CA GLN GA 88 -41.95 26.78 35.32
C GLN GA 88 -41.10 26.00 36.26
N GLY GA 89 -40.40 26.74 37.17
CA GLY GA 89 -39.48 26.16 38.09
C GLY GA 89 -38.26 25.57 37.42
N MET GA 90 -37.90 26.08 36.24
CA MET GA 90 -36.87 25.44 35.47
C MET GA 90 -36.18 26.48 34.67
N THR GA 91 -34.91 26.17 34.31
CA THR GA 91 -33.92 26.99 33.62
C THR GA 91 -34.48 27.85 32.50
N LEU GA 92 -33.72 28.94 32.18
CA LEU GA 92 -34.00 29.84 31.10
C LEU GA 92 -33.91 29.10 29.80
N ASP GA 93 -32.89 28.21 29.70
CA ASP GA 93 -32.62 27.45 28.51
C ASP GA 93 -33.77 26.52 28.16
N ASP GA 94 -34.38 25.93 29.20
CA ASP GA 94 -35.61 25.13 29.13
C ASP GA 94 -36.77 25.89 28.60
N ALA GA 95 -36.90 27.18 28.96
CA ALA GA 95 -37.93 28.11 28.57
C ALA GA 95 -37.92 28.33 27.05
N ALA GA 96 -36.66 28.48 26.53
CA ALA GA 96 -36.28 28.57 25.14
C ALA GA 96 -36.49 27.24 24.50
N LYS GA 97 -36.13 27.18 23.17
CA LYS GA 97 -36.16 26.05 22.22
C LYS GA 97 -37.47 25.28 22.18
N ILE GA 98 -38.61 26.02 22.19
CA ILE GA 98 -39.91 25.46 21.99
C ILE GA 98 -40.28 25.86 20.62
N LYS GA 99 -40.70 24.89 19.81
CA LYS GA 99 -40.94 25.03 18.41
C LYS GA 99 -42.23 24.28 18.18
N ASN GA 100 -42.77 24.39 16.94
CA ASN GA 100 -43.96 23.74 16.40
C ASN GA 100 -43.79 22.25 16.40
N THR GA 101 -42.54 21.79 16.11
CA THR GA 101 -42.25 20.37 16.06
C THR GA 101 -42.42 19.70 17.42
N GLU GA 102 -41.99 20.35 18.54
CA GLU GA 102 -42.20 19.86 19.89
C GLU GA 102 -43.68 19.79 20.26
N ILE GA 103 -44.45 20.82 19.85
CA ILE GA 103 -45.88 20.85 20.06
C ILE GA 103 -46.61 19.77 19.31
N ALA GA 104 -46.23 19.45 18.05
CA ALA GA 104 -46.74 18.37 17.20
C ALA GA 104 -46.45 17.04 17.82
N LYS GA 105 -45.25 16.86 18.42
CA LYS GA 105 -44.84 15.69 19.15
C LYS GA 105 -45.70 15.43 20.34
N GLU GA 106 -46.02 16.53 21.08
CA GLU GA 106 -46.92 16.43 22.22
C GLU GA 106 -48.31 16.02 21.79
N LEU GA 107 -48.84 16.55 20.66
CA LEU GA 107 -50.13 16.21 20.15
C LEU GA 107 -50.07 14.91 19.40
N SER GA 108 -50.05 14.94 18.02
CA SER GA 108 -49.89 13.75 17.23
C SER GA 108 -48.59 13.78 16.48
N LEU GA 109 -48.66 14.08 15.18
CA LEU GA 109 -47.54 14.20 14.26
C LEU GA 109 -47.91 15.45 13.48
N PRO GA 110 -46.99 16.17 12.85
CA PRO GA 110 -47.28 17.45 12.16
C PRO GA 110 -47.81 17.20 10.75
N PRO GA 111 -48.62 18.13 10.22
CA PRO GA 111 -49.06 18.11 8.84
C PRO GA 111 -47.91 18.46 7.89
N VAL GA 112 -48.23 18.82 6.62
CA VAL GA 112 -47.23 19.19 5.64
C VAL GA 112 -46.59 20.46 6.12
N LYS GA 113 -45.32 20.36 6.50
CA LYS GA 113 -44.46 21.46 6.91
C LYS GA 113 -45.03 22.27 8.02
N LEU GA 114 -45.31 21.57 9.15
CA LEU GA 114 -45.81 22.13 10.39
C LEU GA 114 -47.25 22.51 10.30
N HIS GA 115 -47.96 22.41 11.45
CA HIS GA 115 -49.38 22.67 11.57
C HIS GA 115 -49.81 24.09 11.36
N CYS GA 116 -48.97 25.05 11.86
CA CYS GA 116 -49.19 26.47 11.91
C CYS GA 116 -50.53 26.81 12.49
N SER GA 117 -50.87 26.12 13.61
CA SER GA 117 -52.12 26.23 14.34
C SER GA 117 -51.77 26.63 15.77
N MET GA 118 -50.48 26.91 16.01
CA MET GA 118 -50.01 27.34 17.28
C MET GA 118 -48.99 28.41 16.97
N LEU GA 119 -48.98 29.47 17.78
CA LEU GA 119 -48.06 30.59 17.66
C LEU GA 119 -47.30 30.68 18.97
N ALA GA 120 -47.22 29.52 19.69
CA ALA GA 120 -46.64 29.29 21.00
C ALA GA 120 -45.17 29.64 20.92
N GLU GA 121 -44.50 29.15 19.88
CA GLU GA 121 -43.07 29.32 19.70
C GLU GA 121 -42.69 30.76 19.50
N ASP GA 122 -43.51 31.53 18.72
CA ASP GA 122 -43.28 32.94 18.42
C ASP GA 122 -43.36 33.77 19.67
N ALA GA 123 -44.34 33.46 20.55
CA ALA GA 123 -44.56 34.09 21.80
C ALA GA 123 -43.45 33.90 22.77
N ILE GA 124 -42.90 32.67 22.83
CA ILE GA 124 -41.77 32.33 23.66
C ILE GA 124 -40.54 33.09 23.21
N LYS GA 125 -40.28 33.19 21.88
CA LYS GA 125 -39.13 33.90 21.37
C LYS GA 125 -39.23 35.37 21.69
N ALA GA 126 -40.45 35.97 21.55
CA ALA GA 126 -40.68 37.37 21.86
C ALA GA 126 -40.44 37.65 23.32
N ALA GA 127 -40.92 36.73 24.21
CA ALA GA 127 -40.76 36.89 25.65
C ALA GA 127 -39.32 36.83 26.09
N ILE GA 128 -38.50 35.87 25.53
CA ILE GA 128 -37.10 35.71 25.80
C ILE GA 128 -36.29 36.87 25.39
N LYS GA 129 -36.57 37.40 24.18
CA LYS GA 129 -35.91 38.56 23.61
C LYS GA 129 -36.19 39.79 24.45
N ASP GA 130 -37.44 39.94 24.96
CA ASP GA 130 -37.81 40.96 25.88
C ASP GA 130 -37.03 40.85 27.18
N TYR GA 131 -36.81 39.63 27.75
CA TYR GA 131 -36.02 39.45 28.96
C TYR GA 131 -34.58 39.89 28.77
N LYS GA 132 -34.00 39.58 27.58
CA LYS GA 132 -32.70 39.94 27.21
C LYS GA 132 -32.54 41.46 27.14
N SER GA 133 -33.58 42.18 26.59
CA SER GA 133 -33.66 43.63 26.49
C SER GA 133 -33.69 44.30 27.83
N LYS GA 134 -34.46 43.68 28.77
CA LYS GA 134 -34.65 44.09 30.16
C LYS GA 134 -33.36 44.07 30.94
N ARG GA 135 -32.58 43.00 30.73
CA ARG GA 135 -31.34 42.85 31.42
C ARG GA 135 -30.22 43.55 30.68
N ASN GA 136 -30.48 43.96 29.42
CA ASN GA 136 -29.49 44.65 28.61
C ASN GA 136 -28.28 43.86 28.28
N THR GA 137 -28.46 42.76 27.48
CA THR GA 137 -27.35 42.02 26.92
C THR GA 137 -27.57 42.02 25.39
N PRO GA 138 -26.62 42.43 24.49
CA PRO GA 138 -26.93 42.64 23.09
C PRO GA 138 -26.19 41.67 22.16
N THR GA 139 -25.04 41.05 22.48
CA THR GA 139 -24.23 40.33 21.51
C THR GA 139 -24.73 38.94 21.40
N MET GA 140 -25.09 38.32 22.55
CA MET GA 140 -25.63 36.99 22.63
C MET GA 140 -27.03 36.97 22.09
N LEU GA 141 -27.66 38.14 22.10
CA LEU GA 141 -29.03 38.33 21.66
C LEU GA 141 -29.11 38.31 20.16
N SER GA 142 -28.08 38.89 19.52
CA SER GA 142 -28.01 38.93 18.08
C SER GA 142 -27.41 37.64 17.45
N VAL HA 1 -13.24 14.27 52.39
CA VAL HA 1 -12.13 15.24 52.48
C VAL HA 1 -10.90 14.72 51.86
N GLU HA 2 -10.74 13.38 51.83
CA GLU HA 2 -9.67 12.73 51.12
C GLU HA 2 -10.31 11.60 50.35
N SER HA 3 -9.59 11.13 49.28
CA SER HA 3 -9.92 9.93 48.49
C SER HA 3 -11.03 10.30 47.53
N SER HA 4 -10.83 10.23 46.18
CA SER HA 4 -9.59 10.00 45.42
C SER HA 4 -8.97 11.36 45.07
N THR HA 5 -9.49 12.46 45.68
CA THR HA 5 -9.02 13.83 45.59
C THR HA 5 -9.19 14.45 44.21
N ASP HA 6 -9.03 15.78 43.99
CA ASP HA 6 -8.73 16.87 44.90
C ASP HA 6 -9.85 17.87 44.70
N GLY HA 7 -10.49 17.90 43.53
CA GLY HA 7 -11.66 18.73 43.25
C GLY HA 7 -12.90 18.00 43.63
N GLN HA 8 -12.79 16.67 43.76
CA GLN HA 8 -13.87 15.76 43.98
C GLN HA 8 -14.31 15.87 45.43
N VAL HA 9 -13.28 15.85 46.31
CA VAL HA 9 -13.45 15.86 47.75
C VAL HA 9 -14.05 17.17 48.22
N VAL HA 10 -14.99 17.02 49.15
CA VAL HA 10 -15.74 18.05 49.82
C VAL HA 10 -16.14 17.37 51.11
N PRO HA 11 -16.60 18.04 52.14
CA PRO HA 11 -17.15 17.38 53.32
C PRO HA 11 -18.65 17.28 53.21
N GLN HA 12 -19.28 17.69 52.09
CA GLN HA 12 -20.69 17.67 51.75
C GLN HA 12 -21.43 18.56 52.73
N GLU HA 13 -20.94 19.81 52.91
CA GLU HA 13 -21.57 20.77 53.78
C GLU HA 13 -21.01 22.12 53.42
N VAL HA 14 -20.32 22.15 52.26
CA VAL HA 14 -19.77 23.34 51.61
C VAL HA 14 -20.63 23.55 50.41
N LEU HA 15 -21.65 22.67 50.23
CA LEU HA 15 -22.48 22.61 49.06
C LEU HA 15 -23.75 23.36 49.31
N ASN HA 16 -23.64 24.62 49.81
CA ASN HA 16 -24.70 25.59 49.98
C ASN HA 16 -24.53 26.60 48.88
N LEU HA 17 -23.66 26.25 47.88
CA LEU HA 17 -23.26 27.05 46.76
C LEU HA 17 -23.22 26.11 45.59
N PRO HA 18 -23.29 26.58 44.35
CA PRO HA 18 -23.25 25.72 43.17
C PRO HA 18 -21.86 25.18 42.97
N LEU HA 19 -21.78 23.85 42.67
CA LEU HA 19 -20.54 23.13 42.50
C LEU HA 19 -20.21 23.16 41.04
N GLU HA 20 -18.89 22.97 40.74
CA GLU HA 20 -18.31 23.01 39.42
C GLU HA 20 -18.78 21.86 38.58
N LYS HA 21 -18.97 22.13 37.27
CA LYS HA 21 -19.42 21.18 36.28
C LYS HA 21 -18.44 20.04 36.09
N ALA HA 22 -17.14 20.40 36.08
CA ALA HA 22 -16.00 19.47 36.01
C ALA HA 22 -15.79 18.92 34.62
N HIS HA 23 -14.50 18.52 34.37
CA HIS HA 23 -14.02 18.03 33.10
C HIS HA 23 -13.40 16.69 33.42
N GLU HA 24 -12.17 16.40 32.94
CA GLU HA 24 -11.39 15.24 33.35
C GLU HA 24 -12.06 13.95 32.86
N GLU HA 25 -12.36 13.81 31.53
CA GLU HA 25 -11.80 14.53 30.40
C GLU HA 25 -13.01 15.00 29.65
N ALA HA 26 -12.94 15.14 28.31
CA ALA HA 26 -14.06 15.40 27.45
C ALA HA 26 -15.04 14.22 27.46
N ASP HA 27 -14.51 13.03 27.77
CA ASP HA 27 -15.20 11.81 27.96
C ASP HA 27 -16.20 11.86 29.05
N ASP HA 28 -15.89 12.51 30.21
CA ASP HA 28 -16.82 12.86 31.29
C ASP HA 28 -18.25 13.28 30.83
N TYR HA 29 -18.31 14.18 29.85
CA TYR HA 29 -19.52 14.67 29.18
C TYR HA 29 -20.28 13.60 28.49
N LEU HA 30 -19.57 12.76 27.74
CA LEU HA 30 -20.13 11.58 27.04
C LEU HA 30 -20.75 10.60 28.03
N ASP HA 31 -20.09 10.34 29.17
CA ASP HA 31 -20.53 9.46 30.22
C ASP HA 31 -21.83 9.95 30.85
N HIS HA 32 -21.83 11.24 31.20
CA HIS HA 32 -22.96 11.94 31.77
C HIS HA 32 -24.16 11.89 30.86
N LEU HA 33 -23.92 12.12 29.57
CA LEU HA 33 -24.89 12.09 28.48
C LEU HA 33 -25.53 10.73 28.35
N LEU HA 34 -24.67 9.67 28.35
CA LEU HA 34 -25.12 8.29 28.26
C LEU HA 34 -26.05 7.93 29.38
N ASP HA 35 -25.70 8.31 30.62
CA ASP HA 35 -26.50 8.10 31.80
C ASP HA 35 -27.86 8.76 31.69
N SER HA 36 -27.91 10.04 31.22
CA SER HA 36 -29.14 10.81 31.05
C SER HA 36 -30.09 10.09 30.10
N LEU HA 37 -29.57 9.58 28.96
CA LEU HA 37 -30.24 8.83 27.95
C LEU HA 37 -30.87 7.57 28.52
N GLU HA 38 -30.11 6.80 29.38
CA GLU HA 38 -30.61 5.59 29.98
C GLU HA 38 -31.84 5.83 30.84
N GLU HA 39 -31.78 6.92 31.63
CA GLU HA 39 -32.82 7.32 32.54
C GLU HA 39 -34.11 7.66 31.87
N LEU HA 40 -33.99 8.47 30.78
CA LEU HA 40 -35.09 8.89 29.98
C LEU HA 40 -35.79 7.73 29.27
N SER HA 41 -35.01 6.80 28.70
CA SER HA 41 -35.49 5.65 27.94
C SER HA 41 -36.40 4.75 28.76
N GLU HA 42 -35.96 4.43 30.03
CA GLU HA 42 -36.64 3.60 30.99
C GLU HA 42 -37.91 4.31 31.45
N ALA HA 43 -38.93 3.50 31.79
CA ALA HA 43 -40.30 3.92 32.09
C ALA HA 43 -40.98 4.13 30.80
N HIS HA 44 -40.86 3.09 29.94
CA HIS HA 44 -41.12 3.11 28.52
C HIS HA 44 -42.55 3.41 28.22
N PRO HA 45 -42.93 4.17 27.20
CA PRO HA 45 -44.35 4.34 26.89
C PRO HA 45 -44.63 3.51 25.66
N ASP HA 46 -43.65 2.69 25.16
CA ASP HA 46 -43.69 1.94 23.93
C ASP HA 46 -43.61 2.86 22.76
N CYS HA 47 -42.66 3.82 22.85
CA CYS HA 47 -42.35 4.69 21.74
C CYS HA 47 -40.85 4.68 21.64
N ILE HA 48 -40.14 4.51 22.79
CA ILE HA 48 -38.73 4.34 22.94
C ILE HA 48 -38.57 2.87 23.17
N PRO HA 49 -37.88 2.11 22.31
CA PRO HA 49 -37.68 0.68 22.52
C PRO HA 49 -36.37 0.42 23.22
N ASP HA 50 -35.27 1.19 23.02
CA ASP HA 50 -33.98 0.76 23.56
C ASP HA 50 -33.09 1.98 23.57
N VAL HA 51 -32.00 1.85 24.35
CA VAL HA 51 -30.81 2.66 24.36
C VAL HA 51 -29.73 1.70 24.18
N GLU HA 52 -28.71 1.98 23.31
CA GLU HA 52 -27.66 1.07 23.06
C GLU HA 52 -26.35 1.82 23.19
N LEU HA 53 -25.33 1.02 23.55
CA LEU HA 53 -23.98 1.42 23.65
C LEU HA 53 -23.21 0.18 23.35
N SER HA 54 -22.54 0.17 22.17
CA SER HA 54 -21.83 -0.94 21.62
C SER HA 54 -20.43 -0.90 22.13
N HIS HA 55 -19.50 -0.48 21.30
CA HIS HA 55 -18.08 -0.46 21.57
C HIS HA 55 -17.58 0.76 20.91
N GLY HA 56 -17.68 1.89 21.62
CA GLY HA 56 -17.32 3.21 21.13
C GLY HA 56 -18.35 3.88 20.27
N VAL HA 57 -19.52 3.22 20.09
CA VAL HA 57 -20.59 3.74 19.24
C VAL HA 57 -21.75 3.90 20.15
N MET HA 58 -22.44 5.07 20.08
CA MET HA 58 -23.59 5.31 20.90
C MET HA 58 -24.66 5.56 19.91
N THR HA 59 -25.74 4.74 19.96
CA THR HA 59 -26.93 4.89 19.14
C THR HA 59 -28.03 5.23 20.12
N LEU HA 60 -28.89 6.20 19.71
CA LEU HA 60 -30.00 6.56 20.50
C LEU HA 60 -31.19 6.43 19.62
N GLU HA 61 -31.93 5.31 19.86
CA GLU HA 61 -33.20 5.04 19.27
C GLU HA 61 -34.27 5.76 20.08
N ILE HA 62 -34.61 6.93 19.56
CA ILE HA 62 -35.40 7.96 20.15
C ILE HA 62 -36.86 7.64 19.89
N PRO HA 63 -37.88 8.18 20.58
CA PRO HA 63 -39.29 7.94 20.25
C PRO HA 63 -39.67 8.29 18.83
N ALA HA 64 -40.93 8.00 18.40
CA ALA HA 64 -41.37 8.15 17.02
C ALA HA 64 -41.63 9.64 16.71
N PHE HA 65 -40.52 10.43 16.71
CA PHE HA 65 -40.49 11.86 16.59
C PHE HA 65 -39.09 12.32 16.95
N GLY HA 66 -38.50 13.23 16.13
CA GLY HA 66 -37.23 13.86 16.41
C GLY HA 66 -36.08 12.92 16.30
N THR HA 67 -36.21 11.95 15.38
CA THR HA 67 -35.22 10.93 15.09
C THR HA 67 -33.91 11.50 14.67
N TYR HA 68 -32.85 10.90 15.20
CA TYR HA 68 -31.46 11.19 14.99
C TYR HA 68 -30.76 10.38 16.04
N VAL HA 69 -29.60 9.83 15.62
CA VAL HA 69 -28.63 9.22 16.51
C VAL HA 69 -27.77 10.34 17.02
N ILE HA 70 -27.13 10.09 18.18
CA ILE HA 70 -26.21 11.00 18.78
C ILE HA 70 -24.91 10.28 18.95
N ASN HA 71 -23.94 10.73 18.15
CA ASN HA 71 -22.57 10.25 18.16
C ASN HA 71 -21.79 11.58 18.19
N LYS HA 72 -20.50 11.58 18.58
CA LYS HA 72 -19.77 12.80 18.67
C LYS HA 72 -19.02 12.96 17.36
N GLN HA 73 -19.29 14.11 16.66
CA GLN HA 73 -18.86 14.40 15.32
C GLN HA 73 -17.34 14.38 15.29
N PRO HA 74 -16.68 13.89 14.20
CA PRO HA 74 -15.23 13.86 14.10
C PRO HA 74 -14.66 15.27 14.22
N PRO HA 75 -13.44 15.51 14.71
CA PRO HA 75 -12.84 16.77 15.12
C PRO HA 75 -13.39 18.05 14.55
N ASN HA 76 -13.89 18.93 15.45
CA ASN HA 76 -14.59 20.19 15.23
C ASN HA 76 -16.01 19.99 14.74
N LYS HA 77 -16.90 20.94 15.13
CA LYS HA 77 -18.28 20.97 14.84
C LYS HA 77 -19.00 19.83 15.53
N GLN HA 78 -18.76 19.65 16.85
CA GLN HA 78 -19.07 18.50 17.66
C GLN HA 78 -20.52 18.15 17.71
N ILE HA 79 -20.75 16.83 17.89
CA ILE HA 79 -22.02 16.18 18.10
C ILE HA 79 -22.97 16.30 16.92
N TRP HA 80 -23.36 15.12 16.39
CA TRP HA 80 -24.37 14.89 15.38
C TRP HA 80 -25.75 15.26 15.82
N LEU HA 81 -26.53 15.76 14.87
CA LEU HA 81 -27.92 16.06 15.06
C LEU HA 81 -28.49 15.98 13.69
N ALA HA 82 -29.80 15.70 13.56
CA ALA HA 82 -30.45 15.63 12.28
C ALA HA 82 -31.93 15.49 12.49
N SER HA 83 -32.62 16.62 12.89
CA SER HA 83 -34.02 16.72 13.15
C SER HA 83 -34.83 16.44 11.87
N PRO HA 84 -35.98 15.78 11.90
CA PRO HA 84 -36.75 15.56 10.70
C PRO HA 84 -37.39 16.74 10.01
N LEU HA 85 -37.76 17.81 10.76
CA LEU HA 85 -38.33 18.99 10.14
C LEU HA 85 -37.41 20.22 10.25
N SER HA 86 -36.39 20.22 11.13
CA SER HA 86 -35.60 21.42 11.35
C SER HA 86 -34.19 21.21 10.84
N GLY HA 87 -33.84 19.97 10.38
CA GLY HA 87 -32.56 19.64 9.78
C GLY HA 87 -31.39 19.75 10.75
N PRO HA 88 -30.16 19.44 10.33
CA PRO HA 88 -28.96 19.43 11.17
C PRO HA 88 -28.74 20.64 12.05
N ASN HA 89 -28.07 20.41 13.21
CA ASN HA 89 -27.63 21.42 14.13
C ASN HA 89 -26.35 20.85 14.65
N ARG HA 90 -25.44 21.72 15.11
CA ARG HA 90 -24.21 21.29 15.71
C ARG HA 90 -23.84 22.18 16.87
N PHE HA 91 -23.00 21.63 17.76
CA PHE HA 91 -22.83 22.06 19.12
C PHE HA 91 -21.38 22.23 19.35
N ASP HA 92 -21.04 23.28 20.12
CA ASP HA 92 -19.72 23.42 20.68
C ASP HA 92 -19.95 23.83 22.11
N LEU HA 93 -18.95 23.53 22.99
CA LEU HA 93 -18.85 23.82 24.40
C LEU HA 93 -18.98 25.30 24.69
N LEU HA 94 -19.71 25.68 25.74
CA LEU HA 94 -19.79 27.06 26.08
C LEU HA 94 -19.70 27.29 27.58
N ASN HA 95 -20.00 26.26 28.39
CA ASN HA 95 -19.78 26.37 29.82
C ASN HA 95 -19.67 24.99 30.38
N GLY HA 96 -18.88 24.09 29.75
CA GLY HA 96 -18.68 22.77 30.29
C GLY HA 96 -19.84 21.89 29.93
N GLU HA 97 -20.67 22.39 28.97
CA GLU HA 97 -21.81 21.67 28.49
C GLU HA 97 -21.94 22.13 27.11
N TRP HA 98 -22.39 21.21 26.22
CA TRP HA 98 -22.50 21.45 24.79
C TRP HA 98 -23.73 22.24 24.54
N VAL HA 99 -23.58 23.34 23.75
CA VAL HA 99 -24.62 24.31 23.53
C VAL HA 99 -24.68 24.51 22.05
N SER HA 100 -25.89 24.51 21.43
CA SER HA 100 -26.11 24.71 20.05
C SER HA 100 -25.75 26.13 19.77
N LEU HA 101 -25.21 26.38 18.55
CA LEU HA 101 -24.83 27.70 18.16
C LEU HA 101 -25.68 28.08 17.00
N ARG HA 102 -26.81 27.39 16.84
CA ARG HA 102 -27.89 27.86 16.00
C ARG HA 102 -28.91 28.58 16.88
N ASN HA 103 -29.27 27.96 18.00
CA ASN HA 103 -30.26 28.53 18.91
C ASN HA 103 -29.86 28.77 20.37
N GLY HA 104 -28.63 28.44 20.75
CA GLY HA 104 -28.27 28.50 22.14
C GLY HA 104 -28.74 27.23 22.83
N THR HA 105 -28.88 27.30 24.18
CA THR HA 105 -29.52 26.30 25.04
C THR HA 105 -28.66 25.08 25.23
N LYS HA 106 -28.71 24.52 26.46
CA LYS HA 106 -28.00 23.35 26.89
C LYS HA 106 -28.57 22.12 26.19
N LEU HA 107 -27.71 21.10 25.93
CA LEU HA 107 -28.04 19.84 25.32
C LEU HA 107 -28.82 18.97 26.25
N THR HA 108 -28.40 18.97 27.55
CA THR HA 108 -29.10 18.35 28.68
C THR HA 108 -30.59 18.62 28.74
N ASP HA 109 -31.06 19.88 28.54
CA ASP HA 109 -32.46 20.27 28.57
C ASP HA 109 -33.24 19.74 27.40
N ILE HA 110 -32.61 19.67 26.20
CA ILE HA 110 -33.29 19.25 24.97
C ILE HA 110 -33.77 17.83 25.05
N LEU HA 111 -32.90 16.98 25.61
CA LEU HA 111 -33.11 15.59 25.76
C LEU HA 111 -34.21 15.34 26.77
N THR HA 112 -34.16 16.00 27.96
CA THR HA 112 -35.18 16.00 28.97
C THR HA 112 -36.58 16.19 28.43
N GLU HA 113 -36.83 17.36 27.83
CA GLU HA 113 -38.08 17.71 27.26
C GLU HA 113 -38.57 16.74 26.22
N GLU HA 114 -37.75 16.41 25.20
CA GLU HA 114 -38.26 15.74 24.03
C GLU HA 114 -38.66 14.31 24.32
N VAL HA 115 -37.97 13.55 25.21
CA VAL HA 115 -38.41 12.24 25.59
C VAL HA 115 -39.67 12.22 26.42
N GLU HA 116 -39.80 13.08 27.46
CA GLU HA 116 -40.94 13.05 28.36
C GLU HA 116 -42.22 13.53 27.72
N LYS HA 117 -42.09 14.44 26.69
CA LYS HA 117 -43.17 14.93 25.87
C LYS HA 117 -43.90 13.86 25.08
N ALA HA 118 -43.19 12.73 24.82
CA ALA HA 118 -43.67 11.60 24.04
C ALA HA 118 -44.39 10.69 24.99
N ILE HA 119 -43.82 10.46 26.19
CA ILE HA 119 -44.37 9.66 27.27
C ILE HA 119 -45.75 10.09 27.66
N SER HA 120 -46.04 11.41 27.66
CA SER HA 120 -47.33 11.99 28.00
C SER HA 120 -48.36 11.50 27.02
N LYS HA 121 -48.26 11.94 25.74
CA LYS HA 121 -49.23 11.61 24.74
C LYS HA 121 -48.68 11.98 23.35
N GLY IA 1 -9.49 57.43 -5.85
CA GLY IA 1 -9.06 58.75 -5.32
C GLY IA 1 -9.79 59.84 -6.05
N SER IA 2 -10.45 60.75 -5.28
CA SER IA 2 -11.19 61.86 -5.86
C SER IA 2 -11.29 62.89 -4.75
N HIS IA 3 -11.54 64.16 -5.14
CA HIS IA 3 -11.58 65.31 -4.23
C HIS IA 3 -12.75 65.25 -3.31
N MET IA 4 -12.56 65.73 -2.04
CA MET IA 4 -13.59 65.87 -1.06
C MET IA 4 -14.65 66.89 -1.35
N SER IA 5 -14.36 68.17 -1.72
CA SER IA 5 -13.12 68.89 -1.75
C SER IA 5 -12.98 69.61 -0.44
N SER IA 6 -11.75 69.63 0.08
CA SER IA 6 -11.47 70.19 1.36
C SER IA 6 -9.97 70.22 1.39
N ILE IA 7 -9.36 71.00 0.46
CA ILE IA 7 -7.94 71.17 0.37
C ILE IA 7 -7.66 72.56 0.91
N THR IA 8 -8.28 72.84 2.08
CA THR IA 8 -8.22 74.07 2.83
C THR IA 8 -8.77 75.21 2.04
N LYS IA 9 -9.85 74.96 1.26
CA LYS IA 9 -10.49 75.95 0.42
C LYS IA 9 -11.85 76.15 0.96
N ARG IA 10 -12.26 77.39 1.33
CA ARG IA 10 -11.49 78.60 1.33
C ARG IA 10 -12.15 79.55 2.28
N LEU IA 11 -11.34 80.58 2.68
CA LEU IA 11 -11.63 81.65 3.57
C LEU IA 11 -11.81 81.22 4.99
N TYR IA 12 -11.53 79.94 5.28
CA TYR IA 12 -11.62 79.41 6.62
C TYR IA 12 -10.52 79.86 7.53
N HIS IA 13 -9.19 79.87 7.19
CA HIS IA 13 -8.52 79.34 6.05
C HIS IA 13 -8.08 77.91 6.19
N PRO IA 14 -7.45 77.41 7.27
CA PRO IA 14 -7.04 76.00 7.28
C PRO IA 14 -8.14 75.16 7.85
N LYS IA 15 -8.62 74.21 7.03
CA LYS IA 15 -9.60 73.21 7.39
C LYS IA 15 -10.92 73.83 7.85
N VAL IA 16 -11.82 73.04 8.48
CA VAL IA 16 -13.11 73.50 8.97
C VAL IA 16 -12.95 73.81 10.44
N ILE IA 17 -11.73 73.53 10.99
CA ILE IA 17 -11.40 73.68 12.39
C ILE IA 17 -11.34 75.15 12.76
N GLU IA 18 -10.70 75.95 11.87
CA GLU IA 18 -10.55 77.37 11.97
C GLU IA 18 -11.89 78.03 11.91
N HIS IA 19 -12.77 77.56 10.99
CA HIS IA 19 -14.09 78.14 10.80
C HIS IA 19 -14.97 77.98 12.02
N TYR IA 20 -14.93 76.77 12.67
CA TYR IA 20 -15.70 76.46 13.87
C TYR IA 20 -15.31 77.28 15.10
N THR IA 21 -14.01 77.55 15.32
CA THR IA 21 -13.55 78.31 16.47
C THR IA 21 -12.73 79.46 15.94
N HIS IA 22 -13.11 80.77 16.15
CA HIS IA 22 -14.21 81.40 16.85
C HIS IA 22 -14.23 81.19 18.35
N PRO IA 23 -13.58 82.01 19.19
CA PRO IA 23 -12.73 83.14 18.80
C PRO IA 23 -11.39 82.61 18.32
N ARG IA 24 -10.82 83.32 17.34
CA ARG IA 24 -9.59 82.96 16.71
C ARG IA 24 -8.59 84.07 16.99
N ASN IA 25 -7.32 83.76 17.37
CA ASN IA 25 -6.65 82.50 17.59
C ASN IA 25 -7.20 81.74 18.76
N VAL IA 26 -7.36 82.30 19.98
CA VAL IA 26 -6.83 83.52 20.54
C VAL IA 26 -5.65 83.15 21.44
N GLY IA 27 -5.39 81.86 21.63
CA GLY IA 27 -4.37 81.39 22.50
C GLY IA 27 -4.84 81.35 23.93
N SER IA 28 -6.13 81.70 24.19
CA SER IA 28 -6.75 81.66 25.50
C SER IA 28 -7.95 80.76 25.41
N LEU IA 29 -8.22 80.17 24.20
CA LEU IA 29 -9.35 79.40 23.87
C LEU IA 29 -9.40 78.16 24.72
N ASP IA 30 -10.61 77.66 24.96
CA ASP IA 30 -10.86 76.43 25.69
C ASP IA 30 -12.15 75.95 25.15
N LYS IA 31 -12.41 74.63 25.32
CA LYS IA 31 -13.60 73.92 24.90
C LYS IA 31 -14.20 73.48 26.20
N LYS IA 32 -15.52 73.76 26.35
CA LYS IA 32 -16.23 73.56 27.60
C LYS IA 32 -17.67 73.54 27.20
N LEU IA 33 -18.64 72.95 27.94
CA LEU IA 33 -18.45 72.15 29.12
C LEU IA 33 -19.20 70.84 28.92
N PRO IA 34 -20.49 70.72 28.56
CA PRO IA 34 -21.11 69.42 28.49
C PRO IA 34 -20.70 68.72 27.20
N ASN IA 35 -20.74 67.37 27.25
CA ASN IA 35 -20.48 66.51 26.12
C ASN IA 35 -21.18 65.22 26.44
N VAL IA 36 -21.41 64.36 25.39
CA VAL IA 36 -22.09 63.07 25.50
C VAL IA 36 -21.40 62.11 26.44
N GLY IA 37 -20.07 61.97 26.32
CA GLY IA 37 -19.26 61.15 27.18
C GLY IA 37 -19.02 59.86 26.46
N THR IA 38 -18.01 59.86 25.54
CA THR IA 38 -17.69 58.78 24.67
C THR IA 38 -16.21 58.79 24.53
N GLY IA 39 -15.67 57.78 23.76
CA GLY IA 39 -14.28 57.53 23.43
C GLY IA 39 -13.54 58.78 22.99
N LEU IA 40 -12.21 58.78 23.32
CA LEU IA 40 -11.29 59.81 22.96
C LEU IA 40 -9.99 59.18 22.51
N VAL IA 41 -9.37 59.74 21.44
CA VAL IA 41 -8.07 59.32 21.00
C VAL IA 41 -7.48 60.60 20.47
N GLY IA 42 -6.13 60.69 20.53
CA GLY IA 42 -5.42 61.85 20.03
C GLY IA 42 -3.99 61.41 20.16
N ALA IA 43 -3.20 61.87 19.20
CA ALA IA 43 -1.82 61.51 19.07
C ALA IA 43 -1.04 62.76 18.83
N PRO IA 44 -0.39 63.33 19.87
CA PRO IA 44 0.39 64.53 19.70
C PRO IA 44 1.69 64.14 19.00
N ALA IA 45 2.17 65.00 18.07
CA ALA IA 45 3.31 64.79 17.21
C ALA IA 45 2.89 64.03 15.99
N CYS IA 46 1.57 64.01 15.70
CA CYS IA 46 1.02 63.54 14.44
C CYS IA 46 0.09 64.62 14.00
N GLY IA 47 -0.35 65.47 14.98
CA GLY IA 47 -1.16 66.62 14.79
C GLY IA 47 -2.58 66.23 14.45
N ASP IA 48 -3.15 65.24 15.18
CA ASP IA 48 -4.49 64.77 14.94
C ASP IA 48 -5.14 64.31 16.22
N VAL IA 49 -6.50 64.35 16.25
CA VAL IA 49 -7.36 64.05 17.38
C VAL IA 49 -8.63 63.63 16.74
N MET IA 50 -9.30 62.61 17.29
CA MET IA 50 -10.61 62.20 16.83
C MET IA 50 -11.49 61.88 18.02
N ARG IA 51 -12.80 62.20 17.90
CA ARG IA 51 -13.73 62.00 18.96
C ARG IA 51 -14.98 61.61 18.26
N LEU IA 52 -15.42 60.34 18.47
CA LEU IA 52 -16.63 59.82 17.92
C LEU IA 52 -17.59 59.81 19.07
N GLN IA 53 -18.81 60.37 18.83
CA GLN IA 53 -19.86 60.44 19.81
C GLN IA 53 -20.97 59.63 19.28
N ILE IA 54 -21.24 58.46 19.93
CA ILE IA 54 -22.40 57.61 19.64
C ILE IA 54 -23.53 58.03 20.52
N LYS IA 55 -24.80 57.85 20.06
CA LYS IA 55 -25.99 57.81 20.83
C LYS IA 55 -26.53 56.46 20.53
N VAL IA 56 -27.05 55.78 21.58
CA VAL IA 56 -27.36 54.38 21.49
C VAL IA 56 -28.73 54.14 22.13
N ASN IA 57 -29.68 53.49 21.38
CA ASN IA 57 -30.90 52.89 21.88
C ASN IA 57 -30.52 51.68 22.72
N ASP IA 58 -30.79 51.74 24.00
CA ASP IA 58 -30.24 50.86 24.99
C ASP IA 58 -30.92 49.51 25.08
N SER IA 59 -32.08 49.36 24.41
CA SER IA 59 -32.93 48.19 24.49
C SER IA 59 -32.31 46.96 23.85
N THR IA 60 -31.68 47.13 22.68
CA THR IA 60 -31.07 46.00 21.99
C THR IA 60 -29.73 46.45 21.46
N GLY IA 61 -29.47 47.79 21.39
CA GLY IA 61 -28.17 48.30 20.98
C GLY IA 61 -28.18 48.57 19.52
N VAL IA 62 -28.77 49.74 19.14
CA VAL IA 62 -28.87 50.21 17.82
C VAL IA 62 -28.27 51.57 17.95
N ILE IA 63 -27.41 51.97 16.98
CA ILE IA 63 -26.84 53.30 16.89
C ILE IA 63 -27.88 54.19 16.25
N GLU IA 64 -28.55 55.05 17.06
CA GLU IA 64 -29.57 55.96 16.69
C GLU IA 64 -28.98 57.06 15.84
N ASP IA 65 -27.80 57.53 16.30
CA ASP IA 65 -27.10 58.60 15.66
C ASP IA 65 -25.65 58.41 16.04
N VAL IA 66 -24.72 58.93 15.20
CA VAL IA 66 -23.32 59.00 15.58
C VAL IA 66 -22.86 60.18 14.75
N LYS IA 67 -22.24 61.13 15.47
CA LYS IA 67 -21.65 62.30 14.90
C LYS IA 67 -20.20 62.19 15.32
N PHE IA 68 -19.31 62.94 14.65
CA PHE IA 68 -17.91 62.77 14.80
C PHE IA 68 -17.30 64.13 14.87
N LYS IA 69 -16.05 64.18 15.40
CA LYS IA 69 -15.14 65.24 15.29
C LYS IA 69 -13.92 64.67 14.59
N THR IA 70 -13.34 65.43 13.64
CA THR IA 70 -12.11 65.14 12.96
C THR IA 70 -11.28 66.38 13.15
N PHE IA 71 -10.02 66.18 13.64
CA PHE IA 71 -9.04 67.22 13.72
C PHE IA 71 -7.85 66.58 13.07
N GLY IA 72 -7.13 67.28 12.17
CA GLY IA 72 -5.90 66.77 11.65
C GLY IA 72 -5.71 67.11 10.21
N CYS IA 73 -6.67 66.68 9.36
CA CYS IA 73 -6.60 66.85 7.93
C CYS IA 73 -8.01 67.03 7.38
N GLY IA 74 -8.14 67.72 6.20
CA GLY IA 74 -9.40 67.95 5.55
C GLY IA 74 -9.81 66.73 4.80
N SER IA 75 -8.82 65.97 4.29
CA SER IA 75 -8.95 64.71 3.61
C SER IA 75 -9.51 63.64 4.52
N ALA IA 76 -9.10 63.74 5.83
CA ALA IA 76 -9.53 62.80 6.88
C ALA IA 76 -11.02 62.88 7.18
N ILE IA 77 -11.67 64.04 6.95
CA ILE IA 77 -13.06 64.31 7.27
C ILE IA 77 -13.96 63.36 6.53
N ALA IA 78 -13.65 63.06 5.24
CA ALA IA 78 -14.42 62.17 4.39
C ALA IA 78 -14.42 60.71 4.83
N SER IA 79 -13.30 60.25 5.45
CA SER IA 79 -13.23 58.87 5.93
C SER IA 79 -14.15 58.66 7.11
N SER IA 80 -14.11 59.63 8.04
CA SER IA 80 -14.96 59.67 9.22
C SER IA 80 -16.44 59.77 8.86
N SER IA 81 -16.74 60.65 7.88
CA SER IA 81 -18.06 60.89 7.38
C SER IA 81 -18.70 59.65 6.88
N TYR IA 82 -17.97 58.90 6.00
CA TYR IA 82 -18.49 57.75 5.35
C TYR IA 82 -18.77 56.62 6.27
N MET IA 83 -17.91 56.40 7.31
CA MET IA 83 -18.15 55.39 8.30
C MET IA 83 -19.34 55.72 9.13
N THR IA 84 -19.50 56.96 9.59
CA THR IA 84 -20.60 57.34 10.47
C THR IA 84 -21.95 57.18 9.80
N GLU IA 85 -22.06 57.53 8.47
CA GLU IA 85 -23.19 57.28 7.59
C GLU IA 85 -23.61 55.81 7.61
N LEU IA 86 -22.61 54.89 7.38
CA LEU IA 86 -22.83 53.47 7.32
C LEU IA 86 -23.39 52.98 8.63
N VAL IA 87 -22.73 53.33 9.76
CA VAL IA 87 -22.92 52.81 11.10
C VAL IA 87 -24.34 53.05 11.63
N GLN IA 88 -24.96 54.21 11.39
CA GLN IA 88 -26.29 54.56 11.83
C GLN IA 88 -27.35 53.64 11.30
N GLY IA 89 -28.40 53.36 12.11
CA GLY IA 89 -29.49 52.46 11.80
C GLY IA 89 -29.15 51.01 11.97
N MET IA 90 -28.01 50.68 12.60
CA MET IA 90 -27.51 49.30 12.60
C MET IA 90 -27.04 48.99 13.97
N THR IA 91 -26.91 47.67 14.22
CA THR IA 91 -26.52 46.99 15.44
C THR IA 91 -25.08 47.35 15.84
N LEU IA 92 -24.72 47.18 17.14
CA LEU IA 92 -23.45 47.52 17.74
C LEU IA 92 -22.28 46.82 17.07
N ASP IA 93 -22.43 45.57 16.61
CA ASP IA 93 -21.35 44.87 15.92
C ASP IA 93 -20.94 45.57 14.66
N ASP IA 94 -21.94 46.13 13.90
CA ASP IA 94 -21.78 46.89 12.66
C ASP IA 94 -20.98 48.14 12.87
N ALA IA 95 -21.21 48.83 14.03
CA ALA IA 95 -20.47 49.96 14.54
C ALA IA 95 -18.99 49.71 14.51
N ALA IA 96 -18.58 48.52 15.01
CA ALA IA 96 -17.24 48.00 15.02
C ALA IA 96 -16.92 47.48 13.63
N LYS IA 97 -16.06 46.40 13.51
CA LYS IA 97 -15.65 45.79 12.23
C LYS IA 97 -14.83 46.79 11.47
N ILE IA 98 -14.07 47.67 12.16
CA ILE IA 98 -13.32 48.74 11.51
C ILE IA 98 -11.87 48.42 11.69
N LYS IA 99 -11.21 48.31 10.52
CA LYS IA 99 -9.82 48.07 10.29
C LYS IA 99 -9.26 49.48 10.23
N ASN IA 100 -7.95 49.79 10.22
CA ASN IA 100 -6.65 49.19 9.94
C ASN IA 100 -6.39 49.62 8.55
N THR IA 101 -6.77 48.76 7.56
CA THR IA 101 -6.72 49.15 6.17
C THR IA 101 -7.92 50.04 5.79
N GLU IA 102 -9.19 49.72 6.24
CA GLU IA 102 -10.46 50.39 6.01
C GLU IA 102 -10.43 51.90 6.03
N ILE IA 103 -9.75 52.48 7.02
CA ILE IA 103 -9.64 53.93 7.19
C ILE IA 103 -8.91 54.59 6.05
N ALA IA 104 -7.85 53.93 5.57
CA ALA IA 104 -7.01 54.43 4.52
C ALA IA 104 -7.40 53.84 3.17
N LYS IA 105 -8.53 53.11 3.15
CA LYS IA 105 -9.14 52.54 1.97
C LYS IA 105 -10.12 53.55 1.51
N GLU IA 106 -10.87 54.16 2.47
CA GLU IA 106 -11.76 55.29 2.24
C GLU IA 106 -10.94 56.49 1.81
N LEU IA 107 -9.78 56.74 2.46
CA LEU IA 107 -8.88 57.79 2.08
C LEU IA 107 -8.27 57.63 0.72
N SER IA 108 -7.95 56.36 0.35
CA SER IA 108 -7.29 55.91 -0.81
C SER IA 108 -5.85 55.82 -0.50
N LEU IA 109 -5.23 54.72 -0.96
CA LEU IA 109 -3.83 54.32 -0.77
C LEU IA 109 -3.65 53.67 0.57
N PRO IA 110 -3.86 52.35 0.71
CA PRO IA 110 -3.70 51.72 2.01
C PRO IA 110 -2.31 51.09 2.09
N PRO IA 111 -1.43 51.35 3.06
CA PRO IA 111 -0.12 50.71 3.09
C PRO IA 111 -0.27 49.29 3.52
N VAL IA 112 -1.28 49.04 4.40
CA VAL IA 112 -1.60 47.82 5.15
C VAL IA 112 -1.13 47.94 6.58
N LYS IA 113 -0.55 49.14 6.90
CA LYS IA 113 -0.20 49.55 8.22
C LYS IA 113 -0.58 50.99 8.36
N LEU IA 114 -0.65 51.44 9.65
CA LEU IA 114 -1.06 52.78 10.06
C LEU IA 114 0.22 53.43 10.45
N HIS IA 115 0.14 54.78 10.59
CA HIS IA 115 1.26 55.60 10.95
C HIS IA 115 0.93 56.28 12.25
N CYS IA 116 -0.37 56.68 12.44
CA CYS IA 116 -0.97 57.48 13.50
C CYS IA 116 -1.79 58.51 12.82
N SER IA 117 -1.76 58.57 11.46
CA SER IA 117 -2.48 59.52 10.64
C SER IA 117 -3.96 59.33 10.71
N MET IA 118 -4.40 58.07 10.89
CA MET IA 118 -5.78 57.69 11.05
C MET IA 118 -5.94 57.06 12.39
N LEU IA 119 -6.82 57.68 13.22
CA LEU IA 119 -7.04 57.31 14.59
C LEU IA 119 -8.32 56.55 14.80
N ALA IA 120 -9.13 56.45 13.72
CA ALA IA 120 -10.56 56.11 13.72
C ALA IA 120 -10.90 54.78 14.36
N GLU IA 121 -10.05 53.75 14.21
CA GLU IA 121 -10.24 52.46 14.78
C GLU IA 121 -10.23 52.54 16.29
N ASP IA 122 -9.23 53.25 16.84
CA ASP IA 122 -9.05 53.44 18.29
C ASP IA 122 -10.18 54.21 18.90
N ALA IA 123 -10.79 55.18 18.16
CA ALA IA 123 -11.91 56.00 18.60
C ALA IA 123 -13.14 55.17 18.76
N ILE IA 124 -13.51 54.33 17.77
CA ILE IA 124 -14.65 53.47 17.83
C ILE IA 124 -14.53 52.38 18.86
N LYS IA 125 -13.35 51.73 19.00
CA LYS IA 125 -13.08 50.70 20.02
C LYS IA 125 -13.25 51.24 21.39
N ALA IA 126 -12.73 52.46 21.64
CA ALA IA 126 -12.84 53.18 22.91
C ALA IA 126 -14.29 53.40 23.31
N ALA IA 127 -15.13 53.89 22.37
CA ALA IA 127 -16.53 54.19 22.54
C ALA IA 127 -17.39 52.97 22.85
N ILE IA 128 -17.19 51.83 22.17
CA ILE IA 128 -18.00 50.63 22.33
C ILE IA 128 -17.69 49.94 23.64
N LYS IA 129 -16.40 49.96 24.09
CA LYS IA 129 -15.98 49.41 25.37
C LYS IA 129 -16.57 50.16 26.50
N ASP IA 130 -16.54 51.51 26.41
CA ASP IA 130 -17.09 52.41 27.39
C ASP IA 130 -18.59 52.17 27.56
N TYR IA 131 -19.32 52.00 26.41
CA TYR IA 131 -20.69 51.63 26.30
C TYR IA 131 -21.01 50.35 27.01
N LYS IA 132 -20.24 49.26 26.81
CA LYS IA 132 -20.45 47.94 27.41
C LYS IA 132 -20.42 48.00 28.91
N SER IA 133 -19.50 48.80 29.50
CA SER IA 133 -19.35 49.03 30.92
C SER IA 133 -20.57 49.62 31.53
N LYS IA 134 -21.10 50.69 30.90
CA LYS IA 134 -22.26 51.44 31.34
C LYS IA 134 -23.52 50.61 31.22
N ARG IA 135 -23.53 49.66 30.25
CA ARG IA 135 -24.66 48.83 29.97
C ARG IA 135 -24.67 47.66 30.93
N ASN IA 136 -23.55 47.46 31.67
CA ASN IA 136 -23.43 46.47 32.71
C ASN IA 136 -23.45 45.07 32.15
N THR IA 137 -22.51 44.84 31.24
CA THR IA 137 -22.22 43.56 30.64
C THR IA 137 -20.70 43.41 30.53
N PRO IA 138 -20.01 43.34 31.66
CA PRO IA 138 -18.57 43.38 31.73
C PRO IA 138 -17.90 42.13 31.20
N THR IA 139 -18.68 41.04 31.01
CA THR IA 139 -18.19 39.72 30.62
C THR IA 139 -17.71 39.69 29.19
N MET IA 140 -18.32 40.56 28.36
CA MET IA 140 -18.02 40.66 26.97
C MET IA 140 -16.90 41.63 26.77
N LEU IA 141 -16.51 42.40 27.82
CA LEU IA 141 -15.42 43.34 27.74
C LEU IA 141 -14.19 42.62 28.22
N SER IA 142 -14.29 41.91 29.39
CA SER IA 142 -13.16 41.20 29.94
C SER IA 142 -12.94 39.87 29.20
N VAL JA 1 -52.36 24.51 1.61
CA VAL JA 1 -50.91 24.89 1.58
C VAL JA 1 -50.55 25.25 3.02
N GLU JA 2 -49.35 24.82 3.41
CA GLU JA 2 -48.83 25.07 4.74
C GLU JA 2 -47.33 24.99 4.60
N SER JA 3 -46.87 24.76 3.35
CA SER JA 3 -45.45 24.65 2.99
C SER JA 3 -44.85 26.02 2.76
N SER JA 4 -43.56 26.23 3.12
CA SER JA 4 -42.59 25.36 3.79
C SER JA 4 -42.06 26.13 4.93
N THR JA 5 -42.58 25.82 6.14
CA THR JA 5 -42.28 26.53 7.35
C THR JA 5 -41.25 25.72 8.07
N ASP JA 6 -40.13 26.30 8.59
CA ASP JA 6 -39.71 27.68 8.60
C ASP JA 6 -39.28 28.16 7.21
N GLY JA 7 -39.50 29.48 6.91
CA GLY JA 7 -39.30 30.03 5.60
C GLY JA 7 -40.64 30.52 5.23
N GLN JA 8 -41.16 29.98 4.08
CA GLN JA 8 -42.44 30.31 3.55
C GLN JA 8 -43.56 29.90 4.48
N VAL JA 9 -44.54 30.79 4.59
CA VAL JA 9 -45.61 30.66 5.50
C VAL JA 9 -46.84 31.01 4.72
N VAL JA 10 -48.00 30.63 5.27
CA VAL JA 10 -49.27 30.90 4.70
C VAL JA 10 -50.08 31.91 5.49
N PRO JA 11 -49.78 32.40 6.68
CA PRO JA 11 -50.46 33.60 7.19
C PRO JA 11 -49.80 34.82 6.59
N GLN JA 12 -48.50 34.75 6.23
CA GLN JA 12 -47.73 35.82 5.68
C GLN JA 12 -47.51 36.94 6.68
N GLU JA 13 -47.15 36.56 7.92
CA GLU JA 13 -47.10 37.47 9.04
C GLU JA 13 -45.94 37.13 9.95
N VAL JA 14 -44.99 36.32 9.46
CA VAL JA 14 -43.88 35.86 10.26
C VAL JA 14 -42.74 36.82 10.00
N LEU JA 15 -42.98 37.81 9.14
CA LEU JA 15 -42.04 38.79 8.63
C LEU JA 15 -42.07 40.04 9.52
N ASN JA 16 -42.52 39.86 10.77
CA ASN JA 16 -42.64 40.95 11.73
C ASN JA 16 -42.69 40.31 13.10
N LEU JA 17 -42.46 38.98 13.19
CA LEU JA 17 -42.52 38.23 14.44
C LEU JA 17 -41.17 37.60 14.64
N PRO JA 18 -40.71 37.50 15.88
CA PRO JA 18 -39.38 36.99 16.17
C PRO JA 18 -39.27 35.47 15.94
N LEU JA 19 -38.12 35.03 15.36
CA LEU JA 19 -37.87 33.64 15.05
C LEU JA 19 -36.36 33.64 14.97
N GLU JA 20 -35.70 32.51 15.34
CA GLU JA 20 -34.24 32.37 15.36
C GLU JA 20 -33.67 32.57 13.98
N LYS JA 21 -32.42 33.14 13.88
CA LYS JA 21 -31.81 33.53 12.64
C LYS JA 21 -31.58 32.38 11.71
N ALA JA 22 -31.07 31.27 12.30
CA ALA JA 22 -30.76 30.09 11.51
C ALA JA 22 -31.28 28.87 12.24
N HIS JA 23 -31.35 27.71 11.56
CA HIS JA 23 -31.77 26.47 12.17
C HIS JA 23 -31.18 25.31 11.38
N GLU JA 24 -30.45 25.59 10.27
CA GLU JA 24 -29.80 24.59 9.47
C GLU JA 24 -29.10 25.38 8.40
N GLU JA 25 -27.76 25.36 8.37
CA GLU JA 25 -26.86 24.81 9.35
C GLU JA 25 -25.69 25.70 9.08
N ALA JA 26 -24.80 25.30 8.14
CA ALA JA 26 -23.80 26.18 7.54
C ALA JA 26 -24.35 26.72 6.27
N ASP JA 27 -25.50 26.11 5.85
CA ASP JA 27 -26.20 26.42 4.62
C ASP JA 27 -26.72 27.82 4.62
N ASP JA 28 -27.29 28.29 5.80
CA ASP JA 28 -27.90 29.58 5.93
C ASP JA 28 -26.89 30.65 5.64
N TYR JA 29 -25.71 30.50 6.23
CA TYR JA 29 -24.57 31.42 6.16
C TYR JA 29 -24.09 31.58 4.76
N LEU JA 30 -23.93 30.42 4.06
CA LEU JA 30 -23.47 30.38 2.71
C LEU JA 30 -24.37 31.20 1.78
N ASP JA 31 -25.70 31.02 1.93
CA ASP JA 31 -26.71 31.74 1.14
C ASP JA 31 -26.60 33.25 1.32
N HIS JA 32 -26.49 33.71 2.62
CA HIS JA 32 -26.36 35.10 3.01
C HIS JA 32 -25.09 35.68 2.44
N LEU JA 33 -23.93 34.96 2.52
CA LEU JA 33 -22.67 35.39 1.96
C LEU JA 33 -22.74 35.61 0.45
N LEU JA 34 -23.25 34.59 -0.32
CA LEU JA 34 -23.39 34.60 -1.75
C LEU JA 34 -24.28 35.73 -2.21
N ASP JA 35 -25.46 35.91 -1.50
CA ASP JA 35 -26.50 36.91 -1.74
C ASP JA 35 -25.85 38.32 -1.66
N SER JA 36 -25.04 38.57 -0.61
CA SER JA 36 -24.33 39.81 -0.40
C SER JA 36 -23.39 40.13 -1.56
N LEU JA 37 -22.60 39.16 -2.05
CA LEU JA 37 -21.72 39.32 -3.20
C LEU JA 37 -22.46 39.68 -4.46
N GLU JA 38 -23.59 38.98 -4.75
CA GLU JA 38 -24.34 39.21 -5.96
C GLU JA 38 -24.89 40.63 -5.99
N GLU JA 39 -25.43 41.13 -4.85
CA GLU JA 39 -25.97 42.44 -4.67
C GLU JA 39 -24.92 43.53 -4.91
N LEU JA 40 -23.74 43.35 -4.30
CA LEU JA 40 -22.59 44.21 -4.32
C LEU JA 40 -22.05 44.49 -5.72
N SER JA 41 -22.05 43.46 -6.63
CA SER JA 41 -21.42 43.49 -7.92
C SER JA 41 -21.93 44.64 -8.79
N GLU JA 42 -23.26 44.90 -8.83
CA GLU JA 42 -23.78 46.01 -9.53
C GLU JA 42 -23.34 47.28 -8.84
N ALA JA 43 -22.93 48.32 -9.68
CA ALA JA 43 -22.44 49.61 -9.24
C ALA JA 43 -20.96 49.60 -9.03
N HIS JA 44 -20.21 48.83 -9.85
CA HIS JA 44 -18.76 48.83 -9.81
C HIS JA 44 -18.29 49.54 -11.06
N PRO JA 45 -17.67 50.70 -10.97
CA PRO JA 45 -17.20 51.37 -12.18
C PRO JA 45 -15.91 50.75 -12.70
N ASP JA 46 -14.91 50.52 -11.80
CA ASP JA 46 -13.61 50.00 -12.14
C ASP JA 46 -13.01 49.54 -10.85
N CYS JA 47 -13.67 49.72 -9.71
CA CYS JA 47 -13.18 49.31 -8.39
C CYS JA 47 -12.96 47.82 -8.31
N ILE JA 48 -13.95 47.05 -8.82
CA ILE JA 48 -13.90 45.63 -8.92
C ILE JA 48 -14.30 45.39 -10.36
N PRO JA 49 -13.44 44.92 -11.26
CA PRO JA 49 -13.84 44.56 -12.59
C PRO JA 49 -14.05 43.09 -12.66
N ASP JA 50 -13.85 42.33 -11.55
CA ASP JA 50 -14.04 40.91 -11.57
C ASP JA 50 -14.39 40.43 -10.22
N VAL JA 51 -15.36 39.48 -10.11
CA VAL JA 51 -15.54 38.64 -8.94
C VAL JA 51 -15.31 37.26 -9.45
N GLU JA 52 -14.55 36.41 -8.71
CA GLU JA 52 -14.30 35.07 -9.15
C GLU JA 52 -14.81 34.11 -8.11
N LEU JA 53 -15.63 33.10 -8.53
CA LEU JA 53 -16.10 32.04 -7.67
C LEU JA 53 -15.46 30.81 -8.21
N SER JA 54 -14.85 30.05 -7.30
CA SER JA 54 -14.04 28.90 -7.56
C SER JA 54 -14.69 27.80 -6.79
N HIS JA 55 -14.77 26.54 -7.30
CA HIS JA 55 -15.36 25.43 -6.53
C HIS JA 55 -14.60 25.19 -5.21
N GLY JA 56 -15.26 25.60 -4.09
CA GLY JA 56 -14.75 25.51 -2.74
C GLY JA 56 -13.83 26.61 -2.26
N VAL JA 57 -13.46 27.59 -3.11
CA VAL JA 57 -12.68 28.74 -2.70
C VAL JA 57 -13.50 29.93 -3.15
N MET JA 58 -13.32 31.13 -2.56
CA MET JA 58 -14.14 32.24 -2.99
C MET JA 58 -13.19 33.42 -2.87
N THR JA 59 -13.07 34.20 -3.97
CA THR JA 59 -12.28 35.41 -3.97
C THR JA 59 -13.23 36.54 -4.24
N LEU JA 60 -13.07 37.66 -3.48
CA LEU JA 60 -13.78 38.89 -3.73
C LEU JA 60 -12.64 39.86 -3.70
N GLU JA 61 -12.19 40.27 -4.92
CA GLU JA 61 -11.01 41.08 -5.05
C GLU JA 61 -11.36 42.47 -5.46
N ILE JA 62 -10.67 43.42 -4.84
CA ILE JA 62 -10.61 44.82 -5.19
C ILE JA 62 -9.19 44.95 -5.63
N PRO JA 63 -8.87 45.15 -6.90
CA PRO JA 63 -7.52 45.46 -7.35
C PRO JA 63 -7.20 46.96 -7.35
N ALA JA 64 -8.16 47.82 -7.03
CA ALA JA 64 -7.95 49.26 -7.16
C ALA JA 64 -7.60 49.84 -5.80
N PHE JA 65 -7.52 48.98 -4.77
CA PHE JA 65 -7.13 49.38 -3.46
C PHE JA 65 -6.41 48.23 -2.86
N GLY JA 66 -6.64 47.00 -3.34
CA GLY JA 66 -6.11 45.77 -2.78
C GLY JA 66 -6.99 45.27 -1.68
N THR JA 67 -7.02 43.94 -1.55
CA THR JA 67 -7.73 43.26 -0.48
C THR JA 67 -7.10 41.88 -0.38
N TYR JA 68 -7.27 41.20 0.78
CA TYR JA 68 -6.86 39.85 1.05
C TYR JA 68 -7.84 38.90 0.46
N VAL JA 69 -7.34 37.64 0.24
CA VAL JA 69 -8.14 36.52 -0.22
C VAL JA 69 -8.79 35.88 0.97
N ILE JA 70 -9.96 35.21 0.81
CA ILE JA 70 -10.73 34.62 1.86
C ILE JA 70 -10.84 33.15 1.54
N ASN JA 71 -10.75 32.28 2.57
CA ASN JA 71 -10.64 30.87 2.39
C ASN JA 71 -11.36 30.22 3.55
N LYS JA 72 -11.60 28.91 3.44
CA LYS JA 72 -12.11 28.08 4.51
C LYS JA 72 -10.99 27.12 4.74
N GLN JA 73 -10.61 26.96 6.04
CA GLN JA 73 -9.52 26.14 6.50
C GLN JA 73 -10.10 24.85 7.03
N PRO JA 74 -9.41 23.71 7.08
CA PRO JA 74 -9.92 22.45 7.57
C PRO JA 74 -10.61 22.57 8.93
N PRO JA 75 -11.63 21.82 9.32
CA PRO JA 75 -12.43 22.11 10.49
C PRO JA 75 -11.64 22.21 11.75
N ASN JA 76 -11.79 23.37 12.42
CA ASN JA 76 -11.03 23.90 13.51
C ASN JA 76 -10.94 25.34 13.12
N LYS JA 77 -11.76 26.16 13.83
CA LYS JA 77 -11.88 27.60 13.68
C LYS JA 77 -12.19 27.95 12.26
N GLN JA 78 -13.29 27.34 11.76
CA GLN JA 78 -13.74 27.33 10.39
C GLN JA 78 -14.00 28.73 9.85
N ILE JA 79 -13.63 28.92 8.54
CA ILE JA 79 -13.66 30.18 7.81
C ILE JA 79 -12.67 31.14 8.42
N TRP JA 80 -11.38 30.73 8.48
CA TRP JA 80 -10.32 31.44 9.13
C TRP JA 80 -9.86 32.47 8.15
N LEU JA 81 -9.82 33.76 8.57
CA LEU JA 81 -9.55 34.84 7.64
C LEU JA 81 -8.18 35.34 8.01
N ALA JA 82 -7.30 35.40 6.97
CA ALA JA 82 -5.99 35.94 7.09
C ALA JA 82 -6.06 37.28 6.39
N SER JA 83 -6.01 38.34 7.21
CA SER JA 83 -5.90 39.70 6.73
C SER JA 83 -4.53 40.10 7.19
N PRO JA 84 -3.64 40.69 6.37
CA PRO JA 84 -2.25 40.96 6.74
C PRO JA 84 -2.11 41.94 7.89
N LEU JA 85 -2.95 43.00 7.86
CA LEU JA 85 -2.89 44.14 8.77
C LEU JA 85 -3.15 43.80 10.20
N SER JA 86 -4.16 42.95 10.48
CA SER JA 86 -4.55 42.56 11.80
C SER JA 86 -4.08 41.17 12.15
N GLY JA 87 -3.32 40.55 11.22
CA GLY JA 87 -2.92 39.15 11.19
C GLY JA 87 -4.14 38.25 11.06
N PRO JA 88 -4.01 36.96 11.30
CA PRO JA 88 -5.13 36.03 11.14
C PRO JA 88 -6.03 36.14 12.32
N ASN JA 89 -7.36 35.93 12.13
CA ASN JA 89 -8.37 36.01 13.16
C ASN JA 89 -9.40 35.01 12.77
N ARG JA 90 -10.17 34.60 13.81
CA ARG JA 90 -11.10 33.52 13.75
C ARG JA 90 -12.47 33.96 14.05
N PHE JA 91 -13.43 33.22 13.49
CA PHE JA 91 -14.81 33.55 13.43
C PHE JA 91 -15.43 32.25 13.90
N ASP JA 92 -16.44 32.34 14.77
CA ASP JA 92 -17.15 31.16 15.17
C ASP JA 92 -18.62 31.57 15.24
N LEU JA 93 -19.53 30.61 15.14
CA LEU JA 93 -20.95 30.69 15.33
C LEU JA 93 -21.21 31.09 16.77
N LEU JA 94 -22.23 31.95 17.03
CA LEU JA 94 -22.60 32.27 18.40
C LEU JA 94 -24.03 31.94 18.67
N ASN JA 95 -24.97 32.38 17.78
CA ASN JA 95 -26.39 32.17 17.99
C ASN JA 95 -27.07 32.50 16.71
N GLY JA 96 -26.95 31.57 15.74
CA GLY JA 96 -27.62 31.73 14.46
C GLY JA 96 -26.89 32.65 13.52
N GLU JA 97 -25.68 33.11 13.89
CA GLU JA 97 -24.93 34.03 13.05
C GLU JA 97 -23.52 33.85 13.54
N TRP JA 98 -22.54 34.22 12.68
CA TRP JA 98 -21.17 34.11 13.00
C TRP JA 98 -20.82 35.42 13.66
N VAL JA 99 -20.53 35.43 14.96
CA VAL JA 99 -20.02 36.59 15.64
C VAL JA 99 -18.75 36.06 16.22
N SER JA 100 -17.63 36.82 15.99
CA SER JA 100 -16.30 36.48 16.46
C SER JA 100 -16.22 36.51 17.97
N LEU JA 101 -15.44 35.54 18.50
CA LEU JA 101 -15.22 35.43 19.91
C LEU JA 101 -13.96 36.18 20.27
N ARG JA 102 -13.97 37.49 19.99
CA ARG JA 102 -12.84 38.37 20.00
C ARG JA 102 -13.39 39.63 20.57
N ASN JA 103 -14.31 40.28 19.83
CA ASN JA 103 -14.96 41.50 20.24
C ASN JA 103 -16.21 41.68 19.40
N GLY JA 104 -16.51 40.72 18.49
CA GLY JA 104 -17.78 40.64 17.78
C GLY JA 104 -17.71 41.29 16.45
N THR JA 105 -17.53 40.45 15.41
CA THR JA 105 -17.43 40.88 14.03
C THR JA 105 -18.04 39.80 13.21
N LYS JA 106 -18.68 40.19 12.06
CA LYS JA 106 -19.34 39.27 11.13
C LYS JA 106 -18.61 39.41 9.81
N LEU JA 107 -18.27 38.30 9.15
CA LEU JA 107 -17.43 38.28 7.98
C LEU JA 107 -18.08 38.76 6.71
N THR JA 108 -19.42 38.48 6.54
CA THR JA 108 -20.26 38.92 5.46
C THR JA 108 -20.30 40.41 5.39
N ASP JA 109 -20.48 41.02 6.59
CA ASP JA 109 -20.53 42.45 6.81
C ASP JA 109 -19.22 43.14 6.60
N ILE JA 110 -18.04 42.48 6.89
CA ILE JA 110 -16.75 43.10 6.64
C ILE JA 110 -16.52 43.27 5.16
N LEU JA 111 -16.94 42.29 4.33
CA LEU JA 111 -16.85 42.36 2.89
C LEU JA 111 -17.75 43.43 2.31
N THR JA 112 -19.02 43.50 2.81
CA THR JA 112 -19.95 44.57 2.51
C THR JA 112 -19.31 45.93 2.56
N GLU JA 113 -18.80 46.32 3.75
CA GLU JA 113 -18.09 47.57 4.06
C GLU JA 113 -16.91 47.87 3.15
N GLU JA 114 -15.99 46.92 2.94
CA GLU JA 114 -14.75 47.18 2.23
C GLU JA 114 -14.96 47.46 0.79
N VAL JA 115 -15.99 46.79 0.22
CA VAL JA 115 -16.39 46.98 -1.14
C VAL JA 115 -16.98 48.34 -1.36
N GLU JA 116 -17.89 48.80 -0.46
CA GLU JA 116 -18.52 50.09 -0.65
C GLU JA 116 -17.64 51.24 -0.31
N LYS JA 117 -16.60 51.05 0.54
CA LYS JA 117 -15.47 51.95 0.74
C LYS JA 117 -14.70 52.21 -0.54
N ALA JA 118 -14.76 51.25 -1.50
CA ALA JA 118 -14.06 51.33 -2.74
C ALA JA 118 -14.87 52.07 -3.76
N ILE JA 119 -16.19 51.75 -3.83
CA ILE JA 119 -17.21 52.38 -4.65
C ILE JA 119 -17.27 53.89 -4.42
N SER JA 120 -17.05 54.34 -3.17
CA SER JA 120 -17.04 55.72 -2.71
C SER JA 120 -16.03 56.53 -3.49
N LYS JA 121 -14.71 56.26 -3.33
CA LYS JA 121 -13.68 57.02 -4.01
C LYS JA 121 -13.35 56.31 -5.34
N GLY KA 1 54.50 11.05 -14.72
CA GLY KA 1 55.59 11.33 -13.75
C GLY KA 1 56.86 11.68 -14.49
N SER KA 2 57.50 12.79 -14.03
CA SER KA 2 58.74 13.21 -14.62
C SER KA 2 59.39 14.09 -13.55
N HIS KA 3 60.57 14.64 -13.90
CA HIS KA 3 61.36 15.40 -12.95
C HIS KA 3 61.88 16.62 -13.62
N MET KA 4 62.25 17.60 -12.80
CA MET KA 4 62.66 18.91 -13.16
C MET KA 4 63.93 19.03 -13.99
N SER KA 5 65.10 18.40 -13.69
CA SER KA 5 65.43 17.48 -12.63
C SER KA 5 66.43 18.16 -11.74
N SER KA 6 66.14 18.18 -10.40
CA SER KA 6 66.97 18.85 -9.42
C SER KA 6 67.27 17.71 -8.48
N ILE KA 7 68.58 17.30 -8.38
CA ILE KA 7 69.03 16.22 -7.54
C ILE KA 7 69.09 16.72 -6.12
N THR KA 8 69.54 17.96 -5.92
CA THR KA 8 69.79 18.61 -4.64
C THR KA 8 70.73 17.85 -3.74
N LYS KA 9 71.83 17.39 -4.35
CA LYS KA 9 72.91 16.72 -3.72
C LYS KA 9 74.13 17.14 -4.54
N ARG KA 10 75.35 17.27 -3.96
CA ARG KA 10 75.74 16.91 -2.62
C ARG KA 10 76.19 18.18 -1.98
N LEU KA 11 75.75 18.39 -0.72
CA LEU KA 11 76.02 19.56 0.07
C LEU KA 11 75.43 20.81 -0.53
N TYR KA 12 74.19 20.74 -1.02
CA TYR KA 12 73.48 21.87 -1.55
C TYR KA 12 73.05 22.72 -0.41
N HIS KA 13 72.36 22.23 0.65
CA HIS KA 13 71.71 20.95 0.86
C HIS KA 13 70.21 21.08 0.70
N PRO KA 14 69.57 22.18 1.10
CA PRO KA 14 68.15 22.33 0.77
C PRO KA 14 68.05 23.30 -0.40
N LYS KA 15 68.00 22.75 -1.64
CA LYS KA 15 67.79 23.40 -2.91
C LYS KA 15 69.03 23.99 -3.47
N VAL KA 16 68.92 24.41 -4.75
CA VAL KA 16 69.86 25.10 -5.57
C VAL KA 16 70.13 26.48 -5.02
N ILE KA 17 69.09 27.19 -4.48
CA ILE KA 17 69.20 28.54 -4.01
C ILE KA 17 70.21 28.64 -2.91
N GLU KA 18 70.14 27.67 -1.95
CA GLU KA 18 71.04 27.49 -0.85
C GLU KA 18 72.42 27.12 -1.31
N HIS KA 19 72.56 26.28 -2.35
CA HIS KA 19 73.84 25.89 -2.90
C HIS KA 19 74.62 27.06 -3.48
N TYR KA 20 73.92 27.97 -4.20
CA TYR KA 20 74.39 29.11 -4.88
C TYR KA 20 75.02 30.08 -3.90
N THR KA 21 74.36 30.26 -2.73
CA THR KA 21 74.84 31.04 -1.64
C THR KA 21 75.88 30.16 -0.96
N HIS KA 22 77.19 30.54 -0.77
CA HIS KA 22 77.91 31.81 -0.86
C HIS KA 22 77.53 32.87 0.13
N PRO KA 23 77.51 32.63 1.45
CA PRO KA 23 77.98 31.42 2.13
C PRO KA 23 76.80 30.72 2.76
N ARG KA 24 76.71 29.37 2.64
CA ARG KA 24 75.65 28.62 3.21
C ARG KA 24 76.23 27.86 4.37
N ASN KA 25 75.50 27.70 5.48
CA ASN KA 25 74.19 28.20 5.73
C ASN KA 25 74.15 29.71 6.00
N VAL KA 26 75.03 30.31 6.86
CA VAL KA 26 75.96 29.76 7.80
C VAL KA 26 75.37 29.85 9.17
N GLY KA 27 74.15 30.39 9.28
CA GLY KA 27 73.42 30.52 10.53
C GLY KA 27 73.77 31.77 11.25
N SER KA 28 74.72 32.55 10.75
CA SER KA 28 74.99 33.92 11.16
C SER KA 28 74.46 34.83 10.07
N LEU KA 29 73.87 34.15 9.06
CA LEU KA 29 73.31 34.79 7.90
C LEU KA 29 71.87 34.45 7.95
N ASP KA 30 71.00 35.48 7.75
CA ASP KA 30 69.56 35.36 7.72
C ASP KA 30 69.11 36.08 6.50
N LYS KA 31 67.78 36.01 6.22
CA LYS KA 31 67.12 36.71 5.14
C LYS KA 31 67.01 38.13 5.62
N LYS KA 32 67.57 39.08 4.83
CA LYS KA 32 67.65 40.44 5.24
C LYS KA 32 67.87 41.30 4.03
N LEU KA 33 67.58 42.63 4.09
CA LEU KA 33 67.01 43.40 5.17
C LEU KA 33 65.50 43.53 5.05
N PRO KA 34 64.82 43.85 3.94
CA PRO KA 34 63.40 44.08 3.95
C PRO KA 34 62.58 42.85 3.76
N ASN KA 35 61.24 42.95 4.02
CA ASN KA 35 60.25 41.94 3.84
C ASN KA 35 59.06 42.71 3.41
N VAL KA 36 58.16 42.05 2.68
CA VAL KA 36 56.94 42.63 2.11
C VAL KA 36 55.74 42.17 2.93
N GLY KA 37 56.02 41.36 3.97
CA GLY KA 37 55.01 40.77 4.81
C GLY KA 37 54.60 39.47 4.19
N THR KA 38 53.29 39.32 3.85
CA THR KA 38 52.72 38.19 3.17
C THR KA 38 53.02 36.85 3.76
N GLY KA 39 52.91 35.74 2.98
CA GLY KA 39 53.14 34.41 3.50
C GLY KA 39 54.62 34.18 3.78
N LEU KA 40 54.88 33.55 4.93
CA LEU KA 40 56.16 33.07 5.30
C LEU KA 40 55.81 31.80 6.05
N VAL KA 41 56.58 30.73 5.80
CA VAL KA 41 56.36 29.48 6.47
C VAL KA 41 57.72 28.83 6.51
N GLY KA 42 57.97 28.00 7.54
CA GLY KA 42 59.19 27.32 7.66
C GLY KA 42 59.09 26.43 8.84
N ALA KA 43 59.70 25.26 8.69
CA ALA KA 43 59.87 24.27 9.74
C ALA KA 43 61.33 23.98 9.65
N PRO KA 44 62.20 24.58 10.51
CA PRO KA 44 63.63 24.58 10.34
C PRO KA 44 64.21 23.32 10.95
N ALA KA 45 63.41 22.46 11.65
CA ALA KA 45 63.90 21.20 12.16
C ALA KA 45 63.53 20.14 11.19
N CYS KA 46 62.84 20.49 10.08
CA CYS KA 46 62.47 19.62 8.97
C CYS KA 46 63.30 20.04 7.79
N GLY KA 47 64.04 21.16 7.91
CA GLY KA 47 65.01 21.58 6.96
C GLY KA 47 64.50 22.36 5.81
N ASP KA 48 63.23 22.78 5.87
CA ASP KA 48 62.55 23.38 4.69
C ASP KA 48 62.00 24.69 5.09
N VAL KA 49 61.87 25.57 4.10
CA VAL KA 49 61.38 26.91 4.29
C VAL KA 49 60.78 27.25 2.98
N MET KA 50 59.60 27.95 2.95
CA MET KA 50 59.06 28.44 1.71
C MET KA 50 58.51 29.78 1.96
N ARG KA 51 58.53 30.68 0.96
CA ARG KA 51 58.09 32.03 1.14
C ARG KA 51 57.45 32.46 -0.13
N LEU KA 52 56.10 32.62 -0.11
CA LEU KA 52 55.40 33.09 -1.26
C LEU KA 52 55.04 34.52 -1.01
N GLN KA 53 55.43 35.43 -1.98
CA GLN KA 53 55.14 36.84 -1.90
C GLN KA 53 54.23 37.23 -3.02
N ILE KA 54 52.95 37.59 -2.67
CA ILE KA 54 52.01 38.10 -3.65
C ILE KA 54 52.13 39.58 -3.75
N LYS KA 55 51.76 40.11 -4.93
CA LYS KA 55 51.46 41.50 -5.16
C LYS KA 55 50.11 41.55 -5.82
N VAL KA 56 49.25 42.50 -5.39
CA VAL KA 56 47.90 42.49 -5.85
C VAL KA 56 47.59 43.90 -6.29
N ASN KA 57 47.10 44.10 -7.52
CA ASN KA 57 46.45 45.31 -7.99
C ASN KA 57 45.12 45.37 -7.34
N ASP KA 58 44.90 46.35 -6.44
CA ASP KA 58 43.72 46.43 -5.60
C ASP KA 58 42.48 46.79 -6.39
N SER KA 59 42.66 47.71 -7.34
CA SER KA 59 41.61 48.32 -8.12
C SER KA 59 40.88 47.35 -8.95
N THR KA 60 41.63 46.41 -9.61
CA THR KA 60 41.05 45.46 -10.48
C THR KA 60 40.91 44.14 -9.84
N GLY KA 61 41.66 43.90 -8.74
CA GLY KA 61 41.62 42.67 -7.98
C GLY KA 61 42.28 41.52 -8.69
N VAL KA 62 43.44 41.76 -9.31
CA VAL KA 62 44.18 40.87 -10.16
C VAL KA 62 45.54 40.77 -9.56
N ILE KA 63 46.13 39.57 -9.60
CA ILE KA 63 47.45 39.30 -9.09
C ILE KA 63 48.38 39.76 -10.16
N GLU KA 64 49.15 40.84 -9.85
CA GLU KA 64 50.17 41.38 -10.71
C GLU KA 64 51.32 40.45 -10.85
N ASP KA 65 51.78 39.90 -9.70
CA ASP KA 65 52.97 39.10 -9.63
C ASP KA 65 52.87 38.26 -8.40
N VAL KA 66 53.56 37.10 -8.43
CA VAL KA 66 53.82 36.34 -7.26
C VAL KA 66 55.09 35.59 -7.61
N LYS KA 67 56.11 35.69 -6.69
CA LYS KA 67 57.37 35.02 -6.80
C LYS KA 67 57.45 34.13 -5.61
N PHE KA 68 58.43 33.16 -5.68
CA PHE KA 68 58.53 32.13 -4.67
C PHE KA 68 59.96 31.96 -4.27
N LYS KA 69 60.16 31.35 -3.08
CA LYS KA 69 61.38 30.74 -2.58
C LYS KA 69 61.05 29.32 -2.21
N THR KA 70 61.95 28.40 -2.57
CA THR KA 70 61.87 27.03 -2.17
C THR KA 70 63.19 26.72 -1.56
N PHE KA 71 63.14 26.12 -0.32
CA PHE KA 71 64.22 25.51 0.36
C PHE KA 71 63.61 24.20 0.76
N GLY KA 72 64.39 23.08 0.62
CA GLY KA 72 63.97 21.76 0.92
C GLY KA 72 64.38 20.86 -0.19
N CYS KA 73 63.56 19.80 -0.43
CA CYS KA 73 63.72 18.84 -1.49
C CYS KA 73 63.65 19.48 -2.85
N GLY KA 74 64.36 18.82 -3.79
CA GLY KA 74 64.46 19.22 -5.18
C GLY KA 74 63.12 19.15 -5.90
N SER KA 75 62.32 18.14 -5.51
CA SER KA 75 61.00 17.89 -6.04
C SER KA 75 60.02 19.01 -5.82
N ALA KA 76 60.14 19.67 -4.65
CA ALA KA 76 59.22 20.65 -4.15
C ALA KA 76 59.16 21.92 -4.97
N ILE KA 77 60.25 22.25 -5.69
CA ILE KA 77 60.34 23.46 -6.50
C ILE KA 77 59.25 23.55 -7.54
N ALA KA 78 58.88 22.39 -8.15
CA ALA KA 78 57.92 22.35 -9.22
C ALA KA 78 56.52 22.73 -8.80
N SER KA 79 56.14 22.44 -7.53
CA SER KA 79 54.86 22.76 -6.94
C SER KA 79 54.70 24.26 -6.80
N SER KA 80 55.75 24.91 -6.24
CA SER KA 80 55.82 26.36 -6.11
C SER KA 80 55.82 27.06 -7.45
N SER KA 81 56.58 26.58 -8.42
CA SER KA 81 56.71 27.12 -9.77
C SER KA 81 55.43 27.15 -10.54
N TYR KA 82 54.75 25.99 -10.67
CA TYR KA 82 53.58 25.86 -11.51
C TYR KA 82 52.42 26.67 -10.93
N MET KA 83 52.27 26.69 -9.59
CA MET KA 83 51.20 27.44 -8.97
C MET KA 83 51.39 28.94 -9.19
N THR KA 84 52.60 29.49 -9.03
CA THR KA 84 52.87 30.90 -9.15
C THR KA 84 52.67 31.44 -10.54
N GLU KA 85 53.10 30.70 -11.58
CA GLU KA 85 52.88 31.00 -12.97
C GLU KA 85 51.41 31.15 -13.25
N LEU KA 86 50.61 30.14 -12.80
CA LEU KA 86 49.18 30.05 -13.01
C LEU KA 86 48.47 31.22 -12.42
N VAL KA 87 48.80 31.52 -11.14
CA VAL KA 87 48.18 32.55 -10.36
C VAL KA 87 48.36 33.93 -10.96
N GLN KA 88 49.58 34.23 -11.51
CA GLN KA 88 49.83 35.53 -12.13
C GLN KA 88 48.98 35.69 -13.37
N GLY KA 89 48.45 36.94 -13.55
CA GLY KA 89 47.61 37.28 -14.67
C GLY KA 89 46.19 36.85 -14.51
N MET KA 90 45.85 36.32 -13.31
CA MET KA 90 44.59 35.78 -12.97
C MET KA 90 44.15 36.48 -11.72
N THR KA 91 42.83 36.56 -11.56
CA THR KA 91 42.07 37.26 -10.52
C THR KA 91 42.38 36.71 -9.16
N LEU KA 92 42.14 37.54 -8.13
CA LEU KA 92 42.46 37.34 -6.71
C LEU KA 92 41.73 36.12 -6.19
N ASP KA 93 40.51 35.92 -6.68
CA ASP KA 93 39.68 34.77 -6.43
C ASP KA 93 40.30 33.48 -6.92
N ASP KA 94 40.97 33.50 -8.10
CA ASP KA 94 41.73 32.37 -8.63
C ASP KA 94 42.94 32.05 -7.74
N ALA KA 95 43.62 33.07 -7.17
CA ALA KA 95 44.77 32.91 -6.29
C ALA KA 95 44.47 32.18 -5.01
N ALA KA 96 43.28 32.48 -4.45
CA ALA KA 96 42.74 31.82 -3.27
C ALA KA 96 42.24 30.48 -3.72
N LYS KA 97 42.41 29.49 -2.83
CA LYS KA 97 42.12 28.08 -2.97
C LYS KA 97 43.32 27.42 -2.38
N ILE KA 98 43.11 26.43 -1.51
CA ILE KA 98 44.22 25.75 -0.94
C ILE KA 98 43.87 24.29 -1.14
N LYS KA 99 44.84 23.67 -1.90
CA LYS KA 99 44.90 22.28 -2.17
C LYS KA 99 46.38 22.12 -2.22
N ASN KA 100 47.06 21.06 -1.66
CA ASN KA 100 46.66 19.77 -1.14
C ASN KA 100 46.87 18.85 -2.29
N THR KA 101 45.77 18.52 -3.02
CA THR KA 101 45.75 17.65 -4.20
C THR KA 101 46.59 18.22 -5.29
N GLU KA 102 46.53 19.55 -5.50
CA GLU KA 102 47.19 20.28 -6.53
C GLU KA 102 48.68 20.24 -6.32
N ILE KA 103 49.12 20.45 -5.04
CA ILE KA 103 50.48 20.43 -4.64
C ILE KA 103 51.06 19.03 -4.78
N ALA KA 104 50.24 18.04 -4.33
CA ALA KA 104 50.58 16.64 -4.27
C ALA KA 104 50.84 16.06 -5.61
N LYS KA 105 50.02 16.33 -6.65
CA LYS KA 105 50.33 15.82 -7.97
C LYS KA 105 51.60 16.39 -8.60
N GLU KA 106 51.81 17.72 -8.39
CA GLU KA 106 52.76 18.54 -9.08
C GLU KA 106 54.23 18.22 -8.97
N LEU KA 107 54.70 17.74 -7.79
CA LEU KA 107 56.14 17.52 -7.55
C LEU KA 107 56.72 16.46 -8.47
N SER KA 108 55.99 15.33 -8.69
CA SER KA 108 56.43 14.32 -9.60
C SER KA 108 55.29 13.36 -9.69
N LEU KA 109 54.83 12.82 -8.52
CA LEU KA 109 53.80 11.84 -8.40
C LEU KA 109 53.17 12.10 -7.07
N PRO KA 110 51.85 11.82 -6.86
CA PRO KA 110 51.17 12.09 -5.60
C PRO KA 110 51.00 10.91 -4.70
N PRO KA 111 51.57 10.89 -3.47
CA PRO KA 111 51.26 9.86 -2.51
C PRO KA 111 49.90 10.06 -1.96
N VAL KA 112 49.32 11.27 -2.15
CA VAL KA 112 48.08 11.71 -1.59
C VAL KA 112 48.36 12.31 -0.22
N LYS KA 113 49.64 12.31 0.17
CA LYS KA 113 50.07 12.87 1.40
C LYS KA 113 51.17 13.82 0.99
N LEU KA 114 51.31 14.99 1.67
CA LEU KA 114 52.33 15.96 1.36
C LEU KA 114 53.65 15.34 1.84
N HIS KA 115 54.76 15.66 1.13
CA HIS KA 115 56.06 15.15 1.48
C HIS KA 115 56.47 15.59 2.85
N CYS KA 116 56.46 16.93 3.09
CA CYS KA 116 56.84 17.64 4.31
C CYS KA 116 57.74 18.81 3.94
N SER KA 117 58.18 18.90 2.65
CA SER KA 117 59.01 20.00 2.17
C SER KA 117 58.15 20.93 1.43
N MET KA 118 56.88 20.57 1.19
CA MET KA 118 55.93 21.32 0.40
C MET KA 118 55.05 22.08 1.38
N LEU KA 119 55.49 23.30 1.69
CA LEU KA 119 54.84 24.18 2.65
C LEU KA 119 53.98 25.20 1.97
N ALA KA 120 53.73 25.02 0.66
CA ALA KA 120 53.07 25.97 -0.22
C ALA KA 120 51.62 26.24 0.22
N GLU KA 121 50.95 25.15 0.69
CA GLU KA 121 49.58 25.14 1.14
C GLU KA 121 49.38 26.07 2.30
N ASP KA 122 50.34 26.13 3.25
CA ASP KA 122 50.39 27.02 4.38
C ASP KA 122 50.86 28.40 3.97
N ALA KA 123 51.80 28.48 3.01
CA ALA KA 123 52.42 29.72 2.57
C ALA KA 123 51.39 30.63 1.92
N ILE KA 124 50.61 30.06 0.97
CA ILE KA 124 49.58 30.76 0.25
C ILE KA 124 48.46 31.21 1.15
N LYS KA 125 48.03 30.32 2.11
CA LYS KA 125 46.97 30.59 3.08
C LYS KA 125 47.26 31.83 3.90
N ALA KA 126 48.48 31.94 4.44
CA ALA KA 126 48.98 33.10 5.16
C ALA KA 126 48.92 34.38 4.36
N ALA KA 127 49.42 34.34 3.10
CA ALA KA 127 49.50 35.43 2.19
C ALA KA 127 48.15 36.07 1.82
N ILE KA 128 47.14 35.21 1.46
CA ILE KA 128 45.83 35.68 1.00
C ILE KA 128 45.06 36.22 2.18
N LYS KA 129 45.23 35.67 3.40
CA LYS KA 129 44.61 36.14 4.63
C LYS KA 129 45.12 37.51 4.97
N ASP KA 130 46.48 37.68 4.86
CA ASP KA 130 47.19 38.90 5.10
C ASP KA 130 46.62 40.01 4.22
N TYR KA 131 46.45 39.73 2.89
CA TYR KA 131 45.91 40.64 1.93
C TYR KA 131 44.52 41.11 2.29
N LYS KA 132 43.59 40.17 2.64
CA LYS KA 132 42.22 40.45 3.05
C LYS KA 132 42.15 41.34 4.24
N SER KA 133 43.06 41.10 5.23
CA SER KA 133 43.19 41.83 6.47
C SER KA 133 43.53 43.29 6.20
N LYS KA 134 44.55 43.53 5.33
CA LYS KA 134 45.04 44.85 4.97
C LYS KA 134 44.01 45.69 4.22
N ARG KA 135 43.11 45.05 3.43
CA ARG KA 135 42.10 45.77 2.71
C ARG KA 135 40.88 45.94 3.57
N ASN KA 136 40.87 45.23 4.73
CA ASN KA 136 39.89 45.31 5.78
C ASN KA 136 38.60 44.66 5.41
N THR KA 137 38.62 43.32 5.43
CA THR KA 137 37.42 42.58 5.30
C THR KA 137 37.65 41.27 6.08
N PRO KA 138 37.80 41.26 7.41
CA PRO KA 138 38.06 40.06 8.16
C PRO KA 138 36.81 39.24 8.22
N THR KA 139 35.62 39.83 7.92
CA THR KA 139 34.35 39.18 8.08
C THR KA 139 34.16 38.08 7.03
N MET KA 140 34.67 38.27 5.79
CA MET KA 140 34.64 37.32 4.71
C MET KA 140 35.90 36.51 4.73
N LEU KA 141 36.91 36.89 5.55
CA LEU KA 141 38.16 36.14 5.67
C LEU KA 141 37.86 34.85 6.38
N SER KA 142 37.01 34.95 7.46
CA SER KA 142 36.58 33.81 8.20
C SER KA 142 35.33 33.18 7.51
N VAL LA 1 21.10 41.14 -33.17
CA VAL LA 1 20.61 42.40 -32.54
C VAL LA 1 19.18 42.22 -32.07
N GLU LA 2 18.26 41.87 -33.00
CA GLU LA 2 16.86 41.68 -32.73
C GLU LA 2 16.65 40.43 -31.94
N SER LA 3 17.28 39.35 -32.37
CA SER LA 3 17.16 38.02 -31.75
C SER LA 3 18.53 37.43 -31.89
N SER LA 4 18.91 36.40 -31.09
CA SER LA 4 18.18 35.73 -30.06
C SER LA 4 18.93 35.90 -28.78
N THR LA 5 18.20 36.14 -27.67
CA THR LA 5 18.74 36.39 -26.33
C THR LA 5 19.59 35.19 -25.91
N ASP LA 6 20.80 35.34 -25.30
CA ASP LA 6 21.49 36.54 -24.87
C ASP LA 6 22.81 36.61 -25.57
N GLY LA 7 23.03 35.74 -26.57
CA GLY LA 7 24.32 35.68 -27.20
C GLY LA 7 24.31 36.10 -28.63
N GLN LA 8 23.14 36.12 -29.31
CA GLN LA 8 23.04 36.45 -30.72
C GLN LA 8 22.38 37.79 -30.87
N VAL LA 9 22.16 38.47 -29.73
CA VAL LA 9 21.61 39.85 -29.70
C VAL LA 9 22.80 40.79 -29.52
N VAL LA 10 24.04 40.25 -29.41
CA VAL LA 10 25.24 41.04 -29.18
C VAL LA 10 25.53 42.03 -30.29
N PRO LA 11 26.12 43.19 -30.04
CA PRO LA 11 26.54 44.12 -31.08
C PRO LA 11 28.01 43.93 -31.29
N GLN LA 12 28.58 42.94 -30.59
CA GLN LA 12 29.96 42.49 -30.68
C GLN LA 12 30.89 43.47 -30.00
N GLU LA 13 30.44 44.02 -28.85
CA GLU LA 13 31.29 44.85 -28.03
C GLU LA 13 30.72 44.81 -26.59
N VAL LA 14 29.80 43.85 -26.29
CA VAL LA 14 29.20 43.69 -25.00
C VAL LA 14 29.90 42.53 -24.35
N LEU LA 15 30.88 41.90 -25.05
CA LEU LA 15 31.61 40.75 -24.53
C LEU LA 15 32.75 41.19 -23.67
N ASN LA 16 33.09 42.52 -23.70
CA ASN LA 16 34.17 43.12 -22.93
C ASN LA 16 33.60 44.00 -21.87
N LEU LA 17 32.25 44.12 -21.81
CA LEU LA 17 31.54 44.90 -20.81
C LEU LA 17 31.23 43.97 -19.69
N PRO LA 18 31.09 44.39 -18.43
CA PRO LA 18 30.80 43.50 -17.32
C PRO LA 18 29.35 43.03 -17.41
N LEU LA 19 29.17 41.76 -17.09
CA LEU LA 19 27.90 41.06 -17.12
C LEU LA 19 28.02 40.07 -16.03
N GLU LA 20 26.89 39.89 -15.28
CA GLU LA 20 26.83 38.97 -14.14
C GLU LA 20 26.52 37.56 -14.63
N LYS LA 21 27.12 36.59 -13.90
CA LYS LA 21 27.03 35.17 -14.10
C LYS LA 21 25.62 34.63 -14.03
N ALA LA 22 25.41 33.55 -14.82
CA ALA LA 22 24.24 32.66 -14.76
C ALA LA 22 23.03 33.40 -15.19
N HIS LA 23 21.86 33.16 -14.52
CA HIS LA 23 20.56 33.68 -14.88
C HIS LA 23 19.92 32.81 -15.94
N GLU LA 24 20.27 31.47 -15.91
CA GLU LA 24 19.78 30.52 -16.86
C GLU LA 24 19.07 29.36 -16.21
N GLU LA 25 19.54 28.74 -15.11
CA GLU LA 25 20.89 28.66 -14.55
C GLU LA 25 21.33 27.24 -14.53
N ALA LA 26 20.43 26.34 -14.02
CA ALA LA 26 20.72 24.95 -13.71
C ALA LA 26 21.08 24.06 -14.88
N ASP LA 27 20.36 24.18 -16.01
CA ASP LA 27 20.54 23.35 -17.19
C ASP LA 27 21.89 23.67 -17.75
N ASP LA 28 22.15 24.96 -17.99
CA ASP LA 28 23.39 25.55 -18.45
C ASP LA 28 24.58 25.17 -17.61
N TYR LA 29 24.45 25.14 -16.26
CA TYR LA 29 25.55 24.76 -15.36
C TYR LA 29 26.08 23.40 -15.67
N LEU LA 30 25.18 22.38 -15.82
CA LEU LA 30 25.55 21.01 -16.14
C LEU LA 30 26.29 20.89 -17.43
N ASP LA 31 25.80 21.59 -18.47
CA ASP LA 31 26.39 21.60 -19.80
C ASP LA 31 27.80 22.21 -19.79
N HIS LA 32 27.96 23.38 -19.12
CA HIS LA 32 29.19 24.11 -18.97
C HIS LA 32 30.26 23.31 -18.29
N LEU LA 33 29.86 22.61 -17.21
CA LEU LA 33 30.70 21.82 -16.35
C LEU LA 33 31.27 20.66 -17.16
N LEU LA 34 30.42 19.94 -17.94
CA LEU LA 34 30.83 18.86 -18.84
C LEU LA 34 31.80 19.35 -19.87
N ASP LA 35 31.52 20.53 -20.47
CA ASP LA 35 32.33 21.23 -21.44
C ASP LA 35 33.70 21.51 -20.93
N SER LA 36 33.79 22.05 -19.68
CA SER LA 36 35.02 22.31 -18.95
C SER LA 36 35.82 21.05 -18.76
N LEU LA 37 35.25 19.91 -18.36
CA LEU LA 37 35.92 18.64 -18.18
C LEU LA 37 36.62 18.20 -19.46
N GLU LA 38 35.91 18.20 -20.62
CA GLU LA 38 36.40 17.86 -21.94
C GLU LA 38 37.52 18.76 -22.36
N GLU LA 39 37.38 20.10 -22.11
CA GLU LA 39 38.40 21.09 -22.43
C GLU LA 39 39.71 20.85 -21.73
N LEU LA 40 39.65 20.64 -20.40
CA LEU LA 40 40.74 20.37 -19.50
C LEU LA 40 41.49 19.11 -19.80
N SER LA 41 40.80 18.08 -20.30
CA SER LA 41 41.32 16.77 -20.63
C SER LA 41 42.47 16.83 -21.61
N GLU LA 42 42.47 17.85 -22.54
CA GLU LA 42 43.36 17.92 -23.65
C GLU LA 42 44.80 17.96 -23.23
N ALA LA 43 45.66 17.16 -23.89
CA ALA LA 43 47.04 16.81 -23.55
C ALA LA 43 47.01 15.81 -22.41
N HIS LA 44 47.74 14.67 -22.54
CA HIS LA 44 47.71 13.67 -21.48
C HIS LA 44 49.04 13.54 -20.84
N PRO LA 45 49.14 13.07 -19.60
CA PRO LA 45 50.40 12.74 -19.00
C PRO LA 45 50.75 11.30 -19.36
N ASP LA 46 49.74 10.46 -19.62
CA ASP LA 46 49.92 9.12 -20.13
C ASP LA 46 48.66 8.89 -20.95
N CYS LA 47 47.51 8.93 -20.23
CA CYS LA 47 46.21 8.85 -20.82
C CYS LA 47 45.29 9.28 -19.75
N ILE LA 48 44.03 9.59 -20.17
CA ILE LA 48 42.94 9.89 -19.27
C ILE LA 48 41.95 8.84 -19.70
N PRO LA 49 41.41 7.95 -18.88
CA PRO LA 49 40.55 6.83 -19.33
C PRO LA 49 39.22 7.23 -19.96
N ASP LA 50 38.87 8.55 -19.91
CA ASP LA 50 37.71 9.21 -20.47
C ASP LA 50 36.88 9.83 -19.37
N VAL LA 51 35.83 10.62 -19.73
CA VAL LA 51 34.88 11.21 -18.82
C VAL LA 51 33.53 10.81 -19.39
N GLU LA 52 32.62 10.33 -18.53
CA GLU LA 52 31.27 9.92 -18.91
C GLU LA 52 30.25 10.80 -18.17
N LEU LA 53 29.28 11.42 -18.91
CA LEU LA 53 28.14 12.13 -18.36
C LEU LA 53 27.02 11.20 -18.48
N SER LA 54 26.52 10.73 -17.29
CA SER LA 54 25.60 9.62 -17.18
C SER LA 54 24.22 10.16 -17.31
N HIS LA 55 23.85 11.18 -16.50
CA HIS LA 55 22.56 11.80 -16.57
C HIS LA 55 22.65 13.18 -15.97
N GLY LA 56 23.89 13.71 -15.73
CA GLY LA 56 24.10 14.98 -15.10
C GLY LA 56 25.12 14.81 -14.00
N VAL LA 57 25.61 13.53 -13.82
CA VAL LA 57 26.72 13.26 -12.91
C VAL LA 57 27.82 12.99 -13.89
N MET LA 58 28.91 13.80 -13.81
CA MET LA 58 30.05 13.69 -14.65
C MET LA 58 31.22 13.38 -13.76
N THR LA 59 32.01 12.33 -14.16
CA THR LA 59 33.10 11.78 -13.40
C THR LA 59 34.36 12.09 -14.13
N LEU LA 60 35.49 12.42 -13.46
CA LEU LA 60 36.76 12.60 -14.12
C LEU LA 60 37.75 11.77 -13.36
N GLU LA 61 37.94 10.53 -13.91
CA GLU LA 61 38.98 9.59 -13.55
C GLU LA 61 40.32 9.98 -14.08
N ILE LA 62 41.35 10.17 -13.23
CA ILE LA 62 42.73 10.28 -13.65
C ILE LA 62 43.38 9.20 -12.78
N PRO LA 63 43.81 8.02 -13.24
CA PRO LA 63 44.39 7.01 -12.41
C PRO LA 63 45.87 7.21 -12.08
N ALA LA 64 46.57 8.16 -12.75
CA ALA LA 64 47.98 8.34 -12.60
C ALA LA 64 48.29 9.48 -11.71
N PHE LA 65 47.27 10.23 -11.30
CA PHE LA 65 47.48 11.47 -10.60
C PHE LA 65 46.35 11.69 -9.63
N GLY LA 66 45.11 11.86 -10.12
CA GLY LA 66 44.08 12.37 -9.26
C GLY LA 66 42.82 11.62 -9.43
N THR LA 67 42.56 10.62 -8.55
CA THR LA 67 41.35 9.84 -8.61
C THR LA 67 40.36 10.53 -7.70
N TYR LA 68 39.30 11.09 -8.31
CA TYR LA 68 38.25 11.75 -7.62
C TYR LA 68 37.12 11.76 -8.55
N VAL LA 69 35.91 12.13 -8.06
CA VAL LA 69 34.74 12.26 -8.88
C VAL LA 69 34.03 13.44 -8.36
N ILE LA 70 33.01 13.88 -9.08
CA ILE LA 70 32.18 15.00 -8.68
C ILE LA 70 30.83 14.45 -9.04
N ASN LA 71 29.77 14.92 -8.35
CA ASN LA 71 28.44 14.40 -8.42
C ASN LA 71 27.51 15.58 -8.29
N LYS LA 72 26.20 15.29 -8.35
CA LYS LA 72 25.17 16.20 -7.89
C LYS LA 72 24.77 15.74 -6.49
N GLN LA 73 24.39 16.72 -5.65
CA GLN LA 73 24.02 16.49 -4.28
C GLN LA 73 22.56 16.88 -4.20
N PRO LA 74 21.63 16.01 -3.73
CA PRO LA 74 20.22 16.33 -3.54
C PRO LA 74 20.05 17.43 -2.51
N PRO LA 75 18.94 18.20 -2.52
CA PRO LA 75 18.72 19.40 -1.71
C PRO LA 75 19.50 19.52 -0.45
N ASN LA 76 20.28 20.61 -0.35
CA ASN LA 76 21.25 20.98 0.64
C ASN LA 76 22.51 21.04 -0.11
N LYS LA 77 22.87 22.29 -0.51
CA LYS LA 77 24.16 22.59 -1.12
C LYS LA 77 24.51 21.76 -2.33
N GLN LA 78 23.78 21.98 -3.44
CA GLN LA 78 23.80 21.12 -4.60
C GLN LA 78 25.18 21.09 -5.21
N ILE LA 79 25.62 19.93 -5.70
CA ILE LA 79 26.90 19.57 -6.29
C ILE LA 79 27.80 19.13 -5.14
N TRP LA 80 28.67 18.17 -5.43
CA TRP LA 80 29.64 17.68 -4.45
C TRP LA 80 31.03 17.59 -5.09
N LEU LA 81 32.05 18.02 -4.36
CA LEU LA 81 33.42 17.90 -4.84
C LEU LA 81 34.23 17.03 -3.87
N ALA LA 82 34.94 16.04 -4.40
CA ALA LA 82 35.71 15.18 -3.55
C ALA LA 82 37.17 15.48 -3.81
N SER LA 83 37.90 15.78 -2.71
CA SER LA 83 39.27 16.15 -2.67
C SER LA 83 40.06 14.98 -2.14
N PRO LA 84 41.02 14.38 -2.85
CA PRO LA 84 41.64 13.10 -2.47
C PRO LA 84 42.39 13.09 -1.15
N LEU LA 85 42.63 14.24 -0.47
CA LEU LA 85 43.28 14.27 0.80
C LEU LA 85 42.73 15.41 1.64
N SER LA 86 41.45 15.82 1.44
CA SER LA 86 40.86 16.91 2.16
C SER LA 86 39.40 16.59 2.24
N GLY LA 87 38.95 15.52 1.56
CA GLY LA 87 37.56 14.98 1.68
C GLY LA 87 36.58 15.61 0.73
N PRO LA 88 35.30 15.31 0.98
CA PRO LA 88 34.18 15.88 0.30
C PRO LA 88 33.92 17.31 0.72
N ASN LA 89 33.34 18.10 -0.21
CA ASN LA 89 32.92 19.46 0.05
C ASN LA 89 31.74 19.71 -0.85
N ARG LA 90 30.92 20.70 -0.44
CA ARG LA 90 29.67 21.04 -1.07
C ARG LA 90 29.66 22.52 -1.30
N PHE LA 91 28.85 22.94 -2.28
CA PHE LA 91 28.93 24.28 -2.87
C PHE LA 91 27.55 24.85 -2.92
N ASP LA 92 27.42 26.17 -2.62
CA ASP LA 92 26.15 26.85 -2.73
C ASP LA 92 26.56 28.17 -3.25
N LEU LA 93 25.63 28.87 -3.97
CA LEU LA 93 25.79 30.22 -4.55
C LEU LA 93 26.16 31.24 -3.54
N LEU LA 94 27.07 32.17 -3.87
CA LEU LA 94 27.32 33.36 -3.10
C LEU LA 94 27.83 34.42 -4.07
N ASN LA 95 27.65 34.21 -5.38
CA ASN LA 95 28.00 35.17 -6.42
C ASN LA 95 27.14 35.00 -7.63
N GLY LA 96 26.07 34.18 -7.49
CA GLY LA 96 25.19 33.86 -8.60
C GLY LA 96 25.78 32.81 -9.48
N GLU LA 97 26.88 32.19 -9.02
CA GLU LA 97 27.56 31.09 -9.65
C GLU LA 97 28.07 30.38 -8.41
N TRP LA 98 28.33 29.05 -8.48
CA TRP LA 98 28.75 28.18 -7.40
C TRP LA 98 29.98 28.73 -6.66
N VAL LA 99 30.01 28.75 -5.33
CA VAL LA 99 31.08 29.31 -4.52
C VAL LA 99 31.34 28.24 -3.47
N SER LA 100 32.61 28.17 -2.94
CA SER LA 100 33.05 27.22 -2.00
C SER LA 100 32.71 27.71 -0.63
N LEU LA 101 32.38 26.79 0.28
CA LEU LA 101 31.94 27.13 1.60
C LEU LA 101 33.08 26.90 2.54
N ARG LA 102 34.30 26.83 1.96
CA ARG LA 102 35.54 26.56 2.59
C ARG LA 102 36.61 27.48 2.06
N ASN LA 103 36.44 28.06 0.84
CA ASN LA 103 37.45 28.88 0.27
C ASN LA 103 36.85 30.15 -0.31
N GLY LA 104 35.56 30.14 -0.69
CA GLY LA 104 34.93 31.26 -1.32
C GLY LA 104 35.31 31.39 -2.78
N THR LA 105 35.36 30.28 -3.52
CA THR LA 105 35.79 30.29 -4.92
C THR LA 105 34.99 29.30 -5.75
N LYS LA 106 34.82 29.57 -7.06
CA LYS LA 106 34.09 28.78 -8.01
C LYS LA 106 34.73 27.44 -8.20
N LEU LA 107 33.89 26.34 -8.29
CA LEU LA 107 34.30 24.95 -8.42
C LEU LA 107 35.03 24.76 -9.72
N THR LA 108 34.54 25.43 -10.78
CA THR LA 108 35.10 25.45 -12.12
C THR LA 108 36.61 25.61 -12.16
N ASP LA 109 37.10 26.59 -11.36
CA ASP LA 109 38.49 26.98 -11.22
C ASP LA 109 39.31 25.97 -10.45
N ILE LA 110 38.69 25.30 -9.46
CA ILE LA 110 39.33 24.27 -8.65
C ILE LA 110 39.69 23.13 -9.56
N LEU LA 111 38.79 22.77 -10.51
CA LEU LA 111 39.03 21.77 -11.52
C LEU LA 111 40.03 22.14 -12.52
N THR LA 112 39.99 23.40 -13.08
CA THR LA 112 40.99 23.98 -13.98
C THR LA 112 42.41 23.67 -13.53
N GLU LA 113 42.82 24.18 -12.33
CA GLU LA 113 44.10 23.96 -11.76
C GLU LA 113 44.43 22.52 -11.64
N GLU LA 114 43.50 21.72 -11.07
CA GLU LA 114 43.72 20.36 -10.63
C GLU LA 114 43.91 19.39 -11.75
N VAL LA 115 43.19 19.59 -12.89
CA VAL LA 115 43.39 18.76 -14.05
C VAL LA 115 44.67 19.02 -14.78
N GLU LA 116 45.00 20.32 -14.98
CA GLU LA 116 46.18 20.68 -15.73
C GLU LA 116 47.48 20.50 -14.99
N LYS LA 117 47.53 20.52 -13.63
CA LYS LA 117 48.67 20.09 -12.82
C LYS LA 117 48.99 18.63 -12.92
N ALA LA 118 48.03 17.78 -13.33
CA ALA LA 118 48.21 16.36 -13.45
C ALA LA 118 48.91 16.06 -14.75
N ILE LA 119 48.42 16.71 -15.84
CA ILE LA 119 48.89 16.73 -17.20
C ILE LA 119 50.34 17.14 -17.31
N SER LA 120 50.76 18.05 -16.39
CA SER LA 120 52.10 18.59 -16.31
C SER LA 120 53.16 17.53 -16.18
N LYS LA 121 53.17 16.77 -15.07
CA LYS LA 121 54.15 15.72 -14.87
C LYS LA 121 53.69 14.49 -15.64
N GLY MA 1 21.70 32.99 39.80
CA GLY MA 1 21.06 34.27 40.12
C GLY MA 1 21.46 34.78 41.47
N SER MA 2 22.20 35.90 41.56
CA SER MA 2 22.56 36.49 42.83
C SER MA 2 22.81 37.96 42.60
N HIS MA 3 22.63 38.79 43.65
CA HIS MA 3 22.84 40.19 43.66
C HIS MA 3 24.30 40.58 43.51
N MET MA 4 24.55 41.77 42.88
CA MET MA 4 25.85 42.27 42.62
C MET MA 4 26.54 42.84 43.84
N SER MA 5 25.94 43.77 44.68
CA SER MA 5 24.69 44.47 44.58
C SER MA 5 25.02 45.82 44.09
N SER MA 6 24.17 46.38 43.17
CA SER MA 6 24.45 47.63 42.54
C SER MA 6 23.12 48.32 42.25
N ILE MA 7 22.03 47.87 42.94
CA ILE MA 7 20.74 48.52 42.87
C ILE MA 7 20.62 49.46 44.04
N THR MA 8 20.86 50.75 43.75
CA THR MA 8 20.88 51.93 44.63
C THR MA 8 21.74 51.72 45.84
N LYS MA 9 22.81 50.89 45.72
CA LYS MA 9 23.65 50.57 46.83
C LYS MA 9 25.02 50.42 46.21
N ARG MA 10 26.12 50.89 46.85
CA ARG MA 10 26.19 51.53 48.14
C ARG MA 10 27.30 52.54 47.97
N LEU MA 11 27.00 53.74 48.52
CA LEU MA 11 27.76 54.96 48.59
C LEU MA 11 27.67 55.73 47.30
N TYR MA 12 26.81 55.28 46.33
CA TYR MA 12 26.69 55.92 45.04
C TYR MA 12 26.11 57.33 45.06
N HIS MA 13 25.02 57.69 45.80
CA HIS MA 13 24.07 56.89 46.55
C HIS MA 13 22.93 56.34 45.71
N PRO MA 14 22.09 57.02 44.91
CA PRO MA 14 21.08 56.30 44.15
C PRO MA 14 21.59 56.01 42.78
N LYS MA 15 21.68 54.70 42.42
CA LYS MA 15 22.11 54.25 41.12
C LYS MA 15 23.51 54.66 40.70
N VAL MA 16 23.95 54.06 39.58
CA VAL MA 16 25.23 54.17 38.98
C VAL MA 16 25.60 55.54 38.48
N ILE MA 17 24.64 56.31 37.88
CA ILE MA 17 24.90 57.56 37.18
C ILE MA 17 25.47 58.58 38.12
N GLU MA 18 24.86 58.67 39.34
CA GLU MA 18 25.24 59.53 40.44
C GLU MA 18 26.70 59.61 40.70
N HIS MA 19 27.36 58.41 40.71
CA HIS MA 19 28.79 58.22 40.93
C HIS MA 19 29.64 58.81 39.83
N TYR MA 20 29.28 58.57 38.55
CA TYR MA 20 30.01 59.03 37.37
C TYR MA 20 30.02 60.54 37.27
N THR MA 21 28.86 61.16 37.50
CA THR MA 21 28.67 62.61 37.46
C THR MA 21 27.82 62.96 38.66
N HIS MA 22 28.31 63.67 39.69
CA HIS MA 22 29.64 64.15 40.00
C HIS MA 22 30.04 65.28 39.04
N PRO MA 23 29.66 66.54 39.23
CA PRO MA 23 28.83 67.08 40.31
C PRO MA 23 27.39 66.64 40.16
N ARG MA 24 26.73 66.37 41.29
CA ARG MA 24 25.39 65.83 41.36
C ARG MA 24 24.53 66.96 41.90
N ASN MA 25 23.29 67.16 41.43
CA ASN MA 25 22.64 66.41 40.34
C ASN MA 25 23.14 66.73 38.91
N VAL MA 26 23.37 67.97 38.41
CA VAL MA 26 23.13 69.27 38.99
C VAL MA 26 21.98 69.98 38.23
N GLY MA 27 21.44 69.32 37.20
CA GLY MA 27 20.29 69.82 36.45
C GLY MA 27 20.68 70.84 35.41
N SER MA 28 21.98 70.91 35.09
CA SER MA 28 22.55 71.84 34.14
C SER MA 28 23.74 71.17 33.53
N LEU MA 29 23.94 69.86 33.83
CA LEU MA 29 25.00 69.01 33.37
C LEU MA 29 24.87 68.75 31.91
N ASP MA 30 26.05 68.73 31.23
CA ASP MA 30 26.19 68.51 29.81
C ASP MA 30 27.55 67.88 29.59
N LYS MA 31 27.65 66.99 28.57
CA LYS MA 31 28.88 66.39 28.21
C LYS MA 31 29.38 67.22 27.03
N LYS MA 32 30.59 67.82 27.21
CA LYS MA 32 31.23 68.69 26.25
C LYS MA 32 32.66 68.80 26.66
N LEU MA 33 33.62 69.15 25.77
CA LEU MA 33 33.55 69.29 24.32
C LEU MA 33 33.64 67.97 23.63
N PRO MA 34 34.55 67.00 23.86
CA PRO MA 34 34.60 65.77 23.09
C PRO MA 34 33.62 64.76 23.53
N ASN MA 35 33.42 63.72 22.66
CA ASN MA 35 32.50 62.67 22.87
C ASN MA 35 33.23 61.43 22.56
N VAL MA 36 32.72 60.27 23.03
CA VAL MA 36 33.41 59.00 22.90
C VAL MA 36 32.81 58.16 21.77
N GLY MA 37 31.84 58.73 21.03
CA GLY MA 37 31.25 58.18 19.80
C GLY MA 37 30.62 56.82 19.99
N THR MA 38 30.39 56.19 18.79
CA THR MA 38 29.80 54.87 18.59
C THR MA 38 28.42 54.73 19.23
N GLY MA 39 27.93 53.50 19.38
CA GLY MA 39 26.57 53.14 19.74
C GLY MA 39 26.02 53.77 20.93
N LEU MA 40 24.79 54.30 20.82
CA LEU MA 40 24.03 54.82 21.95
C LEU MA 40 22.60 54.52 21.69
N VAL MA 41 21.93 54.16 22.79
CA VAL MA 41 20.54 53.83 22.78
C VAL MA 41 20.14 54.25 24.18
N GLY MA 42 18.91 54.69 24.46
CA GLY MA 42 18.55 55.08 25.79
C GLY MA 42 17.07 55.33 25.84
N ALA MA 43 16.47 54.88 26.97
CA ALA MA 43 15.08 55.00 27.25
C ALA MA 43 14.92 55.90 28.45
N PRO MA 44 14.09 56.95 28.44
CA PRO MA 44 13.82 57.76 29.58
C PRO MA 44 12.67 57.11 30.32
N ALA MA 45 11.91 56.24 29.61
CA ALA MA 45 10.77 55.50 30.12
C ALA MA 45 11.22 54.44 31.10
N CYS MA 46 12.31 53.71 30.74
CA CYS MA 46 12.87 52.68 31.57
C CYS MA 46 13.96 53.25 32.44
N GLY MA 47 14.36 54.49 32.16
CA GLY MA 47 15.32 55.22 32.93
C GLY MA 47 16.75 54.86 32.76
N ASP MA 48 17.07 54.03 31.76
CA ASP MA 48 18.39 53.49 31.54
C ASP MA 48 18.87 53.84 30.17
N VAL MA 49 20.12 54.38 30.08
CA VAL MA 49 20.77 54.75 28.82
C VAL MA 49 22.02 53.93 28.80
N MET MA 50 22.27 53.18 27.75
CA MET MA 50 23.47 52.43 27.56
C MET MA 50 24.26 53.06 26.49
N ARG MA 51 25.62 53.04 26.64
CA ARG MA 51 26.51 53.54 25.65
C ARG MA 51 27.69 52.62 25.71
N LEU MA 52 27.88 51.83 24.64
CA LEU MA 52 28.99 50.91 24.48
C LEU MA 52 29.96 51.56 23.55
N GLN MA 53 31.28 51.59 23.94
CA GLN MA 53 32.37 52.09 23.15
C GLN MA 53 33.27 50.95 22.86
N ILE MA 54 33.31 50.51 21.57
CA ILE MA 54 34.21 49.45 21.16
C ILE MA 54 35.49 50.07 20.66
N LYS MA 55 36.63 49.35 20.77
CA LYS MA 55 37.80 49.57 19.93
C LYS MA 55 38.06 48.27 19.26
N VAL MA 56 38.34 48.32 17.93
CA VAL MA 56 38.38 47.14 17.13
C VAL MA 56 39.56 47.32 16.21
N ASN MA 57 40.46 46.34 16.14
CA ASN MA 57 41.43 46.24 15.08
C ASN MA 57 40.69 45.78 13.86
N ASP MA 58 40.54 46.66 12.82
CA ASP MA 58 39.68 46.50 11.65
C ASP MA 58 40.20 45.40 10.75
N SER MA 59 41.53 45.12 10.85
CA SER MA 59 42.24 44.28 9.92
C SER MA 59 42.07 42.84 10.23
N THR MA 60 42.23 42.44 11.51
CA THR MA 60 42.19 41.04 11.83
C THR MA 60 40.87 40.66 12.41
N GLY MA 61 40.05 41.67 12.80
CA GLY MA 61 38.73 41.48 13.37
C GLY MA 61 38.79 41.02 14.79
N VAL MA 62 39.60 41.70 15.59
CA VAL MA 62 39.81 41.34 16.98
C VAL MA 62 39.39 42.57 17.74
N ILE MA 63 38.70 42.40 18.88
CA ILE MA 63 38.31 43.46 19.83
C ILE MA 63 39.55 43.71 20.65
N GLU MA 64 40.17 44.92 20.45
CA GLU MA 64 41.34 45.39 21.15
C GLU MA 64 40.99 45.68 22.58
N ASP MA 65 39.87 46.41 22.77
CA ASP MA 65 39.44 46.85 24.06
C ASP MA 65 37.99 47.12 23.86
N VAL MA 66 37.20 47.10 24.95
CA VAL MA 66 35.82 47.54 24.92
C VAL MA 66 35.55 47.96 26.35
N LYS MA 67 34.99 49.19 26.51
CA LYS MA 67 34.59 49.83 27.74
C LYS MA 67 33.16 50.16 27.48
N PHE MA 68 32.42 50.36 28.59
CA PHE MA 68 31.05 50.63 28.54
C PHE MA 68 30.70 51.66 29.61
N LYS MA 69 29.66 52.48 29.34
CA LYS MA 69 29.06 53.39 30.30
C LYS MA 69 27.67 52.91 30.36
N THR MA 70 27.14 52.61 31.56
CA THR MA 70 25.75 52.20 31.67
C THR MA 70 25.25 53.20 32.66
N PHE MA 71 24.10 53.80 32.31
CA PHE MA 71 23.44 54.76 33.13
C PHE MA 71 22.17 54.09 33.55
N GLY MA 72 21.96 53.99 34.88
CA GLY MA 72 20.82 53.27 35.47
C GLY MA 72 21.09 51.79 35.43
N CYS MA 73 20.14 51.02 36.03
CA CYS MA 73 20.07 49.54 36.11
C CYS MA 73 21.33 48.90 36.65
N GLY MA 74 21.23 48.41 37.91
CA GLY MA 74 22.29 47.72 38.60
C GLY MA 74 22.68 46.40 37.96
N SER MA 75 21.63 45.67 37.49
CA SER MA 75 21.76 44.36 36.96
C SER MA 75 22.62 44.28 35.74
N ALA MA 76 22.49 45.29 34.85
CA ALA MA 76 23.19 45.33 33.58
C ALA MA 76 24.68 45.44 33.72
N ILE MA 77 25.18 46.25 34.67
CA ILE MA 77 26.58 46.56 34.92
C ILE MA 77 27.45 45.31 34.99
N ALA MA 78 27.00 44.27 35.74
CA ALA MA 78 27.73 43.04 35.92
C ALA MA 78 27.80 42.22 34.65
N SER MA 79 26.69 42.27 33.88
CA SER MA 79 26.56 41.53 32.65
C SER MA 79 27.48 42.08 31.59
N SER MA 80 27.50 43.44 31.51
CA SER MA 80 28.31 44.26 30.64
C SER MA 80 29.77 43.98 30.92
N SER MA 81 30.17 43.92 32.21
CA SER MA 81 31.50 43.58 32.63
C SER MA 81 31.92 42.22 32.10
N TYR MA 82 31.08 41.18 32.30
CA TYR MA 82 31.46 39.82 32.00
C TYR MA 82 31.72 39.61 30.51
N MET MA 83 30.86 40.24 29.68
CA MET MA 83 30.98 40.20 28.24
C MET MA 83 32.22 40.91 27.72
N THR MA 84 32.56 42.12 28.26
CA THR MA 84 33.71 42.88 27.78
C THR MA 84 35.01 42.12 28.05
N GLU MA 85 35.12 41.43 29.20
CA GLU MA 85 36.21 40.53 29.48
C GLU MA 85 36.42 39.45 28.40
N LEU MA 86 35.32 38.78 28.01
CA LEU MA 86 35.25 37.66 27.12
C LEU MA 86 35.70 38.01 25.70
N VAL MA 87 35.10 39.08 25.13
CA VAL MA 87 35.21 39.45 23.75
C VAL MA 87 36.61 39.76 23.34
N GLN MA 88 37.37 40.46 24.24
CA GLN MA 88 38.72 40.91 23.97
C GLN MA 88 39.66 39.75 23.81
N GLY MA 89 40.57 39.81 22.80
CA GLY MA 89 41.44 38.72 22.49
C GLY MA 89 40.78 37.67 21.65
N MET MA 90 39.58 37.91 21.14
CA MET MA 90 38.83 36.94 20.37
C MET MA 90 38.16 37.74 19.31
N THR MA 91 37.40 37.04 18.45
CA THR MA 91 36.79 37.58 17.28
C THR MA 91 35.62 38.52 17.52
N LEU MA 92 35.16 39.14 16.42
CA LEU MA 92 34.00 39.99 16.33
C LEU MA 92 32.76 39.26 16.79
N ASP MA 93 32.63 37.99 16.35
CA ASP MA 93 31.51 37.07 16.49
C ASP MA 93 30.91 37.07 17.85
N ASP MA 94 31.73 36.89 18.94
CA ASP MA 94 31.26 36.79 20.29
C ASP MA 94 30.55 38.05 20.80
N ALA MA 95 31.12 39.22 20.43
CA ALA MA 95 30.55 40.54 20.70
C ALA MA 95 29.24 40.71 19.96
N ALA MA 96 29.20 40.27 18.67
CA ALA MA 96 28.08 40.36 17.77
C ALA MA 96 26.86 39.58 18.26
N LYS MA 97 25.67 40.14 17.94
CA LYS MA 97 24.32 39.81 18.35
C LYS MA 97 24.04 39.58 19.79
N ILE MA 98 24.87 40.05 20.75
CA ILE MA 98 24.62 39.86 22.17
C ILE MA 98 23.28 40.46 22.58
N LYS MA 99 22.62 39.68 23.45
CA LYS MA 99 21.22 39.72 23.82
C LYS MA 99 21.12 40.55 25.09
N ASN MA 100 19.96 41.05 25.58
CA ASN MA 100 18.59 40.59 25.63
C ASN MA 100 18.51 39.50 26.68
N THR MA 101 18.42 38.19 26.32
CA THR MA 101 18.34 37.05 27.22
C THR MA 101 19.58 36.98 28.08
N GLU MA 102 20.77 37.22 27.51
CA GLU MA 102 22.06 37.09 28.15
C GLU MA 102 22.22 38.01 29.35
N ILE MA 103 21.80 39.28 29.23
CA ILE MA 103 21.87 40.25 30.32
C ILE MA 103 21.01 39.86 31.49
N ALA MA 104 19.80 39.37 31.14
CA ALA MA 104 18.83 38.83 32.05
C ALA MA 104 19.28 37.61 32.76
N LYS MA 105 19.99 36.72 32.02
CA LYS MA 105 20.45 35.39 32.41
C LYS MA 105 21.41 35.47 33.56
N GLU MA 106 22.28 36.48 33.47
CA GLU MA 106 23.31 36.81 34.40
C GLU MA 106 22.69 37.22 35.72
N LEU MA 107 21.67 38.13 35.68
CA LEU MA 107 20.96 38.53 36.87
C LEU MA 107 20.17 37.40 37.50
N SER MA 108 19.45 36.54 36.72
CA SER MA 108 18.68 35.44 37.20
C SER MA 108 18.02 34.84 35.96
N LEU MA 109 16.67 34.64 35.96
CA LEU MA 109 15.94 33.97 34.91
C LEU MA 109 15.41 34.99 33.90
N PRO MA 110 15.61 34.84 32.59
CA PRO MA 110 15.18 35.77 31.59
C PRO MA 110 13.70 35.61 31.36
N PRO MA 111 12.94 36.57 30.88
CA PRO MA 111 11.53 36.39 30.53
C PRO MA 111 11.35 35.46 29.37
N VAL MA 112 12.37 35.29 28.48
CA VAL MA 112 12.34 34.47 27.29
C VAL MA 112 11.25 34.93 26.34
N LYS MA 113 11.41 36.21 25.92
CA LYS MA 113 10.57 37.06 25.10
C LYS MA 113 10.51 38.24 25.99
N LEU MA 114 11.49 39.15 25.83
CA LEU MA 114 11.73 40.29 26.66
C LEU MA 114 10.92 41.43 26.26
N HIS MA 115 11.10 42.52 27.02
CA HIS MA 115 10.41 43.78 26.86
C HIS MA 115 11.52 44.74 26.47
N CYS MA 116 11.25 46.06 26.54
CA CYS MA 116 12.14 47.12 26.09
C CYS MA 116 13.12 47.52 27.15
N SER MA 117 13.17 46.74 28.22
CA SER MA 117 14.08 46.87 29.34
C SER MA 117 15.53 46.67 28.90
N MET MA 118 15.78 45.73 27.97
CA MET MA 118 17.06 45.48 27.41
C MET MA 118 17.05 45.99 25.98
N LEU MA 119 17.59 47.23 25.83
CA LEU MA 119 17.77 47.93 24.61
C LEU MA 119 19.16 47.64 24.09
N ALA MA 120 19.99 46.96 24.93
CA ALA MA 120 21.35 46.55 24.66
C ALA MA 120 21.57 45.87 23.34
N GLU MA 121 20.64 44.95 22.91
CA GLU MA 121 20.75 44.27 21.65
C GLU MA 121 20.69 45.22 20.49
N ASP MA 122 19.76 46.22 20.55
CA ASP MA 122 19.67 47.22 19.49
C ASP MA 122 20.92 48.05 19.38
N ALA MA 123 21.52 48.41 20.53
CA ALA MA 123 22.79 49.09 20.52
C ALA MA 123 23.92 48.30 19.86
N ILE MA 124 23.97 46.97 20.14
CA ILE MA 124 24.91 46.06 19.59
C ILE MA 124 24.79 45.88 18.11
N LYS MA 125 23.56 45.78 17.56
CA LYS MA 125 23.29 45.70 16.16
C LYS MA 125 23.79 46.98 15.47
N ALA MA 126 23.53 48.15 16.10
CA ALA MA 126 24.00 49.46 15.60
C ALA MA 126 25.49 49.53 15.57
N ALA MA 127 26.14 48.97 16.60
CA ALA MA 127 27.58 48.88 16.69
C ALA MA 127 28.22 48.04 15.61
N ILE MA 128 27.60 46.87 15.26
CA ILE MA 128 28.07 46.03 14.19
C ILE MA 128 27.97 46.74 12.85
N LYS MA 129 26.86 47.46 12.66
CA LYS MA 129 26.56 48.23 11.47
C LYS MA 129 27.54 49.34 11.29
N ASP MA 130 27.92 50.01 12.42
CA ASP MA 130 28.91 51.07 12.48
C ASP MA 130 30.30 50.59 12.12
N TYR MA 131 30.71 49.38 12.56
CA TYR MA 131 31.94 48.73 12.24
C TYR MA 131 32.04 48.43 10.76
N LYS MA 132 30.92 47.96 10.14
CA LYS MA 132 30.85 47.66 8.74
C LYS MA 132 31.10 48.92 7.90
N SER MA 133 30.53 50.07 8.34
CA SER MA 133 30.57 51.32 7.61
C SER MA 133 31.95 51.93 7.65
N LYS MA 134 32.63 52.02 8.82
CA LYS MA 134 33.98 52.60 8.90
C LYS MA 134 35.05 51.83 8.15
N ARG MA 135 34.94 50.48 8.09
CA ARG MA 135 35.69 49.69 7.14
C ARG MA 135 35.36 49.95 5.71
N ASN MA 136 34.05 50.19 5.49
CA ASN MA 136 33.43 50.50 4.23
C ASN MA 136 33.11 49.23 3.52
N THR MA 137 31.82 48.85 3.53
CA THR MA 137 31.23 47.69 2.92
C THR MA 137 29.80 47.66 3.48
N PRO MA 138 28.75 47.82 2.71
CA PRO MA 138 27.41 47.82 3.27
C PRO MA 138 26.64 46.69 2.61
N THR MA 139 27.30 45.77 1.92
CA THR MA 139 26.68 44.69 1.16
C THR MA 139 26.20 43.66 2.12
N MET MA 140 27.02 43.35 3.17
CA MET MA 140 26.76 42.35 4.16
C MET MA 140 25.85 42.93 5.19
N LEU MA 141 25.81 44.29 5.31
CA LEU MA 141 24.97 45.07 6.20
C LEU MA 141 23.51 44.88 5.83
N SER MA 142 23.25 44.90 4.51
CA SER MA 142 21.90 44.73 4.05
C SER MA 142 21.52 43.23 4.15
N VAL NA 1 51.34 3.15 4.62
CA VAL NA 1 50.32 3.77 5.48
C VAL NA 1 50.96 5.00 6.12
N GLU NA 2 50.21 6.11 6.07
CA GLU NA 2 50.56 7.39 6.64
C GLU NA 2 49.27 7.88 7.27
N SER NA 3 49.36 8.15 8.60
CA SER NA 3 48.27 8.69 9.37
C SER NA 3 48.31 10.21 9.26
N SER NA 4 47.24 10.88 8.76
CA SER NA 4 46.02 10.33 8.30
C SER NA 4 45.39 11.36 7.41
N THR NA 5 46.10 12.49 7.21
CA THR NA 5 45.81 13.65 6.39
C THR NA 5 44.61 14.45 6.88
N ASP NA 6 44.57 15.82 6.86
CA ASP NA 6 45.64 16.71 6.50
C ASP NA 6 46.04 17.43 7.74
N GLY NA 7 47.33 17.86 7.84
CA GLY NA 7 47.77 18.53 9.04
C GLY NA 7 48.38 17.50 9.95
N GLN NA 8 48.48 16.23 9.44
CA GLN NA 8 49.15 15.14 10.12
C GLN NA 8 50.24 14.65 9.17
N VAL NA 9 50.41 15.36 8.01
CA VAL NA 9 51.32 14.97 6.95
C VAL NA 9 52.40 16.05 6.83
N VAL NA 10 52.59 16.80 7.95
CA VAL NA 10 53.48 17.91 8.08
C VAL NA 10 54.23 17.63 9.36
N PRO NA 11 55.34 18.35 9.67
CA PRO NA 11 56.13 18.10 10.90
C PRO NA 11 55.45 18.62 12.15
N GLN NA 12 54.33 19.38 11.96
CA GLN NA 12 53.53 19.96 13.03
C GLN NA 12 54.35 20.88 13.89
N GLU NA 13 55.02 21.82 13.23
CA GLU NA 13 55.59 22.96 13.85
C GLU NA 13 55.59 23.99 12.74
N VAL NA 14 55.02 23.60 11.56
CA VAL NA 14 54.93 24.35 10.33
C VAL NA 14 53.97 25.49 10.50
N LEU NA 15 52.91 25.25 11.32
CA LEU NA 15 51.83 26.16 11.56
C LEU NA 15 52.23 27.13 12.61
N ASN NA 16 51.98 28.43 12.36
CA ASN NA 16 52.16 29.51 13.31
C ASN NA 16 50.83 30.17 13.48
N LEU NA 17 49.78 29.67 12.77
CA LEU NA 17 48.45 30.17 12.89
C LEU NA 17 47.53 29.02 12.55
N PRO NA 18 46.31 28.88 13.06
CA PRO NA 18 45.37 27.88 12.62
C PRO NA 18 44.80 28.26 11.29
N LEU NA 19 44.60 27.27 10.39
CA LEU NA 19 44.06 27.49 9.11
C LEU NA 19 42.95 26.52 8.85
N GLU NA 20 41.77 27.06 8.46
CA GLU NA 20 40.54 26.36 8.12
C GLU NA 20 39.82 25.83 9.35
N LYS NA 21 38.48 25.86 9.35
CA LYS NA 21 37.66 25.25 10.36
C LYS NA 21 37.75 23.73 10.29
N ALA NA 22 37.84 23.18 9.04
CA ALA NA 22 37.94 21.77 8.68
C ALA NA 22 36.61 21.37 8.12
N HIS NA 23 36.66 20.52 7.10
CA HIS NA 23 35.46 20.05 6.41
C HIS NA 23 35.63 18.58 6.05
N GLU NA 24 34.62 17.80 6.44
CA GLU NA 24 34.45 16.45 6.01
C GLU NA 24 33.47 16.33 4.85
N GLU NA 25 32.51 17.28 4.57
CA GLU NA 25 31.94 18.39 5.28
C GLU NA 25 31.16 18.02 6.51
N ALA NA 26 30.29 17.01 6.29
CA ALA NA 26 29.19 16.59 7.09
C ALA NA 26 29.58 16.04 8.43
N ASP NA 27 30.61 15.19 8.44
CA ASP NA 27 31.10 14.49 9.61
C ASP NA 27 31.70 15.43 10.62
N ASP NA 28 32.44 16.46 10.15
CA ASP NA 28 33.19 17.35 11.00
C ASP NA 28 32.25 18.19 11.81
N TYR NA 29 31.22 18.77 11.13
CA TYR NA 29 30.24 19.62 11.76
C TYR NA 29 29.40 18.93 12.84
N LEU NA 30 28.98 17.68 12.58
CA LEU NA 30 28.23 16.86 13.53
C LEU NA 30 29.05 16.54 14.75
N ASP NA 31 30.35 16.18 14.53
CA ASP NA 31 31.32 15.90 15.58
C ASP NA 31 31.55 17.11 16.46
N HIS NA 32 31.72 18.30 15.83
CA HIS NA 32 31.94 19.56 16.50
C HIS NA 32 30.75 19.95 17.33
N LEU NA 33 29.53 19.75 16.81
CA LEU NA 33 28.28 20.01 17.51
C LEU NA 33 28.13 19.15 18.71
N LEU NA 34 28.50 17.84 18.61
CA LEU NA 34 28.51 16.92 19.74
C LEU NA 34 29.48 17.34 20.80
N ASP NA 35 30.73 17.75 20.43
CA ASP NA 35 31.75 18.23 21.32
C ASP NA 35 31.30 19.41 22.11
N SER NA 36 30.65 20.35 21.41
CA SER NA 36 30.05 21.53 21.97
C SER NA 36 28.98 21.19 22.98
N LEU NA 37 28.13 20.18 22.67
CA LEU NA 37 27.10 19.69 23.57
C LEU NA 37 27.60 19.15 24.93
N GLU NA 38 28.71 18.39 24.89
CA GLU NA 38 29.38 17.91 26.05
C GLU NA 38 29.91 19.01 26.91
N GLU NA 39 30.53 20.06 26.31
CA GLU NA 39 31.05 21.26 26.97
C GLU NA 39 29.97 22.05 27.67
N LEU NA 40 28.81 22.21 26.98
CA LEU NA 40 27.58 22.82 27.41
C LEU NA 40 27.04 22.10 28.61
N SER NA 41 27.19 20.77 28.72
CA SER NA 41 26.62 19.89 29.74
C SER NA 41 26.89 20.34 31.14
N GLU NA 42 28.14 20.58 31.55
CA GLU NA 42 28.44 21.15 32.85
C GLU NA 42 29.74 21.89 32.77
N ALA NA 43 29.75 23.00 33.51
CA ALA NA 43 30.91 23.84 33.71
C ALA NA 43 30.61 24.72 34.89
N HIS NA 44 29.39 24.62 35.44
CA HIS NA 44 28.98 25.17 36.70
C HIS NA 44 27.88 24.24 37.11
N PRO NA 45 27.72 23.91 38.39
CA PRO NA 45 26.69 22.96 38.84
C PRO NA 45 25.26 23.34 38.62
N ASP NA 46 24.93 24.56 38.14
CA ASP NA 46 23.54 24.92 37.91
C ASP NA 46 23.24 25.38 36.50
N CYS NA 47 24.29 25.57 35.63
CA CYS NA 47 24.11 26.11 34.31
C CYS NA 47 23.24 25.19 33.43
N ILE NA 48 23.63 23.90 33.39
CA ILE NA 48 23.00 22.85 32.65
C ILE NA 48 23.27 21.64 33.57
N PRO NA 49 22.31 20.76 33.81
CA PRO NA 49 22.60 19.53 34.52
C PRO NA 49 22.46 18.33 33.66
N ASP NA 50 21.91 18.48 32.41
CA ASP NA 50 21.75 17.30 31.58
C ASP NA 50 21.80 17.73 30.15
N VAL NA 51 22.41 16.86 29.31
CA VAL NA 51 22.29 16.88 27.88
C VAL NA 51 21.91 15.46 27.53
N GLU NA 52 20.89 15.29 26.64
CA GLU NA 52 20.31 14.02 26.30
C GLU NA 52 20.49 13.83 24.82
N LEU NA 53 21.01 12.65 24.43
CA LEU NA 53 21.22 12.27 23.06
C LEU NA 53 20.35 11.06 22.81
N SER NA 54 19.55 11.11 21.72
CA SER NA 54 18.56 10.12 21.38
C SER NA 54 18.72 9.95 19.90
N HIS NA 55 18.24 8.82 19.34
CA HIS NA 55 18.37 8.53 17.93
C HIS NA 55 17.38 9.31 17.13
N GLY NA 56 16.32 9.84 17.80
CA GLY NA 56 15.33 10.67 17.16
C GLY NA 56 15.76 12.11 17.15
N VAL NA 57 16.43 12.62 18.22
CA VAL NA 57 16.76 14.03 18.36
C VAL NA 57 17.92 14.22 19.27
N MET NA 58 18.58 15.41 19.15
CA MET NA 58 19.55 15.89 20.10
C MET NA 58 18.78 16.87 20.95
N THR NA 59 18.94 16.80 22.28
CA THR NA 59 18.28 17.69 23.21
C THR NA 59 19.36 18.37 24.01
N LEU NA 60 19.26 19.73 24.10
CA LEU NA 60 20.14 20.58 24.91
C LEU NA 60 19.19 21.22 25.89
N GLU NA 61 19.49 21.18 27.18
CA GLU NA 61 18.67 21.84 28.14
C GLU NA 61 19.52 22.98 28.59
N ILE NA 62 18.84 24.04 29.08
CA ILE NA 62 19.47 25.13 29.74
C ILE NA 62 18.51 25.52 30.84
N PRO NA 63 18.46 24.83 31.97
CA PRO NA 63 17.45 25.08 33.00
C PRO NA 63 17.66 26.33 33.82
N ALA NA 64 16.53 27.04 34.16
CA ALA NA 64 16.42 28.22 35.00
C ALA NA 64 17.26 29.35 34.47
N PHE NA 65 17.31 29.49 33.14
CA PHE NA 65 18.14 30.44 32.43
C PHE NA 65 17.53 30.64 31.06
N GLY NA 66 16.34 30.02 30.82
CA GLY NA 66 15.65 29.96 29.56
C GLY NA 66 16.32 28.94 28.66
N THR NA 67 15.50 27.93 28.24
CA THR NA 67 15.91 26.91 27.31
C THR NA 67 15.42 27.38 25.97
N TYR NA 68 16.02 26.87 24.88
CA TYR NA 68 15.63 27.02 23.50
C TYR NA 68 14.41 26.19 23.23
N VAL NA 69 14.24 25.70 21.99
CA VAL NA 69 13.05 25.03 21.57
C VAL NA 69 13.49 23.74 20.93
N ILE NA 70 14.73 23.72 20.35
CA ILE NA 70 15.43 22.56 19.88
C ILE NA 70 14.74 21.94 18.67
N ASN NA 71 15.39 22.07 17.50
CA ASN NA 71 14.87 21.52 16.26
C ASN NA 71 16.10 21.19 15.42
N LYS NA 72 16.02 20.06 14.69
CA LYS NA 72 17.06 19.59 13.82
C LYS NA 72 16.50 19.92 12.46
N GLN NA 73 17.17 20.86 11.75
CA GLN NA 73 16.73 21.39 10.49
C GLN NA 73 16.74 20.35 9.41
N PRO NA 74 15.77 20.28 8.49
CA PRO NA 74 15.79 19.33 7.34
C PRO NA 74 16.78 19.79 6.32
N PRO NA 75 17.27 19.02 5.38
CA PRO NA 75 18.28 19.41 4.38
C PRO NA 75 17.93 20.68 3.63
N ASN NA 76 18.91 21.61 3.66
CA ASN NA 76 18.97 22.94 3.13
C ASN NA 76 19.00 23.84 4.33
N LYS NA 77 20.19 24.44 4.54
CA LYS NA 77 20.50 25.32 5.66
C LYS NA 77 20.55 24.57 6.92
N GLN NA 78 20.91 23.29 6.78
CA GLN NA 78 20.82 22.27 7.80
C GLN NA 78 21.72 22.56 8.97
N ILE NA 79 21.24 22.27 10.20
CA ILE NA 79 21.82 22.66 11.45
C ILE NA 79 21.64 24.15 11.64
N TRP NA 80 20.98 24.52 12.76
CA TRP NA 80 20.61 25.88 12.98
C TRP NA 80 20.38 26.04 14.46
N LEU NA 81 20.19 27.33 14.91
CA LEU NA 81 19.75 27.63 16.25
C LEU NA 81 18.55 28.50 16.17
N ALA NA 82 17.51 28.14 16.95
CA ALA NA 82 16.31 28.92 17.14
C ALA NA 82 16.13 29.13 18.59
N SER NA 83 15.87 30.40 18.96
CA SER NA 83 15.73 30.81 20.32
C SER NA 83 14.35 31.44 20.36
N PRO NA 84 13.45 31.18 21.32
CA PRO NA 84 12.06 31.52 21.17
C PRO NA 84 11.86 32.90 21.77
N LEU NA 85 12.94 33.65 22.05
CA LEU NA 85 12.88 35.04 22.44
C LEU NA 85 13.36 35.94 21.35
N SER NA 86 13.73 35.36 20.17
CA SER NA 86 14.22 36.16 19.06
C SER NA 86 13.81 35.51 17.77
N GLY NA 87 13.02 34.41 17.84
CA GLY NA 87 12.56 33.64 16.75
C GLY NA 87 13.64 32.73 16.19
N PRO NA 88 13.32 32.10 15.05
CA PRO NA 88 14.21 31.14 14.39
C PRO NA 88 15.22 31.92 13.65
N ASN NA 89 16.43 31.34 13.51
CA ASN NA 89 17.46 31.92 12.72
C ASN NA 89 18.05 30.80 11.89
N ARG NA 90 18.17 31.02 10.58
CA ARG NA 90 18.72 30.07 9.62
C ARG NA 90 20.16 30.43 9.33
N PHE NA 91 21.00 29.42 9.03
CA PHE NA 91 22.43 29.59 8.96
C PHE NA 91 22.92 28.95 7.68
N ASP NA 92 23.89 29.58 6.99
CA ASP NA 92 24.60 28.98 5.91
C ASP NA 92 26.01 29.37 6.15
N LEU NA 93 26.97 28.57 5.62
CA LEU NA 93 28.40 28.90 5.62
C LEU NA 93 28.70 30.15 4.81
N LEU NA 94 29.50 31.06 5.38
CA LEU NA 94 29.95 32.27 4.73
C LEU NA 94 31.26 32.08 3.97
N ASN NA 95 32.23 31.39 4.58
CA ASN NA 95 33.46 31.12 3.89
C ASN NA 95 34.20 30.00 4.57
N GLY NA 96 33.70 29.44 5.71
CA GLY NA 96 34.41 28.40 6.35
C GLY NA 96 33.66 27.83 7.48
N GLU NA 97 32.63 28.57 7.96
CA GLU NA 97 31.93 28.16 9.14
C GLU NA 97 30.57 28.81 9.02
N TRP NA 98 29.56 28.23 9.74
CA TRP NA 98 28.15 28.55 9.67
C TRP NA 98 27.91 29.83 10.34
N VAL NA 99 27.35 30.83 9.61
CA VAL NA 99 27.23 32.21 10.02
C VAL NA 99 25.77 32.53 9.81
N SER NA 100 25.11 33.29 10.71
CA SER NA 100 23.70 33.55 10.60
C SER NA 100 23.42 34.44 9.45
N LEU NA 101 22.35 34.10 8.69
CA LEU NA 101 21.88 34.90 7.61
C LEU NA 101 20.82 35.86 8.07
N ARG NA 102 20.57 35.95 9.40
CA ARG NA 102 19.58 36.83 9.94
C ARG NA 102 20.19 37.77 10.93
N ASN NA 103 21.54 37.68 11.17
CA ASN NA 103 22.20 38.60 12.06
C ASN NA 103 23.68 38.60 11.84
N GLY NA 104 24.21 37.72 10.97
CA GLY NA 104 25.60 37.74 10.62
C GLY NA 104 26.49 37.27 11.73
N THR NA 105 26.09 36.23 12.52
CA THR NA 105 26.95 35.78 13.62
C THR NA 105 26.81 34.29 13.68
N LYS NA 106 27.95 33.58 13.86
CA LYS NA 106 28.10 32.17 13.99
C LYS NA 106 27.27 31.56 15.11
N LEU NA 107 26.84 30.28 14.97
CA LEU NA 107 26.04 29.58 15.89
C LEU NA 107 26.82 29.11 17.08
N THR NA 108 28.10 28.74 16.86
CA THR NA 108 29.08 28.36 17.84
C THR NA 108 29.19 29.40 19.00
N ASP NA 109 29.25 30.69 18.60
CA ASP NA 109 29.37 31.86 19.45
C ASP NA 109 28.16 32.10 20.28
N ILE NA 110 26.94 31.83 19.77
CA ILE NA 110 25.72 32.04 20.49
C ILE NA 110 25.64 31.15 21.69
N LEU NA 111 26.09 29.88 21.51
CA LEU NA 111 26.09 28.87 22.55
C LEU NA 111 27.10 29.24 23.61
N THR NA 112 28.36 29.56 23.19
CA THR NA 112 29.45 30.09 24.03
C THR NA 112 29.03 31.15 25.03
N GLU NA 113 28.44 32.27 24.53
CA GLU NA 113 28.01 33.43 25.32
C GLU NA 113 27.08 33.04 26.42
N GLU NA 114 26.00 32.32 26.03
CA GLU NA 114 24.91 31.97 26.89
C GLU NA 114 25.25 30.95 27.97
N VAL NA 115 26.18 29.99 27.68
CA VAL NA 115 26.58 29.06 28.70
C VAL NA 115 27.35 29.75 29.81
N GLU NA 116 28.31 30.62 29.45
CA GLU NA 116 29.09 31.29 30.50
C GLU NA 116 28.40 32.41 31.19
N LYS NA 117 27.37 33.05 30.59
CA LYS NA 117 26.47 33.96 31.32
C LYS NA 117 25.73 33.26 32.45
N ALA NA 118 25.56 31.91 32.31
CA ALA NA 118 24.88 31.10 33.29
C ALA NA 118 25.82 30.75 34.38
N ILE NA 119 27.08 30.40 34.03
CA ILE NA 119 28.21 30.12 34.90
C ILE NA 119 28.50 31.29 35.86
N SER NA 120 28.20 32.52 35.47
CA SER NA 120 28.47 33.70 36.27
C SER NA 120 27.84 33.66 37.64
N LYS NA 121 26.47 33.74 37.73
CA LYS NA 121 25.75 33.71 38.99
C LYS NA 121 24.99 32.37 39.01
N GLY OA 1 3.87 53.07 -22.65
CA GLY OA 1 4.66 53.99 -23.50
C GLY OA 1 3.85 55.15 -23.96
N SER OA 2 4.41 56.38 -23.88
CA SER OA 2 3.74 57.53 -24.36
C SER OA 2 4.82 58.56 -24.54
N HIS OA 3 4.57 59.59 -25.41
CA HIS OA 3 5.47 60.69 -25.68
C HIS OA 3 5.77 61.49 -24.43
N MET OA 4 7.08 61.87 -24.29
CA MET OA 4 7.60 62.69 -23.24
C MET OA 4 7.28 64.16 -23.51
N SER OA 5 7.64 64.77 -24.67
CA SER OA 5 8.48 64.32 -25.74
C SER OA 5 9.90 64.77 -25.50
N SER OA 6 10.86 64.01 -26.06
CA SER OA 6 12.27 64.28 -25.94
C SER OA 6 12.91 63.60 -27.14
N ILE OA 7 12.07 63.00 -28.01
CA ILE OA 7 12.47 62.20 -29.10
C ILE OA 7 12.01 62.93 -30.32
N THR OA 8 12.99 63.32 -31.19
CA THR OA 8 12.84 64.08 -32.42
C THR OA 8 12.06 65.36 -32.20
N LYS OA 9 12.37 66.08 -31.09
CA LYS OA 9 11.75 67.35 -30.77
C LYS OA 9 12.80 68.13 -30.01
N ARG OA 10 12.93 69.49 -30.18
CA ARG OA 10 12.23 70.36 -31.09
C ARG OA 10 13.20 71.34 -31.55
N LEU OA 11 13.40 71.39 -32.89
CA LEU OA 11 14.27 72.28 -33.63
C LEU OA 11 15.72 72.08 -33.21
N TYR OA 12 16.08 70.81 -33.00
CA TYR OA 12 17.42 70.46 -32.61
C TYR OA 12 18.08 69.61 -33.70
N HIS OA 13 17.48 68.63 -34.41
CA HIS OA 13 16.17 67.99 -34.32
C HIS OA 13 15.98 67.06 -33.14
N PRO OA 14 16.81 66.14 -32.66
CA PRO OA 14 16.53 65.35 -31.48
C PRO OA 14 17.25 65.92 -30.31
N LYS OA 15 16.59 66.00 -29.13
CA LYS OA 15 17.01 66.24 -27.76
C LYS OA 15 17.86 67.44 -27.45
N VAL OA 16 17.81 67.89 -26.17
CA VAL OA 16 18.49 69.00 -25.60
C VAL OA 16 19.98 68.81 -25.58
N ILE OA 17 20.45 67.59 -25.28
CA ILE OA 17 21.84 67.26 -25.02
C ILE OA 17 22.64 67.47 -26.30
N GLU OA 18 22.06 67.07 -27.45
CA GLU OA 18 22.62 67.28 -28.77
C GLU OA 18 22.72 68.74 -29.10
N HIS OA 19 21.68 69.51 -28.76
CA HIS OA 19 21.57 70.94 -29.01
C HIS OA 19 22.67 71.69 -28.30
N TYR OA 20 22.90 71.32 -27.03
CA TYR OA 20 23.95 71.85 -26.15
C TYR OA 20 25.34 71.55 -26.66
N THR OA 21 25.64 70.29 -27.10
CA THR OA 21 26.96 70.01 -27.67
C THR OA 21 26.71 69.19 -28.95
N HIS OA 22 26.90 69.69 -30.20
CA HIS OA 22 27.30 70.99 -30.71
C HIS OA 22 28.76 71.27 -30.53
N PRO OA 23 29.52 71.99 -31.35
CA PRO OA 23 29.16 72.66 -32.60
C PRO OA 23 29.03 71.73 -33.77
N ARG OA 24 28.48 72.25 -34.88
CA ARG OA 24 28.09 71.48 -36.02
C ARG OA 24 29.11 71.80 -37.09
N ASN OA 25 29.77 70.82 -37.75
CA ASN OA 25 29.64 69.39 -37.53
C ASN OA 25 30.32 68.96 -36.25
N VAL OA 26 31.59 69.34 -35.90
CA VAL OA 26 32.63 69.93 -36.75
C VAL OA 26 33.57 68.84 -37.17
N GLY OA 27 33.52 67.63 -36.51
CA GLY OA 27 34.36 66.51 -36.85
C GLY OA 27 35.73 66.62 -36.26
N SER OA 28 35.97 67.65 -35.44
CA SER OA 28 37.18 67.82 -34.67
C SER OA 28 36.83 67.80 -33.20
N LEU OA 29 35.50 67.84 -32.87
CA LEU OA 29 35.00 68.01 -31.51
C LEU OA 29 35.29 66.80 -30.68
N ASP OA 30 35.57 67.00 -29.39
CA ASP OA 30 36.00 65.98 -28.45
C ASP OA 30 35.38 66.36 -27.16
N LYS OA 31 35.20 65.32 -26.31
CA LYS OA 31 34.73 65.48 -24.95
C LYS OA 31 35.99 65.51 -24.12
N LYS OA 32 36.21 66.65 -23.42
CA LYS OA 32 37.45 66.85 -22.71
C LYS OA 32 37.15 67.92 -21.67
N LEU OA 33 37.92 68.13 -20.59
CA LEU OA 33 39.07 67.40 -20.17
C LEU OA 33 38.78 66.69 -18.88
N PRO OA 34 38.14 67.17 -17.82
CA PRO OA 34 38.01 66.37 -16.61
C PRO OA 34 36.76 65.49 -16.71
N ASN OA 35 36.80 64.33 -15.99
CA ASN OA 35 35.68 63.43 -15.94
C ASN OA 35 35.75 62.78 -14.58
N VAL OA 36 34.61 62.24 -14.12
CA VAL OA 36 34.52 61.60 -12.84
C VAL OA 36 34.67 60.11 -12.97
N GLY OA 37 34.86 59.54 -14.18
CA GLY OA 37 35.05 58.12 -14.37
C GLY OA 37 33.73 57.41 -14.33
N THR OA 38 33.45 56.75 -13.21
CA THR OA 38 32.27 55.97 -12.95
C THR OA 38 31.89 54.99 -14.09
N GLY OA 39 30.61 54.79 -14.35
CA GLY OA 39 30.16 53.95 -15.46
C GLY OA 39 30.24 54.67 -16.75
N LEU OA 40 30.80 54.00 -17.78
CA LEU OA 40 30.82 54.53 -19.13
C LEU OA 40 30.54 53.33 -19.94
N VAL OA 41 29.72 53.49 -20.97
CA VAL OA 41 29.37 52.43 -21.90
C VAL OA 41 29.11 53.17 -23.16
N GLY OA 42 29.30 52.50 -24.30
CA GLY OA 42 29.04 53.07 -25.57
C GLY OA 42 29.28 52.01 -26.58
N ALA OA 43 28.44 51.99 -27.63
CA ALA OA 43 28.45 50.95 -28.63
C ALA OA 43 28.56 51.62 -29.96
N PRO OA 44 29.60 51.39 -30.79
CA PRO OA 44 29.68 52.04 -32.09
C PRO OA 44 28.80 51.25 -33.06
N ALA OA 45 28.08 52.02 -33.94
CA ALA OA 45 27.19 51.49 -34.97
C ALA OA 45 25.83 51.25 -34.38
N CYS OA 46 25.53 52.05 -33.35
CA CYS OA 46 24.26 52.07 -32.68
C CYS OA 46 23.89 53.50 -32.50
N GLY OA 47 24.90 54.38 -32.44
CA GLY OA 47 24.76 55.79 -32.38
C GLY OA 47 24.36 56.27 -30.99
N ASP OA 48 24.33 55.36 -29.99
CA ASP OA 48 23.96 55.72 -28.66
C ASP OA 48 25.10 55.44 -27.74
N VAL OA 49 25.32 56.39 -26.78
CA VAL OA 49 26.32 56.21 -25.76
C VAL OA 49 25.65 56.72 -24.54
N MET OA 50 25.82 55.98 -23.40
CA MET OA 50 25.22 56.37 -22.16
C MET OA 50 26.31 56.58 -21.12
N ARG OA 51 26.09 57.56 -20.18
CA ARG OA 51 27.08 57.78 -19.15
C ARG OA 51 26.35 58.15 -17.89
N LEU OA 52 26.39 57.25 -16.86
CA LEU OA 52 25.77 57.53 -15.59
C LEU OA 52 26.87 57.89 -14.65
N GLN OA 53 26.71 59.03 -13.96
CA GLN OA 53 27.67 59.48 -12.98
C GLN OA 53 27.02 59.45 -11.63
N ILE OA 54 27.48 58.56 -10.76
CA ILE OA 54 27.06 58.48 -9.41
C ILE OA 54 27.91 59.39 -8.60
N LYS OA 55 27.31 59.88 -7.47
CA LYS OA 55 28.02 60.44 -6.34
C LYS OA 55 27.51 59.59 -5.18
N VAL OA 56 28.43 59.21 -4.29
CA VAL OA 56 28.12 58.22 -3.29
C VAL OA 56 28.68 58.74 -2.00
N ASN OA 57 27.83 58.83 -0.93
CA ASN OA 57 28.19 59.02 0.45
C ASN OA 57 28.78 57.76 1.01
N ASP OA 58 30.07 57.80 1.42
CA ASP OA 58 30.77 56.60 1.85
C ASP OA 58 30.54 56.38 3.31
N SER OA 59 29.41 55.75 3.66
CA SER OA 59 29.11 55.36 5.00
C SER OA 59 28.35 54.10 4.87
N THR OA 60 27.09 54.16 4.38
CA THR OA 60 26.25 53.03 4.10
C THR OA 60 26.06 52.99 2.61
N GLY OA 61 26.84 53.80 1.83
CA GLY OA 61 26.78 53.73 0.39
C GLY OA 61 25.52 54.34 -0.19
N VAL OA 62 25.09 55.52 0.32
CA VAL OA 62 23.88 56.18 -0.15
C VAL OA 62 24.29 56.95 -1.37
N ILE OA 63 23.44 56.86 -2.43
CA ILE OA 63 23.68 57.59 -3.67
C ILE OA 63 23.15 59.00 -3.41
N GLU OA 64 24.07 59.98 -3.30
CA GLU OA 64 23.77 61.37 -3.06
C GLU OA 64 23.06 61.94 -4.27
N ASP OA 65 23.55 61.62 -5.48
CA ASP OA 65 22.98 62.13 -6.71
C ASP OA 65 23.35 61.14 -7.79
N VAL OA 66 22.57 61.10 -8.88
CA VAL OA 66 22.96 60.38 -10.06
C VAL OA 66 22.31 61.12 -11.23
N LYS OA 67 23.18 61.44 -12.20
CA LYS OA 67 22.80 62.18 -13.38
C LYS OA 67 23.20 61.32 -14.54
N PHE OA 68 22.65 61.63 -15.77
CA PHE OA 68 22.84 60.76 -16.89
C PHE OA 68 23.16 61.62 -18.04
N LYS OA 69 23.78 61.01 -19.06
CA LYS OA 69 23.84 61.48 -20.40
C LYS OA 69 23.22 60.41 -21.26
N THR OA 70 22.38 60.82 -22.25
CA THR OA 70 21.83 59.93 -23.23
C THR OA 70 22.15 60.58 -24.57
N PHE OA 71 22.73 59.75 -25.48
CA PHE OA 71 22.98 60.15 -26.84
C PHE OA 71 22.25 59.14 -27.67
N GLY OA 72 21.92 59.53 -28.94
CA GLY OA 72 21.29 58.64 -29.87
C GLY OA 72 19.81 58.69 -29.72
N CYS OA 73 19.26 57.55 -29.26
CA CYS OA 73 17.84 57.29 -29.07
C CYS OA 73 17.25 58.29 -28.11
N GLY OA 74 16.14 58.93 -28.48
CA GLY OA 74 15.48 59.95 -27.67
C GLY OA 74 14.51 59.29 -26.77
N SER OA 75 14.02 58.07 -27.17
CA SER OA 75 13.18 57.21 -26.39
C SER OA 75 13.87 56.77 -25.12
N ALA OA 76 15.21 56.61 -25.24
CA ALA OA 76 16.07 56.15 -24.15
C ALA OA 76 16.14 57.08 -22.96
N ILE OA 77 15.90 58.39 -23.19
CA ILE OA 77 15.92 59.46 -22.19
C ILE OA 77 14.92 59.18 -21.04
N ALA OA 78 13.70 58.67 -21.33
CA ALA OA 78 12.70 58.33 -20.36
C ALA OA 78 13.09 57.24 -19.41
N SER OA 79 13.86 56.22 -19.89
CA SER OA 79 14.31 55.13 -19.05
C SER OA 79 15.33 55.58 -18.06
N SER OA 80 16.28 56.38 -18.59
CA SER OA 80 17.42 56.88 -17.83
C SER OA 80 16.95 57.79 -16.70
N SER OA 81 16.01 58.75 -17.02
CA SER OA 81 15.43 59.70 -16.12
C SER OA 81 14.73 59.06 -14.96
N TYR OA 82 13.77 58.14 -15.23
CA TYR OA 82 12.94 57.53 -14.25
C TYR OA 82 13.70 56.64 -13.30
N MET OA 83 14.70 55.88 -13.79
CA MET OA 83 15.52 55.05 -12.95
C MET OA 83 16.37 55.88 -12.02
N THR OA 84 16.99 56.99 -12.50
CA THR OA 84 17.85 57.86 -11.71
C THR OA 84 17.11 58.58 -10.58
N GLU OA 85 15.85 58.98 -10.84
CA GLU OA 85 14.92 59.49 -9.88
C GLU OA 85 14.77 58.60 -8.65
N LEU OA 86 14.50 57.30 -8.90
CA LEU OA 86 14.36 56.29 -7.86
C LEU OA 86 15.66 56.10 -7.11
N VAL OA 87 16.81 55.92 -7.82
CA VAL OA 87 18.04 55.54 -7.23
C VAL OA 87 18.57 56.58 -6.28
N GLN OA 88 18.27 57.89 -6.52
CA GLN OA 88 18.71 58.93 -5.62
C GLN OA 88 18.10 58.81 -4.24
N GLY OA 89 18.90 59.22 -3.23
CA GLY OA 89 18.59 59.27 -1.81
C GLY OA 89 18.65 57.90 -1.18
N MET OA 90 19.12 56.85 -1.90
CA MET OA 90 19.02 55.49 -1.40
C MET OA 90 20.29 54.78 -1.77
N THR OA 91 20.57 53.70 -0.96
CA THR OA 91 21.69 52.79 -0.93
C THR OA 91 22.16 52.19 -2.23
N LEU OA 92 23.31 51.49 -2.20
CA LEU OA 92 23.93 50.79 -3.33
C LEU OA 92 23.00 49.72 -3.85
N ASP OA 93 22.27 49.06 -2.91
CA ASP OA 93 21.30 48.05 -3.25
C ASP OA 93 20.20 48.53 -4.11
N ASP OA 94 19.72 49.76 -3.80
CA ASP OA 94 18.72 50.44 -4.56
C ASP OA 94 19.17 50.81 -5.96
N ALA OA 95 20.44 51.28 -6.08
CA ALA OA 95 21.15 51.54 -7.33
C ALA OA 95 21.03 50.41 -8.31
N ALA OA 96 21.11 49.16 -7.79
CA ALA OA 96 20.99 47.96 -8.53
C ALA OA 96 19.53 47.62 -8.59
N LYS OA 97 19.19 46.31 -8.70
CA LYS OA 97 17.84 45.84 -8.94
C LYS OA 97 17.29 46.35 -10.24
N ILE OA 98 18.16 46.50 -11.26
CA ILE OA 98 17.79 47.08 -12.51
C ILE OA 98 17.98 45.97 -13.46
N LYS OA 99 16.86 45.71 -14.21
CA LYS OA 99 16.72 44.72 -15.21
C LYS OA 99 16.45 45.60 -16.44
N ASN OA 100 16.50 45.14 -17.75
CA ASN OA 100 16.48 43.85 -18.42
C ASN OA 100 15.02 43.51 -18.63
N THR OA 101 14.10 44.04 -17.78
CA THR OA 101 12.68 43.94 -17.86
C THR OA 101 12.13 45.30 -17.59
N GLU OA 102 12.56 45.95 -16.48
CA GLU OA 102 12.09 47.25 -15.99
C GLU OA 102 12.38 48.42 -16.90
N ILE OA 103 13.59 48.45 -17.49
CA ILE OA 103 14.07 49.46 -18.43
C ILE OA 103 13.15 49.44 -19.64
N ALA OA 104 12.81 48.21 -20.12
CA ALA OA 104 11.97 47.92 -21.23
C ALA OA 104 10.53 48.46 -20.99
N LYS OA 105 9.95 48.34 -19.78
CA LYS OA 105 8.60 48.81 -19.43
C LYS OA 105 8.52 50.33 -19.57
N GLU OA 106 9.56 51.04 -19.06
CA GLU OA 106 9.67 52.45 -19.12
C GLU OA 106 9.78 52.98 -20.52
N LEU OA 107 10.57 52.25 -21.35
CA LEU OA 107 10.84 52.62 -22.73
C LEU OA 107 9.60 52.62 -23.59
N SER OA 108 8.75 51.58 -23.48
CA SER OA 108 7.48 51.49 -24.16
C SER OA 108 6.81 50.39 -23.41
N LEU OA 109 7.20 49.14 -23.80
CA LEU OA 109 6.87 47.93 -23.11
C LEU OA 109 7.85 46.90 -23.60
N PRO OA 110 8.11 45.77 -22.96
CA PRO OA 110 9.14 44.82 -23.39
C PRO OA 110 8.62 43.98 -24.55
N PRO OA 111 9.42 43.65 -25.56
CA PRO OA 111 9.00 42.75 -26.61
C PRO OA 111 9.50 41.36 -26.21
N VAL OA 112 10.08 41.28 -24.97
CA VAL OA 112 10.69 40.13 -24.30
C VAL OA 112 11.85 39.67 -25.14
N LYS OA 113 12.68 40.65 -25.56
CA LYS OA 113 13.87 40.47 -26.35
C LYS OA 113 14.80 41.61 -25.94
N LEU OA 114 16.11 41.31 -25.83
CA LEU OA 114 17.12 42.23 -25.38
C LEU OA 114 17.72 42.88 -26.60
N HIS OA 115 18.03 44.20 -26.53
CA HIS OA 115 18.54 44.91 -27.66
C HIS OA 115 19.67 45.76 -27.17
N CYS OA 116 20.51 46.21 -28.12
CA CYS OA 116 21.69 46.99 -27.82
C CYS OA 116 21.36 48.47 -27.84
N SER OA 117 20.07 48.87 -27.97
CA SER OA 117 19.67 50.24 -28.15
C SER OA 117 19.60 50.93 -26.79
N MET OA 118 19.63 50.11 -25.72
CA MET OA 118 19.67 50.54 -24.34
C MET OA 118 20.92 49.95 -23.83
N LEU OA 119 21.75 50.83 -23.28
CA LEU OA 119 23.05 50.49 -22.76
C LEU OA 119 23.02 50.87 -21.30
N ALA OA 120 21.81 51.26 -20.79
CA ALA OA 120 21.58 51.74 -19.46
C ALA OA 120 21.90 50.75 -18.41
N GLU OA 121 21.59 49.45 -18.72
CA GLU OA 121 21.85 48.31 -17.90
C GLU OA 121 23.31 48.09 -17.58
N ASP OA 122 24.17 48.10 -18.65
CA ASP OA 122 25.59 47.98 -18.60
C ASP OA 122 26.21 49.13 -17.86
N ALA OA 123 25.64 50.38 -18.00
CA ALA OA 123 26.18 51.57 -17.36
C ALA OA 123 26.06 51.49 -15.87
N ILE OA 124 24.89 51.15 -15.38
CA ILE OA 124 24.60 51.08 -13.93
C ILE OA 124 25.37 49.97 -13.23
N LYS OA 125 25.41 48.77 -13.84
CA LYS OA 125 26.15 47.59 -13.38
C LYS OA 125 27.62 47.90 -13.25
N ALA OA 126 28.22 48.52 -14.28
CA ALA OA 126 29.60 48.92 -14.30
C ALA OA 126 29.99 49.82 -13.20
N ALA OA 127 29.13 50.85 -12.94
CA ALA OA 127 29.37 51.85 -11.90
C ALA OA 127 29.39 51.27 -10.51
N ILE OA 128 28.46 50.34 -10.19
CA ILE OA 128 28.30 49.76 -8.88
C ILE OA 128 29.42 48.75 -8.66
N LYS OA 129 29.80 47.99 -9.70
CA LYS OA 129 30.86 47.04 -9.63
C LYS OA 129 32.20 47.62 -9.33
N ASP OA 130 32.56 48.72 -10.01
CA ASP OA 130 33.75 49.52 -9.87
C ASP OA 130 33.85 50.05 -8.45
N TYR OA 131 32.70 50.61 -7.92
CA TYR OA 131 32.55 51.04 -6.56
C TYR OA 131 32.87 49.97 -5.53
N LYS OA 132 32.33 48.75 -5.72
CA LYS OA 132 32.52 47.57 -4.89
C LYS OA 132 33.94 47.19 -4.78
N SER OA 133 34.73 47.25 -5.89
CA SER OA 133 36.14 46.87 -5.84
C SER OA 133 36.91 47.80 -4.91
N LYS OA 134 36.64 49.12 -5.01
CA LYS OA 134 37.20 50.17 -4.19
C LYS OA 134 36.85 50.04 -2.72
N ARG OA 135 35.61 49.59 -2.49
CA ARG OA 135 34.96 49.31 -1.21
C ARG OA 135 35.66 48.22 -0.43
N ASN OA 136 36.19 47.20 -1.15
CA ASN OA 136 37.07 46.14 -0.70
C ASN OA 136 36.30 44.89 -0.31
N THR OA 137 35.20 44.65 -1.06
CA THR OA 137 34.41 43.43 -0.98
C THR OA 137 34.41 42.89 -2.43
N PRO OA 138 35.09 41.80 -2.74
CA PRO OA 138 35.10 41.20 -4.06
C PRO OA 138 34.39 39.84 -4.02
N THR OA 139 33.87 39.36 -2.88
CA THR OA 139 33.31 38.01 -2.80
C THR OA 139 31.80 38.12 -2.88
N MET OA 140 31.27 39.34 -2.90
CA MET OA 140 29.87 39.60 -3.02
C MET OA 140 29.61 40.43 -4.25
N LEU OA 141 30.67 40.63 -5.06
CA LEU OA 141 30.67 41.44 -6.26
C LEU OA 141 30.30 40.55 -7.46
N SER OA 142 31.17 39.55 -7.74
CA SER OA 142 30.91 38.65 -8.85
C SER OA 142 31.80 37.42 -8.71
N VAL PA 1 5.26 49.50 25.82
CA VAL PA 1 6.33 49.27 26.82
C VAL PA 1 6.56 47.82 26.98
N GLU PA 2 5.60 47.09 27.64
CA GLU PA 2 5.65 45.68 27.86
C GLU PA 2 5.67 44.95 26.52
N SER PA 3 6.49 43.85 26.46
CA SER PA 3 6.78 42.97 25.32
C SER PA 3 7.41 43.75 24.13
N SER PA 4 7.78 43.10 22.97
CA SER PA 4 7.94 41.70 22.66
C SER PA 4 9.39 41.54 22.31
N THR PA 5 10.22 42.62 22.48
CA THR PA 5 11.59 42.85 22.02
C THR PA 5 12.41 41.59 21.84
N ASP PA 6 12.91 41.29 20.61
CA ASP PA 6 12.61 41.91 19.33
C ASP PA 6 11.18 41.63 18.90
N GLY PA 7 10.52 42.63 18.27
CA GLY PA 7 9.15 42.55 17.81
C GLY PA 7 8.54 43.89 17.92
N GLN PA 8 8.60 44.43 19.16
CA GLN PA 8 8.24 45.79 19.37
C GLN PA 8 9.12 46.24 20.46
N VAL PA 9 9.69 47.47 20.30
CA VAL PA 9 10.61 47.99 21.27
C VAL PA 9 10.42 49.50 21.28
N VAL PA 10 10.41 50.11 22.49
CA VAL PA 10 10.24 51.52 22.66
C VAL PA 10 11.24 52.00 23.68
N PRO PA 11 12.35 52.56 23.19
CA PRO PA 11 13.19 53.43 23.99
C PRO PA 11 12.82 54.82 23.59
N GLN PA 12 11.91 54.97 22.58
CA GLN PA 12 11.49 56.24 21.98
C GLN PA 12 12.65 56.96 21.36
N GLU PA 13 13.49 56.19 20.61
CA GLU PA 13 14.54 56.74 19.79
C GLU PA 13 15.09 55.69 18.86
N VAL PA 14 14.29 54.62 18.59
CA VAL PA 14 14.67 53.46 17.78
C VAL PA 14 14.19 53.74 16.35
N LEU PA 15 13.62 54.93 16.14
CA LEU PA 15 13.07 55.37 14.90
C LEU PA 15 14.08 56.25 14.21
N ASN PA 16 15.30 56.24 14.80
CA ASN PA 16 16.41 56.96 14.29
C ASN PA 16 17.67 56.26 14.63
N LEU PA 17 17.54 55.01 15.10
CA LEU PA 17 18.68 54.14 15.33
C LEU PA 17 18.45 52.99 14.44
N PRO PA 18 19.45 52.40 13.79
CA PRO PA 18 19.27 51.22 12.98
C PRO PA 18 19.06 49.98 13.80
N LEU PA 19 18.18 49.11 13.30
CA LEU PA 19 17.79 47.88 13.90
C LEU PA 19 17.57 46.99 12.76
N GLU PA 20 17.83 45.68 12.96
CA GLU PA 20 17.74 44.69 11.92
C GLU PA 20 16.35 44.66 11.32
N LYS PA 21 16.30 44.37 10.00
CA LYS PA 21 15.09 44.48 9.21
C LYS PA 21 14.03 43.49 9.69
N ALA PA 22 14.50 42.28 10.03
CA ALA PA 22 13.62 41.27 10.58
C ALA PA 22 14.48 40.48 11.54
N HIS PA 23 13.87 39.83 12.56
CA HIS PA 23 14.58 38.96 13.47
C HIS PA 23 13.76 37.73 13.66
N GLU PA 24 12.43 37.89 13.60
CA GLU PA 24 11.46 36.87 13.82
C GLU PA 24 10.30 37.25 12.92
N GLU PA 25 9.46 36.26 12.45
CA GLU PA 25 9.55 34.84 12.70
C GLU PA 25 10.03 34.23 11.44
N ALA PA 26 9.80 34.93 10.28
CA ALA PA 26 10.09 34.60 8.90
C ALA PA 26 8.83 34.78 8.14
N ASP PA 27 7.71 35.05 8.84
CA ASP PA 27 6.43 35.41 8.26
C ASP PA 27 6.39 36.92 8.12
N ASP PA 28 7.40 37.62 8.63
CA ASP PA 28 7.61 39.06 8.58
C ASP PA 28 7.76 39.51 7.14
N TYR PA 29 8.51 38.71 6.34
CA TYR PA 29 8.81 38.92 4.93
C TYR PA 29 7.57 38.88 4.12
N LEU PA 30 6.65 37.91 4.45
CA LEU PA 30 5.36 37.78 3.83
C LEU PA 30 4.50 38.98 4.04
N ASP PA 31 4.42 39.50 5.28
CA ASP PA 31 3.71 40.70 5.68
C ASP PA 31 4.20 41.89 4.91
N HIS PA 32 5.52 42.08 4.84
CA HIS PA 32 6.20 43.10 4.08
C HIS PA 32 5.91 43.02 2.60
N LEU PA 33 5.90 41.81 2.02
CA LEU PA 33 5.58 41.60 0.63
C LEU PA 33 4.19 42.05 0.30
N LEU PA 34 3.22 41.67 1.18
CA LEU PA 34 1.82 42.03 1.12
C LEU PA 34 1.65 43.56 1.18
N ASP PA 35 2.43 44.28 2.03
CA ASP PA 35 2.41 45.72 2.16
C ASP PA 35 2.73 46.34 0.82
N SER PA 36 3.77 45.84 0.10
CA SER PA 36 4.15 46.34 -1.19
C SER PA 36 3.05 46.21 -2.21
N LEU PA 37 2.40 45.05 -2.32
CA LEU PA 37 1.30 44.81 -3.24
C LEU PA 37 0.12 45.72 -2.99
N GLU PA 38 -0.36 45.82 -1.72
CA GLU PA 38 -1.51 46.63 -1.36
C GLU PA 38 -1.33 48.10 -1.66
N GLU PA 39 -0.12 48.68 -1.37
CA GLU PA 39 0.25 50.03 -1.62
C GLU PA 39 0.24 50.37 -3.09
N LEU PA 40 0.88 49.52 -3.96
CA LEU PA 40 0.93 49.64 -5.40
C LEU PA 40 -0.42 49.66 -6.09
N SER PA 41 -1.37 48.91 -5.54
CA SER PA 41 -2.70 48.71 -6.14
C SER PA 41 -3.48 49.97 -6.41
N GLU PA 42 -3.44 50.97 -5.49
CA GLU PA 42 -3.99 52.28 -5.72
C GLU PA 42 -3.26 52.99 -6.81
N ALA PA 43 -4.00 53.78 -7.64
CA ALA PA 43 -3.44 54.48 -8.77
C ALA PA 43 -2.94 53.58 -9.84
N HIS PA 44 -3.77 52.59 -10.21
CA HIS PA 44 -3.61 51.80 -11.39
C HIS PA 44 -4.76 52.08 -12.32
N PRO PA 45 -4.57 52.42 -13.57
CA PRO PA 45 -5.67 52.49 -14.52
C PRO PA 45 -6.27 51.12 -14.80
N ASP PA 46 -5.41 50.09 -14.99
CA ASP PA 46 -5.85 48.73 -15.16
C ASP PA 46 -4.63 47.86 -15.14
N CYS PA 47 -3.57 48.31 -14.43
CA CYS PA 47 -2.30 47.63 -14.38
C CYS PA 47 -2.38 46.38 -13.52
N ILE PA 48 -3.40 46.25 -12.64
CA ILE PA 48 -3.68 45.04 -11.90
C ILE PA 48 -5.16 44.85 -12.08
N PRO PA 49 -5.71 43.82 -12.67
CA PRO PA 49 -7.13 43.64 -12.78
C PRO PA 49 -7.56 42.74 -11.66
N ASP PA 50 -6.65 41.88 -11.10
CA ASP PA 50 -6.95 41.08 -9.93
C ASP PA 50 -5.62 40.75 -9.37
N VAL PA 51 -5.58 40.40 -8.08
CA VAL PA 51 -4.50 39.64 -7.56
C VAL PA 51 -5.21 38.39 -7.08
N GLU PA 52 -4.85 37.25 -7.72
CA GLU PA 52 -5.42 35.97 -7.43
C GLU PA 52 -4.26 35.18 -6.94
N LEU PA 53 -4.40 34.63 -5.72
CA LEU PA 53 -3.40 33.80 -5.13
C LEU PA 53 -4.05 32.44 -5.15
N SER PA 54 -3.41 31.44 -5.82
CA SER PA 54 -3.89 30.09 -5.86
C SER PA 54 -3.10 29.32 -4.85
N HIS PA 55 -3.65 29.16 -3.61
CA HIS PA 55 -3.09 28.29 -2.56
C HIS PA 55 -1.67 28.62 -2.21
N GLY PA 56 -1.41 29.94 -1.94
CA GLY PA 56 -0.11 30.47 -1.55
C GLY PA 56 0.87 30.69 -2.71
N VAL PA 57 0.42 30.46 -3.96
CA VAL PA 57 1.09 30.85 -5.19
C VAL PA 57 0.58 32.23 -5.41
N MET PA 58 1.48 33.18 -5.70
CA MET PA 58 1.12 34.54 -5.75
C MET PA 58 1.49 35.08 -7.11
N THR PA 59 0.55 35.71 -7.81
CA THR PA 59 0.77 36.32 -9.11
C THR PA 59 0.60 37.77 -8.85
N LEU PA 60 1.43 38.64 -9.51
CA LEU PA 60 1.33 40.04 -9.43
C LEU PA 60 1.33 40.41 -10.87
N GLU PA 61 0.11 40.67 -11.30
CA GLU PA 61 -0.22 41.08 -12.64
C GLU PA 61 0.28 42.41 -13.06
N ILE PA 62 0.69 42.46 -14.33
CA ILE PA 62 1.06 43.63 -15.07
C ILE PA 62 0.70 43.21 -16.47
N PRO PA 63 -0.58 43.02 -16.87
CA PRO PA 63 -0.88 42.28 -18.09
C PRO PA 63 -0.75 43.03 -19.37
N ALA PA 64 -0.53 44.35 -19.35
CA ALA PA 64 -0.25 45.15 -20.50
C ALA PA 64 1.25 45.22 -20.69
N PHE PA 65 2.04 44.44 -19.93
CA PHE PA 65 3.47 44.47 -20.01
C PHE PA 65 3.99 43.08 -19.72
N GLY PA 66 3.10 42.07 -19.68
CA GLY PA 66 3.38 40.71 -19.34
C GLY PA 66 3.37 40.48 -17.85
N THR PA 67 2.70 39.39 -17.43
CA THR PA 67 2.55 39.05 -16.03
C THR PA 67 3.72 38.15 -15.68
N TYR PA 68 3.93 37.92 -14.37
CA TYR PA 68 4.86 36.94 -13.88
C TYR PA 68 4.28 36.28 -12.66
N VAL PA 69 4.91 35.13 -12.26
CA VAL PA 69 4.51 34.32 -11.15
C VAL PA 69 5.68 34.36 -10.20
N ILE PA 70 5.41 34.75 -8.92
CA ILE PA 70 6.37 34.81 -7.87
C ILE PA 70 6.00 33.79 -6.83
N ASN PA 71 6.88 32.78 -6.63
CA ASN PA 71 6.52 31.65 -5.81
C ASN PA 71 7.77 31.05 -5.30
N LYS PA 72 7.71 30.38 -4.14
CA LYS PA 72 8.71 29.57 -3.50
C LYS PA 72 9.10 28.44 -4.38
N GLN PA 73 10.39 28.05 -4.33
CA GLN PA 73 10.95 27.02 -5.20
C GLN PA 73 11.42 25.98 -4.20
N PRO PA 74 11.32 24.65 -4.47
CA PRO PA 74 11.62 23.64 -3.43
C PRO PA 74 13.04 23.79 -2.87
N PRO PA 75 13.35 23.29 -1.68
CA PRO PA 75 14.65 23.50 -1.02
C PRO PA 75 15.88 23.33 -1.90
N ASN PA 76 16.82 24.28 -1.76
CA ASN PA 76 17.96 24.54 -2.62
C ASN PA 76 17.43 25.14 -3.88
N LYS PA 77 17.79 26.44 -4.06
CA LYS PA 77 17.40 27.38 -5.10
C LYS PA 77 16.10 28.02 -4.63
N GLN PA 78 15.78 27.84 -3.33
CA GLN PA 78 14.58 28.26 -2.63
C GLN PA 78 14.49 29.73 -2.52
N ILE PA 79 13.29 30.25 -2.89
CA ILE PA 79 12.88 31.63 -2.89
C ILE PA 79 13.69 32.43 -3.91
N TRP PA 80 12.98 33.08 -4.86
CA TRP PA 80 13.59 33.61 -6.07
C TRP PA 80 12.69 34.65 -6.65
N LEU PA 81 13.17 35.49 -7.62
CA LEU PA 81 12.35 36.42 -8.35
C LEU PA 81 12.41 35.86 -9.73
N ALA PA 82 11.21 35.62 -10.31
CA ALA PA 82 11.07 35.13 -11.64
C ALA PA 82 10.34 36.20 -12.39
N SER PA 83 10.92 36.61 -13.56
CA SER PA 83 10.39 37.69 -14.35
C SER PA 83 10.89 37.38 -15.74
N PRO PA 84 10.17 37.75 -16.81
CA PRO PA 84 10.55 37.35 -18.17
C PRO PA 84 11.62 38.24 -18.70
N LEU PA 85 12.61 37.68 -19.47
CA LEU PA 85 13.77 38.37 -19.98
C LEU PA 85 14.69 38.88 -18.88
N SER PA 86 14.89 37.99 -17.89
CA SER PA 86 15.90 38.27 -16.89
C SER PA 86 16.15 36.97 -16.15
N GLY PA 87 15.32 35.93 -16.41
CA GLY PA 87 15.37 34.61 -15.83
C GLY PA 87 15.47 34.61 -14.35
N PRO PA 88 16.04 33.60 -13.68
CA PRO PA 88 16.18 33.51 -12.24
C PRO PA 88 17.22 34.47 -11.74
N ASN PA 89 16.95 35.16 -10.62
CA ASN PA 89 17.88 36.07 -10.01
C ASN PA 89 18.04 35.66 -8.58
N ARG PA 90 17.59 34.44 -8.22
CA ARG PA 90 17.62 33.70 -6.97
C ARG PA 90 18.16 34.36 -5.73
N PHE PA 91 17.35 34.27 -4.63
CA PHE PA 91 17.53 35.08 -3.47
C PHE PA 91 17.73 34.16 -2.32
N ASP PA 92 18.65 34.63 -1.41
CA ASP PA 92 18.90 33.97 -0.16
C ASP PA 92 18.99 35.05 0.87
N LEU PA 93 18.69 34.77 2.16
CA LEU PA 93 18.87 35.64 3.30
C LEU PA 93 20.34 35.99 3.39
N LEU PA 94 20.69 37.27 3.73
CA LEU PA 94 22.10 37.66 3.93
C LEU PA 94 22.29 38.37 5.22
N ASN PA 95 21.30 39.18 5.64
CA ASN PA 95 21.30 39.71 6.98
C ASN PA 95 19.95 40.28 7.26
N GLY PA 96 18.98 39.38 7.59
CA GLY PA 96 17.68 39.78 8.05
C GLY PA 96 16.76 40.20 6.94
N GLU PA 97 17.16 39.96 5.67
CA GLU PA 97 16.35 40.33 4.53
C GLU PA 97 16.88 39.41 3.44
N TRP PA 98 16.05 39.15 2.42
CA TRP PA 98 16.44 38.29 1.32
C TRP PA 98 17.09 39.23 0.31
N VAL PA 99 18.43 39.09 0.18
CA VAL PA 99 19.27 39.89 -0.65
C VAL PA 99 19.98 38.96 -1.55
N SER PA 100 19.96 39.14 -2.87
CA SER PA 100 20.69 38.37 -3.80
C SER PA 100 22.19 38.51 -3.57
N LEU PA 101 22.93 37.40 -3.76
CA LEU PA 101 24.35 37.32 -3.41
C LEU PA 101 25.19 37.62 -4.61
N ARG PA 102 24.55 38.03 -5.74
CA ARG PA 102 25.26 38.33 -6.98
C ARG PA 102 25.35 39.78 -7.34
N ASN PA 103 24.55 40.67 -6.75
CA ASN PA 103 24.57 42.09 -7.06
C ASN PA 103 23.98 42.86 -5.92
N GLY PA 104 23.42 42.18 -4.90
CA GLY PA 104 22.87 42.89 -3.78
C GLY PA 104 21.46 43.40 -4.03
N THR PA 105 20.66 42.68 -4.82
CA THR PA 105 19.33 43.06 -5.16
C THR PA 105 18.35 42.61 -4.06
N LYS PA 106 17.10 43.13 -4.06
CA LYS PA 106 16.09 42.70 -3.10
C LYS PA 106 14.85 42.54 -3.95
N LEU PA 107 14.16 41.40 -3.77
CA LEU PA 107 13.09 41.02 -4.69
C LEU PA 107 11.79 41.76 -4.51
N THR PA 108 11.45 42.10 -3.23
CA THR PA 108 10.36 42.95 -2.85
C THR PA 108 10.41 44.31 -3.55
N ASP PA 109 11.65 44.87 -3.59
CA ASP PA 109 11.99 46.12 -4.20
C ASP PA 109 11.89 46.07 -5.70
N ILE PA 110 12.21 44.91 -6.32
CA ILE PA 110 12.09 44.70 -7.75
C ILE PA 110 10.68 44.81 -8.20
N LEU PA 111 9.70 44.28 -7.41
CA LEU PA 111 8.28 44.40 -7.76
C LEU PA 111 7.81 45.84 -7.67
N THR PA 112 8.11 46.57 -6.57
CA THR PA 112 7.85 48.01 -6.42
C THR PA 112 8.21 48.79 -7.67
N GLU PA 113 9.49 48.76 -8.10
CA GLU PA 113 10.02 49.40 -9.28
C GLU PA 113 9.27 49.03 -10.53
N GLU PA 114 9.09 47.72 -10.84
CA GLU PA 114 8.61 47.23 -12.09
C GLU PA 114 7.14 47.57 -12.29
N VAL PA 115 6.35 47.57 -11.20
CA VAL PA 115 4.96 48.01 -11.19
C VAL PA 115 4.80 49.50 -11.40
N GLU PA 116 5.61 50.35 -10.75
CA GLU PA 116 5.52 51.81 -10.91
C GLU PA 116 6.08 52.28 -12.23
N LYS PA 117 6.96 51.47 -12.84
CA LYS PA 117 7.38 51.58 -14.23
C LYS PA 117 6.24 51.51 -15.20
N ALA PA 118 5.12 50.83 -14.84
CA ALA PA 118 3.96 50.62 -15.66
C ALA PA 118 3.04 51.79 -15.52
N ILE PA 119 2.81 52.24 -14.24
CA ILE PA 119 1.98 53.37 -13.92
C ILE PA 119 2.49 54.60 -14.66
N SER PA 120 3.83 54.76 -14.70
CA SER PA 120 4.56 55.85 -15.34
C SER PA 120 4.33 55.83 -16.81
N LYS PA 121 4.87 54.82 -17.50
CA LYS PA 121 4.74 54.66 -18.90
C LYS PA 121 4.12 53.29 -19.15
N GLY QA 1 21.15 -45.10 30.28
CA GLY QA 1 21.50 -45.21 31.71
C GLY QA 1 21.58 -46.65 32.13
N SER QA 2 22.67 -47.02 32.86
CA SER QA 2 22.92 -48.38 33.21
C SER QA 2 23.86 -48.39 34.37
N HIS QA 3 24.03 -49.56 35.01
CA HIS QA 3 24.76 -49.76 36.25
C HIS QA 3 26.27 -49.68 35.95
N MET QA 4 27.00 -48.98 36.81
CA MET QA 4 28.43 -48.82 36.74
C MET QA 4 29.22 -50.08 37.02
N SER QA 5 28.98 -50.91 38.07
CA SER QA 5 27.97 -50.87 39.10
C SER QA 5 28.59 -50.31 40.34
N SER QA 6 27.75 -49.64 41.11
CA SER QA 6 28.17 -49.01 42.33
C SER QA 6 26.87 -48.80 43.05
N ILE QA 7 26.23 -49.91 43.44
CA ILE QA 7 24.95 -49.98 44.09
C ILE QA 7 24.92 -49.36 45.47
N THR QA 8 25.95 -49.70 46.32
CA THR QA 8 26.19 -49.44 47.74
C THR QA 8 26.14 -50.79 48.39
N LYS QA 9 26.19 -51.85 47.57
CA LYS QA 9 26.23 -53.22 48.01
C LYS QA 9 27.68 -53.69 48.02
N ARG QA 10 28.36 -53.87 49.17
CA ARG QA 10 27.84 -53.72 50.49
C ARG QA 10 28.98 -53.57 51.43
N LEU QA 11 28.65 -52.96 52.59
CA LEU QA 11 29.58 -52.70 53.68
C LEU QA 11 30.72 -51.81 53.27
N TYR QA 12 30.44 -50.83 52.35
CA TYR QA 12 31.39 -49.82 51.97
C TYR QA 12 31.51 -48.75 53.04
N HIS QA 13 30.41 -48.14 53.61
CA HIS QA 13 29.00 -48.16 53.32
C HIS QA 13 28.66 -47.30 52.11
N PRO QA 14 29.13 -46.04 51.86
CA PRO QA 14 28.74 -45.33 50.63
C PRO QA 14 29.68 -45.53 49.47
N LYS QA 15 29.17 -46.18 48.40
CA LYS QA 15 29.72 -46.28 47.05
C LYS QA 15 31.16 -46.73 46.97
N VAL QA 16 31.92 -46.11 46.03
CA VAL QA 16 33.29 -46.43 45.65
C VAL QA 16 34.29 -46.02 46.72
N ILE QA 17 34.08 -44.82 47.35
CA ILE QA 17 34.85 -44.12 48.39
C ILE QA 17 35.75 -44.98 49.28
N GLU QA 18 35.24 -46.14 49.77
CA GLU QA 18 35.92 -47.04 50.68
C GLU QA 18 37.16 -47.66 50.06
N HIS QA 19 37.09 -48.09 48.76
CA HIS QA 19 38.21 -48.69 48.05
C HIS QA 19 39.35 -47.72 47.89
N TYR QA 20 39.04 -46.45 47.58
CA TYR QA 20 40.00 -45.39 47.38
C TYR QA 20 40.71 -45.06 48.67
N THR QA 21 39.94 -44.99 49.79
CA THR QA 21 40.42 -44.52 51.08
C THR QA 21 39.92 -45.46 52.11
N HIS QA 22 40.73 -46.34 52.80
CA HIS QA 22 42.14 -46.66 52.69
C HIS QA 22 43.05 -45.50 53.07
N PRO QA 23 43.24 -45.12 54.32
CA PRO QA 23 42.94 -45.89 55.55
C PRO QA 23 41.46 -45.86 55.86
N ARG QA 24 40.91 -47.02 56.33
CA ARG QA 24 39.50 -47.17 56.63
C ARG QA 24 39.39 -47.57 58.10
N ASN QA 25 38.62 -46.85 58.96
CA ASN QA 25 37.84 -45.69 58.69
C ASN QA 25 38.72 -44.46 58.44
N VAL QA 26 39.74 -44.07 59.29
CA VAL QA 26 40.08 -44.55 60.61
C VAL QA 26 39.70 -43.46 61.53
N GLY QA 27 39.18 -42.32 61.02
CA GLY QA 27 38.79 -41.21 61.83
C GLY QA 27 39.91 -40.36 62.29
N SER QA 28 41.16 -40.61 61.77
CA SER QA 28 42.33 -39.77 61.99
C SER QA 28 43.06 -39.61 60.67
N LEU QA 29 42.38 -40.01 59.57
CA LEU QA 29 42.88 -39.99 58.24
C LEU QA 29 43.14 -38.59 57.78
N ASP QA 30 44.21 -38.42 56.97
CA ASP QA 30 44.51 -37.13 56.42
C ASP QA 30 44.93 -37.38 54.98
N LYS QA 31 45.05 -36.32 54.17
CA LYS QA 31 45.50 -36.40 52.80
C LYS QA 31 47.01 -36.27 52.87
N LYS QA 32 47.74 -37.23 52.27
CA LYS QA 32 49.19 -37.27 52.34
C LYS QA 32 49.66 -38.09 51.20
N LEU QA 33 50.94 -38.05 50.78
CA LEU QA 33 52.00 -37.14 51.18
C LEU QA 33 52.20 -36.13 50.05
N PRO QA 34 52.35 -36.41 48.75
CA PRO QA 34 52.55 -35.38 47.73
C PRO QA 34 51.25 -34.64 47.48
N ASN QA 35 51.37 -33.31 47.35
CA ASN QA 35 50.30 -32.42 47.00
C ASN QA 35 49.83 -32.71 45.57
N VAL QA 36 48.54 -32.48 45.27
CA VAL QA 36 47.92 -32.72 44.02
C VAL QA 36 47.55 -31.38 43.45
N GLY QA 37 47.95 -31.22 42.15
CA GLY QA 37 47.85 -30.00 41.39
C GLY QA 37 46.48 -29.68 40.89
N THR QA 38 46.41 -28.57 40.13
CA THR QA 38 45.25 -28.04 39.39
C THR QA 38 43.98 -27.94 40.23
N GLY QA 39 42.79 -27.95 39.60
CA GLY QA 39 41.47 -27.76 40.18
C GLY QA 39 41.13 -28.67 41.31
N LEU QA 40 40.12 -28.23 42.10
CA LEU QA 40 39.52 -28.97 43.17
C LEU QA 40 38.14 -28.46 43.37
N VAL QA 41 37.19 -29.34 43.70
CA VAL QA 41 35.84 -28.97 43.97
C VAL QA 41 35.35 -30.02 44.93
N GLY QA 42 34.35 -29.65 45.75
CA GLY QA 42 33.77 -30.50 46.77
C GLY QA 42 32.68 -29.68 47.35
N ALA QA 43 31.57 -30.33 47.67
CA ALA QA 43 30.39 -29.71 48.20
C ALA QA 43 29.98 -30.53 49.40
N PRO QA 44 30.34 -30.15 50.64
CA PRO QA 44 29.92 -30.82 51.81
C PRO QA 44 28.49 -30.50 52.06
N ALA QA 45 27.76 -31.49 52.60
CA ALA QA 45 26.32 -31.48 52.79
C ALA QA 45 25.72 -32.12 51.55
N CYS QA 46 26.53 -32.95 50.85
CA CYS QA 46 26.14 -33.87 49.80
C CYS QA 46 27.20 -34.97 49.80
N GLY QA 47 28.30 -34.80 50.61
CA GLY QA 47 29.33 -35.79 50.86
C GLY QA 47 30.17 -36.16 49.67
N ASP QA 48 30.43 -35.22 48.71
CA ASP QA 48 31.14 -35.51 47.49
C ASP QA 48 32.29 -34.54 47.31
N VAL QA 49 33.31 -35.01 46.56
CA VAL QA 49 34.55 -34.32 46.24
C VAL QA 49 34.94 -34.85 44.90
N MET QA 50 35.48 -34.02 43.96
CA MET QA 50 36.02 -34.46 42.73
C MET QA 50 37.26 -33.66 42.43
N ARG QA 51 38.28 -34.32 41.81
CA ARG QA 51 39.52 -33.67 41.47
C ARG QA 51 39.97 -34.23 40.17
N LEU QA 52 39.86 -33.41 39.13
CA LEU QA 52 40.30 -33.83 37.81
C LEU QA 52 41.56 -33.08 37.65
N GLN QA 53 42.63 -33.85 37.32
CA GLN QA 53 43.94 -33.32 37.13
C GLN QA 53 44.36 -33.56 35.74
N ILE QA 54 44.53 -32.44 34.99
CA ILE QA 54 44.97 -32.48 33.60
C ILE QA 54 46.49 -32.51 33.54
N LYS QA 55 47.01 -33.10 32.45
CA LYS QA 55 48.39 -32.93 32.01
C LYS QA 55 48.22 -32.35 30.65
N VAL QA 56 49.01 -31.30 30.29
CA VAL QA 56 48.77 -30.58 29.06
C VAL QA 56 50.10 -30.34 28.39
N ASN QA 57 50.20 -30.72 27.11
CA ASN QA 57 51.25 -30.40 26.19
C ASN QA 57 51.18 -28.94 25.76
N ASP QA 58 52.18 -28.14 26.14
CA ASP QA 58 52.20 -26.70 25.92
C ASP QA 58 52.72 -26.44 24.52
N SER QA 59 51.77 -26.39 23.57
CA SER QA 59 52.03 -25.99 22.20
C SER QA 59 50.75 -25.44 21.70
N THR QA 60 49.78 -26.36 21.41
CA THR QA 60 48.44 -25.99 21.01
C THR QA 60 47.50 -26.26 22.16
N GLY QA 61 48.08 -26.76 23.32
CA GLY QA 61 47.33 -27.01 24.55
C GLY QA 61 46.62 -28.34 24.49
N VAL QA 62 47.26 -29.38 23.90
CA VAL QA 62 46.62 -30.68 23.76
C VAL QA 62 46.58 -31.33 25.12
N ILE QA 63 45.44 -31.99 25.48
CA ILE QA 63 45.30 -32.72 26.73
C ILE QA 63 45.98 -34.08 26.52
N GLU QA 64 47.21 -34.26 27.10
CA GLU QA 64 47.95 -35.48 27.03
C GLU QA 64 47.27 -36.56 27.82
N ASP QA 65 46.80 -36.22 29.02
CA ASP QA 65 46.19 -37.17 29.92
C ASP QA 65 45.31 -36.39 30.84
N VAL QA 66 44.26 -37.05 31.36
CA VAL QA 66 43.51 -36.48 32.45
C VAL QA 66 42.97 -37.68 33.20
N LYS QA 67 43.15 -37.68 34.54
CA LYS QA 67 42.70 -38.70 35.44
C LYS QA 67 41.82 -37.97 36.41
N PHE QA 68 40.99 -38.71 37.17
CA PHE QA 68 39.99 -38.12 38.02
C PHE QA 68 40.00 -38.81 39.34
N LYS QA 69 39.37 -38.14 40.35
CA LYS QA 69 38.96 -38.73 41.60
C LYS QA 69 37.49 -38.49 41.62
N THR QA 70 36.69 -39.49 42.02
CA THR QA 70 35.30 -39.30 42.27
C THR QA 70 35.01 -39.85 43.62
N PHE QA 71 34.39 -39.02 44.49
CA PHE QA 71 33.83 -39.42 45.74
C PHE QA 71 32.45 -38.88 45.67
N GLY QA 72 31.44 -39.70 46.12
CA GLY QA 72 30.03 -39.30 46.10
C GLY QA 72 29.24 -40.45 45.54
N CYS QA 73 28.06 -40.10 44.93
CA CYS QA 73 27.13 -40.98 44.28
C CYS QA 73 27.80 -41.70 43.14
N GLY QA 74 27.34 -42.96 42.89
CA GLY QA 74 27.87 -43.88 41.88
C GLY QA 74 27.71 -43.36 40.51
N SER QA 75 26.62 -42.59 40.26
CA SER QA 75 26.25 -42.06 38.98
C SER QA 75 27.29 -41.12 38.42
N ALA QA 76 27.96 -40.39 39.36
CA ALA QA 76 29.03 -39.44 39.06
C ALA QA 76 30.26 -40.10 38.45
N ILE QA 77 30.55 -41.40 38.75
CA ILE QA 77 31.70 -42.09 38.27
C ILE QA 77 31.66 -42.21 36.79
N ALA QA 78 30.47 -42.55 36.26
CA ALA QA 78 30.24 -42.79 34.85
C ALA QA 78 30.48 -41.56 33.99
N SER QA 79 30.10 -40.37 34.54
CA SER QA 79 30.28 -39.11 33.86
C SER QA 79 31.75 -38.72 33.75
N SER QA 80 32.48 -38.89 34.88
CA SER QA 80 33.88 -38.54 35.01
C SER QA 80 34.71 -39.37 34.08
N SER QA 81 34.47 -40.71 34.07
CA SER QA 81 35.20 -41.66 33.19
C SER QA 81 35.09 -41.34 31.72
N TYR QA 82 33.84 -41.21 31.19
CA TYR QA 82 33.61 -40.97 29.78
C TYR QA 82 34.13 -39.62 29.34
N MET QA 83 33.95 -38.55 30.14
CA MET QA 83 34.37 -37.20 29.76
C MET QA 83 35.86 -37.15 29.62
N THR QA 84 36.61 -37.72 30.58
CA THR QA 84 38.04 -37.70 30.61
C THR QA 84 38.64 -38.45 29.44
N GLU QA 85 38.02 -39.60 29.04
CA GLU QA 85 38.38 -40.33 27.85
C GLU QA 85 38.30 -39.45 26.60
N LEU QA 86 37.16 -38.76 26.41
CA LEU QA 86 36.88 -37.94 25.23
C LEU QA 86 37.91 -36.83 25.08
N VAL QA 87 38.15 -36.04 26.13
CA VAL QA 87 38.98 -34.83 26.14
C VAL QA 87 40.40 -35.09 25.74
N GLN QA 88 40.96 -36.27 26.09
CA GLN QA 88 42.32 -36.62 25.74
C GLN QA 88 42.58 -36.76 24.26
N GLY QA 89 43.73 -36.17 23.80
CA GLY QA 89 44.15 -36.07 22.44
C GLY QA 89 43.51 -34.94 21.71
N MET QA 90 42.72 -34.08 22.39
CA MET QA 90 42.07 -32.92 21.83
C MET QA 90 42.51 -31.75 22.66
N THR QA 91 42.58 -30.57 21.99
CA THR QA 91 43.02 -29.29 22.53
C THR QA 91 42.04 -28.81 23.57
N LEU QA 92 42.49 -27.86 24.42
CA LEU QA 92 41.76 -27.39 25.57
C LEU QA 92 40.44 -26.73 25.21
N ASP QA 93 40.42 -25.94 24.11
CA ASP QA 93 39.26 -25.27 23.55
C ASP QA 93 38.22 -26.29 23.05
N ASP QA 94 38.68 -27.36 22.33
CA ASP QA 94 37.85 -28.42 21.85
C ASP QA 94 37.21 -29.22 22.99
N ALA QA 95 38.00 -29.48 24.04
CA ALA QA 95 37.62 -30.21 25.21
C ALA QA 95 36.54 -29.62 26.06
N ALA QA 96 36.57 -28.29 26.21
CA ALA QA 96 35.78 -27.54 27.14
C ALA QA 96 34.49 -27.08 26.53
N LYS QA 97 33.55 -26.68 27.41
CA LYS QA 97 32.24 -26.16 27.13
C LYS QA 97 31.57 -26.20 28.49
N ILE QA 98 30.66 -25.21 28.78
CA ILE QA 98 29.96 -25.14 30.06
C ILE QA 98 28.78 -26.07 30.08
N LYS QA 99 29.06 -27.32 30.55
CA LYS QA 99 28.10 -28.38 30.78
C LYS QA 99 28.57 -28.94 32.09
N ASN QA 100 27.77 -29.01 33.20
CA ASN QA 100 26.42 -28.57 33.47
C ASN QA 100 25.47 -29.53 32.90
N THR QA 101 24.77 -29.16 31.79
CA THR QA 101 23.57 -29.86 31.33
C THR QA 101 23.82 -31.33 30.97
N GLU QA 102 24.95 -31.61 30.28
CA GLU QA 102 25.35 -32.90 29.82
C GLU QA 102 25.60 -33.87 30.93
N ILE QA 103 26.27 -33.39 32.00
CA ILE QA 103 26.59 -34.18 33.17
C ILE QA 103 25.34 -34.59 33.91
N ALA QA 104 24.40 -33.67 34.06
CA ALA QA 104 23.13 -33.93 34.70
C ALA QA 104 22.30 -34.93 33.90
N LYS QA 105 22.23 -34.82 32.54
CA LYS QA 105 21.47 -35.76 31.70
C LYS QA 105 21.95 -37.19 31.62
N GLU QA 106 23.26 -37.39 31.53
CA GLU QA 106 23.98 -38.61 31.17
C GLU QA 106 23.45 -39.95 31.55
N LEU QA 107 23.00 -40.16 32.82
CA LEU QA 107 22.68 -41.45 33.34
C LEU QA 107 21.19 -41.69 33.18
N SER QA 108 20.37 -41.29 34.22
CA SER QA 108 18.95 -41.53 34.20
C SER QA 108 18.32 -40.40 34.97
N LEU QA 109 17.06 -40.12 34.56
CA LEU QA 109 16.04 -39.29 35.20
C LEU QA 109 16.52 -37.88 35.51
N PRO QA 110 16.87 -37.04 34.53
CA PRO QA 110 17.42 -35.72 34.79
C PRO QA 110 16.30 -34.75 34.87
N PRO QA 111 16.22 -33.85 35.86
CA PRO QA 111 15.21 -32.83 35.86
C PRO QA 111 15.52 -31.84 34.75
N VAL QA 112 16.85 -31.69 34.52
CA VAL QA 112 17.54 -30.82 33.61
C VAL QA 112 18.40 -29.93 34.50
N LYS QA 113 18.64 -30.39 35.75
CA LYS QA 113 19.47 -29.71 36.70
C LYS QA 113 20.36 -30.63 37.47
N LEU QA 114 21.39 -29.97 38.04
CA LEU QA 114 22.54 -30.48 38.72
C LEU QA 114 22.04 -31.20 40.00
N HIS QA 115 22.65 -32.35 40.39
CA HIS QA 115 22.32 -32.96 41.65
C HIS QA 115 22.96 -32.26 42.81
N CYS QA 116 24.33 -32.19 42.77
CA CYS QA 116 25.27 -31.63 43.75
C CYS QA 116 26.31 -32.69 43.91
N SER QA 117 26.08 -33.92 43.34
CA SER QA 117 27.11 -34.94 43.21
C SER QA 117 27.69 -34.94 41.83
N MET QA 118 27.25 -33.99 40.98
CA MET QA 118 27.72 -33.87 39.63
C MET QA 118 28.61 -32.65 39.64
N LEU QA 119 29.81 -32.83 40.26
CA LEU QA 119 30.74 -31.77 40.52
C LEU QA 119 31.73 -31.71 39.42
N ALA QA 120 31.70 -32.67 38.47
CA ALA QA 120 32.71 -32.91 37.46
C ALA QA 120 32.92 -31.70 36.59
N GLU QA 121 31.83 -30.95 36.35
CA GLU QA 121 31.72 -29.75 35.55
C GLU QA 121 32.61 -28.67 36.08
N ASP QA 122 32.50 -28.37 37.41
CA ASP QA 122 33.33 -27.44 38.08
C ASP QA 122 34.77 -27.88 38.12
N ALA QA 123 35.02 -29.21 38.24
CA ALA QA 123 36.33 -29.79 38.42
C ALA QA 123 37.22 -29.55 37.25
N ILE QA 124 36.70 -29.86 36.05
CA ILE QA 124 37.39 -29.68 34.80
C ILE QA 124 37.67 -28.20 34.55
N LYS QA 125 36.64 -27.35 34.81
CA LYS QA 125 36.69 -25.92 34.63
C LYS QA 125 37.74 -25.25 35.46
N ALA QA 126 37.81 -25.67 36.74
CA ALA QA 126 38.81 -25.20 37.71
C ALA QA 126 40.22 -25.49 37.23
N ALA QA 127 40.46 -26.73 36.72
CA ALA QA 127 41.75 -27.21 36.19
C ALA QA 127 42.24 -26.40 34.99
N ILE QA 128 41.36 -26.15 33.97
CA ILE QA 128 41.75 -25.53 32.75
C ILE QA 128 41.97 -24.05 32.96
N LYS QA 129 41.23 -23.41 33.91
CA LYS QA 129 41.36 -22.04 34.30
C LYS QA 129 42.68 -21.83 34.97
N ASP QA 130 43.09 -22.74 35.90
CA ASP QA 130 44.38 -22.77 36.55
C ASP QA 130 45.48 -22.87 35.52
N TYR QA 131 45.36 -23.78 34.53
CA TYR QA 131 46.28 -23.94 33.42
C TYR QA 131 46.45 -22.64 32.64
N LYS QA 132 45.32 -21.96 32.30
CA LYS QA 132 45.27 -20.68 31.56
C LYS QA 132 46.02 -19.57 32.28
N SER QA 133 45.91 -19.53 33.62
CA SER QA 133 46.55 -18.50 34.45
C SER QA 133 48.07 -18.62 34.36
N LYS QA 134 48.60 -19.86 34.50
CA LYS QA 134 50.00 -20.23 34.35
C LYS QA 134 50.48 -19.98 32.96
N ARG QA 135 49.65 -20.24 31.92
CA ARG QA 135 49.91 -19.97 30.53
C ARG QA 135 50.09 -18.48 30.26
N ASN QA 136 49.28 -17.66 30.96
CA ASN QA 136 49.25 -16.22 30.96
C ASN QA 136 48.47 -15.69 29.81
N THR QA 137 47.21 -16.15 29.71
CA THR QA 137 46.23 -15.67 28.79
C THR QA 137 45.04 -15.38 29.70
N PRO QA 138 44.61 -14.14 29.84
CA PRO QA 138 43.58 -13.81 30.81
C PRO QA 138 42.30 -13.50 30.09
N THR QA 139 42.37 -13.31 28.73
CA THR QA 139 41.28 -12.86 27.87
C THR QA 139 40.10 -13.83 27.80
N MET QA 140 40.42 -15.13 27.62
CA MET QA 140 39.40 -16.19 27.50
C MET QA 140 39.12 -16.85 28.87
N LEU QA 141 39.94 -16.45 29.89
CA LEU QA 141 39.86 -16.99 31.21
C LEU QA 141 38.80 -16.22 31.93
N SER QA 142 38.79 -14.90 31.79
CA SER QA 142 37.86 -14.00 32.42
C SER QA 142 37.30 -13.05 31.34
N VAL RA 1 47.26 -30.81 -7.02
CA VAL RA 1 46.82 -30.28 -8.35
C VAL RA 1 46.19 -28.95 -8.20
N GLU RA 2 46.09 -28.22 -9.35
CA GLU RA 2 45.47 -26.93 -9.42
C GLU RA 2 43.95 -26.95 -9.23
N SER RA 3 43.43 -25.86 -8.65
CA SER RA 3 42.03 -25.55 -8.38
C SER RA 3 41.59 -26.29 -7.15
N SER RA 4 40.70 -25.73 -6.27
CA SER RA 4 40.00 -24.47 -6.30
C SER RA 4 40.38 -23.71 -5.06
N THR RA 5 41.47 -24.13 -4.37
CA THR RA 5 42.13 -23.52 -3.25
C THR RA 5 41.29 -23.38 -1.96
N ASP RA 6 41.92 -23.29 -0.78
CA ASP RA 6 43.34 -23.44 -0.48
C ASP RA 6 43.59 -24.72 0.25
N GLY RA 7 42.51 -25.49 0.48
CA GLY RA 7 42.48 -26.82 1.00
C GLY RA 7 42.03 -27.76 -0.09
N GLN RA 8 41.33 -27.23 -1.16
CA GLN RA 8 40.77 -27.99 -2.24
C GLN RA 8 41.84 -28.51 -3.14
N VAL RA 9 42.91 -27.71 -3.32
CA VAL RA 9 44.14 -28.13 -3.96
C VAL RA 9 44.74 -29.27 -3.14
N VAL RA 10 45.33 -30.25 -3.85
CA VAL RA 10 45.70 -31.51 -3.25
C VAL RA 10 46.97 -32.03 -3.88
N PRO RA 11 48.13 -31.58 -3.39
CA PRO RA 11 49.38 -32.15 -3.78
C PRO RA 11 49.65 -33.33 -2.87
N GLN RA 12 48.77 -33.47 -1.83
CA GLN RA 12 48.82 -34.37 -0.73
C GLN RA 12 50.00 -34.01 0.16
N GLU RA 13 50.21 -32.70 0.36
CA GLU RA 13 51.23 -32.17 1.26
C GLU RA 13 50.64 -31.03 2.01
N VAL RA 14 49.74 -30.26 1.36
CA VAL RA 14 49.17 -29.06 1.95
C VAL RA 14 48.34 -29.35 3.20
N LEU RA 15 47.54 -30.44 3.19
CA LEU RA 15 46.62 -30.82 4.21
C LEU RA 15 47.23 -31.12 5.56
N ASN RA 16 48.35 -31.86 5.57
CA ASN RA 16 49.13 -32.08 6.77
C ASN RA 16 49.78 -30.79 7.29
N LEU RA 17 50.30 -29.99 6.36
CA LEU RA 17 50.97 -28.74 6.66
C LEU RA 17 49.95 -27.76 7.19
N PRO RA 18 50.27 -26.89 8.14
CA PRO RA 18 49.35 -25.95 8.75
C PRO RA 18 48.62 -25.02 7.76
N LEU RA 19 47.27 -24.91 7.90
CA LEU RA 19 46.44 -24.08 7.09
C LEU RA 19 45.28 -23.70 7.97
N GLU RA 20 44.79 -22.46 7.83
CA GLU RA 20 43.75 -21.87 8.64
C GLU RA 20 42.44 -22.55 8.42
N LYS RA 21 41.59 -22.60 9.51
CA LYS RA 21 40.39 -23.36 9.59
C LYS RA 21 39.41 -22.95 8.48
N ALA RA 22 39.22 -21.64 8.22
CA ALA RA 22 38.48 -21.20 7.07
C ALA RA 22 38.81 -19.79 6.74
N HIS RA 23 38.49 -19.44 5.47
CA HIS RA 23 38.51 -18.09 4.97
C HIS RA 23 37.28 -17.97 4.11
N GLU RA 24 36.79 -19.13 3.59
CA GLU RA 24 35.61 -19.29 2.80
C GLU RA 24 35.02 -20.56 3.31
N GLU RA 25 33.69 -20.71 3.60
CA GLU RA 25 32.60 -19.82 3.39
C GLU RA 25 31.82 -19.93 4.67
N ALA RA 26 30.80 -19.01 4.84
CA ALA RA 26 29.83 -19.00 5.91
C ALA RA 26 28.97 -20.23 5.84
N ASP RA 27 28.63 -20.60 4.61
CA ASP RA 27 27.87 -21.74 4.24
C ASP RA 27 28.52 -23.03 4.63
N ASP RA 28 29.88 -23.10 4.55
CA ASP RA 28 30.68 -24.27 4.75
C ASP RA 28 30.47 -24.80 6.17
N TYR RA 29 30.32 -23.89 7.17
CA TYR RA 29 30.11 -24.19 8.56
C TYR RA 29 28.85 -24.97 8.78
N LEU RA 30 27.74 -24.57 8.09
CA LEU RA 30 26.50 -25.28 8.02
C LEU RA 30 26.64 -26.69 7.51
N ASP RA 31 27.34 -26.88 6.38
CA ASP RA 31 27.57 -28.19 5.80
C ASP RA 31 28.32 -29.08 6.77
N HIS RA 32 29.38 -28.54 7.45
CA HIS RA 32 30.16 -29.23 8.44
C HIS RA 32 29.34 -29.63 9.61
N LEU RA 33 28.46 -28.75 10.08
CA LEU RA 33 27.56 -29.02 11.19
C LEU RA 33 26.66 -30.21 10.90
N LEU RA 34 26.06 -30.21 9.71
CA LEU RA 34 25.21 -31.27 9.18
C LEU RA 34 26.02 -32.57 9.07
N ASP RA 35 27.29 -32.51 8.60
CA ASP RA 35 28.13 -33.65 8.46
C ASP RA 35 28.33 -34.40 9.75
N SER RA 36 28.60 -33.65 10.86
CA SER RA 36 28.71 -34.13 12.20
C SER RA 36 27.41 -34.78 12.66
N LEU RA 37 26.25 -34.18 12.36
CA LEU RA 37 24.95 -34.75 12.67
C LEU RA 37 24.72 -36.07 12.02
N GLU RA 38 25.04 -36.25 10.71
CA GLU RA 38 24.88 -37.52 9.97
C GLU RA 38 25.64 -38.63 10.64
N GLU RA 39 26.91 -38.35 11.03
CA GLU RA 39 27.75 -39.29 11.73
C GLU RA 39 27.24 -39.78 13.04
N LEU RA 40 26.79 -38.81 13.85
CA LEU RA 40 26.30 -38.95 15.19
C LEU RA 40 25.09 -39.85 15.30
N SER RA 41 24.21 -39.78 14.28
CA SER RA 41 22.96 -40.53 14.15
C SER RA 41 23.16 -42.01 14.28
N GLU RA 42 24.23 -42.54 13.63
CA GLU RA 42 24.61 -43.94 13.68
C GLU RA 42 24.99 -44.41 15.10
N ALA RA 43 24.71 -45.71 15.34
CA ALA RA 43 25.10 -46.46 16.52
C ALA RA 43 24.34 -46.03 17.74
N HIS RA 44 23.01 -46.13 17.71
CA HIS RA 44 22.17 -45.85 18.86
C HIS RA 44 20.93 -46.70 18.82
N PRO RA 45 20.38 -47.16 19.96
CA PRO RA 45 19.07 -47.81 20.00
C PRO RA 45 18.01 -46.74 19.81
N ASP RA 46 18.07 -45.65 20.61
CA ASP RA 46 17.22 -44.53 20.51
C ASP RA 46 18.06 -43.33 20.89
N CYS RA 47 18.07 -42.28 20.04
CA CYS RA 47 18.83 -41.08 20.27
C CYS RA 47 18.36 -40.10 19.21
N ILE RA 48 17.49 -40.56 18.28
CA ILE RA 48 16.80 -39.72 17.32
C ILE RA 48 15.50 -40.48 17.08
N PRO RA 49 14.32 -39.89 17.18
CA PRO RA 49 13.09 -40.58 16.87
C PRO RA 49 12.62 -40.03 15.56
N ASP RA 50 13.17 -38.86 15.09
CA ASP RA 50 12.82 -38.14 13.90
C ASP RA 50 13.58 -36.88 14.02
N VAL RA 51 14.10 -36.36 12.89
CA VAL RA 51 14.72 -35.08 12.83
C VAL RA 51 14.17 -34.39 11.60
N GLU RA 52 13.75 -33.11 11.76
CA GLU RA 52 13.17 -32.37 10.70
C GLU RA 52 14.13 -31.31 10.33
N LEU RA 53 14.28 -31.18 8.98
CA LEU RA 53 15.12 -30.21 8.37
C LEU RA 53 14.09 -29.49 7.59
N SER RA 54 14.01 -28.14 7.78
CA SER RA 54 12.95 -27.32 7.30
C SER RA 54 13.65 -26.30 6.46
N HIS RA 55 13.17 -25.05 6.46
CA HIS RA 55 13.88 -23.93 5.90
C HIS RA 55 14.30 -23.01 7.00
N GLY RA 56 15.64 -23.01 7.29
CA GLY RA 56 16.23 -22.22 8.33
C GLY RA 56 16.06 -22.78 9.75
N VAL RA 57 15.38 -23.94 9.90
CA VAL RA 57 15.25 -24.60 11.19
C VAL RA 57 15.75 -26.00 11.03
N MET RA 58 16.62 -26.44 11.94
CA MET RA 58 17.14 -27.76 11.99
C MET RA 58 16.93 -28.17 13.41
N THR RA 59 16.26 -29.35 13.62
CA THR RA 59 15.99 -29.91 14.92
C THR RA 59 16.83 -31.14 15.06
N LEU RA 60 17.40 -31.34 16.28
CA LEU RA 60 18.23 -32.48 16.63
C LEU RA 60 17.54 -32.90 17.88
N GLU RA 61 16.75 -33.96 17.74
CA GLU RA 61 15.91 -34.50 18.78
C GLU RA 61 16.63 -35.66 19.42
N ILE RA 62 16.53 -35.75 20.78
CA ILE RA 62 17.06 -36.85 21.56
C ILE RA 62 15.86 -37.24 22.43
N PRO RA 63 15.25 -38.39 22.22
CA PRO RA 63 14.06 -38.79 22.91
C PRO RA 63 14.35 -39.32 24.29
N ALA RA 64 15.65 -39.63 24.62
CA ALA RA 64 15.97 -40.33 25.81
C ALA RA 64 16.40 -39.41 26.88
N PHE RA 65 16.42 -38.07 26.65
CA PHE RA 65 16.87 -37.15 27.66
C PHE RA 65 16.21 -35.83 27.44
N GLY RA 66 15.42 -35.69 26.33
CA GLY RA 66 14.86 -34.41 25.96
C GLY RA 66 15.93 -33.69 25.15
N THR RA 67 15.61 -32.49 24.64
CA THR RA 67 16.61 -31.74 23.89
C THR RA 67 16.23 -30.31 23.98
N TYR RA 68 17.14 -29.47 23.43
CA TYR RA 68 16.86 -28.08 23.19
C TYR RA 68 17.04 -27.91 21.70
N VAL RA 69 16.04 -27.27 21.03
CA VAL RA 69 16.07 -26.96 19.61
C VAL RA 69 17.18 -25.95 19.33
N ILE RA 70 17.79 -26.05 18.12
CA ILE RA 70 18.96 -25.25 17.79
C ILE RA 70 18.56 -24.42 16.60
N ASN RA 71 18.96 -23.12 16.56
CA ASN RA 71 18.39 -22.19 15.62
C ASN RA 71 19.39 -21.12 15.39
N LYS RA 72 19.25 -20.43 14.26
CA LYS RA 72 19.94 -19.19 13.93
C LYS RA 72 19.49 -18.09 14.87
N GLN RA 73 20.39 -17.14 15.21
CA GLN RA 73 20.05 -16.08 16.13
C GLN RA 73 19.76 -14.82 15.30
N PRO RA 74 18.75 -13.99 15.57
CA PRO RA 74 18.48 -12.68 14.93
C PRO RA 74 19.67 -11.73 14.96
N PRO RA 75 19.84 -10.75 14.08
CA PRO RA 75 21.04 -9.96 13.97
C PRO RA 75 21.45 -9.23 15.22
N ASN RA 76 22.68 -9.54 15.66
CA ASN RA 76 23.43 -9.05 16.78
C ASN RA 76 24.49 -10.12 17.02
N LYS RA 77 24.12 -11.40 16.79
CA LYS RA 77 24.97 -12.55 16.79
C LYS RA 77 24.39 -13.47 15.74
N GLN RA 78 25.15 -14.49 15.34
CA GLN RA 78 24.74 -15.32 14.23
C GLN RA 78 25.04 -16.74 14.68
N ILE RA 79 23.96 -17.55 14.75
CA ILE RA 79 23.92 -18.98 14.97
C ILE RA 79 24.45 -19.34 16.34
N TRP RA 80 23.52 -19.59 17.25
CA TRP RA 80 23.83 -19.93 18.65
C TRP RA 80 22.88 -20.97 19.25
N LEU RA 81 23.33 -21.66 20.30
CA LEU RA 81 22.53 -22.68 20.98
C LEU RA 81 22.35 -22.35 22.47
N ALA RA 82 21.15 -22.60 23.00
CA ALA RA 82 20.84 -22.20 24.34
C ALA RA 82 20.92 -23.45 25.17
N SER RA 83 21.69 -23.41 26.30
CA SER RA 83 21.81 -24.56 27.20
C SER RA 83 20.94 -24.23 28.41
N PRO RA 84 20.15 -25.13 29.00
CA PRO RA 84 19.18 -24.77 30.02
C PRO RA 84 19.72 -25.25 31.38
N LEU RA 85 21.01 -24.95 31.67
CA LEU RA 85 21.55 -25.17 33.02
C LEU RA 85 22.78 -24.32 33.18
N SER RA 86 23.25 -23.71 32.07
CA SER RA 86 24.32 -22.75 32.07
C SER RA 86 23.94 -21.52 31.31
N GLY RA 87 22.70 -21.42 30.83
CA GLY RA 87 22.18 -20.27 30.13
C GLY RA 87 22.56 -20.26 28.69
N PRO RA 88 22.19 -19.23 27.96
CA PRO RA 88 22.55 -19.06 26.58
C PRO RA 88 24.01 -18.88 26.36
N ASN RA 89 24.55 -19.46 25.27
CA ASN RA 89 25.91 -19.35 24.82
C ASN RA 89 25.79 -18.55 23.56
N ARG RA 90 26.71 -17.58 23.36
CA ARG RA 90 26.67 -16.71 22.22
C ARG RA 90 27.90 -16.96 21.44
N PHE RA 91 27.75 -17.15 20.12
CA PHE RA 91 28.84 -17.50 19.26
C PHE RA 91 29.12 -16.43 18.24
N ASP RA 92 30.41 -16.09 18.10
CA ASP RA 92 30.89 -15.25 17.09
C ASP RA 92 32.12 -15.97 16.58
N LEU RA 93 32.55 -15.69 15.32
CA LEU RA 93 33.78 -16.21 14.72
C LEU RA 93 34.95 -15.66 15.47
N LEU RA 94 36.02 -16.44 15.72
CA LEU RA 94 37.19 -15.89 16.38
C LEU RA 94 38.35 -16.08 15.47
N ASN RA 95 38.44 -17.19 14.71
CA ASN RA 95 39.51 -17.32 13.77
C ASN RA 95 39.18 -18.48 12.87
N GLY RA 96 38.20 -18.27 11.94
CA GLY RA 96 37.86 -19.22 10.89
C GLY RA 96 36.98 -20.35 11.32
N GLU RA 97 36.36 -20.25 12.55
CA GLU RA 97 35.42 -21.23 13.03
C GLU RA 97 34.63 -20.57 14.13
N TRP RA 98 33.35 -21.00 14.33
CA TRP RA 98 32.52 -20.51 15.42
C TRP RA 98 33.15 -20.87 16.76
N VAL RA 99 33.16 -19.91 17.72
CA VAL RA 99 33.83 -20.07 18.98
C VAL RA 99 32.83 -19.36 19.85
N SER RA 100 32.73 -19.77 21.15
CA SER RA 100 31.83 -19.24 22.11
C SER RA 100 32.58 -18.19 22.84
N LEU RA 101 31.91 -17.02 23.09
CA LEU RA 101 32.51 -15.93 23.82
C LEU RA 101 32.84 -16.28 25.27
N ARG RA 102 31.93 -17.00 25.96
CA ARG RA 102 32.01 -17.41 27.32
C ARG RA 102 33.20 -18.21 27.75
N ASN RA 103 33.70 -19.14 26.91
CA ASN RA 103 34.78 -20.04 27.33
C ASN RA 103 35.82 -20.09 26.25
N GLY RA 104 35.45 -19.82 24.95
CA GLY RA 104 36.36 -19.94 23.84
C GLY RA 104 36.28 -21.28 23.20
N THR RA 105 35.06 -21.79 22.88
CA THR RA 105 34.91 -23.19 22.52
C THR RA 105 33.83 -23.31 21.47
N LYS RA 106 34.14 -24.06 20.37
CA LYS RA 106 33.21 -24.35 19.27
C LYS RA 106 31.95 -25.10 19.62
N LEU RA 107 30.87 -24.85 18.79
CA LEU RA 107 29.57 -25.41 18.90
C LEU RA 107 29.56 -26.82 18.42
N THR RA 108 30.47 -27.15 17.47
CA THR RA 108 30.65 -28.44 16.89
C THR RA 108 30.79 -29.55 17.95
N ASP RA 109 31.63 -29.30 18.98
CA ASP RA 109 31.88 -30.21 20.08
C ASP RA 109 30.75 -30.35 21.03
N ILE RA 110 29.92 -29.29 21.20
CA ILE RA 110 28.76 -29.36 22.07
C ILE RA 110 27.76 -30.37 21.56
N LEU RA 111 27.52 -30.38 20.20
CA LEU RA 111 26.61 -31.32 19.55
C LEU RA 111 27.11 -32.73 19.57
N THR RA 112 28.41 -32.93 19.21
CA THR RA 112 29.24 -34.13 19.34
C THR RA 112 28.98 -34.81 20.65
N GLU RA 113 29.24 -34.08 21.77
CA GLU RA 113 29.13 -34.50 23.15
C GLU RA 113 27.79 -35.06 23.47
N GLU RA 114 26.69 -34.37 23.14
CA GLU RA 114 25.36 -34.78 23.60
C GLU RA 114 24.92 -36.06 22.98
N VAL RA 115 25.23 -36.30 21.70
CA VAL RA 115 24.89 -37.55 21.05
C VAL RA 115 25.75 -38.71 21.56
N GLU RA 116 27.08 -38.52 21.73
CA GLU RA 116 27.96 -39.58 22.16
C GLU RA 116 27.84 -39.91 23.63
N LYS RA 117 27.35 -39.03 24.50
CA LYS RA 117 26.94 -39.28 25.88
C LYS RA 117 25.88 -40.33 25.98
N ALA RA 118 25.09 -40.51 24.90
CA ALA RA 118 24.00 -41.45 24.78
C ALA RA 118 24.56 -42.79 24.42
N ILE RA 119 25.54 -42.86 23.45
CA ILE RA 119 26.28 -44.11 23.12
C ILE RA 119 26.89 -44.75 24.31
N SER RA 120 27.44 -43.93 25.22
CA SER RA 120 27.96 -44.33 26.51
C SER RA 120 26.93 -45.00 27.39
N LYS RA 121 25.87 -44.27 27.78
CA LYS RA 121 24.83 -44.69 28.68
C LYS RA 121 23.51 -44.43 27.99
N GLY SA 1 32.69 19.47 45.59
CA GLY SA 1 34.13 19.49 45.33
C GLY SA 1 34.79 20.40 46.38
N SER SA 2 34.94 19.89 47.62
CA SER SA 2 35.57 20.59 48.71
C SER SA 2 37.03 20.43 48.53
N HIS SA 3 37.82 21.25 49.28
CA HIS SA 3 39.26 21.40 49.20
C HIS SA 3 39.99 20.13 49.48
N MET SA 4 41.06 19.93 48.70
CA MET SA 4 41.98 18.81 48.68
C MET SA 4 42.65 18.47 50.00
N SER SA 5 43.27 19.40 50.79
CA SER SA 5 43.66 20.75 50.53
C SER SA 5 45.03 20.69 50.00
N SER SA 6 45.29 21.55 48.97
CA SER SA 6 46.57 21.71 48.33
C SER SA 6 46.74 23.20 48.07
N ILE SA 7 46.07 24.03 48.91
CA ILE SA 7 46.13 25.47 48.88
C ILE SA 7 47.54 25.92 49.19
N THR SA 8 48.20 25.22 50.15
CA THR SA 8 49.58 25.33 50.59
C THR SA 8 49.83 26.64 51.25
N LYS SA 9 48.88 27.00 52.13
CA LYS SA 9 48.97 28.23 52.92
C LYS SA 9 48.80 27.77 54.35
N ARG SA 10 49.87 27.84 55.18
CA ARG SA 10 51.21 28.29 54.91
C ARG SA 10 52.14 27.33 55.62
N LEU SA 11 53.40 27.29 55.14
CA LEU SA 11 54.51 26.53 55.62
C LEU SA 11 54.27 25.04 55.39
N TYR SA 12 53.68 24.71 54.21
CA TYR SA 12 53.33 23.36 53.87
C TYR SA 12 54.55 22.51 53.58
N HIS SA 13 55.57 22.92 52.75
CA HIS SA 13 55.61 24.04 51.83
C HIS SA 13 56.16 23.63 50.45
N PRO SA 14 57.00 22.61 50.23
CA PRO SA 14 57.51 22.37 48.86
C PRO SA 14 56.67 21.32 48.12
N LYS SA 15 55.70 20.70 48.82
CA LYS SA 15 54.80 19.67 48.38
C LYS SA 15 55.55 18.36 48.26
N VAL SA 16 54.89 17.38 47.53
CA VAL SA 16 55.37 16.06 47.20
C VAL SA 16 56.20 16.21 45.95
N ILE SA 17 55.81 17.15 45.04
CA ILE SA 17 56.36 17.35 43.71
C ILE SA 17 57.84 17.71 43.81
N GLU SA 18 58.25 18.60 44.77
CA GLU SA 18 59.64 18.92 45.05
C GLU SA 18 60.39 17.73 45.57
N HIS SA 19 59.69 16.97 46.46
CA HIS SA 19 60.24 15.85 47.21
C HIS SA 19 60.73 14.77 46.33
N TYR SA 20 60.00 14.46 45.23
CA TYR SA 20 60.41 13.43 44.32
C TYR SA 20 61.74 13.74 43.66
N THR SA 21 61.96 15.00 43.20
CA THR SA 21 63.30 15.40 42.75
C THR SA 21 63.44 16.91 42.98
N HIS SA 22 64.44 17.42 43.78
CA HIS SA 22 65.35 16.87 44.75
C HIS SA 22 66.52 16.14 44.08
N PRO SA 23 67.70 16.05 44.69
CA PRO SA 23 68.11 16.62 45.95
C PRO SA 23 68.35 18.11 45.75
N ARG SA 24 68.29 18.95 46.82
CA ARG SA 24 68.37 20.39 46.74
C ARG SA 24 69.80 20.78 47.13
N ASN SA 25 70.49 21.67 46.36
CA ASN SA 25 70.08 22.28 45.13
C ASN SA 25 70.08 21.31 43.94
N VAL SA 26 71.04 20.41 43.69
CA VAL SA 26 72.38 20.28 44.14
C VAL SA 26 73.28 20.63 42.98
N GLY SA 27 72.69 21.07 41.81
CA GLY SA 27 73.37 21.39 40.60
C GLY SA 27 73.79 20.19 39.81
N SER SA 28 73.29 19.00 40.18
CA SER SA 28 73.54 17.78 39.44
C SER SA 28 72.40 16.86 39.68
N LEU SA 29 71.25 17.42 40.16
CA LEU SA 29 70.09 16.70 40.57
C LEU SA 29 69.43 15.94 39.44
N ASP SA 30 68.94 14.71 39.74
CA ASP SA 30 68.19 13.86 38.85
C ASP SA 30 67.40 13.03 39.80
N LYS SA 31 66.50 12.16 39.27
CA LYS SA 31 65.73 11.25 40.07
C LYS SA 31 66.70 10.14 40.36
N LYS SA 32 66.88 9.80 41.66
CA LYS SA 32 67.87 8.87 42.10
C LYS SA 32 67.44 8.39 43.48
N LEU SA 33 68.00 7.27 43.98
CA LEU SA 33 68.83 6.32 43.29
C LEU SA 33 68.12 5.56 42.20
N PRO SA 34 66.93 4.90 42.34
CA PRO SA 34 66.38 4.10 41.24
C PRO SA 34 65.38 4.86 40.41
N ASN SA 35 64.90 4.24 39.31
CA ASN SA 35 63.84 4.74 38.47
C ASN SA 35 62.82 3.65 38.59
N VAL SA 36 61.54 4.05 38.61
CA VAL SA 36 60.47 3.14 38.96
C VAL SA 36 59.82 2.60 37.73
N GLY SA 37 60.44 2.80 36.53
CA GLY SA 37 60.04 2.23 35.26
C GLY SA 37 58.62 2.51 34.87
N THR SA 38 58.01 1.51 34.25
CA THR SA 38 56.67 1.44 33.72
C THR SA 38 56.23 2.62 32.87
N GLY SA 39 54.87 2.81 32.77
CA GLY SA 39 54.32 3.93 32.00
C GLY SA 39 54.76 5.25 32.55
N LEU SA 40 55.15 6.18 31.66
CA LEU SA 40 55.62 7.50 32.03
C LEU SA 40 55.13 8.36 30.91
N VAL SA 41 54.62 9.55 31.27
CA VAL SA 41 54.12 10.50 30.33
C VAL SA 41 54.38 11.82 30.96
N GLY SA 42 54.59 12.87 30.16
CA GLY SA 42 54.84 14.16 30.65
C GLY SA 42 54.89 15.09 29.49
N ALA SA 43 54.35 16.31 29.78
CA ALA SA 43 54.19 17.43 28.91
C ALA SA 43 54.86 18.53 29.66
N PRO SA 44 56.11 18.94 29.37
CA PRO SA 44 56.83 19.86 30.23
C PRO SA 44 56.68 21.22 29.61
N ALA SA 45 55.41 21.59 29.31
CA ALA SA 45 55.05 22.93 28.90
C ALA SA 45 53.57 23.03 29.21
N CYS SA 46 53.03 22.02 29.93
CA CYS SA 46 51.77 22.10 30.61
C CYS SA 46 52.08 22.04 32.09
N GLY SA 47 53.36 21.76 32.44
CA GLY SA 47 53.90 21.72 33.77
C GLY SA 47 53.58 20.48 34.55
N ASP SA 48 53.04 19.42 33.88
CA ASP SA 48 52.71 18.18 34.57
C ASP SA 48 53.45 17.04 33.98
N VAL SA 49 53.61 15.97 34.79
CA VAL SA 49 54.29 14.75 34.46
C VAL SA 49 53.52 13.78 35.35
N MET SA 50 53.20 12.56 34.84
CA MET SA 50 52.58 11.56 35.65
C MET SA 50 53.25 10.25 35.33
N ARG SA 51 53.37 9.40 36.36
CA ARG SA 51 54.04 8.11 36.27
C ARG SA 51 53.23 7.19 37.16
N LEU SA 52 52.50 6.19 36.54
CA LEU SA 52 51.70 5.22 37.29
C LEU SA 52 52.49 3.95 37.24
N GLN SA 53 52.74 3.29 38.42
CA GLN SA 53 53.37 1.99 38.44
C GLN SA 53 52.38 1.03 39.02
N ILE SA 54 51.92 0.07 38.17
CA ILE SA 54 51.07 -1.01 38.57
C ILE SA 54 51.88 -2.19 39.00
N LYS SA 55 51.33 -2.99 39.94
CA LYS SA 55 51.84 -4.31 40.26
C LYS SA 55 50.66 -5.18 40.00
N VAL SA 56 50.87 -6.34 39.37
CA VAL SA 56 49.81 -7.13 38.76
C VAL SA 56 50.03 -8.57 39.13
N ASN SA 57 48.93 -9.17 39.67
CA ASN SA 57 48.72 -10.58 39.88
C ASN SA 57 48.49 -11.27 38.56
N ASP SA 58 49.46 -12.11 38.09
CA ASP SA 58 49.38 -12.68 36.76
C ASP SA 58 48.51 -13.91 36.86
N SER SA 59 47.22 -13.76 36.45
CA SER SA 59 46.29 -14.87 36.32
C SER SA 59 45.23 -14.44 35.38
N THR SA 60 44.28 -13.60 35.92
CA THR SA 60 43.25 -12.92 35.23
C THR SA 60 43.63 -11.47 35.12
N GLY SA 61 44.62 -11.05 35.94
CA GLY SA 61 45.12 -9.71 36.05
C GLY SA 61 44.34 -9.09 37.15
N VAL SA 62 45.01 -8.46 38.13
CA VAL SA 62 44.34 -7.86 39.25
C VAL SA 62 45.36 -6.81 39.65
N ILE SA 63 45.01 -5.76 40.44
CA ILE SA 63 45.99 -4.79 40.85
C ILE SA 63 46.22 -5.10 42.30
N GLU SA 64 47.50 -5.35 42.62
CA GLU SA 64 47.98 -5.69 43.91
C GLU SA 64 48.30 -4.42 44.67
N ASP SA 65 48.95 -3.49 43.95
CA ASP SA 65 49.32 -2.22 44.44
C ASP SA 65 49.45 -1.36 43.28
N VAL SA 66 49.28 -0.04 43.48
CA VAL SA 66 49.61 0.88 42.44
C VAL SA 66 50.00 2.14 43.17
N LYS SA 67 51.19 2.70 42.84
CA LYS SA 67 51.73 3.91 43.45
C LYS SA 67 51.92 4.80 42.28
N PHE SA 68 51.99 6.12 42.55
CA PHE SA 68 51.96 7.13 41.51
C PHE SA 68 53.02 8.17 41.80
N LYS SA 69 53.38 8.97 40.79
CA LYS SA 69 54.02 10.26 40.96
C LYS SA 69 53.14 11.20 40.22
N THR SA 70 52.87 12.36 40.88
CA THR SA 70 52.12 13.41 40.25
C THR SA 70 52.97 14.62 40.40
N PHE SA 71 53.14 15.29 39.25
CA PHE SA 71 53.80 16.58 39.15
C PHE SA 71 52.79 17.36 38.39
N GLY SA 72 52.54 18.66 38.75
CA GLY SA 72 51.54 19.47 38.07
C GLY SA 72 50.76 20.23 39.10
N CYS SA 73 49.49 20.51 38.78
CA CYS SA 73 48.57 21.23 39.61
C CYS SA 73 48.34 20.49 40.91
N GLY SA 74 48.19 21.25 42.05
CA GLY SA 74 48.07 20.66 43.35
C GLY SA 74 46.80 19.85 43.45
N SER SA 75 45.74 20.30 42.71
CA SER SA 75 44.42 19.69 42.67
C SER SA 75 44.46 18.25 42.17
N ALA SA 76 45.37 18.00 41.19
CA ALA SA 76 45.54 16.73 40.56
C ALA SA 76 46.14 15.71 41.47
N ILE SA 77 46.99 16.11 42.44
CA ILE SA 77 47.71 15.21 43.33
C ILE SA 77 46.78 14.38 44.17
N ALA SA 78 45.77 15.05 44.79
CA ALA SA 78 44.76 14.51 45.71
C ALA SA 78 43.85 13.54 45.02
N SER SA 79 43.56 13.82 43.75
CA SER SA 79 42.70 13.07 42.88
C SER SA 79 43.28 11.75 42.48
N SER SA 80 44.59 11.77 42.09
CA SER SA 80 45.43 10.65 41.69
C SER SA 80 45.54 9.69 42.83
N SER SA 81 45.76 10.27 44.06
CA SER SA 81 45.87 9.57 45.31
C SER SA 81 44.68 8.72 45.61
N TYR SA 82 43.45 9.30 45.58
CA TYR SA 82 42.20 8.64 45.89
C TYR SA 82 41.92 7.56 44.88
N MET SA 83 42.24 7.83 43.58
CA MET SA 83 41.93 6.94 42.49
C MET SA 83 42.72 5.66 42.64
N THR SA 84 44.02 5.79 42.96
CA THR SA 84 44.92 4.69 43.14
C THR SA 84 44.51 3.83 44.28
N GLU SA 85 44.05 4.44 45.39
CA GLU SA 85 43.50 3.74 46.52
C GLU SA 85 42.36 2.79 46.14
N LEU SA 86 41.35 3.31 45.40
CA LEU SA 86 40.20 2.57 44.93
C LEU SA 86 40.59 1.44 43.97
N VAL SA 87 41.63 1.71 43.09
CA VAL SA 87 42.11 0.78 42.13
C VAL SA 87 42.63 -0.48 42.77
N GLN SA 88 43.34 -0.34 43.92
CA GLN SA 88 43.83 -1.44 44.71
C GLN SA 88 42.65 -2.19 45.33
N GLY SA 89 42.77 -3.54 45.26
CA GLY SA 89 41.71 -4.43 45.73
C GLY SA 89 40.66 -4.63 44.67
N MET SA 90 40.90 -4.09 43.44
CA MET SA 90 40.01 -4.22 42.30
C MET SA 90 40.87 -4.66 41.15
N THR SA 91 40.24 -5.35 40.16
CA THR SA 91 40.91 -6.00 39.07
C THR SA 91 41.60 -5.01 38.17
N LEU SA 92 42.33 -5.57 37.16
CA LEU SA 92 43.01 -4.87 36.10
C LEU SA 92 41.98 -4.16 35.26
N ASP SA 93 40.87 -4.86 34.92
CA ASP SA 93 39.72 -4.40 34.09
C ASP SA 93 39.20 -3.05 34.53
N ASP SA 94 38.86 -3.06 35.84
CA ASP SA 94 38.34 -1.91 36.57
C ASP SA 94 39.24 -0.71 36.60
N ALA SA 95 40.58 -0.92 36.81
CA ALA SA 95 41.57 0.15 36.90
C ALA SA 95 41.84 0.85 35.59
N ALA SA 96 41.45 0.20 34.46
CA ALA SA 96 41.66 0.70 33.13
C ALA SA 96 40.48 1.56 32.78
N LYS SA 97 40.68 2.33 31.71
CA LYS SA 97 39.78 3.31 31.19
C LYS SA 97 39.46 4.46 32.11
N ILE SA 98 40.54 5.12 32.57
CA ILE SA 98 40.42 6.38 33.29
C ILE SA 98 41.01 7.29 32.27
N LYS SA 99 40.36 8.43 32.04
CA LYS SA 99 40.57 9.18 30.82
C LYS SA 99 40.43 10.62 31.17
N ASN SA 100 41.02 10.97 32.34
CA ASN SA 100 41.26 12.30 32.82
C ASN SA 100 40.02 12.90 33.49
N THR SA 101 38.80 12.56 32.99
CA THR SA 101 37.50 13.14 33.36
C THR SA 101 37.18 12.87 34.81
N GLU SA 102 37.46 11.65 35.32
CA GLU SA 102 37.28 11.28 36.72
C GLU SA 102 38.16 12.08 37.66
N ILE SA 103 39.47 12.33 37.35
CA ILE SA 103 40.33 13.14 38.17
C ILE SA 103 39.84 14.58 38.29
N ALA SA 104 39.33 15.14 37.18
CA ALA SA 104 38.68 16.42 37.14
C ALA SA 104 37.40 16.45 37.97
N LYS SA 105 36.61 15.35 37.95
CA LYS SA 105 35.31 15.25 38.54
C LYS SA 105 35.31 15.46 39.99
N GLU SA 106 36.25 14.87 40.73
CA GLU SA 106 36.47 15.07 42.15
C GLU SA 106 36.28 16.46 42.67
N LEU SA 107 36.75 17.47 41.91
CA LEU SA 107 36.65 18.87 42.28
C LEU SA 107 35.62 19.56 41.44
N SER SA 108 35.20 20.74 41.95
CA SER SA 108 34.18 21.56 41.37
C SER SA 108 34.66 22.13 40.08
N LEU SA 109 33.70 22.37 39.16
CA LEU SA 109 33.90 23.01 37.87
C LEU SA 109 34.66 22.17 36.83
N PRO SA 110 34.43 20.91 36.53
CA PRO SA 110 35.13 20.24 35.45
C PRO SA 110 34.55 20.77 34.15
N PRO SA 111 35.30 20.98 33.07
CA PRO SA 111 34.77 21.56 31.83
C PRO SA 111 33.96 20.53 31.04
N VAL SA 112 34.03 19.22 31.45
CA VAL SA 112 33.42 18.10 30.77
C VAL SA 112 33.92 17.98 29.34
N LYS SA 113 35.25 18.24 29.21
CA LYS SA 113 35.96 18.20 27.96
C LYS SA 113 37.37 17.87 28.30
N LEU SA 114 37.60 17.32 29.55
CA LEU SA 114 38.87 16.98 30.13
C LEU SA 114 39.99 18.01 29.95
N HIS SA 115 41.26 17.59 29.95
CA HIS SA 115 42.41 18.46 30.02
C HIS SA 115 43.52 17.80 29.27
N CYS SA 116 44.58 18.62 29.01
CA CYS SA 116 45.85 18.14 28.47
C CYS SA 116 46.87 18.47 29.55
N SER SA 117 46.36 18.87 30.72
CA SER SA 117 47.15 19.17 31.89
C SER SA 117 46.93 18.04 32.88
N MET SA 118 46.14 17.03 32.44
CA MET SA 118 45.95 15.77 33.12
C MET SA 118 46.33 14.77 32.06
N LEU SA 119 47.38 13.95 32.30
CA LEU SA 119 47.89 13.02 31.32
C LEU SA 119 47.65 11.65 31.82
N ALA SA 120 46.64 11.51 32.70
CA ALA SA 120 46.26 10.29 33.42
C ALA SA 120 45.89 9.19 32.46
N GLU SA 121 45.26 9.53 31.32
CA GLU SA 121 44.90 8.64 30.26
C GLU SA 121 46.06 7.96 29.64
N ASP SA 122 47.09 8.74 29.24
CA ASP SA 122 48.28 8.22 28.62
C ASP SA 122 49.02 7.33 29.56
N ALA SA 123 49.05 7.65 30.88
CA ALA SA 123 49.76 6.96 31.94
C ALA SA 123 49.18 5.57 32.15
N ILE SA 124 47.82 5.47 32.25
CA ILE SA 124 47.13 4.19 32.46
C ILE SA 124 47.31 3.25 31.29
N LYS SA 125 47.13 3.77 30.03
CA LYS SA 125 47.26 3.00 28.82
C LYS SA 125 48.64 2.43 28.70
N ALA SA 126 49.67 3.23 28.96
CA ALA SA 126 51.07 2.87 28.90
C ALA SA 126 51.42 1.68 29.77
N ALA SA 127 50.95 1.75 31.05
CA ALA SA 127 51.19 0.72 32.03
C ALA SA 127 50.56 -0.60 31.65
N ILE SA 128 49.28 -0.59 31.18
CA ILE SA 128 48.57 -1.81 30.85
C ILE SA 128 49.02 -2.43 29.55
N LYS SA 129 49.49 -1.61 28.60
CA LYS SA 129 50.03 -2.03 27.32
C LYS SA 129 51.31 -2.79 27.58
N ASP SA 130 52.15 -2.23 28.51
CA ASP SA 130 53.41 -2.79 28.92
C ASP SA 130 53.22 -4.15 29.57
N TYR SA 131 52.18 -4.32 30.42
CA TYR SA 131 51.83 -5.61 31.00
C TYR SA 131 51.44 -6.62 29.96
N LYS SA 132 50.63 -6.23 28.96
CA LYS SA 132 50.16 -7.12 27.90
C LYS SA 132 51.31 -7.67 27.06
N SER SA 133 52.27 -6.78 26.80
CA SER SA 133 53.48 -7.12 26.12
C SER SA 133 54.37 -8.09 26.88
N LYS SA 134 54.57 -7.86 28.21
CA LYS SA 134 55.32 -8.74 29.09
C LYS SA 134 54.79 -10.14 29.27
N ARG SA 135 53.43 -10.33 29.33
CA ARG SA 135 52.88 -11.68 29.26
C ARG SA 135 53.10 -12.34 27.91
N ASN SA 136 53.33 -11.51 26.85
CA ASN SA 136 53.64 -11.87 25.50
C ASN SA 136 52.42 -12.22 24.75
N THR SA 137 51.87 -11.19 24.05
CA THR SA 137 50.76 -11.29 23.16
C THR SA 137 50.47 -9.87 22.68
N PRO SA 138 50.96 -9.47 21.51
CA PRO SA 138 50.73 -8.12 21.06
C PRO SA 138 49.50 -8.14 20.19
N THR SA 139 49.00 -9.35 19.76
CA THR SA 139 47.80 -9.47 18.95
C THR SA 139 46.57 -8.96 19.71
N MET SA 140 46.49 -9.28 21.02
CA MET SA 140 45.47 -8.83 21.97
C MET SA 140 45.50 -7.32 22.21
N LEU SA 141 46.72 -6.77 22.32
CA LEU SA 141 46.94 -5.35 22.51
C LEU SA 141 46.36 -4.47 21.41
N SER SA 142 46.51 -4.93 20.14
CA SER SA 142 45.91 -4.30 18.99
C SER SA 142 44.54 -4.91 18.70
N VAL TA 1 16.17 -27.42 50.08
CA VAL TA 1 15.63 -26.14 49.62
C VAL TA 1 14.97 -26.31 48.29
N GLU TA 2 14.47 -25.19 47.71
CA GLU TA 2 13.86 -25.22 46.41
C GLU TA 2 14.23 -23.87 45.88
N SER TA 3 14.68 -23.81 44.61
CA SER TA 3 15.14 -22.65 43.87
C SER TA 3 16.56 -22.27 44.23
N SER TA 4 17.40 -21.78 43.26
CA SER TA 4 17.22 -21.69 41.81
C SER TA 4 17.24 -23.07 41.22
N THR TA 5 18.12 -23.90 41.81
CA THR TA 5 18.30 -25.32 41.60
C THR TA 5 18.80 -25.61 40.20
N ASP TA 6 20.04 -26.06 39.97
CA ASP TA 6 21.16 -26.26 40.88
C ASP TA 6 22.43 -26.00 40.12
N GLY TA 7 22.33 -25.45 38.87
CA GLY TA 7 23.50 -25.05 38.07
C GLY TA 7 23.99 -23.72 38.56
N GLN TA 8 23.27 -23.09 39.50
CA GLN TA 8 23.46 -21.76 39.98
C GLN TA 8 23.56 -21.75 41.50
N VAL TA 9 23.24 -22.90 42.17
CA VAL TA 9 23.28 -23.00 43.62
C VAL TA 9 23.71 -24.41 44.00
N VAL TA 10 24.62 -24.53 44.98
CA VAL TA 10 25.09 -25.79 45.58
C VAL TA 10 25.02 -25.43 47.07
N PRO TA 11 25.06 -26.42 48.01
CA PRO TA 11 24.85 -26.21 49.43
C PRO TA 11 25.45 -25.03 50.11
N GLN TA 12 26.79 -24.80 50.02
CA GLN TA 12 27.42 -23.72 50.79
C GLN TA 12 28.68 -23.34 50.06
N GLU TA 13 28.90 -23.85 48.84
CA GLU TA 13 30.03 -23.51 48.01
C GLU TA 13 29.64 -22.78 46.77
N VAL TA 14 28.39 -22.25 46.74
CA VAL TA 14 27.87 -21.44 45.65
C VAL TA 14 28.62 -20.13 45.48
N LEU TA 15 29.15 -19.53 46.57
CA LEU TA 15 29.94 -18.30 46.58
C LEU TA 15 31.22 -18.37 45.80
N ASN TA 16 31.91 -19.58 45.91
CA ASN TA 16 33.27 -19.70 45.44
C ASN TA 16 33.39 -20.49 44.16
N LEU TA 17 32.26 -20.73 43.40
CA LEU TA 17 32.33 -21.50 42.19
C LEU TA 17 32.84 -20.59 41.08
N PRO TA 18 33.59 -21.07 40.11
CA PRO TA 18 33.97 -20.24 38.97
C PRO TA 18 33.00 -20.46 37.85
N LEU TA 19 32.29 -19.39 37.45
CA LEU TA 19 31.33 -19.43 36.38
C LEU TA 19 31.30 -18.05 35.76
N GLU TA 20 31.03 -18.02 34.43
CA GLU TA 20 30.97 -16.83 33.62
C GLU TA 20 29.87 -15.88 34.05
N LYS TA 21 30.20 -14.55 33.96
CA LYS TA 21 29.36 -13.44 34.32
C LYS TA 21 28.13 -13.42 33.43
N ALA TA 22 26.99 -13.02 34.05
CA ALA TA 22 25.70 -12.71 33.42
C ALA TA 22 25.11 -13.80 32.58
N HIS TA 23 24.43 -13.40 31.47
CA HIS TA 23 23.65 -14.17 30.53
C HIS TA 23 22.32 -14.50 31.10
N GLU TA 24 21.35 -14.69 30.17
CA GLU TA 24 20.01 -15.13 30.41
C GLU TA 24 19.12 -13.97 30.82
N GLU TA 25 18.87 -12.95 29.98
CA GLU TA 25 19.25 -12.84 28.59
C GLU TA 25 19.80 -11.45 28.49
N ALA TA 26 19.40 -10.68 27.46
CA ALA TA 26 19.79 -9.29 27.22
C ALA TA 26 19.33 -8.37 28.30
N ASP TA 27 18.07 -8.61 28.76
CA ASP TA 27 17.49 -8.05 29.95
C ASP TA 27 18.38 -8.10 31.17
N ASP TA 28 19.11 -9.21 31.41
CA ASP TA 28 19.89 -9.40 32.62
C ASP TA 28 21.00 -8.39 32.77
N TYR TA 29 21.63 -8.05 31.63
CA TYR TA 29 22.71 -7.08 31.54
C TYR TA 29 22.24 -5.67 31.91
N LEU TA 30 21.00 -5.30 31.49
CA LEU TA 30 20.34 -4.04 31.75
C LEU TA 30 20.12 -3.86 33.21
N ASP TA 31 19.60 -4.89 33.88
CA ASP TA 31 19.42 -4.93 35.30
C ASP TA 31 20.67 -4.60 36.05
N HIS TA 32 21.81 -5.26 35.72
CA HIS TA 32 23.07 -5.13 36.39
C HIS TA 32 23.66 -3.76 36.31
N LEU TA 33 23.63 -3.07 35.15
CA LEU TA 33 24.21 -1.74 34.97
C LEU TA 33 23.51 -0.75 35.83
N LEU TA 34 22.16 -0.86 35.91
CA LEU TA 34 21.33 -0.05 36.78
C LEU TA 34 21.59 -0.30 38.25
N ASP TA 35 21.75 -1.59 38.65
CA ASP TA 35 22.03 -2.04 40.02
C ASP TA 35 23.36 -1.42 40.48
N SER TA 36 24.41 -1.45 39.63
CA SER TA 36 25.70 -0.90 39.89
C SER TA 36 25.64 0.61 40.14
N LEU TA 37 24.88 1.36 39.34
CA LEU TA 37 24.74 2.81 39.47
C LEU TA 37 24.15 3.16 40.81
N GLU TA 38 23.05 2.51 41.20
CA GLU TA 38 22.38 2.73 42.48
C GLU TA 38 23.25 2.40 43.70
N GLU TA 39 23.99 1.28 43.70
CA GLU TA 39 24.83 0.77 44.74
C GLU TA 39 25.92 1.77 45.08
N LEU TA 40 26.62 2.29 44.05
CA LEU TA 40 27.61 3.33 44.17
C LEU TA 40 27.01 4.65 44.67
N SER TA 41 25.78 4.96 44.23
CA SER TA 41 25.11 6.21 44.55
C SER TA 41 24.86 6.49 45.99
N GLU TA 42 24.49 5.45 46.80
CA GLU TA 42 23.74 5.54 48.05
C GLU TA 42 24.05 6.73 48.97
N ALA TA 43 22.94 7.41 49.30
CA ALA TA 43 22.84 8.56 50.14
C ALA TA 43 23.61 9.78 49.62
N HIS TA 44 23.55 10.03 48.30
CA HIS TA 44 24.16 11.19 47.70
C HIS TA 44 23.22 11.63 46.58
N PRO TA 45 22.80 12.87 46.50
CA PRO TA 45 22.02 13.34 45.39
C PRO TA 45 22.93 14.03 44.37
N ASP TA 46 24.21 14.29 44.78
CA ASP TA 46 25.16 15.02 43.97
C ASP TA 46 25.52 14.30 42.71
N CYS TA 47 25.71 12.97 42.84
CA CYS TA 47 26.05 12.13 41.71
C CYS TA 47 24.89 11.91 40.76
N ILE TA 48 23.70 11.50 41.29
CA ILE TA 48 22.51 11.42 40.52
C ILE TA 48 21.41 11.84 41.48
N PRO TA 49 20.50 12.71 41.02
CA PRO TA 49 19.23 12.90 41.65
C PRO TA 49 18.12 12.36 40.76
N ASP TA 50 18.35 11.33 39.91
CA ASP TA 50 17.25 10.72 39.20
C ASP TA 50 17.82 9.48 38.52
N VAL TA 51 16.86 8.65 38.05
CA VAL TA 51 17.01 7.66 37.00
C VAL TA 51 15.80 7.89 36.15
N GLU TA 52 15.94 7.94 34.80
CA GLU TA 52 14.75 7.93 33.98
C GLU TA 52 14.89 6.85 32.95
N LEU TA 53 13.91 5.93 32.91
CA LEU TA 53 13.85 4.91 31.91
C LEU TA 53 12.64 5.24 31.10
N SER TA 54 12.87 5.47 29.80
CA SER TA 54 11.83 5.89 28.87
C SER TA 54 11.50 4.70 28.01
N HIS TA 55 12.06 4.63 26.78
CA HIS TA 55 11.74 3.55 25.87
C HIS TA 55 12.98 3.33 25.05
N GLY TA 56 14.01 2.76 25.71
CA GLY TA 56 15.29 2.55 25.13
C GLY TA 56 16.23 3.73 25.19
N VAL TA 57 15.86 4.75 25.98
CA VAL TA 57 16.62 5.95 26.21
C VAL TA 57 16.68 6.00 27.70
N MET TA 58 17.90 6.24 28.28
CA MET TA 58 18.15 6.30 29.69
C MET TA 58 18.90 7.59 29.96
N THR TA 59 18.33 8.41 30.91
CA THR TA 59 18.96 9.64 31.31
C THR TA 59 19.43 9.44 32.70
N LEU TA 60 20.68 9.91 32.96
CA LEU TA 60 21.24 9.99 34.30
C LEU TA 60 21.76 11.36 34.30
N GLU TA 61 21.02 12.24 34.96
CA GLU TA 61 21.34 13.59 35.28
C GLU TA 61 22.40 13.66 36.32
N ILE TA 62 23.52 14.36 36.04
CA ILE TA 62 24.56 14.58 36.98
C ILE TA 62 24.59 16.11 36.89
N PRO TA 63 24.01 16.86 37.84
CA PRO TA 63 24.07 18.32 37.86
C PRO TA 63 25.40 18.89 38.14
N ALA TA 64 26.25 18.29 39.01
CA ALA TA 64 27.40 18.96 39.50
C ALA TA 64 28.67 18.56 38.80
N PHE TA 65 28.60 17.66 37.79
CA PHE TA 65 29.83 17.19 37.18
C PHE TA 65 29.74 16.80 35.74
N GLY TA 66 28.54 16.94 35.14
CA GLY TA 66 28.22 16.56 33.78
C GLY TA 66 27.90 15.10 33.62
N THR TA 67 26.94 14.86 32.69
CA THR TA 67 26.32 13.58 32.39
C THR TA 67 27.19 12.67 31.55
N TYR TA 68 26.68 11.44 31.37
CA TYR TA 68 27.27 10.46 30.53
C TYR TA 68 26.13 9.48 30.37
N VAL TA 69 25.01 10.02 29.76
CA VAL TA 69 23.76 9.34 29.48
C VAL TA 69 24.02 8.13 28.62
N ILE TA 70 23.20 7.04 28.69
CA ILE TA 70 23.49 5.83 27.92
C ILE TA 70 22.25 5.54 27.14
N ASN TA 71 22.40 4.80 26.03
CA ASN TA 71 21.29 4.57 25.08
C ASN TA 71 21.51 3.21 24.49
N LYS TA 72 20.38 2.59 23.99
CA LYS TA 72 20.44 1.39 23.21
C LYS TA 72 20.49 1.79 21.76
N GLN TA 73 21.33 1.12 20.98
CA GLN TA 73 21.52 1.43 19.59
C GLN TA 73 20.77 0.41 18.78
N PRO TA 74 20.42 0.68 17.52
CA PRO TA 74 19.79 -0.25 16.58
C PRO TA 74 20.57 -1.52 16.38
N PRO TA 75 19.96 -2.63 15.92
CA PRO TA 75 20.54 -3.97 15.83
C PRO TA 75 21.93 -4.07 15.27
N ASN TA 76 22.73 -4.98 15.85
CA ASN TA 76 24.14 -5.20 15.62
C ASN TA 76 24.94 -4.13 16.32
N LYS TA 77 25.78 -4.54 17.30
CA LYS TA 77 26.64 -3.68 18.14
C LYS TA 77 25.82 -2.78 18.99
N GLN TA 78 24.72 -3.34 19.60
CA GLN TA 78 23.75 -2.63 20.38
C GLN TA 78 24.34 -2.16 21.69
N ILE TA 79 23.81 -1.00 22.18
CA ILE TA 79 24.20 -0.43 23.46
C ILE TA 79 25.62 0.08 23.38
N TRP TA 80 25.91 1.04 24.24
CA TRP TA 80 27.25 1.57 24.40
C TRP TA 80 27.22 2.34 25.71
N LEU TA 81 28.38 2.64 26.26
CA LEU TA 81 28.43 3.59 27.34
C LEU TA 81 28.84 4.90 26.68
N ALA TA 82 27.90 5.82 26.51
CA ALA TA 82 28.25 7.11 25.98
C ALA TA 82 28.75 7.97 27.05
N SER TA 83 29.76 8.80 26.71
CA SER TA 83 30.47 9.55 27.73
C SER TA 83 31.14 10.71 27.01
N PRO TA 84 31.58 11.71 27.74
CA PRO TA 84 32.24 12.86 27.20
C PRO TA 84 33.75 12.64 27.28
N LEU TA 85 34.27 11.41 27.60
CA LEU TA 85 35.68 11.13 27.77
C LEU TA 85 36.24 10.45 26.59
N SER TA 86 35.41 10.12 25.58
CA SER TA 86 35.88 9.38 24.44
C SER TA 86 35.00 9.66 23.26
N GLY TA 87 33.82 10.29 23.45
CA GLY TA 87 32.83 10.49 22.42
C GLY TA 87 32.27 9.16 21.91
N PRO TA 88 31.40 9.19 20.88
CA PRO TA 88 30.73 8.05 20.28
C PRO TA 88 31.62 6.86 19.99
N ASN TA 89 31.08 5.65 20.20
CA ASN TA 89 31.66 4.38 19.90
C ASN TA 89 30.44 3.48 19.84
N ARG TA 90 30.63 2.14 19.60
CA ARG TA 90 29.59 1.19 19.79
C ARG TA 90 30.27 0.10 20.54
N PHE TA 91 29.48 -0.94 20.97
CA PHE TA 91 29.91 -1.81 22.05
C PHE TA 91 29.36 -3.17 21.75
N ASP TA 92 30.20 -4.24 21.86
CA ASP TA 92 29.80 -5.59 21.64
C ASP TA 92 30.44 -6.45 22.70
N LEU TA 93 29.83 -7.65 23.03
CA LEU TA 93 30.33 -8.69 23.89
C LEU TA 93 31.61 -9.22 23.33
N LEU TA 94 32.63 -9.52 24.15
CA LEU TA 94 33.88 -10.10 23.66
C LEU TA 94 34.18 -11.34 24.46
N ASN TA 95 33.72 -11.45 25.74
CA ASN TA 95 33.98 -12.62 26.49
C ASN TA 95 32.90 -12.90 27.50
N GLY TA 96 31.65 -13.00 26.98
CA GLY TA 96 30.48 -13.44 27.76
C GLY TA 96 29.90 -12.35 28.58
N GLU TA 97 30.43 -11.13 28.34
CA GLU TA 97 30.03 -9.93 29.01
C GLU TA 97 30.40 -8.85 28.04
N TRP TA 98 29.68 -7.71 28.03
CA TRP TA 98 29.92 -6.54 27.21
C TRP TA 98 31.28 -5.97 27.54
N VAL TA 99 32.06 -5.65 26.49
CA VAL TA 99 33.42 -5.26 26.63
C VAL TA 99 33.63 -4.15 25.62
N SER TA 100 34.61 -3.24 25.90
CA SER TA 100 35.03 -2.17 25.03
C SER TA 100 35.75 -2.67 23.83
N LEU TA 101 35.51 -1.90 22.76
CA LEU TA 101 36.07 -2.12 21.45
C LEU TA 101 37.11 -1.05 21.21
N ARG TA 102 37.77 -0.60 22.30
CA ARG TA 102 38.70 0.50 22.26
C ARG TA 102 39.54 0.46 23.49
N ASN TA 103 39.20 -0.38 24.48
CA ASN TA 103 39.97 -0.49 25.70
C ASN TA 103 40.06 -1.92 26.22
N GLY TA 104 39.13 -2.77 25.73
CA GLY TA 104 39.08 -4.19 26.07
C GLY TA 104 38.43 -4.47 27.42
N THR TA 105 37.80 -3.43 28.07
CA THR TA 105 37.31 -3.47 29.44
C THR TA 105 35.87 -3.07 29.43
N LYS TA 106 35.07 -3.79 30.25
CA LYS TA 106 33.63 -3.69 30.49
C LYS TA 106 33.09 -2.32 30.72
N LEU TA 107 31.81 -2.12 30.36
CA LEU TA 107 31.01 -0.93 30.56
C LEU TA 107 30.87 -0.65 32.04
N THR TA 108 30.76 -1.71 32.89
CA THR TA 108 30.51 -1.69 34.30
C THR TA 108 31.63 -0.95 35.02
N ASP TA 109 32.90 -1.16 34.61
CA ASP TA 109 34.12 -0.52 35.08
C ASP TA 109 34.05 0.97 35.04
N ILE TA 110 33.48 1.56 33.96
CA ILE TA 110 33.38 2.96 33.72
C ILE TA 110 32.48 3.56 34.78
N LEU TA 111 31.36 2.86 35.08
CA LEU TA 111 30.41 3.27 36.08
C LEU TA 111 30.93 3.20 37.47
N THR TA 112 31.53 2.08 37.90
CA THR TA 112 32.20 1.85 39.18
C THR TA 112 33.07 2.99 39.57
N GLU TA 113 34.12 3.26 38.75
CA GLU TA 113 35.04 4.33 38.96
C GLU TA 113 34.40 5.68 39.08
N GLU TA 114 33.55 6.10 38.08
CA GLU TA 114 33.12 7.49 37.96
C GLU TA 114 32.09 7.92 38.99
N VAL TA 115 31.10 7.06 39.31
CA VAL TA 115 30.15 7.32 40.39
C VAL TA 115 30.83 7.36 41.74
N GLU TA 116 31.80 6.43 41.96
CA GLU TA 116 32.55 6.34 43.19
C GLU TA 116 33.38 7.53 43.48
N LYS TA 117 33.99 8.14 42.42
CA LYS TA 117 34.88 9.27 42.48
C LYS TA 117 34.12 10.48 43.03
N ALA TA 118 32.81 10.60 42.67
CA ALA TA 118 31.95 11.73 43.08
C ALA TA 118 31.79 11.85 44.58
N ILE TA 119 31.64 10.72 45.28
CA ILE TA 119 31.57 10.52 46.70
C ILE TA 119 32.71 11.16 47.45
N SER TA 120 33.94 11.17 46.86
CA SER TA 120 35.16 11.63 47.48
C SER TA 120 35.10 13.05 48.04
N LYS TA 121 34.90 14.07 47.18
CA LYS TA 121 34.80 15.43 47.61
C LYS TA 121 33.52 16.01 47.02
N GLY UA 1 51.69 -7.74 -16.01
CA GLY UA 1 52.68 -8.84 -16.17
C GLY UA 1 53.89 -8.34 -16.89
N SER UA 2 55.00 -8.20 -16.14
CA SER UA 2 56.28 -7.80 -16.65
C SER UA 2 57.33 -8.56 -15.90
N HIS UA 3 58.58 -8.57 -16.49
CA HIS UA 3 59.74 -9.26 -15.92
C HIS UA 3 60.12 -8.73 -14.56
N MET UA 4 60.60 -9.63 -13.67
CA MET UA 4 60.96 -9.32 -12.32
C MET UA 4 62.25 -8.55 -12.21
N SER UA 5 63.40 -8.93 -12.84
CA SER UA 5 63.76 -10.18 -13.51
C SER UA 5 64.40 -11.05 -12.51
N SER UA 6 63.99 -12.35 -12.48
CA SER UA 6 64.49 -13.28 -11.50
C SER UA 6 64.30 -14.65 -12.08
N ILE UA 7 63.82 -14.76 -13.32
CA ILE UA 7 63.74 -15.97 -14.08
C ILE UA 7 65.07 -16.03 -14.78
N THR UA 8 65.78 -17.13 -14.54
CA THR UA 8 67.13 -17.45 -15.02
C THR UA 8 68.14 -16.47 -14.52
N LYS UA 9 68.08 -16.13 -13.20
CA LYS UA 9 68.97 -15.24 -12.51
C LYS UA 9 69.18 -15.87 -11.15
N ARG UA 10 70.44 -16.02 -10.61
CA ARG UA 10 71.73 -15.75 -11.19
C ARG UA 10 72.53 -17.01 -10.99
N LEU UA 11 73.25 -17.43 -12.07
CA LEU UA 11 74.26 -18.44 -12.16
C LEU UA 11 73.82 -19.87 -12.03
N TYR UA 12 72.60 -20.21 -11.52
CA TYR UA 12 72.06 -21.55 -11.45
C TYR UA 12 71.74 -22.13 -12.85
N HIS UA 13 71.11 -21.43 -13.85
CA HIS UA 13 70.68 -20.04 -13.89
C HIS UA 13 69.56 -19.65 -13.00
N PRO UA 14 68.41 -20.29 -12.80
CA PRO UA 14 67.38 -19.75 -11.92
C PRO UA 14 67.56 -20.19 -10.49
N LYS UA 15 67.68 -19.19 -9.57
CA LYS UA 15 67.84 -19.21 -8.13
C LYS UA 15 69.27 -18.98 -7.83
N VAL UA 16 69.55 -18.45 -6.61
CA VAL UA 16 70.82 -18.09 -6.07
C VAL UA 16 71.37 -19.25 -5.26
N ILE UA 17 70.57 -20.34 -5.16
CA ILE UA 17 70.90 -21.51 -4.37
C ILE UA 17 72.17 -22.12 -4.86
N GLU UA 18 72.39 -22.24 -6.20
CA GLU UA 18 73.61 -22.81 -6.74
C GLU UA 18 74.82 -21.98 -6.40
N HIS UA 19 74.74 -20.65 -6.46
CA HIS UA 19 75.86 -19.79 -6.15
C HIS UA 19 76.24 -19.90 -4.70
N TYR UA 20 75.23 -19.96 -3.78
CA TYR UA 20 75.52 -20.22 -2.38
C TYR UA 20 76.08 -21.58 -2.03
N THR UA 21 75.49 -22.62 -2.65
CA THR UA 21 75.75 -24.01 -2.31
C THR UA 21 75.92 -24.72 -3.61
N HIS UA 22 77.05 -25.37 -3.95
CA HIS UA 22 78.31 -25.67 -3.27
C HIS UA 22 78.08 -26.58 -2.08
N PRO UA 23 77.85 -27.92 -2.21
CA PRO UA 23 77.87 -28.74 -3.44
C PRO UA 23 76.68 -28.40 -4.32
N ARG UA 24 76.90 -28.30 -5.63
CA ARG UA 24 75.89 -27.87 -6.57
C ARG UA 24 75.63 -28.95 -7.61
N ASN UA 25 74.35 -29.42 -7.76
CA ASN UA 25 73.17 -29.01 -7.03
C ASN UA 25 73.07 -29.56 -5.62
N VAL UA 26 73.39 -30.82 -5.25
CA VAL UA 26 73.61 -31.99 -6.07
C VAL UA 26 72.37 -32.90 -5.90
N GLY UA 27 71.49 -32.52 -4.94
CA GLY UA 27 70.24 -33.16 -4.66
C GLY UA 27 70.46 -34.44 -3.85
N SER UA 28 71.71 -34.65 -3.40
CA SER UA 28 72.07 -35.69 -2.47
C SER UA 28 72.74 -35.02 -1.30
N LEU UA 29 72.80 -33.68 -1.35
CA LEU UA 29 73.43 -32.85 -0.35
C LEU UA 29 72.67 -32.95 0.95
N ASP UA 30 73.41 -32.87 2.11
CA ASP UA 30 72.82 -33.07 3.43
C ASP UA 30 73.07 -31.83 4.19
N LYS UA 31 72.04 -31.34 4.89
CA LYS UA 31 72.08 -30.14 5.69
C LYS UA 31 72.15 -30.63 7.10
N LYS UA 32 73.23 -30.33 7.81
CA LYS UA 32 73.44 -30.83 9.11
C LYS UA 32 74.29 -29.77 9.79
N LEU UA 33 74.27 -29.62 11.13
CA LEU UA 33 73.50 -30.32 12.11
C LEU UA 33 72.25 -29.55 12.42
N PRO UA 34 72.22 -28.30 12.86
CA PRO UA 34 70.98 -27.67 13.33
C PRO UA 34 70.03 -27.26 12.28
N ASN UA 35 68.73 -27.22 12.65
CA ASN UA 35 67.68 -26.70 11.77
C ASN UA 35 67.61 -25.21 12.04
N VAL UA 36 66.88 -24.46 11.19
CA VAL UA 36 66.77 -23.02 11.23
C VAL UA 36 65.47 -22.69 11.94
N GLY UA 37 64.69 -23.68 12.42
CA GLY UA 37 63.47 -23.48 13.15
C GLY UA 37 62.42 -22.67 12.45
N THR UA 38 61.42 -22.17 13.20
CA THR UA 38 60.27 -21.43 12.79
C THR UA 38 59.51 -22.07 11.66
N GLY UA 39 58.69 -21.26 10.91
CA GLY UA 39 57.84 -21.73 9.87
C GLY UA 39 58.54 -22.41 8.76
N LEU UA 40 58.06 -23.59 8.39
CA LEU UA 40 58.61 -24.38 7.31
C LEU UA 40 57.43 -25.04 6.61
N VAL UA 41 57.50 -25.11 5.27
CA VAL UA 41 56.50 -25.71 4.42
C VAL UA 41 57.25 -26.24 3.20
N GLY UA 42 56.76 -27.32 2.58
CA GLY UA 42 57.40 -27.84 1.41
C GLY UA 42 56.68 -29.01 0.92
N ALA UA 43 56.53 -28.99 -0.42
CA ALA UA 43 55.87 -30.01 -1.17
C ALA UA 43 56.85 -30.47 -2.17
N PRO UA 44 57.29 -31.75 -2.25
CA PRO UA 44 58.20 -32.20 -3.29
C PRO UA 44 57.37 -32.51 -4.51
N ALA UA 45 56.04 -32.64 -4.36
CA ALA UA 45 55.14 -32.94 -5.43
C ALA UA 45 55.06 -31.79 -6.40
N CYS UA 46 54.95 -30.57 -5.84
CA CYS UA 46 54.98 -29.28 -6.47
C CYS UA 46 56.36 -28.94 -6.92
N GLY UA 47 57.34 -29.36 -6.09
CA GLY UA 47 58.76 -29.15 -6.34
C GLY UA 47 59.24 -27.81 -5.81
N ASP UA 48 58.35 -27.06 -5.12
CA ASP UA 48 58.67 -25.76 -4.54
C ASP UA 48 58.56 -25.93 -3.07
N VAL UA 49 59.60 -25.42 -2.35
CA VAL UA 49 59.71 -25.48 -0.90
C VAL UA 49 60.03 -24.05 -0.53
N MET UA 50 59.44 -23.55 0.59
CA MET UA 50 59.68 -22.22 1.08
C MET UA 50 59.78 -22.27 2.57
N ARG UA 51 60.59 -21.34 3.17
CA ARG UA 51 60.76 -21.33 4.61
C ARG UA 51 60.91 -19.88 4.95
N LEU UA 52 59.89 -19.33 5.68
CA LEU UA 52 59.89 -17.94 6.12
C LEU UA 52 60.21 -17.92 7.60
N GLN UA 53 61.23 -17.08 7.97
CA GLN UA 53 61.70 -16.93 9.32
C GLN UA 53 61.38 -15.54 9.71
N ILE UA 54 60.46 -15.36 10.67
CA ILE UA 54 60.20 -14.08 11.29
C ILE UA 54 61.08 -13.91 12.49
N LYS UA 55 61.45 -12.64 12.81
CA LYS UA 55 61.94 -12.26 14.11
C LYS UA 55 61.03 -11.18 14.56
N VAL UA 56 60.58 -11.22 15.82
CA VAL UA 56 59.52 -10.33 16.26
C VAL UA 56 60.00 -9.86 17.60
N ASN UA 57 60.02 -8.52 17.77
CA ASN UA 57 60.08 -7.86 19.02
C ASN UA 57 58.76 -7.99 19.67
N ASP UA 58 58.67 -8.77 20.77
CA ASP UA 58 57.45 -8.95 21.52
C ASP UA 58 56.96 -7.64 22.10
N SER UA 59 57.90 -6.79 22.56
CA SER UA 59 57.62 -5.58 23.30
C SER UA 59 56.78 -4.59 22.55
N THR UA 60 57.06 -4.39 21.22
CA THR UA 60 56.38 -3.36 20.44
C THR UA 60 55.47 -4.00 19.43
N GLY UA 61 55.62 -5.34 19.24
CA GLY UA 61 54.85 -6.11 18.27
C GLY UA 61 55.37 -5.92 16.88
N VAL UA 62 56.58 -5.38 16.70
CA VAL UA 62 57.13 -4.97 15.42
C VAL UA 62 57.98 -6.10 14.92
N ILE UA 63 57.88 -6.37 13.60
CA ILE UA 63 58.67 -7.37 12.91
C ILE UA 63 59.97 -6.72 12.61
N GLU UA 64 61.06 -7.15 13.32
CA GLU UA 64 62.39 -6.67 13.19
C GLU UA 64 62.97 -7.04 11.82
N ASP UA 65 62.76 -8.31 11.42
CA ASP UA 65 63.29 -8.80 10.18
C ASP UA 65 62.41 -9.95 9.83
N VAL UA 66 62.41 -10.28 8.51
CA VAL UA 66 61.84 -11.50 8.04
C VAL UA 66 62.68 -11.78 6.83
N LYS UA 67 63.20 -13.03 6.77
CA LYS UA 67 64.05 -13.52 5.73
C LYS UA 67 63.33 -14.70 5.13
N PHE UA 68 63.75 -15.12 3.91
CA PHE UA 68 63.06 -16.14 3.19
C PHE UA 68 64.05 -17.09 2.61
N LYS UA 69 63.54 -18.29 2.27
CA LYS UA 69 64.13 -19.25 1.40
C LYS UA 69 63.15 -19.48 0.30
N THR UA 70 63.60 -19.58 -0.99
CA THR UA 70 62.77 -19.93 -2.12
C THR UA 70 63.47 -21.08 -2.81
N PHE UA 71 62.73 -22.17 -3.07
CA PHE UA 71 63.13 -23.25 -3.91
C PHE UA 71 61.96 -23.31 -4.84
N GLY UA 72 62.25 -23.50 -6.17
CA GLY UA 72 61.21 -23.65 -7.16
C GLY UA 72 61.45 -22.60 -8.18
N CYS UA 73 60.36 -21.99 -8.66
CA CYS UA 73 60.29 -21.00 -9.76
C CYS UA 73 61.18 -19.80 -9.55
N GLY UA 74 61.64 -19.22 -10.68
CA GLY UA 74 62.55 -18.08 -10.73
C GLY UA 74 61.81 -16.85 -10.29
N SER UA 75 60.55 -16.71 -10.75
CA SER UA 75 59.63 -15.61 -10.49
C SER UA 75 59.31 -15.52 -9.01
N ALA UA 76 59.27 -16.66 -8.31
CA ALA UA 76 58.89 -16.77 -6.91
C ALA UA 76 59.84 -16.13 -5.95
N ILE UA 77 61.17 -16.03 -6.32
CA ILE UA 77 62.24 -15.44 -5.48
C ILE UA 77 61.93 -13.99 -5.20
N ALA UA 78 61.47 -13.30 -6.26
CA ALA UA 78 61.10 -11.91 -6.29
C ALA UA 78 59.89 -11.58 -5.42
N SER UA 79 58.95 -12.55 -5.33
CA SER UA 79 57.72 -12.43 -4.58
C SER UA 79 57.93 -12.44 -3.13
N SER UA 80 58.77 -13.42 -2.70
CA SER UA 80 59.20 -13.62 -1.33
C SER UA 80 59.91 -12.39 -0.83
N SER UA 81 60.83 -11.82 -1.66
CA SER UA 81 61.48 -10.55 -1.43
C SER UA 81 60.46 -9.45 -1.17
N TYR UA 82 59.49 -9.25 -2.09
CA TYR UA 82 58.60 -8.11 -2.03
C TYR UA 82 57.73 -8.10 -0.81
N MET UA 83 57.24 -9.30 -0.40
CA MET UA 83 56.44 -9.44 0.79
C MET UA 83 57.22 -9.13 2.05
N THR UA 84 58.46 -9.67 2.17
CA THR UA 84 59.30 -9.44 3.33
C THR UA 84 59.73 -8.00 3.53
N GLU UA 85 59.96 -7.24 2.45
CA GLU UA 85 60.21 -5.81 2.49
C GLU UA 85 59.03 -5.06 3.20
N LEU UA 86 57.78 -5.30 2.73
CA LEU UA 86 56.61 -4.69 3.27
C LEU UA 86 56.32 -5.05 4.71
N VAL UA 87 56.50 -6.33 5.08
CA VAL UA 87 56.34 -6.83 6.41
C VAL UA 87 57.32 -6.22 7.40
N GLN UA 88 58.61 -6.01 7.04
CA GLN UA 88 59.59 -5.33 7.88
C GLN UA 88 59.25 -3.88 8.04
N GLY UA 89 59.48 -3.35 9.27
CA GLY UA 89 59.15 -1.99 9.58
C GLY UA 89 57.69 -1.77 9.85
N MET UA 90 56.93 -2.87 10.05
CA MET UA 90 55.51 -2.83 10.06
C MET UA 90 55.07 -3.90 11.04
N THR UA 91 53.79 -3.79 11.51
CA THR UA 91 53.12 -4.60 12.49
C THR UA 91 53.13 -6.09 12.24
N LEU UA 92 52.94 -6.86 13.33
CA LEU UA 92 52.88 -8.29 13.42
C LEU UA 92 51.71 -8.79 12.59
N ASP UA 93 50.60 -8.03 12.61
CA ASP UA 93 49.39 -8.39 11.91
C ASP UA 93 49.55 -8.49 10.41
N ASP UA 94 50.22 -7.49 9.78
CA ASP UA 94 50.67 -7.43 8.40
C ASP UA 94 51.38 -8.69 7.95
N ALA UA 95 52.27 -9.26 8.81
CA ALA UA 95 53.09 -10.43 8.57
C ALA UA 95 52.22 -11.64 8.39
N ALA UA 96 51.19 -11.76 9.25
CA ALA UA 96 50.22 -12.82 9.24
C ALA UA 96 49.32 -12.73 8.01
N LYS UA 97 48.78 -13.91 7.62
CA LYS UA 97 47.82 -14.20 6.57
C LYS UA 97 48.09 -13.80 5.17
N ILE UA 98 49.37 -13.48 4.81
CA ILE UA 98 49.81 -13.10 3.47
C ILE UA 98 49.24 -14.03 2.43
N LYS UA 99 48.37 -13.45 1.60
CA LYS UA 99 47.64 -14.09 0.56
C LYS UA 99 48.57 -14.59 -0.53
N ASN UA 100 48.25 -15.64 -1.34
CA ASN UA 100 47.01 -16.07 -1.99
C ASN UA 100 46.84 -15.14 -3.11
N THR UA 101 45.97 -14.11 -2.95
CA THR UA 101 45.71 -13.05 -3.91
C THR UA 101 46.95 -12.23 -4.13
N GLU UA 102 47.67 -11.90 -3.02
CA GLU UA 102 48.91 -11.20 -3.04
C GLU UA 102 50.01 -11.91 -3.75
N ILE UA 103 50.17 -13.24 -3.55
CA ILE UA 103 51.13 -14.05 -4.26
C ILE UA 103 50.80 -14.03 -5.73
N ALA UA 104 49.52 -14.17 -6.11
CA ALA UA 104 49.10 -14.28 -7.49
C ALA UA 104 49.40 -13.03 -8.30
N LYS UA 105 49.16 -11.82 -7.69
CA LYS UA 105 49.40 -10.52 -8.32
C LYS UA 105 50.86 -10.28 -8.58
N GLU UA 106 51.71 -10.69 -7.59
CA GLU UA 106 53.12 -10.42 -7.56
C GLU UA 106 53.83 -11.08 -8.67
N LEU UA 107 53.47 -12.36 -8.95
CA LEU UA 107 54.18 -13.19 -9.91
C LEU UA 107 54.10 -12.58 -11.29
N SER UA 108 52.92 -12.10 -11.74
CA SER UA 108 52.85 -11.39 -12.99
C SER UA 108 51.56 -10.64 -13.02
N LEU UA 109 50.50 -11.25 -13.61
CA LEU UA 109 49.14 -10.82 -13.52
C LEU UA 109 48.51 -12.03 -12.89
N PRO UA 110 47.47 -11.97 -12.04
CA PRO UA 110 47.05 -13.11 -11.28
C PRO UA 110 46.27 -14.06 -12.16
N PRO UA 111 46.36 -15.41 -12.09
CA PRO UA 111 45.41 -16.28 -12.79
C PRO UA 111 44.21 -16.53 -11.89
N VAL UA 112 44.37 -16.20 -10.59
CA VAL UA 112 43.57 -16.53 -9.42
C VAL UA 112 43.28 -18.03 -9.28
N LYS UA 113 43.32 -18.48 -8.01
CA LYS UA 113 43.17 -19.83 -7.54
C LYS UA 113 44.21 -20.74 -8.13
N LEU UA 114 45.48 -20.33 -8.01
CA LEU UA 114 46.64 -21.02 -8.50
C LEU UA 114 47.17 -22.02 -7.55
N HIS UA 115 48.11 -22.88 -8.04
CA HIS UA 115 48.71 -23.88 -7.21
C HIS UA 115 50.00 -24.20 -7.89
N CYS UA 116 50.89 -24.87 -7.13
CA CYS UA 116 52.22 -25.39 -7.46
C CYS UA 116 53.12 -24.37 -8.04
N SER UA 117 53.19 -23.23 -7.27
CA SER UA 117 53.91 -22.08 -7.64
C SER UA 117 54.64 -21.59 -6.45
N MET UA 118 53.90 -21.26 -5.39
CA MET UA 118 54.47 -20.73 -4.21
C MET UA 118 53.66 -21.20 -3.04
N LEU UA 119 54.36 -21.53 -1.95
CA LEU UA 119 53.83 -22.04 -0.71
C LEU UA 119 53.73 -21.00 0.36
N ALA UA 120 54.13 -19.75 0.06
CA ALA UA 120 54.45 -18.72 1.03
C ALA UA 120 53.34 -18.43 2.03
N GLU UA 121 52.05 -18.55 1.62
CA GLU UA 121 50.90 -18.37 2.48
C GLU UA 121 50.86 -19.34 3.63
N ASP UA 122 51.06 -20.64 3.31
CA ASP UA 122 51.18 -21.72 4.30
C ASP UA 122 52.39 -21.58 5.17
N ALA UA 123 53.50 -21.07 4.57
CA ALA UA 123 54.79 -20.91 5.23
C ALA UA 123 54.66 -19.93 6.37
N ILE UA 124 54.03 -18.77 6.11
CA ILE UA 124 53.79 -17.73 7.09
C ILE UA 124 52.87 -18.20 8.18
N LYS UA 125 51.80 -18.97 7.85
CA LYS UA 125 50.87 -19.58 8.80
C LYS UA 125 51.58 -20.45 9.79
N ALA UA 126 52.56 -21.26 9.32
CA ALA UA 126 53.42 -22.10 10.14
C ALA UA 126 54.19 -21.34 11.19
N ALA UA 127 54.83 -20.20 10.76
CA ALA UA 127 55.60 -19.29 11.54
C ALA UA 127 54.84 -18.58 12.64
N ILE UA 128 53.62 -18.04 12.32
CA ILE UA 128 52.78 -17.27 13.25
C ILE UA 128 52.15 -18.15 14.28
N LYS UA 129 51.78 -19.39 13.91
CA LYS UA 129 51.25 -20.41 14.79
C LYS UA 129 52.30 -20.88 15.79
N ASP UA 130 53.55 -21.09 15.31
CA ASP UA 130 54.73 -21.47 16.08
C ASP UA 130 54.98 -20.42 17.14
N TYR UA 131 54.92 -19.15 16.69
CA TYR UA 131 54.99 -17.95 17.49
C TYR UA 131 53.96 -17.93 18.58
N LYS UA 132 52.68 -18.26 18.30
CA LYS UA 132 51.62 -18.31 19.29
C LYS UA 132 51.94 -19.24 20.44
N SER UA 133 52.53 -20.45 20.16
CA SER UA 133 52.92 -21.47 21.10
C SER UA 133 54.00 -20.97 22.02
N LYS UA 134 55.04 -20.28 21.49
CA LYS UA 134 56.14 -19.69 22.25
C LYS UA 134 55.74 -18.50 23.06
N ARG UA 135 54.75 -17.71 22.58
CA ARG UA 135 54.10 -16.67 23.36
C ARG UA 135 53.31 -17.21 24.49
N ASN UA 136 52.69 -18.40 24.24
CA ASN UA 136 51.89 -19.13 25.21
C ASN UA 136 50.50 -18.53 25.26
N THR UA 137 49.81 -18.58 24.09
CA THR UA 137 48.45 -18.13 23.95
C THR UA 137 47.84 -18.78 22.73
N PRO UA 138 47.62 -20.08 22.70
CA PRO UA 138 47.07 -20.73 21.52
C PRO UA 138 45.56 -20.84 21.70
N THR UA 139 44.95 -20.03 22.62
CA THR UA 139 43.57 -20.12 23.01
C THR UA 139 42.76 -19.32 22.06
N MET UA 140 43.44 -18.45 21.27
CA MET UA 140 42.81 -17.63 20.27
C MET UA 140 43.08 -18.17 18.88
N LEU UA 141 43.75 -19.36 18.78
CA LEU UA 141 44.04 -20.04 17.53
C LEU UA 141 42.78 -20.61 16.97
N SER UA 142 41.87 -21.09 17.83
CA SER UA 142 40.57 -21.57 17.51
C SER UA 142 39.68 -20.53 16.83
N VAL VA 1 38.89 26.88 27.87
CA VAL VA 1 39.20 25.55 28.49
C VAL VA 1 39.97 24.69 27.52
N GLU VA 2 40.41 23.48 27.99
CA GLU VA 2 41.15 22.53 27.20
C GLU VA 2 40.15 21.62 26.57
N SER VA 3 40.01 21.83 25.24
CA SER VA 3 39.03 21.08 24.47
C SER VA 3 39.62 20.91 23.08
N SER VA 4 39.43 19.74 22.40
CA SER VA 4 38.65 18.59 22.82
C SER VA 4 39.38 17.79 23.83
N THR VA 5 40.72 17.67 23.64
CA THR VA 5 41.73 17.00 24.44
C THR VA 5 41.45 15.55 24.76
N ASP VA 6 42.48 14.72 25.19
CA ASP VA 6 43.87 14.97 25.45
C ASP VA 6 44.62 15.25 24.17
N GLY VA 7 45.50 16.28 24.24
CA GLY VA 7 46.39 16.61 23.16
C GLY VA 7 45.85 17.40 22.02
N GLN VA 8 44.58 17.86 22.04
CA GLN VA 8 44.00 18.55 20.92
C GLN VA 8 44.50 19.98 20.80
N VAL VA 9 44.53 20.70 21.94
CA VAL VA 9 44.91 22.08 22.01
C VAL VA 9 46.35 22.23 21.57
N VAL VA 10 47.26 21.39 22.07
CA VAL VA 10 48.66 21.38 21.75
C VAL VA 10 49.01 19.93 21.85
N PRO VA 11 49.79 19.36 20.93
CA PRO VA 11 50.15 17.97 20.97
C PRO VA 11 50.99 17.65 22.18
N GLN VA 12 52.01 18.48 22.52
CA GLN VA 12 52.89 18.27 23.64
C GLN VA 12 53.69 17.00 23.49
N GLU VA 13 54.09 16.70 22.25
CA GLU VA 13 54.79 15.52 21.81
C GLU VA 13 54.31 14.26 22.37
N VAL VA 14 53.00 14.04 22.21
CA VAL VA 14 52.30 12.89 22.76
C VAL VA 14 52.02 11.92 21.67
N LEU VA 15 52.47 12.18 20.42
CA LEU VA 15 52.23 11.32 19.29
C LEU VA 15 53.29 10.24 19.30
N ASN VA 16 54.35 10.43 20.10
CA ASN VA 16 55.40 9.47 20.26
C ASN VA 16 55.30 8.88 21.63
N LEU VA 17 54.36 9.36 22.46
CA LEU VA 17 54.08 8.77 23.76
C LEU VA 17 52.79 8.01 23.50
N PRO VA 18 52.37 7.06 24.33
CA PRO VA 18 51.13 6.30 24.17
C PRO VA 18 49.92 7.14 24.00
N LEU VA 19 49.00 6.71 23.14
CA LEU VA 19 47.77 7.34 22.84
C LEU VA 19 46.83 6.24 22.52
N GLU VA 20 45.53 6.55 22.56
CA GLU VA 20 44.48 5.67 22.15
C GLU VA 20 44.25 6.00 20.72
N LYS VA 21 43.97 4.96 19.90
CA LYS VA 21 43.72 5.01 18.48
C LYS VA 21 42.58 5.91 18.15
N ALA VA 22 41.47 5.70 18.93
CA ALA VA 22 40.23 6.47 18.85
C ALA VA 22 39.35 6.00 17.70
N HIS VA 23 38.09 5.61 17.98
CA HIS VA 23 37.15 5.20 16.97
C HIS VA 23 35.87 5.95 17.24
N GLU VA 24 34.97 5.94 16.23
CA GLU VA 24 33.67 6.54 16.30
C GLU VA 24 32.48 5.62 16.40
N GLU VA 25 32.46 4.30 16.09
CA GLU VA 25 33.34 3.39 15.43
C GLU VA 25 33.10 3.43 13.95
N ALA VA 26 31.82 3.40 13.55
CA ALA VA 26 31.38 3.19 12.19
C ALA VA 26 31.84 4.23 11.22
N ASP VA 27 31.86 5.52 11.65
CA ASP VA 27 32.12 6.67 10.82
C ASP VA 27 33.60 6.73 10.58
N ASP VA 28 34.43 6.63 11.64
CA ASP VA 28 35.89 6.58 11.59
C ASP VA 28 36.41 5.55 10.62
N TYR VA 29 35.83 4.31 10.61
CA TYR VA 29 36.26 3.30 9.67
C TYR VA 29 36.09 3.71 8.22
N LEU VA 30 34.89 4.23 7.85
CA LEU VA 30 34.58 4.62 6.48
C LEU VA 30 35.51 5.66 5.94
N ASP VA 31 35.78 6.72 6.74
CA ASP VA 31 36.75 7.75 6.43
C ASP VA 31 38.17 7.21 6.28
N HIS VA 32 38.66 6.40 7.25
CA HIS VA 32 39.95 5.82 7.24
C HIS VA 32 40.20 4.96 6.03
N LEU VA 33 39.20 4.16 5.67
CA LEU VA 33 39.17 3.27 4.56
C LEU VA 33 39.34 4.02 3.27
N LEU VA 34 38.60 5.14 3.06
CA LEU VA 34 38.72 6.02 1.91
C LEU VA 34 40.09 6.61 1.81
N ASP VA 35 40.66 7.13 2.95
CA ASP VA 35 42.01 7.76 2.97
C ASP VA 35 43.07 6.77 2.51
N SER VA 36 43.05 5.52 3.04
CA SER VA 36 43.97 4.43 2.73
C SER VA 36 43.93 4.11 1.29
N LEU VA 37 42.70 4.01 0.73
CA LEU VA 37 42.37 3.71 -0.63
C LEU VA 37 42.97 4.67 -1.58
N GLU VA 38 42.81 5.98 -1.34
CA GLU VA 38 43.36 7.05 -2.09
C GLU VA 38 44.85 6.99 -2.11
N GLU VA 39 45.51 6.72 -0.96
CA GLU VA 39 46.95 6.72 -0.82
C GLU VA 39 47.62 5.70 -1.69
N LEU VA 40 47.15 4.43 -1.58
CA LEU VA 40 47.62 3.28 -2.31
C LEU VA 40 47.41 3.37 -3.79
N SER VA 41 46.27 4.03 -4.19
CA SER VA 41 45.86 4.27 -5.55
C SER VA 41 46.80 5.18 -6.30
N GLU VA 42 47.32 6.23 -5.63
CA GLU VA 42 48.01 7.28 -6.30
C GLU VA 42 49.47 7.26 -5.97
N ALA VA 43 50.27 7.56 -6.99
CA ALA VA 43 51.70 7.68 -7.11
C ALA VA 43 52.17 6.58 -8.03
N HIS VA 44 51.21 6.01 -8.76
CA HIS VA 44 51.45 4.82 -9.58
C HIS VA 44 50.74 5.05 -10.91
N PRO VA 45 51.02 4.38 -11.99
CA PRO VA 45 50.34 4.58 -13.26
C PRO VA 45 48.95 4.01 -13.28
N ASP VA 46 48.64 2.92 -12.54
CA ASP VA 46 47.34 2.33 -12.53
C ASP VA 46 47.57 1.14 -11.65
N CYS VA 47 46.75 1.00 -10.57
CA CYS VA 47 46.83 -0.11 -9.66
C CYS VA 47 45.53 -0.13 -8.90
N ILE VA 48 44.71 0.94 -9.06
CA ILE VA 48 43.34 1.10 -8.66
C ILE VA 48 42.99 2.19 -9.67
N PRO VA 49 42.11 1.96 -10.66
CA PRO VA 49 41.69 2.96 -11.63
C PRO VA 49 41.03 4.15 -11.01
N ASP VA 50 40.11 3.93 -10.03
CA ASP VA 50 39.27 4.97 -9.48
C ASP VA 50 38.70 4.51 -8.18
N VAL VA 51 38.27 5.47 -7.37
CA VAL VA 51 37.45 5.25 -6.22
C VAL VA 51 36.30 6.20 -6.36
N GLU VA 52 35.05 5.69 -6.36
CA GLU VA 52 33.85 6.49 -6.51
C GLU VA 52 32.96 6.14 -5.39
N LEU VA 53 32.58 7.13 -4.59
CA LEU VA 53 31.72 7.01 -3.47
C LEU VA 53 30.54 7.76 -3.82
N SER VA 54 29.40 7.06 -3.95
CA SER VA 54 28.13 7.67 -4.28
C SER VA 54 27.08 6.85 -3.58
N HIS VA 55 26.08 7.53 -2.96
CA HIS VA 55 24.90 6.96 -2.33
C HIS VA 55 25.20 5.97 -1.23
N GLY VA 56 26.32 6.23 -0.49
CA GLY VA 56 26.68 5.53 0.72
C GLY VA 56 27.30 4.22 0.41
N VAL VA 57 27.57 3.91 -0.88
CA VAL VA 57 28.14 2.64 -1.28
C VAL VA 57 29.44 3.02 -1.90
N MET VA 58 30.54 2.36 -1.43
CA MET VA 58 31.88 2.55 -1.90
C MET VA 58 32.04 1.59 -3.05
N THR VA 59 32.61 2.08 -4.16
CA THR VA 59 32.92 1.31 -5.31
C THR VA 59 34.41 1.44 -5.51
N LEU VA 60 35.07 0.27 -5.61
CA LEU VA 60 36.50 0.15 -5.72
C LEU VA 60 36.66 -0.56 -7.04
N GLU VA 61 37.46 0.01 -7.94
CA GLU VA 61 37.69 -0.51 -9.28
C GLU VA 61 38.91 -1.34 -9.22
N ILE VA 62 39.06 -2.24 -10.22
CA ILE VA 62 40.05 -3.27 -10.20
C ILE VA 62 40.93 -2.91 -11.39
N PRO VA 63 42.25 -2.90 -11.33
CA PRO VA 63 43.05 -2.50 -12.47
C PRO VA 63 43.12 -3.57 -13.54
N ALA VA 64 43.21 -4.85 -13.14
CA ALA VA 64 43.39 -6.02 -13.93
C ALA VA 64 43.84 -7.05 -12.97
N PHE VA 65 44.60 -6.57 -12.00
CA PHE VA 65 45.20 -7.34 -10.96
C PHE VA 65 44.16 -7.42 -9.86
N GLY VA 66 43.74 -8.66 -9.51
CA GLY VA 66 42.71 -8.96 -8.56
C GLY VA 66 41.35 -8.94 -9.21
N THR VA 67 40.30 -9.20 -8.36
CA THR VA 67 38.94 -8.96 -8.70
C THR VA 67 38.30 -8.50 -7.42
N TYR VA 68 39.11 -8.07 -6.41
CA TYR VA 68 38.67 -7.62 -5.11
C TYR VA 68 37.77 -6.44 -5.15
N VAL VA 69 36.75 -6.44 -4.27
CA VAL VA 69 35.91 -5.27 -4.02
C VAL VA 69 35.63 -5.13 -2.57
N ILE VA 70 35.17 -3.91 -2.11
CA ILE VA 70 34.76 -3.71 -0.72
C ILE VA 70 33.39 -3.11 -0.79
N ASN VA 71 32.51 -3.49 0.14
CA ASN VA 71 31.19 -2.96 0.25
C ASN VA 71 30.91 -2.99 1.74
N LYS VA 72 29.84 -2.25 2.17
CA LYS VA 72 29.38 -2.22 3.55
C LYS VA 72 28.46 -3.37 3.79
N GLN VA 73 28.55 -4.03 4.98
CA GLN VA 73 27.89 -5.27 5.27
C GLN VA 73 26.67 -4.92 6.12
N PRO VA 74 25.49 -5.51 5.91
CA PRO VA 74 24.30 -5.26 6.72
C PRO VA 74 24.50 -5.91 8.06
N PRO VA 75 23.66 -5.74 9.07
CA PRO VA 75 23.74 -6.31 10.44
C PRO VA 75 24.21 -7.74 10.54
N ASN VA 76 25.09 -8.00 11.50
CA ASN VA 76 25.93 -9.16 11.68
C ASN VA 76 27.20 -8.81 10.99
N LYS VA 77 28.21 -8.31 11.75
CA LYS VA 77 29.50 -7.79 11.29
C LYS VA 77 29.34 -6.54 10.45
N GLN VA 78 30.47 -5.87 10.12
CA GLN VA 78 30.48 -4.61 9.39
C GLN VA 78 31.57 -4.77 8.35
N ILE VA 79 31.44 -4.07 7.18
CA ILE VA 79 32.42 -3.97 6.09
C ILE VA 79 33.08 -5.26 5.69
N TRP VA 80 32.65 -5.80 4.54
CA TRP VA 80 33.11 -7.08 4.07
C TRP VA 80 33.93 -6.88 2.85
N LEU VA 81 35.08 -7.54 2.85
CA LEU VA 81 36.11 -7.48 1.82
C LEU VA 81 35.96 -8.81 1.13
N ALA VA 82 35.89 -8.77 -0.21
CA ALA VA 82 35.74 -9.89 -1.06
C ALA VA 82 37.07 -9.99 -1.70
N SER VA 83 37.67 -11.21 -1.62
CA SER VA 83 38.96 -11.56 -2.09
C SER VA 83 38.74 -12.67 -3.10
N PRO VA 84 39.31 -12.65 -4.30
CA PRO VA 84 39.11 -13.68 -5.32
C PRO VA 84 39.84 -14.95 -5.08
N LEU VA 85 40.65 -15.03 -3.99
CA LEU VA 85 41.51 -16.16 -3.73
C LEU VA 85 41.56 -16.40 -2.22
N SER VA 86 40.57 -15.87 -1.46
CA SER VA 86 40.47 -16.16 -0.05
C SER VA 86 39.04 -16.01 0.34
N GLY VA 87 38.12 -15.81 -0.60
CA GLY VA 87 36.68 -15.68 -0.34
C GLY VA 87 36.35 -14.41 0.42
N PRO VA 88 35.11 -14.27 0.87
CA PRO VA 88 34.70 -13.10 1.64
C PRO VA 88 35.17 -13.24 3.07
N ASN VA 89 35.47 -12.12 3.75
CA ASN VA 89 35.87 -12.11 5.14
C ASN VA 89 35.21 -10.89 5.66
N ARG VA 90 35.06 -10.89 6.99
CA ARG VA 90 34.28 -9.90 7.72
C ARG VA 90 35.12 -9.46 8.88
N PHE VA 91 34.87 -8.23 9.36
CA PHE VA 91 35.78 -7.54 10.23
C PHE VA 91 34.96 -6.98 11.34
N ASP VA 92 35.51 -7.08 12.58
CA ASP VA 92 34.90 -6.52 13.76
C ASP VA 92 36.07 -5.91 14.51
N LEU VA 93 35.76 -4.88 15.33
CA LEU VA 93 36.67 -4.29 16.30
C LEU VA 93 37.15 -5.28 17.27
N LEU VA 94 38.47 -5.22 17.61
CA LEU VA 94 39.02 -6.04 18.66
C LEU VA 94 39.28 -5.17 19.83
N ASN VA 95 40.50 -4.55 19.92
CA ASN VA 95 40.83 -3.64 21.01
C ASN VA 95 41.18 -2.38 20.29
N GLY VA 96 42.46 -2.21 19.88
CA GLY VA 96 42.96 -0.98 19.30
C GLY VA 96 42.66 -0.81 17.82
N GLU VA 97 42.20 -1.87 17.14
CA GLU VA 97 42.02 -1.84 15.71
C GLU VA 97 41.17 -2.98 15.31
N TRP VA 98 40.44 -2.89 14.17
CA TRP VA 98 39.63 -3.96 13.60
C TRP VA 98 40.45 -5.14 13.18
N VAL VA 99 40.02 -6.34 13.57
CA VAL VA 99 40.76 -7.56 13.36
C VAL VA 99 39.76 -8.48 12.70
N SER VA 100 40.18 -9.23 11.66
CA SER VA 100 39.28 -10.04 10.89
C SER VA 100 39.47 -11.39 11.46
N LEU VA 101 38.30 -11.93 11.88
CA LEU VA 101 38.21 -13.10 12.71
C LEU VA 101 38.06 -14.30 11.80
N ARG VA 102 38.84 -14.34 10.69
CA ARG VA 102 38.84 -15.45 9.77
C ARG VA 102 40.23 -15.54 9.19
N ASN VA 103 41.21 -14.72 9.68
CA ASN VA 103 42.58 -14.77 9.27
C ASN VA 103 43.45 -14.03 10.24
N GLY VA 104 42.85 -13.33 11.23
CA GLY VA 104 43.55 -12.66 12.30
C GLY VA 104 44.31 -11.41 11.89
N THR VA 105 43.74 -10.48 11.07
CA THR VA 105 44.45 -9.34 10.58
C THR VA 105 43.43 -8.31 10.07
N LYS VA 106 43.73 -6.99 10.34
CA LYS VA 106 43.06 -5.76 10.00
C LYS VA 106 42.93 -5.56 8.52
N LEU VA 107 41.80 -4.90 8.13
CA LEU VA 107 41.48 -4.62 6.74
C LEU VA 107 42.54 -3.77 6.11
N THR VA 108 43.11 -2.78 6.85
CA THR VA 108 44.04 -1.82 6.31
C THR VA 108 45.31 -2.43 5.77
N ASP VA 109 45.91 -3.40 6.51
CA ASP VA 109 47.09 -4.17 6.16
C ASP VA 109 46.95 -4.96 4.89
N ILE VA 110 45.75 -5.56 4.69
CA ILE VA 110 45.47 -6.45 3.56
C ILE VA 110 45.48 -5.66 2.29
N LEU VA 111 44.91 -4.44 2.32
CA LEU VA 111 44.86 -3.52 1.20
C LEU VA 111 46.19 -2.97 0.84
N THR VA 112 46.95 -2.50 1.87
CA THR VA 112 48.35 -2.08 1.75
C THR VA 112 49.19 -3.00 0.88
N GLU VA 113 49.37 -4.25 1.35
CA GLU VA 113 50.11 -5.27 0.66
C GLU VA 113 49.65 -5.58 -0.74
N GLU VA 114 48.35 -5.93 -0.97
CA GLU VA 114 47.94 -6.39 -2.28
C GLU VA 114 47.95 -5.35 -3.34
N VAL VA 115 47.74 -4.02 -3.00
CA VAL VA 115 47.77 -2.92 -3.92
C VAL VA 115 49.22 -2.77 -4.35
N GLU VA 116 50.19 -2.90 -3.42
CA GLU VA 116 51.58 -2.79 -3.69
C GLU VA 116 52.19 -3.98 -4.40
N LYS VA 117 51.55 -5.17 -4.31
CA LYS VA 117 51.82 -6.30 -5.17
C LYS VA 117 51.50 -6.06 -6.61
N ALA VA 118 50.53 -5.16 -6.90
CA ALA VA 118 50.06 -4.85 -8.25
C ALA VA 118 50.97 -3.80 -8.86
N ILE VA 119 51.32 -2.76 -8.07
CA ILE VA 119 52.26 -1.73 -8.38
C ILE VA 119 53.62 -2.26 -8.82
N SER VA 120 54.06 -3.42 -8.24
CA SER VA 120 55.26 -4.13 -8.62
C SER VA 120 55.20 -4.58 -10.05
N LYS VA 121 54.24 -5.48 -10.38
CA LYS VA 121 53.98 -5.91 -11.74
C LYS VA 121 52.62 -6.59 -11.81
#